data_5GAS
#
_entry.id   5GAS
#
loop_
_entity.id
_entity.type
_entity.pdbx_description
1 polymer 'V-type ATP synthase alpha chain'
2 polymer 'V-type ATP synthase beta chain'
3 polymer 'V-type ATP synthase subunit E'
4 polymer 'V-type ATPase subunit G'
5 polymer 'V-type ATP synthase subunit D'
6 polymer 'V-type ATP synthase subunit F'
7 polymer 'V-type ATP synthase subunit C'
8 polymer 'Archaeal/vacuolar-type H+-ATPase subunit I'
9 polymer 'Vacuolar type ATP synthase subunit'
#
loop_
_entity_poly.entity_id
_entity_poly.type
_entity_poly.pdbx_seq_one_letter_code
_entity_poly.pdbx_strand_id
1 'polypeptide(L)'
;MIQGVIQKIAGPAVIAKGMLGARMYDICKVGEEGLVGEIIRLDGDTAFVQVYEDTSGLKVGEPVVSTGLPLAVELGPGML
NGIYDGIQRPLERIREKTGIYITRGVVVHALDREKKWAWTPMVKPGDEVRGGMVLGTVPEFGFTHKILVPPDVRGRVKEV
KPAGEYTVEEPVVVLEDGTELKMYHTWPVRRARPVQRKLDPNTPFLTGMRILDVLFPVAMGGTAAIPGPFGSGKTVTQQS
LAKWSNADVVVYVGCGERGNEMTDVLVEFPELTDPKTGGPLMHRTVLIANTSNMPVAAREASIYVGVTIAEYFRDQGFSV
ALMADSTSRWAEALREISSRLEEMPAEEGYPPYLAARLAAFYERAGKVITLGGEEGAVTIVGAVSPPGGDMSEPVTQSTL
RIVGAFWRLDASLAFRRHFPAINWNGSYSLFTSALDPWYRENVAEDYPELRDAISELLQREAGLQEIVQLVGPDALQDAE
RLVIEVGRIIREDFLQQNAYHEVDAYCSMKKAYGIMKMILAFYKEAEAAIKRGVSIDEILQLPVLERIGRARYVSEEEFP
AYFEEAMKEIQGAFKAL
;
A,B,C
2 'polypeptide(L)'
;EYTGITYISGPLLFVENAKDLAYGAIVDIKDGTGRVRGGQVIEVSEEYAVIQVFEETTGLDLATTSVSLVEDVARLGVSK
EMLGRRFNGIGKPIDGLPPITPEKRLPITGLPLNPVARRKPEQFIQTGISTIDVMNTLVRGQKLPIFSGSGLPANEIAAQ
IARQATVRPDLSGEGEKEEPFAVVFAAMGITQRELSYFIQEFERTGALSRSVLFLNKADDPTIERILTPRMALTVAEYLA
FEHDYHVLVILTDMTNYCEALREIGAAREEIPGRRGYPGYMYTDLATIYERAGVVEGKKGSVTQIPILSMPDDDRTHPIP
DLTGYITEGQIQLSRELHRKGIYPPIDPLPSLSRLMNNGVGKGKTREDHKQVSDQLYSAYANGVDIRKLVAIIGEDALTE
NDRRYLQFADAFERFFINQGQQNRSIEESLQIAWALLSMLPQGELKRISKDHIGKYY
;
D,E,F
3 'polypeptide(L)'
;KLEAILSQEVEAEIQALLQEAEAKAEAVKREAEEKAKALLQARERALEAQYRAALRRAESAGELLVATARTQARGEVLEE
VRRRVREALEALPQKPEWPEVVRKLALEALEALPGAKALVANPEDLPHLEAMARERGVELQAEPALRLGVRAVGAEGKTQ
VENSLLARMDRAWDAMSSKVAQALWG
;
G,H
4 'polypeptide(L)'
;GMGGLGLIKSLAEKEKQLLERLEAAKKEAEERVKRAEAEAKALLEEAEAKAKALEAQYRERERAETEALLARYRERAEAE
AKAVREKAMARLDEAVALVLKEVLP
;
I,J
5 'polypeptide(L)'
;SQVSPTRMNLLQRRGQLRLAQKGVDLLKKKRDALVAEFFGLVREAMEARKALDQAAKEAYAALLLAQAFDGPEVVAGAAL
GVPPLEGVEAEVENVWGSKVPRLKATFPDGALLSPVGTPAYTLEASRAFRRYAEALIRVANTETRLKKIGEEIKKTTRRV
NALEQVVIPGIRAQIRFIQQVLEQREREDTFRLKRIKGKIEAREAEEEGG
;
K
6 'polypeptide(L)'
;MAVIADPETAQGFRLAGLEGYGASSAEEAQSLLETLVERGGYALVAVDEALLPDPERAVERLMRGRDLPVLLPIAGLKEA
FQGHDVEGYMRELVRKTIGF
;
L
7 'polypeptide(L)'
;MADDFAYLNARVRVRRGTLLKESFFQEALDLSFADFLRLLSETVYGGELAGQGLPDVDRAVLRTQAKLVGDLPRLVTGEA
REAVRLLLLRNDLHNLQALLRAKATGRPFEEVLLLPGTLREEVWRQAYEAQDPAGMAQVLAVPGHPLARALRAVLRETQD
LARVEALLAKRFFEDVAKAAKGLDQPALRDYLALEVDAENLRTAFKLQGSGLAPDAFFLKGGRFVDRVRFARLMEGDYAV
LDELSGTPFSGLSGVRDLKALERGLRCVLLKEAKKGVQDPLGVGLVLAYVKEREWEAVRLRLLARRAYFGLPRAQVEEEV
VCP
;
M
8 'polypeptide(L)'
;MIAPMEKLVLAGPKGRAKELLQSLQQAGVVHLETLRPEALSAYQLSPEERAELRRWEAVSAGAEHTLSLLGLEAEPARPF
PEGLEAAEKALSPIQAHAEGLTRQKQELEEELALAQAYLEPLERLAALAHGLDKSPFLRVIPFLLTEKELPLVEEALRKA
LEDRYLLAHEAYAGGVPALVVVHRKEVDQAKAALSRAGVAELRLPGALGELPLSEAARRLKERAEAAPRELSEVRQHLAK
LARESASTLQSLWTRAQDEVARLKALEELASGRFGFALLGYVPVKAKPKVEEALARHKENVVYAFEPVDEHHEADRIPVV
LDNPPWVKPFELLVSFLNTPKYGTFDPTPVVPIFFPFWFGMIVGDIGYALLFYLVGRWLSGYVKRNEPLVIDLFALKLKP
PVLAKLVYILNWMVFWTVVWGLIYGEFFGTFLEHLGVFGTPEHPGLIPILIHRIDTAKTANLLILLSVAFGVVMVFAGLI
LRAYLGLKHRHMAHFWEGVGYLGGLLGILALAASYLGNLQAGWLSALMYLGFGVFLLSVVMSSIWLMIPEIFTQAGHILS
HIRIYAVGAAGGILAGLLTDVGFAMAERLGLIGVLLGIVVAGVLHLLILLLTTLGHMLQPIRLIWVEFFTKFGFYEENGR
PYRPFKSVRETQ
;
N
9 'polypeptide(L)'
;MKKLLVTVLLAVFGALAFAAEEAAASGGLDRGLIAVGMGLAVGLAALGTGVAQARIGAAGVGAIAEDRSNFGTALIFLLL
PETLVIFGLLIAFILNGRL
;
O,P,Q,R,S,T,U,V,W,X,Y,Z
#
# COMPACT_ATOMS: atom_id res chain seq x y z
N MET A 1 -80.76 -29.53 30.20
CA MET A 1 -79.73 -29.41 29.18
C MET A 1 -78.53 -30.30 29.46
N ILE A 2 -77.43 -30.07 28.73
CA ILE A 2 -76.26 -30.92 28.66
C ILE A 2 -75.59 -31.13 30.03
N GLN A 3 -75.40 -32.36 30.36
CA GLN A 3 -75.00 -32.93 31.57
C GLN A 3 -73.66 -33.43 31.51
N GLY A 4 -73.11 -33.84 32.68
CA GLY A 4 -71.78 -34.35 32.72
C GLY A 4 -71.08 -33.67 33.85
N VAL A 5 -70.10 -34.39 34.36
CA VAL A 5 -69.26 -33.82 35.40
C VAL A 5 -67.87 -34.24 34.99
N ILE A 6 -66.82 -33.81 35.75
CA ILE A 6 -65.42 -34.16 35.51
C ILE A 6 -65.10 -35.55 35.85
N GLN A 7 -64.41 -36.29 34.92
CA GLN A 7 -63.94 -37.63 35.09
C GLN A 7 -62.49 -37.59 35.58
N LYS A 8 -61.65 -36.90 34.79
CA LYS A 8 -60.23 -36.79 34.98
C LYS A 8 -59.78 -35.38 34.84
N ILE A 9 -59.37 -34.73 36.09
CA ILE A 9 -58.85 -33.38 36.13
C ILE A 9 -57.34 -33.57 36.03
N ALA A 10 -56.65 -32.84 35.14
CA ALA A 10 -55.24 -33.03 34.91
C ALA A 10 -54.83 -31.78 34.20
N GLY A 11 -54.85 -30.67 34.93
CA GLY A 11 -54.46 -29.32 34.64
C GLY A 11 -55.19 -28.87 33.43
N PRO A 12 -54.52 -28.79 32.21
CA PRO A 12 -55.25 -28.30 31.00
C PRO A 12 -55.55 -29.39 30.00
N ALA A 13 -55.65 -30.69 30.41
CA ALA A 13 -55.96 -31.76 29.49
C ALA A 13 -57.06 -32.46 30.10
N VAL A 14 -58.12 -31.76 30.65
CA VAL A 14 -59.21 -32.33 31.47
C VAL A 14 -60.18 -33.16 30.56
N ILE A 15 -60.63 -34.35 31.05
CA ILE A 15 -61.49 -35.30 30.30
C ILE A 15 -62.71 -35.38 31.11
N ALA A 16 -63.82 -34.91 30.58
CA ALA A 16 -65.17 -34.89 31.18
C ALA A 16 -65.80 -36.18 30.75
N LYS A 17 -66.99 -36.50 31.34
CA LYS A 17 -67.67 -37.70 30.89
C LYS A 17 -69.10 -37.35 30.79
N GLY A 18 -69.97 -38.23 30.21
CA GLY A 18 -71.45 -38.13 30.32
C GLY A 18 -72.07 -37.11 29.42
N MET A 19 -71.18 -36.64 28.49
CA MET A 19 -71.38 -35.60 27.50
C MET A 19 -72.24 -36.25 26.44
N LEU A 20 -73.49 -35.71 26.22
CA LEU A 20 -74.49 -36.23 25.24
C LEU A 20 -75.13 -34.95 24.74
N GLY A 21 -75.35 -34.92 23.42
CA GLY A 21 -75.87 -33.78 22.64
C GLY A 21 -74.82 -32.70 22.58
N ALA A 22 -73.52 -33.05 22.78
CA ALA A 22 -72.46 -32.12 22.59
C ALA A 22 -72.05 -32.08 21.20
N ARG A 23 -71.31 -31.03 20.85
CA ARG A 23 -71.02 -30.62 19.49
C ARG A 23 -69.64 -29.90 19.51
N MET A 24 -68.88 -30.18 18.43
CA MET A 24 -67.50 -29.79 18.27
C MET A 24 -67.25 -28.36 18.16
N TYR A 25 -66.16 -27.87 18.84
CA TYR A 25 -65.83 -26.43 18.86
C TYR A 25 -66.96 -25.54 19.30
N ASP A 26 -67.33 -25.72 20.61
CA ASP A 26 -68.42 -25.05 21.33
C ASP A 26 -67.92 -24.73 22.70
N ILE A 27 -68.21 -23.46 23.13
CA ILE A 27 -68.04 -22.86 24.41
C ILE A 27 -68.91 -23.57 25.44
N CYS A 28 -68.41 -23.59 26.74
CA CYS A 28 -69.05 -24.30 27.78
C CYS A 28 -68.80 -23.61 29.06
N LYS A 29 -69.29 -24.28 30.12
CA LYS A 29 -68.90 -23.98 31.50
C LYS A 29 -68.53 -25.25 32.10
N VAL A 30 -67.37 -25.15 32.75
CA VAL A 30 -66.72 -26.25 33.41
C VAL A 30 -66.34 -25.65 34.72
N GLY A 31 -66.28 -26.55 35.73
CA GLY A 31 -66.05 -26.29 37.15
C GLY A 31 -67.19 -25.58 37.88
N GLU A 32 -66.87 -25.33 39.14
CA GLU A 32 -67.78 -24.72 40.06
C GLU A 32 -67.57 -23.24 40.07
N GLU A 33 -66.53 -22.69 39.47
CA GLU A 33 -66.25 -21.26 39.41
C GLU A 33 -66.55 -20.79 38.03
N GLY A 34 -66.41 -21.75 37.08
CA GLY A 34 -66.62 -21.38 35.71
C GLY A 34 -65.30 -20.92 35.12
N LEU A 35 -64.56 -21.67 34.35
CA LEU A 35 -63.28 -21.27 33.85
C LEU A 35 -63.46 -21.05 32.41
N VAL A 36 -64.56 -21.54 31.76
CA VAL A 36 -64.79 -21.19 30.38
C VAL A 36 -63.91 -22.03 29.42
N GLY A 37 -64.34 -23.33 29.09
CA GLY A 37 -63.72 -24.20 28.12
C GLY A 37 -64.48 -24.45 26.84
N GLU A 38 -63.77 -25.17 25.95
CA GLU A 38 -64.14 -25.36 24.59
C GLU A 38 -63.87 -26.80 24.26
N ILE A 39 -64.77 -27.51 23.58
CA ILE A 39 -64.78 -28.94 23.22
C ILE A 39 -63.82 -29.05 22.09
N ILE A 40 -62.61 -29.67 22.24
CA ILE A 40 -61.66 -29.71 21.15
C ILE A 40 -61.45 -31.21 20.81
N ARG A 41 -62.41 -32.06 21.20
CA ARG A 41 -62.40 -33.43 20.91
C ARG A 41 -63.62 -33.89 21.53
N LEU A 42 -64.14 -34.94 20.94
CA LEU A 42 -65.24 -35.74 21.47
C LEU A 42 -64.70 -37.11 21.28
N ASP A 43 -65.07 -38.10 22.14
CA ASP A 43 -64.66 -39.47 22.14
C ASP A 43 -65.81 -40.26 22.86
N GLY A 44 -67.06 -40.19 22.32
CA GLY A 44 -68.23 -40.85 22.89
C GLY A 44 -68.84 -39.96 24.01
N ASP A 45 -68.88 -40.48 25.27
CA ASP A 45 -69.25 -39.76 26.46
C ASP A 45 -68.16 -38.81 26.98
N THR A 46 -66.91 -39.09 26.58
CA THR A 46 -65.86 -38.28 27.08
C THR A 46 -65.38 -37.23 26.11
N ALA A 47 -65.07 -36.02 26.63
CA ALA A 47 -64.68 -34.95 25.74
C ALA A 47 -63.55 -34.25 26.34
N PHE A 48 -62.47 -34.05 25.53
CA PHE A 48 -61.34 -33.11 25.84
C PHE A 48 -61.80 -31.75 26.10
N VAL A 49 -61.93 -31.36 27.40
CA VAL A 49 -62.10 -29.99 27.96
C VAL A 49 -60.82 -29.20 27.68
N GLN A 50 -60.91 -27.99 27.03
CA GLN A 50 -59.70 -27.08 26.89
C GLN A 50 -60.06 -26.02 27.95
N VAL A 51 -59.04 -25.68 28.75
CA VAL A 51 -59.13 -25.05 30.01
C VAL A 51 -58.33 -23.77 29.82
N TYR A 52 -59.13 -22.64 29.95
CA TYR A 52 -58.64 -21.33 29.61
C TYR A 52 -58.09 -20.75 30.83
N GLU A 53 -59.00 -20.23 31.72
CA GLU A 53 -58.64 -19.70 33.03
C GLU A 53 -57.99 -20.88 33.77
N ASP A 54 -56.75 -20.69 34.37
CA ASP A 54 -55.89 -21.62 35.09
C ASP A 54 -56.64 -22.34 36.15
N THR A 55 -56.24 -23.64 36.39
CA THR A 55 -56.86 -24.46 37.42
C THR A 55 -56.11 -24.25 38.73
N SER A 56 -56.79 -24.24 39.94
CA SER A 56 -56.10 -23.98 41.26
C SER A 56 -56.57 -24.82 42.42
N GLY A 57 -57.52 -25.68 42.12
CA GLY A 57 -58.11 -26.49 43.17
C GLY A 57 -59.31 -27.20 42.54
N LEU A 58 -59.49 -27.06 41.19
CA LEU A 58 -60.59 -27.71 40.47
C LEU A 58 -60.37 -29.26 40.48
N LYS A 59 -61.48 -30.01 40.68
CA LYS A 59 -61.53 -31.38 41.04
C LYS A 59 -62.44 -32.12 40.21
N VAL A 60 -62.51 -33.40 40.57
CA VAL A 60 -63.38 -34.39 40.03
C VAL A 60 -64.73 -34.38 40.61
N GLY A 61 -65.79 -34.31 39.70
CA GLY A 61 -67.21 -34.30 40.12
C GLY A 61 -67.86 -32.90 39.96
N GLU A 62 -67.27 -32.00 39.13
CA GLU A 62 -67.78 -30.62 38.97
C GLU A 62 -68.52 -30.40 37.66
N PRO A 63 -69.60 -29.55 37.51
CA PRO A 63 -70.31 -29.30 36.29
C PRO A 63 -69.58 -29.12 34.96
N VAL A 64 -70.15 -29.51 33.86
CA VAL A 64 -69.55 -29.59 32.55
C VAL A 64 -70.87 -29.64 31.81
N VAL A 65 -71.40 -28.38 31.70
CA VAL A 65 -72.77 -28.17 31.23
C VAL A 65 -72.47 -27.13 30.15
N SER A 66 -72.78 -27.54 28.86
CA SER A 66 -72.24 -26.93 27.63
C SER A 66 -73.16 -25.76 27.27
N THR A 67 -72.60 -24.55 27.09
CA THR A 67 -73.38 -23.42 26.74
C THR A 67 -74.05 -23.54 25.46
N GLY A 68 -73.30 -24.11 24.47
CA GLY A 68 -73.82 -24.46 23.20
C GLY A 68 -73.79 -23.29 22.23
N LEU A 69 -72.62 -22.58 22.11
CA LEU A 69 -72.40 -21.54 21.09
C LEU A 69 -71.05 -21.84 20.57
N PRO A 70 -70.62 -21.31 19.40
CA PRO A 70 -69.26 -21.64 19.05
C PRO A 70 -68.43 -20.36 19.18
N LEU A 71 -68.09 -19.92 20.42
CA LEU A 71 -67.38 -18.69 20.72
C LEU A 71 -68.07 -17.56 20.03
N ALA A 72 -69.45 -17.50 20.17
CA ALA A 72 -70.22 -16.43 19.54
C ALA A 72 -70.04 -15.09 20.16
N VAL A 73 -69.84 -14.11 19.25
CA VAL A 73 -69.39 -12.75 19.56
C VAL A 73 -70.61 -11.98 19.63
N GLU A 74 -70.71 -11.17 20.73
CA GLU A 74 -71.87 -10.31 20.99
C GLU A 74 -71.73 -9.05 20.26
N LEU A 75 -72.59 -8.86 19.19
CA LEU A 75 -72.51 -7.74 18.35
C LEU A 75 -73.50 -6.71 18.85
N GLY A 76 -73.05 -5.43 18.85
CA GLY A 76 -73.83 -4.40 19.50
C GLY A 76 -72.79 -3.49 20.09
N PRO A 77 -73.19 -2.30 20.46
CA PRO A 77 -72.35 -1.23 21.01
C PRO A 77 -71.71 -1.47 22.39
N GLY A 78 -70.75 -0.54 22.72
CA GLY A 78 -70.03 -0.71 24.03
C GLY A 78 -68.56 -0.90 23.71
N MET A 79 -68.21 -1.49 22.52
CA MET A 79 -66.85 -1.81 22.03
C MET A 79 -65.91 -0.61 21.93
N LEU A 80 -66.32 0.50 21.27
CA LEU A 80 -65.58 1.68 21.03
C LEU A 80 -65.36 2.28 22.33
N ASN A 81 -64.09 2.38 22.76
CA ASN A 81 -63.58 2.94 23.99
C ASN A 81 -63.56 1.77 24.93
N GLY A 82 -62.30 1.22 25.34
CA GLY A 82 -62.23 0.07 26.17
C GLY A 82 -61.12 -0.88 25.82
N ILE A 83 -60.99 -1.93 26.66
CA ILE A 83 -59.98 -2.94 26.72
C ILE A 83 -60.75 -4.24 26.79
N TYR A 84 -60.50 -5.08 25.78
CA TYR A 84 -61.27 -6.23 25.64
C TYR A 84 -60.27 -7.32 25.45
N ASP A 85 -60.79 -8.60 25.54
CA ASP A 85 -59.99 -9.82 25.38
C ASP A 85 -60.26 -10.35 23.98
N GLY A 86 -59.49 -11.36 23.52
CA GLY A 86 -59.65 -11.95 22.20
C GLY A 86 -60.84 -12.99 22.14
N ILE A 87 -61.62 -13.20 23.26
CA ILE A 87 -62.75 -14.07 23.16
C ILE A 87 -63.86 -13.26 23.74
N GLN A 88 -63.61 -11.97 24.08
CA GLN A 88 -64.47 -10.92 24.55
C GLN A 88 -64.83 -10.86 26.03
N ARG A 89 -64.11 -10.09 26.87
CA ARG A 89 -64.42 -9.81 28.20
C ARG A 89 -63.90 -8.45 28.42
N PRO A 90 -64.46 -7.56 29.25
CA PRO A 90 -63.81 -6.22 29.28
C PRO A 90 -62.88 -6.17 30.45
N LEU A 91 -61.55 -5.92 30.28
CA LEU A 91 -60.56 -5.90 31.27
C LEU A 91 -60.80 -4.69 32.14
N GLU A 92 -61.70 -3.73 31.71
CA GLU A 92 -62.12 -2.62 32.53
C GLU A 92 -62.82 -3.15 33.78
N ARG A 93 -63.88 -3.98 33.55
CA ARG A 93 -64.65 -4.66 34.54
C ARG A 93 -64.02 -5.66 35.46
N ILE A 94 -62.99 -6.34 34.94
CA ILE A 94 -62.23 -7.36 35.75
C ILE A 94 -61.50 -6.61 36.76
N ARG A 95 -60.72 -5.56 36.31
CA ARG A 95 -59.91 -4.72 37.19
C ARG A 95 -60.74 -3.98 38.20
N GLU A 96 -61.98 -3.52 37.81
CA GLU A 96 -62.94 -2.78 38.65
C GLU A 96 -63.67 -3.65 39.67
N LYS A 97 -63.77 -5.00 39.43
CA LYS A 97 -64.44 -5.80 40.40
C LYS A 97 -63.43 -6.69 41.24
N THR A 98 -62.16 -6.84 40.82
CA THR A 98 -61.24 -7.74 41.63
C THR A 98 -60.23 -6.80 42.34
N GLY A 99 -59.05 -6.48 41.70
CA GLY A 99 -58.00 -5.72 42.25
C GLY A 99 -57.21 -5.11 41.16
N ILE A 100 -55.93 -5.52 41.17
CA ILE A 100 -55.01 -5.24 40.17
C ILE A 100 -54.62 -6.58 39.62
N TYR A 101 -55.23 -7.63 40.21
CA TYR A 101 -54.95 -9.04 39.94
C TYR A 101 -55.97 -9.56 38.98
N ILE A 102 -55.71 -10.79 38.46
CA ILE A 102 -56.60 -11.38 37.53
C ILE A 102 -56.82 -12.62 38.36
N THR A 103 -58.05 -12.96 38.77
CA THR A 103 -58.38 -14.10 39.53
C THR A 103 -59.09 -15.05 38.65
N ARG A 104 -58.68 -16.35 38.69
CA ARG A 104 -59.05 -17.47 37.87
C ARG A 104 -60.29 -18.02 38.32
N GLY A 105 -61.34 -18.05 37.49
CA GLY A 105 -62.66 -18.45 37.77
C GLY A 105 -63.54 -17.27 37.94
N VAL A 106 -63.02 -16.09 37.54
CA VAL A 106 -63.80 -14.86 37.60
C VAL A 106 -63.96 -14.50 36.12
N VAL A 107 -65.17 -14.80 35.65
CA VAL A 107 -65.68 -14.44 34.34
C VAL A 107 -66.64 -13.28 34.48
N VAL A 108 -66.29 -12.18 33.86
CA VAL A 108 -67.04 -11.03 33.81
C VAL A 108 -67.98 -11.09 32.59
N HIS A 109 -68.75 -10.00 32.34
CA HIS A 109 -69.67 -9.82 31.22
C HIS A 109 -69.21 -10.24 29.89
N ALA A 110 -70.12 -10.58 28.95
CA ALA A 110 -69.76 -10.86 27.56
C ALA A 110 -69.53 -9.59 26.75
N LEU A 111 -70.34 -8.54 26.94
CA LEU A 111 -70.22 -7.20 26.37
C LEU A 111 -70.68 -6.28 27.51
N ASP A 112 -71.94 -5.93 27.55
CA ASP A 112 -72.46 -4.91 28.50
C ASP A 112 -73.76 -5.44 28.90
N ARG A 113 -74.30 -4.98 30.06
CA ARG A 113 -75.52 -5.44 30.52
C ARG A 113 -75.90 -4.50 31.55
N GLU A 114 -75.23 -3.32 31.62
CA GLU A 114 -75.55 -2.30 32.63
C GLU A 114 -75.43 -0.94 32.05
N LYS A 115 -74.99 -0.93 30.71
CA LYS A 115 -74.89 0.26 29.89
C LYS A 115 -76.12 0.27 29.01
N LYS A 116 -76.57 1.53 28.56
CA LYS A 116 -77.77 1.66 27.77
C LYS A 116 -77.30 2.63 26.74
N TRP A 117 -77.92 2.58 25.57
CA TRP A 117 -77.46 3.38 24.48
C TRP A 117 -78.82 3.73 23.81
N ALA A 118 -78.83 5.00 23.28
CA ALA A 118 -79.97 5.65 22.61
C ALA A 118 -80.37 4.96 21.37
N TRP A 119 -81.72 4.76 21.33
CA TRP A 119 -82.22 4.04 20.15
C TRP A 119 -82.96 5.08 19.34
N THR A 120 -82.70 5.09 17.98
CA THR A 120 -83.38 5.96 17.10
C THR A 120 -84.09 4.99 16.16
N PRO A 121 -85.42 4.96 15.96
CA PRO A 121 -86.14 4.07 15.08
C PRO A 121 -85.71 4.54 13.64
N MET A 122 -85.44 3.60 12.69
CA MET A 122 -85.04 3.96 11.33
C MET A 122 -85.64 2.90 10.42
N VAL A 123 -86.29 1.87 11.07
CA VAL A 123 -87.07 0.91 10.43
C VAL A 123 -88.41 1.05 11.06
N LYS A 124 -89.44 0.53 10.45
CA LYS A 124 -90.82 0.64 10.98
C LYS A 124 -91.30 -0.82 10.79
N PRO A 125 -92.48 -1.20 11.35
CA PRO A 125 -92.99 -2.53 11.22
C PRO A 125 -93.66 -2.85 9.90
N GLY A 126 -93.67 -1.84 9.01
CA GLY A 126 -94.27 -1.83 7.71
C GLY A 126 -93.36 -2.49 6.60
N ASP A 127 -91.98 -2.57 6.83
CA ASP A 127 -90.97 -2.83 5.86
C ASP A 127 -90.25 -4.05 6.40
N GLU A 128 -89.40 -4.61 5.54
CA GLU A 128 -88.72 -5.88 5.85
C GLU A 128 -87.30 -5.62 5.88
N VAL A 129 -86.48 -6.54 6.47
CA VAL A 129 -85.05 -6.42 6.52
C VAL A 129 -84.40 -7.36 5.67
N ARG A 130 -83.06 -7.12 5.60
CA ARG A 130 -82.22 -7.93 4.76
C ARG A 130 -80.97 -7.74 5.58
N GLY A 131 -79.94 -8.45 5.22
CA GLY A 131 -78.65 -8.59 5.82
C GLY A 131 -77.83 -7.55 5.32
N GLY A 132 -77.42 -6.62 6.22
CA GLY A 132 -76.59 -5.54 5.86
C GLY A 132 -77.47 -4.36 5.57
N MET A 133 -78.55 -4.20 6.43
CA MET A 133 -79.52 -3.11 6.44
C MET A 133 -79.43 -2.54 7.78
N VAL A 134 -79.58 -1.15 7.84
CA VAL A 134 -79.35 -0.29 9.01
C VAL A 134 -80.68 -0.43 9.78
N LEU A 135 -80.59 -0.63 11.17
CA LEU A 135 -81.70 -0.80 12.01
C LEU A 135 -81.88 0.47 12.79
N GLY A 136 -80.79 1.28 12.81
CA GLY A 136 -80.77 2.57 13.49
C GLY A 136 -79.33 2.94 13.69
N THR A 137 -79.13 4.18 14.18
CA THR A 137 -77.78 4.77 14.23
C THR A 137 -77.62 5.04 15.73
N VAL A 138 -76.71 4.21 16.32
CA VAL A 138 -76.51 4.48 17.78
C VAL A 138 -75.33 5.43 17.88
N PRO A 139 -75.28 6.46 18.72
CA PRO A 139 -74.09 7.35 18.81
C PRO A 139 -73.19 6.88 19.89
N GLU A 140 -72.01 6.38 19.58
CA GLU A 140 -70.93 6.04 20.55
C GLU A 140 -69.79 7.00 20.28
N PHE A 141 -69.74 8.00 21.13
CA PHE A 141 -68.76 9.09 21.15
C PHE A 141 -68.63 9.82 19.85
N GLY A 142 -67.32 10.11 19.43
CA GLY A 142 -67.11 10.85 18.21
C GLY A 142 -67.35 10.03 16.93
N PHE A 143 -67.39 8.68 16.98
CA PHE A 143 -67.65 7.81 15.87
C PHE A 143 -69.15 7.53 15.75
N THR A 144 -69.56 6.84 14.65
CA THR A 144 -70.97 6.58 14.31
C THR A 144 -71.04 5.13 14.13
N HIS A 145 -71.82 4.54 15.02
CA HIS A 145 -71.81 3.08 15.22
C HIS A 145 -73.22 2.56 15.07
N LYS A 146 -73.55 2.17 13.80
CA LYS A 146 -74.85 1.57 13.48
C LYS A 146 -74.97 0.15 14.07
N ILE A 147 -76.12 -0.43 13.81
CA ILE A 147 -76.47 -1.83 14.08
C ILE A 147 -76.93 -2.40 12.80
N LEU A 148 -76.53 -3.61 12.43
CA LEU A 148 -76.85 -4.27 11.22
C LEU A 148 -77.49 -5.58 11.55
N VAL A 149 -78.06 -6.23 10.54
CA VAL A 149 -78.66 -7.58 10.67
C VAL A 149 -77.58 -8.45 10.10
N PRO A 150 -77.12 -9.50 10.73
CA PRO A 150 -76.07 -10.36 10.07
C PRO A 150 -76.64 -11.04 8.81
N PRO A 151 -75.87 -11.38 7.84
CA PRO A 151 -76.44 -11.96 6.64
C PRO A 151 -76.75 -13.41 6.80
N ASP A 152 -77.95 -13.89 6.40
CA ASP A 152 -78.56 -15.20 6.45
C ASP A 152 -79.51 -15.21 7.60
N VAL A 153 -79.69 -13.99 8.15
CA VAL A 153 -80.59 -13.63 9.21
C VAL A 153 -81.42 -12.59 8.56
N ARG A 154 -82.74 -12.88 8.30
CA ARG A 154 -83.49 -11.89 7.63
C ARG A 154 -84.91 -12.25 7.93
N GLY A 155 -85.82 -11.29 7.85
CA GLY A 155 -87.23 -11.53 8.04
C GLY A 155 -87.91 -10.31 7.54
N ARG A 156 -89.09 -10.05 8.14
CA ARG A 156 -90.04 -8.96 7.95
C ARG A 156 -90.22 -8.48 9.31
N VAL A 157 -90.01 -7.18 9.60
CA VAL A 157 -90.14 -6.52 10.90
C VAL A 157 -91.59 -6.72 11.42
N LYS A 158 -91.83 -6.56 12.74
CA LYS A 158 -93.06 -6.80 13.28
C LYS A 158 -93.30 -5.81 14.45
N GLU A 159 -92.20 -5.20 15.04
CA GLU A 159 -92.31 -4.06 15.93
C GLU A 159 -90.98 -3.35 15.84
N VAL A 160 -90.88 -2.15 16.39
CA VAL A 160 -89.70 -1.33 16.57
C VAL A 160 -90.10 -0.44 17.77
N LYS A 161 -89.46 -0.64 18.96
CA LYS A 161 -89.62 0.14 20.15
C LYS A 161 -89.17 1.61 19.87
N PRO A 162 -89.97 2.60 20.29
CA PRO A 162 -89.84 4.01 20.06
C PRO A 162 -88.51 4.58 20.58
N ALA A 163 -88.33 5.92 20.39
CA ALA A 163 -87.20 6.67 20.84
C ALA A 163 -87.04 6.60 22.32
N GLY A 164 -85.78 6.34 22.79
CA GLY A 164 -85.48 6.27 24.22
C GLY A 164 -84.22 5.50 24.28
N GLU A 165 -83.61 5.46 25.44
CA GLU A 165 -82.43 4.59 25.77
C GLU A 165 -82.88 3.20 26.16
N TYR A 166 -82.05 2.16 25.86
CA TYR A 166 -82.48 0.80 26.18
C TYR A 166 -81.27 0.02 26.54
N THR A 167 -81.35 -0.93 27.51
CA THR A 167 -80.18 -1.81 27.86
C THR A 167 -79.97 -2.72 26.69
N VAL A 168 -78.68 -3.10 26.45
CA VAL A 168 -78.20 -3.80 25.32
C VAL A 168 -78.66 -5.21 25.15
N GLU A 169 -78.99 -5.92 26.23
CA GLU A 169 -79.51 -7.28 26.30
C GLU A 169 -80.84 -7.44 25.52
N GLU A 170 -81.67 -6.42 25.71
CA GLU A 170 -83.02 -6.33 25.10
C GLU A 170 -83.09 -6.25 23.61
N PRO A 171 -84.27 -6.55 23.03
CA PRO A 171 -84.51 -6.29 21.64
C PRO A 171 -85.06 -4.87 21.44
N VAL A 172 -85.17 -4.46 20.23
CA VAL A 172 -85.64 -3.14 19.88
C VAL A 172 -86.31 -3.23 18.50
N VAL A 173 -86.15 -4.43 17.90
CA VAL A 173 -86.73 -4.72 16.55
C VAL A 173 -86.95 -6.15 16.64
N VAL A 174 -88.09 -6.65 16.17
CA VAL A 174 -88.41 -8.01 16.31
C VAL A 174 -88.89 -8.26 14.87
N LEU A 175 -88.84 -9.57 14.46
CA LEU A 175 -89.07 -10.01 13.13
C LEU A 175 -90.05 -11.20 13.20
N GLU A 176 -90.63 -11.61 12.06
CA GLU A 176 -91.56 -12.64 11.90
C GLU A 176 -90.73 -13.78 11.33
N ASP A 177 -89.85 -14.31 12.22
CA ASP A 177 -89.01 -15.45 11.88
C ASP A 177 -88.51 -16.12 13.14
N GLY A 178 -89.06 -15.74 14.27
CA GLY A 178 -88.70 -16.34 15.55
C GLY A 178 -87.38 -15.84 16.13
N THR A 179 -86.94 -14.68 15.55
CA THR A 179 -85.70 -14.06 15.82
C THR A 179 -86.08 -12.70 16.27
N GLU A 180 -85.20 -12.15 17.10
CA GLU A 180 -85.38 -10.81 17.59
C GLU A 180 -84.04 -10.12 17.61
N LEU A 181 -83.96 -8.99 16.92
CA LEU A 181 -82.73 -8.23 16.68
C LEU A 181 -82.43 -7.29 17.82
N LYS A 182 -81.28 -7.56 18.42
CA LYS A 182 -80.79 -7.08 19.67
C LYS A 182 -79.56 -6.23 19.47
N MET A 183 -79.06 -5.61 20.56
CA MET A 183 -77.89 -4.81 20.65
C MET A 183 -76.98 -5.69 21.48
N TYR A 184 -77.04 -7.08 21.38
CA TYR A 184 -76.25 -8.03 22.17
C TYR A 184 -76.80 -9.24 21.43
N HIS A 185 -76.05 -9.76 20.44
CA HIS A 185 -76.54 -10.89 19.66
C HIS A 185 -75.51 -11.73 19.11
N THR A 186 -75.72 -13.02 19.33
CA THR A 186 -74.83 -14.04 19.00
C THR A 186 -74.76 -14.27 17.55
N TRP A 187 -73.54 -14.36 17.13
CA TRP A 187 -73.23 -14.48 15.69
C TRP A 187 -72.00 -15.42 15.85
N PRO A 188 -71.96 -16.44 15.01
CA PRO A 188 -70.82 -17.22 14.87
C PRO A 188 -69.65 -16.49 14.24
N VAL A 189 -68.45 -16.87 14.68
CA VAL A 189 -67.13 -16.45 14.17
C VAL A 189 -66.69 -17.53 13.20
N ARG A 190 -67.52 -18.54 12.94
CA ARG A 190 -67.21 -19.71 12.11
C ARG A 190 -67.91 -19.49 10.78
N ARG A 191 -68.65 -18.38 10.69
CA ARG A 191 -69.54 -17.91 9.68
C ARG A 191 -69.68 -16.45 9.99
N ALA A 192 -68.49 -15.77 9.81
CA ALA A 192 -68.25 -14.37 10.09
C ALA A 192 -68.55 -13.68 8.87
N ARG A 193 -69.50 -12.70 8.91
CA ARG A 193 -70.12 -11.76 7.95
C ARG A 193 -69.72 -11.94 6.49
N PRO A 194 -70.52 -12.69 5.67
CA PRO A 194 -70.32 -13.00 4.24
C PRO A 194 -70.12 -11.78 3.30
N VAL A 195 -69.52 -11.89 2.13
CA VAL A 195 -69.17 -10.80 1.21
C VAL A 195 -69.59 -11.31 -0.23
N GLN A 196 -69.58 -10.37 -1.25
CA GLN A 196 -70.03 -10.58 -2.61
C GLN A 196 -68.79 -11.16 -3.32
N ARG A 197 -67.54 -10.53 -3.18
CA ARG A 197 -66.40 -11.17 -3.89
C ARG A 197 -65.10 -10.52 -3.44
N LYS A 198 -64.04 -11.22 -3.83
CA LYS A 198 -62.63 -10.80 -3.57
C LYS A 198 -62.37 -9.85 -4.72
N LEU A 199 -61.76 -8.72 -4.50
CA LEU A 199 -61.43 -7.68 -5.43
C LEU A 199 -59.97 -7.46 -5.34
N ASP A 200 -59.42 -6.72 -6.35
CA ASP A 200 -58.01 -6.38 -6.43
C ASP A 200 -57.84 -4.98 -5.86
N PRO A 201 -57.00 -4.74 -4.83
CA PRO A 201 -56.72 -3.38 -4.31
C PRO A 201 -56.05 -2.49 -5.34
N ASN A 202 -56.21 -1.18 -5.13
CA ASN A 202 -55.54 -0.31 -6.07
C ASN A 202 -55.46 1.11 -5.47
N THR A 203 -55.62 1.29 -4.11
CA THR A 203 -55.67 2.48 -3.37
C THR A 203 -54.73 2.19 -2.19
N PRO A 204 -53.62 2.87 -2.05
CA PRO A 204 -52.72 2.59 -0.94
C PRO A 204 -53.11 2.99 0.44
N PHE A 205 -52.44 2.38 1.49
CA PHE A 205 -52.74 2.82 2.85
C PHE A 205 -51.43 3.36 3.36
N LEU A 206 -51.40 4.31 4.31
CA LEU A 206 -50.20 4.99 4.63
C LEU A 206 -50.06 4.96 6.10
N THR A 207 -48.83 4.78 6.61
CA THR A 207 -48.55 4.71 8.05
C THR A 207 -47.96 6.08 8.37
N GLY A 208 -47.63 6.90 7.32
CA GLY A 208 -46.98 8.15 7.55
C GLY A 208 -45.54 7.90 7.87
N MET A 209 -44.83 7.19 6.95
CA MET A 209 -43.44 6.97 6.99
C MET A 209 -42.89 7.14 5.60
N ARG A 210 -41.55 7.14 5.56
CA ARG A 210 -40.84 7.28 4.29
C ARG A 210 -40.22 5.97 3.78
N ILE A 211 -40.52 4.79 4.32
CA ILE A 211 -39.88 3.52 3.92
C ILE A 211 -40.92 2.37 3.80
N LEU A 212 -42.05 2.55 4.55
CA LEU A 212 -43.09 1.57 4.56
C LEU A 212 -44.20 2.01 3.56
N ASP A 213 -43.92 3.10 2.84
CA ASP A 213 -44.94 3.64 1.97
C ASP A 213 -44.33 4.02 0.70
N VAL A 214 -43.01 4.18 0.69
CA VAL A 214 -42.30 4.86 -0.33
C VAL A 214 -41.64 3.84 -1.19
N LEU A 215 -40.53 3.16 -0.76
CA LEU A 215 -39.84 2.26 -1.53
C LEU A 215 -40.55 1.07 -1.76
N PHE A 216 -41.43 0.66 -0.74
CA PHE A 216 -42.19 -0.58 -0.83
C PHE A 216 -43.57 -0.36 -0.29
N PRO A 217 -44.52 0.05 -1.15
CA PRO A 217 -45.83 0.35 -0.66
C PRO A 217 -46.73 -0.72 0.02
N VAL A 218 -47.63 -0.28 0.93
CA VAL A 218 -48.62 -1.13 1.52
C VAL A 218 -49.95 -0.67 0.87
N ALA A 219 -50.96 -1.53 0.85
CA ALA A 219 -52.24 -1.42 0.30
C ALA A 219 -53.29 -1.50 1.36
N MET A 220 -54.35 -0.80 0.92
CA MET A 220 -55.60 -0.74 1.56
C MET A 220 -56.36 -1.90 0.99
N GLY A 221 -56.71 -2.87 1.91
CA GLY A 221 -57.30 -4.16 1.50
C GLY A 221 -56.22 -5.16 1.51
N GLY A 222 -55.01 -4.71 2.04
CA GLY A 222 -53.75 -5.43 1.94
C GLY A 222 -53.48 -6.41 3.03
N THR A 223 -52.27 -6.98 2.89
CA THR A 223 -51.68 -7.97 3.68
C THR A 223 -50.24 -7.58 3.55
N ALA A 224 -49.43 -7.78 4.61
CA ALA A 224 -48.03 -7.41 4.62
C ALA A 224 -47.46 -8.15 5.79
N ALA A 225 -46.11 -8.04 5.97
CA ALA A 225 -45.44 -8.67 7.09
C ALA A 225 -44.11 -8.00 7.19
N ILE A 226 -43.50 -7.97 8.40
CA ILE A 226 -42.21 -7.34 8.65
C ILE A 226 -41.48 -8.14 9.71
N PRO A 227 -41.03 -9.34 9.40
CA PRO A 227 -40.27 -10.16 10.30
C PRO A 227 -39.03 -9.54 10.81
N GLY A 228 -38.67 -9.65 12.15
CA GLY A 228 -37.55 -8.98 12.80
C GLY A 228 -37.21 -10.03 13.74
N PRO A 229 -36.24 -10.95 13.53
CA PRO A 229 -36.01 -12.15 14.38
C PRO A 229 -35.81 -11.99 15.81
N PHE A 230 -36.69 -12.71 16.63
CA PHE A 230 -36.68 -12.86 18.04
C PHE A 230 -36.69 -11.54 18.85
N GLY A 231 -37.49 -10.64 18.21
CA GLY A 231 -37.67 -9.25 18.57
C GLY A 231 -36.47 -8.52 17.89
N SER A 232 -36.71 -7.34 17.30
CA SER A 232 -35.70 -6.51 16.60
C SER A 232 -36.24 -5.14 16.26
N GLY A 233 -37.28 -4.70 16.98
CA GLY A 233 -37.80 -3.35 16.78
C GLY A 233 -38.95 -3.31 15.89
N LYS A 234 -39.69 -4.42 15.87
CA LYS A 234 -40.90 -4.75 15.16
C LYS A 234 -42.16 -4.40 15.94
N THR A 235 -42.05 -3.85 17.20
CA THR A 235 -43.21 -3.53 18.02
C THR A 235 -43.40 -2.04 17.89
N VAL A 236 -42.37 -1.31 17.43
CA VAL A 236 -42.28 0.14 17.30
C VAL A 236 -43.11 0.66 16.15
N THR A 237 -43.37 -0.21 15.13
CA THR A 237 -44.20 0.05 13.91
C THR A 237 -45.71 0.11 14.27
N GLN A 238 -45.97 0.06 15.58
CA GLN A 238 -47.31 0.33 16.13
C GLN A 238 -47.40 1.57 16.89
N GLN A 239 -46.19 2.34 17.03
CA GLN A 239 -46.08 3.72 17.49
C GLN A 239 -46.19 4.52 16.13
N SER A 240 -46.19 3.79 15.02
CA SER A 240 -46.31 4.51 13.77
C SER A 240 -47.71 4.33 13.21
N LEU A 241 -48.38 3.30 13.79
CA LEU A 241 -49.76 3.14 13.40
C LEU A 241 -50.71 3.78 14.44
N ALA A 242 -50.09 4.45 15.45
CA ALA A 242 -50.59 4.91 16.65
C ALA A 242 -51.38 6.13 16.41
N LYS A 243 -50.89 7.13 15.63
CA LYS A 243 -51.65 8.36 15.52
C LYS A 243 -51.23 9.05 14.30
N TRP A 244 -50.61 8.33 13.28
CA TRP A 244 -50.04 8.86 12.07
C TRP A 244 -50.74 8.10 10.98
N SER A 245 -51.58 7.08 11.30
CA SER A 245 -52.31 6.27 10.31
C SER A 245 -53.55 7.00 9.84
N ASN A 246 -54.02 6.47 8.74
CA ASN A 246 -55.13 6.96 8.07
C ASN A 246 -56.28 6.01 8.22
N ALA A 247 -56.18 5.10 9.22
CA ALA A 247 -57.22 4.14 9.45
C ALA A 247 -58.28 4.82 10.13
N ASP A 248 -59.56 4.88 9.59
CA ASP A 248 -60.77 5.44 10.25
C ASP A 248 -61.06 4.76 11.54
N VAL A 249 -60.85 3.44 11.60
CA VAL A 249 -61.18 2.59 12.75
C VAL A 249 -59.93 1.64 12.89
N VAL A 250 -59.19 1.80 14.08
CA VAL A 250 -58.09 0.95 14.51
C VAL A 250 -58.72 -0.33 15.32
N VAL A 251 -58.11 -1.50 15.13
CA VAL A 251 -58.57 -2.74 15.81
C VAL A 251 -57.27 -3.50 15.95
N TYR A 252 -56.76 -3.31 17.18
CA TYR A 252 -55.50 -3.72 17.62
C TYR A 252 -55.80 -4.97 18.40
N VAL A 253 -55.04 -6.03 18.04
CA VAL A 253 -55.15 -7.38 18.55
C VAL A 253 -53.81 -7.96 18.54
N GLY A 254 -53.53 -8.62 19.67
CA GLY A 254 -52.30 -9.40 19.83
C GLY A 254 -52.70 -10.75 20.36
N CYS A 255 -52.00 -11.83 19.88
CA CYS A 255 -52.41 -13.19 20.13
C CYS A 255 -52.40 -13.47 21.62
N GLY A 256 -51.44 -12.91 22.29
CA GLY A 256 -51.02 -13.34 23.57
C GLY A 256 -49.67 -12.76 23.78
N GLU A 257 -49.43 -11.44 23.38
CA GLU A 257 -48.23 -10.70 23.53
C GLU A 257 -47.98 -10.60 25.03
N ARG A 258 -46.63 -10.66 25.27
CA ARG A 258 -46.19 -10.68 26.69
C ARG A 258 -46.37 -9.23 27.25
N GLY A 259 -46.96 -9.12 28.50
CA GLY A 259 -47.22 -7.91 29.17
C GLY A 259 -46.28 -6.86 29.08
N ASN A 260 -44.95 -7.11 29.18
CA ASN A 260 -44.03 -6.06 29.34
C ASN A 260 -43.85 -5.21 28.08
N GLU A 261 -44.09 -5.86 26.90
CA GLU A 261 -44.02 -5.26 25.59
C GLU A 261 -45.29 -4.62 25.22
N MET A 262 -46.28 -4.86 26.06
CA MET A 262 -47.52 -4.09 25.90
C MET A 262 -47.91 -3.67 27.32
N THR A 263 -47.06 -2.74 27.83
CA THR A 263 -47.20 -2.03 29.08
C THR A 263 -47.14 -0.61 28.65
N ASP A 264 -46.06 -0.26 27.92
CA ASP A 264 -45.86 1.09 27.42
C ASP A 264 -46.70 1.25 26.13
N VAL A 265 -46.82 0.19 25.31
CA VAL A 265 -47.66 0.36 24.08
C VAL A 265 -49.13 0.43 24.41
N LEU A 266 -49.59 -0.39 25.39
CA LEU A 266 -50.98 -0.58 25.78
C LEU A 266 -51.60 0.63 26.37
N VAL A 267 -50.89 1.43 27.21
CA VAL A 267 -51.41 2.64 27.83
C VAL A 267 -50.88 3.86 27.22
N GLU A 268 -50.17 3.66 26.11
CA GLU A 268 -49.58 4.79 25.41
C GLU A 268 -50.74 5.52 24.72
N PHE A 269 -51.64 4.78 23.99
CA PHE A 269 -52.73 5.18 23.16
C PHE A 269 -53.85 5.99 23.83
N PRO A 270 -54.44 5.73 25.08
CA PRO A 270 -55.49 6.59 25.59
C PRO A 270 -54.87 7.96 25.82
N GLU A 271 -53.50 8.02 26.10
CA GLU A 271 -52.87 9.31 26.32
C GLU A 271 -52.82 10.08 25.04
N LEU A 272 -52.45 9.46 23.92
CA LEU A 272 -52.29 10.00 22.59
C LEU A 272 -53.59 10.70 22.10
N THR A 273 -53.30 11.73 21.23
CA THR A 273 -54.18 12.49 20.42
C THR A 273 -54.78 11.66 19.31
N ASP A 274 -56.10 11.97 19.04
CA ASP A 274 -56.85 11.24 18.09
C ASP A 274 -56.92 11.98 16.79
N PRO A 275 -56.30 11.59 15.62
CA PRO A 275 -56.36 12.42 14.43
C PRO A 275 -57.77 12.50 13.83
N LYS A 276 -58.69 11.58 14.19
CA LYS A 276 -59.99 11.49 13.62
C LYS A 276 -60.92 12.21 14.58
N THR A 277 -60.46 12.77 15.74
CA THR A 277 -61.18 13.52 16.76
C THR A 277 -60.14 14.39 17.37
N GLY A 278 -59.77 14.22 18.69
CA GLY A 278 -58.74 14.99 19.33
C GLY A 278 -58.36 14.56 20.68
N GLY A 279 -59.27 13.86 21.29
CA GLY A 279 -59.11 13.45 22.61
C GLY A 279 -58.30 12.13 22.57
N PRO A 280 -58.63 11.14 23.49
CA PRO A 280 -58.02 9.79 23.43
C PRO A 280 -58.06 9.08 22.10
N LEU A 281 -57.01 8.25 21.86
CA LEU A 281 -57.03 7.55 20.60
C LEU A 281 -58.10 6.45 20.52
N MET A 282 -58.53 5.98 21.72
CA MET A 282 -59.60 5.06 21.97
C MET A 282 -61.02 5.40 21.54
N HIS A 283 -61.23 6.54 20.80
CA HIS A 283 -62.51 6.95 20.13
C HIS A 283 -62.56 6.10 18.89
N ARG A 284 -61.44 5.91 18.20
CA ARG A 284 -61.47 5.05 17.02
C ARG A 284 -60.97 3.68 17.28
N THR A 285 -60.00 3.50 18.28
CA THR A 285 -59.48 2.15 18.50
C THR A 285 -60.57 1.41 19.40
N VAL A 286 -60.62 0.11 19.25
CA VAL A 286 -61.50 -0.86 19.89
C VAL A 286 -60.67 -1.57 20.90
N LEU A 287 -59.50 -2.17 20.45
CA LEU A 287 -58.53 -2.72 21.33
C LEU A 287 -59.12 -3.95 21.89
N ILE A 288 -58.84 -5.10 21.25
CA ILE A 288 -59.42 -6.41 21.57
C ILE A 288 -58.21 -7.32 21.82
N ALA A 289 -57.03 -6.71 22.19
CA ALA A 289 -55.76 -7.35 22.48
C ALA A 289 -55.85 -8.47 23.46
N ASN A 290 -55.09 -9.61 23.34
CA ASN A 290 -55.09 -10.78 24.23
C ASN A 290 -53.68 -10.87 24.65
N THR A 291 -53.38 -11.18 25.92
CA THR A 291 -52.06 -11.14 26.53
C THR A 291 -51.83 -12.45 27.14
N SER A 292 -50.58 -12.66 27.62
CA SER A 292 -50.08 -13.81 28.37
C SER A 292 -50.68 -13.80 29.73
N ASN A 293 -51.02 -12.55 30.20
CA ASN A 293 -51.71 -12.34 31.48
C ASN A 293 -53.09 -12.87 31.42
N MET A 294 -53.67 -12.83 30.15
CA MET A 294 -55.03 -13.29 29.85
C MET A 294 -54.80 -14.73 29.63
N PRO A 295 -55.78 -15.73 29.73
CA PRO A 295 -55.65 -17.21 29.51
C PRO A 295 -54.77 -17.67 28.41
N VAL A 296 -54.08 -18.81 28.63
CA VAL A 296 -53.11 -19.44 27.75
C VAL A 296 -53.84 -20.19 26.73
N ALA A 297 -55.12 -20.59 26.98
CA ALA A 297 -55.88 -21.12 25.90
C ALA A 297 -56.51 -20.06 25.04
N ALA A 298 -56.73 -18.94 25.65
CA ALA A 298 -57.40 -17.78 24.95
C ALA A 298 -56.55 -17.32 23.76
N ARG A 299 -55.27 -17.39 23.97
CA ARG A 299 -54.33 -17.19 22.84
C ARG A 299 -54.53 -18.03 21.51
N GLU A 300 -55.16 -19.23 21.55
CA GLU A 300 -55.29 -20.16 20.49
C GLU A 300 -56.45 -19.84 19.65
N ALA A 301 -57.60 -19.58 20.31
CA ALA A 301 -58.80 -18.99 19.80
C ALA A 301 -58.59 -17.62 19.08
N SER A 302 -57.96 -16.69 19.79
CA SER A 302 -57.73 -15.35 19.50
C SER A 302 -57.88 -14.79 18.13
N ILE A 303 -57.09 -15.29 17.12
CA ILE A 303 -57.13 -14.81 15.79
C ILE A 303 -58.52 -15.04 15.09
N TYR A 304 -58.94 -16.26 14.81
CA TYR A 304 -60.25 -16.66 14.23
C TYR A 304 -61.47 -16.16 14.96
N VAL A 305 -61.35 -15.54 16.19
CA VAL A 305 -62.47 -14.99 16.89
C VAL A 305 -62.48 -13.50 16.69
N GLY A 306 -61.23 -12.89 16.60
CA GLY A 306 -61.06 -11.43 16.67
C GLY A 306 -61.24 -10.84 15.30
N VAL A 307 -61.26 -11.70 14.24
CA VAL A 307 -61.50 -11.41 12.81
C VAL A 307 -62.90 -10.84 12.61
N THR A 308 -63.91 -11.37 13.36
CA THR A 308 -65.30 -11.09 13.24
C THR A 308 -65.55 -9.65 13.78
N ILE A 309 -64.85 -9.17 14.92
CA ILE A 309 -64.91 -7.87 15.46
C ILE A 309 -64.32 -6.93 14.44
N ALA A 310 -63.19 -7.38 13.67
CA ALA A 310 -62.74 -6.49 12.61
C ALA A 310 -63.75 -6.24 11.54
N GLU A 311 -64.62 -7.29 11.23
CA GLU A 311 -65.54 -7.38 10.16
C GLU A 311 -66.74 -6.57 10.40
N TYR A 312 -67.47 -6.65 11.60
CA TYR A 312 -68.63 -5.81 11.93
C TYR A 312 -68.48 -4.30 11.62
N PHE A 313 -67.32 -3.67 11.76
CA PHE A 313 -67.19 -2.21 11.53
C PHE A 313 -66.88 -2.14 10.08
N ARG A 314 -65.95 -3.02 9.51
CA ARG A 314 -65.50 -2.98 8.13
C ARG A 314 -66.60 -3.08 7.13
N ASP A 315 -67.57 -3.97 7.34
CA ASP A 315 -68.88 -4.11 6.64
C ASP A 315 -69.66 -2.80 6.45
N GLN A 316 -69.91 -2.08 7.60
CA GLN A 316 -70.76 -0.90 7.61
C GLN A 316 -70.36 0.16 6.60
N GLY A 317 -69.07 0.47 6.47
CA GLY A 317 -68.62 1.37 5.42
C GLY A 317 -67.30 1.94 5.85
N PHE A 318 -66.48 1.17 6.55
CA PHE A 318 -65.30 1.64 7.24
C PHE A 318 -64.13 0.93 6.59
N SER A 319 -62.90 1.55 6.73
CA SER A 319 -61.69 1.08 6.17
C SER A 319 -60.78 0.74 7.27
N VAL A 320 -61.25 -0.34 7.99
CA VAL A 320 -60.64 -0.84 9.17
C VAL A 320 -59.15 -1.27 8.97
N ALA A 321 -58.34 -1.06 10.02
CA ALA A 321 -56.97 -1.43 10.06
C ALA A 321 -56.85 -2.42 11.20
N LEU A 322 -56.64 -3.73 10.87
CA LEU A 322 -56.49 -4.88 11.76
C LEU A 322 -55.07 -5.19 11.76
N MET A 323 -54.41 -5.47 12.94
CA MET A 323 -53.05 -5.87 13.05
C MET A 323 -52.96 -6.93 14.07
N ALA A 324 -52.45 -8.11 13.68
CA ALA A 324 -52.20 -9.18 14.57
C ALA A 324 -50.75 -8.93 14.86
N ASP A 325 -50.42 -8.62 16.11
CA ASP A 325 -49.19 -8.33 16.68
C ASP A 325 -48.61 -9.67 16.99
N SER A 326 -47.54 -10.02 16.22
CA SER A 326 -46.63 -11.18 16.17
C SER A 326 -47.44 -12.45 16.17
N THR A 327 -47.63 -12.93 14.91
CA THR A 327 -48.35 -14.14 14.69
C THR A 327 -47.66 -15.44 15.24
N SER A 328 -46.37 -15.38 15.64
CA SER A 328 -45.46 -16.48 16.19
C SER A 328 -46.10 -16.78 17.54
N ARG A 329 -46.76 -15.83 18.27
CA ARG A 329 -47.41 -16.09 19.58
C ARG A 329 -48.60 -17.01 19.39
N TRP A 330 -49.29 -16.87 18.25
CA TRP A 330 -50.31 -17.82 17.92
C TRP A 330 -49.82 -19.23 17.63
N ALA A 331 -48.60 -19.43 16.98
CA ALA A 331 -47.93 -20.66 16.65
C ALA A 331 -47.59 -21.40 17.95
N GLU A 332 -47.04 -20.71 18.98
CA GLU A 332 -46.74 -21.29 20.32
C GLU A 332 -47.96 -21.83 21.07
N ALA A 333 -49.14 -21.21 20.80
CA ALA A 333 -50.41 -21.74 21.34
C ALA A 333 -50.89 -22.92 20.55
N LEU A 334 -50.81 -22.84 19.21
CA LEU A 334 -51.35 -23.85 18.28
C LEU A 334 -50.62 -25.23 18.44
N ARG A 335 -49.28 -25.17 18.64
CA ARG A 335 -48.38 -26.30 18.73
C ARG A 335 -48.39 -26.90 20.12
N GLU A 336 -48.89 -26.12 21.13
CA GLU A 336 -49.03 -26.64 22.50
C GLU A 336 -50.14 -27.65 22.61
N ILE A 337 -51.13 -27.61 21.63
CA ILE A 337 -52.31 -28.46 21.59
C ILE A 337 -51.84 -29.91 21.57
N SER A 338 -50.89 -30.17 20.69
CA SER A 338 -50.25 -31.46 20.54
C SER A 338 -49.75 -32.05 21.84
N SER A 339 -48.92 -31.23 22.58
CA SER A 339 -48.33 -31.65 23.81
C SER A 339 -49.33 -32.22 24.88
N ARG A 340 -50.53 -31.49 25.02
CA ARG A 340 -51.55 -31.71 26.03
C ARG A 340 -52.40 -32.82 25.51
N LEU A 341 -52.40 -33.15 24.22
CA LEU A 341 -53.36 -34.12 23.67
C LEU A 341 -52.75 -35.39 23.33
N GLU A 342 -51.43 -35.52 23.53
CA GLU A 342 -50.73 -36.76 23.24
C GLU A 342 -50.75 -37.03 21.77
N GLU A 343 -50.13 -36.11 21.00
CA GLU A 343 -49.92 -36.09 19.55
C GLU A 343 -48.69 -35.30 19.43
N MET A 344 -47.93 -35.41 18.28
CA MET A 344 -46.65 -34.78 18.09
C MET A 344 -46.94 -33.77 17.12
N PRO A 345 -46.25 -32.67 17.04
CA PRO A 345 -46.60 -31.66 16.06
C PRO A 345 -45.98 -32.10 14.71
N ALA A 346 -46.15 -31.31 13.61
CA ALA A 346 -45.52 -31.64 12.32
C ALA A 346 -44.00 -31.45 12.38
N GLU A 347 -43.34 -32.46 11.90
CA GLU A 347 -41.99 -32.65 12.20
C GLU A 347 -41.06 -31.55 11.91
N GLU A 348 -40.01 -31.42 12.76
CA GLU A 348 -38.98 -30.41 12.66
C GLU A 348 -39.32 -29.04 13.17
N GLY A 349 -40.14 -29.03 14.24
CA GLY A 349 -40.50 -27.84 15.01
C GLY A 349 -41.49 -26.86 14.32
N TYR A 350 -42.40 -27.34 13.44
CA TYR A 350 -43.37 -26.72 12.63
C TYR A 350 -44.66 -27.01 13.24
N PRO A 351 -45.66 -26.23 13.09
CA PRO A 351 -46.93 -26.43 13.78
C PRO A 351 -47.77 -27.48 12.98
N PRO A 352 -48.66 -28.25 13.62
CA PRO A 352 -49.48 -29.30 12.97
C PRO A 352 -50.46 -28.69 12.03
N TYR A 353 -50.95 -27.47 12.33
CA TYR A 353 -51.95 -26.91 11.47
C TYR A 353 -51.09 -25.87 10.90
N LEU A 354 -50.96 -25.92 9.61
CA LEU A 354 -50.03 -25.10 8.77
C LEU A 354 -50.79 -23.86 8.14
N ALA A 355 -51.35 -24.12 6.92
CA ALA A 355 -52.19 -23.30 6.10
C ALA A 355 -53.54 -23.07 6.73
N ALA A 356 -54.04 -24.23 7.20
CA ALA A 356 -55.42 -24.45 7.58
C ALA A 356 -56.08 -23.34 8.34
N ARG A 357 -55.43 -22.93 9.45
CA ARG A 357 -56.02 -21.93 10.41
C ARG A 357 -55.24 -20.57 10.37
N LEU A 358 -54.30 -20.32 9.37
CA LEU A 358 -53.55 -19.12 9.18
C LEU A 358 -54.02 -18.30 7.98
N ALA A 359 -53.89 -18.94 6.81
CA ALA A 359 -54.14 -18.28 5.55
C ALA A 359 -55.56 -17.80 5.48
N ALA A 360 -56.54 -18.66 5.95
CA ALA A 360 -57.95 -18.42 5.96
C ALA A 360 -58.33 -17.14 6.67
N PHE A 361 -57.73 -16.79 7.86
CA PHE A 361 -58.02 -15.56 8.52
C PHE A 361 -57.56 -14.38 7.70
N TYR A 362 -56.34 -14.48 7.12
CA TYR A 362 -55.74 -13.42 6.37
C TYR A 362 -56.50 -12.89 5.10
N GLU A 363 -56.96 -13.96 4.42
CA GLU A 363 -57.70 -13.82 3.16
C GLU A 363 -59.15 -13.82 3.48
N ARG A 364 -59.56 -13.75 4.76
CA ARG A 364 -60.99 -13.64 5.07
C ARG A 364 -61.51 -12.29 4.75
N ALA A 365 -60.69 -11.25 4.88
CA ALA A 365 -61.09 -9.88 4.61
C ALA A 365 -59.89 -9.14 4.11
N GLY A 366 -60.07 -8.24 3.15
CA GLY A 366 -58.99 -7.44 2.55
C GLY A 366 -59.39 -7.06 1.17
N LYS A 367 -60.00 -5.84 0.97
CA LYS A 367 -60.49 -5.32 -0.30
C LYS A 367 -61.54 -6.25 -0.85
N VAL A 368 -62.73 -6.32 -0.34
CA VAL A 368 -63.72 -7.29 -0.79
C VAL A 368 -65.01 -6.57 -0.96
N ILE A 369 -65.68 -6.60 -2.14
CA ILE A 369 -66.94 -5.90 -2.13
C ILE A 369 -67.93 -6.84 -1.35
N THR A 370 -68.89 -6.29 -0.57
CA THR A 370 -69.83 -6.97 0.34
C THR A 370 -71.14 -7.22 -0.35
N LEU A 371 -72.08 -7.82 0.35
CA LEU A 371 -73.46 -8.11 0.05
C LEU A 371 -74.34 -6.89 0.04
N GLY A 372 -74.12 -5.92 0.92
CA GLY A 372 -74.73 -4.59 0.93
C GLY A 372 -74.24 -3.76 -0.21
N GLY A 373 -73.10 -4.12 -0.85
CA GLY A 373 -72.48 -3.47 -1.94
C GLY A 373 -71.57 -2.43 -1.44
N GLU A 374 -71.26 -2.47 -0.15
CA GLU A 374 -70.23 -1.63 0.44
C GLU A 374 -68.91 -2.16 0.27
N GLU A 375 -67.79 -1.31 0.49
CA GLU A 375 -66.47 -1.75 0.32
C GLU A 375 -65.75 -2.00 1.60
N GLY A 376 -65.51 -3.36 1.91
CA GLY A 376 -64.88 -3.76 3.14
C GLY A 376 -63.42 -3.96 2.88
N ALA A 377 -62.49 -3.26 3.52
CA ALA A 377 -61.10 -3.37 3.25
C ALA A 377 -60.39 -3.36 4.53
N VAL A 378 -59.72 -4.55 4.80
CA VAL A 378 -58.93 -4.80 5.91
C VAL A 378 -57.50 -4.77 5.50
N THR A 379 -56.74 -3.93 6.26
CA THR A 379 -55.42 -3.60 6.08
C THR A 379 -54.66 -4.21 7.20
N ILE A 380 -53.67 -5.09 7.00
CA ILE A 380 -52.88 -5.69 7.99
C ILE A 380 -51.49 -5.52 7.58
N VAL A 381 -50.71 -5.31 8.62
CA VAL A 381 -49.29 -5.22 8.64
C VAL A 381 -48.93 -6.11 9.79
N GLY A 382 -48.56 -7.32 9.33
CA GLY A 382 -48.24 -8.43 10.19
C GLY A 382 -46.91 -8.12 10.79
N ALA A 383 -46.85 -8.22 12.13
CA ALA A 383 -45.74 -7.84 13.00
C ALA A 383 -45.05 -9.07 13.59
N VAL A 384 -45.05 -10.09 12.77
CA VAL A 384 -44.40 -11.38 12.92
C VAL A 384 -42.94 -11.48 13.20
N SER A 385 -42.44 -12.78 13.41
CA SER A 385 -41.09 -13.24 13.63
C SER A 385 -41.15 -14.68 13.18
N PRO A 386 -40.07 -15.26 12.82
CA PRO A 386 -40.10 -16.61 12.36
C PRO A 386 -40.04 -17.59 13.59
N PRO A 387 -40.81 -18.67 13.60
CA PRO A 387 -40.81 -19.59 14.78
C PRO A 387 -39.56 -20.38 14.97
N GLY A 388 -38.79 -20.83 13.85
CA GLY A 388 -37.62 -21.63 13.85
C GLY A 388 -36.33 -20.86 13.73
N GLY A 389 -36.47 -19.58 13.34
CA GLY A 389 -35.39 -18.55 13.20
C GLY A 389 -35.06 -18.54 11.82
N ASP A 390 -35.49 -19.56 11.11
CA ASP A 390 -35.41 -19.70 9.65
C ASP A 390 -36.71 -19.23 9.03
N MET A 391 -36.66 -18.65 7.81
CA MET A 391 -37.80 -18.19 7.08
C MET A 391 -37.99 -19.09 5.88
N SER A 392 -37.43 -20.29 5.91
CA SER A 392 -37.59 -21.27 4.80
C SER A 392 -38.77 -22.21 5.21
N GLU A 393 -39.29 -22.06 6.46
CA GLU A 393 -40.38 -22.78 7.05
C GLU A 393 -41.75 -22.48 6.51
N PRO A 394 -42.64 -23.44 6.26
CA PRO A 394 -43.89 -23.29 5.55
C PRO A 394 -44.75 -22.09 5.85
N VAL A 395 -44.99 -21.82 7.15
CA VAL A 395 -45.91 -20.82 7.65
C VAL A 395 -45.47 -19.43 7.32
N THR A 396 -44.17 -19.26 7.17
CA THR A 396 -43.66 -18.02 6.70
C THR A 396 -44.02 -17.82 5.25
N GLN A 397 -43.72 -18.78 4.39
CA GLN A 397 -43.91 -18.54 2.93
C GLN A 397 -45.36 -18.53 2.48
N SER A 398 -46.19 -19.47 2.99
CA SER A 398 -47.59 -19.65 2.75
C SER A 398 -48.59 -18.45 3.02
N THR A 399 -48.25 -17.42 3.81
CA THR A 399 -49.06 -16.26 3.91
C THR A 399 -48.26 -15.13 4.49
N LEU A 400 -46.95 -15.30 4.78
CA LEU A 400 -46.26 -14.18 5.46
C LEU A 400 -45.07 -13.61 4.64
N ARG A 401 -45.00 -14.09 3.43
CA ARG A 401 -43.91 -13.74 2.49
C ARG A 401 -44.52 -13.79 1.09
N ILE A 402 -45.79 -14.24 0.86
CA ILE A 402 -46.41 -14.14 -0.51
C ILE A 402 -47.33 -12.92 -0.42
N VAL A 403 -47.34 -12.26 0.83
CA VAL A 403 -47.87 -10.95 1.20
C VAL A 403 -47.47 -9.80 0.30
N GLY A 404 -48.13 -8.61 0.49
CA GLY A 404 -48.06 -7.43 -0.38
C GLY A 404 -46.77 -6.64 -0.14
N ALA A 405 -46.06 -6.82 1.06
CA ALA A 405 -44.81 -6.24 1.29
C ALA A 405 -44.03 -7.05 2.24
N PHE A 406 -42.70 -7.16 2.09
CA PHE A 406 -41.70 -7.77 2.94
C PHE A 406 -40.52 -6.88 3.13
N TRP A 407 -40.20 -6.68 4.40
CA TRP A 407 -39.07 -5.95 4.90
C TRP A 407 -38.43 -6.86 5.90
N ARG A 408 -37.15 -7.17 5.72
CA ARG A 408 -36.30 -8.05 6.55
C ARG A 408 -35.65 -7.19 7.56
N LEU A 409 -35.10 -7.79 8.68
CA LEU A 409 -34.45 -6.95 9.66
C LEU A 409 -33.34 -7.82 10.27
N ASP A 410 -32.39 -7.11 10.92
CA ASP A 410 -31.28 -7.75 11.53
C ASP A 410 -31.26 -7.23 12.91
N ALA A 411 -30.26 -7.54 13.74
CA ALA A 411 -30.29 -7.18 15.14
C ALA A 411 -29.42 -5.94 15.30
N SER A 412 -28.34 -5.96 14.42
CA SER A 412 -27.41 -4.79 14.49
C SER A 412 -27.85 -3.73 13.57
N LEU A 413 -28.87 -3.99 12.73
CA LEU A 413 -29.59 -3.07 11.89
C LEU A 413 -30.25 -2.00 12.70
N ALA A 414 -31.16 -2.37 13.61
CA ALA A 414 -32.04 -1.55 14.36
C ALA A 414 -31.28 -0.94 15.45
N PHE A 415 -30.08 -1.45 15.94
CA PHE A 415 -29.43 -0.94 17.09
C PHE A 415 -28.89 0.49 16.72
N ARG A 416 -28.38 0.75 15.45
CA ARG A 416 -27.74 2.05 15.23
C ARG A 416 -28.56 3.37 15.48
N ARG A 417 -29.74 3.52 14.87
CA ARG A 417 -30.61 4.60 15.08
C ARG A 417 -31.84 4.39 14.25
N HIS A 418 -32.22 3.11 13.96
CA HIS A 418 -33.26 2.80 13.09
C HIS A 418 -34.26 2.16 13.92
N PHE A 419 -35.49 2.70 13.98
CA PHE A 419 -36.59 2.13 14.75
C PHE A 419 -37.89 2.76 14.29
N PRO A 420 -38.77 2.05 13.54
CA PRO A 420 -38.65 0.75 13.02
C PRO A 420 -37.80 0.76 11.77
N ALA A 421 -36.87 -0.20 11.73
CA ALA A 421 -36.00 -0.44 10.66
C ALA A 421 -36.57 -1.17 9.46
N ILE A 422 -35.86 -1.01 8.32
CA ILE A 422 -36.08 -1.80 7.14
C ILE A 422 -34.73 -2.09 6.62
N ASN A 423 -34.57 -3.19 5.83
CA ASN A 423 -33.35 -3.53 5.19
C ASN A 423 -33.29 -2.69 4.00
N TRP A 424 -32.02 -2.47 3.47
CA TRP A 424 -31.70 -1.79 2.26
C TRP A 424 -31.74 -2.70 1.09
N ASN A 425 -31.64 -4.04 1.29
CA ASN A 425 -31.47 -4.99 0.28
C ASN A 425 -32.06 -6.18 1.05
N GLY A 426 -33.12 -6.74 0.53
CA GLY A 426 -33.83 -7.80 1.22
C GLY A 426 -35.28 -7.47 1.37
N SER A 427 -35.60 -6.25 0.93
CA SER A 427 -36.92 -5.68 1.01
C SER A 427 -37.28 -5.49 -0.48
N TYR A 428 -38.43 -6.13 -0.91
CA TYR A 428 -38.93 -6.02 -2.25
C TYR A 428 -40.34 -5.70 -2.09
N SER A 429 -41.10 -5.31 -3.12
CA SER A 429 -42.52 -5.07 -3.04
C SER A 429 -43.24 -5.95 -4.10
N LEU A 430 -44.22 -6.71 -3.55
CA LEU A 430 -44.83 -7.72 -4.35
C LEU A 430 -46.02 -7.08 -4.99
N PHE A 431 -46.58 -5.97 -4.48
CA PHE A 431 -47.78 -5.32 -5.21
C PHE A 431 -47.54 -3.85 -5.10
N THR A 432 -47.39 -3.23 -6.29
CA THR A 432 -47.07 -1.84 -6.42
C THR A 432 -47.51 -1.43 -7.78
N SER A 433 -47.74 -2.43 -8.66
CA SER A 433 -48.03 -2.20 -10.00
C SER A 433 -49.51 -1.99 -10.22
N ALA A 434 -50.32 -2.01 -9.15
CA ALA A 434 -51.73 -1.69 -9.18
C ALA A 434 -52.01 -0.49 -8.33
N LEU A 435 -51.02 -0.01 -7.52
CA LEU A 435 -51.10 1.15 -6.69
C LEU A 435 -50.52 2.40 -7.26
N ASP A 436 -50.12 2.35 -8.55
CA ASP A 436 -49.52 3.48 -9.24
C ASP A 436 -50.53 4.52 -9.63
N PRO A 437 -51.73 4.26 -10.15
CA PRO A 437 -52.81 5.25 -10.50
C PRO A 437 -52.96 6.25 -9.45
N TRP A 438 -53.41 5.77 -8.27
CA TRP A 438 -53.68 6.53 -7.08
C TRP A 438 -52.53 7.43 -6.57
N TYR A 439 -51.30 6.94 -6.64
CA TYR A 439 -50.11 7.69 -6.32
C TYR A 439 -49.81 8.84 -7.22
N ARG A 440 -49.89 8.60 -8.57
CA ARG A 440 -49.87 9.56 -9.68
C ARG A 440 -50.87 10.69 -9.42
N GLU A 441 -52.18 10.39 -9.24
CA GLU A 441 -53.18 11.41 -9.08
C GLU A 441 -53.14 12.10 -7.78
N ASN A 442 -53.39 11.35 -6.69
CA ASN A 442 -53.48 12.00 -5.40
C ASN A 442 -52.15 12.76 -4.96
N VAL A 443 -50.98 12.07 -4.93
CA VAL A 443 -49.76 12.59 -4.43
C VAL A 443 -49.13 13.49 -5.49
N ALA A 444 -48.50 12.91 -6.43
CA ALA A 444 -47.66 13.65 -7.37
C ALA A 444 -47.60 12.80 -8.59
N GLU A 445 -47.59 13.42 -9.81
CA GLU A 445 -47.75 12.77 -11.11
C GLU A 445 -46.46 12.16 -11.61
N ASP A 446 -45.31 12.38 -10.84
CA ASP A 446 -44.05 11.89 -11.23
C ASP A 446 -43.58 11.04 -10.07
N TYR A 447 -44.47 10.70 -9.12
CA TYR A 447 -44.15 9.92 -7.93
C TYR A 447 -43.73 8.48 -8.30
N PRO A 448 -44.29 7.64 -9.16
CA PRO A 448 -43.75 6.28 -9.46
C PRO A 448 -42.34 6.27 -10.13
N GLU A 449 -41.83 7.48 -10.55
CA GLU A 449 -40.60 7.77 -11.18
C GLU A 449 -39.54 8.03 -10.07
N LEU A 450 -39.97 8.90 -9.10
CA LEU A 450 -39.06 9.25 -7.99
C LEU A 450 -38.79 8.15 -6.95
N ARG A 451 -39.60 7.02 -6.78
CA ARG A 451 -39.34 5.99 -5.84
C ARG A 451 -38.52 4.86 -6.42
N ASP A 452 -38.59 4.63 -7.77
CA ASP A 452 -37.93 3.62 -8.45
C ASP A 452 -36.47 4.09 -8.64
N ALA A 453 -36.29 5.42 -8.80
CA ALA A 453 -34.97 6.03 -8.96
C ALA A 453 -34.20 6.21 -7.67
N ILE A 454 -34.83 6.23 -6.50
CA ILE A 454 -34.14 6.14 -5.23
C ILE A 454 -33.65 4.77 -4.89
N SER A 455 -34.61 3.76 -5.02
CA SER A 455 -34.39 2.29 -4.77
C SER A 455 -33.32 1.65 -5.61
N GLU A 456 -33.15 2.23 -6.85
CA GLU A 456 -32.25 1.82 -7.85
C GLU A 456 -30.80 1.80 -7.42
N LEU A 457 -30.43 2.93 -6.71
CA LEU A 457 -29.11 3.08 -6.05
C LEU A 457 -29.02 2.21 -4.80
N LEU A 458 -30.12 2.35 -3.95
CA LEU A 458 -30.24 1.82 -2.61
C LEU A 458 -29.93 0.33 -2.61
N GLN A 459 -30.35 -0.35 -3.66
CA GLN A 459 -30.26 -1.77 -3.88
C GLN A 459 -29.14 -2.25 -4.83
N ARG A 460 -28.54 -1.33 -5.64
CA ARG A 460 -27.53 -1.69 -6.56
C ARG A 460 -26.22 -1.70 -5.71
N GLU A 461 -26.23 -0.87 -4.60
CA GLU A 461 -25.17 -0.82 -3.62
C GLU A 461 -24.63 -2.18 -3.10
N ALA A 462 -25.54 -3.16 -3.09
CA ALA A 462 -25.34 -4.58 -2.80
C ALA A 462 -24.30 -5.25 -3.65
N GLY A 463 -24.21 -4.79 -4.91
CA GLY A 463 -23.18 -5.02 -5.94
C GLY A 463 -21.81 -4.81 -5.39
N LEU A 464 -21.64 -3.73 -4.54
CA LEU A 464 -20.39 -3.35 -3.96
C LEU A 464 -20.10 -4.02 -2.65
N GLN A 465 -21.14 -4.17 -1.76
CA GLN A 465 -21.19 -4.94 -0.56
C GLN A 465 -20.47 -6.31 -0.75
N GLU A 466 -20.75 -7.10 -1.79
CA GLU A 466 -20.22 -8.40 -2.11
C GLU A 466 -18.71 -8.35 -2.31
N ILE A 467 -18.20 -7.41 -3.17
CA ILE A 467 -16.76 -7.16 -3.49
C ILE A 467 -16.04 -6.74 -2.28
N VAL A 468 -16.68 -6.12 -1.22
CA VAL A 468 -16.08 -5.80 0.07
C VAL A 468 -15.64 -7.03 0.70
N GLN A 469 -16.59 -7.97 0.82
CA GLN A 469 -16.45 -9.26 1.56
C GLN A 469 -15.68 -10.25 0.66
N LEU A 470 -15.25 -9.88 -0.57
CA LEU A 470 -14.40 -10.56 -1.46
C LEU A 470 -12.98 -10.17 -1.20
N VAL A 471 -12.26 -9.60 -2.20
CA VAL A 471 -10.89 -9.06 -2.16
C VAL A 471 -11.01 -7.73 -1.57
N GLY A 472 -12.14 -7.00 -1.66
CA GLY A 472 -12.27 -5.69 -1.12
C GLY A 472 -11.94 -4.73 -2.23
N PRO A 473 -12.77 -3.68 -2.52
CA PRO A 473 -12.32 -2.61 -3.41
C PRO A 473 -11.26 -1.71 -2.78
N ASP A 474 -10.21 -1.29 -3.52
CA ASP A 474 -9.14 -0.50 -3.03
C ASP A 474 -8.74 0.40 -4.17
N ALA A 475 -9.58 0.36 -5.33
CA ALA A 475 -9.46 1.18 -6.50
C ALA A 475 -10.41 2.31 -6.20
N LEU A 476 -9.88 3.41 -5.55
CA LEU A 476 -10.69 4.60 -5.33
C LEU A 476 -10.73 5.36 -6.58
N GLN A 477 -11.95 5.49 -7.15
CA GLN A 477 -12.16 6.16 -8.43
C GLN A 477 -13.34 7.04 -8.23
N ASP A 478 -13.65 7.99 -9.12
CA ASP A 478 -14.71 8.93 -8.79
C ASP A 478 -16.07 8.25 -8.90
N ALA A 479 -16.26 7.42 -9.91
CA ALA A 479 -17.53 6.81 -10.26
C ALA A 479 -17.71 5.69 -9.29
N GLU A 480 -16.61 5.17 -8.65
CA GLU A 480 -16.56 4.28 -7.56
C GLU A 480 -17.33 4.84 -6.35
N ARG A 481 -16.62 5.75 -5.59
CA ARG A 481 -17.07 6.49 -4.41
C ARG A 481 -18.27 7.33 -4.63
N LEU A 482 -18.78 7.58 -5.83
CA LEU A 482 -20.06 8.15 -6.12
C LEU A 482 -21.16 7.30 -5.46
N VAL A 483 -21.29 5.96 -5.79
CA VAL A 483 -22.40 5.14 -5.32
C VAL A 483 -22.34 5.02 -3.80
N ILE A 484 -21.15 4.55 -3.29
CA ILE A 484 -20.79 4.35 -1.94
C ILE A 484 -21.31 5.34 -0.93
N GLU A 485 -20.82 6.63 -1.05
CA GLU A 485 -21.24 7.77 -0.20
C GLU A 485 -22.61 8.25 -0.29
N VAL A 486 -23.17 8.45 -1.48
CA VAL A 486 -24.64 8.60 -1.70
C VAL A 486 -25.55 7.65 -0.86
N GLY A 487 -25.47 6.34 -1.16
CA GLY A 487 -26.24 5.30 -0.56
C GLY A 487 -26.08 5.23 0.86
N ARG A 488 -24.86 5.47 1.37
CA ARG A 488 -24.50 5.50 2.73
C ARG A 488 -25.40 6.53 3.49
N ILE A 489 -25.38 7.80 3.00
CA ILE A 489 -26.23 8.81 3.64
C ILE A 489 -27.70 8.41 3.61
N ILE A 490 -28.27 7.84 2.51
CA ILE A 490 -29.59 7.21 2.43
C ILE A 490 -29.87 6.22 3.51
N ARG A 491 -28.82 5.55 4.17
CA ARG A 491 -29.09 4.57 5.20
C ARG A 491 -28.91 5.19 6.60
N GLU A 492 -28.10 6.26 6.61
CA GLU A 492 -27.72 7.03 7.77
C GLU A 492 -28.81 7.97 8.11
N ASP A 493 -29.58 8.61 7.19
CA ASP A 493 -30.51 9.65 7.58
C ASP A 493 -31.97 9.35 7.10
N PHE A 494 -32.14 8.55 6.04
CA PHE A 494 -33.42 8.28 5.39
C PHE A 494 -34.09 6.92 5.75
N LEU A 495 -33.28 5.95 6.18
CA LEU A 495 -33.75 4.71 6.69
C LEU A 495 -33.65 4.81 8.16
N GLN A 496 -32.88 5.78 8.73
CA GLN A 496 -32.86 6.08 10.13
C GLN A 496 -33.98 7.05 10.30
N GLN A 497 -35.09 6.55 10.84
CA GLN A 497 -36.20 7.36 11.18
C GLN A 497 -36.51 6.83 12.65
N ASN A 498 -37.09 7.65 13.48
CA ASN A 498 -37.55 7.38 14.79
C ASN A 498 -39.01 7.55 14.76
N ALA A 499 -39.79 6.63 15.34
CA ALA A 499 -41.23 6.68 15.46
C ALA A 499 -41.52 7.28 16.84
N TYR A 500 -40.53 7.97 17.33
CA TYR A 500 -40.62 8.61 18.64
C TYR A 500 -40.81 10.11 18.53
N HIS A 501 -40.63 10.72 17.40
CA HIS A 501 -40.78 12.14 17.29
C HIS A 501 -41.63 12.37 16.08
N GLU A 502 -42.19 13.59 16.04
CA GLU A 502 -43.00 14.01 14.90
C GLU A 502 -42.18 14.87 13.89
N VAL A 503 -40.82 14.89 14.07
CA VAL A 503 -39.98 15.57 13.18
C VAL A 503 -39.10 14.48 12.61
N ASP A 504 -39.13 13.18 13.11
CA ASP A 504 -38.27 12.18 12.50
C ASP A 504 -39.13 11.27 11.69
N ALA A 505 -40.46 11.51 11.83
CA ALA A 505 -41.48 10.64 11.21
C ALA A 505 -42.74 11.39 11.39
N TYR A 506 -43.85 10.90 10.72
CA TYR A 506 -45.06 11.58 10.47
C TYR A 506 -44.80 12.23 9.10
N CYS A 507 -45.62 11.86 7.99
CA CYS A 507 -45.35 12.39 6.64
C CYS A 507 -46.73 12.49 6.04
N SER A 508 -46.84 13.56 5.18
CA SER A 508 -48.03 13.86 4.46
C SER A 508 -47.56 13.91 3.00
N MET A 509 -48.37 14.28 2.03
CA MET A 509 -47.88 14.23 0.62
C MET A 509 -46.64 15.03 0.34
N LYS A 510 -46.66 16.39 0.39
CA LYS A 510 -45.52 17.28 0.26
C LYS A 510 -44.31 16.99 1.08
N LYS A 511 -44.33 16.26 2.23
CA LYS A 511 -43.10 15.96 2.98
C LYS A 511 -42.44 14.75 2.36
N ALA A 512 -43.21 13.66 2.18
CA ALA A 512 -42.85 12.39 1.53
C ALA A 512 -42.33 12.69 0.08
N TYR A 513 -43.03 13.54 -0.64
CA TYR A 513 -42.62 14.04 -1.99
C TYR A 513 -41.25 14.71 -2.07
N GLY A 514 -41.14 15.74 -1.18
CA GLY A 514 -39.99 16.65 -0.96
C GLY A 514 -38.69 15.99 -0.67
N ILE A 515 -38.50 15.39 0.57
CA ILE A 515 -37.34 14.58 0.92
C ILE A 515 -36.78 13.66 -0.16
N MET A 516 -37.63 12.77 -0.73
CA MET A 516 -37.31 11.90 -1.81
C MET A 516 -36.80 12.54 -3.12
N LYS A 517 -36.93 13.86 -3.27
CA LYS A 517 -36.47 14.58 -4.46
C LYS A 517 -35.28 15.34 -4.11
N MET A 518 -35.17 15.80 -2.87
CA MET A 518 -33.97 16.36 -2.28
C MET A 518 -32.73 15.58 -2.55
N ILE A 519 -32.79 14.23 -2.21
CA ILE A 519 -31.62 13.38 -2.39
C ILE A 519 -31.24 13.21 -3.84
N LEU A 520 -32.27 12.85 -4.59
CA LEU A 520 -32.15 12.61 -6.04
C LEU A 520 -31.37 13.65 -6.75
N ALA A 521 -31.80 14.89 -6.60
CA ALA A 521 -31.20 16.11 -7.12
C ALA A 521 -29.75 16.28 -6.88
N PHE A 522 -29.30 16.28 -5.59
CA PHE A 522 -27.92 16.35 -5.00
C PHE A 522 -27.09 15.28 -5.63
N TYR A 523 -27.59 13.99 -5.76
CA TYR A 523 -27.01 12.79 -6.38
C TYR A 523 -26.78 13.06 -7.81
N LYS A 524 -27.78 13.58 -8.53
CA LYS A 524 -27.88 13.96 -9.92
C LYS A 524 -26.77 14.89 -10.26
N GLU A 525 -26.65 15.98 -9.46
CA GLU A 525 -25.67 17.04 -9.55
C GLU A 525 -24.26 16.60 -9.20
N ALA A 526 -24.12 15.54 -8.33
CA ALA A 526 -22.88 14.90 -8.00
C ALA A 526 -22.39 14.13 -9.23
N GLU A 527 -23.29 13.46 -10.00
CA GLU A 527 -22.97 12.66 -11.19
C GLU A 527 -22.25 13.47 -12.19
N ALA A 528 -22.53 14.82 -12.37
CA ALA A 528 -21.99 15.54 -13.48
C ALA A 528 -20.86 16.42 -12.98
N ALA A 529 -20.70 16.51 -11.65
CA ALA A 529 -19.74 17.22 -10.86
C ALA A 529 -18.41 16.49 -11.02
N ILE A 530 -18.47 15.18 -10.62
CA ILE A 530 -17.39 14.28 -10.49
C ILE A 530 -16.81 14.04 -11.86
N LYS A 531 -17.72 13.98 -12.90
CA LYS A 531 -17.35 13.69 -14.27
C LYS A 531 -16.25 14.60 -14.90
N ARG A 532 -16.30 15.92 -14.51
CA ARG A 532 -15.33 16.92 -14.87
C ARG A 532 -14.01 16.70 -14.12
N GLY A 533 -14.04 16.29 -12.85
CA GLY A 533 -12.83 16.17 -12.04
C GLY A 533 -13.00 17.03 -10.83
N VAL A 534 -14.01 16.68 -9.95
CA VAL A 534 -14.26 17.36 -8.67
C VAL A 534 -14.27 16.11 -7.82
N SER A 535 -13.37 16.08 -6.83
CA SER A 535 -13.23 14.95 -5.88
C SER A 535 -14.33 14.87 -4.95
N ILE A 536 -14.72 13.63 -4.58
CA ILE A 536 -15.74 13.32 -3.64
C ILE A 536 -15.43 13.82 -2.23
N ASP A 537 -14.08 14.01 -1.90
CA ASP A 537 -13.72 14.63 -0.62
C ASP A 537 -14.29 15.97 -0.36
N GLU A 538 -14.22 16.82 -1.40
CA GLU A 538 -14.63 18.21 -1.34
C GLU A 538 -16.17 18.32 -1.40
N ILE A 539 -16.83 17.27 -2.04
CA ILE A 539 -18.33 17.22 -2.05
C ILE A 539 -18.87 16.94 -0.69
N LEU A 540 -18.17 16.04 0.07
CA LEU A 540 -18.49 15.67 1.39
C LEU A 540 -18.39 16.85 2.33
N GLN A 541 -17.33 17.69 2.27
CA GLN A 541 -17.14 18.74 3.20
C GLN A 541 -17.89 20.02 2.85
N LEU A 542 -19.06 19.90 2.11
CA LEU A 542 -20.03 20.98 1.78
C LEU A 542 -21.11 21.10 2.89
N PRO A 543 -21.95 22.19 2.93
CA PRO A 543 -22.86 22.44 4.00
C PRO A 543 -24.16 21.79 3.58
N VAL A 544 -24.29 21.41 2.29
CA VAL A 544 -25.41 20.80 1.68
C VAL A 544 -25.53 19.33 2.06
N LEU A 545 -24.43 18.69 2.47
CA LEU A 545 -24.39 17.36 3.04
C LEU A 545 -25.20 17.50 4.32
N GLU A 546 -25.01 18.60 5.13
CA GLU A 546 -25.61 18.83 6.37
C GLU A 546 -27.14 19.09 6.21
N ARG A 547 -27.67 19.45 4.98
CA ARG A 547 -29.05 19.87 4.81
C ARG A 547 -29.97 18.62 4.83
N ILE A 548 -29.45 17.55 4.25
CA ILE A 548 -30.01 16.19 4.20
C ILE A 548 -29.93 15.61 5.57
N GLY A 549 -28.98 16.18 6.38
CA GLY A 549 -28.71 15.79 7.75
C GLY A 549 -29.67 16.59 8.63
N ARG A 550 -30.45 17.52 8.10
CA ARG A 550 -31.33 18.41 8.79
C ARG A 550 -32.64 18.31 8.04
N ALA A 551 -32.97 17.01 7.60
CA ALA A 551 -34.19 16.72 6.80
C ALA A 551 -34.69 15.48 7.49
N ARG A 552 -34.57 15.44 8.86
CA ARG A 552 -35.10 14.39 9.74
C ARG A 552 -35.26 15.05 11.13
N TYR A 553 -35.14 16.39 11.24
CA TYR A 553 -35.37 17.16 12.42
C TYR A 553 -36.19 18.37 11.97
N VAL A 554 -37.06 18.14 10.99
CA VAL A 554 -37.81 19.33 10.44
C VAL A 554 -39.23 18.83 10.49
N SER A 555 -40.23 19.69 10.82
CA SER A 555 -41.68 19.30 10.90
C SER A 555 -42.26 19.38 9.53
N GLU A 556 -43.47 18.75 9.40
CA GLU A 556 -44.22 18.67 8.22
C GLU A 556 -44.68 20.09 7.83
N GLU A 557 -45.10 20.90 8.81
CA GLU A 557 -45.62 22.20 8.59
C GLU A 557 -44.64 23.08 7.91
N GLU A 558 -43.40 23.08 8.42
CA GLU A 558 -42.27 23.93 8.07
C GLU A 558 -41.77 23.44 6.74
N PHE A 559 -41.93 22.13 6.47
CA PHE A 559 -41.40 21.40 5.37
C PHE A 559 -41.58 22.17 4.06
N PRO A 560 -42.75 22.52 3.56
CA PRO A 560 -42.94 23.39 2.49
C PRO A 560 -41.96 24.49 2.25
N ALA A 561 -41.85 25.50 3.11
CA ALA A 561 -40.88 26.60 2.93
C ALA A 561 -39.42 26.20 3.06
N TYR A 562 -39.08 25.22 3.95
CA TYR A 562 -37.77 24.62 4.17
C TYR A 562 -37.28 24.14 2.79
N PHE A 563 -38.09 23.30 2.08
CA PHE A 563 -37.65 22.69 0.81
C PHE A 563 -37.47 23.72 -0.24
N GLU A 564 -38.41 24.73 -0.28
CA GLU A 564 -38.35 25.81 -1.30
C GLU A 564 -37.08 26.62 -1.17
N GLU A 565 -36.42 26.69 0.03
CA GLU A 565 -35.20 27.47 0.14
C GLU A 565 -33.95 26.69 -0.25
N ALA A 566 -34.02 25.37 -0.08
CA ALA A 566 -32.89 24.46 -0.18
C ALA A 566 -32.54 24.01 -1.59
N MET A 567 -33.52 24.07 -2.49
CA MET A 567 -33.38 23.80 -3.90
C MET A 567 -32.45 24.77 -4.56
N LYS A 568 -32.19 25.95 -3.95
CA LYS A 568 -31.35 26.91 -4.54
C LYS A 568 -29.93 26.60 -4.10
N GLU A 569 -29.66 26.24 -2.83
CA GLU A 569 -28.36 25.81 -2.24
C GLU A 569 -27.77 24.50 -2.96
N ILE A 570 -28.63 23.63 -3.56
CA ILE A 570 -28.27 22.47 -4.35
C ILE A 570 -27.59 22.94 -5.67
N GLN A 571 -28.31 23.57 -6.56
CA GLN A 571 -27.87 24.14 -7.84
C GLN A 571 -26.75 25.14 -7.71
N GLY A 572 -26.42 25.71 -6.52
CA GLY A 572 -25.45 26.74 -6.41
C GLY A 572 -24.16 26.17 -6.17
N ALA A 573 -24.18 25.16 -5.25
CA ALA A 573 -22.95 24.59 -4.72
C ALA A 573 -22.58 23.34 -5.48
N PHE A 574 -22.96 23.32 -6.76
CA PHE A 574 -22.67 22.14 -7.54
C PHE A 574 -22.30 22.49 -8.95
N LYS A 575 -23.22 23.02 -9.78
CA LYS A 575 -23.03 23.42 -11.14
C LYS A 575 -21.86 24.36 -11.36
N ALA A 576 -21.69 25.24 -10.28
CA ALA A 576 -20.68 26.30 -10.29
C ALA A 576 -19.25 25.79 -10.25
N LEU A 577 -18.99 24.84 -9.35
CA LEU A 577 -17.76 24.09 -9.25
C LEU A 577 -17.53 23.25 -10.51
N MET B 1 -36.09 -63.33 52.56
CA MET B 1 -35.81 -62.02 51.80
C MET B 1 -36.87 -61.92 50.79
N ILE B 2 -36.55 -62.02 49.47
CA ILE B 2 -37.54 -61.95 48.40
C ILE B 2 -37.14 -62.95 47.41
N GLN B 3 -38.14 -63.74 46.93
CA GLN B 3 -37.93 -64.91 46.03
C GLN B 3 -39.01 -64.76 44.95
N GLY B 4 -38.60 -64.13 43.82
CA GLY B 4 -39.42 -63.99 42.61
C GLY B 4 -38.72 -64.97 41.69
N VAL B 5 -38.78 -64.67 40.29
CA VAL B 5 -37.96 -65.26 39.26
C VAL B 5 -37.69 -64.19 38.16
N ILE B 6 -37.27 -64.56 36.94
CA ILE B 6 -36.94 -63.59 35.90
C ILE B 6 -38.26 -63.57 35.11
N GLN B 7 -38.50 -62.54 34.25
CA GLN B 7 -39.72 -62.41 33.43
C GLN B 7 -39.12 -62.26 32.06
N LYS B 8 -38.29 -61.20 31.86
CA LYS B 8 -37.73 -60.90 30.57
C LYS B 8 -36.31 -60.67 30.87
N ILE B 9 -35.54 -60.58 29.74
CA ILE B 9 -34.10 -60.30 29.79
C ILE B 9 -34.18 -59.25 28.70
N ALA B 10 -33.48 -58.11 28.89
CA ALA B 10 -33.55 -57.04 27.92
C ALA B 10 -32.17 -56.48 27.83
N GLY B 11 -31.16 -57.02 27.01
CA GLY B 11 -29.84 -56.55 26.86
C GLY B 11 -29.01 -56.80 28.08
N PRO B 12 -28.23 -55.86 28.55
CA PRO B 12 -27.47 -56.09 29.78
C PRO B 12 -28.45 -55.93 30.96
N ALA B 13 -29.66 -55.35 30.79
CA ALA B 13 -30.70 -55.20 31.86
C ALA B 13 -31.45 -56.55 31.95
N VAL B 14 -32.20 -56.75 33.07
CA VAL B 14 -33.01 -57.96 33.29
C VAL B 14 -34.19 -57.44 34.11
N ILE B 15 -35.39 -58.00 33.98
CA ILE B 15 -36.53 -57.53 34.66
C ILE B 15 -36.87 -58.81 35.49
N ALA B 16 -37.71 -58.69 36.51
CA ALA B 16 -38.16 -59.78 37.36
C ALA B 16 -39.49 -59.51 37.81
N LYS B 17 -40.18 -60.60 38.08
CA LYS B 17 -41.55 -60.50 38.62
C LYS B 17 -41.57 -61.35 39.88
N GLY B 18 -42.60 -61.14 40.76
CA GLY B 18 -42.78 -61.78 42.04
C GLY B 18 -41.94 -61.18 43.16
N MET B 19 -41.60 -59.88 42.96
CA MET B 19 -40.84 -59.06 43.86
C MET B 19 -41.79 -58.27 44.66
N LEU B 20 -41.92 -58.63 45.92
CA LEU B 20 -42.76 -57.98 46.90
C LEU B 20 -41.80 -57.64 47.94
N GLY B 21 -41.89 -56.39 48.39
CA GLY B 21 -41.01 -55.84 49.39
C GLY B 21 -39.80 -55.14 48.80
N ALA B 22 -39.76 -55.03 47.42
CA ALA B 22 -38.76 -54.32 46.67
C ALA B 22 -38.82 -52.82 46.89
N ARG B 23 -37.61 -52.28 47.13
CA ARG B 23 -37.32 -50.91 47.37
C ARG B 23 -36.44 -50.42 46.28
N MET B 24 -36.45 -49.08 46.07
CA MET B 24 -35.63 -48.42 45.05
C MET B 24 -34.18 -48.50 45.63
N TYR B 25 -33.24 -49.11 44.85
CA TYR B 25 -31.81 -49.14 45.14
C TYR B 25 -31.49 -50.05 46.16
N ASP B 26 -31.08 -51.31 45.71
CA ASP B 26 -30.70 -52.31 46.71
C ASP B 26 -29.66 -53.09 45.94
N ILE B 27 -29.13 -54.08 46.59
CA ILE B 27 -28.44 -55.24 45.96
C ILE B 27 -29.49 -56.09 45.28
N CYS B 28 -29.50 -56.25 43.90
CA CYS B 28 -30.57 -57.08 43.39
C CYS B 28 -29.91 -58.12 42.59
N LYS B 29 -29.81 -59.33 43.17
CA LYS B 29 -29.13 -60.42 42.51
C LYS B 29 -30.16 -61.06 41.67
N VAL B 30 -29.90 -61.19 40.34
CA VAL B 30 -30.85 -61.80 39.44
C VAL B 30 -30.24 -63.19 39.10
N GLY B 31 -31.10 -64.24 39.21
CA GLY B 31 -30.73 -65.66 39.06
C GLY B 31 -30.04 -66.19 40.27
N GLU B 32 -29.95 -67.54 40.19
CA GLU B 32 -29.49 -68.43 41.23
C GLU B 32 -28.05 -68.10 41.55
N GLU B 33 -27.23 -67.80 40.52
CA GLU B 33 -25.85 -67.47 40.63
C GLU B 33 -25.69 -66.05 41.16
N GLY B 34 -26.60 -65.18 40.76
CA GLY B 34 -26.70 -63.74 41.10
C GLY B 34 -25.64 -63.00 40.38
N LEU B 35 -25.83 -61.73 40.12
CA LEU B 35 -24.95 -60.95 39.29
C LEU B 35 -24.73 -59.56 39.92
N VAL B 36 -25.71 -59.22 40.83
CA VAL B 36 -25.84 -57.91 41.50
C VAL B 36 -26.08 -56.76 40.55
N GLY B 37 -27.37 -56.35 40.40
CA GLY B 37 -27.73 -55.32 39.54
C GLY B 37 -28.11 -54.18 40.51
N GLU B 38 -29.14 -53.41 40.14
CA GLU B 38 -29.61 -52.22 40.87
C GLU B 38 -31.04 -51.97 40.36
N ILE B 39 -31.99 -51.75 41.31
CA ILE B 39 -33.41 -51.43 41.14
C ILE B 39 -33.60 -50.05 40.79
N ILE B 40 -33.97 -49.73 39.54
CA ILE B 40 -34.28 -48.33 39.16
C ILE B 40 -35.74 -48.21 39.19
N ARG B 41 -36.40 -48.61 38.16
CA ARG B 41 -37.77 -48.46 37.95
C ARG B 41 -38.39 -49.63 38.69
N LEU B 42 -39.46 -49.35 39.42
CA LEU B 42 -40.31 -50.36 40.05
C LEU B 42 -41.71 -50.03 39.57
N ASP B 43 -42.31 -50.87 38.73
CA ASP B 43 -43.66 -50.74 38.15
C ASP B 43 -44.42 -51.96 38.53
N GLY B 44 -45.50 -51.89 39.33
CA GLY B 44 -46.11 -53.04 39.87
C GLY B 44 -45.28 -53.77 40.82
N ASP B 45 -45.18 -55.09 40.61
CA ASP B 45 -44.52 -56.17 41.27
C ASP B 45 -43.32 -56.64 40.50
N THR B 46 -42.98 -55.79 39.44
CA THR B 46 -41.97 -56.07 38.50
C THR B 46 -41.01 -54.99 38.80
N ALA B 47 -39.89 -55.34 39.45
CA ALA B 47 -38.85 -54.45 39.73
C ALA B 47 -37.83 -54.64 38.68
N PHE B 48 -37.73 -53.64 37.76
CA PHE B 48 -36.76 -53.56 36.71
C PHE B 48 -35.36 -53.50 37.31
N VAL B 49 -34.53 -54.53 37.09
CA VAL B 49 -33.18 -54.74 37.51
C VAL B 49 -32.38 -54.15 36.41
N GLN B 50 -31.07 -53.71 36.61
CA GLN B 50 -30.28 -53.20 35.50
C GLN B 50 -28.91 -53.70 35.92
N VAL B 51 -28.51 -54.82 35.18
CA VAL B 51 -27.29 -55.53 35.68
C VAL B 51 -25.97 -54.91 35.23
N TYR B 52 -25.01 -54.91 36.20
CA TYR B 52 -23.67 -54.37 36.09
C TYR B 52 -22.78 -55.29 35.22
N GLU B 53 -23.05 -56.56 35.27
CA GLU B 53 -22.33 -57.62 34.72
C GLU B 53 -23.17 -58.22 33.61
N ASP B 54 -22.48 -59.06 32.80
CA ASP B 54 -23.13 -59.73 31.69
C ASP B 54 -24.25 -60.71 32.01
N THR B 55 -25.36 -60.63 31.19
CA THR B 55 -26.58 -61.49 31.28
C THR B 55 -26.43 -62.63 30.33
N SER B 56 -25.18 -62.79 29.78
CA SER B 56 -24.83 -63.79 28.84
C SER B 56 -24.93 -65.19 29.39
N GLY B 57 -25.79 -66.06 28.75
CA GLY B 57 -25.97 -67.43 29.14
C GLY B 57 -27.04 -67.56 30.16
N LEU B 58 -27.57 -66.47 30.71
CA LEU B 58 -28.64 -66.56 31.71
C LEU B 58 -29.88 -67.17 31.05
N LYS B 59 -30.55 -68.19 31.68
CA LYS B 59 -31.74 -68.72 31.15
C LYS B 59 -32.79 -68.19 32.14
N VAL B 60 -33.97 -67.84 31.61
CA VAL B 60 -35.05 -67.24 32.40
C VAL B 60 -35.53 -68.29 33.27
N GLY B 61 -36.16 -67.93 34.40
CA GLY B 61 -36.72 -68.82 35.30
C GLY B 61 -35.82 -69.37 36.36
N GLU B 62 -34.98 -68.49 37.05
CA GLU B 62 -34.02 -68.86 38.09
C GLU B 62 -34.36 -67.92 39.22
N PRO B 63 -34.55 -68.28 40.50
CA PRO B 63 -34.99 -67.40 41.58
C PRO B 63 -34.16 -66.07 41.67
N VAL B 64 -34.86 -64.94 42.00
CA VAL B 64 -34.27 -63.65 42.10
C VAL B 64 -34.37 -63.30 43.58
N VAL B 65 -33.24 -62.82 44.10
CA VAL B 65 -33.05 -62.53 45.50
C VAL B 65 -32.68 -61.05 45.52
N SER B 66 -33.40 -60.33 46.42
CA SER B 66 -33.13 -58.96 46.56
C SER B 66 -33.12 -58.90 48.06
N THR B 67 -32.19 -58.09 48.63
CA THR B 67 -31.89 -57.94 50.01
C THR B 67 -32.91 -57.05 50.62
N GLY B 68 -33.28 -55.99 49.82
CA GLY B 68 -34.23 -54.93 50.09
C GLY B 68 -33.83 -53.84 50.98
N LEU B 69 -32.48 -53.76 51.17
CA LEU B 69 -31.77 -52.86 52.09
C LEU B 69 -30.94 -51.95 51.22
N PRO B 70 -30.75 -50.63 51.46
CA PRO B 70 -30.13 -49.71 50.48
C PRO B 70 -28.79 -50.23 50.00
N LEU B 71 -28.40 -49.83 48.76
CA LEU B 71 -27.12 -50.10 48.16
C LEU B 71 -26.02 -49.51 49.00
N ALA B 72 -25.23 -50.43 49.56
CA ALA B 72 -24.20 -49.97 50.46
C ALA B 72 -22.97 -50.67 49.89
N VAL B 73 -21.79 -50.12 50.30
CA VAL B 73 -20.49 -50.64 50.00
C VAL B 73 -19.64 -50.38 51.23
N GLU B 74 -18.67 -51.34 51.46
CA GLU B 74 -17.71 -51.50 52.58
C GLU B 74 -16.68 -50.34 52.50
N LEU B 75 -16.67 -49.55 53.58
CA LEU B 75 -15.79 -48.46 53.79
C LEU B 75 -15.19 -48.70 55.08
N GLY B 76 -13.84 -48.66 55.11
CA GLY B 76 -13.11 -48.92 56.33
C GLY B 76 -11.79 -49.19 55.72
N PRO B 77 -11.01 -50.12 56.26
CA PRO B 77 -9.63 -50.50 55.82
C PRO B 77 -9.58 -51.16 54.47
N GLY B 78 -8.36 -51.47 54.03
CA GLY B 78 -8.22 -52.07 52.74
C GLY B 78 -8.35 -51.13 51.51
N MET B 79 -8.44 -49.82 51.73
CA MET B 79 -8.62 -48.86 50.69
C MET B 79 -7.41 -48.81 49.79
N LEU B 80 -6.24 -48.90 50.42
CA LEU B 80 -4.95 -48.86 49.77
C LEU B 80 -4.60 -50.15 49.25
N ASN B 81 -4.34 -50.26 47.90
CA ASN B 81 -4.10 -51.50 47.17
C ASN B 81 -5.38 -52.38 47.14
N GLY B 82 -6.58 -51.90 47.09
CA GLY B 82 -7.76 -52.73 47.02
C GLY B 82 -8.58 -52.21 45.85
N ILE B 83 -9.24 -53.10 45.11
CA ILE B 83 -10.08 -52.71 43.93
C ILE B 83 -11.44 -52.99 44.46
N TYR B 84 -12.31 -52.07 44.15
CA TYR B 84 -13.68 -52.18 44.65
C TYR B 84 -14.63 -52.11 43.51
N ASP B 85 -14.17 -51.41 42.45
CA ASP B 85 -14.85 -51.03 41.21
C ASP B 85 -16.31 -50.83 41.28
N GLY B 86 -16.97 -51.07 40.05
CA GLY B 86 -18.32 -50.82 39.78
C GLY B 86 -19.16 -52.07 39.70
N ILE B 87 -18.54 -53.23 39.49
CA ILE B 87 -19.28 -54.52 39.48
C ILE B 87 -19.18 -55.16 40.80
N GLN B 88 -18.36 -54.58 41.75
CA GLN B 88 -18.17 -55.00 43.07
C GLN B 88 -17.38 -56.31 43.16
N ARG B 89 -16.13 -56.31 42.53
CA ARG B 89 -15.25 -57.48 42.53
C ARG B 89 -13.82 -57.02 42.61
N PRO B 90 -12.90 -57.72 43.28
CA PRO B 90 -11.51 -57.25 43.21
C PRO B 90 -10.81 -57.94 42.05
N LEU B 91 -10.46 -57.13 41.00
CA LEU B 91 -9.74 -57.66 39.87
C LEU B 91 -8.49 -58.35 40.08
N GLU B 92 -7.72 -57.89 41.16
CA GLU B 92 -6.53 -58.35 41.83
C GLU B 92 -6.54 -59.83 41.98
N ARG B 93 -7.53 -60.35 42.69
CA ARG B 93 -7.81 -61.75 43.04
C ARG B 93 -8.13 -62.64 41.87
N ILE B 94 -9.01 -62.07 40.98
CA ILE B 94 -9.43 -62.69 39.75
C ILE B 94 -8.12 -63.02 38.96
N ARG B 95 -7.26 -61.95 38.74
CA ARG B 95 -6.15 -62.04 37.90
C ARG B 95 -5.32 -63.28 38.07
N GLU B 96 -5.09 -63.67 39.40
CA GLU B 96 -4.24 -64.84 39.71
C GLU B 96 -4.90 -66.10 39.61
N LYS B 97 -6.09 -66.24 40.31
CA LYS B 97 -6.90 -67.44 40.39
C LYS B 97 -7.61 -67.90 39.12
N THR B 98 -8.21 -67.05 38.28
CA THR B 98 -9.00 -67.58 37.16
C THR B 98 -8.25 -67.21 35.86
N GLY B 99 -7.03 -66.68 35.98
CA GLY B 99 -6.08 -66.43 34.87
C GLY B 99 -6.23 -65.02 34.37
N ILE B 100 -5.50 -64.70 33.24
CA ILE B 100 -5.52 -63.49 32.58
C ILE B 100 -6.81 -63.21 31.84
N TYR B 101 -7.64 -64.30 31.76
CA TYR B 101 -8.98 -64.26 31.22
C TYR B 101 -9.93 -64.04 32.40
N ILE B 102 -10.93 -63.14 32.29
CA ILE B 102 -11.96 -62.97 33.33
C ILE B 102 -13.10 -63.86 32.85
N THR B 103 -13.60 -64.64 33.84
CA THR B 103 -14.91 -65.24 33.57
C THR B 103 -16.01 -64.27 33.91
N ARG B 104 -16.71 -63.78 32.84
CA ARG B 104 -17.86 -62.89 33.01
C ARG B 104 -18.98 -63.60 33.79
N GLY B 105 -19.57 -62.82 34.70
CA GLY B 105 -20.58 -63.32 35.65
C GLY B 105 -19.95 -63.87 36.96
N VAL B 106 -20.75 -63.99 38.01
CA VAL B 106 -20.51 -64.44 39.40
C VAL B 106 -19.84 -63.37 40.24
N VAL B 107 -20.42 -63.01 41.41
CA VAL B 107 -20.01 -61.96 42.29
C VAL B 107 -19.14 -62.48 43.36
N VAL B 108 -18.10 -61.70 43.81
CA VAL B 108 -17.19 -62.10 44.88
C VAL B 108 -17.09 -60.82 45.67
N HIS B 109 -16.89 -60.85 47.03
CA HIS B 109 -16.80 -59.64 47.86
C HIS B 109 -15.91 -58.48 47.38
N ALA B 110 -16.48 -57.29 47.37
CA ALA B 110 -15.82 -56.12 46.92
C ALA B 110 -14.52 -55.79 47.61
N LEU B 111 -14.46 -56.00 48.94
CA LEU B 111 -13.33 -55.73 49.81
C LEU B 111 -13.15 -57.14 50.31
N ASP B 112 -11.95 -57.73 50.07
CA ASP B 112 -11.48 -59.02 50.44
C ASP B 112 -11.37 -59.03 51.93
N ARG B 113 -11.63 -60.27 52.40
CA ARG B 113 -11.70 -60.68 53.80
C ARG B 113 -10.41 -61.46 54.12
N GLU B 114 -9.41 -61.50 53.17
CA GLU B 114 -8.18 -62.09 53.32
C GLU B 114 -7.11 -61.17 53.91
N LYS B 115 -7.40 -59.86 53.88
CA LYS B 115 -6.58 -58.80 54.46
C LYS B 115 -6.72 -58.75 55.99
N LYS B 116 -5.52 -58.41 56.60
CA LYS B 116 -5.39 -58.38 58.05
C LYS B 116 -4.48 -57.10 58.31
N TRP B 117 -4.76 -56.36 59.44
CA TRP B 117 -4.01 -55.15 59.83
C TRP B 117 -4.03 -54.88 61.27
N ALA B 118 -3.06 -54.15 61.73
CA ALA B 118 -2.91 -53.64 63.09
C ALA B 118 -4.01 -52.76 63.54
N TRP B 119 -4.30 -52.70 64.86
CA TRP B 119 -5.29 -51.85 65.46
C TRP B 119 -4.63 -51.10 66.58
N THR B 120 -4.70 -49.82 66.64
CA THR B 120 -4.28 -49.02 67.71
C THR B 120 -5.49 -48.44 68.31
N PRO B 121 -5.97 -48.80 69.47
CA PRO B 121 -7.12 -48.21 70.08
C PRO B 121 -6.86 -46.74 70.50
N MET B 122 -7.79 -45.78 70.37
CA MET B 122 -7.69 -44.41 70.77
C MET B 122 -8.83 -44.09 71.75
N VAL B 123 -9.74 -44.99 72.16
CA VAL B 123 -10.84 -44.73 73.08
C VAL B 123 -10.84 -45.92 74.04
N LYS B 124 -11.71 -45.84 75.07
CA LYS B 124 -11.78 -46.75 76.15
C LYS B 124 -13.20 -47.00 76.52
N PRO B 125 -13.46 -48.09 77.29
CA PRO B 125 -14.83 -48.40 77.72
C PRO B 125 -15.42 -47.38 78.62
N GLY B 126 -16.76 -47.45 78.68
CA GLY B 126 -17.56 -46.61 79.50
C GLY B 126 -17.76 -45.19 79.08
N ASP B 127 -17.47 -44.90 77.78
CA ASP B 127 -17.65 -43.57 77.14
C ASP B 127 -18.92 -43.59 76.35
N GLU B 128 -19.23 -42.38 75.86
CA GLU B 128 -20.44 -42.05 75.06
C GLU B 128 -19.87 -41.48 73.83
N VAL B 129 -20.08 -42.13 72.69
CA VAL B 129 -19.53 -41.73 71.44
C VAL B 129 -20.70 -41.07 70.66
N ARG B 130 -20.28 -40.27 69.68
CA ARG B 130 -21.08 -39.50 68.80
C ARG B 130 -20.58 -39.79 67.44
N GLY B 131 -21.42 -39.70 66.46
CA GLY B 131 -21.00 -39.96 65.09
C GLY B 131 -19.97 -39.05 64.52
N GLY B 132 -19.10 -39.70 63.73
CA GLY B 132 -18.08 -39.06 63.05
C GLY B 132 -16.73 -39.14 63.71
N MET B 133 -16.56 -39.62 65.01
CA MET B 133 -15.33 -39.66 65.67
C MET B 133 -14.45 -40.86 65.15
N VAL B 134 -13.20 -40.88 65.59
CA VAL B 134 -12.28 -41.96 65.28
C VAL B 134 -12.25 -42.80 66.51
N LEU B 135 -12.16 -44.20 66.42
CA LEU B 135 -12.19 -45.09 67.57
C LEU B 135 -10.81 -45.50 67.72
N GLY B 136 -10.08 -45.64 66.63
CA GLY B 136 -8.68 -46.05 66.66
C GLY B 136 -8.15 -45.83 65.25
N THR B 137 -6.81 -45.75 65.12
CA THR B 137 -6.08 -45.63 63.93
C THR B 137 -5.62 -47.03 63.61
N VAL B 138 -5.16 -47.16 62.38
CA VAL B 138 -4.65 -48.41 61.79
C VAL B 138 -3.50 -47.91 61.09
N PRO B 139 -2.29 -48.30 61.27
CA PRO B 139 -1.10 -47.91 60.50
C PRO B 139 -1.04 -48.96 59.40
N GLU B 140 -1.13 -48.51 58.16
CA GLU B 140 -1.06 -49.42 57.06
C GLU B 140 -0.17 -48.63 56.13
N PHE B 141 1.08 -49.17 55.88
CA PHE B 141 2.18 -48.53 55.20
C PHE B 141 2.63 -47.26 55.93
N GLY B 142 3.09 -46.28 55.17
CA GLY B 142 3.54 -45.04 55.79
C GLY B 142 2.44 -44.00 55.97
N PHE B 143 1.14 -44.45 55.90
CA PHE B 143 -0.06 -43.61 55.99
C PHE B 143 -0.79 -44.21 57.17
N THR B 144 -1.72 -43.44 57.69
CA THR B 144 -2.53 -43.73 58.85
C THR B 144 -3.95 -43.72 58.49
N HIS B 145 -4.52 -44.93 58.42
CA HIS B 145 -5.91 -45.12 58.03
C HIS B 145 -6.63 -45.19 59.40
N LYS B 146 -7.80 -44.42 59.43
CA LYS B 146 -8.53 -44.25 60.65
C LYS B 146 -9.82 -45.08 60.44
N ILE B 147 -10.48 -45.44 61.57
CA ILE B 147 -11.80 -46.06 61.66
C ILE B 147 -12.68 -45.02 62.33
N LEU B 148 -13.48 -44.32 61.48
CA LEU B 148 -14.54 -43.38 61.54
C LEU B 148 -15.84 -44.02 61.91
N VAL B 149 -16.56 -43.55 62.97
CA VAL B 149 -17.87 -43.88 63.53
C VAL B 149 -18.88 -43.37 62.52
N PRO B 150 -19.93 -44.08 62.20
CA PRO B 150 -20.97 -43.66 61.34
C PRO B 150 -21.65 -42.29 61.76
N PRO B 151 -21.64 -41.28 60.95
CA PRO B 151 -22.27 -39.99 61.28
C PRO B 151 -23.71 -40.10 61.60
N ASP B 152 -24.14 -39.35 62.61
CA ASP B 152 -25.49 -39.28 63.09
C ASP B 152 -25.96 -40.54 63.81
N VAL B 153 -25.10 -41.26 64.64
CA VAL B 153 -25.33 -42.47 65.43
C VAL B 153 -24.72 -42.31 66.79
N ARG B 154 -25.48 -42.57 67.87
CA ARG B 154 -24.91 -42.46 69.19
C ARG B 154 -25.16 -43.69 69.93
N GLY B 155 -24.28 -44.01 70.95
CA GLY B 155 -24.43 -45.12 71.78
C GLY B 155 -23.20 -45.12 72.71
N ARG B 156 -23.15 -45.92 73.84
CA ARG B 156 -22.00 -45.96 74.68
C ARG B 156 -21.09 -47.04 74.16
N VAL B 157 -19.93 -47.21 74.83
CA VAL B 157 -19.00 -48.16 74.49
C VAL B 157 -18.99 -49.15 75.57
N LYS B 158 -19.07 -50.47 75.20
CA LYS B 158 -19.16 -51.64 76.09
C LYS B 158 -17.70 -52.08 76.37
N GLU B 159 -16.91 -52.27 75.28
CA GLU B 159 -15.63 -52.79 75.24
C GLU B 159 -14.86 -52.06 74.11
N VAL B 160 -13.50 -52.32 74.05
CA VAL B 160 -12.68 -52.00 72.96
C VAL B 160 -11.62 -52.97 73.14
N LYS B 161 -11.47 -53.91 72.20
CA LYS B 161 -10.56 -54.99 72.27
C LYS B 161 -9.15 -54.43 72.12
N PRO B 162 -8.06 -54.83 72.86
CA PRO B 162 -6.78 -54.18 72.81
C PRO B 162 -6.12 -54.20 71.45
N ALA B 163 -5.02 -53.33 71.27
CA ALA B 163 -4.14 -53.36 70.07
C ALA B 163 -3.74 -54.77 69.53
N GLY B 164 -3.55 -54.85 68.12
CA GLY B 164 -2.90 -56.04 67.63
C GLY B 164 -3.48 -56.28 66.24
N GLU B 165 -2.80 -57.04 65.34
CA GLU B 165 -3.36 -57.42 64.04
C GLU B 165 -4.35 -58.52 64.15
N TYR B 166 -5.44 -58.28 63.37
CA TYR B 166 -6.54 -59.16 63.42
C TYR B 166 -7.05 -59.04 62.00
N THR B 167 -7.99 -60.01 61.69
CA THR B 167 -8.78 -60.11 60.53
C THR B 167 -9.74 -58.93 60.58
N VAL B 168 -10.07 -58.30 59.50
CA VAL B 168 -11.05 -57.15 59.51
C VAL B 168 -12.44 -57.41 60.04
N GLU B 169 -12.77 -58.74 60.14
CA GLU B 169 -14.03 -59.26 60.46
C GLU B 169 -14.28 -59.10 61.87
N GLU B 170 -13.25 -59.39 62.69
CA GLU B 170 -13.31 -59.29 64.12
C GLU B 170 -13.94 -58.01 64.66
N PRO B 171 -14.98 -58.01 65.51
CA PRO B 171 -15.47 -56.76 65.99
C PRO B 171 -14.51 -56.19 67.01
N VAL B 172 -14.09 -54.93 66.79
CA VAL B 172 -13.03 -54.22 67.56
C VAL B 172 -13.63 -53.25 68.64
N VAL B 173 -14.84 -52.76 68.34
CA VAL B 173 -15.56 -51.90 69.23
C VAL B 173 -16.95 -52.35 69.25
N VAL B 174 -17.36 -52.94 70.43
CA VAL B 174 -18.76 -53.18 70.65
C VAL B 174 -19.22 -52.08 71.49
N LEU B 175 -20.31 -51.49 70.97
CA LEU B 175 -21.10 -50.55 71.60
C LEU B 175 -22.06 -51.17 72.50
N GLU B 176 -22.43 -50.45 73.55
CA GLU B 176 -23.41 -50.88 74.60
C GLU B 176 -24.77 -50.87 74.13
N ASP B 177 -24.89 -50.06 73.05
CA ASP B 177 -26.12 -49.75 72.38
C ASP B 177 -26.50 -50.92 71.47
N GLY B 178 -25.55 -51.94 71.31
CA GLY B 178 -25.75 -53.14 70.59
C GLY B 178 -25.30 -52.92 69.16
N THR B 179 -24.10 -52.34 68.91
CA THR B 179 -23.59 -52.40 67.54
C THR B 179 -22.21 -52.91 67.68
N GLU B 180 -22.02 -54.15 67.21
CA GLU B 180 -20.74 -54.71 67.15
C GLU B 180 -20.00 -54.12 65.91
N LEU B 181 -19.34 -52.98 66.01
CA LEU B 181 -18.55 -52.29 65.02
C LEU B 181 -17.26 -52.91 64.51
N LYS B 182 -17.36 -53.62 63.40
CA LYS B 182 -16.32 -54.32 62.67
C LYS B 182 -15.44 -53.25 62.04
N MET B 183 -14.14 -53.56 61.68
CA MET B 183 -13.18 -52.63 61.10
C MET B 183 -13.72 -52.07 59.78
N TYR B 184 -14.40 -52.98 58.97
CA TYR B 184 -15.13 -52.54 57.79
C TYR B 184 -16.48 -52.26 58.33
N HIS B 185 -17.12 -51.24 57.69
CA HIS B 185 -18.48 -50.90 58.13
C HIS B 185 -19.13 -50.39 56.88
N THR B 186 -20.35 -50.84 56.72
CA THR B 186 -21.13 -50.38 55.61
C THR B 186 -21.61 -48.96 55.75
N TRP B 187 -21.87 -48.27 54.58
CA TRP B 187 -22.51 -46.98 54.55
C TRP B 187 -23.22 -46.84 53.23
N PRO B 188 -24.35 -46.20 53.00
CA PRO B 188 -24.97 -46.22 51.69
C PRO B 188 -24.36 -45.14 50.87
N VAL B 189 -24.77 -45.15 49.58
CA VAL B 189 -24.29 -44.30 48.56
C VAL B 189 -25.47 -43.35 48.20
N ARG B 190 -26.64 -43.64 48.81
CA ARG B 190 -27.84 -42.81 48.71
C ARG B 190 -28.04 -42.01 49.97
N ARG B 191 -27.20 -42.30 50.99
CA ARG B 191 -27.21 -41.57 52.23
C ARG B 191 -25.80 -41.18 52.21
N ALA B 192 -25.52 -39.87 52.18
CA ALA B 192 -24.14 -39.40 52.06
C ALA B 192 -23.85 -38.75 53.44
N ARG B 193 -22.51 -38.55 53.69
CA ARG B 193 -21.82 -38.04 54.83
C ARG B 193 -22.06 -36.55 54.92
N PRO B 194 -22.39 -36.02 55.99
CA PRO B 194 -22.62 -34.58 56.16
C PRO B 194 -21.34 -33.75 56.45
N VAL B 195 -21.43 -32.44 56.63
CA VAL B 195 -20.35 -31.53 56.88
C VAL B 195 -20.84 -30.54 57.97
N GLN B 196 -19.98 -30.14 58.90
CA GLN B 196 -20.40 -29.24 60.01
C GLN B 196 -20.55 -27.86 59.42
N ARG B 197 -19.56 -27.34 58.62
CA ARG B 197 -19.60 -26.03 57.96
C ARG B 197 -18.93 -26.18 56.67
N LYS B 198 -19.47 -25.42 55.68
CA LYS B 198 -19.08 -25.31 54.28
C LYS B 198 -18.08 -24.22 54.21
N LEU B 199 -16.99 -24.39 53.45
CA LEU B 199 -15.90 -23.48 53.48
C LEU B 199 -15.51 -23.20 52.07
N ASP B 200 -14.73 -22.13 51.84
CA ASP B 200 -14.39 -21.67 50.53
C ASP B 200 -13.04 -22.25 50.26
N PRO B 201 -12.80 -22.71 48.99
CA PRO B 201 -11.47 -23.27 48.56
C PRO B 201 -10.49 -22.16 48.67
N ASN B 202 -9.28 -22.45 49.14
CA ASN B 202 -8.29 -21.38 49.37
C ASN B 202 -6.88 -21.88 49.51
N THR B 203 -6.72 -23.24 49.55
CA THR B 203 -5.40 -23.85 49.64
C THR B 203 -5.11 -24.24 48.21
N PRO B 204 -3.95 -23.89 47.55
CA PRO B 204 -3.82 -24.31 46.16
C PRO B 204 -3.45 -25.73 45.99
N PHE B 205 -3.80 -26.32 44.79
CA PHE B 205 -3.38 -27.67 44.38
C PHE B 205 -2.30 -27.50 43.39
N LEU B 206 -1.20 -28.23 43.58
CA LEU B 206 -0.03 -28.24 42.72
C LEU B 206 0.10 -29.58 42.09
N THR B 207 -0.12 -29.70 40.79
CA THR B 207 -0.16 -31.04 40.16
C THR B 207 1.09 -31.41 39.54
N GLY B 208 1.95 -30.34 39.26
CA GLY B 208 3.17 -30.55 38.62
C GLY B 208 3.22 -30.02 37.24
N MET B 209 2.21 -29.16 36.87
CA MET B 209 2.24 -28.44 35.59
C MET B 209 2.35 -27.02 35.78
N ARG B 210 3.48 -26.40 35.23
CA ARG B 210 3.83 -24.99 35.28
C ARG B 210 2.78 -24.04 34.93
N ILE B 211 2.60 -23.81 33.57
CA ILE B 211 1.87 -22.83 32.82
C ILE B 211 0.41 -23.02 33.26
N LEU B 212 -0.12 -24.27 33.28
CA LEU B 212 -1.46 -24.67 33.64
C LEU B 212 -2.15 -24.02 34.80
N ASP B 213 -1.38 -23.91 35.89
CA ASP B 213 -1.71 -23.37 37.10
C ASP B 213 -1.47 -21.93 37.06
N VAL B 214 -0.31 -21.50 36.59
CA VAL B 214 0.10 -20.13 36.57
C VAL B 214 -0.79 -19.22 35.76
N LEU B 215 -1.45 -19.69 34.63
CA LEU B 215 -2.33 -18.87 33.84
C LEU B 215 -3.73 -18.99 34.37
N PHE B 216 -4.19 -20.21 34.65
CA PHE B 216 -5.52 -20.46 35.10
C PHE B 216 -5.47 -21.35 36.34
N PRO B 217 -5.46 -20.86 37.52
CA PRO B 217 -5.45 -21.59 38.78
C PRO B 217 -6.47 -22.64 39.07
N VAL B 218 -6.12 -23.44 40.10
CA VAL B 218 -6.98 -24.51 40.61
C VAL B 218 -6.72 -24.64 42.08
N ALA B 219 -7.70 -24.50 43.02
CA ALA B 219 -7.60 -24.72 44.46
C ALA B 219 -7.95 -26.11 44.78
N MET B 220 -7.98 -26.50 46.03
CA MET B 220 -8.36 -27.85 46.37
C MET B 220 -9.79 -27.82 46.74
N GLY B 221 -10.58 -28.39 45.87
CA GLY B 221 -11.98 -28.37 45.77
C GLY B 221 -12.41 -27.74 44.61
N GLY B 222 -11.42 -27.51 43.68
CA GLY B 222 -11.71 -26.99 42.38
C GLY B 222 -12.03 -28.06 41.41
N THR B 223 -12.48 -27.51 40.24
CA THR B 223 -12.89 -28.36 39.10
C THR B 223 -12.55 -27.71 37.80
N ALA B 224 -12.13 -28.50 36.80
CA ALA B 224 -11.79 -28.13 35.44
C ALA B 224 -11.95 -29.28 34.59
N ALA B 225 -12.11 -29.03 33.29
CA ALA B 225 -12.30 -29.98 32.24
C ALA B 225 -11.00 -30.27 31.60
N ILE B 226 -11.02 -31.43 30.83
CA ILE B 226 -9.89 -31.84 30.00
C ILE B 226 -10.54 -32.34 28.73
N PRO B 227 -10.87 -31.47 27.77
CA PRO B 227 -11.33 -31.88 26.51
C PRO B 227 -10.14 -32.36 25.76
N GLY B 228 -10.42 -33.21 24.73
CA GLY B 228 -9.42 -33.98 24.02
C GLY B 228 -9.90 -34.37 22.71
N PRO B 229 -10.07 -33.48 21.75
CA PRO B 229 -10.76 -33.84 20.54
C PRO B 229 -10.04 -34.90 19.69
N PHE B 230 -10.78 -35.91 19.37
CA PHE B 230 -10.31 -37.07 18.61
C PHE B 230 -9.31 -37.86 19.37
N GLY B 231 -9.63 -38.04 20.67
CA GLY B 231 -8.97 -38.98 21.55
C GLY B 231 -7.53 -38.54 21.82
N SER B 232 -7.22 -37.28 21.45
CA SER B 232 -5.97 -36.60 21.66
C SER B 232 -5.52 -36.43 23.11
N GLY B 233 -4.51 -35.53 23.33
CA GLY B 233 -3.74 -35.26 24.55
C GLY B 233 -4.19 -35.70 25.91
N LYS B 234 -5.48 -35.54 26.13
CA LYS B 234 -6.33 -35.92 27.24
C LYS B 234 -5.96 -37.19 27.96
N THR B 235 -5.85 -38.27 27.11
CA THR B 235 -5.62 -39.64 27.49
C THR B 235 -4.40 -39.89 28.45
N VAL B 236 -3.40 -38.97 28.38
CA VAL B 236 -2.23 -39.10 29.23
C VAL B 236 -1.89 -37.84 29.91
N THR B 237 -2.64 -36.67 29.69
CA THR B 237 -2.41 -35.49 30.49
C THR B 237 -2.81 -35.73 31.98
N GLN B 238 -3.83 -36.62 32.08
CA GLN B 238 -4.33 -37.17 33.28
C GLN B 238 -3.35 -38.05 33.99
N GLN B 239 -2.30 -38.58 33.24
CA GLN B 239 -1.35 -39.48 33.87
C GLN B 239 -0.38 -38.75 34.63
N SER B 240 -0.02 -37.57 34.09
CA SER B 240 0.98 -36.65 34.59
C SER B 240 0.34 -35.87 35.78
N LEU B 241 -1.03 -35.78 35.88
CA LEU B 241 -1.63 -35.09 36.97
C LEU B 241 -1.64 -35.98 38.25
N ALA B 242 -1.51 -37.30 38.08
CA ALA B 242 -1.71 -38.28 39.11
C ALA B 242 -0.39 -38.82 39.54
N LYS B 243 0.62 -38.65 38.64
CA LYS B 243 2.02 -39.10 38.87
C LYS B 243 2.66 -38.60 40.13
N TRP B 244 2.53 -37.30 40.29
CA TRP B 244 2.78 -36.54 41.45
C TRP B 244 1.60 -35.63 41.68
N SER B 245 1.22 -35.42 42.95
CA SER B 245 0.17 -34.68 43.39
C SER B 245 0.65 -34.11 44.66
N ASN B 246 -0.18 -33.13 45.16
CA ASN B 246 0.01 -32.44 46.40
C ASN B 246 -1.14 -32.83 47.26
N ALA B 247 -2.14 -33.46 46.65
CA ALA B 247 -3.26 -34.12 47.26
C ALA B 247 -2.72 -35.44 47.82
N ASP B 248 -3.13 -35.76 49.05
CA ASP B 248 -2.58 -36.80 49.79
C ASP B 248 -3.10 -38.13 49.25
N VAL B 249 -4.41 -38.25 49.12
CA VAL B 249 -4.94 -39.42 48.47
C VAL B 249 -4.94 -39.18 46.97
N VAL B 250 -4.95 -40.21 46.18
CA VAL B 250 -4.94 -40.22 44.75
C VAL B 250 -6.04 -41.26 44.42
N VAL B 251 -7.07 -40.81 43.65
CA VAL B 251 -8.17 -41.57 43.34
C VAL B 251 -8.18 -41.46 41.89
N TYR B 252 -8.02 -42.58 41.26
CA TYR B 252 -8.06 -42.65 39.78
C TYR B 252 -9.09 -43.64 39.40
N VAL B 253 -10.07 -43.19 38.70
CA VAL B 253 -11.23 -43.88 38.11
C VAL B 253 -11.03 -43.71 36.61
N GLY B 254 -10.90 -44.90 35.96
CA GLY B 254 -10.61 -45.06 34.57
C GLY B 254 -11.65 -46.08 34.10
N CYS B 255 -12.92 -45.82 34.47
CA CYS B 255 -14.04 -46.63 34.13
C CYS B 255 -14.31 -46.71 32.70
N GLY B 256 -14.51 -47.94 32.17
CA GLY B 256 -14.81 -48.18 30.80
C GLY B 256 -13.55 -48.08 29.97
N GLU B 257 -12.29 -47.91 30.53
CA GLU B 257 -11.14 -47.91 29.69
C GLU B 257 -10.65 -49.31 29.31
N ARG B 258 -9.96 -49.38 28.07
CA ARG B 258 -9.44 -50.55 27.36
C ARG B 258 -8.01 -50.93 27.59
N GLY B 259 -7.38 -51.63 26.64
CA GLY B 259 -6.09 -52.19 26.80
C GLY B 259 -5.09 -51.09 27.10
N ASN B 260 -4.61 -50.46 26.01
CA ASN B 260 -3.49 -49.47 25.93
C ASN B 260 -3.90 -48.19 26.65
N GLU B 261 -5.21 -47.97 26.78
CA GLU B 261 -5.70 -46.88 27.50
C GLU B 261 -5.39 -46.84 29.01
N MET B 262 -4.66 -47.84 29.60
CA MET B 262 -4.43 -47.97 31.01
C MET B 262 -3.21 -48.76 31.33
N THR B 263 -2.61 -49.22 30.19
CA THR B 263 -1.30 -49.96 30.23
C THR B 263 -0.21 -49.35 31.01
N ASP B 264 0.39 -48.22 30.47
CA ASP B 264 1.43 -47.45 31.08
C ASP B 264 0.94 -46.85 32.39
N VAL B 265 -0.30 -46.26 32.38
CA VAL B 265 -0.88 -45.63 33.52
C VAL B 265 -0.68 -46.36 34.83
N LEU B 266 -1.27 -47.52 34.97
CA LEU B 266 -1.15 -48.37 36.12
C LEU B 266 0.25 -48.87 36.41
N VAL B 267 0.81 -49.52 35.36
CA VAL B 267 2.00 -50.41 35.49
C VAL B 267 3.22 -49.63 35.87
N GLU B 268 3.23 -48.28 35.60
CA GLU B 268 4.26 -47.37 36.00
C GLU B 268 4.18 -47.01 37.41
N PHE B 269 3.02 -46.97 38.10
CA PHE B 269 2.82 -46.60 39.54
C PHE B 269 3.69 -47.44 40.41
N PRO B 270 3.84 -48.78 40.35
CA PRO B 270 4.80 -49.55 41.21
C PRO B 270 6.27 -49.20 41.09
N GLU B 271 6.60 -48.27 40.13
CA GLU B 271 7.97 -47.88 39.84
C GLU B 271 8.16 -46.48 40.41
N LEU B 272 7.08 -45.67 40.65
CA LEU B 272 7.23 -44.31 41.20
C LEU B 272 7.46 -44.40 42.62
N THR B 273 8.31 -43.46 43.29
CA THR B 273 8.51 -43.48 44.66
C THR B 273 7.25 -42.85 45.30
N ASP B 274 6.99 -43.21 46.56
CA ASP B 274 5.88 -42.71 47.35
C ASP B 274 6.44 -41.63 48.35
N PRO B 275 5.76 -40.48 48.56
CA PRO B 275 6.25 -39.40 49.37
C PRO B 275 6.30 -39.79 50.82
N LYS B 276 5.37 -40.65 51.31
CA LYS B 276 5.15 -41.00 52.69
C LYS B 276 5.78 -42.32 52.97
N THR B 277 6.36 -42.95 51.90
CA THR B 277 7.07 -44.20 52.02
C THR B 277 8.29 -44.08 51.18
N GLY B 278 8.21 -44.55 49.95
CA GLY B 278 9.37 -44.57 49.02
C GLY B 278 9.22 -45.86 48.11
N GLY B 279 8.42 -46.87 48.47
CA GLY B 279 8.23 -48.04 47.55
C GLY B 279 7.28 -47.61 46.47
N PRO B 280 6.51 -48.51 45.96
CA PRO B 280 5.33 -48.28 45.07
C PRO B 280 4.40 -47.20 45.49
N LEU B 281 3.89 -46.33 44.57
CA LEU B 281 2.99 -45.23 44.77
C LEU B 281 1.62 -45.73 45.27
N MET B 282 1.42 -47.04 45.22
CA MET B 282 0.27 -47.66 45.65
C MET B 282 -0.10 -47.49 47.10
N HIS B 283 0.82 -47.02 47.94
CA HIS B 283 0.70 -46.71 49.35
C HIS B 283 -0.03 -45.38 49.54
N ARG B 284 -0.83 -44.83 48.54
CA ARG B 284 -1.48 -43.59 48.74
C ARG B 284 -2.43 -43.55 47.56
N THR B 285 -2.52 -44.58 46.66
CA THR B 285 -3.42 -44.59 45.56
C THR B 285 -4.37 -45.75 45.71
N VAL B 286 -5.55 -45.62 45.06
CA VAL B 286 -6.67 -46.53 45.24
C VAL B 286 -7.19 -46.57 43.86
N LEU B 287 -7.38 -47.84 43.41
CA LEU B 287 -7.89 -48.16 42.04
C LEU B 287 -9.31 -48.40 42.04
N ILE B 288 -10.17 -47.58 41.42
CA ILE B 288 -11.62 -47.67 41.29
C ILE B 288 -11.90 -47.92 39.85
N ALA B 289 -10.88 -47.92 38.98
CA ALA B 289 -11.00 -48.29 37.59
C ALA B 289 -11.65 -49.63 37.27
N ASN B 290 -12.31 -49.57 36.10
CA ASN B 290 -13.06 -50.67 35.57
C ASN B 290 -12.71 -51.00 34.20
N THR B 291 -13.18 -52.16 33.59
CA THR B 291 -12.86 -52.53 32.26
C THR B 291 -14.10 -52.17 31.41
N SER B 292 -13.80 -51.94 30.12
CA SER B 292 -14.70 -51.50 29.05
C SER B 292 -15.68 -52.60 28.74
N ASN B 293 -15.21 -53.89 28.65
CA ASN B 293 -16.03 -55.08 28.27
C ASN B 293 -17.25 -55.29 29.20
N MET B 294 -17.12 -54.87 30.47
CA MET B 294 -18.26 -54.92 31.45
C MET B 294 -19.31 -53.96 31.09
N PRO B 295 -20.63 -54.28 31.30
CA PRO B 295 -21.76 -53.43 30.91
C PRO B 295 -21.73 -52.02 31.37
N VAL B 296 -22.67 -51.25 30.66
CA VAL B 296 -22.99 -49.83 30.72
C VAL B 296 -23.19 -49.30 32.13
N ALA B 297 -23.90 -50.02 32.99
CA ALA B 297 -24.27 -49.71 34.32
C ALA B 297 -23.07 -49.91 35.23
N ALA B 298 -22.04 -50.65 34.82
CA ALA B 298 -20.83 -50.76 35.64
C ALA B 298 -19.94 -49.51 35.62
N ARG B 299 -20.24 -48.51 34.69
CA ARG B 299 -19.39 -47.41 34.61
C ARG B 299 -20.16 -46.28 35.22
N GLU B 300 -21.46 -46.51 35.58
CA GLU B 300 -22.27 -45.57 36.17
C GLU B 300 -22.07 -45.53 37.59
N ALA B 301 -22.13 -46.78 38.11
CA ALA B 301 -21.90 -47.18 39.48
C ALA B 301 -20.54 -46.86 39.96
N SER B 302 -19.40 -47.13 39.24
CA SER B 302 -18.04 -46.77 39.60
C SER B 302 -17.87 -45.33 40.09
N ILE B 303 -18.62 -44.31 39.49
CA ILE B 303 -18.43 -42.88 39.73
C ILE B 303 -19.03 -42.64 41.08
N TYR B 304 -20.27 -43.08 41.40
CA TYR B 304 -20.86 -43.03 42.72
C TYR B 304 -20.09 -43.70 43.83
N VAL B 305 -19.29 -44.73 43.51
CA VAL B 305 -18.48 -45.43 44.55
C VAL B 305 -17.32 -44.47 44.89
N GLY B 306 -16.70 -43.84 43.89
CA GLY B 306 -15.52 -42.92 43.98
C GLY B 306 -15.78 -41.85 44.97
N VAL B 307 -16.76 -40.96 44.67
CA VAL B 307 -17.09 -39.84 45.53
C VAL B 307 -17.41 -40.23 46.98
N THR B 308 -17.99 -41.41 47.34
CA THR B 308 -18.23 -41.76 48.74
C THR B 308 -17.07 -42.25 49.51
N ILE B 309 -16.04 -42.62 48.69
CA ILE B 309 -14.77 -43.03 49.21
C ILE B 309 -14.05 -41.77 49.49
N ALA B 310 -14.07 -40.80 48.57
CA ALA B 310 -13.45 -39.49 48.69
C ALA B 310 -13.91 -38.76 49.99
N GLU B 311 -15.22 -38.77 50.26
CA GLU B 311 -15.84 -38.19 51.44
C GLU B 311 -15.27 -38.84 52.69
N TYR B 312 -15.20 -40.20 52.67
CA TYR B 312 -14.65 -41.01 53.79
C TYR B 312 -13.34 -40.55 54.27
N PHE B 313 -12.42 -40.37 53.28
CA PHE B 313 -11.05 -39.80 53.43
C PHE B 313 -11.01 -38.34 53.80
N ARG B 314 -11.97 -37.51 53.27
CA ARG B 314 -12.06 -36.07 53.58
C ARG B 314 -12.29 -35.85 55.09
N ASP B 315 -13.18 -36.71 55.68
CA ASP B 315 -13.47 -36.81 57.12
C ASP B 315 -12.20 -37.27 57.96
N GLN B 316 -11.21 -37.89 57.32
CA GLN B 316 -10.01 -38.46 57.98
C GLN B 316 -9.00 -37.31 57.99
N GLY B 317 -9.38 -36.22 57.30
CA GLY B 317 -8.59 -35.03 57.22
C GLY B 317 -7.60 -35.02 56.13
N PHE B 318 -7.96 -35.71 55.02
CA PHE B 318 -7.09 -36.06 53.91
C PHE B 318 -7.70 -35.71 52.64
N SER B 319 -6.92 -34.93 51.89
CA SER B 319 -7.32 -34.25 50.69
C SER B 319 -7.18 -35.18 49.44
N VAL B 320 -8.34 -35.27 48.70
CA VAL B 320 -8.61 -36.25 47.65
C VAL B 320 -8.59 -35.63 46.28
N ALA B 321 -7.77 -36.22 45.38
CA ALA B 321 -7.85 -35.85 43.99
C ALA B 321 -8.42 -36.98 43.25
N LEU B 322 -9.50 -36.66 42.53
CA LEU B 322 -10.37 -37.67 41.98
C LEU B 322 -10.41 -37.29 40.53
N MET B 323 -10.18 -38.26 39.58
CA MET B 323 -9.99 -37.93 38.18
C MET B 323 -10.72 -39.03 37.38
N ALA B 324 -11.92 -38.80 36.97
CA ALA B 324 -12.78 -39.67 36.14
C ALA B 324 -12.26 -39.48 34.77
N ASP B 325 -11.84 -40.58 34.03
CA ASP B 325 -11.28 -40.40 32.71
C ASP B 325 -12.51 -40.38 31.70
N SER B 326 -12.57 -39.36 30.81
CA SER B 326 -13.52 -39.24 29.64
C SER B 326 -14.98 -39.32 29.96
N THR B 327 -15.78 -38.33 29.54
CA THR B 327 -17.18 -38.34 29.74
C THR B 327 -17.82 -39.15 28.64
N SER B 328 -17.04 -39.64 27.65
CA SER B 328 -17.56 -40.49 26.52
C SER B 328 -17.96 -41.86 27.10
N ARG B 329 -17.43 -42.20 28.31
CA ARG B 329 -17.70 -43.30 29.13
C ARG B 329 -19.04 -43.06 29.74
N TRP B 330 -19.18 -42.01 30.61
CA TRP B 330 -20.43 -41.61 31.23
C TRP B 330 -21.60 -41.43 30.28
N ALA B 331 -21.40 -40.65 29.24
CA ALA B 331 -22.37 -40.46 28.14
C ALA B 331 -22.99 -41.76 27.72
N GLU B 332 -22.15 -42.63 27.07
CA GLU B 332 -22.45 -43.96 26.62
C GLU B 332 -23.22 -44.80 27.57
N ALA B 333 -22.95 -44.88 28.93
CA ALA B 333 -23.83 -45.56 29.87
C ALA B 333 -25.26 -45.10 29.87
N LEU B 334 -25.56 -43.84 30.20
CA LEU B 334 -26.92 -43.35 30.32
C LEU B 334 -27.59 -43.24 28.96
N ARG B 335 -26.79 -42.90 27.91
CA ARG B 335 -27.22 -42.83 26.50
C ARG B 335 -27.89 -44.09 25.92
N GLU B 336 -27.61 -45.30 26.46
CA GLU B 336 -28.01 -46.61 26.02
C GLU B 336 -29.05 -47.13 27.01
N ILE B 337 -28.78 -47.03 28.35
CA ILE B 337 -29.70 -47.35 29.41
C ILE B 337 -31.09 -46.68 29.16
N SER B 338 -31.11 -45.50 28.44
CA SER B 338 -32.35 -44.83 28.12
C SER B 338 -33.24 -45.64 27.24
N SER B 339 -32.64 -46.27 26.16
CA SER B 339 -33.33 -47.07 25.26
C SER B 339 -33.94 -48.27 25.76
N ARG B 340 -33.10 -49.01 26.52
CA ARG B 340 -33.35 -50.22 27.27
C ARG B 340 -34.57 -50.26 28.11
N LEU B 341 -34.58 -49.45 29.13
CA LEU B 341 -35.55 -49.38 30.16
C LEU B 341 -36.84 -48.60 29.74
N GLU B 342 -36.94 -48.26 28.45
CA GLU B 342 -38.00 -47.58 27.80
C GLU B 342 -38.18 -46.23 28.36
N GLU B 343 -37.03 -45.57 28.70
CA GLU B 343 -37.10 -44.27 29.20
C GLU B 343 -37.10 -43.40 27.95
N MET B 344 -37.91 -42.34 27.92
CA MET B 344 -38.18 -41.49 26.79
C MET B 344 -36.96 -40.54 26.59
N PRO B 345 -36.58 -40.12 25.39
CA PRO B 345 -35.32 -39.39 25.18
C PRO B 345 -35.46 -37.85 25.29
N ALA B 346 -34.43 -37.09 25.63
CA ALA B 346 -34.44 -35.64 25.82
C ALA B 346 -33.72 -34.84 24.69
N GLU B 347 -32.37 -34.81 24.69
CA GLU B 347 -31.57 -34.23 23.63
C GLU B 347 -30.37 -35.09 23.46
N GLU B 348 -30.14 -35.53 22.13
CA GLU B 348 -29.05 -36.33 21.55
C GLU B 348 -29.07 -37.76 22.05
N GLY B 349 -30.25 -38.40 22.46
CA GLY B 349 -30.35 -39.75 23.01
C GLY B 349 -29.95 -39.90 24.46
N TYR B 350 -29.47 -38.77 25.04
CA TYR B 350 -29.20 -38.74 26.48
C TYR B 350 -30.50 -38.54 27.23
N PRO B 351 -30.70 -39.17 28.34
CA PRO B 351 -31.98 -39.00 29.07
C PRO B 351 -32.14 -37.59 29.65
N PRO B 352 -33.37 -37.22 30.09
CA PRO B 352 -33.59 -35.94 30.78
C PRO B 352 -33.14 -36.07 32.26
N TYR B 353 -32.72 -37.31 32.67
CA TYR B 353 -32.40 -37.69 34.00
C TYR B 353 -30.88 -37.76 34.10
N LEU B 354 -30.07 -37.28 33.08
CA LEU B 354 -28.62 -37.26 32.96
C LEU B 354 -27.91 -36.71 34.18
N ALA B 355 -28.19 -35.42 34.56
CA ALA B 355 -27.52 -34.78 35.76
C ALA B 355 -27.89 -35.27 37.15
N ALA B 356 -28.65 -36.38 37.26
CA ALA B 356 -29.19 -37.05 38.51
C ALA B 356 -28.14 -37.15 39.61
N ARG B 357 -26.99 -37.79 39.20
CA ARG B 357 -25.84 -38.02 40.08
C ARG B 357 -24.84 -36.95 39.94
N LEU B 358 -24.77 -36.52 38.67
CA LEU B 358 -23.80 -35.61 38.15
C LEU B 358 -23.74 -34.38 38.98
N ALA B 359 -24.87 -33.62 39.04
CA ALA B 359 -25.12 -32.39 39.80
C ALA B 359 -24.64 -32.45 41.21
N ALA B 360 -25.00 -33.58 41.93
CA ALA B 360 -24.70 -33.77 43.34
C ALA B 360 -23.14 -34.02 43.52
N PHE B 361 -22.52 -34.71 42.58
CA PHE B 361 -21.13 -35.04 42.54
C PHE B 361 -20.19 -33.83 42.44
N TYR B 362 -20.65 -32.78 41.68
CA TYR B 362 -19.97 -31.49 41.51
C TYR B 362 -20.13 -30.67 42.78
N GLU B 363 -21.31 -30.80 43.48
CA GLU B 363 -21.59 -30.04 44.75
C GLU B 363 -20.56 -30.42 45.86
N ARG B 364 -20.37 -31.70 46.19
CA ARG B 364 -19.42 -32.26 47.10
C ARG B 364 -18.03 -31.63 46.86
N ALA B 365 -17.63 -31.22 45.65
CA ALA B 365 -16.28 -30.70 45.32
C ALA B 365 -16.16 -29.43 46.20
N GLY B 366 -15.04 -29.19 46.90
CA GLY B 366 -14.89 -28.06 47.76
C GLY B 366 -14.14 -28.44 49.02
N LYS B 367 -13.49 -27.44 49.66
CA LYS B 367 -12.76 -27.47 50.90
C LYS B 367 -13.84 -27.18 51.88
N VAL B 368 -13.89 -28.03 52.96
CA VAL B 368 -14.92 -27.92 53.95
C VAL B 368 -14.30 -28.48 55.21
N ILE B 369 -15.01 -28.18 56.37
CA ILE B 369 -14.76 -28.78 57.66
C ILE B 369 -15.87 -29.68 57.99
N THR B 370 -15.49 -30.96 58.19
CA THR B 370 -16.33 -32.09 58.37
C THR B 370 -16.87 -32.08 59.75
N LEU B 371 -17.75 -33.08 60.04
CA LEU B 371 -18.36 -33.31 61.31
C LEU B 371 -17.43 -34.20 62.09
N GLY B 372 -16.44 -34.72 61.34
CA GLY B 372 -15.44 -35.74 61.74
C GLY B 372 -14.46 -35.14 62.72
N GLY B 373 -14.45 -33.78 62.86
CA GLY B 373 -13.43 -33.08 63.62
C GLY B 373 -12.19 -32.73 62.83
N GLU B 374 -12.09 -33.06 61.52
CA GLU B 374 -10.94 -32.79 60.66
C GLU B 374 -11.49 -31.99 59.52
N GLU B 375 -10.56 -31.55 58.60
CA GLU B 375 -10.88 -30.72 57.47
C GLU B 375 -10.01 -31.22 56.38
N GLY B 376 -10.64 -31.39 55.18
CA GLY B 376 -10.01 -31.93 54.03
C GLY B 376 -10.54 -31.06 52.93
N ALA B 377 -10.32 -31.62 51.65
CA ALA B 377 -10.94 -31.05 50.49
C ALA B 377 -11.11 -32.21 49.59
N VAL B 378 -12.30 -32.34 48.96
CA VAL B 378 -12.67 -33.22 47.91
C VAL B 378 -12.50 -32.41 46.65
N THR B 379 -11.54 -32.84 45.81
CA THR B 379 -11.22 -32.09 44.62
C THR B 379 -11.70 -33.03 43.59
N ILE B 380 -12.38 -32.54 42.47
CA ILE B 380 -12.89 -33.33 41.39
C ILE B 380 -12.35 -32.59 40.24
N VAL B 381 -11.85 -33.30 39.18
CA VAL B 381 -11.28 -32.66 38.01
C VAL B 381 -11.63 -33.71 36.98
N GLY B 382 -12.76 -33.54 36.30
CA GLY B 382 -13.41 -34.42 35.33
C GLY B 382 -12.96 -34.07 33.99
N ALA B 383 -12.80 -35.15 33.23
CA ALA B 383 -12.28 -34.94 31.87
C ALA B 383 -13.40 -35.08 30.99
N VAL B 384 -13.77 -33.98 30.24
CA VAL B 384 -14.93 -33.95 29.36
C VAL B 384 -14.58 -34.62 28.05
N SER B 385 -15.61 -34.99 27.30
CA SER B 385 -15.42 -35.54 25.94
C SER B 385 -16.46 -34.90 25.08
N PRO B 386 -16.09 -34.12 23.98
CA PRO B 386 -17.09 -33.46 23.20
C PRO B 386 -17.66 -34.41 22.22
N PRO B 387 -18.98 -34.58 22.02
CA PRO B 387 -19.43 -35.67 21.10
C PRO B 387 -19.34 -35.15 19.70
N GLY B 388 -19.74 -33.81 19.62
CA GLY B 388 -19.81 -33.16 18.42
C GLY B 388 -18.64 -32.28 18.17
N GLY B 389 -17.80 -32.17 19.17
CA GLY B 389 -16.62 -31.37 19.02
C GLY B 389 -16.95 -29.88 19.47
N ASP B 390 -18.14 -29.69 20.07
CA ASP B 390 -18.78 -28.43 20.50
C ASP B 390 -19.31 -28.89 21.84
N MET B 391 -19.43 -27.87 22.70
CA MET B 391 -19.77 -28.02 24.10
C MET B 391 -21.18 -27.68 24.32
N SER B 392 -21.97 -27.52 23.28
CA SER B 392 -23.34 -27.19 23.20
C SER B 392 -24.10 -28.39 23.67
N GLU B 393 -23.63 -29.67 23.47
CA GLU B 393 -24.22 -30.96 23.95
C GLU B 393 -24.17 -31.03 25.52
N PRO B 394 -25.19 -31.63 26.16
CA PRO B 394 -25.37 -31.54 27.59
C PRO B 394 -24.33 -32.31 28.30
N VAL B 395 -23.76 -33.42 27.73
CA VAL B 395 -22.71 -34.30 28.30
C VAL B 395 -21.46 -33.53 28.37
N THR B 396 -21.37 -32.28 27.78
CA THR B 396 -20.12 -31.51 27.79
C THR B 396 -20.29 -30.22 28.56
N GLN B 397 -21.49 -29.66 28.59
CA GLN B 397 -21.65 -28.44 29.30
C GLN B 397 -22.23 -28.76 30.63
N SER B 398 -21.32 -28.94 31.67
CA SER B 398 -21.76 -29.31 32.98
C SER B 398 -20.64 -28.79 33.82
N THR B 399 -19.52 -28.49 33.11
CA THR B 399 -18.32 -27.95 33.70
C THR B 399 -18.29 -26.53 33.24
N LEU B 400 -19.28 -26.12 32.39
CA LEU B 400 -19.46 -24.76 31.85
C LEU B 400 -20.93 -24.53 32.06
N ARG B 401 -21.74 -25.39 32.74
CA ARG B 401 -23.16 -25.06 33.07
C ARG B 401 -23.16 -24.25 34.32
N ILE B 402 -22.28 -24.75 35.30
CA ILE B 402 -22.01 -24.10 36.50
C ILE B 402 -20.53 -23.83 36.33
N VAL B 403 -20.22 -22.65 36.90
CA VAL B 403 -18.94 -22.05 36.76
C VAL B 403 -18.02 -22.47 37.81
N GLY B 404 -16.72 -22.41 37.55
CA GLY B 404 -15.56 -22.75 38.41
C GLY B 404 -14.41 -22.42 37.47
N ALA B 405 -13.52 -23.43 37.31
CA ALA B 405 -12.41 -23.29 36.40
C ALA B 405 -12.71 -24.21 35.26
N PHE B 406 -11.99 -23.95 34.16
CA PHE B 406 -12.19 -24.72 32.96
C PHE B 406 -10.87 -24.52 32.24
N TRP B 407 -10.42 -25.58 31.56
CA TRP B 407 -9.22 -25.57 30.84
C TRP B 407 -9.65 -26.03 29.46
N ARG B 408 -8.80 -25.61 28.46
CA ARG B 408 -9.00 -25.84 27.02
C ARG B 408 -7.78 -26.52 26.53
N LEU B 409 -7.99 -27.76 26.14
CA LEU B 409 -7.01 -28.57 25.53
C LEU B 409 -7.41 -28.85 24.11
N ASP B 410 -6.40 -28.67 23.24
CA ASP B 410 -6.50 -28.61 21.75
C ASP B 410 -5.74 -29.75 21.17
N ALA B 411 -6.31 -30.28 20.05
CA ALA B 411 -5.66 -31.25 19.15
C ALA B 411 -4.37 -30.77 18.54
N SER B 412 -4.43 -29.50 18.07
CA SER B 412 -3.36 -28.91 17.31
C SER B 412 -2.06 -28.69 18.06
N LEU B 413 -2.19 -28.33 19.40
CA LEU B 413 -1.11 -28.27 20.28
C LEU B 413 -0.50 -29.63 20.54
N ALA B 414 -1.43 -30.68 20.68
CA ALA B 414 -1.04 -32.04 21.02
C ALA B 414 -0.12 -32.70 20.04
N PHE B 415 -0.17 -32.22 18.77
CA PHE B 415 0.53 -32.78 17.62
C PHE B 415 2.00 -32.60 17.63
N ARG B 416 2.50 -31.38 17.88
CA ARG B 416 3.92 -31.19 18.19
C ARG B 416 4.35 -31.81 19.52
N ARG B 417 3.39 -32.24 20.40
CA ARG B 417 3.53 -32.93 21.61
C ARG B 417 3.73 -31.97 22.75
N HIS B 418 3.00 -30.80 22.73
CA HIS B 418 2.98 -29.86 23.82
C HIS B 418 2.05 -30.47 24.81
N PHE B 419 2.64 -30.73 25.99
CA PHE B 419 2.04 -31.18 27.20
C PHE B 419 2.29 -30.13 28.20
N PRO B 420 1.31 -29.48 28.82
CA PRO B 420 -0.18 -29.70 28.67
C PRO B 420 -0.60 -28.97 27.38
N ALA B 421 -1.91 -28.87 27.00
CA ALA B 421 -2.30 -28.14 25.79
C ALA B 421 -3.14 -26.91 26.04
N ILE B 422 -2.97 -26.37 27.27
CA ILE B 422 -3.76 -25.25 27.73
C ILE B 422 -3.66 -24.08 26.75
N ASN B 423 -4.84 -23.40 26.46
CA ASN B 423 -4.97 -22.28 25.53
C ASN B 423 -5.81 -21.33 26.38
N TRP B 424 -5.53 -20.02 26.11
CA TRP B 424 -6.04 -18.92 26.81
C TRP B 424 -7.11 -18.29 26.04
N ASN B 425 -7.73 -19.03 25.06
CA ASN B 425 -8.85 -18.61 24.29
C ASN B 425 -10.08 -19.35 24.58
N GLY B 426 -10.06 -20.22 25.65
CA GLY B 426 -11.39 -20.77 26.09
C GLY B 426 -11.22 -21.30 27.48
N SER B 427 -10.40 -20.61 28.34
CA SER B 427 -10.16 -21.06 29.67
C SER B 427 -10.27 -19.78 30.49
N TYR B 428 -10.98 -19.96 31.67
CA TYR B 428 -11.16 -18.99 32.72
C TYR B 428 -11.04 -19.74 34.04
N SER B 429 -11.02 -19.04 35.17
CA SER B 429 -10.81 -19.60 36.45
C SER B 429 -11.38 -18.70 37.35
N LEU B 430 -12.07 -19.22 38.36
CA LEU B 430 -12.60 -18.45 39.49
C LEU B 430 -11.84 -18.55 40.78
N PHE B 431 -10.66 -19.16 40.75
CA PHE B 431 -9.81 -19.30 41.92
C PHE B 431 -8.69 -18.38 41.66
N THR B 432 -9.05 -17.14 41.23
CA THR B 432 -8.15 -16.07 41.00
C THR B 432 -8.75 -14.95 41.90
N SER B 433 -9.66 -15.31 42.84
CA SER B 433 -10.27 -14.30 43.69
C SER B 433 -10.37 -14.91 45.03
N ALA B 434 -9.59 -16.03 45.25
CA ALA B 434 -9.62 -16.75 46.50
C ALA B 434 -8.35 -17.53 46.77
N LEU B 435 -7.31 -17.46 45.87
CA LEU B 435 -5.95 -18.02 46.12
C LEU B 435 -5.12 -16.77 46.31
N ASP B 436 -5.64 -15.54 46.07
CA ASP B 436 -4.84 -14.40 46.36
C ASP B 436 -4.36 -14.20 47.80
N PRO B 437 -5.18 -14.55 48.87
CA PRO B 437 -4.78 -14.63 50.25
C PRO B 437 -3.63 -15.55 50.60
N TRP B 438 -3.66 -16.82 50.12
CA TRP B 438 -2.78 -17.90 50.51
C TRP B 438 -1.50 -17.72 49.75
N TYR B 439 -1.55 -16.94 48.67
CA TYR B 439 -0.35 -16.67 47.89
C TYR B 439 0.52 -15.79 48.72
N ARG B 440 0.09 -14.52 48.96
CA ARG B 440 0.77 -13.62 49.78
C ARG B 440 0.70 -14.00 51.29
N GLU B 441 0.36 -15.33 51.71
CA GLU B 441 0.51 -15.73 53.07
C GLU B 441 1.68 -16.59 53.14
N ASN B 442 1.89 -17.51 52.19
CA ASN B 442 3.03 -18.43 52.21
C ASN B 442 3.95 -18.15 51.00
N VAL B 443 3.39 -18.19 49.76
CA VAL B 443 4.07 -18.19 48.46
C VAL B 443 4.95 -16.97 48.23
N ALA B 444 4.27 -15.77 48.04
CA ALA B 444 4.94 -14.52 47.87
C ALA B 444 3.82 -13.46 47.61
N GLU B 445 4.06 -12.18 47.85
CA GLU B 445 3.12 -11.11 47.56
C GLU B 445 3.58 -10.57 46.23
N ASP B 446 4.84 -10.94 45.80
CA ASP B 446 5.29 -10.54 44.47
C ASP B 446 4.85 -11.55 43.45
N TYR B 447 3.80 -12.27 43.71
CA TYR B 447 3.24 -13.26 42.89
C TYR B 447 1.93 -12.85 42.30
N PRO B 448 0.89 -12.24 42.98
CA PRO B 448 -0.34 -11.83 42.40
C PRO B 448 -0.40 -10.87 41.32
N GLU B 449 0.81 -10.28 41.06
CA GLU B 449 1.05 -9.34 40.04
C GLU B 449 1.83 -10.10 39.01
N LEU B 450 2.99 -10.82 39.34
CA LEU B 450 3.86 -11.38 38.32
C LEU B 450 3.16 -12.32 37.39
N ARG B 451 2.18 -13.09 37.90
CA ARG B 451 1.47 -14.17 37.21
C ARG B 451 0.70 -13.53 36.07
N ASP B 452 -0.06 -12.44 36.33
CA ASP B 452 -0.83 -11.63 35.50
C ASP B 452 0.03 -11.07 34.39
N ALA B 453 1.26 -10.61 34.80
CA ALA B 453 2.15 -9.91 33.89
C ALA B 453 2.70 -10.86 32.84
N ILE B 454 2.28 -12.23 32.91
CA ILE B 454 2.73 -13.23 31.94
C ILE B 454 1.63 -13.42 30.98
N SER B 455 0.36 -13.33 31.54
CA SER B 455 -0.86 -13.48 30.76
C SER B 455 -1.12 -12.46 29.68
N GLU B 456 -0.77 -11.13 29.94
CA GLU B 456 -0.74 -9.97 29.05
C GLU B 456 0.14 -10.18 27.89
N LEU B 457 1.31 -10.89 28.07
CA LEU B 457 2.23 -11.34 27.06
C LEU B 457 1.54 -12.07 25.91
N LEU B 458 0.72 -13.10 26.28
CA LEU B 458 -0.01 -13.95 25.35
C LEU B 458 -1.32 -13.28 25.02
N GLN B 459 -1.78 -12.24 25.78
CA GLN B 459 -2.97 -11.38 25.43
C GLN B 459 -2.67 -10.67 24.15
N ARG B 460 -1.60 -9.84 24.11
CA ARG B 460 -1.07 -9.02 23.05
C ARG B 460 -0.52 -9.89 21.87
N GLU B 461 -0.27 -11.25 22.10
CA GLU B 461 0.25 -12.07 21.04
C GLU B 461 -0.96 -12.37 20.17
N ALA B 462 -2.16 -12.49 20.76
CA ALA B 462 -3.37 -12.81 20.08
C ALA B 462 -3.75 -11.83 19.05
N GLY B 463 -4.00 -10.54 19.43
CA GLY B 463 -4.26 -9.39 18.59
C GLY B 463 -3.48 -9.25 17.38
N LEU B 464 -2.18 -9.71 17.45
CA LEU B 464 -1.13 -9.69 16.43
C LEU B 464 -1.09 -10.93 15.58
N GLN B 465 -1.27 -12.11 16.16
CA GLN B 465 -1.26 -13.47 15.51
C GLN B 465 -2.19 -13.38 14.40
N GLU B 466 -3.40 -12.85 14.65
CA GLU B 466 -4.48 -12.55 13.72
C GLU B 466 -3.91 -11.91 12.39
N ILE B 467 -3.12 -10.79 12.60
CA ILE B 467 -2.55 -9.95 11.56
C ILE B 467 -1.34 -10.58 10.83
N VAL B 468 -0.59 -11.40 11.57
CA VAL B 468 0.41 -12.35 10.99
C VAL B 468 -0.25 -13.17 9.89
N GLN B 469 -1.51 -13.66 10.14
CA GLN B 469 -2.18 -14.47 9.12
C GLN B 469 -2.81 -13.64 7.94
N LEU B 470 -3.13 -12.34 8.13
CA LEU B 470 -3.59 -11.43 7.14
C LEU B 470 -2.42 -10.87 6.29
N VAL B 471 -1.22 -10.69 6.89
CA VAL B 471 -0.08 -10.15 6.11
C VAL B 471 1.15 -10.60 6.95
N GLY B 472 2.22 -11.05 6.31
CA GLY B 472 3.42 -11.45 6.98
C GLY B 472 4.21 -10.53 7.92
N PRO B 473 5.30 -11.19 8.49
CA PRO B 473 6.21 -10.58 9.43
C PRO B 473 7.12 -9.48 8.79
N ASP B 474 6.90 -9.08 7.50
CA ASP B 474 7.69 -8.18 6.83
C ASP B 474 6.86 -6.88 6.69
N ALA B 475 5.56 -6.96 7.06
CA ALA B 475 4.69 -5.81 7.19
C ALA B 475 4.62 -5.25 8.63
N LEU B 476 5.18 -6.08 9.54
CA LEU B 476 5.12 -5.72 10.95
C LEU B 476 6.44 -5.39 11.45
N GLN B 477 6.55 -4.36 12.29
CA GLN B 477 7.75 -3.71 12.82
C GLN B 477 8.36 -4.43 14.07
N ASP B 478 9.48 -3.83 14.56
CA ASP B 478 10.37 -4.37 15.59
C ASP B 478 9.57 -4.60 16.83
N ALA B 479 8.92 -3.54 17.22
CA ALA B 479 8.00 -3.48 18.36
C ALA B 479 6.80 -4.42 18.22
N GLU B 480 6.39 -4.93 17.00
CA GLU B 480 5.31 -5.82 16.77
C GLU B 480 5.80 -7.17 17.17
N ARG B 481 6.89 -7.53 16.58
CA ARG B 481 7.57 -8.78 16.80
C ARG B 481 8.14 -8.94 18.14
N LEU B 482 8.17 -7.89 18.98
CA LEU B 482 8.53 -7.93 20.34
C LEU B 482 7.83 -8.96 21.14
N VAL B 483 6.52 -8.74 21.36
CA VAL B 483 5.80 -9.59 22.18
C VAL B 483 5.51 -10.89 21.49
N ILE B 484 5.67 -11.02 20.15
CA ILE B 484 5.56 -12.27 19.42
C ILE B 484 6.63 -13.31 19.80
N GLU B 485 7.89 -12.90 19.98
CA GLU B 485 8.97 -13.83 20.20
C GLU B 485 9.41 -13.82 21.60
N VAL B 486 8.62 -13.09 22.50
CA VAL B 486 8.49 -13.37 23.94
C VAL B 486 7.69 -14.60 24.00
N GLY B 487 6.46 -14.48 23.37
CA GLY B 487 5.42 -15.50 23.25
C GLY B 487 5.93 -16.87 22.88
N ARG B 488 6.88 -16.91 21.90
CA ARG B 488 7.63 -18.01 21.44
C ARG B 488 8.30 -18.77 22.55
N ILE B 489 9.01 -18.14 23.55
CA ILE B 489 9.72 -18.83 24.56
C ILE B 489 8.74 -19.33 25.61
N ILE B 490 7.63 -18.54 25.85
CA ILE B 490 6.47 -18.94 26.68
C ILE B 490 5.67 -20.16 26.20
N ARG B 491 6.12 -20.78 25.12
CA ARG B 491 5.39 -21.85 24.62
C ARG B 491 6.38 -22.89 24.25
N GLU B 492 7.40 -22.70 23.40
CA GLU B 492 8.48 -23.56 23.14
C GLU B 492 9.14 -24.29 24.31
N ASP B 493 9.33 -23.57 25.42
CA ASP B 493 9.93 -23.91 26.69
C ASP B 493 9.00 -23.47 27.80
N PHE B 494 7.58 -23.64 27.66
CA PHE B 494 6.76 -23.29 28.80
C PHE B 494 5.34 -23.78 28.56
N LEU B 495 5.10 -24.51 27.50
CA LEU B 495 3.88 -25.16 27.21
C LEU B 495 4.27 -26.57 26.84
N GLN B 496 5.65 -26.77 26.67
CA GLN B 496 6.13 -28.16 26.37
C GLN B 496 6.91 -28.51 27.58
N GLN B 497 6.71 -29.68 28.15
CA GLN B 497 7.33 -30.10 29.35
C GLN B 497 7.44 -31.54 28.86
N ASN B 498 8.61 -32.17 29.04
CA ASN B 498 9.02 -33.54 28.62
C ASN B 498 8.26 -34.47 29.58
N ALA B 499 7.73 -35.64 29.04
CA ALA B 499 7.05 -36.66 29.68
C ALA B 499 8.07 -37.84 29.90
N TYR B 500 9.40 -37.67 29.55
CA TYR B 500 10.46 -38.61 29.80
C TYR B 500 11.49 -38.01 30.71
N HIS B 501 11.16 -36.82 31.29
CA HIS B 501 12.01 -36.27 32.33
C HIS B 501 10.87 -36.03 33.29
N GLU B 502 11.03 -36.58 34.47
CA GLU B 502 10.04 -36.56 35.53
C GLU B 502 10.33 -35.43 36.47
N VAL B 503 11.21 -34.45 36.09
CA VAL B 503 11.46 -33.33 36.96
C VAL B 503 10.93 -32.13 36.17
N ASP B 504 9.87 -32.35 35.41
CA ASP B 504 9.22 -31.30 34.70
C ASP B 504 7.80 -31.74 34.69
N ALA B 505 7.49 -32.95 35.21
CA ALA B 505 6.19 -33.62 35.33
C ALA B 505 5.75 -33.29 36.77
N TYR B 506 6.69 -32.67 37.61
CA TYR B 506 6.48 -32.21 38.94
C TYR B 506 7.25 -30.93 38.97
N CYS B 507 6.63 -29.90 39.64
CA CYS B 507 7.17 -28.55 39.68
C CYS B 507 6.77 -28.16 41.11
N SER B 508 7.28 -26.99 41.50
CA SER B 508 7.09 -26.51 42.85
C SER B 508 7.09 -25.03 42.66
N MET B 509 6.77 -24.24 43.67
CA MET B 509 6.71 -22.79 43.60
C MET B 509 8.06 -22.10 43.24
N LYS B 510 9.14 -22.85 43.67
CA LYS B 510 10.54 -22.56 43.57
C LYS B 510 10.85 -22.53 42.00
N LYS B 511 10.30 -23.52 41.26
CA LYS B 511 10.37 -23.69 39.88
C LYS B 511 9.51 -22.62 39.13
N ALA B 512 8.52 -22.18 39.87
CA ALA B 512 7.53 -21.24 39.42
C ALA B 512 8.16 -19.89 39.27
N TYR B 513 8.03 -19.12 40.38
CA TYR B 513 8.49 -17.75 40.60
C TYR B 513 9.78 -17.38 40.00
N GLY B 514 10.86 -18.24 40.07
CA GLY B 514 12.15 -18.20 39.33
C GLY B 514 12.03 -17.78 37.91
N ILE B 515 11.53 -18.74 37.07
CA ILE B 515 11.49 -18.61 35.62
C ILE B 515 10.47 -17.55 35.08
N MET B 516 9.47 -17.11 35.91
CA MET B 516 8.56 -15.96 35.74
C MET B 516 9.26 -14.66 35.82
N LYS B 517 10.42 -14.56 36.50
CA LYS B 517 11.07 -13.33 36.85
C LYS B 517 12.17 -13.11 35.79
N MET B 518 12.64 -14.27 35.18
CA MET B 518 13.59 -14.25 34.12
C MET B 518 13.08 -13.41 32.92
N ILE B 519 11.79 -13.61 32.61
CA ILE B 519 11.12 -13.02 31.45
C ILE B 519 10.80 -11.51 31.66
N LEU B 520 10.39 -11.23 32.93
CA LEU B 520 10.14 -9.88 33.44
C LEU B 520 11.15 -8.85 33.03
N ALA B 521 12.42 -9.23 33.36
CA ALA B 521 13.65 -8.61 32.99
C ALA B 521 13.77 -8.39 31.54
N PHE B 522 13.67 -9.48 30.64
CA PHE B 522 13.94 -9.47 29.22
C PHE B 522 13.09 -8.41 28.54
N TYR B 523 11.81 -8.41 28.78
CA TYR B 523 10.80 -7.48 28.34
C TYR B 523 11.13 -6.06 28.56
N LYS B 524 11.19 -5.78 29.85
CA LYS B 524 11.43 -4.47 30.42
C LYS B 524 12.72 -3.79 30.00
N GLU B 525 13.70 -4.67 29.67
CA GLU B 525 15.03 -4.34 29.14
C GLU B 525 14.97 -4.13 27.67
N ALA B 526 14.34 -5.12 26.99
CA ALA B 526 14.11 -5.25 25.54
C ALA B 526 13.31 -4.09 24.99
N GLU B 527 12.43 -3.49 25.79
CA GLU B 527 11.74 -2.30 25.37
C GLU B 527 12.61 -1.12 25.16
N ALA B 528 13.86 -1.11 25.75
CA ALA B 528 14.85 -0.02 25.67
C ALA B 528 15.95 -0.41 24.80
N ALA B 529 16.38 -1.67 24.84
CA ALA B 529 17.40 -2.26 23.96
C ALA B 529 17.11 -2.11 22.52
N ILE B 530 15.87 -2.48 22.16
CA ILE B 530 15.45 -2.44 20.75
C ILE B 530 15.08 -1.03 20.33
N LYS B 531 14.94 -0.07 21.26
CA LYS B 531 14.57 1.29 21.01
C LYS B 531 15.79 2.04 20.55
N ARG B 532 16.89 1.41 20.62
CA ARG B 532 18.16 1.91 20.21
C ARG B 532 18.26 1.45 18.76
N GLY B 533 17.29 0.73 18.12
CA GLY B 533 17.34 0.41 16.74
C GLY B 533 18.00 -0.89 16.47
N VAL B 534 18.30 -1.69 17.59
CA VAL B 534 18.73 -3.03 17.34
C VAL B 534 17.53 -3.89 16.88
N SER B 535 17.52 -4.30 15.57
CA SER B 535 16.45 -5.08 14.88
C SER B 535 16.35 -6.45 15.50
N ILE B 536 15.16 -7.09 15.63
CA ILE B 536 14.93 -8.39 16.30
C ILE B 536 15.71 -9.51 15.71
N ASP B 537 16.10 -9.32 14.44
CA ASP B 537 16.92 -10.30 13.71
C ASP B 537 18.15 -10.61 14.52
N GLU B 538 18.95 -9.63 14.91
CA GLU B 538 20.21 -9.81 15.63
C GLU B 538 20.02 -10.44 16.96
N ILE B 539 18.92 -10.20 17.68
CA ILE B 539 18.72 -10.64 19.04
C ILE B 539 18.35 -12.15 19.05
N LEU B 540 17.87 -12.67 17.89
CA LEU B 540 17.65 -14.08 17.62
C LEU B 540 18.92 -14.83 17.53
N GLN B 541 20.03 -14.29 17.00
CA GLN B 541 21.32 -14.92 16.87
C GLN B 541 22.11 -14.88 18.14
N LEU B 542 21.86 -14.00 19.09
CA LEU B 542 22.60 -13.95 20.34
C LEU B 542 22.38 -15.16 21.20
N PRO B 543 23.46 -15.58 21.93
CA PRO B 543 23.44 -16.65 22.90
C PRO B 543 22.48 -16.44 24.11
N VAL B 544 21.94 -15.23 24.24
CA VAL B 544 21.23 -14.85 25.40
C VAL B 544 19.93 -15.58 25.47
N LEU B 545 19.39 -15.95 24.27
CA LEU B 545 18.12 -16.64 24.30
C LEU B 545 18.20 -18.06 24.72
N GLU B 546 19.27 -18.71 24.11
CA GLU B 546 19.54 -20.12 24.33
C GLU B 546 19.70 -20.53 25.84
N ARG B 547 20.43 -19.72 26.63
CA ARG B 547 20.74 -20.03 27.97
C ARG B 547 19.45 -20.16 28.92
N ILE B 548 18.43 -19.19 28.76
CA ILE B 548 17.13 -19.13 29.39
C ILE B 548 16.24 -20.23 28.88
N GLY B 549 16.58 -20.82 27.69
CA GLY B 549 15.73 -21.73 27.05
C GLY B 549 15.82 -23.13 27.65
N ARG B 550 16.75 -23.43 28.56
CA ARG B 550 17.01 -24.72 29.18
C ARG B 550 16.15 -24.78 30.40
N ALA B 551 15.02 -25.48 30.36
CA ALA B 551 14.03 -25.23 31.40
C ALA B 551 13.04 -26.32 31.28
N ARG B 552 13.30 -27.23 30.34
CA ARG B 552 12.49 -28.46 30.14
C ARG B 552 13.43 -29.65 30.02
N TYR B 553 14.70 -29.39 30.34
CA TYR B 553 15.60 -30.47 30.42
C TYR B 553 16.33 -30.44 31.77
N VAL B 554 16.04 -29.39 32.61
CA VAL B 554 16.54 -29.16 33.89
C VAL B 554 15.74 -29.92 35.06
N SER B 555 16.48 -30.22 36.14
CA SER B 555 16.01 -30.80 37.31
C SER B 555 15.70 -29.67 38.24
N GLU B 556 15.23 -30.06 39.48
CA GLU B 556 14.90 -29.20 40.56
C GLU B 556 16.07 -29.12 41.53
N GLU B 557 17.08 -30.08 41.43
CA GLU B 557 18.22 -30.04 42.16
C GLU B 557 19.38 -29.41 41.43
N GLU B 558 18.97 -28.96 40.20
CA GLU B 558 19.73 -28.24 39.25
C GLU B 558 19.03 -26.89 39.07
N PHE B 559 18.03 -26.60 39.89
CA PHE B 559 17.32 -25.37 39.98
C PHE B 559 18.25 -24.21 40.45
N PRO B 560 19.09 -24.22 41.53
CA PRO B 560 19.98 -23.07 41.82
C PRO B 560 21.06 -22.82 40.83
N ALA B 561 21.17 -23.62 39.69
CA ALA B 561 22.15 -23.51 38.67
C ALA B 561 21.77 -22.39 37.80
N TYR B 562 20.46 -22.10 37.61
CA TYR B 562 20.04 -21.03 36.67
C TYR B 562 19.43 -19.86 37.37
N PHE B 563 18.89 -20.00 38.64
CA PHE B 563 18.25 -19.08 39.48
C PHE B 563 19.03 -17.79 39.61
N GLU B 564 20.12 -17.80 40.35
CA GLU B 564 20.95 -16.65 40.53
C GLU B 564 21.84 -16.28 39.40
N GLU B 565 22.54 -17.18 38.80
CA GLU B 565 23.41 -17.09 37.65
C GLU B 565 22.92 -16.25 36.56
N ALA B 566 21.91 -16.80 35.77
CA ALA B 566 21.37 -16.15 34.58
C ALA B 566 20.63 -14.83 34.95
N MET B 567 20.12 -14.69 36.17
CA MET B 567 19.51 -13.45 36.53
C MET B 567 20.16 -12.14 36.24
N LYS B 568 21.49 -12.05 36.53
CA LYS B 568 22.40 -10.94 36.26
C LYS B 568 22.74 -10.84 34.78
N GLU B 569 23.02 -12.04 34.10
CA GLU B 569 23.28 -12.07 32.66
C GLU B 569 22.21 -11.55 31.73
N ILE B 570 20.95 -11.40 32.18
CA ILE B 570 19.80 -10.99 31.40
C ILE B 570 19.75 -9.42 31.35
N GLN B 571 19.85 -8.83 32.53
CA GLN B 571 19.83 -7.44 32.79
C GLN B 571 21.15 -6.77 32.53
N GLY B 572 22.17 -7.64 32.39
CA GLY B 572 23.55 -7.28 32.20
C GLY B 572 23.98 -7.27 30.78
N ALA B 573 24.33 -8.45 30.17
CA ALA B 573 24.97 -8.48 28.95
C ALA B 573 24.02 -8.79 27.85
N PHE B 574 23.17 -7.76 27.63
CA PHE B 574 22.16 -7.69 26.59
C PHE B 574 21.85 -6.19 26.29
N LYS B 575 22.36 -5.29 27.25
CA LYS B 575 22.03 -3.87 27.15
C LYS B 575 23.22 -3.19 26.73
N ALA B 576 24.39 -3.87 26.67
CA ALA B 576 25.67 -3.39 26.29
C ALA B 576 25.90 -4.01 24.90
N LEU B 577 25.67 -5.36 24.86
CA LEU B 577 25.89 -6.12 23.61
C LEU B 577 24.64 -5.95 22.80
N MET C 1 -54.70 -71.65 -4.33
CA MET C 1 -54.66 -72.33 -3.03
C MET C 1 -55.38 -71.53 -2.04
N ILE C 2 -54.66 -70.60 -1.37
CA ILE C 2 -55.21 -69.78 -0.31
C ILE C 2 -56.24 -68.78 -0.75
N GLN C 3 -57.15 -68.32 0.22
CA GLN C 3 -58.13 -67.31 0.06
C GLN C 3 -58.25 -66.52 1.34
N GLY C 4 -58.33 -65.17 1.29
CA GLY C 4 -58.30 -64.37 2.49
C GLY C 4 -59.25 -63.26 2.36
N VAL C 5 -59.28 -62.34 3.37
CA VAL C 5 -60.14 -61.17 3.33
C VAL C 5 -59.38 -59.97 3.83
N ILE C 6 -59.63 -58.80 3.14
CA ILE C 6 -58.91 -57.62 3.54
C ILE C 6 -59.26 -57.05 4.91
N GLN C 7 -58.26 -56.49 5.69
CA GLN C 7 -58.43 -56.01 7.00
C GLN C 7 -58.22 -54.52 7.08
N LYS C 8 -57.15 -54.04 6.43
CA LYS C 8 -56.87 -52.64 6.39
C LYS C 8 -56.46 -52.31 5.02
N ILE C 9 -56.53 -51.04 4.60
CA ILE C 9 -56.09 -50.55 3.34
C ILE C 9 -55.51 -49.32 3.70
N ALA C 10 -54.16 -49.33 3.83
CA ALA C 10 -53.43 -48.14 4.21
C ALA C 10 -52.73 -47.61 2.97
N GLY C 11 -53.53 -46.95 2.09
CA GLY C 11 -52.99 -46.32 0.82
C GLY C 11 -52.67 -47.42 -0.15
N PRO C 12 -51.49 -47.50 -0.72
CA PRO C 12 -51.23 -48.57 -1.72
C PRO C 12 -50.94 -49.83 -0.99
N ALA C 13 -50.35 -49.88 0.27
CA ALA C 13 -50.14 -51.08 1.08
C ALA C 13 -51.45 -51.48 1.61
N VAL C 14 -51.54 -52.78 1.91
CA VAL C 14 -52.77 -53.39 2.31
C VAL C 14 -52.38 -54.31 3.39
N ILE C 15 -53.32 -54.65 4.25
CA ILE C 15 -53.11 -55.55 5.31
C ILE C 15 -54.37 -56.36 5.16
N ALA C 16 -54.27 -57.73 5.29
CA ALA C 16 -55.34 -58.59 4.96
C ALA C 16 -55.16 -59.86 5.80
N LYS C 17 -56.22 -60.38 6.39
CA LYS C 17 -56.04 -61.66 7.14
C LYS C 17 -56.54 -62.74 6.24
N GLY C 18 -56.69 -64.06 6.75
CA GLY C 18 -57.08 -65.16 5.99
C GLY C 18 -56.01 -65.80 5.27
N MET C 19 -54.78 -65.22 5.39
CA MET C 19 -53.59 -65.74 4.71
C MET C 19 -52.61 -66.13 5.80
N LEU C 20 -52.47 -67.52 5.97
CA LEU C 20 -51.73 -68.14 6.97
C LEU C 20 -51.18 -69.36 6.33
N GLY C 21 -49.88 -69.72 6.65
CA GLY C 21 -49.22 -70.85 6.01
C GLY C 21 -48.82 -70.43 4.51
N ALA C 22 -48.63 -69.10 4.32
CA ALA C 22 -48.44 -68.50 3.05
C ALA C 22 -46.94 -68.70 2.60
N ARG C 23 -46.68 -68.50 1.32
CA ARG C 23 -45.37 -68.49 0.76
C ARG C 23 -45.08 -67.04 0.29
N MET C 24 -43.95 -66.52 0.66
CA MET C 24 -43.49 -65.20 0.45
C MET C 24 -43.39 -64.93 -1.06
N TYR C 25 -44.04 -63.91 -1.64
CA TYR C 25 -43.98 -63.46 -3.02
C TYR C 25 -44.95 -64.19 -3.80
N ASP C 26 -45.97 -63.53 -4.37
CA ASP C 26 -47.06 -64.22 -5.01
C ASP C 26 -47.45 -63.27 -6.11
N ILE C 27 -48.19 -63.75 -7.18
CA ILE C 27 -48.66 -62.95 -8.21
C ILE C 27 -49.76 -62.09 -7.64
N CYS C 28 -50.67 -62.68 -6.75
CA CYS C 28 -51.68 -62.09 -5.87
C CYS C 28 -52.73 -61.28 -6.60
N LYS C 29 -54.08 -61.43 -6.39
CA LYS C 29 -55.19 -60.61 -6.90
C LYS C 29 -55.84 -60.07 -5.72
N VAL C 30 -55.59 -58.75 -5.47
CA VAL C 30 -56.11 -57.99 -4.41
C VAL C 30 -57.48 -57.59 -4.85
N GLY C 31 -58.56 -58.09 -4.14
CA GLY C 31 -59.90 -57.81 -4.52
C GLY C 31 -60.26 -58.46 -5.75
N GLU C 32 -61.45 -58.08 -6.28
CA GLU C 32 -62.09 -58.52 -7.44
C GLU C 32 -61.66 -57.69 -8.65
N GLU C 33 -61.06 -56.48 -8.39
CA GLU C 33 -60.49 -55.54 -9.39
C GLU C 33 -59.31 -56.13 -9.95
N GLY C 34 -58.40 -56.61 -9.04
CA GLY C 34 -57.37 -57.43 -9.56
C GLY C 34 -56.16 -56.57 -9.58
N LEU C 35 -55.92 -55.67 -8.56
CA LEU C 35 -54.78 -54.84 -8.39
C LEU C 35 -53.65 -55.81 -8.09
N VAL C 36 -52.47 -55.65 -8.85
CA VAL C 36 -51.39 -56.58 -8.77
C VAL C 36 -50.68 -56.26 -7.53
N GLY C 37 -50.35 -57.33 -6.73
CA GLY C 37 -49.84 -57.21 -5.36
C GLY C 37 -48.82 -58.29 -5.13
N GLU C 38 -48.27 -58.44 -3.93
CA GLU C 38 -47.31 -59.43 -3.53
C GLU C 38 -47.52 -59.51 -1.97
N ILE C 39 -47.67 -60.80 -1.49
CA ILE C 39 -47.69 -61.07 -0.06
C ILE C 39 -46.22 -61.05 0.38
N ILE C 40 -45.94 -60.32 1.47
CA ILE C 40 -44.61 -60.10 2.01
C ILE C 40 -44.72 -60.48 3.44
N ARG C 41 -44.00 -59.84 4.30
CA ARG C 41 -43.94 -60.15 5.78
C ARG C 41 -45.25 -60.30 6.57
N LEU C 42 -45.60 -61.59 6.89
CA LEU C 42 -46.69 -61.90 7.70
C LEU C 42 -46.49 -61.57 9.17
N ASP C 43 -47.61 -61.54 9.97
CA ASP C 43 -47.54 -61.45 11.34
C ASP C 43 -48.79 -62.11 11.82
N GLY C 44 -48.65 -63.18 12.61
CA GLY C 44 -49.82 -63.89 13.10
C GLY C 44 -50.61 -64.59 12.01
N ASP C 45 -51.91 -64.28 11.91
CA ASP C 45 -52.72 -64.84 10.80
C ASP C 45 -53.03 -63.80 9.80
N THR C 46 -52.31 -62.65 9.75
CA THR C 46 -52.62 -61.55 8.87
C THR C 46 -51.28 -61.22 8.30
N ALA C 47 -51.24 -60.37 7.28
CA ALA C 47 -49.98 -60.06 6.67
C ALA C 47 -50.13 -58.70 6.20
N PHE C 48 -48.99 -58.15 5.84
CA PHE C 48 -48.66 -56.89 5.20
C PHE C 48 -48.61 -57.27 3.75
N VAL C 49 -49.35 -56.55 2.84
CA VAL C 49 -49.22 -56.84 1.42
C VAL C 49 -48.89 -55.56 0.81
N GLN C 50 -47.88 -55.60 -0.10
CA GLN C 50 -47.47 -54.45 -0.86
C GLN C 50 -48.07 -54.65 -2.28
N VAL C 51 -49.05 -53.79 -2.61
CA VAL C 51 -49.86 -53.82 -3.82
C VAL C 51 -49.43 -52.72 -4.68
N TYR C 52 -48.84 -53.10 -5.84
CA TYR C 52 -48.15 -52.23 -6.74
C TYR C 52 -49.04 -51.10 -7.15
N GLU C 53 -50.35 -51.42 -7.54
CA GLU C 53 -51.21 -50.42 -8.02
C GLU C 53 -52.03 -49.81 -6.87
N ASP C 54 -52.73 -48.69 -7.18
CA ASP C 54 -53.55 -47.82 -6.34
C ASP C 54 -54.98 -48.40 -6.24
N THR C 55 -55.75 -47.77 -5.32
CA THR C 55 -57.13 -48.09 -5.15
C THR C 55 -57.92 -46.82 -5.32
N SER C 56 -59.19 -46.99 -5.42
CA SER C 56 -60.08 -45.90 -5.79
C SER C 56 -61.51 -46.24 -5.42
N GLY C 57 -61.71 -47.39 -4.77
CA GLY C 57 -63.11 -47.74 -4.43
C GLY C 57 -63.10 -49.24 -4.25
N LEU C 58 -62.09 -49.78 -3.51
CA LEU C 58 -61.96 -51.17 -3.00
C LEU C 58 -62.54 -51.28 -1.60
N LYS C 59 -63.65 -52.01 -1.40
CA LYS C 59 -64.18 -52.33 -0.11
C LYS C 59 -63.27 -53.19 0.78
N VAL C 60 -63.48 -53.10 2.11
CA VAL C 60 -62.79 -53.91 3.12
C VAL C 60 -63.57 -55.21 3.40
N GLY C 61 -62.87 -56.39 3.18
CA GLY C 61 -63.44 -57.67 3.46
C GLY C 61 -63.77 -58.47 2.25
N GLU C 62 -63.23 -58.00 1.12
CA GLU C 62 -63.51 -58.62 -0.10
C GLU C 62 -62.69 -59.88 -0.18
N PRO C 63 -62.92 -60.76 -1.18
CA PRO C 63 -62.10 -61.97 -1.44
C PRO C 63 -60.78 -61.68 -2.07
N VAL C 64 -59.71 -62.34 -1.60
CA VAL C 64 -58.39 -62.17 -2.10
C VAL C 64 -57.93 -63.57 -2.42
N VAL C 65 -57.80 -63.93 -3.71
CA VAL C 65 -57.38 -65.19 -4.31
C VAL C 65 -55.90 -64.90 -4.54
N SER C 66 -54.98 -65.85 -4.21
CA SER C 66 -53.60 -65.69 -4.38
C SER C 66 -53.03 -67.07 -4.61
N THR C 67 -51.83 -67.13 -5.19
CA THR C 67 -51.21 -68.37 -5.69
C THR C 67 -50.88 -69.43 -4.58
N GLY C 68 -50.18 -69.02 -3.49
CA GLY C 68 -49.90 -69.83 -2.40
C GLY C 68 -48.56 -70.57 -2.71
N LEU C 69 -47.89 -70.19 -3.86
CA LEU C 69 -46.65 -70.73 -4.26
C LEU C 69 -45.76 -69.52 -4.46
N PRO C 70 -44.37 -69.63 -4.26
CA PRO C 70 -43.47 -68.52 -4.32
C PRO C 70 -43.44 -68.03 -5.69
N LEU C 71 -43.40 -66.66 -5.97
CA LEU C 71 -43.14 -66.15 -7.25
C LEU C 71 -41.68 -66.26 -7.51
N ALA C 72 -41.32 -66.68 -8.79
CA ALA C 72 -39.93 -66.88 -9.16
C ALA C 72 -39.88 -66.05 -10.39
N VAL C 73 -38.65 -65.87 -10.95
CA VAL C 73 -38.54 -65.14 -12.21
C VAL C 73 -38.61 -66.22 -13.18
N GLU C 74 -39.33 -65.97 -14.33
CA GLU C 74 -39.53 -66.88 -15.48
C GLU C 74 -38.54 -66.39 -16.55
N LEU C 75 -37.87 -67.36 -17.18
CA LEU C 75 -36.91 -67.24 -18.20
C LEU C 75 -37.09 -68.29 -19.25
N GLY C 76 -37.29 -67.67 -20.48
CA GLY C 76 -37.30 -68.50 -21.61
C GLY C 76 -37.21 -67.76 -22.84
N PRO C 77 -37.38 -68.35 -23.98
CA PRO C 77 -37.31 -67.61 -25.23
C PRO C 77 -38.26 -66.48 -25.34
N GLY C 78 -37.87 -65.35 -25.91
CA GLY C 78 -38.65 -64.15 -26.13
C GLY C 78 -38.18 -63.08 -25.23
N MET C 79 -37.22 -63.45 -24.31
CA MET C 79 -36.53 -62.51 -23.42
C MET C 79 -35.69 -61.46 -24.13
N LEU C 80 -35.04 -61.94 -25.26
CA LEU C 80 -34.20 -61.13 -26.18
C LEU C 80 -35.16 -60.70 -27.25
N ASN C 81 -35.12 -59.36 -27.56
CA ASN C 81 -36.05 -58.66 -28.40
C ASN C 81 -37.50 -58.74 -27.87
N GLY C 82 -37.73 -58.46 -26.55
CA GLY C 82 -39.00 -58.39 -26.00
C GLY C 82 -38.83 -57.27 -25.03
N ILE C 83 -39.94 -56.56 -24.99
CA ILE C 83 -40.12 -55.41 -24.16
C ILE C 83 -40.69 -55.96 -22.82
N TYR C 84 -40.05 -55.57 -21.69
CA TYR C 84 -40.42 -56.04 -20.44
C TYR C 84 -40.26 -54.84 -19.44
N ASP C 85 -40.64 -55.07 -18.18
CA ASP C 85 -40.62 -54.19 -17.10
C ASP C 85 -40.00 -54.92 -15.87
N GLY C 86 -39.72 -54.19 -14.72
CA GLY C 86 -39.01 -54.73 -13.64
C GLY C 86 -39.87 -55.53 -12.82
N ILE C 87 -41.12 -55.89 -13.18
CA ILE C 87 -41.98 -56.66 -12.35
C ILE C 87 -41.97 -58.16 -12.93
N GLN C 88 -41.37 -58.29 -14.18
CA GLN C 88 -41.32 -59.48 -14.90
C GLN C 88 -42.57 -59.77 -15.59
N ARG C 89 -43.01 -58.80 -16.47
CA ARG C 89 -44.25 -58.83 -17.22
C ARG C 89 -43.95 -58.13 -18.51
N PRO C 90 -44.48 -58.41 -19.62
CA PRO C 90 -44.06 -57.72 -20.87
C PRO C 90 -44.91 -56.45 -21.06
N LEU C 91 -44.21 -55.28 -21.11
CA LEU C 91 -44.71 -53.97 -21.45
C LEU C 91 -45.49 -53.83 -22.69
N GLU C 92 -45.39 -54.78 -23.68
CA GLU C 92 -46.07 -54.57 -24.91
C GLU C 92 -47.46 -55.14 -24.78
N ARG C 93 -47.61 -56.26 -23.98
CA ARG C 93 -48.90 -56.86 -23.75
C ARG C 93 -49.79 -56.05 -22.84
N ILE C 94 -49.18 -55.07 -22.20
CA ILE C 94 -49.82 -54.09 -21.38
C ILE C 94 -50.43 -53.02 -22.23
N ARG C 95 -49.68 -52.41 -23.19
CA ARG C 95 -50.08 -51.42 -24.05
C ARG C 95 -51.33 -51.83 -24.89
N GLU C 96 -51.37 -53.09 -25.29
CA GLU C 96 -52.27 -53.80 -26.09
C GLU C 96 -53.56 -54.06 -25.32
N LYS C 97 -53.46 -54.18 -23.98
CA LYS C 97 -54.60 -54.34 -23.09
C LYS C 97 -54.96 -53.11 -22.28
N THR C 98 -54.21 -52.05 -22.41
CA THR C 98 -54.59 -50.83 -21.68
C THR C 98 -54.85 -49.61 -22.58
N GLY C 99 -54.31 -49.63 -23.84
CA GLY C 99 -54.34 -48.52 -24.83
C GLY C 99 -53.32 -47.52 -24.38
N ILE C 100 -53.56 -46.23 -24.57
CA ILE C 100 -52.67 -45.09 -24.38
C ILE C 100 -52.30 -44.91 -22.97
N TYR C 101 -53.25 -45.15 -22.04
CA TYR C 101 -53.05 -44.89 -20.59
C TYR C 101 -53.38 -46.09 -19.78
N ILE C 102 -52.49 -46.43 -18.81
CA ILE C 102 -52.51 -47.63 -18.03
C ILE C 102 -53.86 -47.69 -17.31
N THR C 103 -54.48 -48.83 -17.16
CA THR C 103 -55.80 -49.02 -16.51
C THR C 103 -55.50 -49.97 -15.43
N ARG C 104 -56.35 -50.08 -14.36
CA ARG C 104 -56.14 -50.87 -13.16
C ARG C 104 -56.91 -52.13 -13.39
N GLY C 105 -56.39 -53.22 -12.80
CA GLY C 105 -56.95 -54.55 -12.95
C GLY C 105 -56.54 -55.19 -14.26
N VAL C 106 -55.53 -54.64 -15.04
CA VAL C 106 -55.04 -55.23 -16.27
C VAL C 106 -53.74 -55.88 -15.83
N VAL C 107 -53.63 -57.17 -15.93
CA VAL C 107 -52.41 -57.94 -15.64
C VAL C 107 -52.17 -58.78 -16.82
N VAL C 108 -50.90 -59.14 -17.02
CA VAL C 108 -50.44 -59.84 -18.04
C VAL C 108 -49.54 -60.87 -17.44
N HIS C 109 -48.98 -61.65 -18.41
CA HIS C 109 -48.24 -62.85 -18.16
C HIS C 109 -46.88 -62.51 -17.45
N ALA C 110 -45.74 -63.07 -18.02
CA ALA C 110 -44.40 -62.91 -17.39
C ALA C 110 -43.33 -63.23 -18.38
N LEU C 111 -43.79 -63.69 -19.56
CA LEU C 111 -43.00 -64.13 -20.67
C LEU C 111 -43.80 -63.81 -21.86
N ASP C 112 -43.16 -63.77 -23.10
CA ASP C 112 -43.76 -63.62 -24.44
C ASP C 112 -44.15 -65.03 -24.75
N ARG C 113 -45.33 -65.45 -24.30
CA ARG C 113 -45.82 -66.82 -24.42
C ARG C 113 -46.83 -67.06 -25.51
N GLU C 114 -47.32 -65.92 -26.08
CA GLU C 114 -48.26 -65.92 -27.15
C GLU C 114 -47.61 -66.10 -28.50
N LYS C 115 -46.29 -66.03 -28.64
CA LYS C 115 -45.47 -66.18 -29.78
C LYS C 115 -44.87 -67.54 -29.94
N LYS C 116 -44.74 -68.11 -31.19
CA LYS C 116 -44.19 -69.41 -31.42
C LYS C 116 -42.78 -69.23 -31.86
N TRP C 117 -41.91 -69.67 -30.92
CA TRP C 117 -40.50 -69.35 -30.97
C TRP C 117 -39.79 -70.49 -31.65
N ALA C 118 -38.70 -70.20 -32.42
CA ALA C 118 -37.88 -71.15 -33.02
C ALA C 118 -37.28 -72.11 -31.99
N TRP C 119 -37.03 -73.35 -32.43
CA TRP C 119 -36.42 -74.39 -31.62
C TRP C 119 -35.60 -75.34 -32.46
N THR C 120 -34.46 -75.87 -31.84
CA THR C 120 -33.67 -76.94 -32.36
C THR C 120 -33.15 -77.54 -31.04
N PRO C 121 -33.10 -78.81 -30.83
CA PRO C 121 -32.62 -79.42 -29.65
C PRO C 121 -31.11 -79.57 -29.56
N MET C 122 -30.52 -80.03 -28.44
CA MET C 122 -29.13 -80.28 -28.14
C MET C 122 -28.99 -81.44 -27.15
N VAL C 123 -30.12 -82.09 -26.78
CA VAL C 123 -30.07 -83.29 -26.02
C VAL C 123 -31.08 -84.15 -26.77
N LYS C 124 -31.08 -85.47 -26.47
CA LYS C 124 -31.85 -86.55 -27.17
C LYS C 124 -32.37 -87.45 -26.15
N PRO C 125 -33.46 -88.09 -26.37
CA PRO C 125 -34.12 -89.05 -25.38
C PRO C 125 -33.22 -90.06 -24.79
N GLY C 126 -33.34 -90.31 -23.46
CA GLY C 126 -32.58 -91.32 -22.81
C GLY C 126 -31.16 -90.94 -22.50
N ASP C 127 -30.93 -89.63 -22.40
CA ASP C 127 -29.67 -89.04 -21.99
C ASP C 127 -30.02 -88.16 -20.87
N GLU C 128 -29.05 -87.89 -20.02
CA GLU C 128 -29.33 -87.09 -18.88
C GLU C 128 -28.82 -85.72 -19.23
N VAL C 129 -29.39 -84.69 -18.57
CA VAL C 129 -29.03 -83.30 -18.68
C VAL C 129 -28.01 -83.02 -17.64
N ARG C 130 -27.20 -81.93 -17.95
CA ARG C 130 -26.31 -81.39 -16.96
C ARG C 130 -26.79 -79.97 -16.81
N GLY C 131 -27.19 -79.59 -15.61
CA GLY C 131 -27.59 -78.24 -15.24
C GLY C 131 -26.51 -77.30 -15.20
N GLY C 132 -26.88 -76.09 -15.74
CA GLY C 132 -26.03 -74.97 -15.67
C GLY C 132 -25.16 -74.87 -16.87
N MET C 133 -25.38 -75.62 -17.97
CA MET C 133 -24.53 -75.54 -19.15
C MET C 133 -25.41 -75.49 -20.28
N VAL C 134 -26.17 -76.59 -20.59
CA VAL C 134 -27.07 -76.67 -21.72
C VAL C 134 -28.32 -77.37 -21.50
N LEU C 135 -29.25 -77.35 -22.48
CA LEU C 135 -30.60 -77.99 -22.57
C LEU C 135 -30.83 -78.05 -24.10
N GLY C 136 -31.25 -76.97 -24.72
CA GLY C 136 -31.29 -76.93 -26.17
C GLY C 136 -31.55 -75.45 -26.57
N THR C 137 -31.25 -75.01 -27.85
CA THR C 137 -31.14 -73.61 -28.16
C THR C 137 -32.28 -73.20 -29.01
N VAL C 138 -32.46 -71.91 -29.00
CA VAL C 138 -33.46 -71.27 -29.72
C VAL C 138 -32.66 -70.49 -30.72
N PRO C 139 -32.90 -70.65 -31.99
CA PRO C 139 -32.12 -69.78 -32.90
C PRO C 139 -32.99 -68.59 -33.19
N GLU C 140 -32.65 -67.47 -32.55
CA GLU C 140 -33.39 -66.27 -32.85
C GLU C 140 -32.60 -65.42 -33.75
N PHE C 141 -33.34 -64.91 -34.77
CA PHE C 141 -32.94 -64.13 -35.93
C PHE C 141 -32.13 -62.91 -35.65
N GLY C 142 -32.54 -62.37 -34.49
CA GLY C 142 -31.97 -61.25 -33.84
C GLY C 142 -30.63 -61.60 -33.17
N PHE C 143 -30.67 -62.48 -32.13
CA PHE C 143 -29.49 -62.91 -31.43
C PHE C 143 -29.80 -64.35 -30.98
N THR C 144 -28.77 -65.23 -30.97
CA THR C 144 -28.79 -66.60 -30.47
C THR C 144 -29.07 -66.64 -29.02
N HIS C 145 -29.84 -67.63 -28.48
CA HIS C 145 -30.18 -67.63 -27.04
C HIS C 145 -30.35 -69.07 -26.76
N LYS C 146 -29.51 -69.52 -25.79
CA LYS C 146 -29.39 -70.89 -25.33
C LYS C 146 -30.27 -71.01 -24.12
N ILE C 147 -31.39 -71.73 -24.34
CA ILE C 147 -32.26 -72.01 -23.24
C ILE C 147 -31.69 -73.32 -22.56
N LEU C 148 -31.17 -73.11 -21.31
CA LEU C 148 -30.48 -74.14 -20.53
C LEU C 148 -31.27 -74.34 -19.33
N VAL C 149 -31.12 -75.52 -18.69
CA VAL C 149 -31.90 -75.94 -17.51
C VAL C 149 -30.92 -75.63 -16.32
N PRO C 150 -31.39 -74.84 -15.36
CA PRO C 150 -30.65 -74.52 -14.12
C PRO C 150 -29.94 -75.62 -13.41
N PRO C 151 -28.98 -75.38 -12.49
CA PRO C 151 -28.16 -76.40 -11.94
C PRO C 151 -28.85 -77.22 -10.88
N ASP C 152 -28.45 -78.52 -10.73
CA ASP C 152 -28.88 -79.45 -9.76
C ASP C 152 -30.21 -80.04 -10.14
N VAL C 153 -30.39 -80.15 -11.52
CA VAL C 153 -31.64 -80.66 -12.10
C VAL C 153 -31.00 -81.67 -13.01
N ARG C 154 -30.95 -82.93 -12.51
CA ARG C 154 -30.29 -84.05 -13.02
C ARG C 154 -31.44 -85.05 -13.26
N GLY C 155 -31.17 -86.04 -14.07
CA GLY C 155 -32.11 -87.12 -14.33
C GLY C 155 -32.44 -87.05 -15.76
N ARG C 156 -32.83 -88.26 -16.32
CA ARG C 156 -33.16 -88.49 -17.79
C ARG C 156 -34.27 -87.62 -18.32
N VAL C 157 -34.16 -87.40 -19.66
CA VAL C 157 -34.96 -86.58 -20.48
C VAL C 157 -35.60 -87.56 -21.39
N LYS C 158 -36.84 -87.39 -21.77
CA LYS C 158 -37.67 -88.19 -22.63
C LYS C 158 -38.36 -87.23 -23.57
N GLU C 159 -38.79 -87.69 -24.78
CA GLU C 159 -39.45 -87.03 -25.92
C GLU C 159 -38.96 -85.62 -26.25
N VAL C 160 -37.85 -85.50 -27.14
CA VAL C 160 -37.39 -84.21 -27.44
C VAL C 160 -37.75 -83.90 -28.91
N LYS C 161 -38.61 -82.89 -29.13
CA LYS C 161 -39.08 -82.57 -30.47
C LYS C 161 -37.88 -82.19 -31.32
N PRO C 162 -37.89 -82.43 -32.61
CA PRO C 162 -37.00 -81.82 -33.51
C PRO C 162 -37.39 -80.39 -33.93
N ALA C 163 -36.59 -79.80 -34.88
CA ALA C 163 -36.73 -78.51 -35.44
C ALA C 163 -38.20 -78.16 -35.79
N GLY C 164 -38.58 -76.83 -35.61
CA GLY C 164 -39.95 -76.36 -35.91
C GLY C 164 -39.97 -75.19 -34.90
N GLU C 165 -41.06 -74.43 -34.99
CA GLU C 165 -41.34 -73.28 -34.20
C GLU C 165 -42.40 -73.78 -33.27
N TYR C 166 -42.31 -73.45 -31.98
CA TYR C 166 -43.08 -74.11 -30.91
C TYR C 166 -43.35 -73.09 -29.93
N THR C 167 -44.59 -73.14 -29.36
CA THR C 167 -44.93 -72.05 -28.48
C THR C 167 -44.21 -72.34 -27.14
N VAL C 168 -44.11 -71.31 -26.24
CA VAL C 168 -43.43 -71.41 -24.95
C VAL C 168 -44.08 -72.39 -24.07
N GLU C 169 -45.42 -72.33 -24.14
CA GLU C 169 -46.39 -73.05 -23.33
C GLU C 169 -46.46 -74.54 -23.77
N GLU C 170 -46.27 -74.83 -25.08
CA GLU C 170 -46.27 -76.15 -25.66
C GLU C 170 -44.93 -76.80 -25.29
N PRO C 171 -44.80 -78.01 -24.94
CA PRO C 171 -43.51 -78.80 -24.77
C PRO C 171 -42.75 -78.94 -26.01
N VAL C 172 -41.41 -78.95 -25.80
CA VAL C 172 -40.52 -79.25 -26.81
C VAL C 172 -39.72 -80.37 -26.29
N VAL C 173 -39.82 -80.64 -24.95
CA VAL C 173 -39.06 -81.66 -24.25
C VAL C 173 -39.99 -82.07 -23.17
N VAL C 174 -39.59 -83.18 -22.43
CA VAL C 174 -40.09 -83.60 -21.17
C VAL C 174 -39.13 -84.37 -20.43
N LEU C 175 -39.33 -84.47 -19.06
CA LEU C 175 -38.35 -85.18 -18.26
C LEU C 175 -38.96 -86.57 -17.99
N GLU C 176 -38.11 -87.62 -18.00
CA GLU C 176 -38.46 -88.95 -17.71
C GLU C 176 -38.72 -89.22 -16.22
N ASP C 177 -37.89 -88.54 -15.43
CA ASP C 177 -37.91 -88.69 -14.00
C ASP C 177 -38.99 -87.78 -13.36
N GLY C 178 -39.92 -87.22 -14.16
CA GLY C 178 -40.89 -86.29 -13.75
C GLY C 178 -40.33 -84.96 -13.68
N THR C 179 -41.22 -83.98 -13.37
CA THR C 179 -41.02 -82.46 -13.25
C THR C 179 -40.57 -82.02 -14.59
N GLU C 180 -41.48 -82.35 -15.51
CA GLU C 180 -41.45 -82.07 -16.92
C GLU C 180 -41.50 -80.58 -17.01
N LEU C 181 -40.79 -80.06 -18.05
CA LEU C 181 -40.55 -78.61 -18.23
C LEU C 181 -40.95 -78.47 -19.63
N LYS C 182 -41.08 -77.19 -20.14
CA LYS C 182 -41.40 -76.91 -21.48
C LYS C 182 -40.22 -76.32 -22.15
N MET C 183 -40.11 -74.98 -22.06
CA MET C 183 -39.03 -74.12 -22.59
C MET C 183 -38.85 -73.05 -21.64
N TYR C 184 -39.79 -72.89 -20.64
CA TYR C 184 -39.71 -71.86 -19.58
C TYR C 184 -39.28 -72.47 -18.27
N HIS C 185 -38.27 -71.75 -17.64
CA HIS C 185 -37.66 -72.18 -16.43
C HIS C 185 -37.76 -71.07 -15.43
N THR C 186 -37.81 -71.54 -14.18
CA THR C 186 -38.14 -70.68 -13.01
C THR C 186 -37.00 -70.73 -12.07
N TRP C 187 -36.56 -69.52 -11.66
CA TRP C 187 -35.43 -69.36 -10.71
C TRP C 187 -35.93 -68.41 -9.61
N PRO C 188 -35.67 -68.63 -8.25
CA PRO C 188 -36.05 -67.76 -7.19
C PRO C 188 -35.35 -66.45 -7.30
N VAL C 189 -36.09 -65.32 -7.06
CA VAL C 189 -35.78 -63.89 -7.41
C VAL C 189 -34.49 -63.47 -6.73
N ARG C 190 -34.20 -63.84 -5.49
CA ARG C 190 -33.05 -63.28 -4.84
C ARG C 190 -32.03 -64.43 -4.63
N ARG C 191 -32.22 -65.62 -5.28
CA ARG C 191 -31.19 -66.66 -5.21
C ARG C 191 -30.34 -66.64 -6.41
N ALA C 192 -29.06 -66.71 -6.11
CA ALA C 192 -27.97 -66.52 -7.01
C ALA C 192 -27.34 -67.93 -7.28
N ARG C 193 -26.87 -68.12 -8.49
CA ARG C 193 -26.24 -69.34 -8.88
C ARG C 193 -24.85 -69.33 -8.33
N PRO C 194 -24.42 -70.40 -7.64
CA PRO C 194 -23.11 -70.62 -7.06
C PRO C 194 -22.02 -70.75 -8.09
N VAL C 195 -20.70 -70.60 -7.68
CA VAL C 195 -19.56 -70.58 -8.58
C VAL C 195 -18.45 -71.46 -8.13
N GLN C 196 -17.64 -71.87 -9.19
CA GLN C 196 -16.47 -72.73 -8.96
C GLN C 196 -15.19 -72.04 -8.61
N ARG C 197 -15.08 -70.74 -8.95
CA ARG C 197 -13.95 -69.95 -8.54
C ARG C 197 -14.39 -68.53 -8.81
N LYS C 198 -13.75 -67.54 -8.16
CA LYS C 198 -14.06 -66.05 -8.16
C LYS C 198 -13.64 -65.32 -9.39
N LEU C 199 -12.38 -65.64 -9.98
CA LEU C 199 -11.87 -64.92 -11.22
C LEU C 199 -11.68 -63.47 -11.04
N ASP C 200 -11.08 -62.86 -12.06
CA ASP C 200 -10.74 -61.51 -12.02
C ASP C 200 -10.81 -61.13 -13.47
N PRO C 201 -11.26 -59.94 -13.87
CA PRO C 201 -11.25 -59.49 -15.25
C PRO C 201 -9.90 -59.42 -15.90
N ASN C 202 -9.80 -59.71 -17.25
CA ASN C 202 -8.55 -59.67 -17.93
C ASN C 202 -9.00 -59.56 -19.33
N THR C 203 -10.23 -59.05 -19.65
CA THR C 203 -10.79 -59.04 -21.01
C THR C 203 -10.63 -57.63 -21.35
N PRO C 204 -9.96 -57.22 -22.40
CA PRO C 204 -9.71 -55.77 -22.61
C PRO C 204 -10.85 -54.84 -22.77
N PHE C 205 -10.73 -53.60 -22.24
CA PHE C 205 -11.75 -52.63 -22.20
C PHE C 205 -11.59 -51.73 -23.32
N LEU C 206 -12.71 -51.56 -24.01
CA LEU C 206 -12.93 -50.75 -25.19
C LEU C 206 -14.39 -50.38 -25.07
N THR C 207 -14.75 -49.16 -25.14
CA THR C 207 -16.16 -48.74 -25.07
C THR C 207 -16.47 -47.90 -26.31
N GLY C 208 -15.40 -47.45 -27.05
CA GLY C 208 -15.42 -46.81 -28.37
C GLY C 208 -15.06 -45.35 -28.26
N MET C 209 -14.57 -45.01 -27.01
CA MET C 209 -14.24 -43.66 -26.52
C MET C 209 -12.86 -43.65 -25.92
N ARG C 210 -11.94 -42.86 -26.58
CA ARG C 210 -10.52 -42.71 -26.33
C ARG C 210 -10.03 -42.77 -24.93
N ILE C 211 -9.98 -41.60 -24.22
CA ILE C 211 -9.73 -41.41 -22.77
C ILE C 211 -10.54 -42.24 -21.89
N LEU C 212 -11.84 -42.46 -22.25
CA LEU C 212 -12.77 -43.23 -21.46
C LEU C 212 -12.17 -44.54 -21.11
N ASP C 213 -11.89 -45.47 -22.13
CA ASP C 213 -11.36 -46.79 -21.79
C ASP C 213 -9.80 -46.78 -21.81
N VAL C 214 -9.16 -46.02 -22.63
CA VAL C 214 -7.64 -46.20 -22.70
C VAL C 214 -6.93 -45.68 -21.43
N LEU C 215 -7.39 -44.58 -20.80
CA LEU C 215 -6.71 -44.15 -19.59
C LEU C 215 -7.22 -44.92 -18.41
N PHE C 216 -8.56 -45.05 -18.32
CA PHE C 216 -9.11 -45.74 -17.22
C PHE C 216 -9.63 -47.11 -17.72
N PRO C 217 -8.91 -48.24 -17.38
CA PRO C 217 -9.43 -49.52 -17.68
C PRO C 217 -10.06 -49.85 -16.41
N VAL C 218 -11.18 -50.56 -16.58
CA VAL C 218 -11.99 -51.06 -15.40
C VAL C 218 -12.25 -52.52 -15.82
N ALA C 219 -12.12 -52.84 -17.19
CA ALA C 219 -12.31 -54.19 -17.63
C ALA C 219 -13.69 -54.71 -17.50
N MET C 220 -13.94 -56.05 -17.89
CA MET C 220 -15.23 -56.70 -17.87
C MET C 220 -15.29 -57.37 -16.55
N GLY C 221 -16.12 -56.77 -15.66
CA GLY C 221 -16.51 -57.39 -14.34
C GLY C 221 -16.12 -56.41 -13.27
N GLY C 222 -15.72 -55.19 -13.71
CA GLY C 222 -15.60 -53.94 -13.00
C GLY C 222 -16.93 -53.30 -12.71
N THR C 223 -16.99 -52.21 -12.03
CA THR C 223 -18.22 -51.52 -11.51
C THR C 223 -17.92 -50.11 -11.40
N ALA C 224 -18.73 -49.39 -12.17
CA ALA C 224 -18.40 -48.00 -12.47
C ALA C 224 -19.49 -47.12 -11.91
N ALA C 225 -19.40 -45.82 -12.28
CA ALA C 225 -20.39 -44.84 -11.91
C ALA C 225 -20.08 -43.65 -12.74
N ILE C 226 -21.12 -42.91 -13.00
CA ILE C 226 -21.14 -41.68 -13.79
C ILE C 226 -21.91 -40.69 -12.83
N PRO C 227 -21.30 -39.71 -12.15
CA PRO C 227 -22.03 -39.00 -11.08
C PRO C 227 -22.60 -37.85 -11.82
N GLY C 228 -23.27 -37.02 -10.98
CA GLY C 228 -23.98 -35.84 -11.34
C GLY C 228 -25.26 -36.25 -11.96
N PRO C 229 -26.14 -35.31 -12.31
CA PRO C 229 -27.44 -35.60 -13.00
C PRO C 229 -27.21 -36.06 -14.40
N PHE C 230 -28.02 -37.04 -14.81
CA PHE C 230 -28.24 -37.63 -16.15
C PHE C 230 -28.86 -36.51 -17.08
N GLY C 231 -28.45 -36.52 -18.42
CA GLY C 231 -28.95 -35.54 -19.42
C GLY C 231 -27.96 -34.35 -19.31
N SER C 232 -27.96 -33.45 -20.27
CA SER C 232 -27.04 -32.31 -20.37
C SER C 232 -25.67 -32.70 -20.61
N GLY C 233 -25.55 -33.53 -21.68
CA GLY C 233 -24.34 -33.98 -22.28
C GLY C 233 -23.90 -35.27 -21.78
N LYS C 234 -24.39 -35.80 -20.70
CA LYS C 234 -24.06 -37.10 -20.14
C LYS C 234 -24.53 -38.36 -21.01
N THR C 235 -25.67 -38.19 -21.75
CA THR C 235 -26.19 -39.25 -22.65
C THR C 235 -25.21 -39.82 -23.64
N VAL C 236 -24.17 -39.03 -24.11
CA VAL C 236 -23.15 -39.36 -25.08
C VAL C 236 -22.67 -40.81 -24.73
N THR C 237 -21.99 -40.97 -23.52
CA THR C 237 -21.34 -42.17 -22.98
C THR C 237 -22.31 -43.42 -23.10
N GLN C 238 -23.50 -43.33 -22.39
CA GLN C 238 -24.50 -44.34 -22.29
C GLN C 238 -24.98 -44.97 -23.55
N GLN C 239 -25.19 -44.10 -24.60
CA GLN C 239 -25.69 -44.50 -25.87
C GLN C 239 -24.61 -45.32 -26.59
N SER C 240 -23.52 -44.62 -26.97
CA SER C 240 -22.30 -45.15 -27.64
C SER C 240 -21.75 -46.43 -26.93
N LEU C 241 -21.76 -46.59 -25.59
CA LEU C 241 -21.30 -47.70 -24.87
C LEU C 241 -21.74 -49.05 -25.47
N ALA C 242 -23.02 -49.40 -25.39
CA ALA C 242 -23.55 -50.60 -25.94
C ALA C 242 -23.37 -50.78 -27.49
N LYS C 243 -23.26 -49.70 -28.32
CA LYS C 243 -22.97 -49.80 -29.76
C LYS C 243 -21.62 -50.47 -30.02
N TRP C 244 -20.56 -49.86 -29.41
CA TRP C 244 -19.17 -50.38 -29.71
C TRP C 244 -18.79 -51.57 -28.83
N SER C 245 -18.78 -51.30 -27.47
CA SER C 245 -18.29 -52.13 -26.35
C SER C 245 -18.44 -53.61 -26.61
N ASN C 246 -17.40 -54.37 -26.14
CA ASN C 246 -17.28 -55.76 -26.29
C ASN C 246 -18.16 -56.35 -25.15
N ALA C 247 -19.39 -56.73 -25.44
CA ALA C 247 -20.35 -57.43 -24.65
C ALA C 247 -21.16 -58.11 -25.80
N ASP C 248 -21.83 -59.18 -25.48
CA ASP C 248 -22.60 -60.01 -26.34
C ASP C 248 -24.03 -59.65 -26.19
N VAL C 249 -24.39 -59.14 -24.99
CA VAL C 249 -25.78 -58.82 -24.70
C VAL C 249 -25.80 -57.50 -23.97
N VAL C 250 -26.94 -56.77 -24.07
CA VAL C 250 -27.13 -55.50 -23.47
C VAL C 250 -28.43 -55.62 -22.73
N VAL C 251 -28.48 -54.97 -21.55
CA VAL C 251 -29.59 -55.02 -20.63
C VAL C 251 -29.60 -53.49 -20.37
N TYR C 252 -30.82 -52.91 -20.40
CA TYR C 252 -31.08 -51.55 -20.12
C TYR C 252 -32.09 -51.63 -18.94
N VAL C 253 -31.96 -50.66 -18.03
CA VAL C 253 -32.89 -50.70 -16.88
C VAL C 253 -33.00 -49.26 -16.27
N GLY C 254 -34.23 -48.85 -16.04
CA GLY C 254 -34.54 -47.63 -15.38
C GLY C 254 -35.20 -47.90 -14.06
N CYS C 255 -35.38 -46.79 -13.32
CA CYS C 255 -36.03 -46.74 -12.04
C CYS C 255 -36.10 -45.26 -11.54
N GLY C 256 -36.98 -44.49 -12.23
CA GLY C 256 -37.34 -43.14 -11.98
C GLY C 256 -36.86 -42.16 -12.98
N GLU C 257 -36.64 -42.67 -14.20
CA GLU C 257 -36.20 -41.87 -15.32
C GLU C 257 -37.12 -40.72 -15.74
N ARG C 258 -36.50 -39.91 -16.67
CA ARG C 258 -37.11 -38.73 -17.11
C ARG C 258 -38.29 -39.08 -18.04
N GLY C 259 -38.95 -38.00 -18.48
CA GLY C 259 -40.06 -37.98 -19.35
C GLY C 259 -39.74 -38.22 -20.77
N ASN C 260 -39.62 -37.12 -21.58
CA ASN C 260 -39.35 -37.16 -22.98
C ASN C 260 -38.00 -37.79 -23.30
N GLU C 261 -37.03 -37.65 -22.43
CA GLU C 261 -35.65 -38.16 -22.55
C GLU C 261 -35.56 -39.68 -22.45
N MET C 262 -36.47 -40.33 -21.69
CA MET C 262 -36.64 -41.77 -21.56
C MET C 262 -37.32 -42.42 -22.76
N THR C 263 -37.78 -41.60 -23.74
CA THR C 263 -38.46 -42.13 -24.86
C THR C 263 -37.62 -41.90 -26.02
N ASP C 264 -36.84 -40.82 -26.08
CA ASP C 264 -35.92 -40.53 -27.15
C ASP C 264 -35.04 -41.78 -27.35
N VAL C 265 -34.53 -42.33 -26.23
CA VAL C 265 -33.70 -43.55 -26.15
C VAL C 265 -34.33 -44.84 -26.80
N LEU C 266 -35.55 -45.24 -26.40
CA LEU C 266 -36.34 -46.41 -26.84
C LEU C 266 -36.44 -46.38 -28.31
N VAL C 267 -36.74 -45.15 -28.86
CA VAL C 267 -37.15 -44.93 -30.24
C VAL C 267 -35.98 -44.95 -31.14
N GLU C 268 -34.82 -44.43 -30.65
CA GLU C 268 -33.56 -44.35 -31.37
C GLU C 268 -32.80 -45.68 -31.13
N PHE C 269 -33.32 -46.60 -30.20
CA PHE C 269 -32.69 -47.90 -29.77
C PHE C 269 -32.50 -48.84 -31.03
N PRO C 270 -33.48 -49.15 -31.80
CA PRO C 270 -33.24 -50.02 -32.96
C PRO C 270 -32.36 -49.36 -34.09
N GLU C 271 -32.19 -48.04 -34.04
CA GLU C 271 -31.53 -47.28 -35.11
C GLU C 271 -30.07 -47.03 -34.65
N LEU C 272 -29.72 -47.54 -33.50
CA LEU C 272 -28.39 -47.59 -32.99
C LEU C 272 -27.99 -48.93 -33.63
N THR C 273 -26.78 -49.10 -34.19
CA THR C 273 -26.48 -50.20 -34.96
C THR C 273 -25.22 -50.78 -34.37
N ASP C 274 -25.20 -52.13 -34.28
CA ASP C 274 -24.16 -52.97 -33.67
C ASP C 274 -23.38 -53.44 -34.93
N PRO C 275 -22.06 -53.62 -35.02
CA PRO C 275 -21.40 -54.11 -36.20
C PRO C 275 -21.36 -55.62 -36.37
N LYS C 276 -21.45 -56.40 -35.20
CA LYS C 276 -21.43 -57.81 -35.13
C LYS C 276 -22.76 -58.29 -35.70
N THR C 277 -23.87 -57.65 -35.22
CA THR C 277 -25.22 -58.00 -35.57
C THR C 277 -25.50 -57.27 -36.90
N GLY C 278 -24.87 -56.04 -37.12
CA GLY C 278 -24.88 -55.34 -38.46
C GLY C 278 -26.13 -54.61 -38.82
N GLY C 279 -27.04 -54.47 -37.86
CA GLY C 279 -28.31 -53.75 -38.02
C GLY C 279 -28.65 -53.46 -36.59
N PRO C 280 -29.94 -53.39 -36.33
CA PRO C 280 -30.59 -53.12 -35.03
C PRO C 280 -29.96 -53.74 -33.82
N LEU C 281 -29.56 -52.85 -32.89
CA LEU C 281 -28.99 -53.09 -31.58
C LEU C 281 -30.03 -53.78 -30.72
N MET C 282 -31.32 -53.40 -30.82
CA MET C 282 -32.50 -53.92 -30.09
C MET C 282 -32.58 -55.44 -30.16
N HIS C 283 -31.97 -56.08 -31.20
CA HIS C 283 -31.86 -57.52 -31.32
C HIS C 283 -31.19 -58.17 -30.12
N ARG C 284 -30.02 -57.67 -29.71
CA ARG C 284 -29.32 -58.23 -28.59
C ARG C 284 -29.40 -57.11 -27.50
N THR C 285 -30.65 -56.80 -27.14
CA THR C 285 -30.83 -55.89 -26.04
C THR C 285 -32.12 -56.38 -25.43
N VAL C 286 -32.06 -56.50 -24.12
CA VAL C 286 -33.22 -56.90 -23.22
C VAL C 286 -33.66 -55.69 -22.49
N LEU C 287 -34.97 -55.43 -22.44
CA LEU C 287 -35.51 -54.16 -21.88
C LEU C 287 -36.30 -54.69 -20.69
N ILE C 288 -36.27 -53.97 -19.56
CA ILE C 288 -36.96 -54.20 -18.35
C ILE C 288 -37.10 -52.87 -17.58
N ALA C 289 -36.78 -51.71 -18.26
CA ALA C 289 -36.79 -50.30 -17.77
C ALA C 289 -38.11 -49.84 -17.23
N ASN C 290 -38.03 -49.03 -16.18
CA ASN C 290 -39.13 -48.58 -15.35
C ASN C 290 -39.01 -47.13 -15.24
N THR C 291 -40.12 -46.34 -15.29
CA THR C 291 -40.18 -44.88 -15.22
C THR C 291 -41.18 -44.68 -14.16
N SER C 292 -41.52 -43.44 -13.75
CA SER C 292 -42.46 -43.15 -12.57
C SER C 292 -43.86 -42.96 -12.98
N ASN C 293 -44.10 -43.38 -14.29
CA ASN C 293 -45.39 -43.46 -14.84
C ASN C 293 -45.73 -44.96 -14.80
N MET C 294 -44.95 -45.71 -13.94
CA MET C 294 -45.27 -47.06 -13.67
C MET C 294 -45.52 -47.11 -12.19
N PRO C 295 -46.22 -48.11 -11.66
CA PRO C 295 -46.60 -48.27 -10.26
C PRO C 295 -45.59 -47.93 -9.19
N VAL C 296 -46.07 -47.73 -7.99
CA VAL C 296 -45.35 -47.43 -6.79
C VAL C 296 -44.09 -48.33 -6.69
N ALA C 297 -44.40 -49.67 -6.52
CA ALA C 297 -43.49 -50.69 -6.22
C ALA C 297 -42.72 -51.15 -7.40
N ALA C 298 -43.00 -50.62 -8.62
CA ALA C 298 -42.19 -50.81 -9.80
C ALA C 298 -40.71 -50.67 -9.53
N ARG C 299 -40.32 -49.40 -9.13
CA ARG C 299 -38.95 -49.03 -8.86
C ARG C 299 -38.43 -49.85 -7.74
N GLU C 300 -39.15 -50.31 -6.66
CA GLU C 300 -38.61 -51.08 -5.55
C GLU C 300 -38.32 -52.46 -5.95
N ALA C 301 -39.05 -53.06 -6.95
CA ALA C 301 -38.88 -54.43 -7.42
C ALA C 301 -37.79 -54.61 -8.49
N SER C 302 -37.61 -53.51 -9.26
CA SER C 302 -36.62 -53.32 -10.31
C SER C 302 -35.32 -54.12 -10.31
N ILE C 303 -34.33 -53.78 -9.41
CA ILE C 303 -33.00 -54.35 -9.32
C ILE C 303 -32.98 -55.87 -9.60
N TYR C 304 -33.25 -56.76 -8.51
CA TYR C 304 -33.29 -58.26 -8.43
C TYR C 304 -33.64 -59.01 -9.69
N VAL C 305 -34.67 -58.46 -10.42
CA VAL C 305 -35.18 -58.91 -11.66
C VAL C 305 -33.96 -59.02 -12.65
N GLY C 306 -33.60 -57.88 -13.25
CA GLY C 306 -32.50 -57.59 -14.06
C GLY C 306 -31.21 -58.35 -13.65
N VAL C 307 -30.81 -58.25 -12.37
CA VAL C 307 -29.68 -59.00 -11.78
C VAL C 307 -29.74 -60.48 -12.13
N THR C 308 -30.77 -61.25 -11.72
CA THR C 308 -31.03 -62.61 -12.14
C THR C 308 -30.83 -62.94 -13.57
N ILE C 309 -31.62 -62.26 -14.50
CA ILE C 309 -31.61 -62.43 -15.96
C ILE C 309 -30.19 -62.30 -16.48
N ALA C 310 -29.46 -61.26 -16.02
CA ALA C 310 -28.04 -61.18 -16.35
C ALA C 310 -27.16 -62.47 -16.10
N GLU C 311 -27.25 -63.12 -14.93
CA GLU C 311 -26.71 -64.38 -14.60
C GLU C 311 -27.06 -65.51 -15.59
N TYR C 312 -28.33 -65.54 -16.16
CA TYR C 312 -28.73 -66.47 -17.21
C TYR C 312 -27.75 -66.48 -18.35
N PHE C 313 -27.55 -65.20 -18.98
CA PHE C 313 -26.68 -64.95 -20.08
C PHE C 313 -25.31 -65.30 -19.75
N ARG C 314 -24.85 -64.93 -18.51
CA ARG C 314 -23.50 -65.15 -17.98
C ARG C 314 -23.18 -66.64 -18.23
N ASP C 315 -24.07 -67.52 -17.71
CA ASP C 315 -24.07 -68.99 -17.78
C ASP C 315 -23.85 -69.66 -19.17
N GLN C 316 -24.23 -68.92 -20.27
CA GLN C 316 -24.23 -69.41 -21.62
C GLN C 316 -22.91 -68.95 -22.24
N GLY C 317 -21.94 -68.37 -21.48
CA GLY C 317 -20.65 -67.72 -21.94
C GLY C 317 -20.83 -66.36 -22.54
N PHE C 318 -22.00 -65.76 -22.48
CA PHE C 318 -22.35 -64.39 -22.93
C PHE C 318 -22.16 -63.33 -21.79
N SER C 319 -21.32 -62.30 -22.09
CA SER C 319 -21.10 -61.07 -21.42
C SER C 319 -22.27 -60.19 -21.67
N VAL C 320 -22.74 -59.52 -20.60
CA VAL C 320 -23.91 -58.68 -20.64
C VAL C 320 -23.36 -57.33 -20.35
N ALA C 321 -24.17 -56.35 -20.58
CA ALA C 321 -23.81 -54.99 -20.49
C ALA C 321 -25.09 -54.39 -19.87
N LEU C 322 -25.10 -54.25 -18.53
CA LEU C 322 -26.12 -53.73 -17.67
C LEU C 322 -25.84 -52.31 -17.50
N MET C 323 -26.96 -51.52 -17.35
CA MET C 323 -26.85 -50.08 -17.12
C MET C 323 -27.85 -49.72 -16.02
N ALA C 324 -27.44 -49.75 -14.72
CA ALA C 324 -28.34 -49.47 -13.57
C ALA C 324 -28.47 -47.99 -13.39
N ASP C 325 -29.34 -47.44 -14.19
CA ASP C 325 -29.57 -45.99 -14.23
C ASP C 325 -30.49 -45.69 -13.08
N SER C 326 -30.35 -44.39 -12.64
CA SER C 326 -31.15 -43.71 -11.62
C SER C 326 -31.15 -44.48 -10.37
N THR C 327 -29.91 -44.75 -9.78
CA THR C 327 -29.77 -45.49 -8.55
C THR C 327 -30.34 -44.74 -7.41
N SER C 328 -30.06 -43.46 -7.33
CA SER C 328 -30.56 -42.52 -6.35
C SER C 328 -32.02 -42.50 -6.12
N ARG C 329 -32.69 -42.66 -7.25
CA ARG C 329 -34.07 -42.55 -7.36
C ARG C 329 -34.79 -43.81 -7.04
N TRP C 330 -34.12 -45.01 -7.24
CA TRP C 330 -34.64 -46.32 -6.73
C TRP C 330 -35.25 -46.35 -5.42
N ALA C 331 -34.47 -45.82 -4.43
CA ALA C 331 -34.75 -45.70 -2.98
C ALA C 331 -36.03 -44.88 -2.78
N GLU C 332 -36.52 -43.97 -3.64
CA GLU C 332 -37.72 -43.18 -3.48
C GLU C 332 -38.86 -44.11 -3.00
N ALA C 333 -39.00 -45.15 -3.79
CA ALA C 333 -40.02 -46.15 -3.54
C ALA C 333 -39.92 -46.87 -2.26
N LEU C 334 -38.64 -47.30 -1.97
CA LEU C 334 -38.33 -48.11 -0.79
C LEU C 334 -38.77 -47.37 0.43
N ARG C 335 -38.41 -46.03 0.47
CA ARG C 335 -38.66 -45.05 1.55
C ARG C 335 -40.16 -44.99 1.82
N GLU C 336 -40.91 -44.77 0.76
CA GLU C 336 -42.38 -44.63 0.76
C GLU C 336 -43.06 -45.81 1.42
N ILE C 337 -42.66 -47.03 0.96
CA ILE C 337 -43.14 -48.31 1.48
C ILE C 337 -42.81 -48.43 2.93
N SER C 338 -41.56 -48.20 3.37
CA SER C 338 -41.00 -48.33 4.71
C SER C 338 -41.54 -47.37 5.73
N SER C 339 -42.21 -46.20 5.30
CA SER C 339 -42.82 -45.19 6.13
C SER C 339 -43.89 -45.85 6.90
N ARG C 340 -44.81 -46.32 6.14
CA ARG C 340 -46.00 -47.11 6.45
C ARG C 340 -45.66 -48.38 7.28
N LEU C 341 -44.40 -48.68 7.68
CA LEU C 341 -43.94 -49.84 8.35
C LEU C 341 -43.05 -49.38 9.54
N GLU C 342 -42.47 -50.45 10.20
CA GLU C 342 -41.61 -50.37 11.34
C GLU C 342 -40.15 -50.15 10.91
N GLU C 343 -39.87 -50.29 9.65
CA GLU C 343 -38.62 -50.17 8.98
C GLU C 343 -38.25 -48.76 8.47
N MET C 344 -38.99 -47.79 9.15
CA MET C 344 -38.92 -46.36 8.97
C MET C 344 -37.49 -45.90 8.54
N PRO C 345 -37.34 -44.79 7.80
CA PRO C 345 -36.04 -44.14 7.53
C PRO C 345 -35.33 -43.82 8.82
N ALA C 346 -33.99 -44.08 8.92
CA ALA C 346 -33.31 -43.85 10.19
C ALA C 346 -31.90 -43.52 9.94
N GLU C 347 -31.44 -43.44 8.63
CA GLU C 347 -30.04 -43.25 8.33
C GLU C 347 -29.74 -41.79 8.31
N GLU C 348 -29.92 -41.24 7.10
CA GLU C 348 -29.82 -39.84 6.75
C GLU C 348 -30.87 -39.65 5.71
N GLY C 349 -32.09 -39.78 6.14
CA GLY C 349 -33.34 -39.46 5.43
C GLY C 349 -33.79 -40.59 4.51
N TYR C 350 -33.11 -41.77 4.67
CA TYR C 350 -33.43 -42.91 3.81
C TYR C 350 -33.26 -44.14 4.63
N PRO C 351 -33.72 -45.37 4.17
CA PRO C 351 -33.62 -46.63 4.96
C PRO C 351 -32.31 -47.04 5.43
N PRO C 352 -32.12 -47.86 6.51
CA PRO C 352 -30.71 -48.29 6.86
C PRO C 352 -30.55 -49.55 6.18
N TYR C 353 -31.65 -50.10 5.51
CA TYR C 353 -31.67 -51.33 4.71
C TYR C 353 -31.37 -51.05 3.22
N LEU C 354 -31.14 -49.71 3.01
CA LEU C 354 -30.72 -49.12 1.78
C LEU C 354 -29.34 -49.65 1.58
N ALA C 355 -28.62 -49.69 2.70
CA ALA C 355 -27.20 -49.95 2.72
C ALA C 355 -26.97 -51.39 2.26
N ALA C 356 -27.84 -52.36 2.73
CA ALA C 356 -27.68 -53.75 2.45
C ALA C 356 -27.95 -54.05 0.98
N ARG C 357 -29.06 -53.69 0.48
CA ARG C 357 -29.44 -54.02 -0.89
C ARG C 357 -28.65 -53.24 -1.87
N LEU C 358 -28.06 -52.05 -1.60
CA LEU C 358 -27.14 -51.30 -2.53
C LEU C 358 -25.85 -51.98 -2.73
N ALA C 359 -25.20 -52.40 -1.61
CA ALA C 359 -23.95 -53.15 -1.50
C ALA C 359 -24.08 -54.45 -2.41
N ALA C 360 -24.90 -55.40 -1.94
CA ALA C 360 -25.19 -56.77 -2.45
C ALA C 360 -25.36 -56.77 -3.95
N PHE C 361 -25.91 -55.66 -4.50
CA PHE C 361 -26.16 -55.40 -5.91
C PHE C 361 -24.92 -55.51 -6.72
N TYR C 362 -23.73 -55.21 -6.12
CA TYR C 362 -22.45 -55.15 -6.79
C TYR C 362 -21.60 -56.45 -6.53
N GLU C 363 -22.03 -57.23 -5.49
CA GLU C 363 -21.34 -58.32 -4.96
C GLU C 363 -21.86 -59.59 -5.67
N ARG C 364 -22.77 -59.45 -6.58
CA ARG C 364 -23.38 -60.49 -7.33
C ARG C 364 -23.04 -60.28 -8.78
N ALA C 365 -22.19 -59.26 -9.05
CA ALA C 365 -21.99 -58.87 -10.42
C ALA C 365 -20.50 -58.79 -10.53
N GLY C 366 -19.96 -59.53 -11.55
CA GLY C 366 -18.61 -59.45 -11.93
C GLY C 366 -18.32 -60.41 -13.06
N LYS C 367 -17.02 -60.79 -13.29
CA LYS C 367 -16.57 -61.94 -14.18
C LYS C 367 -16.37 -62.94 -13.14
N VAL C 368 -16.87 -64.19 -13.50
CA VAL C 368 -16.73 -65.32 -12.62
C VAL C 368 -16.84 -66.53 -13.58
N ILE C 369 -16.66 -67.75 -13.00
CA ILE C 369 -16.79 -69.03 -13.68
C ILE C 369 -17.85 -69.77 -12.94
N THR C 370 -19.06 -69.90 -13.61
CA THR C 370 -20.29 -70.51 -13.17
C THR C 370 -20.13 -71.97 -12.99
N LEU C 371 -21.30 -72.67 -12.59
CA LEU C 371 -21.24 -74.09 -12.34
C LEU C 371 -21.07 -74.82 -13.68
N GLY C 372 -21.61 -74.40 -14.86
CA GLY C 372 -21.39 -75.08 -16.09
C GLY C 372 -20.04 -74.85 -16.82
N GLY C 373 -19.21 -74.05 -16.10
CA GLY C 373 -17.86 -73.70 -16.48
C GLY C 373 -17.66 -72.67 -17.53
N GLU C 374 -18.81 -71.91 -17.89
CA GLU C 374 -18.80 -70.81 -18.86
C GLU C 374 -18.69 -69.57 -18.14
N GLU C 375 -18.03 -68.61 -18.74
CA GLU C 375 -17.65 -67.33 -18.18
C GLU C 375 -18.28 -66.25 -18.98
N GLY C 376 -18.96 -65.28 -18.25
CA GLY C 376 -19.54 -64.11 -18.77
C GLY C 376 -19.06 -62.97 -17.97
N ALA C 377 -19.63 -61.70 -18.15
CA ALA C 377 -19.21 -60.55 -17.42
C ALA C 377 -20.48 -59.66 -17.24
N VAL C 378 -20.54 -59.07 -16.04
CA VAL C 378 -21.81 -58.42 -15.57
C VAL C 378 -21.57 -57.00 -15.12
N THR C 379 -20.97 -56.26 -16.07
CA THR C 379 -20.50 -54.88 -15.93
C THR C 379 -21.77 -54.00 -15.76
N ILE C 380 -21.69 -53.04 -14.75
CA ILE C 380 -22.66 -52.11 -14.26
C ILE C 380 -22.04 -50.75 -14.58
N VAL C 381 -22.91 -49.81 -15.11
CA VAL C 381 -22.54 -48.39 -15.14
C VAL C 381 -23.66 -47.67 -14.37
N GLY C 382 -23.12 -47.09 -13.27
CA GLY C 382 -23.81 -46.51 -12.20
C GLY C 382 -24.24 -45.08 -12.36
N ALA C 383 -25.34 -44.75 -13.05
CA ALA C 383 -25.87 -43.43 -13.03
C ALA C 383 -26.66 -43.29 -11.74
N VAL C 384 -26.12 -42.43 -10.80
CA VAL C 384 -26.67 -42.31 -9.49
C VAL C 384 -27.70 -41.20 -9.55
N SER C 385 -27.32 -40.02 -10.04
CA SER C 385 -28.16 -38.84 -10.29
C SER C 385 -28.47 -38.26 -9.00
N PRO C 386 -27.50 -37.79 -8.16
CA PRO C 386 -27.82 -37.11 -6.85
C PRO C 386 -28.38 -35.69 -7.14
N PRO C 387 -29.08 -34.95 -6.25
CA PRO C 387 -29.64 -33.62 -6.52
C PRO C 387 -28.64 -32.55 -6.54
N GLY C 388 -27.49 -32.55 -5.81
CA GLY C 388 -26.48 -31.51 -5.94
C GLY C 388 -25.27 -31.91 -6.59
N GLY C 389 -24.84 -33.09 -6.10
CA GLY C 389 -23.54 -33.61 -6.45
C GLY C 389 -22.95 -34.00 -5.10
N ASP C 390 -23.76 -33.82 -3.96
CA ASP C 390 -23.38 -34.00 -2.62
C ASP C 390 -22.98 -35.43 -2.26
N MET C 391 -22.19 -35.67 -1.16
CA MET C 391 -21.65 -36.95 -0.65
C MET C 391 -22.39 -37.27 0.72
N SER C 392 -23.01 -36.29 1.36
CA SER C 392 -23.73 -36.35 2.61
C SER C 392 -25.07 -37.00 2.36
N GLU C 393 -25.38 -37.46 1.09
CA GLU C 393 -26.58 -38.25 0.83
C GLU C 393 -26.05 -39.64 0.92
N PRO C 394 -26.79 -40.70 1.46
CA PRO C 394 -26.45 -42.08 1.61
C PRO C 394 -25.85 -42.63 0.35
N VAL C 395 -26.69 -42.87 -0.73
CA VAL C 395 -26.38 -43.44 -2.11
C VAL C 395 -24.95 -43.15 -2.53
N THR C 396 -24.41 -41.90 -2.44
CA THR C 396 -23.10 -41.61 -2.96
C THR C 396 -22.01 -42.17 -2.03
N GLN C 397 -21.79 -41.61 -0.83
CA GLN C 397 -20.76 -42.07 0.13
C GLN C 397 -20.69 -43.57 0.46
N SER C 398 -21.70 -44.40 0.01
CA SER C 398 -21.67 -45.87 0.08
C SER C 398 -21.05 -46.48 -1.16
N THR C 399 -21.65 -46.14 -2.36
CA THR C 399 -21.12 -46.54 -3.68
C THR C 399 -19.64 -46.26 -3.79
N LEU C 400 -19.25 -45.00 -3.40
CA LEU C 400 -17.91 -44.46 -3.43
C LEU C 400 -16.74 -45.38 -3.03
N ARG C 401 -16.93 -46.26 -2.05
CA ARG C 401 -15.89 -47.23 -1.68
C ARG C 401 -16.12 -48.52 -2.32
N ILE C 402 -17.42 -48.96 -2.40
CA ILE C 402 -17.84 -50.25 -2.83
C ILE C 402 -17.52 -50.54 -4.28
N VAL C 403 -17.91 -49.59 -5.12
CA VAL C 403 -17.55 -49.55 -6.48
C VAL C 403 -16.35 -48.68 -6.62
N GLY C 404 -15.35 -49.21 -7.47
CA GLY C 404 -14.05 -48.56 -7.38
C GLY C 404 -13.88 -47.54 -8.42
N ALA C 405 -14.79 -47.16 -9.32
CA ALA C 405 -14.50 -46.13 -10.30
C ALA C 405 -15.65 -45.05 -10.48
N PHE C 406 -15.20 -43.81 -10.68
CA PHE C 406 -16.12 -42.66 -10.79
C PHE C 406 -15.70 -41.94 -12.04
N TRP C 407 -16.63 -41.75 -13.02
CA TRP C 407 -16.36 -41.19 -14.37
C TRP C 407 -17.07 -39.79 -14.58
N ARG C 408 -16.60 -38.63 -13.92
CA ARG C 408 -17.20 -37.35 -14.05
C ARG C 408 -16.92 -36.77 -15.42
N LEU C 409 -17.98 -36.26 -16.06
CA LEU C 409 -17.83 -35.54 -17.38
C LEU C 409 -18.10 -34.10 -16.97
N ASP C 410 -17.34 -33.17 -17.48
CA ASP C 410 -17.61 -31.74 -17.33
C ASP C 410 -18.37 -31.07 -18.48
N ALA C 411 -19.27 -30.07 -18.20
CA ALA C 411 -20.06 -29.34 -19.07
C ALA C 411 -19.30 -28.50 -20.07
N SER C 412 -18.14 -27.97 -19.62
CA SER C 412 -17.27 -27.13 -20.45
C SER C 412 -16.58 -27.97 -21.56
N LEU C 413 -15.81 -29.05 -21.16
CA LEU C 413 -15.17 -30.17 -21.83
C LEU C 413 -16.08 -30.79 -22.92
N ALA C 414 -17.41 -30.53 -22.72
CA ALA C 414 -18.45 -31.09 -23.61
C ALA C 414 -18.86 -30.17 -24.73
N PHE C 415 -19.13 -28.95 -24.35
CA PHE C 415 -19.63 -27.92 -25.23
C PHE C 415 -18.88 -27.55 -26.50
N ARG C 416 -17.53 -27.90 -26.61
CA ARG C 416 -16.69 -27.63 -27.81
C ARG C 416 -16.68 -28.58 -28.97
N ARG C 417 -17.19 -29.82 -28.74
CA ARG C 417 -17.55 -30.85 -29.71
C ARG C 417 -16.39 -31.85 -29.99
N HIS C 418 -15.71 -32.24 -28.90
CA HIS C 418 -14.55 -33.07 -28.85
C HIS C 418 -14.91 -34.09 -27.75
N PHE C 419 -15.13 -35.31 -28.16
CA PHE C 419 -15.66 -36.29 -27.25
C PHE C 419 -14.62 -37.31 -27.11
N PRO C 420 -14.38 -37.98 -25.96
CA PRO C 420 -15.12 -37.80 -24.64
C PRO C 420 -14.81 -36.54 -23.90
N ALA C 421 -15.71 -36.25 -22.94
CA ALA C 421 -15.64 -34.93 -22.30
C ALA C 421 -15.25 -35.09 -20.88
N ILE C 422 -14.68 -36.25 -20.53
CA ILE C 422 -14.27 -36.77 -19.21
C ILE C 422 -13.23 -35.88 -18.61
N ASN C 423 -13.63 -35.32 -17.45
CA ASN C 423 -12.84 -34.47 -16.58
C ASN C 423 -11.94 -35.30 -15.69
N TRP C 424 -10.63 -35.31 -15.87
CA TRP C 424 -9.75 -36.31 -15.34
C TRP C 424 -9.50 -36.18 -13.87
N ASN C 425 -9.16 -34.97 -13.30
CA ASN C 425 -9.03 -34.64 -11.91
C ASN C 425 -10.27 -35.04 -11.09
N GLY C 426 -11.41 -35.30 -11.73
CA GLY C 426 -12.67 -35.64 -11.06
C GLY C 426 -13.09 -37.07 -11.49
N SER C 427 -12.11 -37.88 -12.04
CA SER C 427 -12.41 -39.23 -12.34
C SER C 427 -11.34 -40.01 -11.72
N TYR C 428 -11.61 -41.32 -11.41
CA TYR C 428 -10.60 -42.19 -10.91
C TYR C 428 -11.08 -43.60 -11.09
N SER C 429 -10.16 -44.61 -11.00
CA SER C 429 -10.49 -46.03 -11.18
C SER C 429 -9.35 -46.63 -10.37
N LEU C 430 -9.77 -47.22 -9.23
CA LEU C 430 -8.88 -47.89 -8.38
C LEU C 430 -8.65 -49.32 -8.90
N PHE C 431 -9.43 -49.76 -9.88
CA PHE C 431 -9.32 -51.05 -10.61
C PHE C 431 -7.90 -51.17 -11.26
N THR C 432 -7.49 -50.10 -12.08
CA THR C 432 -6.22 -50.03 -12.85
C THR C 432 -5.01 -50.77 -12.21
N SER C 433 -4.71 -50.63 -10.94
CA SER C 433 -3.64 -51.34 -10.18
C SER C 433 -3.48 -52.82 -10.50
N ALA C 434 -4.51 -53.60 -10.23
CA ALA C 434 -4.55 -54.99 -10.39
C ALA C 434 -4.74 -55.48 -11.76
N LEU C 435 -5.17 -54.55 -12.65
CA LEU C 435 -5.29 -54.92 -14.06
C LEU C 435 -4.01 -54.74 -14.84
N ASP C 436 -3.03 -53.97 -14.30
CA ASP C 436 -1.74 -53.68 -15.07
C ASP C 436 -1.09 -54.96 -15.48
N PRO C 437 -0.90 -56.09 -14.69
CA PRO C 437 -0.50 -57.39 -15.18
C PRO C 437 -1.23 -57.84 -16.48
N TRP C 438 -2.58 -57.98 -16.45
CA TRP C 438 -3.42 -58.53 -17.44
C TRP C 438 -3.62 -57.74 -18.73
N TYR C 439 -3.58 -56.42 -18.64
CA TYR C 439 -3.33 -55.42 -19.73
C TYR C 439 -2.14 -55.74 -20.56
N ARG C 440 -0.91 -55.75 -19.93
CA ARG C 440 0.24 -55.93 -20.81
C ARG C 440 0.35 -57.35 -21.33
N GLU C 441 -0.13 -58.31 -20.63
CA GLU C 441 -0.11 -59.71 -20.98
C GLU C 441 -0.79 -60.02 -22.23
N ASN C 442 -2.08 -59.63 -22.28
CA ASN C 442 -2.88 -59.93 -23.49
C ASN C 442 -2.79 -58.82 -24.55
N VAL C 443 -3.00 -57.53 -24.21
CA VAL C 443 -2.98 -56.45 -25.17
C VAL C 443 -1.61 -56.20 -25.80
N ALA C 444 -0.76 -55.31 -25.23
CA ALA C 444 0.50 -55.06 -25.93
C ALA C 444 1.39 -54.72 -24.76
N GLU C 445 2.67 -55.01 -25.04
CA GLU C 445 3.75 -55.05 -24.03
C GLU C 445 4.07 -53.72 -23.40
N ASP C 446 4.11 -52.73 -24.29
CA ASP C 446 4.35 -51.32 -23.90
C ASP C 446 3.03 -50.52 -23.65
N TYR C 447 1.88 -51.18 -23.65
CA TYR C 447 0.52 -50.57 -23.52
C TYR C 447 0.43 -49.79 -22.19
N PRO C 448 0.62 -50.39 -20.98
CA PRO C 448 0.68 -49.65 -19.71
C PRO C 448 1.64 -48.49 -19.56
N GLU C 449 2.89 -48.78 -20.03
CA GLU C 449 3.96 -47.81 -20.25
C GLU C 449 3.57 -46.55 -20.94
N LEU C 450 2.56 -46.60 -21.87
CA LEU C 450 2.05 -45.44 -22.62
C LEU C 450 1.15 -44.68 -21.77
N ARG C 451 0.06 -45.35 -21.22
CA ARG C 451 -0.97 -44.62 -20.48
C ARG C 451 -0.51 -43.75 -19.30
N ASP C 452 0.22 -44.42 -18.38
CA ASP C 452 0.64 -43.77 -17.17
C ASP C 452 1.51 -42.53 -17.44
N ALA C 453 2.41 -42.72 -18.44
CA ALA C 453 3.43 -41.74 -18.86
C ALA C 453 2.90 -40.51 -19.46
N ILE C 454 1.93 -40.80 -20.40
CA ILE C 454 1.36 -39.72 -21.20
C ILE C 454 0.46 -38.83 -20.45
N SER C 455 -0.31 -39.27 -19.45
CA SER C 455 -1.21 -38.53 -18.61
C SER C 455 -0.54 -37.23 -18.02
N GLU C 456 0.81 -37.15 -17.91
CA GLU C 456 1.57 -36.03 -17.30
C GLU C 456 1.36 -34.76 -18.14
N LEU C 457 0.99 -34.92 -19.44
CA LEU C 457 0.65 -33.88 -20.40
C LEU C 457 -0.43 -33.02 -19.80
N LEU C 458 -1.62 -33.60 -19.50
CA LEU C 458 -2.77 -32.91 -18.96
C LEU C 458 -2.43 -32.21 -17.68
N GLN C 459 -1.73 -32.90 -16.70
CA GLN C 459 -1.30 -32.33 -15.44
C GLN C 459 -0.49 -31.06 -15.59
N ARG C 460 0.58 -31.04 -16.45
CA ARG C 460 1.37 -29.79 -16.67
C ARG C 460 0.75 -28.89 -17.66
N GLU C 461 -0.48 -29.11 -18.11
CA GLU C 461 -1.15 -28.26 -19.05
C GLU C 461 -2.22 -27.55 -18.33
N ALA C 462 -2.98 -28.29 -17.42
CA ALA C 462 -4.03 -27.79 -16.44
C ALA C 462 -3.56 -26.52 -15.71
N GLY C 463 -2.35 -26.52 -15.02
CA GLY C 463 -1.87 -25.43 -14.27
C GLY C 463 -1.05 -24.49 -15.20
N LEU C 464 -0.94 -24.71 -16.53
CA LEU C 464 -0.15 -23.94 -17.48
C LEU C 464 -1.08 -22.96 -18.17
N GLN C 465 -2.25 -23.41 -18.71
CA GLN C 465 -3.24 -22.60 -19.34
C GLN C 465 -3.70 -21.44 -18.46
N GLU C 466 -4.20 -21.75 -17.28
CA GLU C 466 -4.66 -20.84 -16.26
C GLU C 466 -4.46 -19.32 -16.39
N ILE C 467 -3.22 -18.84 -15.94
CA ILE C 467 -2.80 -17.50 -16.12
C ILE C 467 -1.29 -17.53 -16.07
N VAL C 468 -0.70 -18.47 -16.79
CA VAL C 468 0.76 -18.44 -16.84
C VAL C 468 1.20 -18.29 -18.27
N GLN C 469 0.36 -18.66 -19.24
CA GLN C 469 0.49 -18.41 -20.65
C GLN C 469 -0.43 -17.45 -21.15
N LEU C 470 -0.94 -16.54 -20.25
CA LEU C 470 -1.71 -15.37 -20.49
C LEU C 470 -0.98 -14.42 -21.54
N VAL C 471 0.36 -14.40 -21.50
CA VAL C 471 1.18 -13.47 -22.22
C VAL C 471 1.64 -14.09 -23.48
N GLY C 472 1.15 -15.27 -23.89
CA GLY C 472 1.48 -16.03 -25.08
C GLY C 472 2.69 -16.97 -24.68
N PRO C 473 2.88 -18.14 -25.34
CA PRO C 473 3.78 -19.14 -24.99
C PRO C 473 5.15 -18.77 -25.46
N ASP C 474 5.25 -17.74 -26.32
CA ASP C 474 6.45 -17.33 -26.97
C ASP C 474 7.34 -16.53 -26.02
N ALA C 475 6.68 -15.98 -24.91
CA ALA C 475 7.41 -15.17 -23.96
C ALA C 475 7.85 -16.06 -22.76
N LEU C 476 7.60 -17.41 -22.84
CA LEU C 476 7.96 -18.40 -21.82
C LEU C 476 9.11 -19.18 -22.36
N GLN C 477 9.80 -19.96 -21.46
CA GLN C 477 10.83 -20.95 -21.70
C GLN C 477 10.39 -21.95 -22.71
N ASP C 478 11.38 -22.51 -23.47
CA ASP C 478 11.33 -23.54 -24.49
C ASP C 478 10.99 -24.98 -23.95
N ALA C 479 11.04 -25.10 -22.60
CA ALA C 479 10.61 -26.30 -21.95
C ALA C 479 9.15 -26.21 -21.48
N GLU C 480 8.62 -24.95 -21.38
CA GLU C 480 7.29 -24.75 -21.01
C GLU C 480 6.40 -24.55 -22.30
N ARG C 481 7.05 -24.27 -23.40
CA ARG C 481 6.43 -24.26 -24.74
C ARG C 481 6.02 -25.65 -25.18
N LEU C 482 7.02 -26.57 -24.97
CA LEU C 482 7.08 -28.00 -25.41
C LEU C 482 5.70 -28.65 -25.09
N VAL C 483 5.10 -28.25 -23.96
CA VAL C 483 3.88 -28.78 -23.43
C VAL C 483 2.68 -28.61 -24.40
N ILE C 484 2.54 -27.47 -25.16
CA ILE C 484 1.50 -27.18 -26.13
C ILE C 484 1.83 -27.62 -27.53
N GLU C 485 3.13 -27.87 -27.81
CA GLU C 485 3.53 -28.40 -29.09
C GLU C 485 2.98 -29.83 -29.30
N VAL C 486 3.17 -30.73 -28.22
CA VAL C 486 2.68 -32.10 -28.02
C VAL C 486 1.16 -31.91 -27.83
N GLY C 487 0.72 -30.82 -27.06
CA GLY C 487 -0.65 -30.47 -26.75
C GLY C 487 -1.54 -30.51 -27.94
N ARG C 488 -1.18 -30.08 -29.15
CA ARG C 488 -1.92 -30.13 -30.37
C ARG C 488 -2.38 -31.55 -30.73
N ILE C 489 -1.46 -32.52 -30.73
CA ILE C 489 -1.72 -33.85 -31.13
C ILE C 489 -2.62 -34.57 -30.20
N ILE C 490 -2.41 -34.37 -28.83
CA ILE C 490 -3.33 -34.87 -27.82
C ILE C 490 -4.76 -34.34 -27.87
N ARG C 491 -4.96 -33.11 -28.43
CA ARG C 491 -6.27 -32.49 -28.36
C ARG C 491 -6.99 -32.53 -29.67
N GLU C 492 -6.30 -32.76 -30.79
CA GLU C 492 -6.98 -32.79 -32.14
C GLU C 492 -7.01 -34.17 -32.62
N ASP C 493 -6.26 -35.13 -31.96
CA ASP C 493 -6.12 -36.48 -32.48
C ASP C 493 -6.82 -37.45 -31.44
N PHE C 494 -6.19 -37.49 -30.13
CA PHE C 494 -6.44 -38.40 -29.07
C PHE C 494 -7.49 -37.95 -28.09
N LEU C 495 -8.33 -37.01 -28.49
CA LEU C 495 -9.41 -36.65 -27.54
C LEU C 495 -10.53 -36.17 -28.48
N GLN C 496 -10.29 -35.90 -29.78
CA GLN C 496 -11.35 -35.44 -30.65
C GLN C 496 -11.90 -36.67 -31.32
N GLN C 497 -13.28 -36.77 -31.38
CA GLN C 497 -14.08 -37.85 -31.86
C GLN C 497 -15.44 -37.32 -32.12
N ASN C 498 -16.38 -38.01 -32.87
CA ASN C 498 -17.64 -37.46 -33.24
C ASN C 498 -18.60 -38.68 -33.04
N ALA C 499 -19.85 -38.37 -32.59
CA ALA C 499 -20.92 -39.31 -32.35
C ALA C 499 -21.86 -39.08 -33.49
N TYR C 500 -21.36 -38.45 -34.59
CA TYR C 500 -22.14 -38.04 -35.72
C TYR C 500 -21.52 -38.70 -36.87
N HIS C 501 -20.26 -39.18 -36.73
CA HIS C 501 -19.44 -39.77 -37.73
C HIS C 501 -19.20 -41.08 -37.14
N GLU C 502 -19.42 -42.20 -37.90
CA GLU C 502 -19.40 -43.59 -37.41
C GLU C 502 -18.18 -44.32 -37.79
N VAL C 503 -17.20 -43.63 -38.48
CA VAL C 503 -15.96 -44.11 -39.05
C VAL C 503 -14.84 -43.67 -38.11
N ASP C 504 -15.21 -42.88 -37.04
CA ASP C 504 -14.23 -42.49 -36.14
C ASP C 504 -14.59 -42.94 -34.74
N ALA C 505 -15.89 -43.12 -34.52
CA ALA C 505 -16.44 -43.53 -33.27
C ALA C 505 -16.24 -45.05 -33.06
N TYR C 506 -16.05 -45.78 -34.17
CA TYR C 506 -15.73 -47.20 -34.08
C TYR C 506 -14.23 -47.09 -33.79
N CYS C 507 -13.87 -47.64 -32.62
CA CYS C 507 -12.49 -47.62 -32.22
C CYS C 507 -12.32 -48.97 -31.67
N SER C 508 -11.01 -49.41 -31.49
CA SER C 508 -10.62 -50.67 -30.94
C SER C 508 -9.16 -50.42 -30.51
N MET C 509 -8.58 -51.42 -29.81
CA MET C 509 -7.27 -51.56 -29.16
C MET C 509 -6.25 -51.03 -30.08
N LYS C 510 -5.94 -51.72 -31.24
CA LYS C 510 -5.03 -51.32 -32.27
C LYS C 510 -5.01 -49.96 -32.82
N LYS C 511 -6.13 -49.18 -32.70
CA LYS C 511 -6.19 -47.85 -33.23
C LYS C 511 -5.82 -46.90 -32.22
N ALA C 512 -6.51 -46.92 -31.05
CA ALA C 512 -6.16 -46.15 -29.89
C ALA C 512 -4.71 -46.30 -29.38
N TYR C 513 -4.09 -47.52 -29.32
CA TYR C 513 -2.80 -47.86 -29.00
C TYR C 513 -1.74 -47.16 -29.85
N GLY C 514 -1.87 -47.13 -31.22
CA GLY C 514 -0.93 -46.42 -32.04
C GLY C 514 -1.01 -44.91 -31.81
N ILE C 515 -2.25 -44.34 -31.75
CA ILE C 515 -2.42 -42.86 -31.45
C ILE C 515 -1.70 -42.41 -30.26
N MET C 516 -1.99 -42.94 -28.99
CA MET C 516 -1.17 -42.72 -27.79
C MET C 516 0.29 -42.95 -27.96
N LYS C 517 0.71 -44.00 -28.74
CA LYS C 517 2.07 -44.30 -29.07
C LYS C 517 2.84 -43.23 -29.80
N MET C 518 2.34 -42.76 -31.00
CA MET C 518 2.86 -41.63 -31.73
C MET C 518 3.15 -40.33 -30.93
N ILE C 519 2.39 -40.05 -29.81
CA ILE C 519 2.46 -38.84 -29.10
C ILE C 519 3.67 -39.00 -28.09
N LEU C 520 4.12 -40.26 -27.85
CA LEU C 520 5.30 -40.53 -27.05
C LEU C 520 6.49 -40.26 -27.91
N ALA C 521 6.53 -40.89 -29.13
CA ALA C 521 7.55 -40.77 -30.16
C ALA C 521 7.65 -39.30 -30.75
N PHE C 522 6.66 -38.39 -30.52
CA PHE C 522 6.61 -37.01 -30.92
C PHE C 522 7.04 -36.14 -29.81
N TYR C 523 7.12 -36.64 -28.55
CA TYR C 523 7.63 -35.91 -27.43
C TYR C 523 9.06 -36.18 -27.35
N LYS C 524 9.43 -37.42 -27.60
CA LYS C 524 10.83 -37.80 -27.76
C LYS C 524 11.60 -37.04 -28.88
N GLU C 525 10.88 -36.51 -29.87
CA GLU C 525 11.45 -35.81 -30.97
C GLU C 525 11.27 -34.32 -30.77
N ALA C 526 10.29 -33.75 -30.05
CA ALA C 526 10.03 -32.43 -29.65
C ALA C 526 11.04 -31.94 -28.72
N GLU C 527 11.36 -32.84 -27.75
CA GLU C 527 12.26 -32.42 -26.76
C GLU C 527 13.65 -32.48 -27.33
N ALA C 528 13.94 -33.28 -28.42
CA ALA C 528 15.23 -33.27 -29.07
C ALA C 528 15.36 -32.13 -30.00
N ALA C 529 14.17 -31.57 -30.36
CA ALA C 529 14.10 -30.35 -31.16
C ALA C 529 14.52 -29.17 -30.38
N ILE C 530 14.02 -28.98 -29.14
CA ILE C 530 14.45 -27.84 -28.38
C ILE C 530 15.84 -27.91 -27.83
N LYS C 531 16.48 -29.12 -27.81
CA LYS C 531 17.85 -29.35 -27.36
C LYS C 531 18.81 -29.02 -28.49
N ARG C 532 18.26 -28.86 -29.67
CA ARG C 532 19.06 -28.47 -30.89
C ARG C 532 18.72 -27.06 -31.31
N GLY C 533 17.62 -26.43 -30.76
CA GLY C 533 17.12 -25.09 -30.93
C GLY C 533 16.34 -24.95 -32.17
N VAL C 534 15.46 -25.98 -32.50
CA VAL C 534 14.62 -26.07 -33.69
C VAL C 534 13.47 -25.16 -33.35
N SER C 535 13.09 -24.37 -34.38
CA SER C 535 12.02 -23.34 -34.24
C SER C 535 10.70 -23.95 -34.02
N ILE C 536 9.85 -23.29 -33.16
CA ILE C 536 8.47 -23.64 -32.94
C ILE C 536 7.56 -23.06 -34.04
N ASP C 537 8.04 -22.52 -35.14
CA ASP C 537 7.20 -22.18 -36.24
C ASP C 537 7.08 -23.39 -37.13
N GLU C 538 8.21 -23.99 -37.56
CA GLU C 538 8.17 -25.10 -38.51
C GLU C 538 7.67 -26.44 -37.83
N ILE C 539 8.06 -26.89 -36.55
CA ILE C 539 7.46 -28.06 -35.87
C ILE C 539 5.92 -27.99 -35.83
N LEU C 540 5.29 -26.81 -35.53
CA LEU C 540 3.80 -26.70 -35.66
C LEU C 540 3.31 -26.73 -37.06
N GLN C 541 4.06 -26.97 -38.14
CA GLN C 541 3.55 -26.93 -39.50
C GLN C 541 3.99 -28.22 -40.23
N LEU C 542 4.61 -29.20 -39.55
CA LEU C 542 5.00 -30.45 -40.05
C LEU C 542 3.84 -31.19 -40.66
N PRO C 543 4.15 -32.03 -41.70
CA PRO C 543 3.17 -32.94 -42.29
C PRO C 543 2.74 -34.06 -41.33
N VAL C 544 3.55 -34.29 -40.31
CA VAL C 544 3.52 -35.29 -39.30
C VAL C 544 2.22 -35.22 -38.51
N LEU C 545 1.82 -33.97 -38.19
CA LEU C 545 0.61 -33.76 -37.41
C LEU C 545 -0.57 -34.16 -38.18
N GLU C 546 -0.64 -33.84 -39.56
CA GLU C 546 -1.68 -34.14 -40.46
C GLU C 546 -1.82 -35.60 -40.72
N ARG C 547 -0.68 -36.32 -40.65
CA ARG C 547 -0.61 -37.76 -40.84
C ARG C 547 -1.28 -38.45 -39.71
N ILE C 548 -1.46 -37.83 -38.51
CA ILE C 548 -2.17 -38.47 -37.42
C ILE C 548 -3.64 -38.33 -37.77
N GLY C 549 -4.09 -37.08 -38.15
CA GLY C 549 -5.43 -36.67 -38.39
C GLY C 549 -6.19 -37.47 -39.39
N ARG C 550 -5.49 -38.16 -40.36
CA ARG C 550 -6.25 -38.75 -41.44
C ARG C 550 -6.57 -40.22 -40.97
N ALA C 551 -5.97 -40.70 -39.89
CA ALA C 551 -5.97 -42.00 -39.38
C ALA C 551 -6.85 -42.17 -38.21
N ARG C 552 -7.73 -41.19 -37.98
CA ARG C 552 -8.82 -41.22 -37.07
C ARG C 552 -10.14 -41.07 -37.77
N TYR C 553 -9.99 -40.93 -39.12
CA TYR C 553 -11.16 -40.83 -40.03
C TYR C 553 -11.32 -42.20 -40.66
N VAL C 554 -10.52 -43.29 -40.38
CA VAL C 554 -10.73 -44.64 -40.78
C VAL C 554 -10.75 -45.31 -39.52
N SER C 555 -11.70 -46.29 -39.49
CA SER C 555 -12.03 -47.10 -38.30
C SER C 555 -10.90 -47.99 -37.79
N GLU C 556 -10.16 -48.75 -38.65
CA GLU C 556 -9.14 -49.76 -38.27
C GLU C 556 -8.75 -50.50 -39.53
N GLU C 557 -9.21 -50.09 -40.70
CA GLU C 557 -8.92 -50.85 -41.81
C GLU C 557 -7.69 -50.29 -42.44
N GLU C 558 -7.70 -48.96 -42.64
CA GLU C 558 -6.64 -48.21 -43.21
C GLU C 558 -5.62 -47.85 -42.19
N PHE C 559 -6.06 -47.97 -40.91
CA PHE C 559 -5.09 -47.81 -39.82
C PHE C 559 -3.76 -48.53 -39.90
N PRO C 560 -3.66 -49.93 -40.18
CA PRO C 560 -2.37 -50.58 -40.24
C PRO C 560 -1.48 -49.94 -41.23
N ALA C 561 -1.90 -49.77 -42.51
CA ALA C 561 -1.05 -49.12 -43.54
C ALA C 561 -0.69 -47.67 -43.18
N TYR C 562 -1.65 -46.91 -42.58
CA TYR C 562 -1.36 -45.55 -42.18
C TYR C 562 -0.31 -45.51 -40.99
N PHE C 563 -0.06 -46.60 -40.20
CA PHE C 563 0.87 -46.65 -39.09
C PHE C 563 2.23 -46.93 -39.68
N GLU C 564 2.34 -47.84 -40.74
CA GLU C 564 3.54 -48.00 -41.53
C GLU C 564 4.12 -46.68 -41.99
N GLU C 565 3.37 -45.84 -42.67
CA GLU C 565 3.79 -44.53 -43.16
C GLU C 565 3.93 -43.43 -42.10
N ALA C 566 2.90 -43.17 -41.25
CA ALA C 566 2.79 -42.25 -40.11
C ALA C 566 3.90 -42.32 -39.11
N MET C 567 4.33 -43.50 -38.60
CA MET C 567 5.42 -43.60 -37.65
C MET C 567 6.72 -43.02 -38.14
N LYS C 568 7.27 -43.67 -39.19
CA LYS C 568 8.45 -43.26 -39.92
C LYS C 568 8.49 -41.83 -40.50
N GLU C 569 7.28 -41.24 -40.62
CA GLU C 569 7.17 -39.87 -41.05
C GLU C 569 7.66 -38.81 -40.01
N ILE C 570 7.45 -39.13 -38.67
CA ILE C 570 7.86 -38.38 -37.47
C ILE C 570 9.34 -38.43 -37.53
N GLN C 571 9.82 -39.75 -37.69
CA GLN C 571 11.21 -40.02 -37.83
C GLN C 571 11.96 -39.19 -38.88
N GLY C 572 11.30 -38.78 -39.97
CA GLY C 572 11.97 -38.04 -41.03
C GLY C 572 11.16 -36.76 -41.28
N ALA C 573 11.07 -35.99 -40.24
CA ALA C 573 10.48 -34.66 -40.36
C ALA C 573 11.00 -33.81 -39.25
N PHE C 574 11.83 -34.45 -38.43
CA PHE C 574 12.54 -33.74 -37.36
C PHE C 574 13.96 -33.89 -37.79
N LYS C 575 14.22 -34.79 -38.77
CA LYS C 575 15.47 -35.10 -39.40
C LYS C 575 15.54 -34.53 -40.80
N ALA C 576 14.47 -33.86 -41.23
CA ALA C 576 14.42 -33.14 -42.44
C ALA C 576 14.61 -31.67 -42.23
N LEU C 577 14.66 -31.26 -40.98
CA LEU C 577 14.76 -29.86 -40.56
C LEU C 577 16.19 -29.61 -40.19
N GLU D 1 -53.86 -44.83 52.98
CA GLU D 1 -53.00 -45.66 52.07
C GLU D 1 -53.56 -46.00 50.73
N TYR D 2 -52.68 -46.01 49.76
CA TYR D 2 -53.00 -46.39 48.37
C TYR D 2 -51.75 -47.15 48.05
N THR D 3 -51.98 -48.49 48.07
CA THR D 3 -50.95 -49.41 47.79
C THR D 3 -51.24 -50.13 46.47
N GLY D 4 -50.17 -50.37 45.64
CA GLY D 4 -50.14 -50.95 44.33
C GLY D 4 -49.54 -49.77 43.60
N ILE D 5 -48.23 -49.82 43.35
CA ILE D 5 -47.38 -48.90 42.65
C ILE D 5 -47.49 -49.13 41.19
N THR D 6 -46.94 -48.16 40.45
CA THR D 6 -47.15 -48.15 38.98
C THR D 6 -45.94 -47.55 38.44
N TYR D 7 -45.31 -46.69 39.21
CA TYR D 7 -44.05 -46.11 38.87
C TYR D 7 -43.47 -45.54 40.12
N ILE D 8 -42.17 -45.88 40.27
CA ILE D 8 -41.37 -45.28 41.23
C ILE D 8 -40.03 -45.09 40.54
N SER D 9 -39.44 -43.90 40.69
CA SER D 9 -38.24 -43.41 40.05
C SER D 9 -38.12 -41.90 40.36
N GLY D 10 -37.22 -41.52 41.28
CA GLY D 10 -36.98 -40.16 41.61
C GLY D 10 -38.17 -39.24 41.96
N PRO D 11 -38.20 -37.96 41.66
CA PRO D 11 -39.26 -37.10 42.09
C PRO D 11 -40.62 -37.38 41.46
N LEU D 12 -40.78 -38.25 40.47
CA LEU D 12 -41.98 -38.46 39.79
C LEU D 12 -42.57 -39.83 40.07
N LEU D 13 -43.85 -39.78 40.54
CA LEU D 13 -44.56 -40.92 41.03
C LEU D 13 -45.89 -41.09 40.42
N PHE D 14 -46.43 -42.29 40.57
CA PHE D 14 -47.74 -42.72 40.13
C PHE D 14 -48.21 -43.80 41.08
N VAL D 15 -49.53 -43.76 41.45
CA VAL D 15 -49.97 -44.65 42.48
C VAL D 15 -51.42 -44.73 42.10
N GLU D 16 -51.96 -45.88 42.34
CA GLU D 16 -53.27 -46.12 41.84
C GLU D 16 -54.22 -45.85 42.90
N ASN D 17 -55.51 -46.02 42.58
CA ASN D 17 -56.68 -45.87 43.49
C ASN D 17 -56.84 -44.42 43.90
N ALA D 18 -56.64 -43.59 42.91
CA ALA D 18 -56.57 -42.15 43.00
C ALA D 18 -57.33 -41.65 41.78
N LYS D 19 -58.47 -40.99 42.00
CA LYS D 19 -59.32 -40.61 40.88
C LYS D 19 -60.26 -39.48 41.30
N ASP D 20 -60.02 -38.87 42.51
CA ASP D 20 -60.99 -37.96 43.12
C ASP D 20 -60.36 -36.84 43.86
N LEU D 21 -59.05 -36.62 43.62
CA LEU D 21 -58.19 -35.60 44.19
C LEU D 21 -58.35 -34.28 43.50
N ALA D 22 -57.85 -33.22 44.19
CA ALA D 22 -57.72 -31.85 43.70
C ALA D 22 -56.33 -31.55 43.15
N TYR D 23 -56.29 -30.44 42.35
CA TYR D 23 -55.13 -29.92 41.60
C TYR D 23 -54.25 -29.24 42.69
N GLY D 24 -53.14 -29.88 43.11
CA GLY D 24 -52.21 -29.36 44.07
C GLY D 24 -52.68 -29.94 45.39
N ALA D 25 -52.01 -31.04 45.90
CA ALA D 25 -52.38 -31.52 47.20
C ALA D 25 -51.20 -32.11 47.86
N ILE D 26 -50.89 -31.68 49.11
CA ILE D 26 -49.80 -32.04 49.90
C ILE D 26 -50.33 -33.30 50.56
N VAL D 27 -49.60 -34.41 50.27
CA VAL D 27 -49.88 -35.71 50.75
C VAL D 27 -48.55 -35.98 51.47
N ASP D 28 -48.45 -37.18 52.17
CA ASP D 28 -47.21 -37.68 52.75
C ASP D 28 -47.07 -39.01 52.07
N ILE D 29 -45.93 -39.62 52.27
CA ILE D 29 -45.47 -40.93 51.89
C ILE D 29 -44.60 -41.39 53.04
N LYS D 30 -44.92 -42.53 53.68
CA LYS D 30 -44.04 -43.19 54.70
C LYS D 30 -43.10 -44.02 53.86
N ASP D 31 -41.80 -43.72 53.92
CA ASP D 31 -40.71 -44.31 53.16
C ASP D 31 -40.13 -45.40 53.95
N GLY D 32 -39.19 -46.19 53.32
CA GLY D 32 -38.48 -47.32 53.89
C GLY D 32 -37.20 -46.86 54.45
N THR D 33 -36.80 -45.62 54.15
CA THR D 33 -35.76 -44.89 54.77
C THR D 33 -36.17 -44.22 56.03
N GLY D 34 -37.54 -44.12 56.30
CA GLY D 34 -38.02 -43.62 57.57
C GLY D 34 -38.09 -42.12 57.44
N ARG D 35 -37.80 -41.49 56.30
CA ARG D 35 -37.84 -40.04 56.11
C ARG D 35 -39.12 -39.76 55.43
N VAL D 36 -40.00 -39.00 56.11
CA VAL D 36 -41.34 -38.73 55.58
C VAL D 36 -41.27 -37.69 54.42
N ARG D 37 -41.59 -38.08 53.15
CA ARG D 37 -41.38 -37.26 51.95
C ARG D 37 -42.68 -36.79 51.49
N GLY D 38 -42.76 -35.46 51.20
CA GLY D 38 -43.91 -34.74 50.70
C GLY D 38 -44.29 -35.10 49.29
N GLY D 39 -45.20 -34.24 48.74
CA GLY D 39 -45.42 -34.39 47.36
C GLY D 39 -46.73 -33.73 46.99
N GLN D 40 -46.75 -32.88 45.92
CA GLN D 40 -47.91 -32.11 45.51
C GLN D 40 -48.44 -32.93 44.37
N VAL D 41 -49.80 -33.18 44.31
CA VAL D 41 -50.57 -33.90 43.26
C VAL D 41 -50.87 -32.93 42.12
N ILE D 42 -49.87 -32.55 41.28
CA ILE D 42 -49.97 -31.54 40.21
C ILE D 42 -50.97 -31.90 39.16
N GLU D 43 -51.26 -33.23 38.95
CA GLU D 43 -52.33 -33.65 38.02
C GLU D 43 -52.98 -34.98 38.61
N VAL D 44 -54.20 -35.37 38.20
CA VAL D 44 -55.00 -36.48 38.66
C VAL D 44 -55.31 -37.25 37.35
N SER D 45 -55.59 -38.59 37.43
CA SER D 45 -55.61 -39.50 36.32
C SER D 45 -56.68 -40.46 36.49
N GLU D 46 -56.86 -41.33 35.49
CA GLU D 46 -57.97 -42.17 35.28
C GLU D 46 -58.26 -43.10 36.43
N GLU D 47 -57.29 -43.84 36.98
CA GLU D 47 -57.41 -44.74 38.05
C GLU D 47 -56.05 -44.75 38.74
N TYR D 48 -55.15 -43.80 38.48
CA TYR D 48 -53.96 -43.55 39.17
C TYR D 48 -53.90 -42.04 39.13
N ALA D 49 -52.72 -41.47 39.44
CA ALA D 49 -52.61 -40.06 39.59
C ALA D 49 -51.17 -39.86 39.52
N VAL D 50 -50.80 -38.59 39.25
CA VAL D 50 -49.43 -38.13 39.22
C VAL D 50 -49.23 -37.48 40.54
N ILE D 51 -48.18 -37.93 41.31
CA ILE D 51 -47.79 -37.19 42.53
C ILE D 51 -46.47 -36.61 41.95
N GLN D 52 -45.99 -35.41 42.37
CA GLN D 52 -44.68 -34.90 42.01
C GLN D 52 -44.20 -34.61 43.43
N VAL D 53 -43.34 -35.56 43.87
CA VAL D 53 -42.73 -35.63 45.19
C VAL D 53 -41.64 -34.52 45.35
N PHE D 54 -41.73 -33.68 46.40
CA PHE D 54 -40.86 -32.56 46.72
C PHE D 54 -39.41 -33.02 47.00
N GLU D 55 -39.19 -34.26 47.58
CA GLU D 55 -37.87 -34.75 47.85
C GLU D 55 -37.73 -35.94 46.92
N GLU D 56 -36.46 -36.24 46.75
CA GLU D 56 -36.04 -37.29 45.84
C GLU D 56 -36.09 -38.62 46.59
N THR D 57 -36.90 -39.59 46.07
CA THR D 57 -37.01 -40.87 46.74
C THR D 57 -35.83 -41.76 46.52
N THR D 58 -35.29 -42.39 47.62
CA THR D 58 -34.11 -43.28 47.53
C THR D 58 -34.35 -44.58 48.32
N GLY D 59 -35.54 -45.21 48.05
CA GLY D 59 -35.92 -46.35 48.85
C GLY D 59 -37.30 -45.95 49.34
N LEU D 60 -38.18 -46.95 49.18
CA LEU D 60 -39.62 -46.88 49.35
C LEU D 60 -39.96 -48.28 48.87
N ASP D 61 -40.52 -49.07 49.82
CA ASP D 61 -40.83 -50.48 49.57
C ASP D 61 -42.17 -50.39 49.10
N LEU D 62 -42.56 -51.35 48.20
CA LEU D 62 -43.83 -51.30 47.54
C LEU D 62 -44.91 -51.97 48.35
N ALA D 63 -44.50 -52.84 49.30
CA ALA D 63 -45.41 -53.46 50.24
C ALA D 63 -46.08 -52.52 51.13
N THR D 64 -45.43 -51.47 51.69
CA THR D 64 -46.14 -50.47 52.52
C THR D 64 -45.93 -49.13 51.94
N THR D 65 -46.90 -48.58 51.20
CA THR D 65 -46.73 -47.30 50.56
C THR D 65 -47.87 -46.46 51.06
N SER D 66 -47.64 -45.57 52.08
CA SER D 66 -48.72 -44.95 52.86
C SER D 66 -48.90 -43.67 52.16
N VAL D 67 -50.15 -43.13 52.14
CA VAL D 67 -50.43 -41.84 51.49
C VAL D 67 -51.41 -41.25 52.42
N SER D 68 -51.23 -39.90 52.74
CA SER D 68 -52.13 -39.33 53.69
C SER D 68 -52.16 -37.85 53.35
N LEU D 69 -53.40 -37.44 52.86
CA LEU D 69 -53.82 -36.13 52.42
C LEU D 69 -53.79 -35.18 53.65
N VAL D 70 -52.92 -34.15 53.62
CA VAL D 70 -52.84 -33.15 54.63
C VAL D 70 -53.71 -32.13 54.16
N GLU D 71 -53.62 -31.62 52.88
CA GLU D 71 -54.42 -30.51 52.46
C GLU D 71 -54.82 -30.79 51.12
N ASP D 72 -55.98 -30.19 50.67
CA ASP D 72 -56.44 -30.29 49.28
C ASP D 72 -55.83 -29.24 48.45
N VAL D 73 -55.15 -28.16 48.98
CA VAL D 73 -54.56 -27.08 48.10
C VAL D 73 -53.19 -26.81 48.49
N ALA D 74 -52.14 -26.92 47.61
CA ALA D 74 -50.75 -26.75 47.95
C ALA D 74 -50.59 -25.29 47.97
N ARG D 75 -50.10 -24.74 49.12
CA ARG D 75 -50.08 -23.34 49.36
C ARG D 75 -48.87 -23.03 50.10
N LEU D 76 -48.62 -21.80 50.47
CA LEU D 76 -47.51 -21.36 51.24
C LEU D 76 -47.97 -20.17 52.08
N GLY D 77 -47.57 -20.17 53.40
CA GLY D 77 -47.87 -19.10 54.28
C GLY D 77 -47.21 -17.75 53.89
N VAL D 78 -47.33 -16.74 54.82
CA VAL D 78 -46.74 -15.45 54.54
C VAL D 78 -46.51 -14.81 55.81
N SER D 79 -45.67 -13.72 55.79
CA SER D 79 -45.43 -12.91 56.90
C SER D 79 -45.04 -11.50 56.40
N LYS D 80 -44.73 -10.59 57.35
CA LYS D 80 -44.39 -9.19 57.04
C LYS D 80 -42.97 -8.95 57.54
N GLU D 81 -42.34 -9.95 58.16
CA GLU D 81 -41.03 -9.76 58.63
C GLU D 81 -40.45 -11.14 58.45
N MET D 82 -39.40 -11.11 57.61
CA MET D 82 -38.56 -12.17 57.29
C MET D 82 -37.30 -11.60 56.86
N LEU D 83 -37.27 -10.22 57.02
CA LEU D 83 -36.22 -9.36 56.57
C LEU D 83 -34.97 -9.56 57.33
N GLY D 84 -33.92 -9.90 56.59
CA GLY D 84 -32.62 -9.99 57.09
C GLY D 84 -32.28 -11.46 57.32
N ARG D 85 -33.25 -12.41 57.10
CA ARG D 85 -33.12 -13.82 57.45
C ARG D 85 -33.11 -14.57 56.18
N ARG D 86 -32.32 -15.65 56.08
CA ARG D 86 -31.99 -16.47 54.96
C ARG D 86 -32.82 -17.64 55.12
N PHE D 87 -33.02 -18.38 54.00
CA PHE D 87 -33.96 -19.48 53.86
C PHE D 87 -33.44 -20.32 52.69
N ASN D 88 -33.99 -21.52 52.63
CA ASN D 88 -33.75 -22.41 51.46
C ASN D 88 -35.11 -22.53 50.92
N GLY D 89 -35.17 -23.30 49.80
CA GLY D 89 -36.34 -23.62 48.98
C GLY D 89 -37.47 -24.25 49.67
N ILE D 90 -37.28 -25.09 50.71
CA ILE D 90 -38.25 -25.70 51.47
C ILE D 90 -39.01 -24.67 52.33
N GLY D 91 -38.36 -23.65 52.86
CA GLY D 91 -38.86 -22.52 53.56
C GLY D 91 -38.08 -22.59 54.86
N LYS D 92 -36.97 -23.32 55.12
CA LYS D 92 -36.35 -23.38 56.35
C LYS D 92 -35.10 -22.51 56.37
N PRO D 93 -34.95 -21.61 57.31
CA PRO D 93 -33.78 -20.83 57.48
C PRO D 93 -32.45 -21.60 57.45
N ILE D 94 -31.41 -20.92 56.90
CA ILE D 94 -30.08 -21.39 56.83
C ILE D 94 -29.40 -21.10 58.09
N ASP D 95 -30.03 -20.27 58.93
CA ASP D 95 -29.57 -19.98 60.25
C ASP D 95 -30.10 -20.97 61.24
N GLY D 96 -31.00 -21.82 60.84
CA GLY D 96 -31.45 -22.93 61.66
C GLY D 96 -32.73 -22.53 62.52
N LEU D 97 -33.21 -21.31 62.26
CA LEU D 97 -34.34 -20.61 62.91
C LEU D 97 -35.73 -21.18 62.49
N PRO D 98 -36.90 -20.71 62.94
CA PRO D 98 -38.19 -21.23 62.52
C PRO D 98 -38.59 -20.60 61.22
N PRO D 99 -39.54 -21.14 60.42
CA PRO D 99 -39.97 -20.60 59.13
C PRO D 99 -40.71 -19.21 59.35
N ILE D 100 -41.41 -18.68 58.30
CA ILE D 100 -42.36 -17.62 58.52
C ILE D 100 -43.67 -18.19 59.24
N THR D 101 -44.50 -17.24 59.69
CA THR D 101 -45.67 -17.59 60.43
C THR D 101 -46.74 -17.27 59.50
N PRO D 102 -47.57 -18.17 58.97
CA PRO D 102 -48.68 -17.81 58.14
C PRO D 102 -49.55 -16.68 58.72
N GLU D 103 -50.05 -15.75 57.81
CA GLU D 103 -51.03 -14.69 58.06
C GLU D 103 -52.31 -14.98 57.32
N LYS D 104 -52.09 -15.59 56.13
CA LYS D 104 -53.12 -16.09 55.29
C LYS D 104 -52.30 -17.03 54.46
N ARG D 105 -52.95 -18.08 53.85
CA ARG D 105 -52.22 -18.98 53.01
C ARG D 105 -52.65 -18.65 51.63
N LEU D 106 -51.56 -18.31 50.87
CA LEU D 106 -51.66 -17.82 49.47
C LEU D 106 -51.25 -18.92 48.55
N PRO D 107 -51.80 -19.15 47.28
CA PRO D 107 -51.27 -20.18 46.36
C PRO D 107 -49.87 -19.84 45.97
N ILE D 108 -49.13 -20.88 45.57
CA ILE D 108 -47.76 -20.72 45.12
C ILE D 108 -47.62 -20.34 43.64
N THR D 109 -48.72 -20.53 42.86
CA THR D 109 -48.70 -20.27 41.47
C THR D 109 -48.77 -18.75 41.25
N GLY D 110 -49.66 -18.19 42.12
CA GLY D 110 -50.07 -16.84 42.28
C GLY D 110 -50.97 -16.43 41.20
N LEU D 111 -51.29 -15.15 41.19
CA LEU D 111 -52.22 -14.62 40.25
C LEU D 111 -51.56 -13.42 39.53
N PRO D 112 -51.62 -13.38 38.18
CA PRO D 112 -50.81 -12.40 37.41
C PRO D 112 -51.46 -11.01 37.50
N LEU D 113 -50.91 -9.90 36.99
CA LEU D 113 -51.44 -8.53 37.09
C LEU D 113 -52.13 -8.32 35.76
N ASN D 114 -53.11 -7.35 35.76
CA ASN D 114 -53.87 -7.04 34.58
C ASN D 114 -52.93 -6.17 33.79
N PRO D 115 -52.84 -6.10 32.46
CA PRO D 115 -52.03 -5.18 31.68
C PRO D 115 -52.47 -3.74 31.82
N VAL D 116 -53.79 -3.62 32.16
CA VAL D 116 -54.37 -2.26 32.36
C VAL D 116 -53.95 -1.59 33.68
N ALA D 117 -53.72 -2.45 34.67
CA ALA D 117 -53.25 -2.00 35.97
C ALA D 117 -51.78 -1.62 35.96
N ARG D 118 -51.05 -2.13 34.96
CA ARG D 118 -49.71 -1.62 34.74
C ARG D 118 -49.73 -0.28 34.09
N ARG D 119 -48.75 0.61 34.44
CA ARG D 119 -48.66 1.98 34.00
C ARG D 119 -47.17 2.17 33.80
N LYS D 120 -46.78 2.90 32.71
CA LYS D 120 -45.43 3.17 32.17
C LYS D 120 -44.39 3.36 33.25
N PRO D 121 -43.25 2.63 33.25
CA PRO D 121 -42.13 2.83 34.08
C PRO D 121 -41.32 4.11 33.68
N GLU D 122 -40.75 4.78 34.71
CA GLU D 122 -40.00 6.01 34.56
C GLU D 122 -39.18 6.41 35.76
N GLN D 123 -39.16 5.73 36.88
CA GLN D 123 -38.44 6.09 38.10
C GLN D 123 -37.11 5.36 38.09
N PHE D 124 -36.00 6.01 37.65
CA PHE D 124 -34.72 5.44 37.42
C PHE D 124 -33.92 5.34 38.68
N ILE D 125 -33.04 4.33 38.65
CA ILE D 125 -32.25 4.05 39.87
C ILE D 125 -30.80 4.00 39.32
N GLN D 126 -29.88 4.04 40.38
CA GLN D 126 -28.48 3.90 40.12
C GLN D 126 -28.14 2.50 40.32
N THR D 127 -27.55 1.88 39.28
CA THR D 127 -27.08 0.51 39.29
C THR D 127 -25.56 0.56 39.49
N GLY D 128 -24.91 1.72 39.43
CA GLY D 128 -23.49 1.99 39.67
C GLY D 128 -22.59 1.71 38.53
N ILE D 129 -23.21 1.53 37.30
CA ILE D 129 -22.42 1.46 36.08
C ILE D 129 -23.15 2.53 35.32
N SER D 130 -22.39 3.55 34.74
CA SER D 130 -22.88 4.65 33.99
C SER D 130 -23.55 4.13 32.73
N THR D 131 -22.85 3.18 32.00
CA THR D 131 -23.29 2.31 30.96
C THR D 131 -24.78 1.85 31.00
N ILE D 132 -25.39 1.32 32.10
CA ILE D 132 -26.76 0.98 32.15
C ILE D 132 -27.63 2.25 32.27
N ASP D 133 -27.45 3.04 33.31
CA ASP D 133 -28.13 4.33 33.54
C ASP D 133 -27.92 5.45 32.47
N VAL D 134 -27.87 5.12 31.15
CA VAL D 134 -27.69 6.05 30.03
C VAL D 134 -28.21 5.36 28.85
N MET D 135 -27.63 4.22 28.45
CA MET D 135 -27.91 3.48 27.22
C MET D 135 -29.24 2.77 27.37
N ASN D 136 -29.49 2.13 28.54
CA ASN D 136 -30.76 1.43 28.67
C ASN D 136 -31.61 2.22 29.62
N THR D 137 -30.91 2.75 30.63
CA THR D 137 -31.48 3.54 31.71
C THR D 137 -32.60 2.79 32.40
N LEU D 138 -32.08 1.84 33.29
CA LEU D 138 -32.92 0.92 34.03
C LEU D 138 -33.75 1.60 35.02
N VAL D 139 -35.10 1.33 35.01
CA VAL D 139 -36.07 1.90 35.79
C VAL D 139 -36.90 0.85 36.51
N ARG D 140 -37.58 1.25 37.63
CA ARG D 140 -38.41 0.40 38.41
C ARG D 140 -39.49 -0.18 37.64
N GLY D 141 -39.67 -1.51 37.83
CA GLY D 141 -40.71 -2.28 37.18
C GLY D 141 -40.24 -2.90 35.89
N GLN D 142 -39.02 -2.63 35.47
CA GLN D 142 -38.47 -3.01 34.22
C GLN D 142 -37.56 -4.19 34.47
N LYS D 143 -37.32 -4.97 33.44
CA LYS D 143 -36.38 -6.09 33.40
C LYS D 143 -35.21 -5.81 32.49
N LEU D 144 -34.00 -6.29 32.87
CA LEU D 144 -32.83 -6.15 32.08
C LEU D 144 -32.26 -7.55 32.13
N PRO D 145 -32.43 -8.45 31.24
CA PRO D 145 -31.77 -9.69 31.13
C PRO D 145 -30.37 -9.39 30.74
N ILE D 146 -29.40 -10.11 31.36
CA ILE D 146 -27.99 -9.84 31.13
C ILE D 146 -27.64 -11.10 30.32
N PHE D 147 -27.48 -10.90 29.00
CA PHE D 147 -27.18 -11.98 28.11
C PHE D 147 -25.69 -12.29 28.40
N SER D 148 -25.37 -13.52 28.66
CA SER D 148 -23.99 -13.88 29.02
C SER D 148 -23.94 -15.27 28.56
N GLY D 149 -22.96 -15.66 27.75
CA GLY D 149 -22.78 -17.04 27.25
C GLY D 149 -22.16 -17.87 28.42
N SER D 150 -21.82 -19.14 28.01
CA SER D 150 -21.14 -20.07 28.83
C SER D 150 -19.65 -19.93 28.56
N GLY D 151 -18.87 -19.91 29.70
CA GLY D 151 -17.49 -19.58 29.74
C GLY D 151 -17.40 -18.13 30.08
N LEU D 152 -18.53 -17.46 30.49
CA LEU D 152 -18.44 -16.06 30.91
C LEU D 152 -19.26 -16.09 32.17
N PRO D 153 -18.66 -15.66 33.26
CA PRO D 153 -19.32 -15.35 34.51
C PRO D 153 -20.32 -14.32 34.52
N ALA D 154 -21.32 -14.48 35.45
CA ALA D 154 -22.44 -13.58 35.47
C ALA D 154 -23.05 -13.58 36.86
N ASN D 155 -22.52 -14.37 37.82
CA ASN D 155 -23.06 -14.54 39.18
C ASN D 155 -22.22 -13.61 39.96
N GLU D 156 -20.89 -13.76 39.64
CA GLU D 156 -19.83 -12.97 40.12
C GLU D 156 -20.08 -11.48 39.88
N ILE D 157 -20.14 -11.10 38.59
CA ILE D 157 -20.24 -9.76 38.13
C ILE D 157 -21.57 -9.21 38.52
N ALA D 158 -22.76 -9.93 38.47
CA ALA D 158 -24.02 -9.53 39.08
C ALA D 158 -23.93 -9.05 40.46
N ALA D 159 -23.04 -9.59 41.34
CA ALA D 159 -22.98 -9.17 42.77
C ALA D 159 -22.53 -7.74 42.74
N GLN D 160 -21.69 -7.30 41.80
CA GLN D 160 -21.33 -5.92 41.63
C GLN D 160 -22.46 -4.88 41.51
N ILE D 161 -23.52 -5.26 40.79
CA ILE D 161 -24.72 -4.47 40.58
C ILE D 161 -25.58 -4.50 41.77
N ALA D 162 -25.58 -5.70 42.38
CA ALA D 162 -26.32 -5.94 43.57
C ALA D 162 -25.95 -5.16 44.79
N ARG D 163 -24.81 -4.44 44.84
CA ARG D 163 -24.29 -3.76 45.99
C ARG D 163 -24.15 -2.36 45.63
N GLN D 164 -24.51 -1.91 44.44
CA GLN D 164 -24.25 -0.57 43.94
C GLN D 164 -25.52 0.04 43.60
N ALA D 165 -26.57 -0.72 43.77
CA ALA D 165 -27.91 -0.42 43.62
C ALA D 165 -28.33 0.50 44.68
N THR D 166 -28.98 1.61 44.32
CA THR D 166 -29.33 2.63 45.26
C THR D 166 -30.31 3.54 44.48
N VAL D 167 -31.46 4.00 45.11
CA VAL D 167 -32.46 4.79 44.50
C VAL D 167 -31.99 6.14 44.14
N ARG D 168 -32.71 6.86 43.36
CA ARG D 168 -32.39 8.22 42.99
C ARG D 168 -33.57 9.01 43.62
N PRO D 169 -33.46 9.86 44.69
CA PRO D 169 -34.60 10.57 45.29
C PRO D 169 -34.61 12.07 45.19
N ASP D 170 -33.51 12.69 44.78
CA ASP D 170 -33.31 14.06 44.72
C ASP D 170 -33.52 14.51 43.25
N LEU D 171 -33.45 13.54 42.27
CA LEU D 171 -33.63 13.88 40.91
C LEU D 171 -35.09 13.57 40.50
N SER D 172 -35.79 12.58 41.16
CA SER D 172 -37.17 12.30 40.83
C SER D 172 -38.19 13.20 41.55
N GLY D 173 -37.79 14.18 42.33
CA GLY D 173 -38.63 15.22 42.92
C GLY D 173 -39.18 14.72 44.21
N GLU D 174 -38.95 13.51 44.70
CA GLU D 174 -39.51 12.93 45.88
C GLU D 174 -38.63 11.79 46.35
N GLY D 175 -38.68 11.48 47.70
CA GLY D 175 -38.20 10.38 48.45
C GLY D 175 -38.54 9.09 47.84
N GLU D 176 -37.60 8.17 47.92
CA GLU D 176 -37.75 6.78 47.45
C GLU D 176 -36.96 5.80 48.33
N LYS D 177 -36.37 6.46 49.33
CA LYS D 177 -35.67 5.83 50.40
C LYS D 177 -36.62 5.80 51.62
N GLU D 178 -37.80 6.45 51.42
CA GLU D 178 -38.78 6.67 52.51
C GLU D 178 -39.62 5.36 52.56
N GLU D 179 -39.71 4.67 51.39
CA GLU D 179 -40.40 3.42 51.32
C GLU D 179 -39.29 2.38 51.05
N PRO D 180 -39.29 1.27 51.88
CA PRO D 180 -38.17 0.36 51.87
C PRO D 180 -37.62 -0.15 50.54
N PHE D 181 -36.31 -0.19 50.40
CA PHE D 181 -35.65 -0.75 49.18
C PHE D 181 -35.18 -2.11 49.60
N ALA D 182 -36.11 -3.08 49.80
CA ALA D 182 -35.59 -4.43 50.09
C ALA D 182 -35.32 -5.12 48.75
N VAL D 183 -34.51 -6.20 48.84
CA VAL D 183 -34.01 -6.93 47.76
C VAL D 183 -34.25 -8.39 48.12
N VAL D 184 -34.31 -9.26 47.05
CA VAL D 184 -34.58 -10.64 47.10
C VAL D 184 -33.48 -11.15 46.24
N PHE D 185 -33.02 -12.41 46.48
CA PHE D 185 -32.04 -13.10 45.59
C PHE D 185 -32.63 -14.51 45.64
N ALA D 186 -32.13 -15.46 44.91
CA ALA D 186 -32.63 -16.75 44.75
C ALA D 186 -31.82 -17.37 43.64
N ALA D 187 -31.16 -18.50 43.93
CA ALA D 187 -30.42 -19.34 43.03
C ALA D 187 -31.29 -20.55 42.66
N MET D 188 -31.04 -21.31 41.52
CA MET D 188 -31.89 -22.44 41.06
C MET D 188 -30.83 -23.55 41.20
N GLY D 189 -29.51 -23.23 41.23
CA GLY D 189 -28.58 -24.26 41.43
C GLY D 189 -27.20 -23.82 41.40
N ILE D 190 -26.43 -23.96 42.55
CA ILE D 190 -25.09 -23.37 42.63
C ILE D 190 -24.20 -24.26 43.40
N THR D 191 -22.88 -24.01 43.35
CA THR D 191 -21.85 -24.86 43.93
C THR D 191 -21.53 -24.54 45.35
N GLN D 192 -20.29 -24.81 45.82
CA GLN D 192 -19.87 -24.61 47.17
C GLN D 192 -19.19 -23.37 47.30
N ARG D 193 -18.39 -23.06 46.29
CA ARG D 193 -17.66 -21.83 46.38
C ARG D 193 -18.64 -20.64 46.16
N GLU D 194 -19.56 -20.76 45.14
CA GLU D 194 -20.40 -19.63 44.87
C GLU D 194 -21.45 -19.33 45.93
N LEU D 195 -21.78 -20.31 46.80
CA LEU D 195 -22.58 -20.15 47.97
C LEU D 195 -21.93 -19.12 48.89
N SER D 196 -20.69 -19.43 49.43
CA SER D 196 -20.04 -18.54 50.38
C SER D 196 -19.69 -17.19 49.74
N TYR D 197 -19.25 -17.17 48.41
CA TYR D 197 -18.88 -15.99 47.64
C TYR D 197 -20.02 -15.02 47.67
N PHE D 198 -21.35 -15.42 47.53
CA PHE D 198 -22.43 -14.54 47.50
C PHE D 198 -22.53 -13.79 48.76
N ILE D 199 -22.64 -14.52 49.93
CA ILE D 199 -22.84 -13.91 51.27
C ILE D 199 -21.72 -12.99 51.63
N GLN D 200 -20.49 -13.42 51.26
CA GLN D 200 -19.25 -12.59 51.51
C GLN D 200 -19.16 -11.40 50.70
N GLU D 201 -20.06 -11.17 49.65
CA GLU D 201 -20.06 -9.96 48.89
C GLU D 201 -21.24 -9.10 49.34
N PHE D 202 -22.11 -9.59 50.22
CA PHE D 202 -23.23 -8.92 50.80
C PHE D 202 -22.84 -8.52 52.19
N GLU D 203 -21.77 -9.20 52.70
CA GLU D 203 -21.24 -8.89 54.04
C GLU D 203 -20.23 -7.80 53.96
N ARG D 204 -19.64 -7.59 52.76
CA ARG D 204 -18.65 -6.58 52.38
C ARG D 204 -19.20 -5.13 52.32
N THR D 205 -20.58 -4.95 52.13
CA THR D 205 -21.20 -3.70 52.12
C THR D 205 -22.29 -3.67 53.24
N GLY D 206 -22.91 -4.82 53.62
CA GLY D 206 -23.91 -4.88 54.63
C GLY D 206 -25.15 -4.63 53.86
N ALA D 207 -25.19 -5.05 52.56
CA ALA D 207 -26.33 -5.09 51.74
C ALA D 207 -27.08 -6.32 51.94
N LEU D 208 -26.58 -7.22 52.87
CA LEU D 208 -27.05 -8.47 53.37
C LEU D 208 -28.29 -8.18 54.12
N SER D 209 -28.36 -7.16 54.90
CA SER D 209 -29.52 -6.75 55.62
C SER D 209 -30.63 -6.38 54.73
N ARG D 210 -31.87 -6.67 55.21
CA ARG D 210 -33.13 -6.51 54.50
C ARG D 210 -33.28 -7.20 53.24
N SER D 211 -32.99 -8.52 53.29
CA SER D 211 -33.02 -9.41 52.07
C SER D 211 -33.70 -10.69 52.45
N VAL D 212 -34.33 -11.35 51.43
CA VAL D 212 -34.99 -12.54 51.60
C VAL D 212 -34.28 -13.44 50.57
N LEU D 213 -33.62 -14.55 50.93
CA LEU D 213 -32.78 -15.36 50.01
C LEU D 213 -33.44 -16.69 50.03
N PHE D 214 -33.91 -17.13 48.83
CA PHE D 214 -34.56 -18.44 48.63
C PHE D 214 -33.68 -19.24 47.76
N LEU D 215 -32.45 -19.54 48.25
CA LEU D 215 -31.48 -20.26 47.57
C LEU D 215 -31.83 -21.70 47.34
N ASN D 216 -31.19 -22.32 46.31
CA ASN D 216 -31.36 -23.66 45.86
C ASN D 216 -29.93 -23.98 45.58
N LYS D 217 -29.49 -25.29 45.66
CA LYS D 217 -28.13 -25.70 45.51
C LYS D 217 -28.30 -26.90 44.60
N ALA D 218 -27.19 -27.49 44.21
CA ALA D 218 -27.21 -28.60 43.26
C ALA D 218 -27.42 -29.93 43.88
N ASP D 219 -27.38 -30.03 45.21
CA ASP D 219 -27.58 -31.19 46.06
C ASP D 219 -28.87 -31.15 46.82
N ASP D 220 -29.62 -30.01 46.73
CA ASP D 220 -30.93 -29.70 47.23
C ASP D 220 -31.80 -30.21 46.13
N PRO D 221 -33.04 -30.68 46.36
CA PRO D 221 -33.96 -31.32 45.32
C PRO D 221 -33.87 -30.71 43.98
N THR D 222 -33.84 -31.59 43.00
CA THR D 222 -33.76 -31.20 41.61
C THR D 222 -35.15 -30.81 41.10
N ILE D 223 -36.23 -31.14 41.87
CA ILE D 223 -37.63 -30.83 41.51
C ILE D 223 -37.94 -29.44 41.88
N GLU D 224 -37.20 -28.86 42.94
CA GLU D 224 -37.48 -27.60 43.54
C GLU D 224 -36.72 -26.48 43.02
N ARG D 225 -36.03 -26.69 41.93
CA ARG D 225 -35.40 -25.68 41.13
C ARG D 225 -36.35 -24.85 40.35
N ILE D 226 -37.52 -25.44 40.07
CA ILE D 226 -38.55 -24.80 39.26
C ILE D 226 -39.81 -24.54 40.03
N LEU D 227 -40.01 -25.26 41.24
CA LEU D 227 -41.03 -24.99 42.15
C LEU D 227 -40.77 -23.73 43.01
N THR D 228 -39.56 -23.62 43.64
CA THR D 228 -39.18 -22.58 44.48
C THR D 228 -39.20 -21.17 43.87
N PRO D 229 -38.79 -20.81 42.64
CA PRO D 229 -39.05 -19.52 42.03
C PRO D 229 -40.53 -19.08 42.18
N ARG D 230 -41.50 -19.93 41.74
CA ARG D 230 -42.98 -19.71 41.61
C ARG D 230 -43.50 -19.36 43.01
N MET D 231 -43.12 -20.12 44.06
CA MET D 231 -43.34 -19.91 45.49
C MET D 231 -42.87 -18.54 45.94
N ALA D 232 -41.61 -18.23 45.65
CA ALA D 232 -40.98 -17.12 46.21
C ALA D 232 -41.55 -15.81 45.72
N LEU D 233 -41.82 -15.72 44.39
CA LEU D 233 -42.45 -14.62 43.69
C LEU D 233 -43.85 -14.27 44.27
N THR D 234 -44.50 -15.14 45.10
CA THR D 234 -45.87 -14.86 45.62
C THR D 234 -45.74 -14.47 47.03
N VAL D 235 -44.48 -14.24 47.46
CA VAL D 235 -44.06 -13.73 48.75
C VAL D 235 -43.45 -12.41 48.51
N ALA D 236 -43.45 -12.02 47.26
CA ALA D 236 -42.89 -10.82 46.75
C ALA D 236 -44.00 -9.94 46.63
N GLU D 237 -45.05 -10.38 45.90
CA GLU D 237 -46.35 -9.70 45.77
C GLU D 237 -46.92 -9.14 47.07
N TYR D 238 -46.55 -9.64 48.27
CA TYR D 238 -47.15 -9.33 49.52
C TYR D 238 -46.46 -8.18 50.18
N LEU D 239 -45.09 -8.15 49.98
CA LEU D 239 -44.30 -7.14 50.64
C LEU D 239 -44.17 -6.12 49.61
N ALA D 240 -44.20 -6.36 48.24
CA ALA D 240 -43.94 -5.35 47.31
C ALA D 240 -45.17 -4.55 47.06
N PHE D 241 -46.31 -5.22 46.72
CA PHE D 241 -47.52 -4.50 46.37
C PHE D 241 -48.32 -4.08 47.61
N GLU D 242 -48.59 -5.07 48.55
CA GLU D 242 -49.49 -4.80 49.65
C GLU D 242 -48.92 -4.14 50.87
N HIS D 243 -47.59 -3.97 50.91
CA HIS D 243 -46.92 -3.18 52.00
C HIS D 243 -46.22 -2.04 51.41
N ASP D 244 -46.41 -1.84 50.03
CA ASP D 244 -45.91 -0.74 49.24
C ASP D 244 -44.45 -0.60 49.41
N TYR D 245 -43.55 -1.63 49.11
CA TYR D 245 -42.04 -1.59 49.18
C TYR D 245 -41.58 -1.59 47.79
N HIS D 246 -40.37 -1.15 47.57
CA HIS D 246 -39.82 -1.24 46.23
C HIS D 246 -39.03 -2.51 46.37
N VAL D 247 -39.42 -3.69 45.78
CA VAL D 247 -38.68 -4.88 45.88
C VAL D 247 -37.97 -5.13 44.58
N LEU D 248 -36.69 -5.43 44.65
CA LEU D 248 -35.77 -5.72 43.60
C LEU D 248 -35.80 -7.24 43.72
N VAL D 249 -35.97 -7.99 42.62
CA VAL D 249 -35.90 -9.41 42.55
C VAL D 249 -34.78 -9.56 41.61
N ILE D 250 -33.93 -10.52 41.92
CA ILE D 250 -32.82 -10.90 41.12
C ILE D 250 -32.89 -12.39 41.18
N LEU D 251 -32.99 -13.10 39.98
CA LEU D 251 -33.15 -14.53 39.87
C LEU D 251 -31.99 -14.81 39.00
N THR D 252 -31.08 -15.77 39.38
CA THR D 252 -29.81 -15.89 38.66
C THR D 252 -29.77 -17.44 38.60
N ASP D 253 -29.02 -17.95 37.59
CA ASP D 253 -28.75 -19.32 37.30
C ASP D 253 -30.01 -19.89 36.70
N MET D 254 -30.27 -19.53 35.43
CA MET D 254 -31.42 -19.94 34.66
C MET D 254 -31.01 -20.90 33.60
N THR D 255 -30.27 -21.97 34.02
CA THR D 255 -30.01 -23.12 33.14
C THR D 255 -30.33 -24.31 33.94
N ASN D 256 -30.21 -24.08 35.28
CA ASN D 256 -30.34 -25.09 36.24
C ASN D 256 -31.85 -25.22 36.53
N TYR D 257 -32.55 -24.12 36.26
CA TYR D 257 -33.95 -24.05 36.07
C TYR D 257 -34.37 -25.13 35.08
N CYS D 258 -33.97 -24.89 33.86
CA CYS D 258 -34.11 -25.64 32.67
C CYS D 258 -33.74 -27.05 32.71
N GLU D 259 -32.81 -27.47 33.66
CA GLU D 259 -32.41 -28.81 33.98
C GLU D 259 -33.62 -29.50 34.54
N ALA D 260 -34.23 -29.05 35.64
CA ALA D 260 -35.41 -29.52 36.29
C ALA D 260 -36.62 -29.53 35.45
N LEU D 261 -36.75 -28.49 34.56
CA LEU D 261 -37.77 -28.36 33.52
C LEU D 261 -37.72 -29.54 32.55
N ARG D 262 -36.46 -29.77 31.92
CA ARG D 262 -36.21 -30.93 31.14
C ARG D 262 -36.77 -32.21 31.66
N GLU D 263 -36.52 -32.51 32.92
CA GLU D 263 -36.92 -33.86 33.50
C GLU D 263 -38.36 -34.29 33.13
N ILE D 264 -39.44 -33.41 33.42
CA ILE D 264 -40.89 -33.60 33.11
C ILE D 264 -41.15 -33.60 31.60
N GLY D 265 -40.36 -32.76 30.87
CA GLY D 265 -40.50 -32.36 29.47
C GLY D 265 -40.86 -33.46 28.58
N ALA D 266 -40.02 -34.55 28.78
CA ALA D 266 -40.04 -35.67 27.87
C ALA D 266 -40.31 -37.01 28.61
N ALA D 267 -39.80 -37.29 29.84
CA ALA D 267 -39.93 -38.57 30.51
C ALA D 267 -41.40 -39.06 30.73
N ARG D 268 -42.24 -38.02 30.99
CA ARG D 268 -43.67 -38.15 31.13
C ARG D 268 -44.35 -38.02 29.83
N GLU D 269 -45.69 -37.83 29.91
CA GLU D 269 -46.70 -37.70 28.87
C GLU D 269 -46.39 -36.49 27.98
N GLU D 270 -45.80 -35.42 28.57
CA GLU D 270 -45.46 -34.18 27.92
C GLU D 270 -44.43 -34.51 26.89
N ILE D 271 -44.45 -33.75 25.75
CA ILE D 271 -43.50 -33.96 24.73
C ILE D 271 -42.48 -32.85 24.62
N PRO D 272 -41.33 -33.08 24.01
CA PRO D 272 -40.33 -32.06 23.96
C PRO D 272 -40.76 -31.24 22.71
N GLY D 273 -41.11 -29.95 22.86
CA GLY D 273 -41.59 -29.19 21.76
C GLY D 273 -40.40 -28.32 21.27
N ARG D 274 -39.25 -28.26 22.03
CA ARG D 274 -38.06 -27.68 21.50
C ARG D 274 -36.91 -27.92 22.45
N ARG D 275 -36.01 -28.82 22.08
CA ARG D 275 -34.72 -28.97 22.71
C ARG D 275 -34.68 -29.69 24.11
N GLY D 276 -35.60 -30.74 24.20
CA GLY D 276 -35.80 -31.60 25.30
C GLY D 276 -36.64 -31.00 26.37
N TYR D 277 -37.13 -29.72 26.28
CA TYR D 277 -37.91 -29.01 27.31
C TYR D 277 -39.32 -29.19 26.80
N PRO D 278 -40.35 -29.20 27.68
CA PRO D 278 -41.77 -29.39 27.28
C PRO D 278 -42.18 -28.36 26.21
N GLY D 279 -43.41 -28.66 25.70
CA GLY D 279 -44.01 -27.80 24.74
C GLY D 279 -44.89 -26.86 25.59
N TYR D 280 -45.10 -27.10 26.97
CA TYR D 280 -45.78 -26.19 27.85
C TYR D 280 -44.81 -25.14 28.30
N MET D 281 -43.58 -25.10 27.65
CA MET D 281 -42.48 -24.18 27.84
C MET D 281 -42.80 -22.71 28.05
N TYR D 282 -43.77 -22.17 27.22
CA TYR D 282 -44.33 -20.85 27.09
C TYR D 282 -44.86 -20.41 28.40
N THR D 283 -45.62 -21.26 29.14
CA THR D 283 -46.21 -21.02 30.48
C THR D 283 -45.14 -20.98 31.49
N ASP D 284 -44.25 -22.01 31.39
CA ASP D 284 -43.02 -22.20 32.26
C ASP D 284 -42.09 -21.00 32.33
N LEU D 285 -42.18 -20.08 31.32
CA LEU D 285 -41.42 -18.87 31.22
C LEU D 285 -42.30 -17.59 31.26
N ALA D 286 -43.61 -17.77 31.61
CA ALA D 286 -44.56 -16.70 31.62
C ALA D 286 -44.90 -16.22 33.05
N THR D 287 -45.33 -17.13 33.96
CA THR D 287 -45.57 -16.85 35.32
C THR D 287 -44.32 -16.36 36.02
N ILE D 288 -43.11 -16.74 35.53
CA ILE D 288 -41.92 -16.36 36.16
C ILE D 288 -41.65 -14.95 35.81
N TYR D 289 -41.53 -14.73 34.44
CA TYR D 289 -41.08 -13.47 33.88
C TYR D 289 -42.01 -12.28 34.03
N GLU D 290 -43.41 -12.51 33.95
CA GLU D 290 -44.47 -11.54 34.05
C GLU D 290 -44.58 -10.82 35.25
N ARG D 291 -43.96 -11.36 36.34
CA ARG D 291 -44.01 -10.66 37.64
C ARG D 291 -43.09 -9.49 37.68
N ALA D 292 -43.70 -8.26 37.51
CA ALA D 292 -42.94 -6.98 37.53
C ALA D 292 -43.65 -5.95 36.65
N GLY D 293 -43.39 -4.63 36.90
CA GLY D 293 -44.22 -3.63 36.29
C GLY D 293 -44.69 -2.68 37.40
N VAL D 294 -44.74 -1.39 37.09
CA VAL D 294 -45.18 -0.39 38.07
C VAL D 294 -46.72 -0.39 38.13
N VAL D 295 -47.33 -0.45 39.38
CA VAL D 295 -48.69 -0.41 39.65
C VAL D 295 -49.18 1.00 39.54
N GLU D 296 -50.46 1.17 39.18
CA GLU D 296 -51.11 2.47 38.99
C GLU D 296 -51.85 2.79 40.28
N GLY D 297 -52.16 1.81 41.10
CA GLY D 297 -52.82 2.07 42.35
C GLY D 297 -51.99 1.69 43.57
N LYS D 298 -50.85 0.98 43.48
CA LYS D 298 -49.88 0.83 44.47
C LYS D 298 -48.77 1.68 44.07
N LYS D 299 -47.86 1.88 45.10
CA LYS D 299 -46.73 2.75 44.90
C LYS D 299 -45.50 1.85 45.14
N GLY D 300 -45.83 0.52 45.33
CA GLY D 300 -44.84 -0.48 45.37
C GLY D 300 -44.70 -1.03 44.05
N SER D 301 -43.62 -1.84 43.84
CA SER D 301 -43.33 -2.36 42.57
C SER D 301 -42.59 -3.57 42.77
N VAL D 302 -42.47 -4.46 41.76
CA VAL D 302 -41.61 -5.62 41.73
C VAL D 302 -40.75 -5.26 40.54
N THR D 303 -39.45 -4.94 40.73
CA THR D 303 -38.48 -4.80 39.65
C THR D 303 -37.74 -6.06 39.66
N GLN D 304 -37.82 -6.90 38.62
CA GLN D 304 -37.20 -8.24 38.54
C GLN D 304 -36.13 -8.04 37.53
N ILE D 305 -34.90 -8.61 37.72
CA ILE D 305 -33.77 -8.48 36.80
C ILE D 305 -33.35 -9.96 36.67
N PRO D 306 -33.79 -10.68 35.60
CA PRO D 306 -33.26 -12.05 35.37
C PRO D 306 -31.86 -12.03 34.94
N ILE D 307 -30.93 -12.91 35.33
CA ILE D 307 -29.54 -12.91 34.84
C ILE D 307 -29.38 -14.30 34.33
N LEU D 308 -29.20 -14.44 32.99
CA LEU D 308 -29.00 -15.66 32.29
C LEU D 308 -27.57 -16.05 32.31
N SER D 309 -27.35 -17.36 31.85
CA SER D 309 -26.15 -18.18 31.68
C SER D 309 -26.50 -19.02 30.49
N MET D 310 -27.22 -18.37 29.49
CA MET D 310 -27.67 -19.05 28.30
C MET D 310 -26.50 -19.67 27.48
N PRO D 311 -26.70 -20.85 26.81
CA PRO D 311 -25.64 -21.59 26.10
C PRO D 311 -24.95 -20.86 25.02
N ASP D 312 -23.65 -20.85 25.08
CA ASP D 312 -22.75 -20.16 24.15
C ASP D 312 -23.29 -18.81 23.73
N ASP D 313 -23.28 -18.39 22.43
CA ASP D 313 -23.64 -17.19 21.70
C ASP D 313 -24.71 -17.61 20.66
N ASP D 314 -25.43 -18.63 20.97
CA ASP D 314 -26.52 -19.16 20.16
C ASP D 314 -27.78 -18.32 20.36
N ARG D 315 -28.70 -18.18 19.35
CA ARG D 315 -29.89 -17.33 19.40
C ARG D 315 -31.16 -18.07 19.03
N THR D 316 -30.99 -19.31 18.77
CA THR D 316 -32.02 -20.28 18.40
C THR D 316 -32.34 -21.22 19.54
N HIS D 317 -31.47 -21.18 20.60
CA HIS D 317 -31.69 -21.84 21.89
C HIS D 317 -32.86 -21.13 22.60
N PRO D 318 -33.85 -21.91 23.17
CA PRO D 318 -35.01 -21.46 23.87
C PRO D 318 -34.88 -20.24 24.73
N ILE D 319 -33.72 -20.13 25.50
CA ILE D 319 -33.46 -18.99 26.41
C ILE D 319 -33.39 -17.73 25.61
N PRO D 320 -32.40 -17.38 24.73
CA PRO D 320 -32.33 -16.12 23.95
C PRO D 320 -33.53 -15.74 23.13
N ASP D 321 -34.28 -16.79 22.71
CA ASP D 321 -35.52 -16.83 21.97
C ASP D 321 -36.50 -15.90 22.46
N LEU D 322 -37.36 -16.37 23.41
CA LEU D 322 -38.51 -15.80 23.97
C LEU D 322 -38.16 -14.52 24.72
N THR D 323 -37.00 -14.41 25.44
CA THR D 323 -36.44 -13.35 26.20
C THR D 323 -36.34 -12.14 25.31
N GLY D 324 -35.89 -12.29 24.01
CA GLY D 324 -35.92 -11.23 23.07
C GLY D 324 -37.19 -10.50 23.00
N TYR D 325 -38.25 -11.14 22.53
CA TYR D 325 -39.59 -10.58 22.43
C TYR D 325 -40.06 -9.88 23.70
N ILE D 326 -39.96 -10.66 24.80
CA ILE D 326 -40.39 -10.13 26.11
C ILE D 326 -39.84 -8.76 26.52
N THR D 327 -38.51 -8.68 26.72
CA THR D 327 -38.04 -7.45 27.21
C THR D 327 -37.94 -6.42 26.11
N GLU D 328 -37.93 -5.17 26.55
CA GLU D 328 -37.68 -4.03 25.73
C GLU D 328 -36.25 -3.58 25.82
N GLY D 329 -35.85 -3.37 27.12
CA GLY D 329 -34.48 -3.08 27.52
C GLY D 329 -33.75 -4.38 27.82
N GLN D 330 -32.52 -4.52 27.37
CA GLN D 330 -31.75 -5.71 27.55
C GLN D 330 -30.32 -5.23 27.27
N ILE D 331 -29.34 -6.05 27.80
CA ILE D 331 -27.92 -5.72 27.80
C ILE D 331 -27.21 -6.94 27.62
N GLN D 332 -26.06 -6.91 26.90
CA GLN D 332 -25.28 -8.08 26.73
C GLN D 332 -23.90 -7.84 27.26
N LEU D 333 -23.30 -8.92 27.85
CA LEU D 333 -21.96 -8.98 28.33
C LEU D 333 -21.34 -9.93 27.38
N SER D 334 -20.02 -9.77 27.00
CA SER D 334 -19.40 -10.69 26.13
C SER D 334 -17.98 -11.04 26.63
N ARG D 335 -17.37 -12.00 26.03
CA ARG D 335 -16.15 -12.56 26.40
C ARG D 335 -14.93 -11.95 25.81
N GLU D 336 -15.13 -11.10 24.79
CA GLU D 336 -14.16 -10.40 24.06
C GLU D 336 -13.39 -9.36 24.90
N LEU D 337 -14.15 -8.62 25.85
CA LEU D 337 -13.53 -7.57 26.64
C LEU D 337 -13.28 -8.17 28.03
N HIS D 338 -13.82 -9.35 28.22
CA HIS D 338 -13.80 -10.01 29.54
C HIS D 338 -12.44 -10.62 29.76
N ARG D 339 -11.71 -11.01 28.61
CA ARG D 339 -10.33 -11.43 28.74
C ARG D 339 -9.31 -10.26 28.78
N LYS D 340 -9.74 -9.04 28.46
CA LYS D 340 -8.92 -7.83 28.69
C LYS D 340 -8.89 -7.61 30.19
N GLY D 341 -10.00 -7.98 30.89
CA GLY D 341 -10.11 -7.84 32.34
C GLY D 341 -10.95 -6.65 32.72
N ILE D 342 -11.71 -6.05 31.76
CA ILE D 342 -12.55 -4.88 32.02
C ILE D 342 -13.73 -5.52 32.61
N TYR D 343 -14.39 -4.89 33.62
CA TYR D 343 -15.66 -5.34 34.30
C TYR D 343 -16.68 -4.12 34.40
N PRO D 344 -17.93 -4.23 33.95
CA PRO D 344 -18.59 -5.38 33.25
C PRO D 344 -18.05 -5.38 31.78
N PRO D 345 -18.08 -6.42 31.00
CA PRO D 345 -17.50 -6.30 29.65
C PRO D 345 -18.63 -6.13 28.58
N ILE D 346 -19.40 -4.99 28.56
CA ILE D 346 -20.54 -4.84 27.72
C ILE D 346 -20.06 -4.98 26.29
N ASP D 347 -20.91 -5.66 25.48
CA ASP D 347 -20.86 -5.68 24.06
C ASP D 347 -22.29 -5.38 23.73
N PRO D 348 -22.65 -4.24 23.14
CA PRO D 348 -24.03 -3.94 22.81
C PRO D 348 -24.44 -3.98 21.33
N LEU D 349 -23.75 -4.73 20.48
CA LEU D 349 -24.06 -4.94 19.05
C LEU D 349 -25.44 -5.64 18.76
N PRO D 350 -25.81 -6.77 19.30
CA PRO D 350 -27.13 -7.24 19.08
C PRO D 350 -28.14 -6.70 20.11
N SER D 351 -27.65 -6.05 21.22
CA SER D 351 -28.44 -5.47 22.25
C SER D 351 -29.34 -4.35 21.75
N LEU D 352 -30.52 -4.16 22.36
CA LEU D 352 -31.49 -3.19 21.87
C LEU D 352 -32.13 -2.55 23.04
N SER D 353 -32.59 -1.31 22.81
CA SER D 353 -33.30 -0.59 23.81
C SER D 353 -34.32 0.03 22.86
N ARG D 354 -35.62 -0.19 23.12
CA ARG D 354 -36.78 0.15 22.37
C ARG D 354 -37.53 1.24 23.13
N LEU D 355 -37.08 1.52 24.38
CA LEU D 355 -37.51 2.58 25.21
C LEU D 355 -36.36 3.48 25.56
N MET D 356 -36.37 4.71 25.06
CA MET D 356 -35.29 5.59 25.35
C MET D 356 -35.61 7.02 25.08
N ASN D 357 -36.87 7.24 24.58
CA ASN D 357 -37.44 8.57 24.34
C ASN D 357 -38.80 8.44 24.78
N ASN D 358 -39.34 7.18 24.72
CA ASN D 358 -40.66 6.86 25.25
C ASN D 358 -40.34 6.03 26.39
N GLY D 359 -40.97 6.21 27.55
CA GLY D 359 -40.79 5.35 28.70
C GLY D 359 -39.69 5.80 29.58
N VAL D 360 -38.42 5.60 29.23
CA VAL D 360 -37.31 6.13 29.93
C VAL D 360 -36.92 7.33 29.12
N GLY D 361 -36.20 8.30 29.67
CA GLY D 361 -35.90 9.52 29.04
C GLY D 361 -37.15 10.42 28.92
N LYS D 362 -38.01 10.31 29.93
CA LYS D 362 -39.18 11.20 30.08
C LYS D 362 -39.58 11.12 31.57
N GLY D 363 -40.34 12.15 32.01
CA GLY D 363 -40.81 12.25 33.30
C GLY D 363 -39.81 12.39 34.41
N LYS D 364 -39.77 11.33 35.29
CA LYS D 364 -38.83 11.28 36.42
C LYS D 364 -37.48 10.90 35.97
N THR D 365 -37.38 10.35 34.78
CA THR D 365 -36.12 10.01 34.15
C THR D 365 -35.80 11.19 33.46
N ARG D 366 -34.56 11.76 33.54
CA ARG D 366 -34.08 12.98 32.96
C ARG D 366 -33.96 12.79 31.49
N GLU D 367 -34.11 13.89 30.73
CA GLU D 367 -34.16 13.96 29.32
C GLU D 367 -32.97 14.68 28.80
N ASP D 368 -31.89 14.92 29.63
CA ASP D 368 -30.64 15.53 29.12
C ASP D 368 -29.75 14.46 28.55
N HIS D 369 -30.15 13.16 28.72
CA HIS D 369 -29.40 12.10 28.16
C HIS D 369 -30.26 11.44 27.17
N LYS D 370 -31.41 12.02 26.90
CA LYS D 370 -32.38 11.52 25.95
C LYS D 370 -31.79 11.27 24.57
N GLN D 371 -31.26 12.38 23.96
CA GLN D 371 -30.85 12.44 22.60
C GLN D 371 -29.41 11.97 22.55
N VAL D 372 -28.78 12.00 23.77
CA VAL D 372 -27.39 11.61 24.11
C VAL D 372 -27.14 10.17 23.88
N SER D 373 -27.94 9.30 24.51
CA SER D 373 -27.99 7.85 24.26
C SER D 373 -27.99 7.53 22.83
N ASP D 374 -28.93 8.03 22.06
CA ASP D 374 -29.21 7.79 20.62
C ASP D 374 -27.98 8.15 19.78
N GLN D 375 -27.21 9.16 20.23
CA GLN D 375 -25.97 9.56 19.64
C GLN D 375 -25.02 8.54 19.86
N LEU D 376 -24.79 8.18 21.15
CA LEU D 376 -23.87 7.20 21.67
C LEU D 376 -23.95 5.78 21.02
N TYR D 377 -25.17 5.36 20.68
CA TYR D 377 -25.34 4.16 19.90
C TYR D 377 -24.51 4.11 18.63
N SER D 378 -24.91 4.91 17.55
CA SER D 378 -24.27 4.93 16.28
C SER D 378 -22.78 5.42 16.43
N ALA D 379 -22.41 6.34 17.35
CA ALA D 379 -21.06 6.87 17.60
C ALA D 379 -20.12 5.69 17.96
N TYR D 380 -20.57 4.76 18.80
CA TYR D 380 -19.79 3.61 19.26
C TYR D 380 -19.82 2.69 18.16
N ALA D 381 -20.98 2.47 17.39
CA ALA D 381 -21.15 1.50 16.28
C ALA D 381 -20.00 1.78 15.30
N ASN D 382 -19.95 3.01 14.73
CA ASN D 382 -18.97 3.51 13.68
C ASN D 382 -17.56 3.12 14.01
N GLY D 383 -17.09 3.17 15.33
CA GLY D 383 -15.81 2.81 15.98
C GLY D 383 -15.49 1.37 15.76
N VAL D 384 -15.81 0.52 16.81
CA VAL D 384 -15.50 -0.89 16.80
C VAL D 384 -15.84 -1.63 15.48
N ASP D 385 -17.05 -1.44 14.92
CA ASP D 385 -17.32 -2.06 13.60
C ASP D 385 -16.25 -1.82 12.55
N ILE D 386 -15.78 -0.53 12.41
CA ILE D 386 -14.94 -0.31 11.24
C ILE D 386 -13.52 -0.87 11.41
N ARG D 387 -13.15 -1.29 12.67
CA ARG D 387 -11.91 -2.00 12.88
C ARG D 387 -11.78 -3.28 12.04
N LYS D 388 -12.93 -3.82 11.57
CA LYS D 388 -13.15 -5.07 10.90
C LYS D 388 -13.15 -4.73 9.49
N LEU D 389 -14.08 -3.88 9.05
CA LEU D 389 -14.21 -3.39 7.67
C LEU D 389 -12.97 -2.86 7.03
N VAL D 390 -11.96 -2.34 7.83
CA VAL D 390 -10.63 -2.03 7.28
C VAL D 390 -9.75 -3.22 6.94
N ALA D 391 -9.66 -4.25 7.78
CA ALA D 391 -8.93 -5.52 7.71
C ALA D 391 -9.62 -6.52 6.73
N ILE D 392 -10.68 -6.04 6.01
CA ILE D 392 -11.46 -6.82 5.01
C ILE D 392 -11.18 -6.18 3.61
N ILE D 393 -11.40 -4.90 3.49
CA ILE D 393 -11.17 -4.25 2.18
C ILE D 393 -9.69 -4.29 1.78
N GLY D 394 -8.81 -3.85 2.67
CA GLY D 394 -7.40 -3.93 2.45
C GLY D 394 -6.81 -4.20 3.82
N GLU D 395 -6.13 -3.21 4.42
CA GLU D 395 -5.69 -3.27 5.81
C GLU D 395 -5.51 -1.80 6.15
N ASP D 396 -5.77 -0.90 5.19
CA ASP D 396 -5.58 0.53 5.43
C ASP D 396 -6.40 1.20 4.35
N ALA D 397 -7.54 1.83 4.64
CA ALA D 397 -8.28 2.48 3.56
C ALA D 397 -9.14 3.57 4.18
N LEU D 398 -8.99 3.78 5.58
CA LEU D 398 -9.47 4.90 6.37
C LEU D 398 -8.82 6.09 5.84
N THR D 399 -9.52 7.29 5.87
CA THR D 399 -9.06 8.60 5.72
C THR D 399 -8.47 9.04 7.06
N GLU D 400 -8.75 10.27 7.40
CA GLU D 400 -8.33 10.92 8.64
C GLU D 400 -9.59 11.29 9.32
N ASN D 401 -10.74 11.31 8.62
CA ASN D 401 -11.95 11.70 9.24
C ASN D 401 -12.36 10.40 9.99
N ASP D 402 -12.49 9.21 9.26
CA ASP D 402 -12.83 7.87 9.79
C ASP D 402 -11.90 7.30 10.87
N ARG D 403 -10.66 7.82 10.89
CA ARG D 403 -9.60 7.63 11.88
C ARG D 403 -10.14 8.01 13.22
N ARG D 404 -10.97 9.07 13.30
CA ARG D 404 -11.51 9.65 14.49
C ARG D 404 -12.45 8.63 15.12
N TYR D 405 -13.24 7.93 14.31
CA TYR D 405 -14.33 7.04 14.65
C TYR D 405 -13.70 6.01 15.56
N LEU D 406 -12.68 5.30 15.04
CA LEU D 406 -11.95 4.20 15.69
C LEU D 406 -11.11 4.79 16.84
N GLN D 407 -10.58 6.04 16.73
CA GLN D 407 -9.91 6.77 17.85
C GLN D 407 -10.75 6.88 19.13
N PHE D 408 -12.09 6.83 18.97
CA PHE D 408 -13.07 7.02 20.01
C PHE D 408 -13.60 5.74 20.58
N ALA D 409 -13.57 4.62 19.82
CA ALA D 409 -13.83 3.26 20.34
C ALA D 409 -12.97 2.98 21.61
N ASP D 410 -11.65 2.81 21.44
CA ASP D 410 -10.63 2.47 22.34
C ASP D 410 -10.60 3.20 23.63
N ALA D 411 -10.88 4.49 23.57
CA ALA D 411 -10.94 5.42 24.68
C ALA D 411 -12.15 5.00 25.43
N PHE D 412 -13.37 5.28 24.81
CA PHE D 412 -14.67 5.08 25.43
C PHE D 412 -14.76 3.80 26.22
N GLU D 413 -14.52 2.59 25.63
CA GLU D 413 -14.67 1.30 26.32
C GLU D 413 -13.95 1.22 27.66
N ARG D 414 -12.58 1.46 27.64
CA ARG D 414 -11.71 1.47 28.82
C ARG D 414 -12.22 2.25 30.00
N PHE D 415 -12.43 3.58 29.73
CA PHE D 415 -12.85 4.51 30.78
C PHE D 415 -14.27 4.17 31.25
N PHE D 416 -15.26 4.58 30.37
CA PHE D 416 -16.70 4.54 30.56
C PHE D 416 -17.30 3.27 31.16
N ILE D 417 -16.93 2.08 30.56
CA ILE D 417 -17.52 0.84 31.02
C ILE D 417 -16.75 0.31 32.26
N ASN D 418 -15.71 0.85 32.79
CA ASN D 418 -14.90 0.33 33.85
C ASN D 418 -15.16 1.08 35.14
N GLN D 419 -15.70 0.34 36.13
CA GLN D 419 -15.89 0.78 37.47
C GLN D 419 -15.76 -0.53 38.29
N GLY D 420 -15.03 -0.49 39.49
CA GLY D 420 -14.90 -1.63 40.35
C GLY D 420 -15.88 -1.41 41.49
N GLN D 421 -15.44 -0.43 42.34
CA GLN D 421 -16.15 0.11 43.45
C GLN D 421 -16.29 1.59 43.28
N GLN D 422 -16.06 2.10 41.99
CA GLN D 422 -16.27 3.47 41.61
C GLN D 422 -17.69 3.62 41.24
N ASN D 423 -18.24 4.75 41.62
CA ASN D 423 -19.62 5.06 41.40
C ASN D 423 -19.65 6.53 41.00
N ARG D 424 -20.44 6.85 39.92
CA ARG D 424 -20.58 8.16 39.30
C ARG D 424 -22.07 8.33 39.04
N SER D 425 -22.55 9.44 39.55
CA SER D 425 -23.86 9.95 39.42
C SER D 425 -24.15 10.12 37.94
N ILE D 426 -25.44 10.13 37.61
CA ILE D 426 -25.83 10.41 36.23
C ILE D 426 -25.27 11.69 35.65
N GLU D 427 -25.07 12.76 36.44
CA GLU D 427 -24.52 14.03 36.01
C GLU D 427 -23.02 13.88 35.85
N GLU D 428 -22.30 13.33 36.88
CA GLU D 428 -20.90 12.92 36.70
C GLU D 428 -20.58 12.04 35.51
N SER D 429 -21.58 11.35 34.95
CA SER D 429 -21.52 10.57 33.73
C SER D 429 -21.47 11.56 32.59
N LEU D 430 -22.61 12.06 32.17
CA LEU D 430 -22.75 13.07 31.18
C LEU D 430 -21.67 14.11 30.86
N GLN D 431 -21.20 14.81 31.95
CA GLN D 431 -20.10 15.69 31.88
C GLN D 431 -18.92 15.12 31.14
N ILE D 432 -18.25 14.16 31.80
CA ILE D 432 -17.18 13.39 31.27
C ILE D 432 -17.31 12.86 29.83
N ALA D 433 -18.44 12.16 29.56
CA ALA D 433 -18.86 11.57 28.25
C ALA D 433 -18.83 12.53 27.03
N TRP D 434 -19.31 13.73 27.28
CA TRP D 434 -19.40 14.72 26.21
C TRP D 434 -18.03 15.38 25.97
N ALA D 435 -17.05 15.22 26.85
CA ALA D 435 -15.68 15.66 26.71
C ALA D 435 -14.80 14.68 25.97
N LEU D 436 -15.29 13.43 25.78
CA LEU D 436 -14.64 12.36 25.02
C LEU D 436 -15.25 12.46 23.61
N LEU D 437 -16.53 12.99 23.48
CA LEU D 437 -17.20 13.24 22.16
C LEU D 437 -16.57 14.39 21.36
N SER D 438 -15.78 15.19 22.06
CA SER D 438 -14.94 16.29 21.56
C SER D 438 -13.78 15.72 20.72
N MET D 439 -13.59 14.38 20.68
CA MET D 439 -12.62 13.70 19.73
C MET D 439 -13.27 13.35 18.42
N LEU D 440 -14.44 13.99 18.14
CA LEU D 440 -15.31 13.80 17.02
C LEU D 440 -15.79 15.19 16.61
N PRO D 441 -16.00 15.43 15.26
CA PRO D 441 -16.54 16.66 14.66
C PRO D 441 -18.07 16.51 14.62
N GLN D 442 -18.81 17.44 13.79
CA GLN D 442 -20.24 17.29 13.58
C GLN D 442 -20.57 16.14 12.70
N GLY D 443 -21.78 15.54 12.89
CA GLY D 443 -22.18 14.33 12.19
C GLY D 443 -22.14 13.14 13.09
N GLU D 444 -21.73 13.32 14.31
CA GLU D 444 -21.56 12.33 15.38
C GLU D 444 -22.00 13.12 16.63
N LEU D 445 -22.81 14.20 16.35
CA LEU D 445 -23.21 15.18 17.38
C LEU D 445 -24.49 15.92 16.96
N LYS D 446 -25.08 15.60 15.77
CA LYS D 446 -26.36 16.16 15.29
C LYS D 446 -27.56 15.86 16.24
N ARG D 447 -27.68 14.68 16.75
CA ARG D 447 -28.81 14.22 17.43
C ARG D 447 -28.91 14.97 18.76
N ILE D 448 -27.81 15.12 19.48
CA ILE D 448 -27.68 15.89 20.71
C ILE D 448 -28.22 17.28 20.46
N SER D 449 -29.05 17.80 21.45
CA SER D 449 -29.70 19.05 21.34
C SER D 449 -28.73 20.21 21.53
N LYS D 450 -29.18 21.44 21.17
CA LYS D 450 -28.51 22.73 21.43
C LYS D 450 -28.26 22.86 22.94
N ASP D 451 -29.23 22.51 23.76
CA ASP D 451 -29.23 22.65 25.31
C ASP D 451 -28.08 21.75 25.87
N HIS D 452 -28.17 20.43 25.82
CA HIS D 452 -27.22 19.41 26.17
C HIS D 452 -25.82 19.68 25.71
N ILE D 453 -25.68 20.12 24.44
CA ILE D 453 -24.41 20.44 23.85
C ILE D 453 -23.61 21.45 24.63
N GLY D 454 -24.26 22.54 24.94
CA GLY D 454 -23.63 23.65 25.54
C GLY D 454 -23.49 23.55 26.96
N LYS D 455 -24.49 22.98 27.61
CA LYS D 455 -24.49 22.55 28.98
C LYS D 455 -23.20 21.84 29.38
N TYR D 456 -22.67 20.87 28.65
CA TYR D 456 -21.54 20.09 28.98
C TYR D 456 -20.39 20.33 27.99
N TYR D 457 -20.10 21.57 27.79
CA TYR D 457 -19.09 21.93 26.80
C TYR D 457 -17.70 22.01 27.50
N GLU E 1 -38.03 -76.71 23.13
CA GLU E 1 -38.48 -76.69 21.69
C GLU E 1 -39.79 -75.89 21.57
N TYR E 2 -39.99 -75.17 20.44
CA TYR E 2 -41.11 -74.29 20.20
C TYR E 2 -41.48 -74.43 18.77
N THR E 3 -42.77 -74.85 18.52
CA THR E 3 -43.35 -74.92 17.23
C THR E 3 -44.26 -73.70 17.13
N GLY E 4 -44.27 -72.97 15.96
CA GLY E 4 -45.12 -71.87 15.66
C GLY E 4 -44.33 -70.67 15.78
N ILE E 5 -44.70 -69.62 15.03
CA ILE E 5 -43.94 -68.39 14.87
C ILE E 5 -45.10 -67.45 14.65
N THR E 6 -44.99 -66.17 15.00
CA THR E 6 -46.13 -65.27 14.87
C THR E 6 -45.75 -63.96 14.29
N TYR E 7 -44.56 -63.97 13.62
CA TYR E 7 -43.95 -62.80 12.97
C TYR E 7 -42.92 -63.35 11.95
N ILE E 8 -43.11 -62.96 10.66
CA ILE E 8 -42.15 -63.33 9.64
C ILE E 8 -41.47 -62.01 9.38
N SER E 9 -40.14 -61.91 9.60
CA SER E 9 -39.53 -60.64 9.43
C SER E 9 -38.13 -60.99 9.12
N GLY E 10 -37.41 -59.99 8.57
CA GLY E 10 -36.02 -60.12 8.18
C GLY E 10 -34.89 -59.97 9.16
N PRO E 11 -34.86 -59.14 10.18
CA PRO E 11 -33.72 -59.10 11.10
C PRO E 11 -33.94 -59.80 12.45
N LEU E 12 -35.21 -59.73 12.98
CA LEU E 12 -35.60 -60.32 14.27
C LEU E 12 -37.08 -60.75 14.20
N LEU E 13 -37.50 -61.83 15.01
CA LEU E 13 -38.83 -62.25 15.11
C LEU E 13 -39.24 -63.10 16.31
N PHE E 14 -40.54 -63.03 16.58
CA PHE E 14 -41.33 -63.72 17.55
C PHE E 14 -41.16 -65.23 17.60
N VAL E 15 -40.96 -65.70 18.83
CA VAL E 15 -40.89 -67.01 19.29
C VAL E 15 -41.52 -66.90 20.58
N GLU E 16 -42.62 -67.62 20.76
CA GLU E 16 -43.50 -67.60 21.93
C GLU E 16 -42.76 -68.14 23.11
N ASN E 17 -42.92 -67.51 24.28
CA ASN E 17 -42.37 -67.91 25.63
C ASN E 17 -40.87 -68.25 25.54
N ALA E 18 -40.39 -68.84 26.68
CA ALA E 18 -39.04 -69.17 26.95
C ALA E 18 -38.86 -69.66 28.37
N LYS E 19 -38.03 -70.73 28.42
CA LYS E 19 -37.91 -71.34 29.76
C LYS E 19 -36.53 -72.01 29.88
N ASP E 20 -35.68 -71.97 28.75
CA ASP E 20 -34.44 -72.63 28.72
C ASP E 20 -33.57 -71.93 27.71
N LEU E 21 -34.05 -70.80 27.22
CA LEU E 21 -33.27 -70.05 26.21
C LEU E 21 -32.38 -69.14 27.02
N ALA E 22 -31.04 -69.30 26.60
CA ALA E 22 -29.99 -68.64 27.29
C ALA E 22 -29.90 -67.31 26.62
N TYR E 23 -29.05 -66.37 27.06
CA TYR E 23 -28.77 -65.20 26.18
C TYR E 23 -27.64 -65.61 25.28
N GLY E 24 -27.80 -65.33 23.96
CA GLY E 24 -26.90 -65.47 22.92
C GLY E 24 -26.64 -66.87 22.52
N ALA E 25 -27.70 -67.65 22.57
CA ALA E 25 -27.83 -69.10 22.28
C ALA E 25 -28.05 -69.32 20.87
N ILE E 26 -27.63 -70.53 20.44
CA ILE E 26 -27.67 -70.96 19.08
C ILE E 26 -28.92 -71.75 18.87
N VAL E 27 -29.76 -71.28 17.95
CA VAL E 27 -30.94 -71.96 17.56
C VAL E 27 -30.86 -72.32 16.11
N ASP E 28 -31.64 -73.36 15.67
CA ASP E 28 -31.70 -73.96 14.36
C ASP E 28 -33.15 -73.88 13.99
N ILE E 29 -33.37 -73.36 12.76
CA ILE E 29 -34.73 -73.13 12.29
C ILE E 29 -34.83 -73.64 10.86
N LYS E 30 -35.62 -74.69 10.68
CA LYS E 30 -36.02 -75.28 9.41
C LYS E 30 -37.16 -74.39 8.94
N ASP E 31 -37.04 -73.69 7.81
CA ASP E 31 -38.02 -72.69 7.36
C ASP E 31 -39.23 -73.35 6.69
N GLY E 32 -39.15 -74.69 6.46
CA GLY E 32 -40.16 -75.48 5.76
C GLY E 32 -40.10 -75.32 4.23
N THR E 33 -39.08 -74.53 3.68
CA THR E 33 -38.99 -74.30 2.21
C THR E 33 -37.75 -75.06 1.89
N GLY E 34 -37.33 -76.00 2.76
CA GLY E 34 -36.17 -76.79 2.66
C GLY E 34 -34.96 -76.09 3.06
N ARG E 35 -35.01 -74.89 3.59
CA ARG E 35 -33.81 -74.13 3.94
C ARG E 35 -33.61 -74.20 5.36
N VAL E 36 -32.38 -73.89 5.91
CA VAL E 36 -32.20 -73.94 7.36
C VAL E 36 -31.37 -72.65 7.72
N ARG E 37 -31.48 -72.13 9.02
CA ARG E 37 -30.88 -70.89 9.38
C ARG E 37 -30.50 -71.22 10.77
N GLY E 38 -29.80 -70.18 11.41
CA GLY E 38 -29.45 -70.19 12.80
C GLY E 38 -29.59 -68.80 13.23
N GLY E 39 -28.94 -68.50 14.35
CA GLY E 39 -29.00 -67.20 14.90
C GLY E 39 -28.70 -67.20 16.38
N GLN E 40 -28.64 -65.94 17.01
CA GLN E 40 -28.40 -65.84 18.40
C GLN E 40 -29.73 -65.40 18.90
N VAL E 41 -29.99 -65.74 20.24
CA VAL E 41 -31.18 -65.51 21.00
C VAL E 41 -30.83 -64.41 21.97
N ILE E 42 -30.74 -63.20 21.40
CA ILE E 42 -30.33 -62.03 22.20
C ILE E 42 -31.56 -61.22 22.43
N GLU E 43 -31.94 -61.25 23.71
CA GLU E 43 -33.21 -60.88 24.27
C GLU E 43 -34.11 -62.11 24.42
N VAL E 44 -34.39 -62.53 25.67
CA VAL E 44 -35.17 -63.75 25.95
C VAL E 44 -36.36 -63.29 26.77
N SER E 45 -37.61 -63.61 26.42
CA SER E 45 -38.87 -63.22 27.00
C SER E 45 -39.85 -64.42 27.15
N GLU E 46 -40.79 -64.27 28.18
CA GLU E 46 -41.84 -65.27 28.38
C GLU E 46 -43.10 -64.70 27.68
N GLU E 47 -42.85 -63.77 26.72
CA GLU E 47 -43.90 -63.16 25.98
C GLU E 47 -43.51 -63.45 24.56
N TYR E 48 -42.53 -62.71 24.09
CA TYR E 48 -42.02 -62.95 22.74
C TYR E 48 -40.54 -62.77 22.86
N ALA E 49 -39.89 -63.91 22.79
CA ALA E 49 -38.43 -63.84 22.61
C ALA E 49 -38.18 -63.59 21.16
N VAL E 50 -37.14 -62.82 20.86
CA VAL E 50 -36.81 -62.54 19.46
C VAL E 50 -35.37 -63.12 19.21
N ILE E 51 -35.29 -63.82 18.06
CA ILE E 51 -34.14 -64.60 17.56
C ILE E 51 -33.64 -63.87 16.35
N GLN E 52 -32.28 -63.79 16.25
CA GLN E 52 -31.48 -63.26 15.21
C GLN E 52 -31.60 -63.90 13.92
N VAL E 53 -32.39 -63.36 12.99
CA VAL E 53 -32.52 -63.95 11.68
C VAL E 53 -31.21 -63.76 10.90
N PHE E 54 -30.71 -64.84 10.32
CA PHE E 54 -29.40 -64.89 9.69
C PHE E 54 -29.48 -64.59 8.17
N GLU E 55 -30.62 -64.49 7.49
CA GLU E 55 -30.77 -64.16 6.11
C GLU E 55 -32.07 -63.43 5.84
N GLU E 56 -32.26 -63.02 4.65
CA GLU E 56 -33.43 -62.23 4.17
C GLU E 56 -34.77 -62.84 4.52
N THR E 57 -35.88 -62.05 4.37
CA THR E 57 -37.27 -62.51 4.73
C THR E 57 -37.87 -63.48 3.84
N THR E 58 -37.49 -63.52 2.53
CA THR E 58 -38.00 -64.46 1.59
C THR E 58 -37.70 -65.93 1.93
N GLY E 59 -38.59 -66.84 1.63
CA GLY E 59 -38.26 -68.23 1.82
C GLY E 59 -38.56 -68.65 3.22
N LEU E 60 -39.75 -68.21 3.67
CA LEU E 60 -40.22 -68.49 5.06
C LEU E 60 -41.67 -68.75 4.85
N ASP E 61 -42.16 -69.61 5.74
CA ASP E 61 -43.58 -70.00 5.79
C ASP E 61 -43.96 -70.39 7.22
N LEU E 62 -45.27 -70.51 7.44
CA LEU E 62 -45.81 -70.94 8.77
C LEU E 62 -46.39 -72.30 8.64
N ALA E 63 -46.33 -72.95 7.39
CA ALA E 63 -46.77 -74.31 7.14
C ALA E 63 -45.92 -75.31 7.97
N THR E 64 -44.56 -75.05 8.01
CA THR E 64 -43.66 -75.89 8.80
C THR E 64 -42.67 -74.95 9.31
N THR E 65 -42.52 -74.90 10.67
CA THR E 65 -41.46 -74.14 11.32
C THR E 65 -41.13 -74.87 12.60
N SER E 66 -39.87 -74.84 13.01
CA SER E 66 -39.54 -75.26 14.35
C SER E 66 -38.34 -74.44 14.82
N VAL E 67 -38.34 -74.19 16.13
CA VAL E 67 -37.24 -73.48 16.81
C VAL E 67 -36.74 -74.51 17.75
N SER E 68 -35.40 -74.71 17.78
CA SER E 68 -34.84 -75.74 18.58
C SER E 68 -33.41 -75.26 18.96
N LEU E 69 -33.14 -75.23 20.30
CA LEU E 69 -31.88 -74.95 20.94
C LEU E 69 -30.80 -75.98 20.70
N VAL E 70 -29.66 -75.51 20.17
CA VAL E 70 -28.54 -76.36 19.80
C VAL E 70 -27.46 -76.23 20.80
N GLU E 71 -27.08 -74.97 21.19
CA GLU E 71 -26.09 -74.79 22.21
C GLU E 71 -26.42 -73.56 22.95
N ASP E 72 -25.89 -73.52 24.24
CA ASP E 72 -26.12 -72.48 25.26
C ASP E 72 -25.73 -71.10 24.79
N VAL E 73 -24.52 -71.01 24.19
CA VAL E 73 -23.91 -69.84 23.62
C VAL E 73 -23.15 -70.40 22.45
N ALA E 74 -22.58 -69.42 21.65
CA ALA E 74 -21.62 -69.52 20.50
C ALA E 74 -20.26 -70.06 20.91
N ARG E 75 -19.72 -70.85 19.97
CA ARG E 75 -18.53 -71.73 20.35
C ARG E 75 -17.91 -72.08 19.01
N LEU E 76 -16.60 -72.43 18.95
CA LEU E 76 -16.07 -72.85 17.68
C LEU E 76 -14.67 -73.18 17.99
N GLY E 77 -14.08 -74.02 17.13
CA GLY E 77 -12.76 -74.63 17.26
C GLY E 77 -11.62 -73.77 16.85
N VAL E 78 -10.47 -74.07 17.50
CA VAL E 78 -9.28 -73.36 17.30
C VAL E 78 -8.35 -74.55 17.31
N SER E 79 -7.79 -74.77 16.09
CA SER E 79 -6.73 -75.75 15.78
C SER E 79 -5.33 -75.11 16.09
N LYS E 80 -4.30 -75.91 16.21
CA LYS E 80 -3.00 -75.36 16.37
C LYS E 80 -2.28 -75.53 15.05
N GLU E 81 -3.07 -75.67 14.02
CA GLU E 81 -2.71 -75.65 12.65
C GLU E 81 -3.57 -74.65 11.93
N MET E 82 -4.03 -73.65 12.70
CA MET E 82 -4.83 -72.59 12.22
C MET E 82 -3.82 -71.63 11.58
N LEU E 83 -2.65 -71.42 12.23
CA LEU E 83 -1.56 -70.58 11.72
C LEU E 83 -1.04 -71.13 10.40
N GLY E 84 -0.59 -70.35 9.42
CA GLY E 84 -0.09 -70.91 8.12
C GLY E 84 -1.19 -71.44 7.30
N ARG E 85 -2.43 -70.91 7.50
CA ARG E 85 -3.47 -71.38 6.67
C ARG E 85 -4.52 -70.30 6.65
N ARG E 86 -5.23 -70.09 5.56
CA ARG E 86 -6.31 -69.08 5.36
C ARG E 86 -7.62 -69.81 5.48
N PHE E 87 -8.41 -69.28 6.44
CA PHE E 87 -9.73 -69.84 6.65
C PHE E 87 -10.88 -68.93 6.52
N ASN E 88 -11.09 -68.55 5.23
CA ASN E 88 -12.10 -67.65 4.61
C ASN E 88 -13.48 -68.12 4.96
N GLY E 89 -14.36 -67.13 5.19
CA GLY E 89 -15.65 -67.55 5.68
C GLY E 89 -15.71 -67.86 7.18
N ILE E 90 -16.87 -68.32 7.64
CA ILE E 90 -17.17 -68.54 9.04
C ILE E 90 -18.14 -69.63 9.17
N GLY E 91 -18.16 -70.39 10.32
CA GLY E 91 -19.06 -71.54 10.68
C GLY E 91 -18.58 -72.86 10.20
N LYS E 92 -18.63 -72.98 8.84
CA LYS E 92 -17.93 -73.98 8.01
C LYS E 92 -17.14 -73.11 7.18
N PRO E 93 -15.84 -73.05 7.25
CA PRO E 93 -15.06 -72.17 6.47
C PRO E 93 -14.90 -72.75 5.09
N ILE E 94 -15.13 -71.87 4.08
CA ILE E 94 -14.91 -72.15 2.71
C ILE E 94 -13.81 -71.25 2.41
N ASP E 95 -12.65 -71.91 2.26
CA ASP E 95 -11.40 -71.37 1.87
C ASP E 95 -11.16 -72.21 0.61
N GLY E 96 -12.22 -72.85 0.10
CA GLY E 96 -12.28 -73.69 -1.05
C GLY E 96 -11.59 -75.05 -0.95
N LEU E 97 -11.11 -75.42 0.26
CA LEU E 97 -10.44 -76.66 0.47
C LEU E 97 -11.02 -77.08 1.80
N PRO E 98 -10.95 -78.41 2.22
CA PRO E 98 -11.48 -78.96 3.45
C PRO E 98 -11.28 -78.21 4.74
N PRO E 99 -12.04 -78.26 5.81
CA PRO E 99 -11.88 -77.43 7.02
C PRO E 99 -10.95 -78.12 7.94
N ILE E 100 -10.23 -77.41 8.87
CA ILE E 100 -9.29 -78.01 9.75
C ILE E 100 -10.11 -78.43 11.00
N THR E 101 -9.75 -79.57 11.69
CA THR E 101 -10.43 -80.18 12.79
C THR E 101 -10.57 -79.15 13.94
N PRO E 102 -11.70 -78.91 14.57
CA PRO E 102 -11.91 -78.02 15.67
C PRO E 102 -11.36 -78.75 16.82
N GLU E 103 -10.04 -78.66 17.08
CA GLU E 103 -9.28 -79.37 18.09
C GLU E 103 -9.62 -79.06 19.48
N LYS E 104 -9.74 -77.75 19.81
CA LYS E 104 -10.13 -77.28 21.10
C LYS E 104 -11.31 -76.46 20.75
N ARG E 105 -12.50 -76.86 21.29
CA ARG E 105 -13.72 -76.16 21.07
C ARG E 105 -13.91 -75.29 22.26
N LEU E 106 -13.85 -73.95 22.06
CA LEU E 106 -13.98 -73.06 23.25
C LEU E 106 -14.93 -71.95 22.82
N PRO E 107 -15.41 -70.97 23.66
CA PRO E 107 -16.28 -69.94 23.19
C PRO E 107 -15.66 -68.89 22.21
N ILE E 108 -16.42 -68.24 21.33
CA ILE E 108 -15.90 -67.30 20.39
C ILE E 108 -16.53 -65.93 20.68
N THR E 109 -17.26 -65.73 21.77
CA THR E 109 -17.83 -64.47 22.33
C THR E 109 -16.70 -63.49 22.60
N GLY E 110 -15.67 -63.93 23.33
CA GLY E 110 -14.62 -63.11 23.72
C GLY E 110 -14.36 -63.61 25.11
N LEU E 111 -13.05 -63.51 25.50
CA LEU E 111 -12.61 -63.78 26.84
C LEU E 111 -11.97 -62.49 27.30
N PRO E 112 -12.49 -61.87 28.32
CA PRO E 112 -11.95 -60.59 28.72
C PRO E 112 -10.50 -60.52 29.16
N LEU E 113 -9.93 -59.34 29.43
CA LEU E 113 -8.53 -59.21 29.82
C LEU E 113 -8.45 -58.29 30.99
N ASN E 114 -8.02 -58.80 32.20
CA ASN E 114 -7.87 -58.02 33.44
C ASN E 114 -6.94 -56.87 33.24
N PRO E 115 -7.13 -55.63 33.80
CA PRO E 115 -6.38 -54.42 33.55
C PRO E 115 -5.27 -54.42 34.46
N VAL E 116 -5.05 -55.47 35.28
CA VAL E 116 -3.96 -55.54 36.21
C VAL E 116 -3.15 -56.76 35.83
N ALA E 117 -3.54 -57.39 34.67
CA ALA E 117 -2.85 -58.45 34.09
C ALA E 117 -2.22 -57.96 32.78
N ARG E 118 -1.79 -56.66 32.85
CA ARG E 118 -1.11 -55.98 31.72
C ARG E 118 0.19 -55.38 32.23
N ARG E 119 1.15 -55.25 31.25
CA ARG E 119 2.51 -54.93 31.39
C ARG E 119 2.82 -54.04 30.18
N LYS E 120 3.79 -53.07 30.37
CA LYS E 120 4.29 -52.07 29.42
C LYS E 120 4.99 -52.76 28.28
N PRO E 121 4.86 -52.22 27.03
CA PRO E 121 5.44 -52.89 25.80
C PRO E 121 6.90 -52.99 25.84
N GLU E 122 7.40 -53.83 25.02
CA GLU E 122 8.85 -54.09 24.92
C GLU E 122 9.12 -54.71 23.64
N GLN E 123 8.22 -54.69 22.66
CA GLN E 123 8.38 -55.20 21.34
C GLN E 123 8.16 -54.18 20.34
N PHE E 124 8.99 -54.34 19.32
CA PHE E 124 8.90 -53.50 18.18
C PHE E 124 8.55 -54.43 17.07
N ILE E 125 7.93 -53.89 15.97
CA ILE E 125 7.58 -54.61 14.78
C ILE E 125 8.39 -53.90 13.70
N GLN E 126 9.30 -54.58 13.02
CA GLN E 126 10.12 -54.01 11.97
C GLN E 126 9.33 -54.30 10.78
N THR E 127 8.85 -53.28 10.16
CA THR E 127 8.00 -53.38 8.94
C THR E 127 8.79 -52.56 7.93
N GLY E 128 8.70 -52.91 6.62
CA GLY E 128 9.53 -52.46 5.50
C GLY E 128 9.26 -51.16 4.84
N ILE E 129 8.27 -50.40 5.28
CA ILE E 129 7.71 -49.10 4.83
C ILE E 129 8.25 -48.24 5.96
N SER E 130 9.58 -47.73 5.85
CA SER E 130 10.32 -47.05 6.80
C SER E 130 9.62 -45.96 7.66
N THR E 131 9.27 -44.84 6.88
CA THR E 131 8.59 -43.62 7.29
C THR E 131 7.68 -43.72 8.52
N ILE E 132 6.82 -44.76 8.58
CA ILE E 132 5.87 -44.95 9.73
C ILE E 132 6.61 -45.37 10.94
N ASP E 133 7.13 -46.59 10.91
CA ASP E 133 7.85 -47.24 11.98
C ASP E 133 9.07 -46.45 12.50
N VAL E 134 9.44 -45.35 11.86
CA VAL E 134 10.57 -44.48 12.33
C VAL E 134 9.96 -43.46 13.22
N MET E 135 9.19 -42.55 12.71
CA MET E 135 8.56 -41.45 13.39
C MET E 135 7.47 -41.79 14.33
N ASN E 136 6.39 -42.47 13.85
CA ASN E 136 5.23 -42.90 14.58
C ASN E 136 5.48 -43.98 15.62
N THR E 137 6.59 -44.79 15.29
CA THR E 137 7.12 -45.90 16.05
C THR E 137 6.12 -46.93 16.24
N LEU E 138 5.98 -47.89 15.30
CA LEU E 138 5.01 -48.90 15.33
C LEU E 138 5.37 -49.94 16.33
N VAL E 139 4.61 -49.96 17.45
CA VAL E 139 4.84 -50.83 18.57
C VAL E 139 3.48 -51.41 18.84
N ARG E 140 3.44 -52.40 19.75
CA ARG E 140 2.25 -53.18 19.97
C ARG E 140 1.50 -52.57 21.12
N GLY E 141 2.19 -51.53 21.73
CA GLY E 141 1.64 -50.81 22.84
C GLY E 141 0.86 -49.61 22.32
N GLN E 142 0.67 -49.48 20.95
CA GLN E 142 -0.27 -48.50 20.39
C GLN E 142 -1.13 -49.20 19.33
N LYS E 143 -2.29 -48.68 19.00
CA LYS E 143 -3.31 -49.32 18.16
C LYS E 143 -3.90 -48.30 17.28
N LEU E 144 -3.10 -47.19 17.04
CA LEU E 144 -3.43 -46.07 16.16
C LEU E 144 -4.26 -46.37 14.90
N PRO E 145 -5.43 -45.75 14.62
CA PRO E 145 -6.15 -45.97 13.35
C PRO E 145 -5.49 -45.32 12.21
N ILE E 146 -5.37 -46.02 11.07
CA ILE E 146 -4.73 -45.60 9.79
C ILE E 146 -5.93 -45.18 9.00
N PHE E 147 -5.95 -43.95 8.55
CA PHE E 147 -7.13 -43.46 7.94
C PHE E 147 -6.73 -43.33 6.52
N SER E 148 -7.50 -44.04 5.62
CA SER E 148 -7.18 -43.86 4.17
C SER E 148 -7.92 -42.69 3.66
N GLY E 149 -9.30 -42.53 3.77
CA GLY E 149 -9.98 -41.35 3.23
C GLY E 149 -10.44 -41.62 1.78
N SER E 150 -11.16 -40.74 1.14
CA SER E 150 -11.71 -40.94 -0.15
C SER E 150 -10.69 -40.74 -1.21
N GLY E 151 -10.71 -41.59 -2.27
CA GLY E 151 -9.91 -41.58 -3.40
C GLY E 151 -8.40 -41.94 -3.09
N LEU E 152 -8.21 -42.55 -1.94
CA LEU E 152 -6.97 -43.07 -1.41
C LEU E 152 -7.23 -44.52 -1.23
N PRO E 153 -6.56 -45.56 -1.73
CA PRO E 153 -6.96 -46.93 -1.59
C PRO E 153 -6.62 -47.54 -0.22
N ALA E 154 -7.53 -48.35 0.36
CA ALA E 154 -7.39 -48.97 1.68
C ALA E 154 -6.63 -50.28 1.58
N ASN E 155 -6.80 -50.94 0.38
CA ASN E 155 -6.23 -52.24 -0.01
C ASN E 155 -4.77 -52.30 -0.28
N GLU E 156 -4.28 -51.41 -1.16
CA GLU E 156 -2.90 -51.33 -1.59
C GLU E 156 -1.96 -51.24 -0.43
N ILE E 157 -2.24 -50.26 0.48
CA ILE E 157 -1.50 -50.03 1.72
C ILE E 157 -1.52 -51.24 2.62
N ALA E 158 -2.76 -51.84 2.84
CA ALA E 158 -2.82 -53.02 3.68
C ALA E 158 -2.14 -54.20 3.18
N ALA E 159 -2.03 -54.21 1.84
CA ALA E 159 -1.54 -55.35 1.02
C ALA E 159 -0.05 -55.45 1.25
N GLN E 160 0.62 -54.31 0.98
CA GLN E 160 2.01 -53.92 1.24
C GLN E 160 2.63 -54.61 2.44
N ILE E 161 2.18 -54.14 3.64
CA ILE E 161 2.71 -54.50 4.95
C ILE E 161 2.56 -55.98 5.33
N ALA E 162 1.74 -56.76 4.62
CA ALA E 162 1.47 -58.15 4.72
C ALA E 162 2.69 -59.06 4.81
N ARG E 163 3.57 -58.98 3.72
CA ARG E 163 4.77 -59.83 3.60
C ARG E 163 5.92 -59.08 4.19
N GLN E 164 5.82 -57.70 3.99
CA GLN E 164 6.76 -56.71 4.50
C GLN E 164 6.96 -56.52 5.98
N ALA E 165 6.44 -57.35 6.93
CA ALA E 165 6.70 -57.32 8.32
C ALA E 165 7.67 -58.43 8.46
N THR E 166 8.76 -58.19 9.23
CA THR E 166 9.85 -59.11 9.38
C THR E 166 10.25 -59.07 10.82
N VAL E 167 11.14 -60.06 11.17
CA VAL E 167 11.41 -60.39 12.58
C VAL E 167 12.85 -60.59 12.65
N ARG E 168 13.50 -60.15 13.81
CA ARG E 168 14.89 -60.15 14.07
C ARG E 168 15.04 -60.68 15.50
N PRO E 169 16.17 -60.95 16.09
CA PRO E 169 16.19 -61.37 17.50
C PRO E 169 16.07 -60.17 18.40
N ASP E 170 16.69 -59.02 17.96
CA ASP E 170 16.80 -57.91 18.91
C ASP E 170 16.80 -56.56 18.20
N LEU E 171 16.44 -56.54 16.87
CA LEU E 171 16.25 -55.27 16.18
C LEU E 171 14.76 -55.04 16.22
N SER E 172 14.03 -56.02 16.85
CA SER E 172 12.59 -55.99 16.97
C SER E 172 12.28 -56.10 18.41
N GLY E 173 13.26 -55.94 19.31
CA GLY E 173 12.97 -56.03 20.70
C GLY E 173 13.10 -57.52 20.95
N GLU E 174 11.95 -58.20 21.04
CA GLU E 174 11.80 -59.63 21.23
C GLU E 174 12.23 -60.43 20.03
N GLY E 175 12.50 -61.73 20.35
CA GLY E 175 13.04 -62.90 19.66
C GLY E 175 12.22 -63.23 18.44
N GLU E 176 12.62 -64.22 17.68
CA GLU E 176 11.97 -64.61 16.44
C GLU E 176 11.21 -65.94 16.63
N LYS E 177 11.26 -66.48 17.86
CA LYS E 177 10.41 -67.61 18.29
C LYS E 177 9.29 -66.97 19.11
N GLU E 178 9.40 -65.63 19.48
CA GLU E 178 8.34 -64.84 20.17
C GLU E 178 7.52 -64.05 19.18
N GLU E 179 8.04 -63.99 17.98
CA GLU E 179 7.34 -63.50 16.79
C GLU E 179 7.44 -64.40 15.59
N PRO E 180 6.37 -65.16 15.22
CA PRO E 180 6.38 -65.96 14.02
C PRO E 180 6.09 -65.11 12.78
N PHE E 181 6.08 -65.71 11.57
CA PHE E 181 5.81 -65.02 10.34
C PHE E 181 4.30 -64.97 10.25
N ALA E 182 3.56 -65.80 11.10
CA ALA E 182 2.07 -65.81 11.22
C ALA E 182 1.66 -64.39 11.61
N VAL E 183 0.40 -64.01 11.09
CA VAL E 183 -0.38 -62.78 11.36
C VAL E 183 -1.76 -63.34 11.10
N VAL E 184 -2.69 -62.48 11.60
CA VAL E 184 -4.12 -62.74 11.56
C VAL E 184 -4.77 -61.49 10.87
N PHE E 185 -5.88 -61.57 10.07
CA PHE E 185 -6.56 -60.45 9.45
C PHE E 185 -8.05 -60.79 9.83
N ALA E 186 -8.80 -59.74 10.25
CA ALA E 186 -10.18 -59.82 10.65
C ALA E 186 -10.93 -58.74 9.95
N ALA E 187 -12.05 -59.14 9.25
CA ALA E 187 -12.69 -58.26 8.37
C ALA E 187 -13.90 -57.73 9.07
N MET E 188 -14.04 -56.44 8.92
CA MET E 188 -15.16 -55.69 9.51
C MET E 188 -16.29 -55.55 8.48
N GLY E 189 -15.96 -56.09 7.31
CA GLY E 189 -16.79 -56.19 6.17
C GLY E 189 -16.01 -55.89 4.99
N ILE E 190 -15.82 -56.79 4.06
CA ILE E 190 -15.17 -56.57 2.82
C ILE E 190 -16.23 -56.39 1.79
N THR E 191 -15.82 -55.62 0.76
CA THR E 191 -16.64 -55.18 -0.32
C THR E 191 -16.15 -55.77 -1.58
N GLN E 192 -16.73 -55.35 -2.75
CA GLN E 192 -16.42 -55.73 -4.12
C GLN E 192 -14.96 -55.54 -4.32
N ARG E 193 -14.48 -54.25 -4.33
CA ARG E 193 -13.13 -53.86 -4.61
C ARG E 193 -12.23 -54.55 -3.61
N GLU E 194 -12.52 -54.43 -2.31
CA GLU E 194 -11.67 -55.09 -1.31
C GLU E 194 -11.36 -56.56 -1.48
N LEU E 195 -12.30 -57.40 -2.04
CA LEU E 195 -12.16 -58.79 -2.24
C LEU E 195 -11.35 -58.99 -3.58
N SER E 196 -11.91 -58.42 -4.70
CA SER E 196 -11.25 -58.53 -6.04
C SER E 196 -9.86 -58.07 -6.12
N TYR E 197 -9.39 -57.34 -5.06
CA TYR E 197 -8.03 -56.92 -4.84
C TYR E 197 -7.27 -58.04 -4.12
N PHE E 198 -7.74 -58.63 -2.94
CA PHE E 198 -6.95 -59.59 -2.18
C PHE E 198 -6.88 -60.93 -2.73
N ILE E 199 -7.61 -61.28 -3.86
CA ILE E 199 -7.56 -62.53 -4.60
C ILE E 199 -6.07 -62.85 -4.91
N GLN E 200 -5.40 -61.99 -5.78
CA GLN E 200 -4.00 -62.15 -6.18
C GLN E 200 -2.93 -62.14 -5.09
N GLU E 201 -3.18 -61.32 -4.12
CA GLU E 201 -2.49 -61.19 -2.86
C GLU E 201 -2.34 -62.34 -1.92
N PHE E 202 -3.02 -63.49 -2.15
CA PHE E 202 -2.99 -64.66 -1.23
C PHE E 202 -1.90 -65.53 -1.75
N GLU E 203 -1.98 -65.91 -3.03
CA GLU E 203 -0.94 -66.57 -3.78
C GLU E 203 0.42 -65.90 -3.90
N ARG E 204 0.50 -64.64 -3.57
CA ARG E 204 1.77 -63.92 -3.56
C ARG E 204 2.34 -63.68 -2.26
N THR E 205 1.53 -63.41 -1.25
CA THR E 205 1.99 -63.13 0.12
C THR E 205 2.42 -64.44 0.86
N GLY E 206 1.53 -65.47 0.86
CA GLY E 206 1.79 -66.76 1.41
C GLY E 206 0.72 -66.90 2.43
N ALA E 207 -0.55 -67.01 1.98
CA ALA E 207 -1.67 -67.28 2.83
C ALA E 207 -1.88 -68.77 3.02
N LEU E 208 -0.72 -69.54 3.03
CA LEU E 208 -0.72 -71.01 3.06
C LEU E 208 0.47 -71.37 3.87
N SER E 209 1.25 -70.33 4.33
CA SER E 209 2.41 -70.64 5.06
C SER E 209 2.75 -69.48 5.99
N ARG E 210 2.05 -68.42 6.11
CA ARG E 210 2.43 -67.38 7.06
C ARG E 210 1.27 -66.49 7.33
N SER E 211 0.05 -66.75 6.86
CA SER E 211 -1.04 -65.78 7.09
C SER E 211 -2.36 -66.41 7.16
N VAL E 212 -3.16 -65.87 8.06
CA VAL E 212 -4.55 -66.34 8.34
C VAL E 212 -5.40 -65.19 7.98
N LEU E 213 -6.39 -65.31 7.15
CA LEU E 213 -7.25 -64.19 6.78
C LEU E 213 -8.71 -64.63 6.77
N PHE E 214 -9.39 -64.29 7.88
CA PHE E 214 -10.83 -64.63 7.99
C PHE E 214 -11.53 -63.53 7.26
N LEU E 215 -12.53 -63.94 6.51
CA LEU E 215 -13.23 -63.01 5.64
C LEU E 215 -14.68 -63.31 5.83
N ASN E 216 -15.45 -62.41 5.20
CA ASN E 216 -16.89 -62.52 5.15
C ASN E 216 -17.27 -62.89 3.76
N LYS E 217 -16.29 -62.86 2.85
CA LYS E 217 -16.36 -63.26 1.42
C LYS E 217 -17.10 -62.29 0.54
N ALA E 218 -17.59 -61.17 1.16
CA ALA E 218 -18.29 -60.03 0.51
C ALA E 218 -19.72 -60.34 -0.02
N ASP E 219 -20.24 -61.55 0.30
CA ASP E 219 -21.46 -61.86 -0.31
C ASP E 219 -22.28 -62.65 0.64
N ASP E 220 -21.85 -62.74 1.92
CA ASP E 220 -22.61 -63.47 2.94
C ASP E 220 -23.46 -62.38 3.58
N PRO E 221 -24.71 -62.67 4.10
CA PRO E 221 -25.60 -61.81 4.86
C PRO E 221 -24.97 -60.90 5.93
N THR E 222 -25.57 -59.73 6.08
CA THR E 222 -25.24 -58.63 6.98
C THR E 222 -24.85 -58.90 8.38
N ILE E 223 -25.60 -59.71 9.12
CA ILE E 223 -25.28 -60.18 10.44
C ILE E 223 -23.97 -60.87 10.58
N GLU E 224 -23.41 -61.52 9.52
CA GLU E 224 -22.09 -62.03 9.44
C GLU E 224 -20.94 -61.08 9.74
N ARG E 225 -21.03 -59.77 9.35
CA ARG E 225 -20.25 -58.66 9.62
C ARG E 225 -20.18 -58.34 11.14
N ILE E 226 -21.15 -58.75 12.01
CA ILE E 226 -21.05 -58.50 13.47
C ILE E 226 -20.62 -59.81 14.13
N LEU E 227 -20.25 -60.90 13.33
CA LEU E 227 -19.81 -62.18 13.80
C LEU E 227 -18.30 -62.35 13.62
N THR E 228 -17.75 -62.16 12.38
CA THR E 228 -16.40 -62.43 12.05
C THR E 228 -15.30 -61.68 12.86
N PRO E 229 -15.55 -60.45 13.35
CA PRO E 229 -14.50 -59.75 14.10
C PRO E 229 -14.00 -60.48 15.27
N ARG E 230 -14.89 -60.63 16.27
CA ARG E 230 -14.68 -61.19 17.57
C ARG E 230 -14.41 -62.72 17.52
N MET E 231 -14.77 -63.39 16.46
CA MET E 231 -14.66 -64.83 16.17
C MET E 231 -13.21 -65.01 15.75
N ALA E 232 -12.76 -64.20 14.71
CA ALA E 232 -11.44 -64.06 14.20
C ALA E 232 -10.51 -63.82 15.34
N LEU E 233 -10.82 -62.93 16.23
CA LEU E 233 -10.04 -62.50 17.37
C LEU E 233 -9.67 -63.65 18.27
N THR E 234 -10.67 -64.07 19.13
CA THR E 234 -10.56 -65.10 20.19
C THR E 234 -9.62 -66.28 19.89
N VAL E 235 -9.75 -66.78 18.61
CA VAL E 235 -8.86 -67.75 18.00
C VAL E 235 -7.41 -67.52 18.30
N ALA E 236 -6.86 -66.37 17.85
CA ALA E 236 -5.55 -65.85 18.04
C ALA E 236 -5.15 -65.59 19.51
N GLU E 237 -6.16 -65.08 20.31
CA GLU E 237 -5.94 -64.84 21.80
C GLU E 237 -5.37 -66.05 22.50
N TYR E 238 -5.73 -67.29 22.04
CA TYR E 238 -5.28 -68.57 22.55
C TYR E 238 -3.89 -68.89 22.23
N LEU E 239 -3.49 -68.88 20.88
CA LEU E 239 -2.17 -69.28 20.50
C LEU E 239 -1.21 -68.18 20.87
N ALA E 240 -1.67 -66.94 21.04
CA ALA E 240 -0.86 -65.87 21.41
C ALA E 240 -0.36 -65.85 22.81
N PHE E 241 -1.22 -66.00 23.80
CA PHE E 241 -0.93 -65.87 25.17
C PHE E 241 -0.51 -67.17 25.68
N GLU E 242 -1.33 -68.22 25.44
CA GLU E 242 -1.15 -69.58 26.01
C GLU E 242 -0.13 -70.37 25.31
N HIS E 243 0.06 -70.15 23.97
CA HIS E 243 1.03 -70.93 23.25
C HIS E 243 2.34 -70.05 23.08
N ASP E 244 2.23 -68.72 23.24
CA ASP E 244 3.35 -67.73 23.12
C ASP E 244 3.66 -67.43 21.72
N TYR E 245 3.13 -66.27 21.10
CA TYR E 245 3.37 -65.77 19.74
C TYR E 245 2.75 -64.37 19.69
N HIS E 246 3.40 -63.54 18.83
CA HIS E 246 2.89 -62.18 18.52
C HIS E 246 2.20 -62.23 17.19
N VAL E 247 0.95 -61.61 17.17
CA VAL E 247 0.10 -61.64 15.99
C VAL E 247 -0.57 -60.31 16.14
N LEU E 248 -0.91 -59.83 14.98
CA LEU E 248 -1.39 -58.50 14.75
C LEU E 248 -2.64 -58.80 13.96
N VAL E 249 -3.78 -58.23 14.38
CA VAL E 249 -5.03 -58.21 13.75
C VAL E 249 -4.97 -56.97 12.87
N ILE E 250 -4.86 -57.21 11.51
CA ILE E 250 -4.91 -56.20 10.59
C ILE E 250 -6.35 -56.03 10.11
N LEU E 251 -7.19 -55.09 10.70
CA LEU E 251 -8.55 -54.90 10.41
C LEU E 251 -8.73 -54.41 9.08
N THR E 252 -10.05 -54.29 8.75
CA THR E 252 -10.36 -53.67 7.49
C THR E 252 -11.46 -52.63 7.76
N ASP E 253 -12.12 -52.05 6.73
CA ASP E 253 -13.01 -50.87 6.86
C ASP E 253 -14.23 -51.09 7.68
N MET E 254 -14.25 -50.37 8.86
CA MET E 254 -15.35 -50.29 9.79
C MET E 254 -16.63 -49.65 9.32
N THR E 255 -16.62 -49.19 8.02
CA THR E 255 -17.77 -48.59 7.44
C THR E 255 -18.86 -49.66 7.31
N ASN E 256 -18.54 -50.81 6.68
CA ASN E 256 -19.49 -51.87 6.52
C ASN E 256 -19.98 -52.57 7.73
N TYR E 257 -19.25 -52.33 8.89
CA TYR E 257 -19.57 -52.75 10.25
C TYR E 257 -20.77 -51.95 10.63
N CYS E 258 -20.67 -50.65 10.58
CA CYS E 258 -21.80 -49.70 10.86
C CYS E 258 -22.96 -50.08 10.08
N GLU E 259 -22.79 -50.17 8.68
CA GLU E 259 -23.77 -50.65 7.77
C GLU E 259 -24.71 -51.73 8.21
N ALA E 260 -24.14 -52.90 8.54
CA ALA E 260 -24.88 -54.09 9.02
C ALA E 260 -25.51 -53.82 10.40
N LEU E 261 -24.67 -53.36 11.42
CA LEU E 261 -25.01 -52.98 12.78
C LEU E 261 -26.24 -52.10 12.89
N ARG E 262 -26.47 -51.17 11.95
CA ARG E 262 -27.45 -50.16 12.03
C ARG E 262 -28.79 -50.71 11.87
N GLU E 263 -28.95 -51.77 11.08
CA GLU E 263 -30.21 -52.33 10.78
C GLU E 263 -30.79 -53.06 11.87
N ILE E 264 -29.96 -53.55 12.76
CA ILE E 264 -30.42 -54.11 14.00
C ILE E 264 -30.93 -53.01 14.86
N GLY E 265 -30.30 -51.82 14.83
CA GLY E 265 -30.71 -50.77 15.80
C GLY E 265 -32.00 -50.06 15.53
N ALA E 266 -32.59 -50.25 14.32
CA ALA E 266 -33.82 -49.57 13.89
C ALA E 266 -34.91 -50.62 13.85
N ALA E 267 -34.57 -51.99 14.12
CA ALA E 267 -35.48 -53.10 14.19
C ALA E 267 -35.58 -53.56 15.65
N ARG E 268 -34.98 -52.83 16.56
CA ARG E 268 -35.09 -53.04 18.00
C ARG E 268 -35.37 -51.69 18.63
N GLU E 269 -35.05 -50.58 17.90
CA GLU E 269 -35.48 -49.24 18.28
C GLU E 269 -34.66 -48.79 19.50
N GLU E 270 -33.35 -48.73 19.20
CA GLU E 270 -32.26 -48.48 20.15
C GLU E 270 -31.85 -46.94 20.03
N ILE E 271 -30.58 -46.63 19.64
CA ILE E 271 -30.05 -45.29 19.41
C ILE E 271 -29.18 -45.62 18.26
N PRO E 272 -29.64 -45.44 17.04
CA PRO E 272 -28.80 -45.90 15.83
C PRO E 272 -28.42 -44.69 15.12
N GLY E 273 -28.34 -43.51 15.83
CA GLY E 273 -27.98 -42.33 15.13
C GLY E 273 -27.36 -41.42 16.17
N ARG E 274 -26.02 -41.33 16.09
CA ARG E 274 -25.17 -40.43 16.82
C ARG E 274 -25.05 -39.20 16.00
N ARG E 275 -24.89 -39.30 14.64
CA ARG E 275 -24.89 -38.15 13.74
C ARG E 275 -25.13 -38.72 12.36
N GLY E 276 -25.79 -39.94 12.30
CA GLY E 276 -26.20 -40.62 11.15
C GLY E 276 -25.77 -42.06 11.11
N TYR E 277 -25.07 -42.54 12.17
CA TYR E 277 -24.48 -43.85 12.33
C TYR E 277 -24.45 -43.99 13.85
N PRO E 278 -24.63 -45.23 14.30
CA PRO E 278 -24.95 -45.54 15.65
C PRO E 278 -24.38 -44.83 16.81
N GLY E 279 -25.28 -44.65 17.81
CA GLY E 279 -24.97 -44.11 19.14
C GLY E 279 -24.61 -45.28 20.07
N TYR E 280 -24.88 -46.55 19.62
CA TYR E 280 -24.62 -47.68 20.46
C TYR E 280 -23.36 -48.33 20.02
N MET E 281 -22.62 -47.84 18.98
CA MET E 281 -21.43 -48.32 18.35
C MET E 281 -20.34 -48.84 19.27
N TYR E 282 -19.83 -47.87 20.07
CA TYR E 282 -18.83 -48.13 21.01
C TYR E 282 -19.04 -49.28 21.99
N THR E 283 -20.20 -49.47 22.57
CA THR E 283 -20.62 -50.59 23.47
C THR E 283 -20.23 -51.95 23.00
N ASP E 284 -20.41 -52.25 21.72
CA ASP E 284 -20.08 -53.55 21.13
C ASP E 284 -18.59 -53.65 20.89
N LEU E 285 -17.99 -52.58 20.39
CA LEU E 285 -16.54 -52.38 20.30
C LEU E 285 -15.72 -52.38 21.59
N ALA E 286 -16.23 -52.51 22.80
CA ALA E 286 -15.54 -52.49 24.01
C ALA E 286 -14.61 -53.67 23.96
N THR E 287 -15.16 -54.88 23.59
CA THR E 287 -14.50 -56.16 23.42
C THR E 287 -13.46 -56.17 22.36
N ILE E 288 -13.65 -55.50 21.19
CA ILE E 288 -12.64 -55.57 20.17
C ILE E 288 -11.39 -54.93 20.56
N TYR E 289 -11.46 -53.72 21.19
CA TYR E 289 -10.28 -52.98 21.45
C TYR E 289 -9.85 -53.08 22.93
N GLU E 290 -10.51 -54.00 23.67
CA GLU E 290 -10.01 -54.43 25.00
C GLU E 290 -8.81 -55.34 24.92
N ARG E 291 -8.87 -56.36 24.02
CA ARG E 291 -7.67 -57.11 23.80
C ARG E 291 -7.06 -56.38 22.62
N ALA E 292 -6.04 -55.56 22.92
CA ALA E 292 -5.27 -54.85 21.98
C ALA E 292 -4.11 -54.27 22.81
N GLY E 293 -4.08 -54.66 24.13
CA GLY E 293 -3.04 -54.44 25.16
C GLY E 293 -1.86 -55.38 25.09
N VAL E 294 -1.10 -55.45 26.26
CA VAL E 294 0.05 -56.33 26.32
C VAL E 294 -0.05 -57.02 27.63
N VAL E 295 -0.20 -58.36 27.65
CA VAL E 295 -0.35 -59.25 28.80
C VAL E 295 0.91 -59.25 29.74
N GLU E 296 0.61 -59.55 31.03
CA GLU E 296 1.57 -59.62 32.05
C GLU E 296 1.41 -61.02 32.58
N GLY E 297 2.59 -61.72 32.70
CA GLY E 297 2.70 -63.07 33.24
C GLY E 297 2.60 -64.10 32.15
N LYS E 298 2.48 -63.68 30.88
CA LYS E 298 2.53 -64.49 29.67
C LYS E 298 3.17 -63.58 28.65
N LYS E 299 3.54 -64.11 27.47
CA LYS E 299 4.36 -63.47 26.51
C LYS E 299 3.72 -63.60 25.17
N GLY E 300 3.80 -62.61 24.32
CA GLY E 300 3.01 -62.68 23.10
C GLY E 300 1.78 -61.94 23.37
N SER E 301 1.32 -61.22 22.27
CA SER E 301 0.16 -60.33 22.26
C SER E 301 -0.68 -60.40 21.06
N VAL E 302 -1.69 -59.56 21.10
CA VAL E 302 -2.74 -59.37 20.15
C VAL E 302 -2.82 -57.84 20.09
N THR E 303 -2.88 -57.23 18.90
CA THR E 303 -2.96 -55.71 18.80
C THR E 303 -3.82 -55.44 17.57
N GLN E 304 -4.78 -54.59 17.76
CA GLN E 304 -5.68 -54.24 16.71
C GLN E 304 -5.01 -53.13 16.00
N ILE E 305 -5.00 -53.20 14.66
CA ILE E 305 -4.31 -52.21 13.80
C ILE E 305 -5.49 -51.82 12.97
N PRO E 306 -6.20 -50.74 13.38
CA PRO E 306 -7.39 -50.38 12.65
C PRO E 306 -6.94 -49.74 11.36
N ILE E 307 -7.67 -50.08 10.32
CA ILE E 307 -7.46 -49.60 9.02
C ILE E 307 -8.83 -49.31 8.52
N LEU E 308 -9.16 -48.07 8.34
CA LEU E 308 -10.47 -47.63 8.03
C LEU E 308 -10.36 -46.38 7.25
N SER E 309 -11.27 -46.32 6.26
CA SER E 309 -11.42 -45.22 5.33
C SER E 309 -12.53 -44.24 5.81
N MET E 310 -12.71 -43.14 5.09
CA MET E 310 -13.66 -42.09 5.48
C MET E 310 -14.59 -41.80 4.36
N PRO E 311 -15.92 -41.60 4.52
CA PRO E 311 -16.82 -41.34 3.44
C PRO E 311 -16.63 -40.02 2.81
N ASP E 312 -15.77 -39.07 3.39
CA ASP E 312 -15.57 -37.82 2.81
C ASP E 312 -14.18 -37.42 3.30
N ASP E 313 -13.61 -36.51 2.46
CA ASP E 313 -12.28 -35.99 2.74
C ASP E 313 -12.45 -34.84 3.81
N ASP E 314 -13.46 -34.89 4.58
CA ASP E 314 -13.70 -34.12 5.74
C ASP E 314 -14.27 -35.04 6.79
N ARG E 315 -13.99 -34.69 8.10
CA ARG E 315 -14.44 -35.47 9.20
C ARG E 315 -15.48 -34.71 9.97
N THR E 316 -16.70 -34.88 9.37
CA THR E 316 -17.90 -34.26 9.94
C THR E 316 -18.84 -35.38 10.13
N HIS E 317 -18.44 -36.59 9.66
CA HIS E 317 -19.25 -37.77 9.59
C HIS E 317 -18.97 -38.59 10.82
N PRO E 318 -19.82 -39.41 11.57
CA PRO E 318 -19.33 -40.12 12.75
C PRO E 318 -18.27 -41.10 12.47
N ILE E 319 -18.14 -41.67 11.21
CA ILE E 319 -17.24 -42.72 10.83
C ILE E 319 -15.81 -42.65 11.44
N PRO E 320 -14.92 -41.58 11.31
CA PRO E 320 -13.64 -41.49 11.86
C PRO E 320 -13.67 -40.82 13.24
N ASP E 321 -14.68 -40.00 13.51
CA ASP E 321 -14.86 -39.19 14.72
C ASP E 321 -14.97 -40.10 15.91
N LEU E 322 -16.01 -41.00 15.99
CA LEU E 322 -16.26 -41.91 17.08
C LEU E 322 -15.10 -42.88 17.33
N THR E 323 -14.35 -43.30 16.29
CA THR E 323 -13.18 -44.05 16.33
C THR E 323 -12.00 -43.33 17.00
N GLY E 324 -11.80 -42.05 16.68
CA GLY E 324 -10.76 -41.18 17.28
C GLY E 324 -10.79 -41.24 18.83
N TYR E 325 -11.95 -40.98 19.40
CA TYR E 325 -12.41 -40.91 20.75
C TYR E 325 -12.23 -42.21 21.44
N ILE E 326 -12.87 -43.33 20.93
CA ILE E 326 -12.69 -44.66 21.40
C ILE E 326 -11.25 -44.99 21.71
N THR E 327 -10.39 -45.01 20.61
CA THR E 327 -9.00 -45.35 20.55
C THR E 327 -8.15 -44.14 20.80
N GLU E 328 -6.88 -44.17 20.37
CA GLU E 328 -5.90 -43.23 20.77
C GLU E 328 -5.39 -42.70 19.52
N GLY E 329 -5.15 -41.34 19.49
CA GLY E 329 -4.50 -40.62 18.44
C GLY E 329 -4.95 -40.96 16.96
N GLN E 330 -4.08 -40.75 15.96
CA GLN E 330 -4.40 -41.09 14.59
C GLN E 330 -3.08 -41.15 13.90
N ILE E 331 -3.06 -42.01 12.82
CA ILE E 331 -1.98 -41.93 11.77
C ILE E 331 -2.82 -41.85 10.49
N GLN E 332 -2.30 -41.07 9.50
CA GLN E 332 -3.09 -40.76 8.23
C GLN E 332 -2.13 -40.90 7.14
N LEU E 333 -2.59 -40.67 5.90
CA LEU E 333 -1.83 -40.84 4.70
C LEU E 333 -2.09 -39.65 3.73
N SER E 334 -3.37 -39.11 3.87
CA SER E 334 -3.98 -38.03 3.07
C SER E 334 -3.71 -38.13 1.57
N ARG E 335 -3.90 -37.05 0.78
CA ARG E 335 -3.79 -37.07 -0.65
C ARG E 335 -2.91 -35.92 -1.11
N GLU E 336 -2.02 -35.38 -0.17
CA GLU E 336 -1.23 -34.15 -0.42
C GLU E 336 -0.28 -34.48 -1.55
N LEU E 337 0.36 -35.70 -1.37
CA LEU E 337 1.52 -36.14 -2.16
C LEU E 337 1.02 -37.14 -3.19
N HIS E 338 -0.20 -37.78 -3.00
CA HIS E 338 -0.75 -38.82 -3.85
C HIS E 338 -1.02 -38.37 -5.32
N ARG E 339 -1.59 -37.11 -5.45
CA ARG E 339 -1.80 -36.31 -6.72
C ARG E 339 -0.58 -36.11 -7.62
N LYS E 340 0.65 -36.34 -7.11
CA LYS E 340 1.91 -36.03 -7.80
C LYS E 340 2.60 -37.29 -8.25
N GLY E 341 2.42 -38.38 -7.52
CA GLY E 341 2.93 -39.71 -7.95
C GLY E 341 3.40 -40.51 -6.78
N ILE E 342 3.75 -39.86 -5.56
CA ILE E 342 4.43 -40.51 -4.45
C ILE E 342 3.64 -41.66 -4.00
N TYR E 343 4.37 -42.77 -3.70
CA TYR E 343 3.80 -43.95 -3.30
C TYR E 343 4.83 -44.56 -2.39
N PRO E 344 4.62 -44.95 -1.19
CA PRO E 344 3.35 -44.82 -0.51
C PRO E 344 3.21 -43.43 -0.04
N PRO E 345 2.10 -42.71 -0.14
CA PRO E 345 2.04 -41.34 0.28
C PRO E 345 1.82 -41.40 1.76
N ILE E 346 2.49 -40.55 2.57
CA ILE E 346 2.37 -40.72 3.99
C ILE E 346 2.43 -39.30 4.45
N ASP E 347 1.39 -38.82 5.14
CA ASP E 347 1.42 -37.44 5.64
C ASP E 347 0.99 -37.57 7.09
N PRO E 348 1.88 -37.24 8.02
CA PRO E 348 1.61 -37.39 9.44
C PRO E 348 1.73 -35.97 9.98
N LEU E 349 1.03 -35.08 9.25
CA LEU E 349 0.89 -33.71 9.66
C LEU E 349 -0.10 -33.60 10.78
N PRO E 350 -1.26 -34.18 10.80
CA PRO E 350 -2.10 -34.02 11.94
C PRO E 350 -1.99 -35.27 12.72
N SER E 351 -0.92 -36.11 12.63
CA SER E 351 -0.84 -37.32 13.33
C SER E 351 -0.56 -37.14 14.87
N LEU E 352 -0.71 -38.23 15.72
CA LEU E 352 -0.38 -38.28 17.06
C LEU E 352 0.04 -39.74 17.26
N SER E 353 1.32 -39.94 17.67
CA SER E 353 1.86 -41.25 18.03
C SER E 353 1.98 -41.09 19.46
N ARG E 354 1.18 -41.97 20.13
CA ARG E 354 0.95 -41.94 21.55
C ARG E 354 2.19 -42.35 22.28
N LEU E 355 2.72 -43.53 21.93
CA LEU E 355 4.02 -44.09 22.38
C LEU E 355 5.01 -44.11 21.27
N MET E 356 6.29 -43.89 21.62
CA MET E 356 7.29 -43.83 20.58
C MET E 356 8.66 -43.99 21.11
N ASN E 357 8.79 -44.15 22.43
CA ASN E 357 9.97 -44.29 23.17
C ASN E 357 9.83 -45.38 24.17
N ASN E 358 8.65 -46.02 24.10
CA ASN E 358 8.34 -47.20 24.94
C ASN E 358 8.14 -48.27 23.93
N GLY E 359 8.64 -49.49 24.22
CA GLY E 359 8.49 -50.62 23.36
C GLY E 359 9.64 -50.63 22.43
N VAL E 360 10.43 -49.48 22.40
CA VAL E 360 11.78 -49.35 21.80
C VAL E 360 12.53 -48.67 22.91
N GLY E 361 13.88 -48.53 22.77
CA GLY E 361 14.77 -47.82 23.60
C GLY E 361 16.00 -47.64 22.77
N LYS E 362 17.10 -47.80 23.48
CA LYS E 362 18.44 -47.72 22.90
C LYS E 362 19.02 -49.09 23.08
N GLY E 363 19.21 -49.79 21.89
CA GLY E 363 19.84 -51.12 21.93
C GLY E 363 18.79 -52.17 21.78
N LYS E 364 17.47 -51.72 21.94
CA LYS E 364 16.33 -52.55 21.65
C LYS E 364 15.97 -52.50 20.16
N THR E 365 16.48 -51.35 19.54
CA THR E 365 16.35 -51.11 18.14
C THR E 365 17.69 -50.57 17.74
N ARG E 366 17.86 -49.18 17.83
CA ARG E 366 19.18 -48.58 17.71
C ARG E 366 19.19 -47.53 18.68
N GLU E 367 20.41 -46.92 18.87
CA GLU E 367 20.79 -45.84 19.81
C GLU E 367 20.12 -44.50 19.56
N ASP E 368 20.11 -44.21 18.23
CA ASP E 368 19.61 -42.94 17.70
C ASP E 368 18.12 -43.12 17.27
N HIS E 369 17.54 -44.25 17.47
CA HIS E 369 16.10 -44.43 17.22
C HIS E 369 15.24 -43.50 18.12
N LYS E 370 15.53 -43.61 19.48
CA LYS E 370 14.88 -42.71 20.52
C LYS E 370 15.05 -41.22 20.27
N GLN E 371 16.23 -40.81 19.73
CA GLN E 371 16.47 -39.40 19.46
C GLN E 371 15.88 -38.88 18.14
N VAL E 372 16.00 -39.70 17.05
CA VAL E 372 15.62 -39.24 15.67
C VAL E 372 14.10 -39.36 15.53
N SER E 373 13.36 -39.95 16.62
CA SER E 373 11.85 -39.99 16.66
C SER E 373 11.15 -38.64 16.42
N ASP E 374 11.28 -37.63 17.31
CA ASP E 374 10.61 -36.34 17.30
C ASP E 374 11.27 -35.45 16.23
N GLN E 375 12.65 -35.50 16.06
CA GLN E 375 13.44 -34.73 15.13
C GLN E 375 12.89 -34.46 13.76
N LEU E 376 12.69 -35.64 13.04
CA LEU E 376 12.18 -35.64 11.63
C LEU E 376 10.90 -34.92 11.50
N TYR E 377 10.02 -35.20 12.50
CA TYR E 377 8.71 -34.67 12.68
C TYR E 377 8.58 -33.23 12.53
N SER E 378 9.16 -32.43 13.40
CA SER E 378 9.22 -30.98 13.39
C SER E 378 10.16 -30.39 12.40
N ALA E 379 11.15 -31.19 11.84
CA ALA E 379 12.10 -30.64 10.85
C ALA E 379 11.30 -30.46 9.56
N TYR E 380 10.57 -31.50 9.22
CA TYR E 380 9.75 -31.70 8.08
C TYR E 380 8.58 -30.84 8.17
N ALA E 381 7.92 -30.83 9.33
CA ALA E 381 6.71 -30.03 9.66
C ALA E 381 6.95 -28.64 9.16
N ASN E 382 7.97 -27.94 9.76
CA ASN E 382 8.36 -26.58 9.53
C ASN E 382 8.87 -26.32 8.17
N GLY E 383 8.97 -27.32 7.29
CA GLY E 383 9.24 -27.20 5.85
C GLY E 383 8.00 -26.71 5.24
N VAL E 384 6.85 -27.44 5.41
CA VAL E 384 5.64 -27.22 4.74
C VAL E 384 4.96 -25.93 5.19
N ASP E 385 5.08 -25.62 6.50
CA ASP E 385 4.79 -24.36 7.16
C ASP E 385 5.23 -23.12 6.34
N ILE E 386 6.47 -23.07 5.79
CA ILE E 386 7.06 -21.92 5.02
C ILE E 386 6.13 -21.68 3.88
N ARG E 387 5.91 -22.69 3.01
CA ARG E 387 5.10 -22.55 1.79
C ARG E 387 3.71 -21.87 2.03
N LYS E 388 3.27 -21.90 3.29
CA LYS E 388 2.02 -21.23 3.76
C LYS E 388 2.21 -19.78 3.78
N LEU E 389 3.08 -19.19 4.64
CA LEU E 389 3.25 -17.78 4.83
C LEU E 389 3.98 -17.03 3.75
N VAL E 390 4.72 -17.70 2.84
CA VAL E 390 5.34 -17.01 1.66
C VAL E 390 4.32 -16.39 0.79
N ALA E 391 3.22 -17.18 0.47
CA ALA E 391 2.33 -16.72 -0.49
C ALA E 391 1.37 -15.65 0.01
N ILE E 392 1.30 -15.41 1.33
CA ILE E 392 0.35 -14.54 2.05
C ILE E 392 0.76 -13.13 1.78
N ILE E 393 2.09 -12.85 1.85
CA ILE E 393 2.65 -11.54 1.64
C ILE E 393 3.46 -11.59 0.39
N GLY E 394 2.87 -11.18 -0.74
CA GLY E 394 3.47 -11.31 -2.04
C GLY E 394 3.72 -12.84 -2.28
N GLU E 395 4.89 -13.18 -2.93
CA GLU E 395 5.17 -14.57 -3.25
C GLU E 395 6.38 -15.12 -2.54
N ASP E 396 6.90 -14.30 -1.54
CA ASP E 396 8.05 -14.67 -0.70
C ASP E 396 7.91 -14.17 0.71
N ALA E 397 8.62 -14.74 1.66
CA ALA E 397 8.58 -14.25 3.03
C ALA E 397 9.75 -14.94 3.71
N LEU E 398 10.50 -15.69 2.96
CA LEU E 398 11.58 -16.58 3.34
C LEU E 398 12.80 -15.92 3.75
N THR E 399 13.62 -16.57 4.65
CA THR E 399 14.85 -16.06 5.17
C THR E 399 15.82 -17.14 4.87
N GLU E 400 17.05 -16.98 5.43
CA GLU E 400 18.21 -17.83 5.24
C GLU E 400 18.06 -18.91 6.26
N ASN E 401 17.14 -18.77 7.34
CA ASN E 401 16.85 -19.73 8.36
C ASN E 401 15.57 -20.36 7.93
N ASP E 402 15.23 -20.25 6.63
CA ASP E 402 14.11 -20.82 6.02
C ASP E 402 14.58 -21.68 4.92
N ARG E 403 15.58 -21.27 4.14
CA ARG E 403 16.15 -22.03 2.99
C ARG E 403 16.70 -23.43 3.26
N ARG E 404 16.89 -23.69 4.59
CA ARG E 404 17.43 -24.88 5.09
C ARG E 404 16.31 -25.75 5.50
N TYR E 405 15.23 -25.27 6.16
CA TYR E 405 14.05 -26.02 6.53
C TYR E 405 13.15 -26.40 5.37
N LEU E 406 13.25 -25.50 4.32
CA LEU E 406 12.56 -25.58 3.05
C LEU E 406 12.98 -26.91 2.41
N GLN E 407 14.22 -26.92 1.94
CA GLN E 407 14.91 -28.14 1.44
C GLN E 407 14.98 -29.31 2.33
N PHE E 408 14.61 -29.20 3.69
CA PHE E 408 14.56 -30.35 4.53
C PHE E 408 13.27 -31.13 4.21
N ALA E 409 12.25 -30.49 3.53
CA ALA E 409 10.99 -31.06 3.12
C ALA E 409 11.17 -31.69 1.76
N ASP E 410 12.18 -31.31 0.93
CA ASP E 410 12.41 -31.90 -0.39
C ASP E 410 13.16 -33.13 -0.06
N ALA E 411 14.27 -32.98 0.76
CA ALA E 411 15.10 -34.03 1.19
C ALA E 411 14.26 -35.15 1.81
N PHE E 412 13.21 -34.88 2.65
CA PHE E 412 12.34 -35.88 3.23
C PHE E 412 11.39 -36.47 2.26
N GLU E 413 10.99 -35.78 1.26
CA GLU E 413 10.05 -36.04 0.13
C GLU E 413 10.44 -37.28 -0.56
N ARG E 414 10.76 -37.20 -1.88
CA ARG E 414 11.00 -38.38 -2.70
C ARG E 414 12.16 -39.24 -2.31
N PHE E 415 13.14 -38.78 -1.44
CA PHE E 415 14.21 -39.58 -1.02
C PHE E 415 13.70 -40.59 0.02
N PHE E 416 12.95 -40.11 1.04
CA PHE E 416 12.53 -40.95 2.17
C PHE E 416 11.14 -41.52 2.08
N ILE E 417 10.07 -40.64 1.98
CA ILE E 417 8.70 -41.11 1.76
C ILE E 417 8.52 -42.03 0.59
N ASN E 418 8.87 -41.65 -0.65
CA ASN E 418 8.81 -42.56 -1.76
C ASN E 418 9.87 -43.64 -1.65
N GLN E 419 9.46 -44.93 -1.88
CA GLN E 419 10.28 -46.06 -1.75
C GLN E 419 9.79 -47.24 -2.60
N GLY E 420 8.64 -47.23 -3.28
CA GLY E 420 8.11 -48.43 -4.02
C GLY E 420 7.67 -49.31 -2.96
N GLN E 421 7.73 -50.65 -3.21
CA GLN E 421 7.37 -51.64 -2.25
C GLN E 421 8.66 -52.32 -1.99
N GLN E 422 9.65 -51.59 -1.42
CA GLN E 422 10.95 -52.17 -1.21
C GLN E 422 11.27 -52.19 0.17
N ASN E 423 11.46 -53.41 0.71
CA ASN E 423 11.77 -53.63 2.10
C ASN E 423 13.00 -52.88 2.59
N ARG E 424 12.83 -52.22 3.73
CA ARG E 424 13.81 -51.38 4.38
C ARG E 424 13.93 -51.73 5.82
N SER E 425 15.19 -52.06 6.26
CA SER E 425 15.49 -52.37 7.66
C SER E 425 15.60 -51.09 8.51
N ILE E 426 15.39 -51.20 9.81
CA ILE E 426 15.49 -50.11 10.79
C ILE E 426 16.93 -49.48 10.76
N GLU E 427 17.93 -50.28 10.23
CA GLU E 427 19.27 -49.88 10.13
C GLU E 427 19.34 -48.95 8.96
N GLU E 428 18.95 -49.42 7.72
CA GLU E 428 19.03 -48.68 6.52
C GLU E 428 18.28 -47.34 6.56
N SER E 429 17.06 -47.31 7.18
CA SER E 429 16.29 -46.11 7.53
C SER E 429 17.13 -45.02 8.43
N LEU E 430 17.41 -45.25 9.76
CA LEU E 430 18.09 -44.35 10.72
C LEU E 430 19.49 -43.95 10.39
N GLN E 431 20.32 -44.92 9.86
CA GLN E 431 21.63 -44.67 9.35
C GLN E 431 21.71 -43.47 8.46
N ILE E 432 20.81 -43.44 7.40
CA ILE E 432 20.86 -42.55 6.25
C ILE E 432 20.01 -41.41 6.55
N ALA E 433 19.11 -41.58 7.60
CA ALA E 433 18.37 -40.43 8.10
C ALA E 433 19.18 -39.20 8.64
N TRP E 434 20.45 -39.54 9.08
CA TRP E 434 21.37 -38.64 9.70
C TRP E 434 22.16 -37.89 8.66
N ALA E 435 22.14 -38.27 7.37
CA ALA E 435 22.83 -37.60 6.27
C ALA E 435 21.80 -36.68 5.64
N LEU E 436 20.53 -36.83 6.00
CA LEU E 436 19.46 -35.96 5.61
C LEU E 436 19.18 -34.98 6.76
N LEU E 437 19.93 -35.18 7.87
CA LEU E 437 19.94 -34.33 9.09
C LEU E 437 21.27 -33.61 9.04
N SER E 438 21.95 -33.57 7.81
CA SER E 438 23.12 -32.87 7.56
C SER E 438 22.78 -31.76 6.58
N MET E 439 21.44 -31.46 6.36
CA MET E 439 20.97 -30.31 5.65
C MET E 439 20.73 -29.19 6.50
N LEU E 440 20.65 -29.36 7.85
CA LEU E 440 20.54 -28.28 8.85
C LEU E 440 21.75 -28.40 9.74
N PRO E 441 22.39 -27.28 10.15
CA PRO E 441 23.56 -27.43 11.03
C PRO E 441 23.40 -28.14 12.36
N GLN E 442 24.15 -29.22 12.37
CA GLN E 442 24.24 -30.13 13.42
C GLN E 442 24.98 -29.65 14.61
N GLY E 443 24.70 -30.40 15.67
CA GLY E 443 25.18 -30.24 16.94
C GLY E 443 24.06 -29.75 17.90
N GLU E 444 23.52 -28.57 17.64
CA GLU E 444 22.45 -28.17 18.45
C GLU E 444 21.16 -28.26 17.61
N LEU E 445 20.44 -29.40 17.82
CA LEU E 445 19.20 -29.62 17.08
C LEU E 445 18.11 -29.52 18.09
N LYS E 446 16.85 -29.52 17.58
CA LYS E 446 15.71 -29.20 18.39
C LYS E 446 15.45 -30.15 19.55
N ARG E 447 15.47 -31.45 19.29
CA ARG E 447 15.27 -32.50 20.26
C ARG E 447 16.59 -33.25 20.52
N ILE E 448 17.68 -33.11 19.75
CA ILE E 448 18.90 -33.89 19.78
C ILE E 448 19.80 -32.88 20.14
N SER E 449 20.79 -33.43 20.83
CA SER E 449 21.86 -32.65 21.41
C SER E 449 23.18 -33.33 21.06
N LYS E 450 24.41 -33.00 21.57
CA LYS E 450 25.59 -33.72 21.11
C LYS E 450 25.86 -34.96 21.90
N ASP E 451 25.25 -36.08 21.32
CA ASP E 451 25.32 -37.42 21.89
C ASP E 451 25.08 -38.56 20.84
N HIS E 452 24.72 -38.14 19.60
CA HIS E 452 24.50 -39.02 18.50
C HIS E 452 24.95 -38.40 17.26
N ILE E 453 25.58 -37.16 17.40
CA ILE E 453 25.95 -36.30 16.28
C ILE E 453 27.18 -36.77 15.71
N GLY E 454 28.13 -37.04 16.60
CA GLY E 454 29.50 -37.39 16.24
C GLY E 454 29.61 -38.89 16.00
N LYS E 455 28.45 -39.63 16.10
CA LYS E 455 28.43 -41.04 16.04
C LYS E 455 27.73 -41.33 14.78
N TYR E 456 26.73 -40.50 14.33
CA TYR E 456 25.96 -40.75 13.18
C TYR E 456 25.85 -39.51 12.32
N TYR E 457 26.44 -39.71 11.14
CA TYR E 457 26.62 -38.69 10.14
C TYR E 457 25.92 -39.32 8.92
N GLU F 1 -75.55 -46.44 13.67
CA GLU F 1 -75.47 -45.46 12.53
C GLU F 1 -74.23 -45.65 11.78
N TYR F 2 -73.16 -44.82 12.16
CA TYR F 2 -71.85 -44.84 11.61
C TYR F 2 -71.11 -44.22 12.77
N THR F 3 -71.54 -44.39 13.98
CA THR F 3 -70.95 -43.98 15.27
C THR F 3 -69.64 -44.68 15.43
N GLY F 4 -69.03 -44.42 16.59
CA GLY F 4 -67.79 -45.05 16.99
C GLY F 4 -66.81 -43.88 16.96
N ILE F 5 -67.30 -42.62 17.05
CA ILE F 5 -66.52 -41.37 17.00
C ILE F 5 -65.47 -41.15 18.08
N THR F 6 -64.19 -41.20 17.65
CA THR F 6 -63.10 -41.12 18.59
C THR F 6 -62.21 -40.19 17.79
N TYR F 7 -61.29 -39.42 18.51
CA TYR F 7 -60.31 -38.42 18.07
C TYR F 7 -60.91 -37.54 16.97
N ILE F 8 -61.80 -36.61 17.28
CA ILE F 8 -62.36 -35.63 16.35
C ILE F 8 -61.52 -34.32 16.49
N SER F 9 -60.18 -34.40 16.74
CA SER F 9 -59.42 -33.24 17.04
C SER F 9 -58.87 -32.68 15.76
N GLY F 10 -59.59 -31.54 15.41
CA GLY F 10 -59.44 -30.81 14.17
C GLY F 10 -60.15 -31.65 13.03
N PRO F 11 -59.74 -31.65 11.82
CA PRO F 11 -60.48 -32.37 10.79
C PRO F 11 -60.02 -33.78 10.61
N LEU F 12 -59.92 -34.47 11.71
CA LEU F 12 -59.76 -35.91 11.80
C LEU F 12 -61.16 -36.48 12.25
N LEU F 13 -61.40 -37.74 12.01
CA LEU F 13 -62.57 -38.39 12.46
C LEU F 13 -62.26 -39.83 12.40
N PHE F 14 -62.56 -40.57 13.51
CA PHE F 14 -62.55 -42.04 13.33
C PHE F 14 -64.05 -42.46 13.49
N VAL F 15 -64.37 -43.55 12.79
CA VAL F 15 -65.69 -44.11 12.85
C VAL F 15 -65.48 -45.52 12.55
N GLU F 16 -66.25 -46.26 13.39
CA GLU F 16 -66.51 -47.66 13.20
C GLU F 16 -67.65 -47.89 12.32
N ASN F 17 -67.65 -49.13 11.76
CA ASN F 17 -68.62 -49.61 10.80
C ASN F 17 -68.28 -49.10 9.43
N ALA F 18 -66.98 -49.02 9.16
CA ALA F 18 -66.39 -48.67 7.95
C ALA F 18 -66.12 -49.92 7.15
N LYS F 19 -66.96 -51.06 7.37
CA LYS F 19 -66.92 -52.29 6.58
C LYS F 19 -67.77 -52.15 5.33
N ASP F 20 -68.55 -51.03 5.29
CA ASP F 20 -69.33 -50.66 4.17
C ASP F 20 -68.66 -49.63 3.29
N LEU F 21 -67.47 -49.19 3.65
CA LEU F 21 -66.84 -48.14 3.03
C LEU F 21 -65.57 -48.66 2.33
N ALA F 22 -64.91 -47.78 1.52
CA ALA F 22 -63.84 -48.17 0.62
C ALA F 22 -62.79 -47.14 0.79
N TYR F 23 -61.58 -47.40 0.33
CA TYR F 23 -60.56 -46.42 0.14
C TYR F 23 -60.95 -45.71 -1.08
N GLY F 24 -60.63 -44.44 -1.25
CA GLY F 24 -60.92 -43.72 -2.50
C GLY F 24 -62.34 -43.41 -2.57
N ALA F 25 -63.09 -43.33 -1.41
CA ALA F 25 -64.48 -43.00 -1.41
C ALA F 25 -64.64 -41.68 -0.76
N ILE F 26 -65.90 -41.17 -0.91
CA ILE F 26 -66.27 -39.82 -0.45
C ILE F 26 -67.72 -40.03 0.02
N VAL F 27 -68.27 -39.45 1.12
CA VAL F 27 -69.59 -39.84 1.69
C VAL F 27 -70.15 -38.54 2.25
N ASP F 28 -71.48 -38.46 2.33
CA ASP F 28 -72.20 -37.39 3.03
C ASP F 28 -72.25 -37.81 4.49
N ILE F 29 -71.89 -36.91 5.36
CA ILE F 29 -72.06 -36.92 6.76
C ILE F 29 -73.22 -35.99 7.10
N LYS F 30 -74.10 -36.48 8.04
CA LYS F 30 -75.29 -35.79 8.53
C LYS F 30 -75.05 -35.38 9.94
N ASP F 31 -75.62 -34.21 10.32
CA ASP F 31 -75.56 -33.76 11.71
C ASP F 31 -76.72 -32.82 11.93
N GLY F 32 -76.97 -32.39 13.16
CA GLY F 32 -78.12 -31.59 13.45
C GLY F 32 -77.94 -30.04 13.23
N THR F 33 -76.74 -29.63 12.79
CA THR F 33 -76.47 -28.21 12.36
C THR F 33 -77.22 -27.89 11.08
N GLY F 34 -77.47 -28.98 10.24
CA GLY F 34 -78.13 -28.83 8.95
C GLY F 34 -77.06 -28.80 7.91
N ARG F 35 -75.73 -29.08 8.21
CA ARG F 35 -74.61 -28.93 7.21
C ARG F 35 -74.46 -30.29 6.66
N VAL F 36 -74.30 -30.36 5.31
CA VAL F 36 -74.11 -31.58 4.66
C VAL F 36 -72.67 -31.40 4.09
N ARG F 37 -71.71 -32.25 4.49
CA ARG F 37 -70.29 -32.10 4.17
C ARG F 37 -69.76 -33.46 3.72
N GLY F 38 -68.63 -33.40 2.92
CA GLY F 38 -67.98 -34.55 2.35
C GLY F 38 -66.74 -34.90 3.07
N GLY F 39 -65.63 -34.96 2.33
CA GLY F 39 -64.30 -35.34 2.83
C GLY F 39 -64.07 -36.70 2.46
N GLN F 40 -62.90 -37.03 1.99
CA GLN F 40 -62.52 -38.37 1.53
C GLN F 40 -62.29 -39.30 2.67
N VAL F 41 -62.65 -40.55 2.39
CA VAL F 41 -62.51 -41.69 3.26
C VAL F 41 -61.20 -42.41 2.98
N ILE F 42 -60.25 -42.23 3.91
CA ILE F 42 -58.93 -42.85 3.83
C ILE F 42 -58.69 -43.69 5.04
N GLU F 43 -57.63 -44.47 4.94
CA GLU F 43 -57.16 -45.50 5.88
C GLU F 43 -58.22 -46.27 6.51
N VAL F 44 -58.88 -47.10 5.67
CA VAL F 44 -60.05 -47.85 6.09
C VAL F 44 -59.82 -49.20 6.56
N SER F 45 -60.67 -49.69 7.49
CA SER F 45 -60.62 -50.95 8.10
C SER F 45 -62.05 -51.37 8.32
N GLU F 46 -62.38 -52.65 8.81
CA GLU F 46 -63.70 -53.17 9.05
C GLU F 46 -64.27 -52.38 10.21
N GLU F 47 -63.37 -51.79 11.06
CA GLU F 47 -63.79 -50.94 12.14
C GLU F 47 -63.50 -49.51 11.85
N TYR F 48 -62.41 -48.96 12.39
CA TYR F 48 -61.96 -47.62 12.30
C TYR F 48 -61.46 -47.19 10.92
N ALA F 49 -62.02 -46.04 10.51
CA ALA F 49 -61.67 -45.26 9.33
C ALA F 49 -61.15 -43.89 9.67
N VAL F 50 -60.70 -43.12 8.64
CA VAL F 50 -60.18 -41.75 8.82
C VAL F 50 -60.92 -40.98 7.81
N ILE F 51 -61.64 -39.94 8.21
CA ILE F 51 -62.40 -39.14 7.23
C ILE F 51 -61.84 -37.81 7.64
N GLN F 52 -61.77 -36.93 6.62
CA GLN F 52 -61.28 -35.59 6.81
C GLN F 52 -62.31 -34.70 6.19
N VAL F 53 -63.24 -34.08 6.96
CA VAL F 53 -64.37 -33.22 6.61
C VAL F 53 -64.03 -32.13 5.62
N PHE F 54 -64.94 -31.94 4.61
CA PHE F 54 -64.82 -31.05 3.44
C PHE F 54 -64.60 -29.66 3.82
N GLU F 55 -65.42 -29.24 4.83
CA GLU F 55 -65.38 -27.93 5.36
C GLU F 55 -65.40 -28.03 6.84
N GLU F 56 -64.31 -27.51 7.40
CA GLU F 56 -63.99 -27.36 8.82
C GLU F 56 -64.17 -28.63 9.55
N THR F 57 -64.76 -28.60 10.76
CA THR F 57 -65.00 -29.77 11.67
C THR F 57 -66.04 -29.39 12.72
N THR F 58 -66.57 -28.15 12.61
CA THR F 58 -67.49 -27.49 13.51
C THR F 58 -68.91 -27.82 13.07
N GLY F 59 -69.51 -28.81 13.79
CA GLY F 59 -70.81 -29.23 13.49
C GLY F 59 -70.98 -30.64 13.79
N LEU F 60 -69.84 -31.40 13.79
CA LEU F 60 -69.89 -32.77 14.12
C LEU F 60 -70.43 -32.91 15.57
N ASP F 61 -71.42 -33.76 15.80
CA ASP F 61 -72.08 -33.98 17.05
C ASP F 61 -72.15 -35.50 17.14
N LEU F 62 -72.62 -35.95 18.33
CA LEU F 62 -72.76 -37.30 18.68
C LEU F 62 -74.10 -37.83 18.36
N ALA F 63 -75.10 -36.95 18.28
CA ALA F 63 -76.52 -37.41 17.99
C ALA F 63 -76.67 -38.19 16.64
N THR F 64 -76.16 -37.59 15.49
CA THR F 64 -76.31 -38.06 14.20
C THR F 64 -74.91 -38.17 13.63
N THR F 65 -74.60 -39.45 13.23
CA THR F 65 -73.35 -39.87 12.79
C THR F 65 -73.48 -40.65 11.48
N SER F 66 -74.73 -40.92 11.02
CA SER F 66 -75.18 -41.59 9.78
C SER F 66 -74.45 -41.05 8.59
N VAL F 67 -74.28 -41.91 7.58
CA VAL F 67 -73.55 -41.57 6.42
C VAL F 67 -74.42 -42.15 5.30
N SER F 68 -74.82 -41.33 4.35
CA SER F 68 -75.66 -41.60 3.16
C SER F 68 -74.55 -41.92 2.23
N LEU F 69 -74.34 -43.19 1.78
CA LEU F 69 -73.39 -43.58 0.84
C LEU F 69 -73.51 -42.90 -0.50
N VAL F 70 -72.49 -42.13 -0.89
CA VAL F 70 -72.53 -41.45 -2.14
C VAL F 70 -72.04 -42.40 -3.17
N GLU F 71 -70.79 -42.93 -3.03
CA GLU F 71 -70.22 -43.83 -3.93
C GLU F 71 -68.82 -44.13 -3.56
N ASP F 72 -68.60 -45.47 -3.35
CA ASP F 72 -67.29 -46.07 -3.02
C ASP F 72 -66.40 -45.83 -4.16
N VAL F 73 -66.89 -46.10 -5.42
CA VAL F 73 -66.09 -45.85 -6.61
C VAL F 73 -65.84 -44.35 -6.66
N ALA F 74 -64.70 -43.91 -7.27
CA ALA F 74 -64.44 -42.48 -7.38
C ALA F 74 -65.08 -42.03 -8.67
N ARG F 75 -65.89 -40.95 -8.46
CA ARG F 75 -66.65 -40.33 -9.54
C ARG F 75 -65.95 -39.05 -9.96
N LEU F 76 -65.87 -38.87 -11.25
CA LEU F 76 -65.21 -37.82 -11.83
C LEU F 76 -65.70 -37.71 -13.24
N GLY F 77 -66.27 -36.61 -13.62
CA GLY F 77 -66.70 -36.36 -14.96
C GLY F 77 -65.59 -36.12 -15.91
N VAL F 78 -65.82 -36.59 -17.07
CA VAL F 78 -65.02 -36.25 -18.21
C VAL F 78 -65.91 -35.31 -18.94
N SER F 79 -65.38 -34.08 -19.18
CA SER F 79 -66.10 -32.98 -19.74
C SER F 79 -65.57 -32.68 -21.14
N LYS F 80 -66.33 -31.82 -21.89
CA LYS F 80 -66.06 -31.56 -23.28
C LYS F 80 -66.73 -30.22 -23.69
N GLU F 81 -67.40 -29.56 -22.71
CA GLU F 81 -68.12 -28.34 -22.83
C GLU F 81 -67.32 -27.29 -22.06
N MET F 82 -66.23 -27.69 -21.36
CA MET F 82 -65.32 -26.97 -20.59
C MET F 82 -64.11 -26.72 -21.43
N LEU F 83 -64.16 -25.53 -22.18
CA LEU F 83 -63.12 -25.16 -23.16
C LEU F 83 -63.30 -23.69 -23.31
N GLY F 84 -63.87 -22.98 -22.29
CA GLY F 84 -64.19 -21.58 -22.39
C GLY F 84 -65.17 -21.09 -21.28
N ARG F 85 -64.87 -21.56 -20.06
CA ARG F 85 -65.65 -21.30 -18.84
C ARG F 85 -64.69 -20.68 -17.82
N ARG F 86 -65.20 -20.47 -16.60
CA ARG F 86 -64.48 -19.98 -15.44
C ARG F 86 -65.00 -20.64 -14.26
N PHE F 87 -64.09 -21.14 -13.34
CA PHE F 87 -64.50 -21.78 -12.12
C PHE F 87 -63.41 -21.48 -11.13
N ASN F 88 -63.66 -21.51 -9.83
CA ASN F 88 -62.65 -21.32 -8.78
C ASN F 88 -62.83 -22.67 -7.99
N GLY F 89 -61.78 -23.28 -7.31
CA GLY F 89 -61.90 -24.41 -6.51
C GLY F 89 -62.16 -25.65 -7.28
N ILE F 90 -63.00 -26.55 -6.68
CA ILE F 90 -63.32 -27.83 -7.24
C ILE F 90 -64.01 -27.68 -8.61
N GLY F 91 -64.98 -26.75 -8.63
CA GLY F 91 -65.76 -26.45 -9.76
C GLY F 91 -66.98 -25.77 -9.25
N LYS F 92 -66.99 -24.52 -8.93
CA LYS F 92 -68.18 -23.88 -8.42
C LYS F 92 -68.59 -22.72 -9.34
N PRO F 93 -69.82 -22.44 -9.70
CA PRO F 93 -70.37 -21.32 -10.52
C PRO F 93 -69.77 -19.95 -10.35
N ILE F 94 -68.94 -19.40 -11.35
CA ILE F 94 -68.48 -18.06 -11.20
C ILE F 94 -69.09 -17.23 -12.25
N ASP F 95 -69.33 -17.89 -13.35
CA ASP F 95 -69.86 -17.38 -14.63
C ASP F 95 -71.18 -17.95 -14.84
N GLY F 96 -71.62 -18.80 -13.89
CA GLY F 96 -72.96 -19.21 -13.78
C GLY F 96 -73.34 -20.38 -14.71
N LEU F 97 -72.38 -21.08 -15.33
CA LEU F 97 -72.46 -22.27 -16.04
C LEU F 97 -72.27 -23.41 -14.95
N PRO F 98 -72.80 -24.65 -15.13
CA PRO F 98 -72.82 -25.71 -14.16
C PRO F 98 -71.45 -26.31 -14.06
N PRO F 99 -70.92 -26.70 -12.86
CA PRO F 99 -69.62 -27.30 -12.54
C PRO F 99 -69.02 -28.11 -13.63
N ILE F 100 -69.66 -29.22 -14.03
CA ILE F 100 -68.97 -30.13 -14.98
C ILE F 100 -70.08 -30.70 -15.89
N THR F 101 -69.69 -31.51 -16.88
CA THR F 101 -70.63 -32.18 -17.78
C THR F 101 -70.32 -33.67 -17.73
N PRO F 102 -71.24 -34.49 -17.36
CA PRO F 102 -70.97 -35.92 -17.33
C PRO F 102 -70.90 -36.65 -18.68
N GLU F 103 -70.11 -37.70 -18.77
CA GLU F 103 -69.95 -38.63 -19.86
C GLU F 103 -69.77 -39.89 -19.12
N LYS F 104 -68.92 -39.83 -18.01
CA LYS F 104 -68.46 -41.01 -17.36
C LYS F 104 -68.25 -40.48 -16.01
N ARG F 105 -68.07 -41.53 -15.14
CA ARG F 105 -67.70 -41.44 -13.77
C ARG F 105 -66.39 -42.18 -13.56
N LEU F 106 -65.38 -41.75 -14.33
CA LEU F 106 -63.95 -42.17 -14.34
C LEU F 106 -63.36 -41.86 -12.99
N PRO F 107 -62.37 -42.58 -12.48
CA PRO F 107 -61.75 -42.28 -11.23
C PRO F 107 -60.84 -41.14 -11.35
N ILE F 108 -60.38 -40.61 -10.22
CA ILE F 108 -59.42 -39.51 -10.19
C ILE F 108 -58.04 -39.90 -10.71
N THR F 109 -57.59 -41.08 -10.44
CA THR F 109 -56.33 -41.53 -10.97
C THR F 109 -56.77 -42.83 -11.61
N GLY F 110 -56.43 -43.06 -12.92
CA GLY F 110 -56.81 -44.13 -13.71
C GLY F 110 -55.53 -44.84 -14.00
N LEU F 111 -54.39 -44.14 -13.68
CA LEU F 111 -53.01 -44.60 -13.85
C LEU F 111 -52.43 -43.94 -15.08
N PRO F 112 -51.28 -43.16 -14.98
CA PRO F 112 -50.61 -42.45 -16.11
C PRO F 112 -50.28 -43.24 -17.39
N LEU F 113 -49.89 -42.54 -18.48
CA LEU F 113 -49.34 -42.93 -19.73
C LEU F 113 -48.47 -44.10 -19.68
N ASN F 114 -48.76 -45.07 -20.58
CA ASN F 114 -48.01 -46.27 -20.88
C ASN F 114 -46.84 -45.84 -21.67
N PRO F 115 -45.58 -46.18 -21.37
CA PRO F 115 -44.41 -45.64 -22.03
C PRO F 115 -44.16 -46.04 -23.41
N VAL F 116 -44.85 -47.08 -24.00
CA VAL F 116 -44.49 -47.62 -25.31
C VAL F 116 -45.47 -47.00 -26.29
N ALA F 117 -46.42 -46.25 -25.79
CA ALA F 117 -47.44 -45.50 -26.44
C ALA F 117 -47.01 -44.06 -26.41
N ARG F 118 -45.70 -43.72 -26.14
CA ARG F 118 -45.27 -42.31 -26.10
C ARG F 118 -44.19 -42.11 -27.17
N ARG F 119 -44.24 -41.01 -28.00
CA ARG F 119 -43.36 -40.78 -29.11
C ARG F 119 -42.42 -39.66 -28.74
N LYS F 120 -41.40 -39.28 -29.51
CA LYS F 120 -40.44 -38.20 -29.37
C LYS F 120 -41.11 -36.82 -29.64
N PRO F 121 -40.56 -35.72 -29.03
CA PRO F 121 -40.96 -34.35 -29.42
C PRO F 121 -40.62 -34.16 -30.90
N GLU F 122 -41.45 -33.37 -31.65
CA GLU F 122 -41.25 -33.21 -33.05
C GLU F 122 -41.92 -31.92 -33.45
N GLN F 123 -42.52 -31.24 -32.50
CA GLN F 123 -43.13 -29.93 -32.70
C GLN F 123 -42.78 -28.98 -31.53
N PHE F 124 -43.15 -27.71 -31.70
CA PHE F 124 -42.84 -26.70 -30.68
C PHE F 124 -44.02 -25.77 -30.58
N ILE F 125 -44.00 -24.92 -29.55
CA ILE F 125 -45.05 -23.90 -29.17
C ILE F 125 -44.35 -22.62 -29.05
N GLN F 126 -45.11 -21.51 -29.02
CA GLN F 126 -44.45 -20.17 -28.90
C GLN F 126 -45.22 -19.41 -27.93
N THR F 127 -44.52 -18.86 -26.89
CA THR F 127 -45.16 -18.10 -25.77
C THR F 127 -44.99 -16.59 -25.92
N GLY F 128 -44.65 -16.12 -27.09
CA GLY F 128 -44.63 -14.74 -27.40
C GLY F 128 -43.38 -14.03 -26.88
N ILE F 129 -42.42 -14.84 -26.37
CA ILE F 129 -41.25 -14.28 -25.78
C ILE F 129 -40.08 -14.65 -26.75
N SER F 130 -38.88 -14.04 -26.46
CA SER F 130 -37.70 -14.15 -27.16
C SER F 130 -36.89 -15.20 -26.48
N THR F 131 -36.12 -14.80 -25.42
CA THR F 131 -35.10 -15.65 -24.81
C THR F 131 -35.45 -17.08 -24.48
N ILE F 132 -36.75 -17.42 -24.13
CA ILE F 132 -37.20 -18.74 -23.80
C ILE F 132 -37.91 -19.57 -24.93
N ASP F 133 -37.61 -19.13 -26.18
CA ASP F 133 -38.22 -19.78 -27.32
C ASP F 133 -37.18 -19.73 -28.39
N VAL F 134 -36.18 -18.76 -28.33
CA VAL F 134 -35.13 -18.65 -29.37
C VAL F 134 -33.98 -19.47 -28.83
N MET F 135 -33.48 -19.13 -27.65
CA MET F 135 -32.22 -19.57 -27.13
C MET F 135 -32.50 -20.99 -26.60
N ASN F 136 -33.80 -21.31 -26.19
CA ASN F 136 -34.11 -22.53 -25.57
C ASN F 136 -35.51 -22.76 -26.10
N THR F 137 -35.63 -23.82 -26.96
CA THR F 137 -36.91 -24.14 -27.56
C THR F 137 -37.77 -24.99 -26.61
N LEU F 138 -38.98 -24.47 -26.21
CA LEU F 138 -40.05 -25.14 -25.50
C LEU F 138 -40.83 -25.94 -26.48
N VAL F 139 -40.64 -27.25 -26.35
CA VAL F 139 -41.01 -28.24 -27.35
C VAL F 139 -42.36 -28.86 -27.06
N ARG F 140 -42.62 -30.05 -27.66
CA ARG F 140 -43.76 -30.89 -27.56
C ARG F 140 -43.74 -31.94 -26.44
N GLY F 141 -44.63 -31.60 -25.48
CA GLY F 141 -44.86 -32.25 -24.23
C GLY F 141 -43.80 -32.11 -23.22
N GLN F 142 -43.03 -31.07 -23.37
CA GLN F 142 -41.99 -30.79 -22.51
C GLN F 142 -42.45 -30.43 -21.13
N LYS F 143 -41.70 -30.78 -20.12
CA LYS F 143 -41.98 -30.59 -18.72
C LYS F 143 -40.83 -29.64 -18.32
N LEU F 144 -41.06 -28.33 -18.08
CA LEU F 144 -39.97 -27.31 -17.96
C LEU F 144 -40.36 -26.64 -16.70
N PRO F 145 -39.65 -26.76 -15.56
CA PRO F 145 -40.03 -26.03 -14.38
C PRO F 145 -39.41 -24.61 -14.32
N ILE F 146 -40.14 -23.67 -13.68
CA ILE F 146 -39.76 -22.32 -13.54
C ILE F 146 -39.63 -22.09 -12.11
N PHE F 147 -38.40 -22.22 -11.58
CA PHE F 147 -38.04 -21.99 -10.26
C PHE F 147 -38.04 -20.48 -9.90
N SER F 148 -39.02 -20.13 -9.09
CA SER F 148 -39.16 -18.74 -8.67
C SER F 148 -38.74 -18.60 -7.25
N GLY F 149 -38.63 -17.31 -6.77
CA GLY F 149 -38.10 -17.07 -5.45
C GLY F 149 -39.21 -16.79 -4.57
N SER F 150 -38.86 -16.21 -3.40
CA SER F 150 -39.79 -15.73 -2.42
C SER F 150 -39.42 -14.29 -2.17
N GLY F 151 -40.45 -13.42 -2.04
CA GLY F 151 -40.40 -11.98 -1.95
C GLY F 151 -40.55 -11.28 -3.26
N LEU F 152 -40.80 -12.08 -4.27
CA LEU F 152 -40.94 -11.75 -5.66
C LEU F 152 -42.31 -12.17 -6.04
N PRO F 153 -43.06 -11.51 -6.94
CA PRO F 153 -44.39 -12.01 -7.27
C PRO F 153 -44.29 -12.98 -8.44
N ALA F 154 -44.38 -14.30 -8.15
CA ALA F 154 -44.42 -15.47 -9.03
C ALA F 154 -45.57 -15.25 -10.00
N ASN F 155 -46.75 -15.21 -9.34
CA ASN F 155 -48.09 -15.11 -9.95
C ASN F 155 -48.28 -14.13 -11.13
N GLU F 156 -47.66 -12.94 -11.11
CA GLU F 156 -47.93 -11.85 -12.09
C GLU F 156 -47.20 -12.22 -13.36
N ILE F 157 -45.86 -12.42 -13.22
CA ILE F 157 -44.88 -12.90 -14.31
C ILE F 157 -45.36 -14.16 -15.00
N ALA F 158 -46.23 -14.89 -14.32
CA ALA F 158 -46.93 -16.02 -14.91
C ALA F 158 -47.87 -15.54 -16.06
N ALA F 159 -49.11 -15.07 -15.63
CA ALA F 159 -50.22 -14.56 -16.46
C ALA F 159 -50.01 -13.48 -17.42
N GLN F 160 -48.82 -12.88 -17.26
CA GLN F 160 -48.20 -11.78 -18.07
C GLN F 160 -48.02 -12.41 -19.46
N ILE F 161 -47.39 -13.59 -19.45
CA ILE F 161 -47.04 -14.34 -20.58
C ILE F 161 -48.25 -15.05 -21.12
N ALA F 162 -49.42 -15.06 -20.39
CA ALA F 162 -50.69 -15.61 -20.89
C ALA F 162 -51.05 -15.07 -22.29
N ARG F 163 -51.47 -13.80 -22.43
CA ARG F 163 -51.86 -13.17 -23.65
C ARG F 163 -50.77 -13.16 -24.67
N GLN F 164 -49.47 -12.95 -24.27
CA GLN F 164 -48.31 -13.02 -25.18
C GLN F 164 -48.16 -14.29 -25.97
N ALA F 165 -48.43 -15.39 -25.26
CA ALA F 165 -48.48 -16.70 -25.77
C ALA F 165 -49.70 -16.91 -26.65
N THR F 166 -49.37 -17.07 -27.89
CA THR F 166 -50.26 -17.50 -28.99
C THR F 166 -49.22 -18.23 -29.76
N VAL F 167 -49.40 -19.49 -30.17
CA VAL F 167 -48.42 -20.36 -30.73
C VAL F 167 -48.05 -19.94 -32.13
N ARG F 168 -46.85 -20.28 -32.57
CA ARG F 168 -46.42 -19.97 -33.91
C ARG F 168 -45.66 -21.16 -34.50
N PRO F 169 -46.32 -22.13 -35.04
CA PRO F 169 -45.65 -23.25 -35.74
C PRO F 169 -45.71 -22.96 -37.21
N ASP F 170 -46.03 -21.72 -37.66
CA ASP F 170 -46.11 -21.11 -38.99
C ASP F 170 -44.98 -21.56 -39.85
N LEU F 171 -43.77 -21.37 -39.32
CA LEU F 171 -42.51 -21.60 -39.99
C LEU F 171 -42.33 -23.07 -40.34
N SER F 172 -42.99 -24.08 -39.67
CA SER F 172 -42.96 -25.44 -39.96
C SER F 172 -44.01 -25.90 -41.01
N GLY F 173 -45.13 -25.19 -41.14
CA GLY F 173 -46.08 -25.47 -42.18
C GLY F 173 -47.35 -26.00 -41.64
N GLU F 174 -47.63 -25.69 -40.33
CA GLU F 174 -48.77 -26.05 -39.57
C GLU F 174 -49.31 -24.73 -39.07
N GLY F 175 -50.71 -24.68 -38.91
CA GLY F 175 -51.49 -23.59 -38.35
C GLY F 175 -51.58 -23.63 -36.80
N GLU F 176 -52.39 -22.69 -36.24
CA GLU F 176 -52.76 -22.57 -34.82
C GLU F 176 -54.17 -23.06 -34.72
N LYS F 177 -54.71 -23.81 -35.72
CA LYS F 177 -56.00 -24.44 -35.77
C LYS F 177 -55.75 -25.93 -35.53
N GLU F 178 -54.54 -26.39 -35.86
CA GLU F 178 -53.99 -27.71 -35.62
C GLU F 178 -53.04 -27.66 -34.43
N GLU F 179 -53.06 -26.45 -33.78
CA GLU F 179 -52.31 -26.24 -32.54
C GLU F 179 -53.08 -25.19 -31.82
N PRO F 180 -54.18 -25.39 -31.21
CA PRO F 180 -54.95 -24.36 -30.53
C PRO F 180 -54.36 -24.08 -29.20
N PHE F 181 -54.71 -22.85 -28.72
CA PHE F 181 -54.23 -22.20 -27.53
C PHE F 181 -55.24 -22.41 -26.40
N ALA F 182 -54.96 -23.45 -25.61
CA ALA F 182 -55.91 -23.86 -24.62
C ALA F 182 -55.10 -23.74 -23.37
N VAL F 183 -55.61 -22.84 -22.43
CA VAL F 183 -54.99 -22.61 -21.13
C VAL F 183 -55.90 -23.24 -20.22
N VAL F 184 -55.38 -24.25 -19.49
CA VAL F 184 -56.04 -24.99 -18.43
C VAL F 184 -55.06 -24.71 -17.34
N PHE F 185 -55.65 -24.19 -16.24
CA PHE F 185 -54.83 -23.57 -15.16
C PHE F 185 -55.39 -24.19 -13.88
N ALA F 186 -54.47 -24.64 -13.01
CA ALA F 186 -54.89 -25.15 -11.74
C ALA F 186 -53.84 -24.64 -10.86
N ALA F 187 -54.13 -23.69 -9.93
CA ALA F 187 -53.28 -23.20 -8.84
C ALA F 187 -53.92 -23.75 -7.64
N MET F 188 -53.44 -23.32 -6.42
CA MET F 188 -54.06 -23.56 -5.19
C MET F 188 -53.38 -22.44 -4.38
N GLY F 189 -53.88 -22.31 -3.16
CA GLY F 189 -53.46 -21.40 -2.09
C GLY F 189 -52.99 -20.04 -2.46
N ILE F 190 -53.77 -19.36 -3.33
CA ILE F 190 -53.52 -18.03 -3.88
C ILE F 190 -54.26 -16.90 -3.12
N THR F 191 -53.58 -15.78 -3.06
CA THR F 191 -54.03 -14.56 -2.36
C THR F 191 -55.34 -14.00 -2.95
N GLN F 192 -56.13 -13.28 -2.15
CA GLN F 192 -57.31 -12.54 -2.60
C GLN F 192 -57.12 -11.58 -3.74
N ARG F 193 -55.99 -10.77 -3.81
CA ARG F 193 -55.71 -9.87 -4.94
C ARG F 193 -55.47 -10.69 -6.10
N GLU F 194 -54.39 -11.62 -5.96
CA GLU F 194 -53.82 -12.38 -7.07
C GLU F 194 -54.86 -13.26 -7.86
N LEU F 195 -55.77 -13.94 -7.16
CA LEU F 195 -56.91 -14.63 -7.64
C LEU F 195 -57.90 -13.79 -8.50
N SER F 196 -57.91 -12.44 -8.34
CA SER F 196 -58.70 -11.56 -9.15
C SER F 196 -57.92 -10.91 -10.20
N TYR F 197 -56.59 -10.87 -10.04
CA TYR F 197 -55.67 -10.30 -10.97
C TYR F 197 -55.44 -11.26 -12.17
N PHE F 198 -55.76 -12.55 -11.87
CA PHE F 198 -55.63 -13.64 -12.85
C PHE F 198 -56.75 -13.48 -13.95
N ILE F 199 -58.07 -13.65 -13.60
CA ILE F 199 -59.30 -13.41 -14.33
C ILE F 199 -59.27 -12.06 -15.10
N GLN F 200 -58.50 -11.04 -14.65
CA GLN F 200 -58.38 -9.66 -15.20
C GLN F 200 -57.71 -9.72 -16.57
N GLU F 201 -56.55 -10.48 -16.55
CA GLU F 201 -55.78 -10.67 -17.77
C GLU F 201 -56.54 -11.30 -18.91
N PHE F 202 -57.24 -12.38 -18.56
CA PHE F 202 -58.09 -13.12 -19.44
C PHE F 202 -59.18 -12.39 -20.09
N GLU F 203 -60.00 -11.65 -19.24
CA GLU F 203 -61.18 -10.86 -19.59
C GLU F 203 -60.80 -9.61 -20.36
N ARG F 204 -59.53 -9.08 -20.26
CA ARG F 204 -58.98 -8.04 -21.04
C ARG F 204 -59.21 -8.18 -22.49
N THR F 205 -58.40 -9.03 -23.20
CA THR F 205 -58.58 -9.38 -24.53
C THR F 205 -58.93 -10.89 -24.67
N GLY F 206 -59.73 -11.30 -25.78
CA GLY F 206 -60.33 -12.57 -26.02
C GLY F 206 -59.40 -13.74 -25.87
N ALA F 207 -59.64 -14.56 -24.81
CA ALA F 207 -58.83 -15.73 -24.53
C ALA F 207 -59.47 -16.60 -23.40
N LEU F 208 -60.73 -16.30 -22.99
CA LEU F 208 -61.43 -16.88 -21.89
C LEU F 208 -62.52 -17.69 -22.51
N SER F 209 -62.66 -17.69 -23.89
CA SER F 209 -63.67 -18.55 -24.51
C SER F 209 -62.94 -19.71 -25.18
N ARG F 210 -61.74 -20.03 -24.65
CA ARG F 210 -60.88 -21.07 -25.19
C ARG F 210 -59.98 -21.62 -24.09
N SER F 211 -60.41 -21.42 -22.84
CA SER F 211 -59.58 -21.75 -21.70
C SER F 211 -60.52 -21.97 -20.53
N VAL F 212 -60.12 -22.70 -19.49
CA VAL F 212 -60.92 -22.94 -18.29
C VAL F 212 -59.97 -22.59 -17.08
N LEU F 213 -60.50 -21.97 -15.95
CA LEU F 213 -59.69 -21.65 -14.75
C LEU F 213 -60.24 -22.57 -13.79
N PHE F 214 -59.42 -22.83 -12.78
CA PHE F 214 -59.65 -23.61 -11.60
C PHE F 214 -58.58 -23.05 -10.71
N LEU F 215 -58.98 -22.70 -9.47
CA LEU F 215 -58.04 -22.07 -8.56
C LEU F 215 -58.70 -21.97 -7.18
N ASN F 216 -58.10 -22.81 -6.38
CA ASN F 216 -58.55 -23.05 -5.09
C ASN F 216 -57.89 -22.03 -4.21
N LYS F 217 -58.73 -21.00 -3.85
CA LYS F 217 -58.43 -19.94 -2.85
C LYS F 217 -57.75 -20.36 -1.57
N ALA F 218 -57.02 -19.44 -0.89
CA ALA F 218 -56.21 -19.77 0.35
C ALA F 218 -57.10 -19.78 1.53
N ASP F 219 -58.39 -19.94 1.36
CA ASP F 219 -59.38 -19.91 2.32
C ASP F 219 -60.42 -20.97 1.97
N ASP F 220 -60.10 -21.76 0.99
CA ASP F 220 -60.86 -22.90 0.64
C ASP F 220 -60.03 -23.93 1.33
N PRO F 221 -60.56 -24.79 2.23
CA PRO F 221 -59.94 -25.98 2.90
C PRO F 221 -58.80 -26.72 2.19
N THR F 222 -57.82 -27.27 3.00
CA THR F 222 -56.69 -27.98 2.58
C THR F 222 -57.05 -29.36 2.01
N ILE F 223 -58.29 -29.80 2.12
CA ILE F 223 -58.66 -31.10 1.63
C ILE F 223 -58.89 -30.86 0.12
N GLU F 224 -59.66 -29.84 -0.26
CA GLU F 224 -59.99 -29.52 -1.65
C GLU F 224 -58.75 -29.16 -2.49
N ARG F 225 -57.71 -28.63 -1.88
CA ARG F 225 -56.38 -28.33 -2.47
C ARG F 225 -55.90 -29.39 -3.37
N ILE F 226 -55.74 -30.65 -2.79
CA ILE F 226 -55.27 -31.81 -3.46
C ILE F 226 -56.08 -32.18 -4.67
N LEU F 227 -57.47 -32.29 -4.52
CA LEU F 227 -58.23 -32.93 -5.63
C LEU F 227 -58.26 -31.99 -6.83
N THR F 228 -58.30 -30.68 -6.74
CA THR F 228 -58.33 -29.55 -7.70
C THR F 228 -57.60 -29.98 -8.96
N PRO F 229 -56.37 -30.36 -9.01
CA PRO F 229 -55.71 -30.77 -10.18
C PRO F 229 -56.27 -32.04 -10.84
N ARG F 230 -56.46 -33.09 -10.11
CA ARG F 230 -56.91 -34.41 -10.48
C ARG F 230 -58.20 -34.38 -11.36
N MET F 231 -59.02 -33.34 -11.03
CA MET F 231 -60.27 -33.07 -11.70
C MET F 231 -60.02 -32.78 -13.13
N ALA F 232 -59.52 -31.56 -13.38
CA ALA F 232 -59.16 -31.02 -14.72
C ALA F 232 -58.08 -31.86 -15.38
N LEU F 233 -57.37 -32.73 -14.59
CA LEU F 233 -56.35 -33.67 -15.06
C LEU F 233 -57.02 -34.67 -15.96
N THR F 234 -58.01 -35.38 -15.42
CA THR F 234 -58.74 -36.43 -16.05
C THR F 234 -59.56 -35.92 -17.26
N VAL F 235 -59.96 -34.56 -17.23
CA VAL F 235 -60.70 -33.89 -18.30
C VAL F 235 -59.76 -33.54 -19.47
N ALA F 236 -58.55 -33.19 -19.10
CA ALA F 236 -57.49 -32.84 -19.96
C ALA F 236 -57.07 -33.90 -20.89
N GLU F 237 -57.16 -35.15 -20.44
CA GLU F 237 -56.73 -36.38 -21.16
C GLU F 237 -57.60 -36.38 -22.43
N TYR F 238 -58.93 -36.29 -22.27
CA TYR F 238 -60.02 -36.23 -23.17
C TYR F 238 -59.96 -34.94 -23.98
N LEU F 239 -59.21 -33.85 -23.54
CA LEU F 239 -59.13 -32.67 -24.36
C LEU F 239 -58.03 -32.88 -25.46
N ALA F 240 -56.79 -32.94 -25.07
CA ALA F 240 -55.73 -32.91 -25.99
C ALA F 240 -55.44 -34.24 -26.75
N PHE F 241 -55.66 -35.47 -26.20
CA PHE F 241 -55.46 -36.68 -26.94
C PHE F 241 -56.62 -37.12 -27.74
N GLU F 242 -57.92 -36.87 -27.27
CA GLU F 242 -59.02 -37.48 -27.89
C GLU F 242 -59.79 -36.36 -28.71
N HIS F 243 -59.52 -35.05 -28.67
CA HIS F 243 -60.11 -34.05 -29.49
C HIS F 243 -59.08 -33.58 -30.43
N ASP F 244 -57.81 -33.98 -30.24
CA ASP F 244 -56.71 -33.50 -31.01
C ASP F 244 -56.41 -32.04 -30.76
N TYR F 245 -56.75 -31.56 -29.60
CA TYR F 245 -56.44 -30.20 -29.25
C TYR F 245 -55.12 -30.12 -28.64
N HIS F 246 -54.52 -28.94 -28.35
CA HIS F 246 -53.22 -28.86 -27.71
C HIS F 246 -53.39 -28.01 -26.50
N VAL F 247 -53.17 -28.53 -25.24
CA VAL F 247 -53.43 -27.85 -23.94
C VAL F 247 -52.06 -27.51 -23.46
N LEU F 248 -52.04 -26.47 -22.55
CA LEU F 248 -50.93 -26.03 -21.92
C LEU F 248 -51.35 -25.87 -20.48
N VAL F 249 -50.80 -26.67 -19.57
CA VAL F 249 -51.12 -26.73 -18.18
C VAL F 249 -50.09 -25.85 -17.54
N ILE F 250 -50.57 -24.90 -16.67
CA ILE F 250 -49.77 -23.97 -16.03
C ILE F 250 -50.28 -24.03 -14.65
N LEU F 251 -49.40 -24.61 -13.80
CA LEU F 251 -49.69 -24.71 -12.41
C LEU F 251 -48.98 -23.51 -11.72
N THR F 252 -49.43 -23.08 -10.46
CA THR F 252 -48.67 -22.08 -9.76
C THR F 252 -48.78 -22.28 -8.28
N ASP F 253 -47.65 -21.98 -7.51
CA ASP F 253 -47.51 -22.29 -6.09
C ASP F 253 -47.67 -23.77 -5.67
N MET F 254 -46.50 -24.48 -5.53
CA MET F 254 -46.41 -25.84 -5.28
C MET F 254 -46.24 -26.03 -3.79
N THR F 255 -45.64 -24.96 -3.17
CA THR F 255 -45.53 -24.97 -1.71
C THR F 255 -46.82 -25.35 -0.98
N ASN F 256 -48.03 -24.80 -1.37
CA ASN F 256 -49.33 -25.02 -0.71
C ASN F 256 -49.78 -26.43 -0.92
N TYR F 257 -49.71 -26.94 -2.18
CA TYR F 257 -50.01 -28.27 -2.69
C TYR F 257 -49.39 -29.38 -1.82
N CYS F 258 -48.18 -29.09 -1.24
CA CYS F 258 -47.25 -30.03 -0.62
C CYS F 258 -47.48 -29.94 0.95
N GLU F 259 -47.75 -28.67 1.42
CA GLU F 259 -48.13 -28.47 2.82
C GLU F 259 -49.34 -29.20 3.16
N ALA F 260 -50.53 -28.92 2.54
CA ALA F 260 -51.78 -29.59 2.73
C ALA F 260 -51.64 -31.09 2.65
N LEU F 261 -50.82 -31.60 1.65
CA LEU F 261 -50.65 -33.05 1.40
C LEU F 261 -50.22 -33.77 2.63
N ARG F 262 -49.07 -33.31 3.17
CA ARG F 262 -48.53 -33.70 4.49
C ARG F 262 -49.47 -34.03 5.68
N GLU F 263 -50.54 -33.23 5.92
CA GLU F 263 -51.47 -33.38 6.93
C GLU F 263 -52.27 -34.68 6.79
N ILE F 264 -52.63 -34.94 5.50
CA ILE F 264 -53.42 -36.10 4.99
C ILE F 264 -52.65 -37.43 5.32
N GLY F 265 -51.36 -37.45 5.04
CA GLY F 265 -50.45 -38.63 5.03
C GLY F 265 -50.03 -38.94 6.39
N ALA F 266 -49.86 -37.92 7.23
CA ALA F 266 -49.53 -38.00 8.61
C ALA F 266 -50.58 -38.75 9.44
N ALA F 267 -51.82 -38.95 8.92
CA ALA F 267 -52.87 -39.65 9.59
C ALA F 267 -53.07 -41.03 9.01
N ARG F 268 -52.34 -41.44 7.90
CA ARG F 268 -52.45 -42.71 7.24
C ARG F 268 -51.29 -43.54 7.64
N GLU F 269 -50.52 -42.92 8.61
CA GLU F 269 -49.34 -43.51 9.17
C GLU F 269 -48.20 -43.53 8.26
N GLU F 270 -47.96 -42.37 7.65
CA GLU F 270 -46.83 -42.22 6.79
C GLU F 270 -46.15 -41.08 7.37
N ILE F 271 -44.77 -41.29 7.59
CA ILE F 271 -43.92 -40.34 8.25
C ILE F 271 -43.56 -39.24 7.31
N PRO F 272 -43.59 -37.99 7.63
CA PRO F 272 -43.05 -36.93 6.80
C PRO F 272 -41.55 -37.06 6.59
N GLY F 273 -41.09 -36.21 5.60
CA GLY F 273 -39.83 -36.40 4.94
C GLY F 273 -38.73 -35.45 5.26
N ARG F 274 -37.81 -35.17 4.36
CA ARG F 274 -36.71 -34.28 4.65
C ARG F 274 -37.12 -32.77 4.58
N ARG F 275 -36.72 -32.02 5.71
CA ARG F 275 -37.04 -30.63 5.95
C ARG F 275 -38.53 -30.40 5.98
N GLY F 276 -39.22 -31.44 6.66
CA GLY F 276 -40.57 -31.65 6.98
C GLY F 276 -41.45 -32.00 5.88
N TYR F 277 -41.15 -31.62 4.65
CA TYR F 277 -41.94 -31.89 3.47
C TYR F 277 -42.01 -33.39 3.16
N PRO F 278 -43.13 -33.99 2.90
CA PRO F 278 -43.32 -35.39 2.72
C PRO F 278 -42.53 -36.10 1.76
N GLY F 279 -42.36 -37.44 2.05
CA GLY F 279 -41.57 -38.34 1.22
C GLY F 279 -42.38 -39.20 0.30
N TYR F 280 -43.68 -39.23 0.53
CA TYR F 280 -44.70 -39.89 -0.29
C TYR F 280 -45.16 -38.87 -1.29
N MET F 281 -44.48 -37.76 -1.52
CA MET F 281 -44.63 -36.67 -2.45
C MET F 281 -44.45 -37.14 -3.80
N TYR F 282 -43.35 -37.78 -4.03
CA TYR F 282 -42.82 -38.34 -5.27
C TYR F 282 -43.87 -38.98 -6.15
N THR F 283 -44.58 -40.01 -5.65
CA THR F 283 -45.57 -40.74 -6.34
C THR F 283 -46.64 -39.88 -6.90
N ASP F 284 -47.33 -39.23 -5.96
CA ASP F 284 -48.39 -38.25 -6.18
C ASP F 284 -48.14 -37.07 -7.12
N LEU F 285 -46.87 -36.57 -7.17
CA LEU F 285 -46.40 -35.41 -7.96
C LEU F 285 -46.17 -35.91 -9.37
N ALA F 286 -45.71 -37.17 -9.52
CA ALA F 286 -45.52 -37.87 -10.79
C ALA F 286 -46.80 -37.86 -11.60
N THR F 287 -47.83 -38.48 -11.05
CA THR F 287 -49.20 -38.57 -11.64
C THR F 287 -49.79 -37.27 -12.28
N ILE F 288 -49.29 -36.05 -12.11
CA ILE F 288 -49.80 -34.86 -12.63
C ILE F 288 -49.00 -34.44 -13.88
N TYR F 289 -47.68 -34.78 -13.82
CA TYR F 289 -46.68 -34.41 -14.74
C TYR F 289 -46.47 -35.43 -15.91
N GLU F 290 -47.00 -36.66 -15.73
CA GLU F 290 -46.72 -37.77 -16.60
C GLU F 290 -47.82 -37.97 -17.48
N ARG F 291 -48.63 -36.91 -17.58
CA ARG F 291 -49.70 -36.97 -18.59
C ARG F 291 -49.32 -35.93 -19.65
N ALA F 292 -47.99 -35.84 -19.74
CA ALA F 292 -47.24 -34.95 -20.62
C ALA F 292 -46.27 -35.87 -21.35
N GLY F 293 -46.01 -35.48 -22.63
CA GLY F 293 -45.21 -36.31 -23.57
C GLY F 293 -46.20 -36.60 -24.61
N VAL F 294 -45.65 -36.79 -25.88
CA VAL F 294 -46.52 -37.00 -27.04
C VAL F 294 -46.94 -38.45 -26.99
N VAL F 295 -47.87 -38.86 -27.86
CA VAL F 295 -48.58 -40.06 -27.89
C VAL F 295 -48.61 -40.52 -29.36
N GLU F 296 -48.40 -41.81 -29.66
CA GLU F 296 -48.31 -42.27 -30.99
C GLU F 296 -49.61 -42.17 -31.69
N GLY F 297 -49.64 -41.53 -32.88
CA GLY F 297 -50.87 -41.35 -33.63
C GLY F 297 -51.78 -40.26 -33.21
N LYS F 298 -51.62 -39.75 -32.00
CA LYS F 298 -52.45 -38.68 -31.45
C LYS F 298 -51.45 -37.61 -31.37
N LYS F 299 -51.62 -36.62 -32.28
CA LYS F 299 -50.97 -35.37 -32.45
C LYS F 299 -51.04 -34.35 -31.28
N GLY F 300 -52.24 -34.31 -30.62
CA GLY F 300 -52.48 -33.33 -29.61
C GLY F 300 -52.01 -34.06 -28.37
N SER F 301 -51.37 -33.31 -27.51
CA SER F 301 -50.85 -33.83 -26.20
C SER F 301 -50.68 -32.54 -25.39
N VAL F 302 -50.63 -32.64 -24.09
CA VAL F 302 -50.56 -31.57 -23.10
C VAL F 302 -49.09 -31.16 -22.87
N THR F 303 -48.79 -29.85 -22.82
CA THR F 303 -47.46 -29.39 -22.51
C THR F 303 -47.60 -28.97 -21.01
N GLN F 304 -46.64 -29.41 -20.19
CA GLN F 304 -46.59 -29.16 -18.71
C GLN F 304 -45.55 -28.09 -18.43
N ILE F 305 -45.94 -27.09 -17.56
CA ILE F 305 -45.11 -25.96 -17.10
C ILE F 305 -45.58 -25.89 -15.70
N PRO F 306 -44.77 -26.34 -14.77
CA PRO F 306 -45.16 -26.17 -13.36
C PRO F 306 -44.35 -24.99 -12.86
N ILE F 307 -44.84 -24.29 -11.86
CA ILE F 307 -44.12 -23.15 -11.31
C ILE F 307 -44.13 -23.41 -9.82
N LEU F 308 -43.02 -23.20 -9.09
CA LEU F 308 -42.91 -23.52 -7.67
C LEU F 308 -42.01 -22.42 -7.12
N SER F 309 -41.85 -22.26 -5.77
CA SER F 309 -41.23 -21.22 -5.02
C SER F 309 -40.23 -21.88 -4.12
N MET F 310 -39.15 -21.09 -3.81
CA MET F 310 -38.07 -21.60 -2.98
C MET F 310 -37.63 -20.33 -2.37
N PRO F 311 -36.86 -20.32 -1.28
CA PRO F 311 -36.45 -19.08 -0.62
C PRO F 311 -35.53 -18.20 -1.55
N ASP F 312 -34.57 -18.74 -2.30
CA ASP F 312 -33.65 -18.01 -3.14
C ASP F 312 -33.24 -18.94 -4.27
N ASP F 313 -34.06 -20.00 -4.48
CA ASP F 313 -33.83 -21.03 -5.52
C ASP F 313 -32.73 -21.98 -5.00
N ASP F 314 -32.75 -22.26 -3.66
CA ASP F 314 -31.70 -23.05 -3.03
C ASP F 314 -32.32 -24.46 -3.08
N ARG F 315 -31.39 -25.46 -3.17
CA ARG F 315 -31.76 -26.83 -3.43
C ARG F 315 -31.64 -27.63 -2.18
N THR F 316 -31.83 -26.91 -0.98
CA THR F 316 -31.56 -27.54 0.28
C THR F 316 -32.80 -28.12 1.03
N HIS F 317 -33.87 -28.36 0.23
CA HIS F 317 -35.08 -28.99 0.73
C HIS F 317 -35.69 -29.83 -0.47
N PRO F 318 -36.67 -30.65 -0.30
CA PRO F 318 -37.25 -31.55 -1.33
C PRO F 318 -37.80 -30.86 -2.56
N ILE F 319 -38.54 -29.74 -2.40
CA ILE F 319 -39.35 -29.13 -3.43
C ILE F 319 -38.72 -29.00 -4.80
N PRO F 320 -37.37 -28.81 -4.94
CA PRO F 320 -36.78 -28.75 -6.22
C PRO F 320 -36.29 -30.08 -6.64
N ASP F 321 -35.58 -30.84 -5.73
CA ASP F 321 -34.92 -32.14 -5.92
C ASP F 321 -35.83 -33.05 -6.66
N LEU F 322 -37.00 -33.37 -6.03
CA LEU F 322 -38.04 -34.22 -6.47
C LEU F 322 -38.50 -34.04 -7.84
N THR F 323 -38.98 -32.81 -8.03
CA THR F 323 -39.42 -32.22 -9.20
C THR F 323 -38.40 -32.44 -10.32
N GLY F 324 -37.16 -31.95 -10.16
CA GLY F 324 -35.94 -31.99 -10.89
C GLY F 324 -35.42 -33.32 -11.34
N TYR F 325 -36.18 -34.45 -11.19
CA TYR F 325 -35.80 -35.75 -11.65
C TYR F 325 -36.69 -36.12 -12.71
N ILE F 326 -38.02 -35.72 -12.66
CA ILE F 326 -39.02 -36.14 -13.59
C ILE F 326 -39.15 -35.09 -14.66
N THR F 327 -38.97 -33.86 -14.23
CA THR F 327 -38.98 -32.74 -15.11
C THR F 327 -37.60 -32.43 -15.57
N GLU F 328 -37.46 -31.73 -16.71
CA GLU F 328 -36.21 -31.49 -17.39
C GLU F 328 -35.93 -30.04 -17.44
N GLY F 329 -34.63 -29.64 -17.14
CA GLY F 329 -34.36 -28.22 -17.15
C GLY F 329 -34.80 -27.42 -15.93
N GLN F 330 -34.40 -26.19 -15.78
CA GLN F 330 -34.70 -25.23 -14.78
C GLN F 330 -34.30 -23.89 -15.35
N ILE F 331 -35.09 -22.89 -14.89
CA ILE F 331 -35.13 -21.54 -15.34
C ILE F 331 -35.49 -20.70 -14.14
N GLN F 332 -34.37 -20.15 -13.57
CA GLN F 332 -34.34 -19.51 -12.31
C GLN F 332 -34.45 -18.03 -12.61
N LEU F 333 -34.53 -17.10 -11.58
CA LEU F 333 -34.93 -15.65 -11.73
C LEU F 333 -33.77 -14.86 -11.02
N SER F 334 -33.35 -13.72 -11.68
CA SER F 334 -32.32 -12.89 -11.36
C SER F 334 -32.88 -11.63 -10.76
N ARG F 335 -32.33 -11.33 -9.63
CA ARG F 335 -32.54 -10.18 -8.79
C ARG F 335 -32.17 -8.90 -9.57
N GLU F 336 -31.01 -8.89 -10.24
CA GLU F 336 -30.59 -7.75 -11.02
C GLU F 336 -31.66 -7.27 -12.03
N LEU F 337 -31.94 -8.17 -12.97
CA LEU F 337 -32.94 -8.10 -13.97
C LEU F 337 -34.29 -7.56 -13.50
N HIS F 338 -34.94 -8.22 -12.45
CA HIS F 338 -36.28 -7.96 -12.03
C HIS F 338 -36.29 -6.52 -11.37
N ARG F 339 -35.19 -6.16 -10.70
CA ARG F 339 -35.07 -4.78 -10.19
C ARG F 339 -35.21 -3.70 -11.24
N LYS F 340 -34.45 -3.90 -12.32
CA LYS F 340 -34.29 -2.97 -13.43
C LYS F 340 -35.55 -2.99 -14.29
N GLY F 341 -36.43 -4.03 -14.10
CA GLY F 341 -37.71 -4.17 -14.76
C GLY F 341 -37.55 -4.75 -16.10
N ILE F 342 -36.70 -5.80 -16.18
CA ILE F 342 -36.42 -6.58 -17.38
C ILE F 342 -37.15 -7.82 -17.15
N TYR F 343 -38.23 -8.07 -17.92
CA TYR F 343 -39.13 -9.20 -17.71
C TYR F 343 -39.18 -10.13 -18.92
N PRO F 344 -39.20 -11.45 -18.80
CA PRO F 344 -39.20 -12.27 -17.56
C PRO F 344 -37.72 -12.38 -17.15
N PRO F 345 -37.27 -12.50 -15.86
CA PRO F 345 -35.86 -12.44 -15.50
C PRO F 345 -35.33 -13.86 -15.60
N ILE F 346 -34.41 -14.13 -16.54
CA ILE F 346 -33.78 -15.39 -16.85
C ILE F 346 -32.33 -15.07 -16.82
N ASP F 347 -31.64 -15.84 -15.95
CA ASP F 347 -30.19 -15.86 -15.68
C ASP F 347 -29.29 -16.17 -16.90
N PRO F 348 -27.93 -16.12 -16.77
CA PRO F 348 -27.01 -16.37 -17.88
C PRO F 348 -26.74 -17.85 -17.89
N LEU F 349 -25.50 -18.35 -17.52
CA LEU F 349 -25.07 -19.73 -17.36
C LEU F 349 -25.99 -20.52 -16.37
N PRO F 350 -26.51 -19.99 -15.18
CA PRO F 350 -27.47 -20.66 -14.36
C PRO F 350 -28.72 -21.25 -14.99
N SER F 351 -29.15 -20.75 -16.19
CA SER F 351 -30.35 -21.15 -16.87
C SER F 351 -29.99 -21.95 -18.06
N LEU F 352 -30.80 -23.06 -18.30
CA LEU F 352 -30.63 -23.87 -19.49
C LEU F 352 -31.84 -24.74 -19.57
N SER F 353 -32.29 -25.20 -20.76
CA SER F 353 -33.49 -26.07 -20.99
C SER F 353 -32.77 -27.24 -21.60
N ARG F 354 -33.02 -28.46 -21.08
CA ARG F 354 -32.38 -29.66 -21.43
C ARG F 354 -32.63 -30.08 -22.88
N LEU F 355 -33.90 -29.84 -23.44
CA LEU F 355 -34.05 -30.08 -24.80
C LEU F 355 -34.36 -28.77 -25.43
N MET F 356 -33.77 -28.60 -26.67
CA MET F 356 -33.98 -27.38 -27.40
C MET F 356 -33.69 -27.68 -28.86
N ASN F 357 -33.21 -28.82 -29.28
CA ASN F 357 -33.06 -29.08 -30.71
C ASN F 357 -33.36 -30.50 -30.95
N ASN F 358 -34.67 -30.88 -30.94
CA ASN F 358 -35.06 -32.22 -31.30
C ASN F 358 -36.57 -32.14 -31.48
N GLY F 359 -37.14 -30.94 -31.24
CA GLY F 359 -38.48 -30.48 -31.49
C GLY F 359 -38.56 -29.46 -32.61
N VAL F 360 -37.38 -28.94 -32.97
CA VAL F 360 -37.18 -27.93 -34.00
C VAL F 360 -36.03 -28.32 -34.77
N GLY F 361 -35.93 -27.79 -36.05
CA GLY F 361 -34.84 -28.10 -36.95
C GLY F 361 -34.64 -26.80 -37.68
N LYS F 362 -34.09 -26.95 -38.88
CA LYS F 362 -33.76 -25.83 -39.72
C LYS F 362 -34.94 -25.61 -40.59
N GLY F 363 -35.31 -24.36 -40.64
CA GLY F 363 -36.38 -23.90 -41.50
C GLY F 363 -37.73 -24.14 -40.89
N LYS F 364 -37.75 -24.57 -39.57
CA LYS F 364 -38.97 -24.86 -38.80
C LYS F 364 -39.11 -23.78 -37.82
N THR F 365 -38.05 -23.02 -37.56
CA THR F 365 -37.85 -21.91 -36.63
C THR F 365 -36.75 -21.06 -37.16
N ARG F 366 -36.47 -21.34 -38.44
CA ARG F 366 -35.52 -20.66 -39.30
C ARG F 366 -34.25 -21.44 -39.30
N GLU F 367 -33.36 -21.36 -40.33
CA GLU F 367 -32.19 -22.27 -40.42
C GLU F 367 -31.01 -21.82 -39.62
N ASP F 368 -30.74 -20.50 -39.59
CA ASP F 368 -29.67 -19.80 -38.83
C ASP F 368 -29.74 -19.87 -37.36
N HIS F 369 -30.97 -20.37 -36.92
CA HIS F 369 -31.40 -20.46 -35.57
C HIS F 369 -30.43 -21.34 -34.79
N LYS F 370 -30.03 -22.42 -35.44
CA LYS F 370 -29.19 -23.46 -34.90
C LYS F 370 -28.02 -22.89 -34.06
N GLN F 371 -27.16 -22.07 -34.75
CA GLN F 371 -26.00 -21.53 -34.22
C GLN F 371 -26.24 -20.15 -33.53
N VAL F 372 -27.37 -19.47 -33.87
CA VAL F 372 -27.79 -18.26 -33.15
C VAL F 372 -28.15 -18.54 -31.70
N SER F 373 -28.76 -19.65 -31.41
CA SER F 373 -29.21 -20.18 -30.13
C SER F 373 -27.99 -20.44 -29.28
N ASP F 374 -26.76 -20.85 -29.77
CA ASP F 374 -25.62 -21.05 -28.92
C ASP F 374 -24.67 -19.91 -29.07
N GLN F 375 -25.05 -18.80 -29.76
CA GLN F 375 -24.24 -17.59 -29.76
C GLN F 375 -24.58 -16.88 -28.50
N LEU F 376 -25.78 -16.28 -28.44
CA LEU F 376 -26.37 -15.48 -27.33
C LEU F 376 -26.30 -16.09 -25.95
N TYR F 377 -25.94 -17.39 -25.87
CA TYR F 377 -25.59 -17.97 -24.58
C TYR F 377 -24.25 -17.52 -24.17
N SER F 378 -23.19 -17.80 -24.95
CA SER F 378 -21.81 -17.41 -24.70
C SER F 378 -21.58 -15.83 -24.86
N ALA F 379 -22.34 -15.14 -25.70
CA ALA F 379 -22.28 -13.75 -26.03
C ALA F 379 -22.89 -12.96 -24.89
N TYR F 380 -24.10 -13.32 -24.33
CA TYR F 380 -24.72 -12.61 -23.19
C TYR F 380 -23.82 -12.79 -22.00
N ALA F 381 -23.52 -14.08 -21.64
CA ALA F 381 -22.74 -14.51 -20.45
C ALA F 381 -21.40 -13.76 -20.27
N ASN F 382 -20.69 -13.39 -21.32
CA ASN F 382 -19.52 -12.50 -21.34
C ASN F 382 -19.76 -11.07 -20.84
N GLY F 383 -20.92 -10.40 -21.06
CA GLY F 383 -21.12 -9.04 -20.56
C GLY F 383 -21.36 -8.99 -19.06
N VAL F 384 -21.87 -10.10 -18.41
CA VAL F 384 -22.16 -10.28 -17.02
C VAL F 384 -20.89 -10.28 -16.11
N ASP F 385 -19.75 -10.14 -16.76
CA ASP F 385 -18.46 -10.25 -16.10
C ASP F 385 -17.84 -8.90 -15.87
N ILE F 386 -18.50 -7.80 -16.35
CA ILE F 386 -18.05 -6.42 -16.31
C ILE F 386 -19.30 -5.59 -16.34
N ARG F 387 -20.42 -6.11 -15.81
CA ARG F 387 -21.70 -5.43 -15.77
C ARG F 387 -21.76 -4.66 -14.51
N LYS F 388 -20.63 -4.62 -13.74
CA LYS F 388 -20.51 -3.86 -12.51
C LYS F 388 -19.03 -3.57 -12.42
N LEU F 389 -18.20 -4.16 -13.28
CA LEU F 389 -16.75 -3.97 -12.99
C LEU F 389 -16.43 -2.97 -14.14
N VAL F 390 -16.22 -1.68 -13.71
CA VAL F 390 -15.81 -0.66 -14.65
C VAL F 390 -15.12 0.35 -13.78
N ALA F 391 -14.93 0.13 -12.46
CA ALA F 391 -14.35 1.07 -11.60
C ALA F 391 -13.81 0.28 -10.44
N ILE F 392 -13.90 -1.08 -10.59
CA ILE F 392 -13.28 -2.07 -9.72
C ILE F 392 -12.02 -2.55 -10.50
N ILE F 393 -11.99 -2.27 -11.85
CA ILE F 393 -10.80 -2.47 -12.66
C ILE F 393 -10.23 -1.15 -13.02
N GLY F 394 -10.71 -0.07 -12.33
CA GLY F 394 -10.26 1.28 -12.46
C GLY F 394 -10.40 1.83 -13.82
N GLU F 395 -9.78 3.03 -13.95
CA GLU F 395 -9.65 3.73 -15.28
C GLU F 395 -8.19 3.78 -15.68
N ASP F 396 -7.42 2.82 -15.13
CA ASP F 396 -6.01 2.63 -15.23
C ASP F 396 -5.69 1.36 -16.05
N ALA F 397 -6.75 0.78 -16.69
CA ALA F 397 -6.66 -0.33 -17.58
C ALA F 397 -8.04 -0.54 -17.99
N LEU F 398 -8.28 -0.40 -19.29
CA LEU F 398 -9.62 -0.48 -19.78
C LEU F 398 -9.42 -0.90 -21.24
N THR F 399 -10.17 -1.89 -21.83
CA THR F 399 -9.90 -2.36 -23.18
C THR F 399 -11.05 -2.21 -24.01
N GLU F 400 -10.85 -2.28 -25.34
CA GLU F 400 -11.98 -2.04 -26.23
C GLU F 400 -12.98 -3.12 -26.23
N ASN F 401 -12.52 -4.36 -26.37
CA ASN F 401 -13.42 -5.49 -26.43
C ASN F 401 -14.46 -5.64 -25.30
N ASP F 402 -13.94 -5.52 -24.06
CA ASP F 402 -14.78 -5.76 -22.89
C ASP F 402 -15.71 -4.57 -22.74
N ARG F 403 -15.34 -3.34 -23.13
CA ARG F 403 -16.13 -2.11 -23.05
C ARG F 403 -17.24 -2.25 -23.91
N ARG F 404 -16.98 -2.70 -25.15
CA ARG F 404 -18.09 -2.92 -26.03
C ARG F 404 -19.02 -3.91 -25.49
N TYR F 405 -18.59 -4.99 -24.78
CA TYR F 405 -19.39 -5.99 -24.07
C TYR F 405 -20.22 -5.45 -22.84
N LEU F 406 -20.24 -4.17 -22.51
CA LEU F 406 -21.03 -3.60 -21.44
C LEU F 406 -22.23 -3.10 -22.18
N GLN F 407 -22.03 -2.21 -23.19
CA GLN F 407 -23.02 -1.70 -24.12
C GLN F 407 -23.82 -2.79 -24.76
N PHE F 408 -23.27 -4.01 -25.01
CA PHE F 408 -23.98 -5.16 -25.57
C PHE F 408 -25.07 -5.48 -24.56
N ALA F 409 -24.68 -5.67 -23.28
CA ALA F 409 -25.53 -6.07 -22.18
C ALA F 409 -26.68 -5.21 -21.99
N ASP F 410 -26.44 -3.85 -22.00
CA ASP F 410 -27.52 -2.91 -21.68
C ASP F 410 -28.56 -3.05 -22.68
N ALA F 411 -28.25 -3.20 -23.97
CA ALA F 411 -29.18 -3.35 -25.11
C ALA F 411 -29.73 -4.75 -25.23
N PHE F 412 -29.12 -5.70 -24.51
CA PHE F 412 -29.52 -7.07 -24.60
C PHE F 412 -30.59 -7.29 -23.61
N GLU F 413 -30.59 -6.65 -22.45
CA GLU F 413 -31.57 -6.80 -21.42
C GLU F 413 -32.73 -5.94 -21.78
N ARG F 414 -32.49 -4.63 -22.22
CA ARG F 414 -33.57 -3.83 -22.66
C ARG F 414 -34.38 -4.42 -23.76
N PHE F 415 -33.70 -4.88 -24.88
CA PHE F 415 -34.47 -5.09 -26.09
C PHE F 415 -34.78 -6.50 -26.33
N PHE F 416 -33.76 -7.36 -26.15
CA PHE F 416 -33.91 -8.78 -26.31
C PHE F 416 -34.74 -9.50 -25.20
N ILE F 417 -34.38 -9.46 -23.94
CA ILE F 417 -35.07 -10.14 -22.85
C ILE F 417 -36.45 -9.62 -22.58
N ASN F 418 -36.52 -8.28 -22.47
CA ASN F 418 -37.78 -7.65 -22.26
C ASN F 418 -38.26 -7.24 -23.64
N GLN F 419 -39.58 -7.35 -23.84
CA GLN F 419 -40.21 -6.96 -25.07
C GLN F 419 -41.62 -6.54 -24.76
N GLY F 420 -41.80 -6.17 -23.48
CA GLY F 420 -43.08 -5.67 -23.02
C GLY F 420 -44.10 -6.69 -23.06
N GLN F 421 -45.42 -6.30 -23.07
CA GLN F 421 -46.48 -7.24 -23.19
C GLN F 421 -46.87 -7.37 -24.62
N GLN F 422 -46.14 -6.67 -25.57
CA GLN F 422 -46.28 -6.81 -27.03
C GLN F 422 -45.84 -8.19 -27.46
N ASN F 423 -46.69 -8.89 -28.27
CA ASN F 423 -46.61 -10.11 -28.95
C ASN F 423 -45.38 -10.16 -29.87
N ARG F 424 -44.80 -11.39 -30.20
CA ARG F 424 -43.68 -11.57 -31.00
C ARG F 424 -43.92 -12.92 -31.57
N SER F 425 -43.21 -13.19 -32.70
CA SER F 425 -43.11 -14.41 -33.30
C SER F 425 -41.63 -14.60 -33.53
N ILE F 426 -41.39 -15.84 -33.92
CA ILE F 426 -40.06 -16.43 -34.19
C ILE F 426 -39.10 -15.69 -35.03
N GLU F 427 -39.80 -14.99 -35.96
CA GLU F 427 -39.13 -14.26 -37.00
C GLU F 427 -38.84 -12.91 -36.44
N GLU F 428 -39.74 -12.21 -35.74
CA GLU F 428 -39.51 -10.94 -35.05
C GLU F 428 -38.61 -11.01 -33.82
N SER F 429 -38.51 -12.19 -33.11
CA SER F 429 -37.74 -12.40 -31.98
C SER F 429 -36.29 -12.73 -32.28
N LEU F 430 -36.05 -13.23 -33.55
CA LEU F 430 -34.83 -13.43 -34.25
C LEU F 430 -34.16 -12.09 -34.75
N GLN F 431 -34.97 -11.13 -35.22
CA GLN F 431 -34.60 -9.86 -35.72
C GLN F 431 -33.80 -9.17 -34.67
N ILE F 432 -34.36 -8.99 -33.49
CA ILE F 432 -33.70 -8.40 -32.32
C ILE F 432 -32.30 -8.87 -32.06
N ALA F 433 -32.16 -10.24 -31.93
CA ALA F 433 -30.83 -10.86 -31.77
C ALA F 433 -29.77 -10.36 -32.77
N TRP F 434 -29.94 -10.53 -34.13
CA TRP F 434 -29.07 -10.06 -35.19
C TRP F 434 -28.71 -8.62 -34.98
N ALA F 435 -29.68 -7.65 -34.95
CA ALA F 435 -29.49 -6.23 -34.82
C ALA F 435 -28.50 -5.85 -33.75
N LEU F 436 -28.62 -6.38 -32.57
CA LEU F 436 -27.75 -5.98 -31.49
C LEU F 436 -26.32 -6.40 -31.67
N LEU F 437 -26.11 -7.63 -32.23
CA LEU F 437 -24.84 -8.24 -32.56
C LEU F 437 -24.12 -7.49 -33.66
N SER F 438 -24.88 -6.64 -34.45
CA SER F 438 -24.33 -5.80 -35.52
C SER F 438 -23.35 -4.73 -35.10
N MET F 439 -23.43 -4.25 -33.82
CA MET F 439 -22.44 -3.36 -33.19
C MET F 439 -21.15 -4.05 -33.09
N LEU F 440 -21.22 -5.31 -32.63
CA LEU F 440 -20.09 -6.13 -32.44
C LEU F 440 -19.42 -6.46 -33.75
N PRO F 441 -18.09 -6.57 -33.95
CA PRO F 441 -17.40 -6.95 -35.16
C PRO F 441 -17.66 -8.38 -35.54
N GLN F 442 -17.18 -8.88 -36.73
CA GLN F 442 -17.11 -10.22 -37.14
C GLN F 442 -16.14 -11.11 -36.31
N GLY F 443 -15.09 -10.47 -35.72
CA GLY F 443 -14.08 -11.10 -34.90
C GLY F 443 -14.46 -11.44 -33.48
N GLU F 444 -15.67 -11.00 -33.05
CA GLU F 444 -16.22 -11.31 -31.76
C GLU F 444 -17.42 -12.20 -31.96
N LEU F 445 -17.64 -12.69 -33.21
CA LEU F 445 -18.70 -13.55 -33.52
C LEU F 445 -17.95 -14.68 -33.94
N LYS F 446 -18.35 -15.82 -33.38
CA LYS F 446 -17.55 -17.04 -33.39
C LYS F 446 -18.34 -18.27 -33.26
N ARG F 447 -19.64 -18.11 -32.82
CA ARG F 447 -20.47 -19.24 -32.59
C ARG F 447 -21.45 -19.35 -33.69
N ILE F 448 -21.37 -18.43 -34.65
CA ILE F 448 -22.29 -18.47 -35.84
C ILE F 448 -21.37 -18.49 -37.02
N SER F 449 -21.71 -19.28 -38.08
CA SER F 449 -20.95 -19.54 -39.31
C SER F 449 -21.15 -18.46 -40.21
N LYS F 450 -20.17 -18.30 -41.17
CA LYS F 450 -20.23 -17.32 -42.24
C LYS F 450 -21.37 -17.50 -43.16
N ASP F 451 -21.90 -18.76 -43.36
CA ASP F 451 -23.11 -19.11 -44.11
C ASP F 451 -24.38 -18.42 -43.66
N HIS F 452 -24.58 -18.41 -42.28
CA HIS F 452 -25.69 -17.84 -41.61
C HIS F 452 -25.58 -16.32 -41.67
N ILE F 453 -24.32 -15.75 -41.63
CA ILE F 453 -23.96 -14.34 -41.64
C ILE F 453 -24.30 -13.91 -43.07
N GLY F 454 -24.07 -14.74 -44.14
CA GLY F 454 -24.39 -14.46 -45.48
C GLY F 454 -25.83 -14.51 -45.85
N LYS F 455 -26.65 -14.79 -44.80
CA LYS F 455 -28.11 -14.70 -44.87
C LYS F 455 -28.47 -13.44 -44.24
N TYR F 456 -28.36 -13.37 -42.90
CA TYR F 456 -28.68 -12.19 -42.15
C TYR F 456 -27.48 -11.76 -41.31
N TYR F 457 -27.30 -10.42 -41.10
CA TYR F 457 -26.31 -9.83 -40.26
C TYR F 457 -27.10 -8.96 -39.25
N LYS G 1 40.85 52.43 42.29
CA LYS G 1 40.55 51.55 41.09
C LYS G 1 39.41 50.62 41.40
N LEU G 2 39.15 49.74 40.39
CA LEU G 2 38.39 48.57 40.67
C LEU G 2 39.28 47.38 40.60
N GLU G 3 39.04 46.39 41.38
CA GLU G 3 39.90 45.30 41.31
C GLU G 3 39.07 44.22 41.88
N ALA G 4 39.13 44.14 43.24
CA ALA G 4 38.15 43.46 44.11
C ALA G 4 36.81 44.07 44.14
N ILE G 5 36.65 45.34 43.78
CA ILE G 5 35.38 46.00 43.55
C ILE G 5 34.62 45.29 42.44
N LEU G 6 35.27 45.03 41.26
CA LEU G 6 34.66 44.38 40.06
C LEU G 6 34.13 42.96 40.42
N SER G 7 34.83 42.25 41.43
CA SER G 7 34.53 40.87 41.81
C SER G 7 33.41 40.80 42.79
N GLN G 8 33.16 41.92 43.50
CA GLN G 8 31.94 42.22 44.27
C GLN G 8 30.75 42.69 43.38
N GLU G 9 30.88 42.85 42.02
CA GLU G 9 29.79 43.10 41.08
C GLU G 9 29.33 41.76 40.61
N VAL G 10 30.21 40.77 40.53
CA VAL G 10 29.84 39.39 40.27
C VAL G 10 29.09 38.87 41.50
N GLU G 11 29.73 39.05 42.65
CA GLU G 11 29.20 38.69 43.96
C GLU G 11 27.91 39.58 44.31
N ALA G 12 26.81 39.37 43.59
CA ALA G 12 25.67 40.32 43.55
C ALA G 12 24.75 39.86 42.46
N GLU G 13 25.30 39.59 41.23
CA GLU G 13 24.57 38.86 40.19
C GLU G 13 24.40 37.38 40.50
N ILE G 14 25.50 36.81 41.02
CA ILE G 14 25.43 35.45 41.46
C ILE G 14 24.81 35.34 42.88
N GLN G 15 24.20 36.42 43.48
CA GLN G 15 23.35 36.35 44.58
C GLN G 15 21.93 36.52 44.05
N ALA G 16 21.73 37.22 42.94
CA ALA G 16 20.55 37.24 42.14
C ALA G 16 20.21 35.87 41.70
N LEU G 17 21.18 35.16 41.12
CA LEU G 17 21.15 33.76 40.66
C LEU G 17 20.88 32.89 41.84
N LEU G 18 21.53 33.17 43.01
CA LEU G 18 21.38 32.36 44.21
C LEU G 18 20.03 32.50 44.90
N GLN G 19 19.27 33.60 44.61
CA GLN G 19 17.97 33.86 45.17
C GLN G 19 16.98 33.07 44.37
N GLU G 20 17.18 32.88 43.05
CA GLU G 20 16.45 32.09 42.13
C GLU G 20 16.62 30.60 42.44
N ALA G 21 17.86 30.29 42.88
CA ALA G 21 18.16 28.94 43.26
C ALA G 21 17.90 28.76 44.77
N GLU G 22 17.45 29.79 45.46
CA GLU G 22 16.89 29.68 46.82
C GLU G 22 15.45 29.83 46.64
N ALA G 23 14.94 30.00 45.40
CA ALA G 23 13.57 30.08 45.02
C ALA G 23 13.21 28.87 44.29
N LYS G 24 14.15 27.92 44.25
CA LYS G 24 13.80 26.55 43.93
C LYS G 24 13.82 25.84 45.25
N ALA G 25 14.79 26.17 46.09
CA ALA G 25 14.88 25.63 47.41
C ALA G 25 13.79 26.00 48.32
N GLU G 26 12.96 27.05 48.11
CA GLU G 26 11.71 27.28 48.79
C GLU G 26 10.54 26.50 48.17
N ALA G 27 10.39 26.49 46.86
CA ALA G 27 9.37 25.79 46.10
C ALA G 27 9.30 24.26 46.35
N VAL G 28 10.51 23.61 46.52
CA VAL G 28 10.56 22.20 46.86
C VAL G 28 9.95 21.91 48.21
N LYS G 29 10.20 22.68 49.28
CA LYS G 29 9.57 22.43 50.51
C LYS G 29 8.10 22.73 50.60
N ARG G 30 7.68 23.69 49.75
CA ARG G 30 6.28 24.10 49.67
C ARG G 30 5.42 22.97 49.02
N GLU G 31 5.84 22.52 47.83
CA GLU G 31 5.21 21.39 47.10
C GLU G 31 5.26 20.11 47.81
N ALA G 32 6.26 19.87 48.73
CA ALA G 32 6.38 18.78 49.58
C ALA G 32 5.39 18.91 50.75
N GLU G 33 5.09 20.08 51.39
CA GLU G 33 4.14 20.16 52.49
C GLU G 33 2.70 20.10 51.83
N GLU G 34 2.44 20.80 50.74
CA GLU G 34 1.14 20.85 50.03
C GLU G 34 0.68 19.61 49.45
N LYS G 35 1.63 18.70 49.19
CA LYS G 35 1.45 17.38 48.83
C LYS G 35 1.08 16.53 49.94
N ALA G 36 1.89 16.52 51.04
CA ALA G 36 1.77 15.62 52.19
C ALA G 36 0.42 15.73 52.85
N LYS G 37 0.00 16.96 52.93
CA LYS G 37 -1.23 17.43 53.46
C LYS G 37 -2.40 16.69 52.82
N ALA G 38 -2.54 16.64 51.44
CA ALA G 38 -3.64 15.91 50.81
C ALA G 38 -3.64 14.42 51.04
N LEU G 39 -2.44 13.79 51.35
CA LEU G 39 -2.37 12.44 51.63
C LEU G 39 -2.83 12.09 53.00
N LEU G 40 -3.07 13.04 53.95
CA LEU G 40 -3.55 12.73 55.27
C LEU G 40 -4.89 13.27 55.50
N GLN G 41 -5.31 14.10 54.54
CA GLN G 41 -6.63 14.46 54.36
C GLN G 41 -7.37 13.22 53.69
N ALA G 42 -6.65 12.52 52.77
CA ALA G 42 -7.09 11.32 52.15
C ALA G 42 -7.10 10.17 53.11
N ARG G 43 -6.08 10.03 53.92
CA ARG G 43 -6.05 8.92 54.85
C ARG G 43 -7.24 8.98 55.85
N GLU G 44 -7.51 10.17 56.47
CA GLU G 44 -8.59 10.53 57.36
C GLU G 44 -9.91 10.25 56.77
N ARG G 45 -10.10 10.75 55.49
CA ARG G 45 -11.36 10.62 54.87
C ARG G 45 -11.81 9.16 54.49
N ALA G 46 -10.87 8.34 54.03
CA ALA G 46 -11.07 6.92 53.65
C ALA G 46 -11.40 6.09 54.90
N LEU G 47 -10.68 6.38 56.02
CA LEU G 47 -10.92 5.65 57.26
C LEU G 47 -12.25 6.01 57.76
N GLU G 48 -12.73 7.25 57.63
CA GLU G 48 -13.99 7.71 58.07
C GLU G 48 -15.10 6.91 57.38
N ALA G 49 -15.18 6.83 56.01
CA ALA G 49 -16.16 6.04 55.31
C ALA G 49 -16.14 4.63 55.91
N GLN G 50 -14.97 3.98 55.98
CA GLN G 50 -14.70 2.63 56.46
C GLN G 50 -14.89 2.47 57.98
N TYR G 51 -15.13 3.56 58.75
CA TYR G 51 -15.38 3.55 60.16
C TYR G 51 -16.86 3.84 60.36
N ARG G 52 -17.50 4.69 59.52
CA ARG G 52 -18.94 4.85 59.46
C ARG G 52 -19.59 3.54 59.10
N ALA G 53 -19.05 2.72 58.22
CA ALA G 53 -19.46 1.46 57.75
C ALA G 53 -19.28 0.34 58.79
N ALA G 54 -18.14 0.44 59.48
CA ALA G 54 -17.93 -0.56 60.55
C ALA G 54 -18.94 -0.50 61.62
N LEU G 55 -19.44 0.74 61.99
CA LEU G 55 -20.49 0.92 63.02
C LEU G 55 -21.87 0.67 62.61
N ARG G 56 -22.18 0.99 61.34
CA ARG G 56 -23.48 0.64 60.83
C ARG G 56 -23.67 -0.81 60.69
N ARG G 57 -22.75 -1.55 60.16
CA ARG G 57 -22.72 -3.07 60.12
C ARG G 57 -22.96 -3.68 61.51
N ALA G 58 -22.17 -3.15 62.54
CA ALA G 58 -22.25 -3.74 63.89
C ALA G 58 -23.51 -3.35 64.61
N GLU G 59 -24.21 -2.33 64.10
CA GLU G 59 -25.47 -1.90 64.57
C GLU G 59 -26.50 -2.88 63.99
N SER G 60 -26.47 -3.05 62.60
CA SER G 60 -27.51 -3.85 61.93
C SER G 60 -27.48 -5.29 62.52
N ALA G 61 -26.29 -5.96 62.71
CA ALA G 61 -25.97 -7.23 63.38
C ALA G 61 -26.43 -7.22 64.85
N GLY G 62 -26.08 -6.18 65.68
CA GLY G 62 -26.45 -6.03 67.06
C GLY G 62 -27.92 -5.83 67.21
N GLU G 63 -28.67 -5.27 66.21
CA GLU G 63 -30.12 -5.10 66.14
C GLU G 63 -30.77 -6.49 65.92
N LEU G 64 -30.10 -7.27 65.01
CA LEU G 64 -30.43 -8.65 64.70
C LEU G 64 -30.30 -9.57 65.94
N LEU G 65 -29.31 -9.41 66.78
CA LEU G 65 -29.09 -10.16 67.99
C LEU G 65 -30.29 -10.10 68.97
N VAL G 66 -31.15 -9.01 68.88
CA VAL G 66 -32.29 -8.84 69.73
C VAL G 66 -33.43 -9.60 69.16
N ALA G 67 -33.64 -9.33 67.87
CA ALA G 67 -34.65 -9.92 67.00
C ALA G 67 -34.70 -11.41 66.99
N THR G 68 -33.48 -12.06 66.90
CA THR G 68 -33.24 -13.47 66.95
C THR G 68 -33.61 -14.00 68.28
N ALA G 69 -33.25 -13.34 69.44
CA ALA G 69 -33.56 -13.72 70.79
C ALA G 69 -35.03 -13.72 71.19
N ARG G 70 -35.79 -12.87 70.52
CA ARG G 70 -37.23 -12.97 70.51
C ARG G 70 -37.74 -14.07 69.66
N THR G 71 -37.15 -14.34 68.52
CA THR G 71 -37.51 -15.47 67.66
C THR G 71 -37.30 -16.84 68.39
N GLN G 72 -36.21 -17.00 69.09
CA GLN G 72 -35.80 -18.13 69.90
C GLN G 72 -36.71 -18.36 70.99
N ALA G 73 -37.04 -17.26 71.71
CA ALA G 73 -37.96 -17.24 72.83
C ALA G 73 -39.29 -17.63 72.43
N ARG G 74 -39.81 -17.02 71.35
CA ARG G 74 -41.08 -17.36 70.70
C ARG G 74 -41.19 -18.79 70.18
N GLY G 75 -40.07 -19.31 69.58
CA GLY G 75 -39.96 -20.66 68.98
C GLY G 75 -40.24 -21.80 70.09
N GLU G 76 -39.28 -21.87 71.09
CA GLU G 76 -39.30 -22.60 72.32
C GLU G 76 -40.65 -22.54 73.15
N VAL G 77 -41.37 -21.37 73.13
CA VAL G 77 -42.63 -21.31 73.83
C VAL G 77 -43.71 -22.12 73.13
N LEU G 78 -43.86 -21.99 71.82
CA LEU G 78 -44.82 -22.73 71.02
C LEU G 78 -44.60 -24.23 71.08
N GLU G 79 -43.36 -24.67 70.98
CA GLU G 79 -43.05 -26.06 71.15
C GLU G 79 -43.29 -26.50 72.60
N GLU G 80 -43.39 -25.63 73.66
CA GLU G 80 -43.75 -26.14 74.98
C GLU G 80 -45.25 -26.13 75.10
N VAL G 81 -46.00 -25.22 74.53
CA VAL G 81 -47.47 -25.18 74.51
C VAL G 81 -48.00 -26.45 73.82
N ARG G 82 -47.20 -26.85 72.68
CA ARG G 82 -47.45 -28.08 71.92
C ARG G 82 -47.31 -29.35 72.77
N ARG G 83 -46.22 -29.36 73.56
CA ARG G 83 -45.88 -30.33 74.62
C ARG G 83 -46.93 -30.51 75.66
N ARG G 84 -47.53 -29.44 76.10
CA ARG G 84 -48.63 -29.48 77.07
C ARG G 84 -49.97 -30.02 76.53
N VAL G 85 -50.41 -29.49 75.39
CA VAL G 85 -51.63 -29.98 74.74
C VAL G 85 -51.44 -31.51 74.42
N ARG G 86 -50.22 -32.02 74.09
CA ARG G 86 -50.00 -33.41 73.81
C ARG G 86 -49.83 -34.18 75.07
N GLU G 87 -49.27 -33.57 76.10
CA GLU G 87 -49.31 -34.19 77.38
C GLU G 87 -50.87 -34.46 77.84
N ALA G 88 -51.81 -33.56 77.44
CA ALA G 88 -53.29 -33.69 77.59
C ALA G 88 -53.91 -34.87 76.83
N LEU G 89 -53.48 -34.98 75.49
CA LEU G 89 -53.93 -35.99 74.60
C LEU G 89 -53.41 -37.36 74.92
N GLU G 90 -52.22 -37.53 75.44
CA GLU G 90 -51.66 -38.80 75.84
C GLU G 90 -52.48 -39.37 76.90
N ALA G 91 -52.95 -38.54 77.83
CA ALA G 91 -53.64 -38.91 79.05
C ALA G 91 -55.17 -38.80 78.77
N LEU G 92 -55.58 -38.70 77.52
CA LEU G 92 -56.98 -38.60 77.12
C LEU G 92 -57.68 -39.95 77.35
N PRO G 93 -57.15 -41.18 77.26
CA PRO G 93 -57.95 -42.37 77.66
C PRO G 93 -58.39 -42.51 79.08
N GLN G 94 -57.82 -41.75 80.02
CA GLN G 94 -58.09 -41.92 81.42
C GLN G 94 -59.15 -40.95 81.93
N LYS G 95 -59.35 -39.85 81.12
CA LYS G 95 -60.36 -38.88 81.35
C LYS G 95 -61.73 -39.45 80.98
N PRO G 96 -62.82 -39.02 81.69
CA PRO G 96 -64.20 -39.50 81.44
C PRO G 96 -64.79 -39.28 80.01
N GLU G 97 -64.09 -38.51 79.23
CA GLU G 97 -64.61 -38.08 77.94
C GLU G 97 -64.00 -38.95 76.94
N TRP G 98 -63.38 -40.13 77.33
CA TRP G 98 -62.93 -41.12 76.40
C TRP G 98 -64.07 -41.75 75.63
N PRO G 99 -65.22 -42.14 76.11
CA PRO G 99 -66.29 -42.66 75.28
C PRO G 99 -66.70 -41.66 74.23
N GLU G 100 -66.75 -40.41 74.64
CA GLU G 100 -67.18 -39.35 73.73
C GLU G 100 -66.09 -39.14 72.64
N VAL G 101 -64.77 -39.29 73.01
CA VAL G 101 -63.61 -39.06 72.08
C VAL G 101 -63.53 -40.07 70.99
N VAL G 102 -63.63 -41.43 71.38
CA VAL G 102 -63.49 -42.57 70.51
C VAL G 102 -64.58 -42.59 69.39
N ARG G 103 -65.89 -42.30 69.77
CA ARG G 103 -66.97 -42.20 68.86
C ARG G 103 -66.78 -41.00 67.88
N LYS G 104 -66.40 -39.81 68.44
CA LYS G 104 -66.24 -38.63 67.69
C LYS G 104 -65.09 -38.67 66.64
N LEU G 105 -63.98 -39.46 66.98
CA LEU G 105 -62.98 -39.70 65.96
C LEU G 105 -63.45 -40.55 64.83
N ALA G 106 -63.99 -41.75 65.16
CA ALA G 106 -64.61 -42.63 64.17
C ALA G 106 -65.79 -42.10 63.36
N LEU G 107 -66.52 -41.12 63.92
CA LEU G 107 -67.65 -40.46 63.34
C LEU G 107 -67.33 -39.76 62.03
N GLU G 108 -66.22 -38.89 62.10
CA GLU G 108 -65.63 -38.09 61.02
C GLU G 108 -65.06 -39.04 59.99
N ALA G 109 -64.44 -40.18 60.41
CA ALA G 109 -63.78 -41.24 59.62
C ALA G 109 -64.66 -41.81 58.53
N LEU G 110 -65.94 -42.15 58.73
CA LEU G 110 -66.76 -42.73 57.70
C LEU G 110 -67.42 -41.72 56.88
N GLU G 111 -67.71 -40.50 57.36
CA GLU G 111 -68.28 -39.32 56.70
C GLU G 111 -67.34 -38.80 55.65
N ALA G 112 -66.01 -39.10 55.80
CA ALA G 112 -64.93 -38.76 54.89
C ALA G 112 -64.92 -39.75 53.72
N LEU G 113 -63.72 -40.00 53.09
CA LEU G 113 -63.44 -40.91 51.96
C LEU G 113 -63.72 -42.40 52.15
N PRO G 114 -63.46 -43.04 53.31
CA PRO G 114 -63.69 -44.49 53.56
C PRO G 114 -65.09 -44.91 53.44
N GLY G 115 -65.26 -46.07 52.69
CA GLY G 115 -66.49 -46.81 52.53
C GLY G 115 -67.14 -47.47 53.70
N ALA G 116 -66.39 -47.57 54.85
CA ALA G 116 -66.77 -48.32 56.04
C ALA G 116 -66.90 -49.79 55.70
N LYS G 117 -65.75 -50.41 55.19
CA LYS G 117 -65.63 -51.85 54.96
C LYS G 117 -65.55 -52.55 56.31
N ALA G 118 -64.89 -51.95 57.28
CA ALA G 118 -64.76 -52.46 58.61
C ALA G 118 -63.94 -51.49 59.33
N LEU G 119 -64.61 -50.78 60.21
CA LEU G 119 -63.89 -49.79 60.92
C LEU G 119 -63.38 -50.50 62.13
N VAL G 120 -62.13 -50.19 62.61
CA VAL G 120 -61.52 -50.99 63.58
C VAL G 120 -60.88 -49.95 64.48
N ALA G 121 -60.62 -50.46 65.73
CA ALA G 121 -60.10 -49.66 66.82
C ALA G 121 -59.37 -50.66 67.78
N ASN G 122 -58.54 -50.05 68.70
CA ASN G 122 -57.99 -50.63 69.87
C ASN G 122 -58.97 -51.41 70.66
N PRO G 123 -58.49 -52.42 71.36
CA PRO G 123 -59.33 -53.30 72.22
C PRO G 123 -59.66 -52.64 73.52
N GLU G 124 -58.89 -51.66 73.91
CA GLU G 124 -59.15 -50.86 75.09
C GLU G 124 -59.89 -49.56 74.70
N ASP G 125 -60.50 -49.52 73.54
CA ASP G 125 -61.44 -48.64 73.21
C ASP G 125 -62.68 -49.44 73.04
N LEU G 126 -62.61 -50.86 73.04
CA LEU G 126 -63.77 -51.77 72.85
C LEU G 126 -64.70 -51.68 74.08
N PRO G 127 -64.24 -51.57 75.41
CA PRO G 127 -65.13 -51.18 76.54
C PRO G 127 -65.62 -49.82 76.46
N HIS G 128 -65.32 -48.94 75.51
CA HIS G 128 -65.74 -47.60 75.52
C HIS G 128 -66.35 -47.28 74.13
N LEU G 129 -66.73 -48.18 73.27
CA LEU G 129 -67.34 -47.96 72.01
C LEU G 129 -68.09 -49.15 71.68
N GLU G 130 -69.21 -49.00 70.98
CA GLU G 130 -70.01 -50.11 70.54
C GLU G 130 -70.91 -49.55 69.48
N ALA G 131 -70.98 -48.24 69.19
CA ALA G 131 -71.97 -47.85 68.32
C ALA G 131 -71.43 -47.84 66.85
N MET G 132 -70.13 -47.87 66.68
CA MET G 132 -69.56 -48.04 65.32
C MET G 132 -69.46 -49.44 64.83
N ALA G 133 -69.82 -50.38 65.71
CA ALA G 133 -70.06 -51.78 65.42
C ALA G 133 -71.27 -51.81 64.42
N ARG G 134 -72.36 -50.98 64.74
CA ARG G 134 -73.67 -50.84 63.97
C ARG G 134 -73.45 -50.01 62.66
N GLU G 135 -72.37 -49.33 62.56
CA GLU G 135 -72.04 -48.61 61.41
C GLU G 135 -71.03 -49.40 60.68
N ARG G 136 -71.05 -50.70 60.91
CA ARG G 136 -70.26 -51.78 60.26
C ARG G 136 -68.88 -51.67 60.73
N GLY G 137 -68.27 -52.84 61.08
CA GLY G 137 -66.92 -52.97 61.47
C GLY G 137 -67.08 -53.27 62.93
N VAL G 138 -66.83 -54.60 63.33
CA VAL G 138 -66.33 -54.97 64.63
C VAL G 138 -64.96 -54.48 64.83
N GLU G 139 -64.71 -53.62 65.84
CA GLU G 139 -63.40 -53.19 66.26
C GLU G 139 -62.65 -54.27 66.81
N LEU G 140 -61.45 -54.44 66.18
CA LEU G 140 -60.44 -55.46 66.46
C LEU G 140 -59.25 -54.60 66.81
N GLU G 143 -57.29 -51.67 64.68
CA GLU G 143 -56.50 -50.84 65.71
C GLU G 143 -55.24 -50.16 65.01
N PRO G 144 -54.90 -48.89 65.36
CA PRO G 144 -53.58 -48.36 65.13
C PRO G 144 -52.56 -48.85 66.21
N ALA G 145 -53.06 -49.43 67.33
CA ALA G 145 -52.30 -49.92 68.46
C ALA G 145 -51.38 -48.85 69.04
N LEU G 146 -51.97 -47.70 69.29
CA LEU G 146 -51.34 -46.61 69.94
C LEU G 146 -52.13 -46.19 71.12
N ARG G 147 -53.50 -46.37 71.02
CA ARG G 147 -54.47 -46.19 72.04
C ARG G 147 -54.76 -44.67 72.16
N LEU G 148 -54.72 -43.96 71.02
CA LEU G 148 -54.88 -42.50 70.86
C LEU G 148 -55.58 -42.30 69.53
N GLY G 149 -56.14 -43.35 68.91
CA GLY G 149 -56.68 -43.13 67.60
C GLY G 149 -57.46 -44.29 67.13
N VAL G 150 -58.04 -44.14 65.91
CA VAL G 150 -58.99 -45.10 65.41
C VAL G 150 -58.70 -44.99 63.91
N ARG G 151 -58.28 -46.19 63.39
CA ARG G 151 -58.18 -46.44 61.96
C ARG G 151 -59.60 -46.72 61.40
N ALA G 152 -59.80 -46.43 60.08
CA ALA G 152 -60.99 -46.73 59.34
C ALA G 152 -60.47 -47.47 58.08
N VAL G 153 -61.34 -48.39 57.52
CA VAL G 153 -60.95 -49.15 56.28
C VAL G 153 -62.11 -49.03 55.35
N GLY G 154 -61.89 -49.15 54.05
CA GLY G 154 -62.86 -48.89 53.04
C GLY G 154 -62.29 -49.36 51.76
N ALA G 155 -60.93 -49.51 51.58
CA ALA G 155 -60.24 -50.03 50.41
C ALA G 155 -59.34 -51.08 50.95
N GLU G 156 -58.19 -51.27 50.30
CA GLU G 156 -57.08 -52.15 50.75
C GLU G 156 -56.40 -51.46 52.02
N GLY G 157 -55.86 -50.28 51.79
CA GLY G 157 -55.52 -49.34 52.80
C GLY G 157 -56.67 -48.75 53.59
N LYS G 158 -56.41 -47.68 54.30
CA LYS G 158 -57.23 -46.97 55.18
C LYS G 158 -57.95 -45.91 54.40
N THR G 159 -57.70 -45.74 53.07
CA THR G 159 -58.42 -44.88 52.22
C THR G 159 -58.15 -43.43 52.63
N GLN G 160 -56.83 -43.18 53.01
CA GLN G 160 -56.21 -41.90 53.06
C GLN G 160 -56.72 -41.02 54.16
N VAL G 161 -57.54 -41.58 55.09
CA VAL G 161 -58.06 -40.94 56.27
C VAL G 161 -57.74 -41.92 57.41
N GLU G 162 -56.95 -41.38 58.43
CA GLU G 162 -56.52 -41.95 59.69
C GLU G 162 -57.10 -40.97 60.60
N ASN G 163 -57.85 -41.27 61.67
CA ASN G 163 -58.22 -40.24 62.64
C ASN G 163 -57.66 -40.53 63.96
N SER G 164 -56.41 -39.93 64.20
CA SER G 164 -55.53 -40.11 65.41
C SER G 164 -55.40 -38.65 65.97
N LEU G 165 -55.27 -38.61 67.31
CA LEU G 165 -55.19 -37.31 67.92
C LEU G 165 -53.92 -36.58 67.59
N LEU G 166 -52.78 -37.34 67.58
CA LEU G 166 -51.56 -36.72 67.25
C LEU G 166 -51.55 -36.13 65.82
N ALA G 167 -52.10 -36.89 64.80
CA ALA G 167 -52.30 -36.60 63.40
C ALA G 167 -53.17 -35.41 63.22
N ARG G 168 -54.22 -35.30 64.02
CA ARG G 168 -55.21 -34.21 64.02
C ARG G 168 -54.53 -33.08 64.70
N MET G 169 -53.65 -33.32 65.74
CA MET G 169 -52.83 -32.22 66.25
C MET G 169 -51.99 -31.58 65.24
N ASP G 170 -51.21 -32.37 64.45
CA ASP G 170 -50.37 -31.77 63.33
C ASP G 170 -51.11 -31.01 62.25
N ARG G 171 -52.35 -31.43 61.88
CA ARG G 171 -53.09 -30.70 60.93
C ARG G 171 -53.56 -29.46 61.50
N ALA G 172 -54.20 -29.51 62.70
CA ALA G 172 -54.67 -28.29 63.39
C ALA G 172 -53.67 -27.80 64.40
N TRP G 173 -52.47 -27.42 63.90
CA TRP G 173 -51.38 -26.75 64.60
C TRP G 173 -50.65 -25.83 63.55
N ASP G 174 -50.58 -26.30 62.35
CA ASP G 174 -50.02 -25.74 61.20
C ASP G 174 -51.13 -25.07 60.44
N ALA G 175 -52.37 -25.42 60.68
CA ALA G 175 -53.45 -24.72 60.02
C ALA G 175 -53.92 -23.64 61.01
N MET G 176 -53.22 -23.45 62.14
CA MET G 176 -53.60 -22.46 63.10
C MET G 176 -52.42 -22.04 63.87
N SER G 177 -51.26 -21.78 63.18
CA SER G 177 -50.02 -21.22 63.67
C SER G 177 -50.22 -19.84 64.23
N SER G 178 -51.09 -19.07 63.52
CA SER G 178 -51.51 -17.71 63.88
C SER G 178 -52.41 -17.71 65.08
N LYS G 179 -53.52 -18.51 65.12
CA LYS G 179 -54.48 -18.58 66.19
C LYS G 179 -53.87 -18.94 67.57
N VAL G 180 -52.96 -19.93 67.62
CA VAL G 180 -52.23 -20.32 68.80
C VAL G 180 -51.33 -19.26 69.35
N ALA G 181 -50.64 -18.53 68.42
CA ALA G 181 -49.74 -17.40 68.68
C ALA G 181 -50.47 -16.25 69.20
N GLN G 182 -51.65 -15.87 68.62
CA GLN G 182 -52.52 -14.76 69.07
C GLN G 182 -53.04 -14.74 70.50
N ALA G 183 -53.38 -15.98 71.07
CA ALA G 183 -53.99 -16.14 72.41
C ALA G 183 -52.84 -15.95 73.42
N LEU G 184 -51.62 -16.36 73.04
CA LEU G 184 -50.40 -16.05 73.84
C LEU G 184 -49.96 -14.58 73.75
N TRP G 185 -49.73 -14.03 72.56
CA TRP G 185 -49.04 -12.73 72.51
C TRP G 185 -49.97 -11.73 71.95
N GLY G 186 -50.59 -11.98 70.77
CA GLY G 186 -51.44 -11.07 70.01
C GLY G 186 -50.69 -10.92 68.60
N LYS H 1 1.38 40.23 -61.17
CA LYS H 1 0.93 40.87 -59.88
C LYS H 1 0.54 39.99 -58.77
N LEU H 2 0.67 40.50 -57.51
CA LEU H 2 0.30 39.85 -56.29
C LEU H 2 -1.23 39.82 -56.13
N GLU H 3 -1.95 40.68 -56.87
CA GLU H 3 -3.37 40.80 -56.63
C GLU H 3 -4.15 39.80 -57.36
N ALA H 4 -3.63 39.36 -58.51
CA ALA H 4 -4.14 38.29 -59.32
C ALA H 4 -4.03 36.92 -58.72
N ILE H 5 -3.11 36.75 -57.81
CA ILE H 5 -3.02 35.59 -56.90
C ILE H 5 -4.15 35.56 -55.94
N LEU H 6 -4.26 36.73 -55.15
CA LEU H 6 -5.28 36.78 -54.13
C LEU H 6 -6.74 36.53 -54.47
N SER H 7 -7.25 36.94 -55.73
CA SER H 7 -8.61 36.79 -56.07
C SER H 7 -8.97 35.36 -56.33
N GLN H 8 -7.96 34.50 -56.56
CA GLN H 8 -8.15 33.08 -56.76
C GLN H 8 -8.23 32.42 -55.48
N GLU H 9 -7.91 33.10 -54.32
CA GLU H 9 -7.84 32.47 -53.03
C GLU H 9 -9.20 32.48 -52.34
N VAL H 10 -10.03 33.54 -52.53
CA VAL H 10 -11.42 33.67 -52.10
C VAL H 10 -12.23 32.82 -52.93
N GLU H 11 -12.14 32.97 -54.25
CA GLU H 11 -12.84 32.07 -55.15
C GLU H 11 -12.23 30.67 -55.17
N ALA H 12 -12.56 29.88 -54.13
CA ALA H 12 -11.89 28.65 -53.86
C ALA H 12 -12.40 28.17 -52.50
N GLU H 13 -12.31 29.02 -51.48
CA GLU H 13 -12.90 28.80 -50.21
C GLU H 13 -14.45 28.87 -50.26
N ILE H 14 -14.97 29.94 -51.05
CA ILE H 14 -16.34 30.33 -51.17
C ILE H 14 -17.11 29.46 -52.19
N GLN H 15 -16.42 28.36 -52.68
CA GLN H 15 -17.16 27.34 -53.35
C GLN H 15 -17.25 26.04 -52.50
N ALA H 16 -16.17 25.72 -51.73
CA ALA H 16 -16.09 24.65 -50.80
C ALA H 16 -17.13 24.73 -49.68
N LEU H 17 -17.30 25.97 -49.13
CA LEU H 17 -18.24 26.26 -48.12
C LEU H 17 -19.70 26.01 -48.51
N LEU H 18 -20.15 26.53 -49.67
CA LEU H 18 -21.40 26.51 -50.31
C LEU H 18 -21.74 25.09 -50.89
N GLN H 19 -20.77 24.15 -51.16
CA GLN H 19 -20.94 22.75 -51.42
C GLN H 19 -21.06 21.99 -50.16
N GLU H 20 -20.40 22.37 -49.02
CA GLU H 20 -20.57 21.81 -47.78
C GLU H 20 -21.90 22.13 -47.21
N ALA H 21 -22.33 23.32 -47.49
CA ALA H 21 -23.61 23.72 -46.94
C ALA H 21 -24.83 23.38 -47.75
N GLU H 22 -24.59 22.87 -48.94
CA GLU H 22 -25.64 22.17 -49.67
C GLU H 22 -25.55 20.63 -49.51
N ALA H 23 -24.57 20.11 -48.78
CA ALA H 23 -24.42 18.78 -48.37
C ALA H 23 -24.79 18.60 -46.95
N LYS H 24 -25.28 19.72 -46.31
CA LYS H 24 -25.92 19.55 -45.06
C LYS H 24 -27.37 19.68 -45.36
N ALA H 25 -27.81 20.69 -46.18
CA ALA H 25 -29.24 20.99 -46.64
C ALA H 25 -29.74 19.86 -47.54
N GLU H 26 -28.89 19.01 -48.12
CA GLU H 26 -29.38 17.77 -48.73
C GLU H 26 -29.56 16.71 -47.72
N ALA H 27 -28.54 16.46 -46.84
CA ALA H 27 -28.51 15.37 -45.84
C ALA H 27 -29.71 15.46 -44.92
N VAL H 28 -30.00 16.71 -44.46
CA VAL H 28 -31.15 16.96 -43.53
C VAL H 28 -32.45 16.63 -44.17
N LYS H 29 -32.56 16.96 -45.50
CA LYS H 29 -33.81 16.79 -46.27
C LYS H 29 -34.01 15.31 -46.47
N ARG H 30 -32.92 14.51 -46.61
CA ARG H 30 -33.06 13.07 -46.65
C ARG H 30 -33.53 12.41 -45.32
N GLU H 31 -32.78 12.68 -44.22
CA GLU H 31 -32.95 12.09 -42.95
C GLU H 31 -34.31 12.41 -42.33
N ALA H 32 -34.89 13.57 -42.62
CA ALA H 32 -36.17 14.03 -42.31
C ALA H 32 -37.21 13.35 -43.15
N GLU H 33 -37.00 12.99 -44.46
CA GLU H 33 -37.98 12.37 -45.21
C GLU H 33 -38.09 10.95 -44.76
N GLU H 34 -36.94 10.29 -44.45
CA GLU H 34 -36.86 8.95 -43.98
C GLU H 34 -37.35 8.88 -42.59
N LYS H 35 -37.41 10.01 -41.88
CA LYS H 35 -37.97 10.12 -40.55
C LYS H 35 -39.47 10.13 -40.51
N ALA H 36 -40.08 10.99 -41.34
CA ALA H 36 -41.43 11.23 -41.60
C ALA H 36 -42.14 9.98 -42.04
N LYS H 37 -41.47 9.25 -42.96
CA LYS H 37 -41.73 7.93 -43.52
C LYS H 37 -41.88 6.95 -42.43
N ALA H 38 -40.87 6.80 -41.56
CA ALA H 38 -40.85 5.83 -40.44
C ALA H 38 -41.75 6.13 -39.41
N LEU H 39 -42.19 7.38 -39.19
CA LEU H 39 -43.17 7.73 -38.20
C LEU H 39 -44.63 7.45 -38.66
N LEU H 40 -44.91 7.08 -39.89
CA LEU H 40 -46.18 6.70 -40.42
C LEU H 40 -46.09 5.21 -40.59
N GLN H 41 -44.92 4.51 -40.57
CA GLN H 41 -44.74 3.07 -40.74
C GLN H 41 -45.10 2.45 -39.54
N ALA H 42 -44.68 3.07 -38.43
CA ALA H 42 -44.88 2.76 -37.04
C ALA H 42 -46.34 3.01 -36.67
N ARG H 43 -46.95 4.09 -37.30
CA ARG H 43 -48.35 4.33 -37.26
C ARG H 43 -49.15 3.13 -37.93
N GLU H 44 -48.70 2.66 -39.10
CA GLU H 44 -49.27 1.43 -39.66
C GLU H 44 -49.27 0.24 -38.72
N ARG H 45 -48.14 -0.06 -38.12
CA ARG H 45 -48.01 -1.19 -37.17
C ARG H 45 -48.92 -1.22 -35.98
N ALA H 46 -49.14 -0.08 -35.33
CA ALA H 46 -50.03 0.22 -34.24
C ALA H 46 -51.52 -0.12 -34.60
N LEU H 47 -51.96 0.31 -35.78
CA LEU H 47 -53.34 0.11 -36.16
C LEU H 47 -53.71 -1.35 -36.32
N GLU H 48 -52.85 -2.11 -36.90
CA GLU H 48 -53.10 -3.53 -36.94
C GLU H 48 -53.25 -4.15 -35.62
N ALA H 49 -52.23 -3.94 -34.71
CA ALA H 49 -52.25 -4.48 -33.37
C ALA H 49 -53.58 -4.22 -32.64
N GLN H 50 -53.95 -2.94 -32.57
CA GLN H 50 -55.19 -2.51 -31.98
C GLN H 50 -56.50 -2.97 -32.62
N TYR H 51 -56.50 -3.61 -33.82
CA TYR H 51 -57.71 -4.01 -34.50
C TYR H 51 -57.79 -5.53 -34.41
N ARG H 52 -56.58 -6.16 -34.53
CA ARG H 52 -56.53 -7.62 -34.34
C ARG H 52 -56.96 -8.13 -32.92
N ALA H 53 -56.61 -7.38 -31.90
CA ALA H 53 -56.87 -7.52 -30.49
C ALA H 53 -58.20 -7.28 -30.15
N ALA H 54 -58.75 -6.19 -30.72
CA ALA H 54 -60.14 -5.74 -30.54
C ALA H 54 -61.19 -6.70 -31.08
N LEU H 55 -60.89 -7.34 -32.25
CA LEU H 55 -61.86 -8.19 -32.91
C LEU H 55 -61.92 -9.46 -32.15
N ARG H 56 -60.75 -9.86 -31.57
CA ARG H 56 -60.75 -11.09 -30.82
C ARG H 56 -61.60 -11.02 -29.54
N ARG H 57 -61.41 -9.87 -28.83
CA ARG H 57 -62.20 -9.42 -27.64
C ARG H 57 -63.65 -9.40 -27.84
N ALA H 58 -64.07 -8.81 -28.86
CA ALA H 58 -65.52 -8.79 -29.20
C ALA H 58 -66.10 -10.06 -29.69
N GLU H 59 -65.22 -10.90 -30.24
CA GLU H 59 -65.66 -12.29 -30.59
C GLU H 59 -65.87 -13.17 -29.34
N SER H 60 -64.84 -13.24 -28.44
CA SER H 60 -64.85 -14.01 -27.28
C SER H 60 -66.02 -13.68 -26.46
N ALA H 61 -66.34 -12.35 -26.26
CA ALA H 61 -67.55 -11.86 -25.58
C ALA H 61 -68.84 -12.43 -26.05
N GLY H 62 -69.02 -12.37 -27.43
CA GLY H 62 -70.24 -12.88 -28.10
C GLY H 62 -70.38 -14.36 -28.00
N GLU H 63 -69.25 -15.16 -28.02
CA GLU H 63 -69.17 -16.59 -27.89
C GLU H 63 -69.67 -16.90 -26.47
N LEU H 64 -69.32 -16.09 -25.50
CA LEU H 64 -69.81 -16.29 -24.18
C LEU H 64 -71.25 -16.15 -24.16
N LEU H 65 -71.88 -15.14 -24.89
CA LEU H 65 -73.28 -14.85 -25.00
C LEU H 65 -74.10 -15.96 -25.55
N VAL H 66 -73.40 -16.96 -26.31
CA VAL H 66 -74.11 -17.97 -26.99
C VAL H 66 -74.32 -18.97 -25.96
N ALA H 67 -73.22 -19.38 -25.27
CA ALA H 67 -73.15 -20.31 -24.16
C ALA H 67 -74.16 -19.95 -23.06
N THR H 68 -74.21 -18.64 -22.64
CA THR H 68 -75.15 -18.23 -21.59
C THR H 68 -76.59 -18.27 -21.97
N ALA H 69 -76.97 -17.81 -23.23
CA ALA H 69 -78.35 -17.81 -23.64
C ALA H 69 -78.76 -19.31 -23.86
N ARG H 70 -77.92 -20.23 -24.27
CA ARG H 70 -78.33 -21.58 -24.41
C ARG H 70 -78.54 -22.29 -23.15
N THR H 71 -77.62 -22.16 -22.15
CA THR H 71 -77.66 -22.72 -20.80
C THR H 71 -78.84 -22.30 -20.05
N GLN H 72 -79.20 -20.99 -20.16
CA GLN H 72 -80.48 -20.45 -19.61
C GLN H 72 -81.78 -21.16 -20.17
N ALA H 73 -81.78 -21.42 -21.55
CA ALA H 73 -82.86 -22.06 -22.31
C ALA H 73 -82.90 -23.51 -21.82
N ARG H 74 -81.72 -24.18 -21.78
CA ARG H 74 -81.57 -25.55 -21.41
C ARG H 74 -82.04 -25.92 -19.99
N GLY H 75 -81.85 -24.87 -19.05
CA GLY H 75 -82.22 -24.92 -17.65
C GLY H 75 -83.69 -25.14 -17.46
N GLU H 76 -84.49 -24.12 -17.95
CA GLU H 76 -85.94 -24.05 -17.91
C GLU H 76 -86.68 -25.29 -18.17
N VAL H 77 -86.16 -26.09 -19.13
CA VAL H 77 -86.60 -27.43 -19.71
C VAL H 77 -86.31 -28.55 -18.70
N LEU H 78 -85.06 -28.57 -18.09
CA LEU H 78 -84.64 -29.56 -17.04
C LEU H 78 -85.43 -29.35 -15.75
N GLU H 79 -85.59 -28.07 -15.31
CA GLU H 79 -86.36 -27.77 -14.11
C GLU H 79 -87.86 -27.81 -14.25
N GLU H 80 -88.38 -27.76 -15.49
CA GLU H 80 -89.77 -27.97 -15.74
C GLU H 80 -90.06 -29.44 -15.84
N VAL H 81 -89.10 -30.24 -16.41
CA VAL H 81 -89.15 -31.68 -16.40
C VAL H 81 -89.18 -32.15 -15.00
N ARG H 82 -88.41 -31.54 -14.13
CA ARG H 82 -88.42 -31.73 -12.68
C ARG H 82 -89.75 -31.37 -12.05
N ARG H 83 -90.39 -30.28 -12.46
CA ARG H 83 -91.73 -29.90 -12.03
C ARG H 83 -92.80 -30.97 -12.28
N ARG H 84 -92.83 -31.60 -13.50
CA ARG H 84 -93.76 -32.58 -13.94
C ARG H 84 -93.50 -33.85 -13.16
N VAL H 85 -92.22 -34.32 -13.09
CA VAL H 85 -91.75 -35.44 -12.26
C VAL H 85 -92.08 -35.33 -10.78
N ARG H 86 -92.02 -34.19 -10.09
CA ARG H 86 -92.22 -34.00 -8.71
C ARG H 86 -93.73 -33.91 -8.55
N GLU H 87 -94.56 -33.37 -9.55
CA GLU H 87 -95.99 -33.34 -9.42
C GLU H 87 -96.56 -34.78 -9.35
N ALA H 88 -95.96 -35.68 -10.16
CA ALA H 88 -96.32 -37.13 -10.25
C ALA H 88 -96.05 -37.73 -8.83
N LEU H 89 -94.90 -37.41 -8.15
CA LEU H 89 -94.52 -38.05 -6.87
C LEU H 89 -95.48 -37.53 -5.71
N GLU H 90 -95.86 -36.22 -5.86
CA GLU H 90 -96.78 -35.63 -4.93
C GLU H 90 -98.12 -36.21 -4.94
N ALA H 91 -98.64 -36.67 -6.16
CA ALA H 91 -99.89 -37.36 -6.32
C ALA H 91 -99.74 -38.87 -6.47
N LEU H 92 -98.56 -39.43 -6.07
CA LEU H 92 -98.29 -40.84 -6.14
C LEU H 92 -99.26 -41.66 -5.31
N PRO H 93 -99.61 -41.30 -4.02
CA PRO H 93 -100.49 -42.08 -3.19
C PRO H 93 -101.82 -42.25 -3.76
N GLN H 94 -102.21 -41.23 -4.60
CA GLN H 94 -103.56 -41.23 -5.22
C GLN H 94 -103.68 -42.41 -6.21
N LYS H 95 -102.62 -42.60 -7.05
CA LYS H 95 -102.49 -43.68 -8.02
C LYS H 95 -102.56 -45.07 -7.45
N PRO H 96 -103.14 -46.08 -8.10
CA PRO H 96 -103.20 -47.45 -7.61
C PRO H 96 -101.85 -48.19 -7.89
N GLU H 97 -100.85 -47.57 -8.42
CA GLU H 97 -99.57 -48.13 -8.73
C GLU H 97 -98.65 -47.80 -7.56
N TRP H 98 -99.16 -47.29 -6.46
CA TRP H 98 -98.43 -47.03 -5.23
C TRP H 98 -97.88 -48.30 -4.54
N PRO H 99 -98.52 -49.51 -4.36
CA PRO H 99 -97.81 -50.71 -3.81
C PRO H 99 -96.64 -51.23 -4.61
N GLU H 100 -96.69 -51.18 -5.93
CA GLU H 100 -95.62 -51.70 -6.69
C GLU H 100 -94.38 -50.98 -6.61
N VAL H 101 -94.48 -49.61 -6.45
CA VAL H 101 -93.34 -48.78 -6.29
C VAL H 101 -92.63 -48.94 -4.87
N VAL H 102 -93.50 -48.80 -3.78
CA VAL H 102 -93.07 -48.72 -2.41
C VAL H 102 -92.31 -49.91 -2.06
N ARG H 103 -92.83 -51.13 -2.52
CA ARG H 103 -92.30 -52.44 -2.15
C ARG H 103 -90.96 -52.63 -2.76
N LYS H 104 -90.78 -52.26 -4.09
CA LYS H 104 -89.46 -52.36 -4.74
C LYS H 104 -88.43 -51.49 -4.17
N LEU H 105 -88.77 -50.25 -3.65
CA LEU H 105 -87.80 -49.39 -2.97
C LEU H 105 -87.31 -50.07 -1.71
N ALA H 106 -88.21 -50.51 -0.81
CA ALA H 106 -87.78 -51.16 0.41
C ALA H 106 -87.02 -52.45 0.12
N LEU H 107 -87.27 -53.11 -1.03
CA LEU H 107 -86.51 -54.35 -1.35
C LEU H 107 -85.00 -54.18 -1.38
N GLU H 108 -84.50 -53.10 -2.07
CA GLU H 108 -83.02 -52.88 -2.16
C GLU H 108 -82.45 -52.56 -0.82
N ALA H 109 -83.23 -51.85 -0.04
CA ALA H 109 -82.90 -51.51 1.31
C ALA H 109 -82.57 -52.60 2.28
N LEU H 110 -83.38 -53.69 2.29
CA LEU H 110 -83.32 -54.78 3.26
C LEU H 110 -82.33 -55.72 2.73
N GLU H 111 -82.21 -55.78 1.39
CA GLU H 111 -81.27 -56.64 0.68
C GLU H 111 -79.82 -56.16 0.87
N ALA H 112 -79.69 -54.78 1.13
CA ALA H 112 -78.46 -54.04 1.30
C ALA H 112 -78.05 -54.09 2.79
N LEU H 113 -77.38 -52.97 3.20
CA LEU H 113 -76.65 -52.72 4.49
C LEU H 113 -77.53 -52.77 5.67
N PRO H 114 -78.83 -52.42 5.56
CA PRO H 114 -79.64 -52.60 6.74
C PRO H 114 -80.07 -54.02 6.77
N GLY H 115 -79.83 -54.61 7.99
CA GLY H 115 -80.14 -56.04 8.27
C GLY H 115 -81.52 -56.35 8.46
N ALA H 116 -82.38 -55.29 8.39
CA ALA H 116 -83.75 -55.27 8.75
C ALA H 116 -84.10 -55.56 10.16
N LYS H 117 -83.56 -54.67 11.04
CA LYS H 117 -83.88 -54.55 12.47
C LYS H 117 -85.29 -54.02 12.60
N ALA H 118 -85.54 -53.07 11.71
CA ALA H 118 -86.83 -52.49 11.61
C ALA H 118 -86.75 -51.82 10.29
N LEU H 119 -87.73 -52.03 9.44
CA LEU H 119 -87.79 -51.35 8.13
C LEU H 119 -88.85 -50.35 8.42
N VAL H 120 -88.40 -49.17 8.90
CA VAL H 120 -89.33 -48.14 9.34
C VAL H 120 -89.93 -47.42 8.21
N ALA H 121 -91.27 -47.24 8.32
CA ALA H 121 -92.07 -46.63 7.31
C ALA H 121 -92.94 -45.67 7.93
N ASN H 122 -93.69 -44.91 7.06
CA ASN H 122 -94.74 -44.00 7.40
C ASN H 122 -95.94 -44.89 7.70
N PRO H 123 -96.90 -44.51 8.49
CA PRO H 123 -97.89 -45.37 8.96
C PRO H 123 -99.05 -45.55 8.05
N GLU H 124 -99.13 -44.83 6.93
CA GLU H 124 -100.28 -44.89 5.97
C GLU H 124 -99.71 -45.55 4.64
N ASP H 125 -98.39 -45.88 4.74
CA ASP H 125 -97.74 -46.74 3.77
C ASP H 125 -97.44 -48.11 4.45
N LEU H 126 -97.85 -48.24 5.68
CA LEU H 126 -97.91 -49.46 6.47
C LEU H 126 -99.05 -50.35 5.84
N PRO H 127 -100.24 -49.96 5.48
CA PRO H 127 -101.12 -50.70 4.65
C PRO H 127 -100.51 -51.35 3.37
N HIS H 128 -99.50 -50.68 2.76
CA HIS H 128 -99.05 -50.95 1.40
C HIS H 128 -97.65 -51.52 1.42
N LEU H 129 -97.37 -52.29 2.52
CA LEU H 129 -96.07 -52.86 2.72
C LEU H 129 -96.12 -53.79 3.88
N GLU H 130 -97.40 -54.05 4.36
CA GLU H 130 -97.56 -54.96 5.46
C GLU H 130 -97.24 -56.39 5.06
N ALA H 131 -97.17 -56.71 3.75
CA ALA H 131 -96.94 -57.97 3.21
C ALA H 131 -95.51 -58.35 3.28
N MET H 132 -94.63 -57.45 2.89
CA MET H 132 -93.19 -57.64 3.02
C MET H 132 -92.62 -57.20 4.41
N ALA H 133 -93.51 -56.70 5.31
CA ALA H 133 -93.11 -56.65 6.75
C ALA H 133 -92.91 -58.03 7.23
N ARG H 134 -93.85 -58.97 6.80
CA ARG H 134 -93.98 -60.40 7.07
C ARG H 134 -92.98 -61.24 6.32
N GLU H 135 -92.28 -60.74 5.28
CA GLU H 135 -91.14 -61.34 4.68
C GLU H 135 -89.86 -60.92 5.38
N ARG H 136 -89.79 -59.64 5.85
CA ARG H 136 -88.57 -59.21 6.59
C ARG H 136 -88.80 -57.98 7.43
N GLY H 137 -88.23 -57.88 8.68
CA GLY H 137 -88.27 -56.69 9.54
C GLY H 137 -89.64 -56.64 10.29
N VAL H 138 -89.84 -55.52 11.12
CA VAL H 138 -91.11 -55.11 11.70
C VAL H 138 -91.12 -53.73 11.29
N GLU H 139 -92.23 -53.24 10.65
CA GLU H 139 -92.34 -51.87 10.19
C GLU H 139 -93.25 -51.00 11.00
N LEU H 140 -92.69 -49.91 11.53
CA LEU H 140 -93.48 -49.10 12.34
C LEU H 140 -93.91 -47.79 11.45
N GLU H 143 -90.74 -42.99 11.31
CA GLU H 143 -91.13 -42.56 9.93
C GLU H 143 -90.08 -41.63 9.40
N PRO H 144 -89.71 -41.59 8.09
CA PRO H 144 -89.08 -40.49 7.47
C PRO H 144 -89.85 -39.15 7.55
N ALA H 145 -91.20 -39.14 7.52
CA ALA H 145 -92.14 -38.05 7.58
C ALA H 145 -92.32 -37.35 6.28
N LEU H 146 -92.03 -38.02 5.16
CA LEU H 146 -92.23 -37.40 3.79
C LEU H 146 -93.43 -38.09 3.15
N ARG H 147 -93.76 -39.36 3.51
CA ARG H 147 -94.86 -40.15 3.03
C ARG H 147 -94.61 -40.59 1.61
N LEU H 148 -93.33 -40.69 1.20
CA LEU H 148 -92.82 -40.93 -0.08
C LEU H 148 -91.49 -41.53 0.01
N GLY H 149 -91.24 -42.25 1.14
CA GLY H 149 -90.06 -43.04 1.30
C GLY H 149 -90.24 -44.06 2.40
N VAL H 150 -89.10 -44.80 2.55
CA VAL H 150 -88.85 -45.88 3.51
C VAL H 150 -87.38 -45.73 3.91
N ARG H 151 -87.17 -45.52 5.23
CA ARG H 151 -85.90 -45.61 5.93
C ARG H 151 -85.74 -47.11 6.11
N ALA H 152 -84.56 -47.59 6.33
CA ALA H 152 -84.30 -48.93 6.72
C ALA H 152 -83.30 -48.64 7.77
N VAL H 153 -83.37 -49.51 8.82
CA VAL H 153 -82.53 -49.55 9.97
C VAL H 153 -81.99 -50.96 10.14
N GLY H 154 -80.64 -51.15 10.51
CA GLY H 154 -79.96 -52.41 10.52
C GLY H 154 -79.61 -52.65 11.97
N ALA H 155 -78.95 -53.82 12.23
CA ALA H 155 -78.59 -54.39 13.49
C ALA H 155 -77.17 -54.19 13.77
N GLU H 156 -76.40 -53.55 12.84
CA GLU H 156 -75.04 -53.05 13.00
C GLU H 156 -74.97 -51.98 14.01
N GLY H 157 -75.91 -51.03 13.97
CA GLY H 157 -76.16 -50.05 14.93
C GLY H 157 -77.56 -49.85 14.63
N LYS H 158 -77.77 -48.92 13.66
CA LYS H 158 -79.00 -48.40 13.18
C LYS H 158 -78.81 -48.31 11.69
N THR H 159 -77.53 -48.20 11.25
CA THR H 159 -77.03 -48.18 9.88
C THR H 159 -77.43 -46.96 9.10
N GLN H 160 -78.63 -46.97 8.50
CA GLN H 160 -79.40 -45.83 7.94
C GLN H 160 -79.17 -45.65 6.44
N VAL H 161 -80.07 -46.21 5.64
CA VAL H 161 -80.13 -46.11 4.22
C VAL H 161 -81.58 -45.85 3.99
N GLU H 162 -81.80 -44.65 3.39
CA GLU H 162 -83.15 -44.11 3.24
C GLU H 162 -83.30 -44.02 1.70
N ASN H 163 -84.29 -44.72 1.20
CA ASN H 163 -84.60 -44.79 -0.22
C ASN H 163 -85.95 -44.19 -0.27
N SER H 164 -85.94 -42.89 -0.70
CA SER H 164 -87.03 -42.01 -0.81
C SER H 164 -87.11 -41.65 -2.23
N LEU H 165 -88.25 -41.35 -2.69
CA LEU H 165 -88.53 -40.95 -4.08
C LEU H 165 -87.90 -39.56 -4.33
N LEU H 166 -87.93 -38.75 -3.29
CA LEU H 166 -87.16 -37.50 -3.22
C LEU H 166 -85.68 -37.66 -3.29
N ALA H 167 -85.08 -38.54 -2.46
CA ALA H 167 -83.71 -38.86 -2.42
C ALA H 167 -83.14 -39.49 -3.77
N ARG H 168 -83.92 -40.35 -4.46
CA ARG H 168 -83.57 -40.89 -5.70
C ARG H 168 -83.73 -39.88 -6.85
N MET H 169 -84.66 -38.94 -6.74
CA MET H 169 -84.82 -37.79 -7.60
C MET H 169 -83.63 -36.78 -7.57
N ASP H 170 -83.15 -36.34 -6.34
CA ASP H 170 -81.99 -35.50 -6.15
C ASP H 170 -80.62 -35.89 -6.72
N ARG H 171 -80.44 -37.27 -6.65
CA ARG H 171 -79.31 -37.97 -7.26
C ARG H 171 -79.77 -38.61 -8.49
N ALA H 172 -80.17 -37.86 -9.50
CA ALA H 172 -80.60 -38.43 -10.71
C ALA H 172 -80.64 -37.33 -11.70
N TRP H 173 -79.89 -36.32 -11.35
CA TRP H 173 -79.52 -35.17 -12.13
C TRP H 173 -78.11 -34.83 -11.61
N ASP H 174 -77.51 -35.86 -10.97
CA ASP H 174 -76.13 -35.92 -10.51
C ASP H 174 -75.82 -37.36 -10.38
N ALA H 175 -76.67 -38.21 -10.96
CA ALA H 175 -76.37 -39.65 -10.96
C ALA H 175 -77.00 -40.33 -12.18
N MET H 176 -77.66 -39.48 -13.06
CA MET H 176 -78.11 -40.05 -14.35
C MET H 176 -78.68 -38.89 -15.07
N SER H 177 -77.87 -37.82 -14.89
CA SER H 177 -77.92 -36.55 -15.64
C SER H 177 -77.67 -36.81 -17.15
N SER H 178 -76.86 -37.82 -17.49
CA SER H 178 -76.42 -38.17 -18.88
C SER H 178 -77.62 -38.62 -19.65
N LYS H 179 -78.33 -39.57 -18.96
CA LYS H 179 -79.54 -40.20 -19.50
C LYS H 179 -80.66 -39.18 -19.82
N VAL H 180 -81.03 -38.18 -18.99
CA VAL H 180 -82.01 -37.15 -19.34
C VAL H 180 -81.60 -36.13 -20.44
N ALA H 181 -80.26 -35.70 -20.50
CA ALA H 181 -79.80 -34.99 -21.62
C ALA H 181 -79.88 -35.66 -23.00
N GLN H 182 -79.46 -37.01 -23.07
CA GLN H 182 -79.65 -37.85 -24.25
C GLN H 182 -81.13 -37.94 -24.67
N ALA H 183 -82.16 -38.01 -23.80
CA ALA H 183 -83.57 -38.17 -24.15
C ALA H 183 -84.18 -36.90 -24.66
N LEU H 184 -83.77 -35.68 -24.18
CA LEU H 184 -84.26 -34.48 -24.72
C LEU H 184 -83.57 -34.04 -25.96
N TRP H 185 -82.23 -34.00 -26.03
CA TRP H 185 -81.47 -33.47 -27.15
C TRP H 185 -80.70 -34.47 -27.96
N GLY H 186 -79.93 -35.32 -27.26
CA GLY H 186 -79.08 -36.34 -27.84
C GLY H 186 -77.64 -35.98 -27.54
N GLY I 6 54.53 47.45 35.56
CA GLY I 6 53.19 47.37 36.23
C GLY I 6 53.11 46.07 36.94
N LEU I 7 52.28 45.95 38.00
CA LEU I 7 52.26 44.72 38.84
C LEU I 7 51.26 43.86 38.16
N ILE I 8 51.60 42.56 38.18
CA ILE I 8 50.89 41.43 37.62
C ILE I 8 49.82 41.01 38.58
N LYS I 9 49.90 41.47 39.89
CA LYS I 9 48.98 41.25 40.96
C LYS I 9 47.62 41.81 40.77
N SER I 10 47.44 42.88 40.02
CA SER I 10 46.15 43.44 39.67
C SER I 10 45.36 42.48 38.82
N LEU I 11 45.83 42.02 37.62
CA LEU I 11 45.10 41.32 36.64
C LEU I 11 45.00 39.93 37.11
N ALA I 12 46.08 39.39 37.76
CA ALA I 12 46.15 37.99 38.15
C ALA I 12 45.09 37.76 39.23
N GLU I 13 45.15 38.56 40.31
CA GLU I 13 44.41 38.37 41.58
C GLU I 13 43.00 38.82 41.44
N LYS I 14 42.72 39.42 40.31
CA LYS I 14 41.39 39.82 39.93
C LYS I 14 40.64 38.71 39.22
N GLU I 15 41.40 37.96 38.39
CA GLU I 15 40.92 36.67 37.84
C GLU I 15 40.62 35.77 38.97
N LYS I 16 41.52 35.63 39.93
CA LYS I 16 41.27 34.73 41.04
C LYS I 16 40.41 35.20 42.19
N GLN I 17 39.75 36.35 42.08
CA GLN I 17 38.78 36.71 43.01
C GLN I 17 37.48 36.58 42.25
N LEU I 18 37.38 36.92 40.92
CA LEU I 18 36.19 36.57 40.15
C LEU I 18 35.93 35.08 40.08
N LEU I 19 36.97 34.25 39.89
CA LEU I 19 36.97 32.78 39.86
C LEU I 19 36.58 32.22 41.14
N GLU I 20 37.03 32.82 42.23
CA GLU I 20 36.66 32.36 43.55
C GLU I 20 35.20 32.60 43.85
N ARG I 21 34.65 33.68 43.31
CA ARG I 21 33.24 33.99 43.43
C ARG I 21 32.39 33.00 42.75
N LEU I 22 32.87 32.51 41.59
CA LEU I 22 32.04 31.59 40.90
C LEU I 22 31.96 30.33 41.66
N GLU I 23 33.05 29.92 42.35
CA GLU I 23 33.15 28.68 43.07
C GLU I 23 32.18 28.55 44.22
N ALA I 24 32.08 29.67 44.97
CA ALA I 24 31.11 29.81 46.05
C ALA I 24 29.70 29.86 45.59
N ALA I 25 29.40 30.38 44.37
CA ALA I 25 28.08 30.22 43.71
C ALA I 25 27.73 28.77 43.46
N LYS I 26 28.65 27.93 42.98
CA LYS I 26 28.40 26.55 42.68
C LYS I 26 28.17 25.78 43.92
N LYS I 27 29.09 25.99 44.94
CA LYS I 27 29.06 25.24 46.16
C LYS I 27 27.64 25.40 46.77
N GLU I 28 27.20 26.62 47.10
CA GLU I 28 25.93 26.75 47.72
C GLU I 28 24.75 26.59 46.84
N ALA I 29 24.93 26.46 45.49
CA ALA I 29 23.82 25.93 44.65
C ALA I 29 23.61 24.52 44.89
N GLU I 30 24.67 23.69 44.93
CA GLU I 30 24.66 22.23 45.10
C GLU I 30 24.26 21.86 46.56
N GLU I 31 24.93 22.37 47.63
CA GLU I 31 24.60 21.97 48.93
C GLU I 31 23.22 22.43 49.47
N ARG I 32 22.45 23.19 48.57
CA ARG I 32 21.20 23.76 48.87
C ARG I 32 20.17 22.92 48.16
N VAL I 33 20.49 22.47 46.91
CA VAL I 33 19.58 21.61 46.22
C VAL I 33 19.41 20.29 46.97
N LYS I 34 20.60 19.74 47.49
CA LYS I 34 20.62 18.62 48.28
C LYS I 34 19.69 18.70 49.50
N ARG I 35 19.89 19.74 50.28
CA ARG I 35 19.19 20.12 51.47
C ARG I 35 17.65 20.07 51.30
N ALA I 36 17.20 20.56 50.20
CA ALA I 36 15.84 20.70 49.87
C ALA I 36 15.14 19.31 49.70
N GLU I 37 15.91 18.36 49.10
CA GLU I 37 15.56 16.96 48.94
C GLU I 37 15.51 16.25 50.27
N ALA I 38 16.48 16.57 51.13
CA ALA I 38 16.60 16.00 52.47
C ALA I 38 15.46 16.45 53.35
N GLU I 39 15.03 17.73 53.24
CA GLU I 39 13.88 18.25 53.97
C GLU I 39 12.58 17.57 53.61
N ALA I 40 12.44 17.26 52.30
CA ALA I 40 11.21 16.78 51.67
C ALA I 40 11.00 15.39 52.19
N LYS I 41 12.11 14.53 52.11
CA LYS I 41 12.28 13.21 52.59
C LYS I 41 11.88 13.10 54.06
N ALA I 42 12.51 13.83 54.91
CA ALA I 42 12.44 13.88 56.38
C ALA I 42 11.05 14.23 56.84
N LEU I 43 10.31 15.01 56.02
CA LEU I 43 8.90 15.34 56.19
C LEU I 43 7.95 14.22 55.95
N LEU I 44 8.28 13.54 54.79
CA LEU I 44 7.53 12.40 54.22
C LEU I 44 7.78 11.13 55.05
N GLU I 45 8.92 11.07 55.89
CA GLU I 45 9.00 10.01 56.89
C GLU I 45 8.01 10.22 58.13
N GLU I 46 7.96 11.46 58.61
CA GLU I 46 7.00 11.92 59.54
C GLU I 46 5.57 11.82 59.10
N ALA I 47 5.32 12.05 57.78
CA ALA I 47 3.98 11.83 57.16
C ALA I 47 3.54 10.35 57.10
N GLU I 48 4.42 9.38 57.37
CA GLU I 48 4.05 8.03 57.47
C GLU I 48 3.90 7.77 58.91
N ALA I 49 4.81 8.13 59.82
CA ALA I 49 4.85 8.01 61.29
C ALA I 49 3.59 8.51 61.91
N LYS I 50 3.04 9.71 61.41
CA LYS I 50 1.67 10.31 61.75
C LYS I 50 0.56 9.42 61.22
N ALA I 51 0.65 9.02 59.89
CA ALA I 51 -0.41 8.24 59.20
C ALA I 51 -0.68 6.93 59.96
N LYS I 52 0.40 6.22 60.46
CA LYS I 52 0.25 4.96 61.10
C LYS I 52 -0.42 5.14 62.40
N ALA I 53 -0.15 6.24 63.07
CA ALA I 53 -0.89 6.50 64.28
C ALA I 53 -2.29 6.97 64.13
N LEU I 54 -2.66 7.38 62.88
CA LEU I 54 -4.07 7.72 62.66
C LEU I 54 -4.87 6.48 62.55
N GLU I 55 -4.34 5.50 61.77
CA GLU I 55 -4.84 4.19 61.68
C GLU I 55 -4.96 3.52 63.06
N ALA I 56 -3.89 3.60 63.91
CA ALA I 56 -3.84 3.08 65.26
C ALA I 56 -4.99 3.52 66.18
N GLN I 57 -5.54 4.74 66.03
CA GLN I 57 -6.56 5.33 66.83
C GLN I 57 -7.95 5.27 66.20
N TYR I 58 -8.08 4.62 64.99
CA TYR I 58 -9.39 4.41 64.41
C TYR I 58 -9.73 2.91 64.57
N ARG I 59 -8.70 2.02 64.33
CA ARG I 59 -8.95 0.59 64.44
C ARG I 59 -9.25 0.28 65.90
N GLU I 60 -8.50 0.90 66.84
CA GLU I 60 -8.69 0.67 68.27
C GLU I 60 -9.88 1.43 68.75
N ARG I 61 -10.36 2.54 68.06
CA ARG I 61 -11.58 3.15 68.44
C ARG I 61 -12.85 2.35 68.20
N GLU I 62 -13.01 1.82 66.97
CA GLU I 62 -14.15 1.16 66.47
C GLU I 62 -14.36 -0.16 67.16
N ARG I 63 -13.28 -0.88 67.46
CA ARG I 63 -13.23 -2.11 68.15
C ARG I 63 -13.77 -1.98 69.60
N ALA I 64 -13.35 -0.90 70.29
CA ALA I 64 -13.75 -0.56 71.61
C ALA I 64 -15.09 0.09 71.73
N GLU I 65 -15.79 0.33 70.58
CA GLU I 65 -17.16 0.79 70.66
C GLU I 65 -18.10 -0.33 70.30
N THR I 66 -17.69 -1.12 69.21
CA THR I 66 -18.25 -2.40 68.84
C THR I 66 -18.03 -3.54 69.86
N GLU I 67 -17.65 -3.27 71.11
CA GLU I 67 -17.81 -4.21 72.21
C GLU I 67 -18.91 -3.68 73.14
N ALA I 68 -18.86 -2.40 73.48
CA ALA I 68 -19.80 -1.77 74.28
C ALA I 68 -21.24 -1.86 73.72
N LEU I 69 -21.34 -1.70 72.31
CA LEU I 69 -22.51 -1.54 71.56
C LEU I 69 -23.33 -2.83 71.50
N LEU I 70 -22.59 -3.87 71.22
CA LEU I 70 -22.90 -5.30 71.39
C LEU I 70 -23.20 -5.60 72.85
N ALA I 71 -22.35 -5.25 73.79
CA ALA I 71 -22.58 -5.46 75.22
C ALA I 71 -23.89 -5.02 75.73
N ARG I 72 -24.39 -3.81 75.34
CA ARG I 72 -25.68 -3.26 75.69
C ARG I 72 -26.83 -3.91 74.99
N TYR I 73 -26.74 -4.26 73.67
CA TYR I 73 -27.78 -5.02 73.04
C TYR I 73 -28.01 -6.33 73.74
N ARG I 74 -26.94 -6.99 74.24
CA ARG I 74 -27.09 -8.21 75.05
C ARG I 74 -27.96 -8.02 76.25
N GLU I 75 -27.93 -6.83 76.91
CA GLU I 75 -28.78 -6.51 78.05
C GLU I 75 -30.27 -6.26 77.69
N ARG I 76 -30.53 -5.60 76.52
CA ARG I 76 -31.90 -5.41 76.06
C ARG I 76 -32.56 -6.74 75.57
N ALA I 77 -31.76 -7.57 74.79
CA ALA I 77 -32.13 -8.85 74.38
C ALA I 77 -32.61 -9.81 75.48
N GLU I 78 -31.81 -9.96 76.55
CA GLU I 78 -32.18 -11.00 77.49
C GLU I 78 -33.43 -10.71 78.28
N ALA I 79 -33.70 -9.43 78.62
CA ALA I 79 -34.96 -8.94 79.22
C ALA I 79 -36.18 -9.01 78.25
N GLU I 80 -36.01 -8.92 76.90
CA GLU I 80 -37.10 -8.90 75.97
C GLU I 80 -37.44 -10.32 75.52
N ALA I 81 -36.56 -11.33 75.75
CA ALA I 81 -36.95 -12.71 75.68
C ALA I 81 -37.79 -13.10 76.87
N LYS I 82 -37.30 -12.79 78.11
CA LYS I 82 -38.13 -12.97 79.31
C LYS I 82 -39.47 -12.30 79.27
N ALA I 83 -39.65 -11.15 78.55
CA ALA I 83 -40.84 -10.37 78.51
C ALA I 83 -41.85 -10.97 77.53
N VAL I 84 -41.39 -11.88 76.63
CA VAL I 84 -42.38 -12.52 75.78
C VAL I 84 -42.83 -13.85 76.32
N ARG I 85 -41.94 -14.53 77.10
CA ARG I 85 -42.10 -15.78 77.84
C ARG I 85 -43.17 -15.60 78.83
N GLU I 86 -43.04 -14.48 79.58
CA GLU I 86 -43.91 -14.09 80.67
C GLU I 86 -45.36 -13.80 80.32
N LYS I 87 -45.60 -13.18 79.15
CA LYS I 87 -46.97 -12.98 78.54
C LYS I 87 -47.66 -14.21 78.08
N ALA I 88 -46.92 -15.20 77.47
CA ALA I 88 -47.53 -16.44 77.03
C ALA I 88 -47.96 -17.30 78.23
N MET I 89 -47.09 -17.39 79.26
CA MET I 89 -47.22 -18.40 80.38
C MET I 89 -48.29 -17.96 81.34
N ALA I 90 -48.73 -16.67 81.23
CA ALA I 90 -49.74 -16.09 82.07
C ALA I 90 -51.08 -16.22 81.23
N ARG I 91 -51.05 -16.00 79.91
CA ARG I 91 -52.23 -16.19 78.99
C ARG I 91 -52.24 -17.53 78.41
N LEU I 92 -52.27 -18.59 79.29
CA LEU I 92 -51.70 -19.88 78.93
C LEU I 92 -52.83 -20.73 78.69
N ASP I 93 -53.80 -20.77 79.66
CA ASP I 93 -54.93 -21.70 79.49
C ASP I 93 -55.81 -21.51 78.26
N GLU I 94 -55.88 -20.22 77.79
CA GLU I 94 -56.64 -19.87 76.64
C GLU I 94 -56.16 -20.55 75.36
N ALA I 95 -54.79 -20.65 75.20
CA ALA I 95 -54.14 -21.33 74.14
C ALA I 95 -54.35 -22.75 74.09
N VAL I 96 -54.00 -23.39 75.27
CA VAL I 96 -54.22 -24.81 75.46
C VAL I 96 -55.64 -25.24 75.13
N ALA I 97 -56.67 -24.56 75.69
CA ALA I 97 -58.07 -24.79 75.25
C ALA I 97 -58.46 -24.70 73.77
N LEU I 98 -58.04 -23.59 73.15
CA LEU I 98 -58.47 -23.31 71.78
C LEU I 98 -57.99 -24.42 70.83
N VAL I 99 -56.74 -24.89 71.09
CA VAL I 99 -55.99 -25.89 70.41
C VAL I 99 -56.73 -27.14 70.67
N LEU I 100 -56.95 -27.49 71.95
CA LEU I 100 -57.56 -28.72 72.36
C LEU I 100 -58.84 -29.05 71.64
N LYS I 101 -59.80 -28.10 71.66
CA LYS I 101 -61.16 -28.34 71.07
C LYS I 101 -61.18 -28.69 69.61
N GLU I 102 -60.07 -28.51 68.90
CA GLU I 102 -60.16 -28.82 67.41
C GLU I 102 -59.29 -30.01 67.06
N VAL I 103 -58.50 -30.48 68.03
CA VAL I 103 -57.72 -31.65 67.72
C VAL I 103 -58.24 -32.98 68.33
N LEU I 104 -59.48 -33.11 68.87
CA LEU I 104 -59.97 -34.37 69.35
C LEU I 104 -61.30 -34.62 68.73
N PRO I 105 -62.00 -33.68 68.08
CA PRO I 105 -63.04 -34.24 67.19
C PRO I 105 -62.37 -34.82 65.91
N GLY J 6 5.03 49.92 -55.98
CA GLY J 6 3.60 50.09 -55.99
C GLY J 6 3.22 51.13 -55.01
N LEU J 7 1.95 51.01 -54.63
CA LEU J 7 1.20 51.88 -53.74
C LEU J 7 0.34 50.89 -52.96
N ILE J 8 0.27 50.98 -51.57
CA ILE J 8 -0.49 50.09 -50.69
C ILE J 8 -1.99 50.37 -50.77
N LYS J 9 -2.42 51.49 -51.34
CA LYS J 9 -3.89 51.73 -51.48
C LYS J 9 -4.61 50.86 -52.42
N SER J 10 -3.91 50.27 -53.35
CA SER J 10 -4.58 49.21 -54.15
C SER J 10 -4.99 47.97 -53.30
N LEU J 11 -3.98 47.30 -52.66
CA LEU J 11 -4.25 46.12 -51.90
C LEU J 11 -4.98 46.30 -50.57
N ALA J 12 -4.89 47.49 -49.93
CA ALA J 12 -5.53 47.94 -48.74
C ALA J 12 -7.02 47.96 -49.01
N GLU J 13 -7.46 48.62 -50.14
CA GLU J 13 -8.88 48.75 -50.36
C GLU J 13 -9.49 47.49 -51.08
N LYS J 14 -8.63 46.49 -51.43
CA LYS J 14 -9.00 45.24 -52.10
C LYS J 14 -9.27 44.20 -51.01
N GLU J 15 -8.49 44.17 -49.95
CA GLU J 15 -8.59 43.36 -48.77
C GLU J 15 -9.94 43.44 -48.16
N LYS J 16 -10.49 44.67 -48.09
CA LYS J 16 -11.86 44.98 -47.59
C LYS J 16 -12.94 44.66 -48.61
N GLN J 17 -12.64 43.93 -49.75
CA GLN J 17 -13.59 43.34 -50.69
C GLN J 17 -13.43 41.81 -50.58
N LEU J 18 -12.18 41.26 -50.34
CA LEU J 18 -11.79 39.87 -50.16
C LEU J 18 -12.47 39.34 -48.91
N LEU J 19 -12.63 40.20 -47.93
CA LEU J 19 -13.28 40.12 -46.62
C LEU J 19 -14.77 40.00 -46.82
N GLU J 20 -15.38 40.80 -47.70
CA GLU J 20 -16.79 40.71 -48.12
C GLU J 20 -17.05 39.45 -48.85
N ARG J 21 -16.10 38.92 -49.66
CA ARG J 21 -16.30 37.65 -50.41
C ARG J 21 -16.40 36.48 -49.47
N LEU J 22 -15.65 36.45 -48.31
CA LEU J 22 -15.92 35.44 -47.27
C LEU J 22 -17.22 35.65 -46.61
N GLU J 23 -17.57 36.94 -46.32
CA GLU J 23 -18.74 37.23 -45.49
C GLU J 23 -20.10 36.85 -46.01
N ALA J 24 -20.30 37.18 -47.26
CA ALA J 24 -21.48 36.76 -48.04
C ALA J 24 -21.62 35.25 -48.25
N ALA J 25 -20.45 34.52 -48.22
CA ALA J 25 -20.30 33.10 -48.14
C ALA J 25 -20.86 32.53 -46.90
N LYS J 26 -20.57 33.09 -45.73
CA LYS J 26 -21.08 32.52 -44.46
C LYS J 26 -22.56 32.73 -44.45
N LYS J 27 -23.09 33.85 -44.96
CA LYS J 27 -24.49 34.10 -45.01
C LYS J 27 -25.34 33.02 -45.68
N GLU J 28 -25.03 32.82 -46.93
CA GLU J 28 -25.77 31.90 -47.80
C GLU J 28 -25.52 30.44 -47.54
N ALA J 29 -24.54 30.11 -46.67
CA ALA J 29 -24.38 28.82 -46.02
C ALA J 29 -25.37 28.54 -44.87
N GLU J 30 -25.57 29.54 -43.96
CA GLU J 30 -26.40 29.46 -42.82
C GLU J 30 -27.76 29.52 -43.22
N GLU J 31 -28.14 30.57 -44.03
CA GLU J 31 -29.48 30.84 -44.51
C GLU J 31 -30.04 29.84 -45.45
N ARG J 32 -29.23 28.76 -45.78
CA ARG J 32 -29.78 27.72 -46.59
C ARG J 32 -30.04 26.53 -45.70
N VAL J 33 -29.10 26.24 -44.81
CA VAL J 33 -29.24 25.12 -43.87
C VAL J 33 -30.32 25.38 -42.87
N LYS J 34 -30.57 26.60 -42.46
CA LYS J 34 -31.80 26.95 -41.72
C LYS J 34 -33.11 26.55 -42.45
N ARG J 35 -33.37 26.93 -43.69
CA ARG J 35 -34.55 26.43 -44.44
C ARG J 35 -34.86 24.97 -44.45
N ALA J 36 -33.78 24.15 -44.59
CA ALA J 36 -33.95 22.71 -44.56
C ALA J 36 -34.40 22.13 -43.24
N GLU J 37 -33.90 22.75 -42.11
CA GLU J 37 -34.27 22.48 -40.75
C GLU J 37 -35.63 22.88 -40.41
N ALA J 38 -36.10 24.03 -41.02
CA ALA J 38 -37.45 24.47 -40.95
C ALA J 38 -38.41 23.47 -41.71
N GLU J 39 -38.03 23.03 -42.94
CA GLU J 39 -38.74 22.04 -43.70
C GLU J 39 -38.83 20.71 -43.06
N ALA J 40 -37.76 20.28 -42.33
CA ALA J 40 -37.81 19.08 -41.50
C ALA J 40 -38.69 19.16 -40.28
N LYS J 41 -38.59 20.23 -39.48
CA LYS J 41 -39.43 20.49 -38.37
C LYS J 41 -40.91 20.44 -38.70
N ALA J 42 -41.39 21.24 -39.63
CA ALA J 42 -42.76 21.30 -40.11
C ALA J 42 -43.27 19.96 -40.71
N LEU J 43 -42.37 19.12 -41.31
CA LEU J 43 -42.66 17.86 -41.98
C LEU J 43 -42.98 16.81 -40.95
N LEU J 44 -42.11 16.74 -39.82
CA LEU J 44 -42.34 15.84 -38.79
C LEU J 44 -43.51 16.28 -37.86
N GLU J 45 -43.91 17.57 -37.88
CA GLU J 45 -45.10 18.04 -37.19
C GLU J 45 -46.30 17.52 -37.97
N GLU J 46 -46.25 17.56 -39.34
CA GLU J 46 -47.37 17.10 -40.23
C GLU J 46 -47.54 15.57 -40.02
N ALA J 47 -46.44 14.93 -39.78
CA ALA J 47 -46.46 13.54 -39.51
C ALA J 47 -47.02 13.19 -38.18
N GLU J 48 -47.26 14.15 -37.24
CA GLU J 48 -47.90 13.91 -35.99
C GLU J 48 -49.40 14.14 -36.23
N ALA J 49 -49.75 15.40 -36.73
CA ALA J 49 -51.11 15.86 -37.04
C ALA J 49 -51.88 14.85 -37.82
N LYS J 50 -51.17 14.23 -38.81
CA LYS J 50 -51.71 13.11 -39.56
C LYS J 50 -51.90 11.82 -38.81
N ALA J 51 -50.82 11.41 -38.04
CA ALA J 51 -50.82 10.17 -37.32
C ALA J 51 -51.88 10.12 -36.31
N LYS J 52 -52.05 11.24 -35.58
CA LYS J 52 -53.10 11.39 -34.54
C LYS J 52 -54.47 11.48 -35.15
N ALA J 53 -54.62 12.05 -36.34
CA ALA J 53 -55.92 12.12 -37.04
C ALA J 53 -56.39 10.78 -37.68
N LEU J 54 -55.43 9.88 -37.82
CA LEU J 54 -55.62 8.56 -38.41
C LEU J 54 -56.12 7.50 -37.50
N GLU J 55 -55.44 7.51 -36.32
CA GLU J 55 -55.91 6.75 -35.23
C GLU J 55 -57.33 7.16 -34.84
N ALA J 56 -57.63 8.50 -34.79
CA ALA J 56 -58.96 9.05 -34.57
C ALA J 56 -60.04 8.52 -35.46
N GLN J 57 -59.79 8.15 -36.72
CA GLN J 57 -60.79 7.72 -37.60
C GLN J 57 -60.81 6.21 -37.69
N TYR J 58 -59.93 5.51 -36.99
CA TYR J 58 -59.73 4.14 -36.93
C TYR J 58 -60.34 3.56 -35.59
N ARG J 59 -60.21 4.30 -34.44
CA ARG J 59 -60.89 3.96 -33.17
C ARG J 59 -62.41 3.89 -33.17
N GLU J 60 -63.07 4.83 -33.86
CA GLU J 60 -64.53 4.95 -34.04
C GLU J 60 -65.01 3.94 -35.10
N ARG J 61 -64.02 3.49 -35.92
CA ARG J 61 -64.35 2.60 -37.07
C ARG J 61 -64.73 1.30 -36.44
N GLU J 62 -63.67 0.88 -35.63
CA GLU J 62 -63.53 -0.33 -34.89
C GLU J 62 -64.60 -0.48 -33.86
N ARG J 63 -64.97 0.64 -33.22
CA ARG J 63 -66.11 0.68 -32.33
C ARG J 63 -67.40 0.31 -32.95
N ALA J 64 -67.63 0.82 -34.19
CA ALA J 64 -68.83 0.49 -34.87
C ALA J 64 -68.91 -0.91 -35.47
N GLU J 65 -67.78 -1.64 -35.36
CA GLU J 65 -67.65 -3.01 -35.93
C GLU J 65 -67.76 -3.91 -34.75
N THR J 66 -67.09 -3.60 -33.64
CA THR J 66 -67.31 -4.28 -32.34
C THR J 66 -68.65 -3.98 -31.67
N GLU J 67 -69.66 -3.47 -32.47
CA GLU J 67 -71.05 -3.36 -32.13
C GLU J 67 -71.84 -4.26 -33.09
N ALA J 68 -71.54 -4.24 -34.43
CA ALA J 68 -72.06 -5.03 -35.53
C ALA J 68 -71.93 -6.49 -35.38
N LEU J 69 -70.74 -6.92 -34.86
CA LEU J 69 -70.30 -8.28 -34.64
C LEU J 69 -71.19 -8.80 -33.48
N LEU J 70 -71.21 -8.19 -32.29
CA LEU J 70 -72.02 -8.54 -31.17
C LEU J 70 -73.48 -8.59 -31.54
N ALA J 71 -74.01 -7.51 -32.16
CA ALA J 71 -75.39 -7.51 -32.62
C ALA J 71 -75.88 -8.76 -33.37
N ARG J 72 -74.99 -9.38 -34.26
CA ARG J 72 -75.31 -10.59 -35.01
C ARG J 72 -75.23 -11.79 -34.04
N TYR J 73 -74.21 -11.85 -33.11
CA TYR J 73 -74.06 -12.93 -32.16
C TYR J 73 -75.28 -13.15 -31.30
N ARG J 74 -75.84 -12.04 -30.80
CA ARG J 74 -77.09 -12.06 -30.16
C ARG J 74 -78.27 -12.68 -30.96
N GLU J 75 -78.33 -12.41 -32.28
CA GLU J 75 -79.45 -12.91 -33.05
C GLU J 75 -79.37 -14.41 -33.27
N ARG J 76 -78.13 -15.00 -33.44
CA ARG J 76 -77.94 -16.38 -33.58
C ARG J 76 -78.19 -17.03 -32.31
N ALA J 77 -77.60 -16.54 -31.19
CA ALA J 77 -77.67 -17.08 -29.84
C ALA J 77 -79.15 -17.38 -29.41
N GLU J 78 -80.01 -16.40 -29.54
CA GLU J 78 -81.39 -16.42 -29.16
C GLU J 78 -82.21 -17.36 -30.01
N ALA J 79 -81.87 -17.41 -31.40
CA ALA J 79 -82.52 -18.27 -32.35
C ALA J 79 -82.11 -19.65 -32.14
N GLU J 80 -80.86 -19.86 -31.61
CA GLU J 80 -80.32 -21.22 -31.29
C GLU J 80 -80.65 -21.64 -29.88
N ALA J 81 -81.06 -20.68 -29.03
CA ALA J 81 -81.66 -20.91 -27.73
C ALA J 81 -83.04 -21.46 -27.96
N LYS J 82 -83.85 -20.83 -28.83
CA LYS J 82 -85.12 -21.35 -29.30
C LYS J 82 -84.99 -22.69 -29.92
N ALA J 83 -83.89 -23.02 -30.59
CA ALA J 83 -83.74 -24.29 -31.28
C ALA J 83 -83.43 -25.40 -30.31
N VAL J 84 -83.00 -25.06 -29.07
CA VAL J 84 -82.82 -26.06 -28.02
C VAL J 84 -84.11 -26.21 -27.24
N ARG J 85 -84.94 -25.15 -27.21
CA ARG J 85 -86.35 -25.29 -26.67
C ARG J 85 -87.31 -26.10 -27.48
N GLU J 86 -87.44 -25.81 -28.72
CA GLU J 86 -88.35 -26.39 -29.65
C GLU J 86 -88.02 -27.84 -29.94
N LYS J 87 -86.72 -28.30 -30.01
CA LYS J 87 -86.22 -29.64 -30.11
C LYS J 87 -86.67 -30.46 -28.87
N ALA J 88 -86.54 -29.90 -27.64
CA ALA J 88 -86.93 -30.60 -26.37
C ALA J 88 -88.39 -30.88 -26.17
N MET J 89 -89.28 -29.92 -26.49
CA MET J 89 -90.62 -29.84 -26.00
C MET J 89 -91.47 -30.84 -26.68
N ALA J 90 -90.93 -31.45 -27.75
CA ALA J 90 -91.59 -32.49 -28.52
C ALA J 90 -91.10 -33.80 -27.87
N ARG J 91 -89.82 -33.96 -27.55
CA ARG J 91 -89.15 -35.15 -26.98
C ARG J 91 -89.09 -34.91 -25.50
N LEU J 92 -90.23 -34.65 -24.83
CA LEU J 92 -90.37 -34.09 -23.47
C LEU J 92 -90.96 -35.14 -22.57
N ASP J 93 -92.08 -35.76 -23.04
CA ASP J 93 -92.74 -36.93 -22.41
C ASP J 93 -91.75 -38.12 -22.29
N GLU J 94 -90.90 -38.24 -23.33
CA GLU J 94 -89.89 -39.32 -23.39
C GLU J 94 -88.83 -39.26 -22.31
N ALA J 95 -88.39 -38.01 -21.93
CA ALA J 95 -87.45 -37.74 -20.89
C ALA J 95 -87.99 -38.09 -19.54
N VAL J 96 -89.26 -37.54 -19.22
CA VAL J 96 -90.02 -37.77 -18.03
C VAL J 96 -90.18 -39.26 -17.80
N ALA J 97 -90.54 -40.03 -18.92
CA ALA J 97 -90.62 -41.48 -18.93
C ALA J 97 -89.34 -42.18 -18.45
N LEU J 98 -88.19 -41.80 -19.01
CA LEU J 98 -86.87 -42.31 -18.65
C LEU J 98 -86.46 -41.99 -17.19
N VAL J 99 -86.88 -40.81 -16.69
CA VAL J 99 -86.64 -40.39 -15.35
C VAL J 99 -87.45 -41.16 -14.41
N LEU J 100 -88.81 -41.18 -14.56
CA LEU J 100 -89.80 -41.86 -13.72
C LEU J 100 -89.44 -43.28 -13.42
N LYS J 101 -89.16 -43.96 -14.55
CA LYS J 101 -88.78 -45.36 -14.69
C LYS J 101 -87.55 -45.77 -13.90
N GLU J 102 -86.69 -44.84 -13.53
CA GLU J 102 -85.42 -45.04 -12.79
C GLU J 102 -85.46 -44.46 -11.33
N VAL J 103 -86.61 -43.78 -10.91
CA VAL J 103 -86.81 -43.36 -9.55
C VAL J 103 -87.62 -44.37 -8.78
N LEU J 104 -88.64 -45.01 -9.39
CA LEU J 104 -89.57 -45.80 -8.71
C LEU J 104 -89.11 -47.29 -8.51
N PRO J 105 -88.03 -47.87 -9.01
CA PRO J 105 -87.49 -49.06 -8.36
C PRO J 105 -86.76 -48.74 -7.13
N SER K 1 -17.96 -22.67 24.75
CA SER K 1 -17.10 -21.43 24.49
C SER K 1 -18.01 -20.41 23.84
N GLN K 2 -17.83 -20.15 22.53
CA GLN K 2 -18.67 -19.22 21.81
C GLN K 2 -18.90 -19.94 20.52
N VAL K 3 -20.20 -20.08 20.11
CA VAL K 3 -20.67 -20.79 18.99
C VAL K 3 -21.87 -20.08 18.48
N SER K 4 -22.04 -20.01 17.13
CA SER K 4 -23.06 -19.29 16.44
C SER K 4 -24.35 -20.07 16.48
N PRO K 5 -25.49 -19.51 16.13
CA PRO K 5 -26.79 -20.14 16.05
C PRO K 5 -26.77 -21.30 15.06
N THR K 6 -27.82 -22.23 14.91
CA THR K 6 -27.75 -23.24 13.88
C THR K 6 -28.98 -23.33 13.00
N ARG K 7 -30.00 -22.40 13.17
CA ARG K 7 -31.12 -22.37 12.18
C ARG K 7 -31.40 -20.97 11.69
N MET K 8 -30.98 -19.96 12.52
CA MET K 8 -30.98 -18.58 12.09
C MET K 8 -29.96 -18.41 11.01
N ASN K 9 -28.79 -18.94 11.31
CA ASN K 9 -27.52 -18.89 10.61
C ASN K 9 -27.52 -19.78 9.32
N LEU K 10 -28.33 -20.87 9.35
CA LEU K 10 -28.63 -21.75 8.21
C LEU K 10 -28.82 -20.90 6.92
N LEU K 11 -29.66 -19.79 7.02
CA LEU K 11 -30.05 -18.94 5.95
C LEU K 11 -28.89 -18.11 5.40
N GLN K 12 -27.98 -17.67 6.26
CA GLN K 12 -26.81 -16.89 5.96
C GLN K 12 -25.74 -17.77 5.28
N ARG K 13 -25.36 -18.98 5.75
CA ARG K 13 -24.42 -19.96 5.16
C ARG K 13 -24.81 -20.55 3.85
N ARG K 14 -26.13 -20.43 3.41
CA ARG K 14 -26.49 -20.82 2.06
C ARG K 14 -26.14 -19.64 1.18
N GLY K 15 -26.39 -18.44 1.75
CA GLY K 15 -26.07 -17.23 1.04
C GLY K 15 -24.62 -16.87 0.97
N GLN K 16 -23.80 -17.68 1.74
CA GLN K 16 -22.42 -17.56 1.79
C GLN K 16 -21.87 -17.95 0.48
N LEU K 17 -22.30 -19.09 0.04
CA LEU K 17 -22.06 -19.62 -1.25
C LEU K 17 -22.45 -18.70 -2.40
N ARG K 18 -23.68 -18.09 -2.46
CA ARG K 18 -24.09 -17.23 -3.56
C ARG K 18 -23.06 -16.10 -3.73
N LEU K 19 -22.65 -15.39 -2.59
CA LEU K 19 -21.68 -14.37 -2.58
C LEU K 19 -20.34 -14.97 -2.96
N ALA K 20 -19.85 -16.07 -2.26
CA ALA K 20 -18.58 -16.67 -2.51
C ALA K 20 -18.39 -17.27 -3.92
N GLN K 21 -18.99 -18.47 -4.30
CA GLN K 21 -18.97 -19.12 -5.54
C GLN K 21 -19.05 -18.11 -6.79
N LYS K 22 -19.96 -17.12 -6.79
CA LYS K 22 -20.11 -16.20 -7.90
C LYS K 22 -18.99 -15.16 -7.87
N GLY K 23 -18.72 -14.74 -6.61
CA GLY K 23 -17.72 -13.72 -6.28
C GLY K 23 -16.36 -13.96 -6.85
N VAL K 24 -15.87 -15.20 -6.63
CA VAL K 24 -14.54 -15.62 -7.10
C VAL K 24 -14.41 -15.90 -8.60
N ASP K 25 -15.65 -16.17 -9.28
CA ASP K 25 -15.76 -16.23 -10.73
C ASP K 25 -15.20 -15.06 -11.42
N LEU K 26 -15.55 -13.86 -10.94
CA LEU K 26 -15.22 -12.69 -11.70
C LEU K 26 -13.86 -12.19 -11.26
N LEU K 27 -13.44 -12.50 -9.99
CA LEU K 27 -12.11 -12.17 -9.41
C LEU K 27 -10.94 -12.54 -10.29
N LYS K 28 -11.16 -13.59 -11.15
CA LYS K 28 -10.10 -14.20 -11.99
C LYS K 28 -9.65 -13.35 -13.16
N LYS K 29 -10.64 -12.95 -14.06
CA LYS K 29 -10.26 -12.24 -15.23
C LYS K 29 -10.20 -10.69 -14.85
N LYS K 30 -10.42 -10.31 -13.60
CA LYS K 30 -10.27 -8.99 -13.18
C LYS K 30 -8.89 -8.56 -13.14
N ARG K 31 -8.06 -9.23 -12.38
CA ARG K 31 -6.68 -8.78 -12.10
C ARG K 31 -5.79 -8.95 -13.28
N ASP K 32 -6.11 -9.98 -14.06
CA ASP K 32 -5.59 -10.32 -15.40
C ASP K 32 -5.57 -9.18 -16.37
N ALA K 33 -6.60 -8.20 -16.30
CA ALA K 33 -6.57 -7.08 -17.20
C ALA K 33 -5.40 -6.17 -16.96
N LEU K 34 -5.22 -5.69 -15.71
CA LEU K 34 -4.20 -4.74 -15.27
C LEU K 34 -2.81 -5.32 -15.50
N VAL K 35 -2.66 -6.70 -15.29
CA VAL K 35 -1.35 -7.31 -15.33
C VAL K 35 -0.99 -7.54 -16.83
N ALA K 36 -2.04 -7.79 -17.68
CA ALA K 36 -1.99 -7.92 -19.11
C ALA K 36 -1.41 -6.71 -19.81
N GLU K 37 -1.99 -5.49 -19.43
CA GLU K 37 -1.54 -4.22 -20.04
C GLU K 37 -0.19 -3.82 -19.45
N PHE K 38 0.07 -4.16 -18.13
CA PHE K 38 1.37 -3.88 -17.57
C PHE K 38 2.56 -4.30 -18.33
N PHE K 39 2.43 -5.52 -18.91
CA PHE K 39 3.55 -6.04 -19.64
C PHE K 39 4.05 -5.17 -20.70
N GLY K 40 3.08 -4.55 -21.47
CA GLY K 40 3.33 -3.61 -22.53
C GLY K 40 4.26 -2.48 -22.27
N LEU K 41 4.19 -1.93 -20.97
CA LEU K 41 4.90 -0.75 -20.48
C LEU K 41 6.26 -1.22 -20.10
N VAL K 42 6.39 -2.50 -19.59
CA VAL K 42 7.73 -3.00 -19.25
C VAL K 42 8.66 -3.18 -20.48
N ARG K 43 8.17 -3.83 -21.54
CA ARG K 43 8.86 -4.06 -22.83
C ARG K 43 9.29 -2.71 -23.44
N GLU K 44 8.23 -1.85 -23.64
CA GLU K 44 8.27 -0.57 -24.33
C GLU K 44 9.16 0.44 -23.72
N ALA K 45 9.37 0.29 -22.34
CA ALA K 45 10.27 1.06 -21.48
C ALA K 45 11.63 1.21 -21.98
N MET K 46 12.26 0.10 -22.43
CA MET K 46 13.69 0.07 -22.78
C MET K 46 13.97 0.60 -24.16
N GLU K 47 12.89 0.87 -24.88
CA GLU K 47 12.98 1.45 -26.20
C GLU K 47 13.86 2.66 -26.42
N ALA K 48 13.60 3.78 -25.68
CA ALA K 48 14.35 5.01 -25.73
C ALA K 48 15.60 4.88 -24.93
N ARG K 49 15.47 4.15 -23.79
CA ARG K 49 16.48 3.91 -22.79
C ARG K 49 17.83 3.51 -23.43
N LYS K 50 17.78 2.38 -24.25
CA LYS K 50 18.97 1.78 -24.79
C LYS K 50 19.67 2.66 -25.71
N ALA K 51 18.86 3.36 -26.46
CA ALA K 51 19.23 4.36 -27.42
C ALA K 51 20.00 5.48 -26.76
N LEU K 52 19.42 6.11 -25.69
CA LEU K 52 19.92 7.35 -25.17
C LEU K 52 20.95 7.13 -24.06
N ASP K 53 21.10 5.93 -23.57
CA ASP K 53 22.08 5.59 -22.55
C ASP K 53 23.49 5.71 -23.02
N GLN K 54 23.77 5.23 -24.27
CA GLN K 54 25.16 5.11 -24.65
C GLN K 54 25.67 6.43 -25.10
N ALA K 55 24.83 7.39 -25.59
CA ALA K 55 25.25 8.73 -25.94
C ALA K 55 25.20 9.69 -24.78
N ALA K 56 24.55 9.26 -23.68
CA ALA K 56 24.63 10.04 -22.42
C ALA K 56 25.99 10.03 -21.78
N LYS K 57 26.60 8.83 -21.60
CA LYS K 57 27.83 8.56 -20.86
C LYS K 57 29.00 9.09 -21.71
N GLU K 58 28.82 9.03 -23.10
CA GLU K 58 29.77 9.30 -24.20
C GLU K 58 30.79 10.45 -23.92
N ALA K 59 30.16 11.58 -23.58
CA ALA K 59 30.87 12.83 -23.39
C ALA K 59 31.25 12.93 -21.99
N TYR K 60 30.33 12.59 -21.03
CA TYR K 60 30.44 12.53 -19.61
C TYR K 60 31.74 12.04 -19.12
N ALA K 61 32.14 10.82 -19.57
CA ALA K 61 33.17 10.05 -18.99
C ALA K 61 34.48 10.50 -19.49
N ALA K 62 34.51 11.25 -20.61
CA ALA K 62 35.66 11.76 -21.25
C ALA K 62 35.89 13.20 -20.80
N LEU K 63 35.32 13.59 -19.55
CA LEU K 63 35.66 14.85 -18.96
C LEU K 63 35.60 14.81 -17.45
N LEU K 64 36.70 15.36 -16.73
CA LEU K 64 36.67 15.28 -15.28
C LEU K 64 37.89 16.23 -14.99
N LEU K 65 39.04 15.92 -15.60
CA LEU K 65 40.35 16.57 -15.16
C LEU K 65 40.43 18.00 -15.76
N ALA K 66 39.97 18.29 -16.95
CA ALA K 66 39.95 19.63 -17.52
C ALA K 66 39.11 20.63 -16.88
N GLN K 67 38.02 20.16 -16.23
CA GLN K 67 37.04 20.89 -15.48
C GLN K 67 37.17 20.54 -14.02
N ALA K 68 36.07 20.29 -13.25
CA ALA K 68 35.98 19.96 -11.86
C ALA K 68 36.07 21.25 -11.03
N PHE K 69 35.61 22.34 -11.58
CA PHE K 69 35.60 23.60 -10.90
C PHE K 69 34.80 24.48 -11.82
N ASP K 70 34.14 23.90 -12.82
CA ASP K 70 33.26 24.53 -13.78
C ASP K 70 31.92 23.95 -13.56
N GLY K 71 31.79 23.24 -12.45
CA GLY K 71 30.46 22.75 -11.90
C GLY K 71 29.80 24.01 -11.48
N PRO K 72 30.43 24.71 -10.58
CA PRO K 72 30.22 26.11 -10.28
C PRO K 72 29.70 26.97 -11.52
N GLU K 73 30.47 26.94 -12.69
CA GLU K 73 30.25 27.79 -13.83
C GLU K 73 28.88 27.53 -14.43
N VAL K 74 28.56 26.25 -14.76
CA VAL K 74 27.26 25.94 -15.34
C VAL K 74 25.99 26.14 -14.51
N VAL K 75 26.21 25.98 -13.19
CA VAL K 75 25.03 26.21 -12.38
C VAL K 75 24.70 27.68 -12.19
N ALA K 76 25.77 28.48 -12.02
CA ALA K 76 25.76 29.96 -11.81
C ALA K 76 25.05 30.62 -13.00
N GLY K 77 25.64 30.46 -14.18
CA GLY K 77 25.26 31.09 -15.42
C GLY K 77 23.93 30.75 -15.91
N ALA K 78 23.48 29.52 -15.59
CA ALA K 78 22.11 29.04 -15.77
C ALA K 78 21.06 29.90 -15.27
N ALA K 79 19.99 30.16 -16.07
CA ALA K 79 18.81 30.94 -15.63
C ALA K 79 17.61 29.96 -15.36
N LEU K 80 17.64 29.25 -14.21
CA LEU K 80 16.66 28.28 -13.73
C LEU K 80 16.79 27.03 -14.58
N GLY K 81 18.00 26.67 -14.98
CA GLY K 81 18.38 25.46 -15.70
C GLY K 81 18.57 24.25 -14.81
N VAL K 82 18.41 24.32 -13.43
CA VAL K 82 18.56 23.14 -12.61
C VAL K 82 17.89 23.53 -11.25
N PRO K 83 16.80 22.83 -10.84
CA PRO K 83 16.04 23.11 -9.58
C PRO K 83 16.66 22.18 -8.56
N PRO K 84 17.36 22.58 -7.46
CA PRO K 84 17.99 21.59 -6.59
C PRO K 84 16.99 21.04 -5.67
N LEU K 85 15.95 21.77 -5.24
CA LEU K 85 15.02 21.18 -4.21
C LEU K 85 13.62 21.28 -4.85
N GLU K 86 12.89 20.14 -4.86
CA GLU K 86 11.52 19.77 -5.32
C GLU K 86 11.25 20.29 -6.73
N GLY K 87 12.10 19.99 -7.73
CA GLY K 87 11.95 20.42 -9.11
C GLY K 87 11.11 19.49 -9.89
N VAL K 88 10.78 18.34 -9.36
CA VAL K 88 10.03 17.33 -10.01
C VAL K 88 8.60 17.67 -10.20
N GLU K 89 8.06 16.91 -11.21
CA GLU K 89 6.69 17.06 -11.54
C GLU K 89 6.02 15.90 -10.96
N ALA K 90 5.48 16.08 -9.74
CA ALA K 90 4.78 15.05 -9.04
C ALA K 90 3.37 14.96 -9.50
N GLU K 91 2.87 13.69 -9.72
CA GLU K 91 1.59 13.35 -10.27
C GLU K 91 0.82 12.55 -9.21
N VAL K 92 -0.52 12.68 -9.09
CA VAL K 92 -1.40 11.98 -8.18
C VAL K 92 -2.00 10.96 -9.06
N GLU K 93 -2.17 9.74 -8.47
CA GLU K 93 -2.63 8.70 -9.34
C GLU K 93 -3.29 7.59 -8.51
N ASN K 94 -4.54 7.38 -8.87
CA ASN K 94 -5.42 6.42 -8.20
C ASN K 94 -5.26 5.10 -8.78
N VAL K 95 -5.10 4.07 -8.01
CA VAL K 95 -4.85 2.73 -8.48
C VAL K 95 -5.31 1.88 -7.41
N TRP K 96 -5.31 0.58 -7.61
CA TRP K 96 -5.67 -0.46 -6.71
C TRP K 96 -4.46 -0.49 -5.66
N GLY K 97 -4.68 -0.03 -4.41
CA GLY K 97 -3.86 0.12 -3.28
C GLY K 97 -3.82 1.65 -2.97
N SER K 98 -4.95 2.32 -3.22
CA SER K 98 -5.23 3.71 -3.06
C SER K 98 -4.35 4.73 -3.84
N LYS K 99 -4.33 6.05 -3.38
CA LYS K 99 -3.56 7.13 -3.98
C LYS K 99 -2.10 6.87 -3.68
N VAL K 100 -1.40 6.57 -4.77
CA VAL K 100 0.01 6.36 -4.78
C VAL K 100 0.45 7.51 -5.61
N PRO K 101 1.54 8.24 -5.29
CA PRO K 101 1.88 9.35 -6.13
C PRO K 101 2.89 8.82 -7.10
N ARG K 102 2.96 9.30 -8.35
CA ARG K 102 3.83 8.91 -9.35
C ARG K 102 4.52 10.19 -9.68
N LEU K 103 5.33 10.27 -10.75
CA LEU K 103 6.01 11.45 -11.04
C LEU K 103 6.93 11.09 -12.10
N LYS K 104 7.30 12.19 -12.84
CA LYS K 104 8.06 12.22 -14.05
C LYS K 104 9.08 13.31 -13.76
N ALA K 105 10.33 13.06 -14.27
CA ALA K 105 11.52 13.83 -14.15
C ALA K 105 11.54 14.89 -15.29
N THR K 106 10.72 15.93 -15.00
CA THR K 106 10.52 16.94 -16.01
C THR K 106 10.89 18.20 -15.17
N PHE K 107 12.03 18.80 -15.63
CA PHE K 107 12.56 19.99 -15.12
C PHE K 107 13.44 20.34 -16.30
N PRO K 108 13.81 21.64 -16.42
CA PRO K 108 14.76 22.14 -17.39
C PRO K 108 16.12 21.61 -17.07
N ASP K 109 16.90 21.17 -18.07
CA ASP K 109 18.10 20.35 -18.01
C ASP K 109 19.17 21.07 -18.82
N GLY K 110 18.84 21.60 -20.02
CA GLY K 110 19.62 22.52 -20.80
C GLY K 110 20.48 21.73 -21.73
N ALA K 111 21.04 22.39 -22.74
CA ALA K 111 21.81 21.65 -23.81
C ALA K 111 22.72 22.75 -24.36
N LEU K 112 24.15 22.53 -24.38
CA LEU K 112 25.18 23.37 -24.91
C LEU K 112 25.21 24.75 -24.31
N LEU K 113 25.20 24.83 -22.98
CA LEU K 113 25.35 26.06 -22.27
C LEU K 113 26.60 26.02 -21.37
N SER K 114 27.49 25.12 -21.66
CA SER K 114 28.69 24.98 -20.80
C SER K 114 29.87 25.58 -21.47
N PRO K 115 30.76 26.31 -20.74
CA PRO K 115 32.02 26.78 -21.38
C PRO K 115 33.07 25.98 -20.65
N VAL K 116 34.37 26.36 -20.96
CA VAL K 116 35.67 25.78 -20.57
C VAL K 116 35.70 24.31 -20.91
N GLY K 117 36.50 23.54 -20.13
CA GLY K 117 36.85 22.16 -20.22
C GLY K 117 37.70 21.96 -21.45
N THR K 118 37.43 20.83 -22.16
CA THR K 118 38.02 20.49 -23.44
C THR K 118 37.08 20.98 -24.44
N PRO K 119 37.45 21.77 -25.40
CA PRO K 119 36.56 22.43 -26.40
C PRO K 119 35.47 21.58 -26.94
N ALA K 120 35.72 20.22 -27.17
CA ALA K 120 34.72 19.44 -27.96
C ALA K 120 33.90 18.69 -27.00
N TYR K 121 34.55 17.99 -25.97
CA TYR K 121 33.97 17.17 -24.94
C TYR K 121 32.96 17.91 -24.07
N THR K 122 33.19 19.19 -23.64
CA THR K 122 32.30 20.08 -22.99
C THR K 122 30.93 20.20 -23.60
N LEU K 123 30.85 20.81 -24.81
CA LEU K 123 29.66 21.00 -25.68
C LEU K 123 28.78 19.80 -25.78
N GLU K 124 29.46 18.68 -25.86
CA GLU K 124 28.93 17.35 -26.09
C GLU K 124 28.25 16.86 -24.92
N ALA K 125 28.87 17.14 -23.80
CA ALA K 125 28.52 16.75 -22.42
C ALA K 125 27.33 17.45 -22.01
N SER K 126 27.29 18.76 -22.34
CA SER K 126 26.09 19.70 -22.07
C SER K 126 24.86 19.24 -22.91
N ARG K 127 25.06 18.76 -24.17
CA ARG K 127 24.03 18.27 -25.11
C ARG K 127 23.45 17.02 -24.51
N ALA K 128 24.27 16.16 -23.84
CA ALA K 128 23.93 14.94 -23.14
C ALA K 128 22.93 15.07 -22.07
N PHE K 129 22.80 16.27 -21.50
CA PHE K 129 21.84 16.52 -20.46
C PHE K 129 20.33 16.15 -20.81
N ARG K 130 19.93 16.34 -22.07
CA ARG K 130 18.64 15.89 -22.65
C ARG K 130 18.44 14.48 -22.41
N ARG K 131 19.52 13.64 -22.53
CA ARG K 131 19.51 12.20 -22.43
C ARG K 131 19.61 11.69 -20.98
N TYR K 132 19.52 12.64 -19.98
CA TYR K 132 19.36 12.32 -18.59
C TYR K 132 17.88 12.47 -18.30
N ALA K 133 17.45 13.76 -18.32
CA ALA K 133 16.09 14.20 -18.10
C ALA K 133 15.10 13.34 -18.78
N GLU K 134 14.94 13.44 -20.08
CA GLU K 134 14.11 12.58 -20.93
C GLU K 134 14.10 11.06 -20.57
N ALA K 135 15.26 10.35 -20.56
CA ALA K 135 15.38 8.93 -20.28
C ALA K 135 14.88 8.50 -18.95
N LEU K 136 15.30 9.24 -17.92
CA LEU K 136 14.76 9.08 -16.56
C LEU K 136 13.28 9.17 -16.39
N ILE K 137 12.57 9.81 -17.29
CA ILE K 137 11.11 9.85 -17.17
C ILE K 137 10.61 8.43 -17.38
N ARG K 138 11.17 7.69 -18.36
CA ARG K 138 10.83 6.33 -18.71
C ARG K 138 10.67 5.36 -17.61
N VAL K 139 11.69 5.42 -16.76
CA VAL K 139 11.83 4.66 -15.56
C VAL K 139 11.06 5.28 -14.53
N ALA K 140 10.64 6.56 -14.64
CA ALA K 140 9.97 7.30 -13.56
C ALA K 140 8.56 6.77 -13.46
N ASN K 141 7.99 6.16 -14.59
CA ASN K 141 6.59 5.78 -14.75
C ASN K 141 6.48 4.28 -14.87
N THR K 142 7.52 3.60 -15.32
CA THR K 142 7.56 2.15 -15.41
C THR K 142 7.98 1.61 -14.06
N GLU K 143 9.05 2.06 -13.38
CA GLU K 143 9.37 1.55 -12.05
C GLU K 143 8.33 1.91 -10.99
N THR K 144 7.49 2.95 -11.17
CA THR K 144 6.61 3.41 -10.16
C THR K 144 5.42 2.52 -10.30
N ARG K 145 5.06 2.08 -11.55
CA ARG K 145 4.03 1.21 -11.88
C ARG K 145 4.30 -0.08 -11.20
N LEU K 146 5.60 -0.46 -11.15
CA LEU K 146 6.13 -1.67 -10.56
C LEU K 146 5.65 -1.70 -9.17
N LYS K 147 5.83 -0.66 -8.37
CA LYS K 147 5.38 -0.58 -6.98
C LYS K 147 3.91 -0.68 -6.81
N LYS K 148 3.04 -0.03 -7.65
CA LYS K 148 1.57 -0.10 -7.66
C LYS K 148 1.09 -1.55 -7.81
N ILE K 149 1.72 -2.27 -8.83
CA ILE K 149 1.46 -3.66 -9.07
C ILE K 149 1.98 -4.50 -7.88
N GLY K 150 2.83 -4.00 -7.00
CA GLY K 150 3.26 -4.67 -5.72
C GLY K 150 2.11 -4.96 -4.84
N GLU K 151 1.34 -3.89 -4.54
CA GLU K 151 0.08 -3.89 -3.81
C GLU K 151 -0.92 -4.97 -4.28
N GLU K 152 -1.29 -4.77 -5.62
CA GLU K 152 -2.11 -5.62 -6.39
C GLU K 152 -1.71 -7.00 -6.06
N ILE K 153 -0.50 -7.49 -6.53
CA ILE K 153 0.15 -8.82 -6.29
C ILE K 153 -0.08 -9.31 -4.84
N LYS K 154 0.37 -8.50 -3.79
CA LYS K 154 0.27 -8.90 -2.34
C LYS K 154 -1.11 -9.23 -1.97
N LYS K 155 -2.13 -8.29 -2.01
CA LYS K 155 -3.52 -8.46 -1.73
C LYS K 155 -4.25 -9.57 -2.42
N THR K 156 -3.90 -9.72 -3.69
CA THR K 156 -4.27 -10.74 -4.64
C THR K 156 -3.82 -12.09 -4.18
N THR K 157 -2.52 -12.38 -4.15
CA THR K 157 -1.84 -13.69 -3.87
C THR K 157 -2.26 -14.16 -2.49
N ARG K 158 -2.44 -13.24 -1.53
CA ARG K 158 -3.00 -13.44 -0.19
C ARG K 158 -4.34 -14.20 -0.26
N ARG K 159 -5.23 -13.75 -1.19
CA ARG K 159 -6.59 -14.29 -1.35
C ARG K 159 -6.60 -15.64 -1.93
N VAL K 160 -5.77 -15.90 -3.00
CA VAL K 160 -5.51 -17.26 -3.60
C VAL K 160 -5.14 -18.30 -2.55
N ASN K 161 -4.09 -18.08 -1.76
CA ASN K 161 -3.58 -18.95 -0.73
C ASN K 161 -4.72 -19.40 0.21
N ALA K 162 -5.34 -18.37 0.87
CA ALA K 162 -6.45 -18.41 1.76
C ALA K 162 -7.60 -19.22 1.25
N LEU K 163 -8.15 -18.79 0.13
CA LEU K 163 -9.18 -19.47 -0.65
C LEU K 163 -9.07 -20.97 -0.83
N GLU K 164 -7.86 -21.39 -1.34
CA GLU K 164 -7.55 -22.72 -1.58
C GLU K 164 -7.27 -23.53 -0.22
N GLN K 165 -7.05 -22.83 0.92
CA GLN K 165 -6.79 -23.45 2.27
C GLN K 165 -7.94 -23.37 3.16
N VAL K 166 -7.99 -22.37 4.08
CA VAL K 166 -9.04 -22.19 5.01
C VAL K 166 -10.40 -21.93 4.40
N VAL K 167 -10.59 -21.03 3.37
CA VAL K 167 -11.90 -20.53 2.87
C VAL K 167 -12.90 -21.54 2.31
N ILE K 168 -12.76 -21.84 1.00
CA ILE K 168 -13.55 -22.73 0.16
C ILE K 168 -13.97 -24.03 0.90
N PRO K 169 -13.07 -24.98 1.29
CA PRO K 169 -13.48 -26.16 1.87
C PRO K 169 -14.04 -26.06 3.21
N GLY K 170 -13.72 -24.96 3.95
CA GLY K 170 -14.15 -24.69 5.24
C GLY K 170 -15.58 -24.30 5.35
N ILE K 171 -16.07 -23.44 4.42
CA ILE K 171 -17.42 -22.99 4.33
C ILE K 171 -18.31 -24.01 3.73
N ARG K 172 -17.68 -24.92 2.98
CA ARG K 172 -18.28 -26.18 2.47
C ARG K 172 -18.70 -27.10 3.60
N ALA K 173 -17.71 -27.74 4.31
CA ALA K 173 -17.71 -28.53 5.47
C ALA K 173 -18.63 -28.06 6.63
N GLN K 174 -18.95 -26.72 6.72
CA GLN K 174 -19.78 -26.12 7.71
C GLN K 174 -21.21 -26.60 7.51
N ILE K 175 -21.75 -26.49 6.24
CA ILE K 175 -23.06 -26.97 5.82
C ILE K 175 -23.36 -28.38 6.30
N ARG K 176 -22.38 -29.29 6.08
CA ARG K 176 -22.41 -30.62 6.39
C ARG K 176 -22.73 -30.86 7.84
N PHE K 177 -21.96 -30.26 8.71
CA PHE K 177 -22.11 -30.28 10.09
C PHE K 177 -23.48 -29.81 10.53
N ILE K 178 -23.92 -28.67 10.02
CA ILE K 178 -25.18 -28.11 10.25
C ILE K 178 -26.27 -29.13 9.94
N GLN K 179 -26.47 -29.42 8.69
CA GLN K 179 -27.33 -30.42 8.00
C GLN K 179 -27.51 -31.69 8.83
N GLN K 180 -26.47 -32.57 8.87
CA GLN K 180 -26.37 -33.77 9.67
C GLN K 180 -26.80 -33.77 11.15
N VAL K 181 -26.62 -32.67 11.90
CA VAL K 181 -27.06 -32.56 13.29
C VAL K 181 -28.55 -32.19 13.36
N LEU K 182 -29.06 -31.22 12.52
CA LEU K 182 -30.48 -30.95 12.44
C LEU K 182 -31.29 -32.16 11.97
N GLU K 183 -30.81 -32.93 10.99
CA GLU K 183 -31.35 -34.11 10.44
C GLU K 183 -31.42 -35.20 11.49
N GLN K 184 -30.30 -35.32 12.27
CA GLN K 184 -30.15 -36.28 13.28
C GLN K 184 -31.14 -36.14 14.46
N ARG K 185 -31.45 -34.87 14.88
CA ARG K 185 -32.55 -34.56 15.72
C ARG K 185 -33.90 -35.23 15.45
N GLU K 186 -34.19 -35.53 14.20
CA GLU K 186 -35.41 -36.03 13.65
C GLU K 186 -35.33 -37.53 13.69
N ARG K 187 -34.29 -38.06 14.25
CA ARG K 187 -34.28 -39.51 14.67
C ARG K 187 -35.24 -39.78 15.88
N GLU K 188 -35.01 -38.99 16.93
CA GLU K 188 -35.73 -38.83 18.17
C GLU K 188 -37.21 -38.50 17.93
N ASP K 189 -37.48 -37.65 16.92
CA ASP K 189 -38.82 -37.38 16.45
C ASP K 189 -39.59 -38.61 16.10
N THR K 190 -38.99 -39.47 15.19
CA THR K 190 -39.62 -40.64 14.66
C THR K 190 -39.84 -41.70 15.74
N PHE K 191 -38.83 -42.04 16.54
CA PHE K 191 -38.91 -43.02 17.59
C PHE K 191 -39.91 -42.64 18.59
N ARG K 192 -40.02 -41.34 18.94
CA ARG K 192 -41.07 -40.89 19.86
C ARG K 192 -42.34 -41.04 19.10
N LEU K 193 -42.50 -40.53 17.81
CA LEU K 193 -43.72 -40.45 17.02
C LEU K 193 -44.33 -41.81 16.93
N LYS K 194 -43.45 -42.83 16.68
CA LYS K 194 -43.84 -44.20 16.74
C LYS K 194 -44.56 -44.59 17.95
N ARG K 195 -43.94 -44.36 19.14
CA ARG K 195 -44.34 -44.61 20.48
C ARG K 195 -45.65 -43.86 20.83
N ILE K 196 -45.84 -42.62 20.33
CA ILE K 196 -47.09 -41.81 20.42
C ILE K 196 -48.22 -42.54 19.74
N LYS K 197 -47.95 -43.08 18.53
CA LYS K 197 -48.90 -43.91 17.82
C LYS K 197 -49.27 -45.15 18.52
N GLY K 198 -48.28 -45.89 19.10
CA GLY K 198 -48.42 -47.07 19.95
C GLY K 198 -49.41 -46.83 21.12
N LYS K 199 -49.38 -45.67 21.69
CA LYS K 199 -50.27 -45.25 22.76
C LYS K 199 -51.72 -45.14 22.15
N ILE K 200 -51.97 -44.34 21.09
CA ILE K 200 -53.23 -44.28 20.36
C ILE K 200 -53.76 -45.62 19.95
N GLU K 201 -52.93 -46.57 19.50
CA GLU K 201 -53.49 -47.86 19.07
C GLU K 201 -53.80 -48.76 20.26
N ALA K 202 -52.90 -48.76 21.30
CA ALA K 202 -53.03 -49.50 22.62
C ALA K 202 -54.27 -49.10 23.37
N ARG K 203 -54.57 -47.81 23.41
CA ARG K 203 -55.68 -47.28 24.15
C ARG K 203 -56.93 -47.79 23.53
N GLU K 204 -56.95 -47.95 22.19
CA GLU K 204 -58.14 -48.38 21.49
C GLU K 204 -58.09 -49.90 21.52
N ALA K 205 -56.97 -50.57 22.10
CA ALA K 205 -56.85 -52.04 22.12
C ALA K 205 -57.14 -52.50 23.54
N GLU K 206 -57.57 -51.40 24.35
CA GLU K 206 -58.01 -51.55 25.77
C GLU K 206 -59.46 -51.16 25.66
N GLU K 207 -60.04 -51.46 24.48
CA GLU K 207 -61.40 -51.25 24.11
C GLU K 207 -61.70 -52.40 23.20
N GLU K 208 -60.61 -53.09 22.68
CA GLU K 208 -60.76 -54.19 21.70
C GLU K 208 -59.75 -55.27 22.01
N GLY K 209 -59.40 -55.51 23.29
CA GLY K 209 -58.53 -56.64 23.62
C GLY K 209 -58.26 -56.61 25.00
N GLY K 210 -58.92 -55.70 25.78
CA GLY K 210 -58.82 -55.61 27.15
C GLY K 210 -59.56 -54.41 27.65
N MET L 1 18.75 18.03 -7.10
CA MET L 1 18.98 16.57 -7.11
C MET L 1 20.09 16.18 -6.26
N ALA L 2 20.51 14.87 -6.38
CA ALA L 2 21.47 14.13 -5.62
C ALA L 2 21.70 12.83 -6.42
N VAL L 3 22.57 12.85 -7.40
CA VAL L 3 22.92 11.76 -8.22
C VAL L 3 24.40 11.77 -8.25
N ILE L 4 24.87 10.54 -8.11
CA ILE L 4 26.21 10.18 -7.82
C ILE L 4 26.53 8.86 -8.50
N ALA L 5 27.75 8.61 -8.87
CA ALA L 5 28.13 7.37 -9.52
C ALA L 5 29.61 7.10 -9.39
N ASP L 6 30.37 7.27 -10.45
CA ASP L 6 31.81 7.10 -10.52
C ASP L 6 32.25 8.53 -10.55
N PRO L 7 33.52 8.87 -10.46
CA PRO L 7 33.94 10.24 -10.55
C PRO L 7 33.69 11.06 -11.84
N GLU L 8 34.03 10.45 -12.94
CA GLU L 8 34.00 11.00 -14.31
C GLU L 8 32.62 11.32 -14.75
N THR L 9 31.71 10.55 -14.27
CA THR L 9 30.34 10.60 -14.59
C THR L 9 29.60 11.42 -13.57
N ALA L 10 30.26 11.57 -12.36
CA ALA L 10 29.82 12.44 -11.27
C ALA L 10 30.01 13.83 -11.64
N GLN L 11 31.11 14.23 -12.32
CA GLN L 11 31.38 15.59 -12.91
C GLN L 11 30.20 16.30 -13.48
N GLY L 12 29.43 15.60 -14.37
CA GLY L 12 28.37 16.24 -15.05
C GLY L 12 27.08 16.55 -14.30
N PHE L 13 26.94 16.02 -13.06
CA PHE L 13 25.78 16.28 -12.11
C PHE L 13 26.21 17.55 -11.38
N ARG L 14 27.53 17.82 -11.35
CA ARG L 14 28.09 18.97 -10.75
C ARG L 14 27.72 20.24 -11.52
N LEU L 15 27.57 20.06 -12.90
CA LEU L 15 27.10 21.02 -13.92
C LEU L 15 25.62 21.03 -13.78
N ALA L 16 24.81 21.14 -14.89
CA ALA L 16 23.36 21.23 -14.90
C ALA L 16 22.84 19.99 -15.54
N GLY L 17 21.49 19.75 -15.54
CA GLY L 17 20.90 18.62 -16.07
C GLY L 17 20.48 17.83 -14.88
N LEU L 18 21.43 17.66 -13.94
CA LEU L 18 21.31 17.01 -12.74
C LEU L 18 22.12 17.71 -11.73
N GLU L 19 21.84 17.58 -10.40
CA GLU L 19 22.59 18.24 -9.34
C GLU L 19 23.19 17.02 -8.63
N GLY L 20 24.42 17.25 -7.99
CA GLY L 20 25.10 16.13 -7.34
C GLY L 20 26.50 16.58 -7.05
N TYR L 21 27.18 16.01 -6.06
CA TYR L 21 28.58 16.24 -5.75
C TYR L 21 29.30 14.99 -5.28
N GLY L 22 28.57 13.98 -4.84
CA GLY L 22 29.08 12.72 -4.37
C GLY L 22 29.74 11.88 -5.45
N ALA L 23 29.98 10.62 -5.14
CA ALA L 23 30.42 9.49 -6.01
C ALA L 23 30.26 8.34 -5.02
N SER L 24 31.15 7.31 -5.24
CA SER L 24 31.05 6.12 -4.36
C SER L 24 31.64 6.31 -2.99
N SER L 25 31.17 5.59 -2.05
CA SER L 25 31.72 5.77 -0.74
C SER L 25 31.58 4.45 -0.02
N ALA L 26 30.70 3.50 -0.55
CA ALA L 26 30.43 2.23 0.05
C ALA L 26 30.16 1.31 -1.11
N GLU L 27 29.47 0.23 -0.72
CA GLU L 27 28.83 -0.71 -1.62
C GLU L 27 27.69 -0.23 -2.42
N GLU L 28 26.83 0.53 -1.75
CA GLU L 28 25.71 1.14 -2.47
C GLU L 28 25.74 2.62 -2.12
N ALA L 29 26.85 3.06 -1.46
CA ALA L 29 27.07 4.43 -1.18
C ALA L 29 26.21 4.75 -0.05
N GLN L 30 26.13 3.86 0.99
CA GLN L 30 25.22 4.05 2.11
C GLN L 30 25.49 5.39 2.84
N SER L 31 26.76 5.77 3.13
CA SER L 31 27.26 7.00 3.82
C SER L 31 26.47 8.17 3.35
N LEU L 32 26.18 8.27 2.04
CA LEU L 32 25.54 9.38 1.58
C LEU L 32 24.00 9.14 1.52
N LEU L 33 23.58 8.09 0.73
CA LEU L 33 22.28 7.59 0.47
C LEU L 33 21.26 7.71 1.53
N GLU L 34 21.54 7.08 2.72
CA GLU L 34 20.61 7.09 3.80
C GLU L 34 20.42 8.41 4.40
N THR L 35 21.53 9.01 4.88
CA THR L 35 21.60 10.34 5.46
C THR L 35 20.89 11.41 4.71
N LEU L 36 21.23 11.61 3.40
CA LEU L 36 20.53 12.40 2.46
C LEU L 36 19.04 12.19 2.31
N VAL L 37 18.53 10.96 2.06
CA VAL L 37 17.20 10.80 1.79
C VAL L 37 16.36 10.98 3.00
N GLU L 38 16.95 10.88 4.20
CA GLU L 38 16.16 11.17 5.37
C GLU L 38 15.28 12.42 5.43
N ARG L 39 15.86 13.47 4.83
CA ARG L 39 15.20 14.80 4.65
C ARG L 39 14.26 14.74 3.49
N GLY L 40 14.75 14.24 2.27
CA GLY L 40 14.07 13.85 1.06
C GLY L 40 13.56 15.00 0.21
N GLY L 41 14.08 16.17 0.52
CA GLY L 41 13.69 17.43 0.00
C GLY L 41 14.28 17.75 -1.35
N TYR L 42 15.14 16.84 -1.90
CA TYR L 42 15.84 16.92 -3.10
C TYR L 42 14.94 16.64 -4.27
N ALA L 43 15.26 17.25 -5.43
CA ALA L 43 14.40 17.24 -6.63
C ALA L 43 14.46 15.82 -7.14
N LEU L 44 15.54 15.04 -7.00
CA LEU L 44 15.59 13.66 -7.38
C LEU L 44 16.73 12.89 -6.76
N VAL L 45 16.46 11.65 -6.49
CA VAL L 45 17.44 10.77 -5.85
C VAL L 45 17.45 9.68 -6.78
N ALA L 46 18.65 9.42 -7.35
CA ALA L 46 18.91 8.35 -8.35
C ALA L 46 20.20 7.74 -8.13
N VAL L 47 20.12 6.40 -7.96
CA VAL L 47 21.30 5.66 -7.62
C VAL L 47 21.43 4.75 -8.78
N ASP L 48 22.59 4.86 -9.43
CA ASP L 48 22.97 4.24 -10.63
C ASP L 48 23.46 2.86 -10.38
N GLU L 49 23.57 1.97 -11.38
CA GLU L 49 24.06 0.66 -11.25
C GLU L 49 25.56 0.59 -11.29
N ALA L 50 26.22 1.78 -11.13
CA ALA L 50 27.65 2.01 -11.03
C ALA L 50 27.99 1.74 -9.60
N LEU L 51 26.96 1.90 -8.67
CA LEU L 51 27.10 1.55 -7.19
C LEU L 51 26.50 0.23 -7.10
N LEU L 52 25.21 0.02 -7.57
CA LEU L 52 24.45 -1.23 -7.57
C LEU L 52 23.76 -1.55 -6.29
N PRO L 53 22.52 -1.14 -6.10
CA PRO L 53 21.91 -1.46 -4.85
C PRO L 53 21.24 -2.76 -5.02
N ASP L 54 21.94 -3.75 -4.53
CA ASP L 54 21.39 -5.08 -4.34
C ASP L 54 20.17 -5.08 -3.38
N PRO L 55 20.26 -4.34 -2.22
CA PRO L 55 19.06 -4.28 -1.35
C PRO L 55 18.42 -2.98 -1.56
N GLU L 56 17.54 -3.00 -2.58
CA GLU L 56 16.73 -1.87 -2.72
C GLU L 56 15.63 -1.75 -1.64
N ARG L 57 15.38 -2.91 -0.98
CA ARG L 57 14.66 -3.17 0.18
C ARG L 57 15.09 -2.42 1.38
N ALA L 58 16.37 -2.00 1.57
CA ALA L 58 16.81 -1.23 2.74
C ALA L 58 16.14 0.13 2.89
N VAL L 59 16.23 0.90 1.76
CA VAL L 59 15.48 2.14 1.56
C VAL L 59 14.02 1.95 1.69
N GLU L 60 13.38 0.90 1.13
CA GLU L 60 11.87 0.79 1.25
C GLU L 60 11.37 0.41 2.55
N ARG L 61 12.11 -0.37 3.29
CA ARG L 61 11.80 -0.84 4.60
C ARG L 61 11.91 0.23 5.64
N LEU L 62 12.69 1.22 5.31
CA LEU L 62 12.98 2.32 6.21
C LEU L 62 12.12 3.53 5.93
N MET L 63 11.89 3.80 4.65
CA MET L 63 11.06 4.88 4.23
C MET L 63 9.61 4.65 4.56
N ARG L 64 9.08 3.46 4.34
CA ARG L 64 7.84 2.89 4.62
C ARG L 64 6.76 3.67 3.78
N GLY L 65 7.15 3.83 2.44
CA GLY L 65 6.27 4.37 1.50
C GLY L 65 6.72 5.73 1.15
N ARG L 66 7.03 5.96 -0.18
CA ARG L 66 7.37 7.13 -0.81
C ARG L 66 7.88 6.71 -2.12
N ASP L 67 7.24 7.16 -3.23
CA ASP L 67 7.66 7.05 -4.63
C ASP L 67 8.32 8.31 -5.03
N LEU L 68 8.12 9.40 -4.21
CA LEU L 68 8.76 10.77 -4.43
C LEU L 68 10.22 10.57 -4.06
N PRO L 69 11.11 11.18 -4.86
CA PRO L 69 12.58 10.99 -4.72
C PRO L 69 13.18 9.79 -4.06
N VAL L 70 13.26 8.67 -4.86
CA VAL L 70 13.83 7.37 -4.46
C VAL L 70 14.46 6.83 -5.59
N LEU L 71 15.61 6.20 -5.41
CA LEU L 71 16.45 5.66 -6.52
C LEU L 71 15.74 5.06 -7.69
N LEU L 72 16.36 5.27 -8.85
CA LEU L 72 15.95 4.79 -10.18
C LEU L 72 17.20 4.17 -10.68
N PRO L 73 17.29 2.84 -10.96
CA PRO L 73 18.52 2.27 -11.49
C PRO L 73 18.66 2.70 -12.95
N ILE L 74 19.89 3.14 -13.41
CA ILE L 74 20.14 3.48 -14.77
C ILE L 74 21.26 2.67 -15.32
N ALA L 75 22.50 3.03 -14.93
CA ALA L 75 23.64 2.44 -15.54
C ALA L 75 24.82 3.01 -14.87
N GLY L 76 25.23 4.25 -15.20
CA GLY L 76 26.31 5.10 -14.67
C GLY L 76 27.74 4.78 -15.06
N LEU L 77 27.85 3.82 -15.91
CA LEU L 77 29.19 3.51 -16.36
C LEU L 77 29.02 2.95 -17.71
N LYS L 78 30.08 3.07 -18.59
CA LYS L 78 30.01 2.76 -20.01
C LYS L 78 30.81 1.59 -20.29
N GLU L 79 30.16 0.56 -20.88
CA GLU L 79 30.83 -0.51 -21.43
C GLU L 79 29.95 -0.89 -22.58
N ALA L 80 29.25 0.12 -23.28
CA ALA L 80 28.26 -0.01 -24.38
C ALA L 80 26.99 -0.42 -23.77
N PHE L 81 26.78 0.15 -22.54
CA PHE L 81 25.75 -0.18 -21.57
C PHE L 81 24.46 0.15 -22.08
N GLN L 82 23.72 -0.96 -22.30
CA GLN L 82 22.35 -0.98 -22.79
C GLN L 82 21.76 -2.32 -22.38
N GLY L 83 22.43 -2.89 -21.34
CA GLY L 83 22.07 -4.16 -20.75
C GLY L 83 20.88 -4.15 -19.76
N HIS L 84 20.17 -2.93 -19.53
CA HIS L 84 19.10 -2.79 -18.60
C HIS L 84 17.84 -3.24 -19.28
N ASP L 85 17.95 -3.92 -20.44
CA ASP L 85 16.86 -4.59 -21.13
C ASP L 85 16.71 -5.97 -20.56
N VAL L 86 17.72 -6.84 -20.90
CA VAL L 86 17.81 -8.15 -20.33
C VAL L 86 17.84 -8.28 -18.80
N GLU L 87 18.22 -7.16 -18.19
CA GLU L 87 18.16 -7.15 -16.67
C GLU L 87 16.75 -6.80 -16.18
N GLY L 88 16.16 -5.69 -16.60
CA GLY L 88 14.78 -5.32 -16.18
C GLY L 88 13.73 -6.29 -16.51
N TYR L 89 13.82 -7.05 -17.62
CA TYR L 89 12.87 -8.04 -17.95
C TYR L 89 12.87 -9.09 -16.88
N MET L 90 14.03 -9.62 -16.44
CA MET L 90 14.08 -10.65 -15.52
C MET L 90 13.79 -10.13 -14.11
N ARG L 91 14.03 -8.82 -13.81
CA ARG L 91 13.86 -8.21 -12.47
C ARG L 91 12.37 -8.03 -12.19
N GLU L 92 11.56 -7.89 -13.28
CA GLU L 92 10.14 -7.70 -13.03
C GLU L 92 9.37 -9.03 -12.84
N LEU L 93 9.52 -10.00 -13.83
CA LEU L 93 8.74 -11.25 -13.93
C LEU L 93 8.98 -12.14 -12.74
N VAL L 94 10.20 -11.98 -12.10
CA VAL L 94 10.58 -12.99 -11.06
C VAL L 94 9.87 -12.82 -9.77
N ARG L 95 9.69 -11.53 -9.31
CA ARG L 95 9.13 -11.30 -8.04
C ARG L 95 7.75 -10.83 -8.14
N LYS L 96 7.26 -10.31 -9.25
CA LYS L 96 5.96 -9.78 -9.48
C LYS L 96 5.50 -10.50 -10.75
N THR L 97 4.32 -11.11 -10.65
CA THR L 97 3.71 -12.03 -11.61
C THR L 97 4.47 -13.31 -11.78
N ILE L 98 4.23 -14.04 -12.87
CA ILE L 98 4.81 -15.37 -13.12
C ILE L 98 6.17 -15.28 -13.64
N GLY L 99 7.09 -16.21 -13.21
CA GLY L 99 8.48 -16.20 -13.66
C GLY L 99 8.64 -16.30 -15.21
N PHE L 100 9.91 -16.11 -15.68
CA PHE L 100 10.18 -16.25 -17.08
C PHE L 100 10.24 -17.74 -17.36
N ASP M 3 63.89 45.10 -20.22
CA ASP M 3 63.44 44.48 -21.47
C ASP M 3 64.00 43.02 -21.36
N ASP M 4 63.94 42.34 -22.52
CA ASP M 4 65.09 41.53 -23.00
C ASP M 4 64.66 40.05 -23.15
N PHE M 5 64.69 39.43 -24.42
CA PHE M 5 64.20 38.11 -24.63
C PHE M 5 65.25 37.10 -24.80
N ALA M 6 66.58 37.55 -24.81
CA ALA M 6 67.72 36.74 -25.23
C ALA M 6 67.85 35.53 -24.34
N TYR M 7 68.00 35.70 -23.02
CA TYR M 7 68.16 34.70 -22.05
C TYR M 7 66.87 33.81 -21.98
N LEU M 8 65.64 34.41 -21.91
CA LEU M 8 64.36 33.89 -21.85
C LEU M 8 64.15 32.86 -22.98
N ASN M 9 64.48 33.32 -24.29
CA ASN M 9 64.39 32.57 -25.58
C ASN M 9 65.34 31.40 -25.50
N ALA M 10 66.56 31.62 -24.97
CA ALA M 10 67.51 30.55 -24.83
C ALA M 10 67.11 29.44 -23.89
N ARG M 11 66.40 29.76 -22.73
CA ARG M 11 65.94 28.86 -21.78
C ARG M 11 64.85 28.14 -22.39
N VAL M 12 63.94 28.77 -23.20
CA VAL M 12 62.78 28.21 -23.79
C VAL M 12 63.15 27.20 -24.88
N ARG M 13 64.24 27.44 -25.69
CA ARG M 13 64.73 26.46 -26.60
C ARG M 13 65.21 25.16 -25.96
N VAL M 14 65.92 25.14 -24.84
CA VAL M 14 66.45 24.03 -24.11
C VAL M 14 65.26 23.16 -23.63
N ARG M 15 64.22 23.78 -23.09
CA ARG M 15 62.91 23.22 -22.71
C ARG M 15 62.12 22.55 -23.80
N ARG M 16 62.36 22.93 -25.09
CA ARG M 16 61.84 22.24 -26.24
C ARG M 16 62.39 20.84 -26.47
N GLY M 17 63.50 20.58 -25.88
CA GLY M 17 64.21 19.39 -26.02
C GLY M 17 63.43 18.25 -25.36
N THR M 18 62.47 18.63 -24.45
CA THR M 18 61.65 17.80 -23.64
C THR M 18 60.17 17.92 -23.94
N LEU M 19 59.81 18.57 -25.06
CA LEU M 19 58.42 18.44 -25.56
C LEU M 19 58.20 17.00 -25.97
N LEU M 20 56.92 16.51 -25.71
CA LEU M 20 56.51 15.13 -25.92
C LEU M 20 56.27 15.03 -27.45
N LYS M 21 56.86 13.99 -28.05
CA LYS M 21 56.86 13.77 -29.43
C LYS M 21 55.65 13.05 -29.87
N GLU M 22 55.38 13.10 -31.24
CA GLU M 22 54.15 12.47 -31.74
C GLU M 22 54.06 10.95 -31.54
N SER M 23 55.18 10.35 -31.59
CA SER M 23 55.38 8.91 -31.45
C SER M 23 55.15 8.37 -30.04
N PHE M 24 55.16 9.32 -29.08
CA PHE M 24 54.73 9.15 -27.70
C PHE M 24 53.28 8.72 -27.64
N PHE M 25 52.46 9.59 -28.26
CA PHE M 25 51.01 9.49 -28.30
C PHE M 25 50.65 8.35 -29.22
N GLN M 26 51.47 7.92 -30.22
CA GLN M 26 51.20 6.66 -30.87
C GLN M 26 51.34 5.49 -29.88
N GLU M 27 52.45 5.39 -29.19
CA GLU M 27 52.70 4.22 -28.30
C GLU M 27 51.66 4.25 -27.22
N ALA M 28 51.26 5.44 -26.68
CA ALA M 28 50.36 5.70 -25.58
C ALA M 28 48.97 5.18 -25.76
N LEU M 29 48.37 5.24 -26.98
CA LEU M 29 47.07 4.73 -27.29
C LEU M 29 46.85 3.24 -27.06
N ASP M 30 47.95 2.50 -27.12
CA ASP M 30 47.91 1.08 -26.98
C ASP M 30 48.01 0.74 -25.48
N LEU M 31 48.11 1.74 -24.60
CA LEU M 31 48.39 1.59 -23.20
C LEU M 31 47.12 1.74 -22.38
N SER M 32 47.03 1.10 -21.17
CA SER M 32 45.99 1.36 -20.23
C SER M 32 46.60 2.38 -19.32
N PHE M 33 45.79 2.66 -18.29
CA PHE M 33 46.14 3.69 -17.37
C PHE M 33 47.46 3.47 -16.52
N ALA M 34 47.68 2.21 -16.03
CA ALA M 34 48.77 1.92 -15.18
C ALA M 34 50.02 2.13 -15.99
N ASP M 35 49.98 1.51 -17.29
CA ASP M 35 51.15 1.74 -18.14
C ASP M 35 51.42 3.09 -18.68
N PHE M 36 50.39 3.91 -18.92
CA PHE M 36 50.55 5.33 -19.30
C PHE M 36 51.27 6.21 -18.33
N LEU M 37 50.96 6.04 -17.04
CA LEU M 37 51.60 6.57 -15.84
C LEU M 37 53.07 6.21 -15.73
N ARG M 38 53.47 4.93 -16.01
CA ARG M 38 54.82 4.43 -16.09
C ARG M 38 55.50 5.06 -17.23
N LEU M 39 54.86 5.19 -18.33
CA LEU M 39 55.34 5.94 -19.58
C LEU M 39 55.59 7.52 -19.37
N LEU M 40 54.57 8.14 -18.70
CA LEU M 40 54.47 9.55 -18.37
C LEU M 40 55.59 9.91 -17.44
N SER M 41 55.93 9.03 -16.42
CA SER M 41 56.89 9.37 -15.32
C SER M 41 58.31 9.55 -15.92
N GLU M 42 58.63 9.06 -17.13
CA GLU M 42 59.94 9.23 -17.80
C GLU M 42 60.12 10.63 -18.25
N THR M 43 59.07 11.25 -18.78
CA THR M 43 59.11 12.66 -19.21
C THR M 43 59.00 13.62 -18.03
N VAL M 44 59.16 14.88 -18.42
CA VAL M 44 59.36 16.03 -17.61
C VAL M 44 58.09 16.28 -16.86
N TYR M 45 56.86 15.89 -17.28
CA TYR M 45 55.69 16.06 -16.42
C TYR M 45 55.73 15.16 -15.25
N GLY M 46 56.44 14.08 -15.41
CA GLY M 46 56.81 12.94 -14.56
C GLY M 46 57.61 13.26 -13.36
N GLY M 47 58.36 14.39 -13.38
CA GLY M 47 59.16 14.87 -12.29
C GLY M 47 58.19 15.56 -11.24
N GLU M 48 56.88 15.79 -11.64
CA GLU M 48 55.86 16.43 -10.81
C GLU M 48 54.68 15.41 -10.68
N LEU M 49 54.72 14.17 -11.21
CA LEU M 49 53.67 13.16 -11.15
C LEU M 49 53.59 12.63 -9.70
N ALA M 50 52.33 12.44 -9.26
CA ALA M 50 51.90 12.02 -7.96
C ALA M 50 50.62 11.29 -8.12
N GLY M 51 50.46 10.18 -7.26
CA GLY M 51 49.24 9.41 -6.99
C GLY M 51 48.78 8.65 -8.14
N GLN M 52 47.83 7.74 -7.86
CA GLN M 52 47.30 6.80 -8.77
C GLN M 52 45.89 7.15 -9.03
N GLY M 53 45.37 8.22 -8.31
CA GLY M 53 44.11 8.83 -8.66
C GLY M 53 44.17 9.80 -9.72
N LEU M 54 43.07 9.94 -10.43
CA LEU M 54 42.97 10.94 -11.51
C LEU M 54 43.12 12.40 -11.09
N PRO M 55 42.51 12.92 -10.02
CA PRO M 55 42.67 14.31 -9.50
C PRO M 55 44.13 14.53 -9.14
N ASP M 56 44.91 13.50 -8.73
CA ASP M 56 46.30 13.65 -8.30
C ASP M 56 47.19 13.90 -9.53
N VAL M 57 46.83 13.24 -10.74
CA VAL M 57 47.40 13.55 -12.05
C VAL M 57 47.11 14.98 -12.54
N ASP M 58 45.83 15.45 -12.38
CA ASP M 58 45.43 16.76 -12.74
C ASP M 58 46.26 17.85 -12.05
N ARG M 59 46.47 17.65 -10.69
CA ARG M 59 47.34 18.48 -9.85
C ARG M 59 48.87 18.42 -10.35
N ALA M 60 49.36 17.22 -10.74
CA ALA M 60 50.67 16.97 -11.21
C ALA M 60 50.89 17.74 -12.54
N VAL M 61 49.90 17.87 -13.49
CA VAL M 61 49.93 18.71 -14.65
C VAL M 61 50.10 20.19 -14.19
N LEU M 62 49.27 20.72 -13.23
CA LEU M 62 49.32 22.03 -12.72
C LEU M 62 50.67 22.44 -12.18
N ARG M 63 51.36 21.54 -11.45
CA ARG M 63 52.69 21.81 -10.86
C ARG M 63 53.75 21.94 -11.90
N THR M 64 53.61 21.15 -13.01
CA THR M 64 54.52 21.28 -14.19
C THR M 64 54.42 22.57 -14.96
N GLN M 65 53.14 22.95 -15.08
CA GLN M 65 52.77 24.16 -15.77
C GLN M 65 53.24 25.37 -14.96
N ALA M 66 53.24 25.34 -13.57
CA ALA M 66 53.63 26.40 -12.76
C ALA M 66 55.06 26.78 -12.91
N LYS M 67 55.93 25.74 -12.92
CA LYS M 67 57.32 26.01 -12.86
C LYS M 67 57.93 26.29 -14.25
N LEU M 68 57.33 25.75 -15.34
CA LEU M 68 57.83 25.90 -16.73
C LEU M 68 57.11 27.00 -17.58
N VAL M 69 55.95 27.53 -17.18
CA VAL M 69 55.18 28.52 -18.01
C VAL M 69 54.78 29.68 -17.08
N GLY M 70 54.34 29.37 -15.84
CA GLY M 70 53.86 30.44 -15.01
C GLY M 70 54.91 31.33 -14.40
N ASP M 71 56.23 31.06 -14.43
CA ASP M 71 57.26 31.93 -13.88
C ASP M 71 57.76 32.85 -14.93
N LEU M 72 57.42 32.57 -16.23
CA LEU M 72 57.92 33.24 -17.35
C LEU M 72 57.64 34.75 -17.37
N PRO M 73 56.51 35.33 -17.02
CA PRO M 73 56.45 36.83 -16.97
C PRO M 73 57.37 37.46 -15.95
N ARG M 74 57.69 36.73 -14.86
CA ARG M 74 58.51 37.21 -13.83
C ARG M 74 59.98 37.25 -14.18
N LEU M 75 60.48 36.47 -15.22
CA LEU M 75 61.92 36.37 -15.29
C LEU M 75 62.52 37.43 -16.16
N VAL M 76 61.65 38.27 -16.73
CA VAL M 76 61.91 39.34 -17.66
C VAL M 76 61.03 40.54 -17.31
N THR M 77 61.30 41.73 -17.90
CA THR M 77 60.72 42.96 -17.53
C THR M 77 60.47 43.69 -18.89
N GLY M 78 59.84 44.91 -18.78
CA GLY M 78 59.60 45.90 -19.81
C GLY M 78 58.86 45.32 -20.92
N GLU M 79 59.28 45.66 -22.17
CA GLU M 79 58.54 45.19 -23.32
C GLU M 79 58.30 43.64 -23.41
N ALA M 80 59.34 42.84 -23.07
CA ALA M 80 59.25 41.40 -22.88
C ALA M 80 58.18 40.90 -21.89
N ARG M 81 58.06 41.59 -20.75
CA ARG M 81 57.04 41.18 -19.74
C ARG M 81 55.64 41.40 -20.28
N GLU M 82 55.38 42.49 -20.99
CA GLU M 82 54.09 42.87 -21.54
C GLU M 82 53.71 41.85 -22.54
N ALA M 83 54.71 41.39 -23.34
CA ALA M 83 54.42 40.40 -24.36
C ALA M 83 54.05 39.04 -23.92
N VAL M 84 54.82 38.46 -22.94
CA VAL M 84 54.59 37.17 -22.27
C VAL M 84 53.35 37.21 -21.53
N ARG M 85 53.00 38.39 -20.94
CA ARG M 85 51.82 38.66 -20.21
C ARG M 85 50.57 38.48 -21.09
N LEU M 86 50.60 38.95 -22.35
CA LEU M 86 49.45 38.98 -23.21
C LEU M 86 48.92 37.60 -23.50
N LEU M 87 49.81 36.63 -23.71
CA LEU M 87 49.43 35.20 -23.84
C LEU M 87 48.86 34.60 -22.54
N LEU M 88 49.55 34.84 -21.36
CA LEU M 88 49.17 34.42 -20.03
C LEU M 88 47.82 35.07 -19.60
N LEU M 89 47.48 36.29 -20.01
CA LEU M 89 46.28 37.05 -19.67
C LEU M 89 45.01 36.26 -19.97
N ARG M 90 45.02 35.48 -21.02
CA ARG M 90 43.90 34.69 -21.49
C ARG M 90 43.65 33.56 -20.49
N ASN M 91 44.65 32.90 -19.91
CA ASN M 91 44.46 32.01 -18.83
C ASN M 91 44.11 32.70 -17.54
N ASP M 92 44.63 33.92 -17.29
CA ASP M 92 44.28 34.76 -16.11
C ASP M 92 42.79 35.07 -16.19
N LEU M 93 42.24 35.25 -17.44
CA LEU M 93 40.84 35.53 -17.60
C LEU M 93 39.98 34.37 -17.13
N HIS M 94 40.39 33.10 -17.39
CA HIS M 94 39.69 31.90 -16.77
C HIS M 94 39.79 31.98 -15.20
N ASN M 95 40.98 32.33 -14.66
CA ASN M 95 41.22 32.40 -13.26
C ASN M 95 40.39 33.49 -12.48
N LEU M 96 40.28 34.75 -12.98
CA LEU M 96 39.47 35.82 -12.52
C LEU M 96 37.98 35.51 -12.52
N GLN M 97 37.48 34.87 -13.55
CA GLN M 97 36.03 34.60 -13.74
C GLN M 97 35.60 33.66 -12.67
N ALA M 98 36.40 32.58 -12.39
CA ALA M 98 36.24 31.61 -11.35
C ALA M 98 36.39 32.24 -9.96
N LEU M 99 37.42 33.16 -9.76
CA LEU M 99 37.56 33.86 -8.45
C LEU M 99 36.41 34.71 -8.08
N LEU M 100 35.99 35.57 -9.04
CA LEU M 100 34.85 36.46 -8.97
C LEU M 100 33.53 35.74 -8.61
N ARG M 101 33.27 34.56 -9.16
CA ARG M 101 32.16 33.68 -8.93
C ARG M 101 32.12 33.05 -7.57
N ALA M 102 33.28 32.61 -7.06
CA ALA M 102 33.41 32.27 -5.69
C ALA M 102 33.16 33.38 -4.66
N LYS M 103 33.64 34.60 -4.93
CA LYS M 103 33.25 35.75 -4.17
C LYS M 103 31.75 36.12 -4.19
N ALA M 104 31.14 36.20 -5.44
CA ALA M 104 29.74 36.61 -5.54
C ALA M 104 28.73 35.66 -4.97
N THR M 105 29.01 34.32 -5.06
CA THR M 105 27.94 33.36 -4.76
C THR M 105 28.10 32.79 -3.39
N GLY M 106 29.13 33.29 -2.69
CA GLY M 106 29.50 33.07 -1.29
C GLY M 106 30.08 31.79 -0.90
N ARG M 107 30.51 31.01 -1.90
CA ARG M 107 31.04 29.66 -1.68
C ARG M 107 32.56 29.76 -1.47
N PRO M 108 33.26 28.72 -0.90
CA PRO M 108 34.66 28.83 -0.66
C PRO M 108 35.51 29.31 -1.86
N PHE M 109 36.82 29.68 -1.52
CA PHE M 109 37.92 30.08 -2.32
C PHE M 109 38.23 28.90 -3.16
N GLU M 110 38.24 27.72 -2.52
CA GLU M 110 38.46 26.47 -3.19
C GLU M 110 37.58 26.23 -4.40
N GLU M 111 37.94 25.18 -5.27
CA GLU M 111 37.19 24.77 -6.47
C GLU M 111 37.17 25.88 -7.51
N VAL M 112 38.39 26.44 -7.62
CA VAL M 112 38.65 27.42 -8.71
C VAL M 112 39.97 26.83 -9.28
N LEU M 113 40.44 27.38 -10.44
CA LEU M 113 41.67 26.98 -11.01
C LEU M 113 42.32 28.27 -11.04
N LEU M 114 43.49 28.30 -10.35
CA LEU M 114 44.35 29.48 -10.23
C LEU M 114 45.62 29.04 -10.88
N LEU M 115 46.51 30.03 -11.06
CA LEU M 115 47.89 29.64 -11.32
C LEU M 115 48.75 30.94 -11.17
N PRO M 116 50.12 30.94 -11.13
CA PRO M 116 50.82 32.15 -10.99
C PRO M 116 51.36 32.52 -12.35
N GLY M 117 51.57 33.85 -12.54
CA GLY M 117 51.97 34.41 -13.77
C GLY M 117 52.22 35.90 -13.65
N THR M 118 51.18 36.69 -14.05
CA THR M 118 51.10 38.13 -13.88
C THR M 118 50.42 38.36 -12.60
N LEU M 119 49.33 37.60 -12.36
CA LEU M 119 48.56 37.62 -11.18
C LEU M 119 49.00 36.36 -10.53
N ARG M 120 49.60 36.51 -9.34
CA ARG M 120 50.10 35.51 -8.47
C ARG M 120 49.06 34.96 -7.57
N GLU M 121 49.39 33.79 -6.98
CA GLU M 121 48.53 33.04 -6.07
C GLU M 121 47.96 33.87 -4.93
N GLU M 122 48.88 34.69 -4.27
CA GLU M 122 48.50 35.64 -3.22
C GLU M 122 47.58 36.80 -3.64
N VAL M 123 47.61 37.35 -4.89
CA VAL M 123 46.81 38.35 -5.42
C VAL M 123 45.37 37.95 -5.48
N TRP M 124 45.15 36.67 -5.99
CA TRP M 124 43.86 36.03 -6.05
C TRP M 124 43.31 35.85 -4.61
N ARG M 125 44.18 35.53 -3.60
CA ARG M 125 43.88 35.30 -2.19
C ARG M 125 43.44 36.63 -1.52
N GLN M 126 44.10 37.76 -1.81
CA GLN M 126 43.84 39.10 -1.47
C GLN M 126 42.52 39.62 -1.99
N ALA M 127 42.22 39.20 -3.26
CA ALA M 127 40.97 39.59 -3.92
C ALA M 127 39.77 39.00 -3.27
N TYR M 128 39.88 37.69 -2.93
CA TYR M 128 38.90 36.94 -2.26
C TYR M 128 38.57 37.57 -0.88
N GLU M 129 39.63 38.03 -0.16
CA GLU M 129 39.68 38.62 1.14
C GLU M 129 39.27 40.11 1.15
N ALA M 130 39.03 40.75 -0.05
CA ALA M 130 38.54 42.10 -0.16
C ALA M 130 37.09 41.92 -0.63
N GLN M 131 36.12 41.88 0.34
CA GLN M 131 34.71 41.56 0.11
C GLN M 131 33.98 42.61 -0.72
N ASP M 132 34.22 43.90 -0.46
CA ASP M 132 33.52 45.07 -1.01
C ASP M 132 33.92 45.10 -2.50
N PRO M 133 33.01 45.46 -3.43
CA PRO M 133 33.43 45.51 -4.88
C PRO M 133 34.55 46.54 -5.16
N ALA M 134 34.53 47.61 -4.38
CA ALA M 134 35.55 48.64 -4.46
C ALA M 134 36.95 48.10 -4.00
N GLY M 135 37.03 47.36 -2.86
CA GLY M 135 38.22 46.65 -2.45
C GLY M 135 38.72 45.70 -3.36
N MET M 136 37.80 44.98 -3.99
CA MET M 136 38.09 44.01 -4.98
C MET M 136 38.78 44.73 -6.22
N ALA M 137 38.19 45.87 -6.66
CA ALA M 137 38.61 46.63 -7.81
C ALA M 137 39.91 47.20 -7.73
N GLN M 138 40.33 47.69 -6.51
CA GLN M 138 41.64 48.22 -6.24
C GLN M 138 42.70 47.10 -6.14
N VAL M 139 42.44 45.95 -5.55
CA VAL M 139 43.38 44.82 -5.48
C VAL M 139 43.87 44.41 -6.82
N LEU M 140 42.86 44.37 -7.77
CA LEU M 140 43.08 43.98 -9.15
C LEU M 140 43.81 45.06 -9.93
N ALA M 141 43.71 46.36 -9.47
CA ALA M 141 44.41 47.44 -10.11
C ALA M 141 45.93 47.47 -9.81
N VAL M 142 46.35 46.74 -8.67
CA VAL M 142 47.73 46.66 -8.24
C VAL M 142 48.71 46.24 -9.29
N PRO M 143 48.62 45.19 -10.07
CA PRO M 143 49.65 44.91 -11.05
C PRO M 143 49.45 45.91 -12.21
N GLY M 144 48.20 46.32 -12.60
CA GLY M 144 47.87 47.45 -13.57
C GLY M 144 47.47 46.80 -14.84
N HIS M 145 47.39 45.48 -14.86
CA HIS M 145 47.19 44.58 -15.98
C HIS M 145 45.86 44.83 -16.73
N PRO M 146 45.76 44.54 -18.04
CA PRO M 146 44.63 44.99 -18.90
C PRO M 146 43.25 44.51 -18.41
N LEU M 147 43.10 43.40 -17.59
CA LEU M 147 41.82 43.01 -17.07
C LEU M 147 41.36 43.97 -16.02
N ALA M 148 42.25 44.69 -15.28
CA ALA M 148 41.96 45.73 -14.37
C ALA M 148 41.33 46.83 -15.06
N ARG M 149 41.91 47.29 -16.20
CA ARG M 149 41.50 48.52 -16.78
C ARG M 149 40.14 48.26 -17.46
N ALA M 150 39.93 47.02 -18.03
CA ALA M 150 38.67 46.54 -18.56
C ALA M 150 37.61 46.48 -17.48
N LEU M 151 38.02 45.93 -16.28
CA LEU M 151 37.18 45.79 -15.11
C LEU M 151 36.73 47.16 -14.63
N ARG M 152 37.56 48.15 -14.56
CA ARG M 152 37.19 49.43 -13.94
C ARG M 152 36.09 50.07 -14.67
N ALA M 153 36.16 50.02 -16.02
CA ALA M 153 35.13 50.51 -16.88
C ALA M 153 33.80 49.75 -16.82
N VAL M 154 33.91 48.43 -16.77
CA VAL M 154 32.79 47.54 -16.87
C VAL M 154 31.83 47.41 -15.74
N LEU M 155 32.48 47.22 -14.54
CA LEU M 155 31.84 47.07 -13.24
C LEU M 155 31.00 48.31 -12.78
N ARG M 156 31.32 49.55 -13.30
CA ARG M 156 30.58 50.81 -13.02
C ARG M 156 29.21 50.78 -13.58
N GLU M 157 28.97 49.96 -14.66
CA GLU M 157 27.76 50.06 -15.28
C GLU M 157 26.78 49.15 -14.57
N THR M 158 27.35 47.97 -14.26
CA THR M 158 26.54 46.81 -13.79
C THR M 158 27.40 45.85 -12.98
N GLN M 159 26.72 45.25 -12.00
CA GLN M 159 27.28 44.34 -10.99
C GLN M 159 26.59 43.00 -11.06
N ASP M 160 25.73 42.79 -12.08
CA ASP M 160 25.17 41.47 -12.34
C ASP M 160 26.21 40.52 -12.86
N LEU M 161 26.46 39.44 -12.06
CA LEU M 161 27.56 38.55 -12.24
C LEU M 161 27.83 37.98 -13.64
N ALA M 162 26.81 37.28 -14.21
CA ALA M 162 26.98 36.68 -15.53
C ALA M 162 27.34 37.74 -16.61
N ARG M 163 26.67 38.93 -16.54
CA ARG M 163 26.85 40.10 -17.37
C ARG M 163 28.20 40.74 -17.18
N VAL M 164 28.76 40.76 -15.93
CA VAL M 164 30.13 41.31 -15.66
C VAL M 164 31.12 40.52 -16.44
N GLU M 165 31.01 39.19 -16.44
CA GLU M 165 31.89 38.28 -17.14
C GLU M 165 31.99 38.41 -18.59
N ALA M 166 30.80 38.61 -19.21
CA ALA M 166 30.61 38.69 -20.62
C ALA M 166 31.22 39.89 -21.22
N LEU M 167 30.98 41.08 -20.55
CA LEU M 167 31.40 42.41 -20.93
C LEU M 167 32.86 42.59 -20.61
N LEU M 168 33.39 41.86 -19.57
CA LEU M 168 34.75 41.86 -19.14
C LEU M 168 35.50 41.22 -20.29
N ALA M 169 35.01 40.14 -20.90
CA ALA M 169 35.56 39.49 -22.06
C ALA M 169 35.62 40.26 -23.33
N LYS M 170 34.56 40.99 -23.66
CA LYS M 170 34.57 41.86 -24.86
C LYS M 170 35.47 43.02 -24.76
N ARG M 171 35.45 43.84 -23.66
CA ARG M 171 36.34 44.97 -23.47
C ARG M 171 37.75 44.50 -23.39
N PHE M 172 38.06 43.37 -22.73
CA PHE M 172 39.40 42.77 -22.51
C PHE M 172 39.95 42.40 -23.86
N PHE M 173 39.14 41.75 -24.80
CA PHE M 173 39.54 41.37 -26.13
C PHE M 173 39.73 42.56 -27.06
N GLU M 174 38.95 43.64 -27.03
CA GLU M 174 39.12 44.84 -27.87
C GLU M 174 40.44 45.49 -27.61
N ASP M 175 40.85 45.55 -26.31
CA ASP M 175 42.09 46.02 -25.88
C ASP M 175 43.30 45.12 -26.29
N VAL M 176 43.18 43.79 -26.07
CA VAL M 176 44.16 42.82 -26.54
C VAL M 176 44.42 42.77 -28.00
N ALA M 177 43.39 42.74 -28.87
CA ALA M 177 43.54 42.65 -30.27
C ALA M 177 44.48 43.71 -30.77
N LYS M 178 44.34 44.95 -30.26
CA LYS M 178 45.20 46.05 -30.73
C LYS M 178 46.59 45.82 -30.31
N ALA M 179 46.77 45.39 -29.03
CA ALA M 179 48.16 45.33 -28.49
C ALA M 179 48.96 44.25 -29.18
N ALA M 180 48.36 43.06 -29.39
CA ALA M 180 48.99 41.98 -30.05
C ALA M 180 49.24 42.22 -31.55
N LYS M 181 48.31 42.91 -32.32
CA LYS M 181 48.58 43.26 -33.68
C LYS M 181 49.75 44.23 -33.69
N GLY M 182 49.89 45.01 -32.60
CA GLY M 182 50.74 46.23 -32.46
C GLY M 182 52.15 45.95 -32.08
N LEU M 183 52.47 44.61 -31.89
CA LEU M 183 53.83 44.31 -31.52
C LEU M 183 54.69 44.07 -32.72
N ASP M 184 53.91 43.99 -33.87
CA ASP M 184 54.46 43.98 -35.20
C ASP M 184 55.32 42.81 -35.44
N GLN M 185 54.81 41.63 -35.12
CA GLN M 185 55.44 40.38 -35.45
C GLN M 185 54.50 39.65 -36.43
N PRO M 186 54.83 39.42 -37.69
CA PRO M 186 53.88 38.86 -38.63
C PRO M 186 53.33 37.51 -38.22
N ALA M 187 54.07 36.55 -37.58
CA ALA M 187 53.59 35.22 -37.24
C ALA M 187 52.41 35.27 -36.26
N LEU M 188 52.55 36.15 -35.23
CA LEU M 188 51.61 36.46 -34.13
C LEU M 188 50.37 37.11 -34.71
N ARG M 189 50.48 38.02 -35.72
CA ARG M 189 49.35 38.64 -36.30
C ARG M 189 48.45 37.69 -37.11
N ASP M 190 49.04 36.75 -37.90
CA ASP M 190 48.42 35.73 -38.62
C ASP M 190 47.78 34.78 -37.68
N TYR M 191 48.39 34.43 -36.55
CA TYR M 191 47.93 33.52 -35.56
C TYR M 191 46.65 34.08 -34.88
N LEU M 192 46.68 35.44 -34.59
CA LEU M 192 45.77 36.33 -33.92
C LEU M 192 44.42 36.41 -34.77
N ALA M 193 44.46 36.63 -36.13
CA ALA M 193 43.31 36.73 -36.97
C ALA M 193 42.53 35.48 -37.02
N LEU M 194 43.29 34.32 -37.05
CA LEU M 194 42.58 33.01 -36.99
C LEU M 194 42.00 32.57 -35.64
N GLU M 195 42.75 32.85 -34.55
CA GLU M 195 42.42 32.72 -33.15
C GLU M 195 41.25 33.48 -32.76
N VAL M 196 41.15 34.74 -33.20
CA VAL M 196 39.91 35.50 -33.11
C VAL M 196 38.72 35.01 -33.88
N ASP M 197 38.82 34.64 -35.13
CA ASP M 197 37.73 34.11 -35.99
C ASP M 197 37.18 32.88 -35.43
N ALA M 198 38.10 32.02 -34.95
CA ALA M 198 37.89 30.81 -34.23
C ALA M 198 37.18 31.02 -32.88
N GLU M 199 37.56 32.09 -32.13
CA GLU M 199 36.98 32.37 -30.84
C GLU M 199 35.60 32.76 -30.99
N ASN M 200 35.21 33.52 -32.05
CA ASN M 200 33.87 34.07 -32.13
C ASN M 200 32.96 32.91 -32.30
N LEU M 201 33.35 31.96 -33.20
CA LEU M 201 32.59 30.71 -33.52
C LEU M 201 32.33 29.82 -32.31
N ARG M 202 33.43 29.59 -31.56
CA ARG M 202 33.52 28.69 -30.40
C ARG M 202 32.76 29.17 -29.25
N THR M 203 32.80 30.54 -29.10
CA THR M 203 32.15 31.21 -27.95
C THR M 203 30.66 31.07 -28.13
N ALA M 204 30.17 31.26 -29.38
CA ALA M 204 28.74 31.07 -29.65
C ALA M 204 28.22 29.72 -29.36
N PHE M 205 28.91 28.63 -29.71
CA PHE M 205 28.55 27.32 -29.35
C PHE M 205 28.49 27.24 -27.81
N LYS M 206 29.48 27.66 -27.01
CA LYS M 206 29.45 27.32 -25.60
C LYS M 206 28.44 28.05 -24.79
N LEU M 207 28.23 29.34 -25.05
CA LEU M 207 27.49 30.23 -24.19
C LEU M 207 26.08 30.37 -24.74
N GLN M 208 25.55 29.38 -25.55
CA GLN M 208 24.15 29.52 -25.90
C GLN M 208 23.28 29.08 -24.74
N GLY M 209 22.21 29.87 -24.46
CA GLY M 209 21.29 29.53 -23.37
C GLY M 209 21.69 30.12 -22.00
N SER M 210 22.66 31.05 -22.02
CA SER M 210 23.13 31.73 -20.78
C SER M 210 22.06 32.71 -20.29
N GLY M 211 21.37 33.47 -21.19
CA GLY M 211 20.44 34.42 -20.78
C GLY M 211 20.95 35.81 -20.96
N LEU M 212 22.04 36.05 -21.75
CA LEU M 212 22.77 37.28 -21.93
C LEU M 212 22.56 37.71 -23.40
N ALA M 213 23.14 38.86 -23.74
CA ALA M 213 23.21 39.43 -25.04
C ALA M 213 24.24 38.66 -25.90
N PRO M 214 24.05 38.70 -27.26
CA PRO M 214 24.88 37.97 -28.28
C PRO M 214 26.07 38.85 -28.60
N ASP M 215 25.81 40.16 -28.42
CA ASP M 215 26.74 41.24 -28.87
C ASP M 215 27.63 41.63 -27.70
N ALA M 216 27.68 40.75 -26.68
CA ALA M 216 28.47 40.97 -25.48
C ALA M 216 29.45 39.83 -25.52
N PHE M 217 29.66 39.22 -26.74
CA PHE M 217 30.52 38.10 -26.92
C PHE M 217 31.23 38.24 -28.25
N PHE M 218 31.05 39.40 -28.91
CA PHE M 218 31.75 39.71 -30.07
C PHE M 218 33.07 40.34 -29.70
N LEU M 219 34.08 40.22 -30.66
CA LEU M 219 35.41 40.74 -30.43
C LEU M 219 36.07 41.16 -31.67
N LYS M 220 36.96 42.24 -31.48
CA LYS M 220 37.84 42.90 -32.45
C LYS M 220 38.83 41.83 -32.95
N GLY M 221 39.01 41.69 -34.30
CA GLY M 221 39.88 40.78 -35.12
C GLY M 221 39.05 39.92 -35.98
N GLY M 222 37.72 40.16 -36.10
CA GLY M 222 36.73 39.30 -36.65
C GLY M 222 36.60 39.56 -38.13
N ARG M 223 36.35 38.52 -38.98
CA ARG M 223 36.47 38.62 -40.45
C ARG M 223 35.16 39.00 -41.14
N PHE M 224 34.33 38.01 -41.43
CA PHE M 224 33.11 38.27 -42.15
C PHE M 224 31.99 38.30 -41.21
N VAL M 225 32.34 37.90 -39.97
CA VAL M 225 31.44 37.86 -38.89
C VAL M 225 31.17 39.24 -38.26
N ASP M 226 29.91 39.51 -37.79
CA ASP M 226 29.42 40.74 -37.33
C ASP M 226 28.47 40.46 -36.24
N ARG M 227 27.96 41.45 -35.47
CA ARG M 227 27.08 41.31 -34.32
C ARG M 227 25.79 40.56 -34.66
N VAL M 228 25.23 40.75 -35.85
CA VAL M 228 23.97 40.17 -36.36
C VAL M 228 24.05 38.61 -36.57
N ARG M 229 25.18 38.20 -37.16
CA ARG M 229 25.57 36.84 -37.39
C ARG M 229 25.79 36.11 -36.09
N PHE M 230 26.50 36.75 -35.07
CA PHE M 230 26.67 36.18 -33.76
C PHE M 230 25.35 35.86 -33.11
N ALA M 231 24.30 36.79 -33.08
CA ALA M 231 22.96 36.53 -32.63
C ALA M 231 22.35 35.32 -33.46
N ARG M 232 22.51 35.22 -34.79
CA ARG M 232 22.01 34.13 -35.66
C ARG M 232 22.51 32.79 -35.18
N LEU M 233 23.81 32.72 -34.88
CA LEU M 233 24.39 31.53 -34.38
C LEU M 233 23.93 31.13 -32.99
N MET M 234 23.79 32.12 -32.07
CA MET M 234 23.44 31.85 -30.68
C MET M 234 22.09 31.21 -30.61
N GLU M 235 21.11 31.48 -31.58
CA GLU M 235 19.76 30.90 -31.68
C GLU M 235 19.80 29.49 -32.24
N GLY M 236 20.91 29.15 -32.94
CA GLY M 236 21.19 27.79 -33.38
C GLY M 236 20.97 27.71 -34.83
N ASP M 237 21.76 28.44 -35.69
CA ASP M 237 21.63 28.31 -37.10
C ASP M 237 23.00 28.35 -37.61
N TYR M 238 23.28 27.36 -38.46
CA TYR M 238 24.62 27.17 -39.03
C TYR M 238 24.69 27.72 -40.43
N ALA M 239 23.52 28.39 -40.92
CA ALA M 239 23.46 29.07 -42.22
C ALA M 239 24.41 30.35 -42.41
N VAL M 240 24.92 30.84 -41.25
CA VAL M 240 26.01 31.79 -41.15
C VAL M 240 27.27 31.29 -41.75
N LEU M 241 27.59 29.95 -41.63
CA LEU M 241 28.83 29.30 -42.09
C LEU M 241 28.87 29.13 -43.61
N ASP M 242 27.78 29.22 -44.32
CA ASP M 242 27.74 28.89 -45.74
C ASP M 242 27.99 30.23 -46.45
N GLU M 243 28.17 31.37 -45.72
CA GLU M 243 28.36 32.62 -46.27
C GLU M 243 29.76 33.04 -45.79
N LEU M 244 30.35 32.39 -44.76
CA LEU M 244 31.65 32.50 -44.16
C LEU M 244 32.61 31.84 -45.09
N SER M 245 33.71 32.59 -45.47
CA SER M 245 34.57 32.01 -46.46
C SER M 245 35.80 32.85 -46.26
N GLY M 246 36.87 32.46 -46.88
CA GLY M 246 38.19 33.08 -46.89
C GLY M 246 39.05 32.61 -45.73
N THR M 247 38.39 31.96 -44.77
CA THR M 247 38.95 31.34 -43.63
C THR M 247 39.59 30.07 -44.12
N PRO M 248 40.56 29.38 -43.53
CA PRO M 248 41.01 28.07 -43.87
C PRO M 248 40.17 27.05 -43.17
N PHE M 249 39.12 27.57 -42.49
CA PHE M 249 38.17 26.90 -41.67
C PHE M 249 36.91 26.63 -42.48
N SER M 250 36.98 26.97 -43.74
CA SER M 250 35.94 27.07 -44.75
C SER M 250 35.45 25.66 -44.99
N GLY M 251 36.35 24.61 -44.89
CA GLY M 251 36.03 23.23 -44.99
C GLY M 251 35.39 22.52 -43.77
N LEU M 252 35.39 23.11 -42.63
CA LEU M 252 34.57 22.74 -41.52
C LEU M 252 33.21 23.29 -41.67
N SER M 253 32.95 24.16 -42.65
CA SER M 253 31.62 24.63 -42.99
C SER M 253 30.81 23.46 -43.48
N GLY M 254 29.47 23.48 -43.14
CA GLY M 254 28.49 22.54 -43.66
C GLY M 254 28.44 21.41 -42.71
N VAL M 255 29.14 21.44 -41.54
CA VAL M 255 29.22 20.33 -40.65
C VAL M 255 28.46 20.71 -39.40
N ARG M 256 27.68 19.72 -38.84
CA ARG M 256 26.90 19.95 -37.67
C ARG M 256 27.52 19.29 -36.49
N ASP M 257 28.30 18.18 -36.72
CA ASP M 257 28.99 17.43 -35.70
C ASP M 257 30.03 18.13 -34.92
N LEU M 258 29.81 18.33 -33.57
CA LEU M 258 30.59 19.19 -32.66
C LEU M 258 31.98 18.82 -32.62
N LYS M 259 32.26 17.53 -32.57
CA LYS M 259 33.59 16.96 -32.42
C LYS M 259 34.50 17.35 -33.58
N ALA M 260 33.99 17.13 -34.87
CA ALA M 260 34.70 17.38 -36.10
C ALA M 260 35.06 18.88 -36.33
N LEU M 261 34.10 19.80 -36.00
CA LEU M 261 34.36 21.22 -36.09
C LEU M 261 35.53 21.62 -35.19
N GLU M 262 35.56 21.29 -33.86
CA GLU M 262 36.43 21.80 -32.83
C GLU M 262 37.85 21.19 -33.21
N ARG M 263 37.91 19.92 -33.68
CA ARG M 263 39.15 19.28 -34.05
C ARG M 263 39.87 20.14 -35.10
N GLY M 264 39.20 20.48 -36.24
CA GLY M 264 39.68 21.34 -37.23
C GLY M 264 40.14 22.74 -36.88
N LEU M 265 39.45 23.41 -35.95
CA LEU M 265 39.89 24.73 -35.55
C LEU M 265 41.24 24.62 -34.81
N ARG M 266 41.32 23.66 -33.93
CA ARG M 266 42.39 23.49 -33.00
C ARG M 266 43.70 23.11 -33.65
N CYS M 267 43.60 22.15 -34.63
CA CYS M 267 44.74 21.63 -35.45
C CYS M 267 45.33 22.73 -36.30
N VAL M 268 44.47 23.60 -36.99
CA VAL M 268 45.03 24.76 -37.68
C VAL M 268 45.85 25.70 -36.80
N LEU M 269 45.35 26.12 -35.62
CA LEU M 269 45.96 27.06 -34.74
C LEU M 269 47.29 26.51 -34.26
N LEU M 270 47.40 25.13 -34.13
CA LEU M 270 48.60 24.44 -33.74
C LEU M 270 49.67 24.57 -34.72
N LYS M 271 49.35 24.36 -36.02
CA LYS M 271 50.29 24.47 -37.06
C LYS M 271 50.73 25.86 -37.28
N GLU M 272 49.84 26.81 -37.11
CA GLU M 272 50.05 28.25 -37.26
C GLU M 272 51.03 28.83 -36.29
N ALA M 273 50.83 28.43 -35.02
CA ALA M 273 51.77 28.83 -33.96
C ALA M 273 53.24 28.30 -34.07
N LYS M 274 53.34 27.05 -34.64
CA LYS M 274 54.57 26.26 -34.80
C LYS M 274 55.50 26.91 -35.80
N LYS M 275 54.90 27.79 -36.65
CA LYS M 275 55.70 28.47 -37.61
C LYS M 275 56.27 29.76 -37.03
N GLY M 276 56.07 29.91 -35.67
CA GLY M 276 56.44 31.00 -34.80
C GLY M 276 57.86 31.00 -34.53
N VAL M 277 58.59 30.01 -35.07
CA VAL M 277 59.95 29.77 -34.82
C VAL M 277 60.74 30.22 -35.96
N GLN M 278 60.05 30.79 -37.01
CA GLN M 278 60.54 31.38 -38.17
C GLN M 278 60.62 32.85 -37.82
N ASP M 279 60.12 33.20 -36.60
CA ASP M 279 60.36 34.47 -36.06
C ASP M 279 60.70 34.14 -34.70
N PRO M 280 61.82 33.52 -34.32
CA PRO M 280 62.05 33.11 -32.93
C PRO M 280 62.30 34.30 -32.15
N LEU M 281 62.85 35.42 -32.73
CA LEU M 281 63.00 36.72 -32.20
C LEU M 281 61.80 37.19 -31.50
N GLY M 282 61.93 37.62 -30.16
CA GLY M 282 60.73 38.17 -29.60
C GLY M 282 59.86 37.15 -29.12
N VAL M 283 58.55 37.32 -29.22
CA VAL M 283 57.61 36.51 -28.53
C VAL M 283 57.25 35.23 -29.24
N GLY M 284 57.73 35.09 -30.48
CA GLY M 284 57.51 33.93 -31.31
C GLY M 284 57.74 32.62 -30.74
N LEU M 285 58.94 32.51 -30.15
CA LEU M 285 59.42 31.26 -29.60
C LEU M 285 58.66 30.77 -28.36
N VAL M 286 58.35 31.63 -27.40
CA VAL M 286 57.46 31.50 -26.22
C VAL M 286 56.02 31.32 -26.57
N LEU M 287 55.49 31.97 -27.63
CA LEU M 287 54.12 31.82 -28.15
C LEU M 287 53.94 30.41 -28.59
N ALA M 288 54.87 29.83 -29.36
CA ALA M 288 54.88 28.47 -29.90
C ALA M 288 54.91 27.46 -28.86
N TYR M 289 55.72 27.73 -27.80
CA TYR M 289 56.01 26.93 -26.63
C TYR M 289 54.80 26.77 -25.81
N VAL M 290 54.04 27.88 -25.51
CA VAL M 290 52.84 27.92 -24.66
C VAL M 290 51.73 27.03 -25.29
N LYS M 291 51.47 27.25 -26.61
CA LYS M 291 50.52 26.47 -27.41
C LYS M 291 50.84 25.01 -27.47
N GLU M 292 52.11 24.61 -27.75
CA GLU M 292 52.46 23.19 -27.71
C GLU M 292 52.32 22.57 -26.35
N ARG M 293 52.75 23.25 -25.27
CA ARG M 293 52.57 22.71 -23.92
C ARG M 293 51.17 22.62 -23.43
N GLU M 294 50.26 23.55 -23.74
CA GLU M 294 48.81 23.44 -23.46
C GLU M 294 48.21 22.20 -24.15
N TRP M 295 48.51 22.00 -25.44
CA TRP M 295 47.86 20.96 -26.23
C TRP M 295 48.36 19.66 -25.84
N GLU M 296 49.62 19.49 -25.35
CA GLU M 296 50.10 18.29 -24.72
C GLU M 296 49.37 17.99 -23.41
N ALA M 297 49.10 18.97 -22.58
CA ALA M 297 48.35 18.74 -21.28
C ALA M 297 46.91 18.29 -21.42
N VAL M 298 46.16 18.83 -22.41
CA VAL M 298 44.89 18.40 -22.84
C VAL M 298 44.90 16.99 -23.29
N ARG M 299 45.91 16.72 -24.09
CA ARG M 299 46.12 15.37 -24.67
C ARG M 299 46.46 14.42 -23.57
N LEU M 300 47.21 14.80 -22.52
CA LEU M 300 47.57 13.90 -21.40
C LEU M 300 46.31 13.48 -20.70
N ARG M 301 45.39 14.45 -20.49
CA ARG M 301 44.16 14.30 -19.86
C ARG M 301 43.14 13.41 -20.65
N LEU M 302 42.97 13.56 -21.99
CA LEU M 302 42.18 12.75 -22.90
C LEU M 302 42.65 11.32 -22.87
N LEU M 303 43.98 11.04 -22.95
CA LEU M 303 44.50 9.72 -22.84
C LEU M 303 44.34 9.03 -21.55
N ALA M 304 44.55 9.75 -20.44
CA ALA M 304 44.28 9.16 -19.18
C ALA M 304 42.98 8.62 -18.79
N ARG M 305 41.92 9.44 -19.12
CA ARG M 305 40.52 9.14 -19.06
C ARG M 305 40.07 8.03 -19.96
N ARG M 306 40.60 8.02 -21.21
CA ARG M 306 40.35 6.97 -22.19
C ARG M 306 40.90 5.74 -21.67
N ALA M 307 42.08 5.73 -21.02
CA ALA M 307 42.82 4.54 -20.55
C ALA M 307 42.18 3.91 -19.31
N TYR M 308 41.75 4.75 -18.33
CA TYR M 308 41.09 4.35 -17.14
C TYR M 308 39.73 3.77 -17.28
N PHE M 309 38.86 4.35 -18.16
CA PHE M 309 37.48 4.02 -18.09
C PHE M 309 37.03 3.01 -19.14
N GLY M 310 37.96 2.65 -20.03
CA GLY M 310 37.76 1.66 -21.09
C GLY M 310 37.11 2.17 -22.32
N LEU M 311 37.08 3.52 -22.52
CA LEU M 311 36.56 4.19 -23.71
C LEU M 311 37.40 3.78 -24.87
N PRO M 312 36.81 3.64 -26.08
CA PRO M 312 37.42 3.34 -27.34
C PRO M 312 38.75 4.00 -27.61
N ARG M 313 39.62 3.28 -28.30
CA ARG M 313 40.91 3.76 -28.87
C ARG M 313 40.61 4.89 -29.87
N ALA M 314 39.58 4.72 -30.70
CA ALA M 314 39.33 5.67 -31.71
C ALA M 314 38.74 7.06 -31.26
N GLN M 315 38.15 6.96 -30.00
CA GLN M 315 37.56 8.15 -29.39
C GLN M 315 38.67 9.18 -29.15
N VAL M 316 40.03 8.84 -29.12
CA VAL M 316 41.01 9.84 -28.86
C VAL M 316 42.15 9.78 -30.01
N GLU M 317 42.27 8.63 -30.73
CA GLU M 317 43.24 8.41 -31.71
C GLU M 317 43.11 9.39 -32.88
N GLU M 318 41.90 9.74 -33.27
CA GLU M 318 41.61 10.73 -34.23
C GLU M 318 42.00 12.13 -33.87
N GLU M 319 41.77 12.55 -32.60
CA GLU M 319 42.12 13.85 -32.08
C GLU M 319 43.64 14.04 -31.99
N VAL M 320 44.39 12.99 -31.50
CA VAL M 320 45.81 13.15 -31.29
C VAL M 320 46.61 13.26 -32.54
N VAL M 321 46.05 12.81 -33.66
CA VAL M 321 46.76 13.13 -34.92
C VAL M 321 45.95 14.07 -35.71
N CYS M 322 46.43 15.31 -35.95
CA CYS M 322 45.91 16.32 -36.69
C CYS M 322 46.30 16.14 -38.16
N MET N 5 34.12 56.60 37.96
CA MET N 5 35.33 56.57 37.23
C MET N 5 35.29 55.53 36.19
N GLU N 6 35.56 55.96 34.93
CA GLU N 6 35.42 55.09 33.79
C GLU N 6 36.73 54.45 33.58
N LYS N 7 36.64 53.13 33.44
CA LYS N 7 37.74 52.29 33.15
C LYS N 7 38.18 52.33 31.70
N LEU N 8 39.47 52.32 31.42
CA LEU N 8 40.04 52.13 30.06
C LEU N 8 41.11 51.14 30.04
N VAL N 9 41.17 50.39 28.93
CA VAL N 9 42.31 49.54 28.62
C VAL N 9 42.71 50.13 27.28
N LEU N 10 44.07 50.23 27.13
CA LEU N 10 44.71 50.87 26.00
C LEU N 10 45.77 49.98 25.61
N ALA N 11 46.11 49.86 24.33
CA ALA N 11 47.20 48.98 23.95
C ALA N 11 48.07 49.67 22.95
N GLY N 12 49.33 49.23 22.86
CA GLY N 12 50.16 49.70 21.80
C GLY N 12 51.41 48.88 21.74
N PRO N 13 52.41 49.37 21.02
CA PRO N 13 53.68 48.60 20.90
C PRO N 13 54.55 48.71 22.11
N LYS N 14 55.40 47.74 22.34
CA LYS N 14 56.41 47.76 23.38
C LYS N 14 57.42 48.91 23.26
N GLY N 15 57.86 49.27 22.01
CA GLY N 15 58.88 50.26 21.86
C GLY N 15 58.50 51.60 22.48
N ARG N 16 57.16 51.96 22.35
CA ARG N 16 56.62 53.19 22.78
C ARG N 16 55.83 53.04 24.02
N ALA N 17 56.19 52.13 24.90
CA ALA N 17 55.53 51.93 26.17
C ALA N 17 55.53 53.11 27.06
N LYS N 18 56.68 53.79 27.11
CA LYS N 18 57.15 54.93 27.78
C LYS N 18 56.56 56.17 27.26
N GLU N 19 56.50 56.31 25.88
CA GLU N 19 56.00 57.43 25.10
C GLU N 19 54.47 57.63 25.17
N LEU N 20 53.75 56.46 25.15
CA LEU N 20 52.34 56.20 25.39
C LEU N 20 52.06 56.60 26.85
N LEU N 21 52.87 56.14 27.83
CA LEU N 21 52.72 56.41 29.24
C LEU N 21 52.77 57.90 29.50
N GLN N 22 53.81 58.53 28.91
CA GLN N 22 54.06 59.89 29.00
C GLN N 22 52.92 60.68 28.36
N SER N 23 52.39 60.29 27.22
CA SER N 23 51.31 61.06 26.59
C SER N 23 50.06 61.13 27.41
N LEU N 24 49.82 59.92 28.00
CA LEU N 24 48.72 59.61 28.87
C LEU N 24 48.77 60.35 30.19
N GLN N 25 50.00 60.42 30.83
CA GLN N 25 50.14 61.01 32.15
C GLN N 25 49.79 62.54 32.10
N GLN N 26 50.34 63.21 30.99
CA GLN N 26 50.08 64.57 30.70
C GLN N 26 48.65 64.75 30.44
N ALA N 27 48.05 63.73 29.76
CA ALA N 27 46.61 63.89 29.44
C ALA N 27 45.73 63.87 30.64
N GLY N 28 46.09 63.11 31.71
CA GLY N 28 45.28 62.90 32.90
C GLY N 28 44.80 61.50 32.99
N VAL N 29 45.56 60.61 33.67
CA VAL N 29 45.18 59.25 33.89
C VAL N 29 45.88 58.95 35.15
N VAL N 30 45.20 57.97 35.90
CA VAL N 30 45.74 57.52 37.15
C VAL N 30 45.58 56.03 37.14
N HIS N 31 46.28 55.40 38.04
CA HIS N 31 46.31 53.94 38.26
C HIS N 31 46.78 53.02 37.10
N LEU N 32 47.92 53.42 36.47
CA LEU N 32 48.39 52.70 35.32
C LEU N 32 49.04 51.37 35.69
N GLU N 33 48.56 50.23 35.18
CA GLU N 33 49.14 48.92 35.41
C GLU N 33 49.34 48.16 34.15
N THR N 34 50.41 47.41 34.02
CA THR N 34 50.63 46.60 32.78
C THR N 34 49.83 45.36 32.92
N LEU N 35 49.31 44.85 31.75
CA LEU N 35 48.48 43.57 31.69
C LEU N 35 49.20 42.49 30.89
N ARG N 36 49.08 41.18 31.19
CA ARG N 36 49.68 40.14 30.38
C ARG N 36 48.59 39.62 29.41
N PRO N 37 48.83 38.85 28.35
CA PRO N 37 47.78 38.44 27.47
C PRO N 37 46.63 37.65 28.08
N GLU N 38 46.70 36.97 29.20
CA GLU N 38 45.60 36.24 29.77
C GLU N 38 44.54 37.27 30.14
N ALA N 39 44.95 38.43 30.63
CA ALA N 39 44.00 39.40 31.03
C ALA N 39 43.23 40.09 29.90
N LEU N 40 43.82 40.20 28.72
CA LEU N 40 43.27 40.65 27.47
C LEU N 40 42.30 39.68 26.77
N SER N 41 42.42 38.34 27.02
CA SER N 41 41.64 37.33 26.45
C SER N 41 40.51 37.03 27.37
N ALA N 42 39.43 37.87 27.19
CA ALA N 42 38.32 37.90 28.10
C ALA N 42 37.30 38.80 27.58
N TYR N 43 37.52 39.37 26.41
CA TYR N 43 36.79 40.51 25.86
C TYR N 43 36.31 40.21 24.48
N GLN N 44 36.31 38.94 24.08
CA GLN N 44 35.86 38.31 22.85
C GLN N 44 34.46 38.67 22.62
N LEU N 45 34.04 39.20 21.44
CA LEU N 45 32.64 39.66 21.19
C LEU N 45 31.69 38.47 21.44
N SER N 46 30.36 38.76 21.42
CA SER N 46 29.37 37.70 21.58
C SER N 46 28.43 37.82 20.46
N PRO N 47 27.52 36.88 20.18
CA PRO N 47 26.52 36.95 19.03
C PRO N 47 25.64 38.16 19.01
N GLU N 48 25.26 38.65 20.21
CA GLU N 48 24.49 39.89 20.22
C GLU N 48 25.34 41.12 19.74
N GLU N 49 26.64 41.21 20.18
CA GLU N 49 27.60 42.25 19.84
C GLU N 49 28.01 42.27 18.39
N ARG N 50 28.28 41.02 17.89
CA ARG N 50 28.62 40.79 16.50
C ARG N 50 27.41 41.09 15.62
N ALA N 51 26.14 40.78 16.07
CA ALA N 51 25.02 41.06 15.25
C ALA N 51 24.81 42.55 15.03
N GLU N 52 25.05 43.44 16.07
CA GLU N 52 24.99 44.87 16.08
C GLU N 52 26.15 45.29 15.15
N LEU N 53 27.36 44.70 15.28
CA LEU N 53 28.47 45.16 14.43
C LEU N 53 28.28 44.96 12.94
N ARG N 54 27.67 43.84 12.48
CA ARG N 54 27.34 43.58 11.06
C ARG N 54 26.30 44.63 10.60
N ARG N 55 25.33 44.92 11.52
CA ARG N 55 24.32 45.91 11.31
C ARG N 55 24.79 47.25 11.20
N TRP N 56 25.78 47.67 12.06
CA TRP N 56 26.37 48.99 11.97
C TRP N 56 27.07 49.29 10.69
N GLU N 57 27.80 48.27 10.13
CA GLU N 57 28.37 48.31 8.82
C GLU N 57 27.26 48.39 7.82
N ALA N 58 26.08 47.69 8.02
CA ALA N 58 25.00 47.68 7.11
C ALA N 58 24.45 49.18 6.96
N VAL N 59 24.34 49.97 8.10
CA VAL N 59 23.95 51.36 8.13
C VAL N 59 24.96 52.13 7.32
N SER N 60 26.25 51.83 7.51
CA SER N 60 27.41 52.54 6.93
C SER N 60 27.31 52.38 5.47
N ALA N 61 27.00 51.17 4.96
CA ALA N 61 26.87 50.89 3.56
C ALA N 61 25.73 51.53 2.86
N GLY N 62 24.56 51.51 3.55
CA GLY N 62 23.33 52.07 3.09
C GLY N 62 23.50 53.54 2.96
N ALA N 63 24.28 54.19 3.91
CA ALA N 63 24.51 55.65 3.86
C ALA N 63 25.34 56.20 2.74
N GLU N 64 26.45 55.48 2.42
CA GLU N 64 27.34 55.77 1.34
C GLU N 64 26.59 55.73 0.03
N HIS N 65 25.72 54.65 -0.03
CA HIS N 65 24.97 54.21 -1.21
C HIS N 65 23.95 55.28 -1.63
N THR N 66 23.08 55.69 -0.69
CA THR N 66 22.10 56.70 -0.88
C THR N 66 22.71 58.04 -1.07
N LEU N 67 23.69 58.51 -0.30
CA LEU N 67 24.30 59.85 -0.35
C LEU N 67 24.98 60.10 -1.60
N SER N 68 25.66 59.05 -2.19
CA SER N 68 26.30 59.12 -3.51
C SER N 68 25.36 59.40 -4.67
N LEU N 69 24.14 58.81 -4.58
CA LEU N 69 23.12 59.11 -5.52
C LEU N 69 22.52 60.59 -5.41
N LEU N 70 22.31 61.05 -4.15
CA LEU N 70 21.67 62.39 -4.00
C LEU N 70 22.67 63.52 -4.44
N GLY N 71 23.99 63.36 -4.12
CA GLY N 71 25.09 64.20 -4.50
C GLY N 71 26.42 63.57 -4.25
N LEU N 72 27.21 64.22 -3.29
CA LEU N 72 28.58 63.91 -3.05
C LEU N 72 28.77 63.43 -1.67
N GLU N 73 29.72 62.50 -1.53
CA GLU N 73 30.06 61.85 -0.28
C GLU N 73 31.02 62.73 0.55
N ALA N 74 30.81 62.94 1.81
CA ALA N 74 31.84 63.42 2.66
C ALA N 74 31.35 63.14 4.00
N GLU N 75 32.32 63.20 4.94
CA GLU N 75 31.99 62.82 6.30
C GLU N 75 32.36 63.91 7.24
N PRO N 76 31.45 64.56 7.96
CA PRO N 76 31.76 65.56 8.91
C PRO N 76 32.16 65.03 10.18
N ALA N 77 32.90 65.85 10.99
CA ALA N 77 33.33 65.41 12.28
C ALA N 77 32.09 65.09 13.13
N ARG N 78 31.01 65.92 13.10
CA ARG N 78 29.84 65.69 13.96
C ARG N 78 29.15 64.37 13.76
N PRO N 79 28.64 63.75 14.88
CA PRO N 79 27.75 62.66 14.67
C PRO N 79 26.45 63.11 15.14
N PHE N 80 25.40 62.24 15.03
CA PHE N 80 24.03 62.39 15.47
C PHE N 80 23.82 61.08 16.22
N PRO N 81 23.76 61.03 17.57
CA PRO N 81 23.70 59.91 18.36
C PRO N 81 22.29 59.39 18.39
N GLU N 82 22.00 58.07 18.11
CA GLU N 82 20.72 57.50 18.08
C GLU N 82 20.95 55.99 18.43
N GLY N 83 19.84 55.24 18.81
CA GLY N 83 19.91 53.80 18.93
C GLY N 83 20.09 53.18 17.60
N LEU N 84 20.24 51.86 17.55
CA LEU N 84 20.19 51.12 16.30
C LEU N 84 18.86 51.15 15.59
N GLU N 85 17.76 50.98 16.33
CA GLU N 85 16.39 50.87 15.84
C GLU N 85 16.02 52.17 15.14
N ALA N 86 16.40 53.29 15.76
CA ALA N 86 16.24 54.66 15.25
C ALA N 86 16.98 54.85 14.03
N ALA N 87 18.27 54.30 13.96
CA ALA N 87 19.14 54.45 12.78
C ALA N 87 18.48 53.75 11.54
N GLU N 88 17.99 52.52 11.77
CA GLU N 88 17.45 51.64 10.83
C GLU N 88 16.19 52.22 10.29
N LYS N 89 15.33 52.88 11.12
CA LYS N 89 14.10 53.61 10.75
C LYS N 89 14.41 54.83 10.01
N ALA N 90 15.42 55.71 10.34
CA ALA N 90 15.68 56.84 9.53
C ALA N 90 16.14 56.52 8.13
N LEU N 91 17.06 55.56 7.93
CA LEU N 91 17.63 55.22 6.64
C LEU N 91 16.65 54.58 5.78
N SER N 92 15.74 53.71 6.30
CA SER N 92 14.92 52.90 5.37
C SER N 92 14.04 53.71 4.46
N PRO N 93 13.17 54.74 4.81
CA PRO N 93 12.48 55.55 3.81
C PRO N 93 13.48 56.32 2.95
N ILE N 94 14.59 56.84 3.50
CA ILE N 94 15.46 57.75 2.67
C ILE N 94 16.16 57.02 1.56
N GLN N 95 16.58 55.84 1.91
CA GLN N 95 17.13 54.90 0.89
C GLN N 95 16.14 54.43 -0.14
N ALA N 96 14.86 54.11 0.29
CA ALA N 96 13.80 53.61 -0.61
C ALA N 96 13.46 54.59 -1.66
N HIS N 97 13.35 55.90 -1.26
CA HIS N 97 13.02 56.94 -2.17
C HIS N 97 14.10 57.23 -3.20
N ALA N 98 15.42 57.28 -2.72
CA ALA N 98 16.51 57.46 -3.63
C ALA N 98 16.74 56.37 -4.64
N GLU N 99 16.62 55.12 -4.16
CA GLU N 99 16.73 53.91 -4.91
C GLU N 99 15.70 53.87 -6.03
N GLY N 100 14.40 54.24 -5.69
CA GLY N 100 13.34 54.24 -6.69
C GLY N 100 13.61 55.27 -7.74
N LEU N 101 13.98 56.49 -7.33
CA LEU N 101 14.12 57.58 -8.28
C LEU N 101 15.24 57.38 -9.27
N THR N 102 16.41 56.89 -8.79
CA THR N 102 17.59 56.71 -9.67
C THR N 102 17.30 55.61 -10.72
N ARG N 103 16.56 54.55 -10.34
CA ARG N 103 16.14 53.54 -11.34
C ARG N 103 15.16 54.24 -12.30
N GLN N 104 14.15 55.06 -11.86
CA GLN N 104 13.05 55.70 -12.67
C GLN N 104 13.62 56.64 -13.69
N LYS N 105 14.58 57.53 -13.27
CA LYS N 105 15.31 58.43 -14.09
C LYS N 105 16.15 57.75 -15.13
N GLN N 106 16.81 56.65 -14.78
CA GLN N 106 17.57 55.89 -15.73
C GLN N 106 16.75 55.19 -16.82
N GLU N 107 15.56 54.67 -16.33
CA GLU N 107 14.55 54.03 -17.15
C GLU N 107 14.03 54.98 -18.14
N LEU N 108 13.73 56.26 -17.83
CA LEU N 108 13.22 57.31 -18.66
C LEU N 108 14.27 57.68 -19.70
N GLU N 109 15.62 57.70 -19.33
CA GLU N 109 16.61 58.11 -20.26
C GLU N 109 16.82 57.07 -21.38
N GLU N 110 16.77 55.79 -21.01
CA GLU N 110 16.91 54.70 -21.88
C GLU N 110 15.76 54.62 -22.79
N GLU N 111 14.58 54.91 -22.13
CA GLU N 111 13.31 54.89 -22.83
C GLU N 111 13.22 55.98 -23.90
N LEU N 112 13.63 57.17 -23.54
CA LEU N 112 13.62 58.37 -24.32
C LEU N 112 14.53 58.17 -25.49
N ALA N 113 15.73 57.52 -25.27
CA ALA N 113 16.76 57.22 -26.25
C ALA N 113 16.32 56.39 -27.35
N LEU N 114 15.55 55.28 -27.01
CA LEU N 114 14.91 54.40 -28.01
C LEU N 114 13.85 55.19 -28.86
N ALA N 115 12.97 55.98 -28.11
CA ALA N 115 11.92 56.69 -28.69
C ALA N 115 12.42 57.69 -29.66
N GLN N 116 13.50 58.40 -29.36
CA GLN N 116 14.25 59.35 -30.18
C GLN N 116 14.86 58.71 -31.46
N ALA N 117 15.46 57.54 -31.34
CA ALA N 117 16.10 56.94 -32.49
C ALA N 117 15.08 56.52 -33.53
N TYR N 118 14.02 55.83 -33.06
CA TYR N 118 13.21 55.03 -33.88
C TYR N 118 11.77 55.55 -34.07
N LEU N 119 11.44 56.83 -33.75
CA LEU N 119 10.01 57.13 -33.93
C LEU N 119 9.65 57.15 -35.48
N GLU N 120 10.44 57.91 -36.30
CA GLU N 120 10.29 58.07 -37.71
C GLU N 120 10.49 56.69 -38.40
N PRO N 121 11.42 55.76 -38.20
CA PRO N 121 11.47 54.52 -38.93
C PRO N 121 10.30 53.68 -38.78
N LEU N 122 9.78 53.50 -37.57
CA LEU N 122 8.61 52.68 -37.23
C LEU N 122 7.37 53.26 -37.75
N GLU N 123 7.28 54.62 -37.76
CA GLU N 123 6.16 55.38 -38.28
C GLU N 123 6.05 55.10 -39.79
N ARG N 124 7.25 55.19 -40.52
CA ARG N 124 7.28 54.96 -41.93
C ARG N 124 6.89 53.48 -42.29
N LEU N 125 7.50 52.48 -41.59
CA LEU N 125 7.29 51.06 -41.73
C LEU N 125 5.85 50.73 -41.41
N ALA N 126 5.22 51.36 -40.36
CA ALA N 126 3.82 51.04 -39.98
C ALA N 126 2.80 51.40 -41.08
N ALA N 127 3.02 52.60 -41.66
CA ALA N 127 2.15 53.12 -42.70
C ALA N 127 2.17 52.22 -43.89
N LEU N 128 3.42 51.69 -44.21
CA LEU N 128 3.72 50.84 -45.31
C LEU N 128 2.96 49.52 -45.25
N ALA N 129 2.75 48.98 -43.96
CA ALA N 129 2.14 47.73 -43.70
C ALA N 129 0.94 48.03 -42.83
N HIS N 130 0.07 48.98 -43.32
CA HIS N 130 -1.14 49.38 -42.64
C HIS N 130 -2.17 48.24 -42.84
N GLY N 131 -2.70 47.59 -41.75
CA GLY N 131 -3.60 46.43 -41.92
C GLY N 131 -2.90 45.20 -42.37
N LEU N 132 -1.60 45.23 -42.66
CA LEU N 132 -0.95 44.11 -43.24
C LEU N 132 -0.20 43.27 -42.20
N ASP N 133 -0.33 43.76 -40.91
CA ASP N 133 0.38 43.10 -39.80
C ASP N 133 -0.52 42.15 -39.07
N LYS N 134 -1.76 41.89 -39.59
CA LYS N 134 -2.62 40.92 -38.80
C LYS N 134 -3.59 40.23 -39.78
N SER N 135 -3.26 40.37 -41.11
CA SER N 135 -4.03 39.74 -42.10
C SER N 135 -3.40 38.47 -42.28
N PRO N 136 -4.02 37.32 -42.27
CA PRO N 136 -3.33 36.00 -42.43
C PRO N 136 -2.86 35.92 -43.81
N PHE N 137 -3.52 36.59 -44.71
CA PHE N 137 -3.34 36.53 -46.11
C PHE N 137 -1.94 36.82 -46.57
N LEU N 138 -1.41 37.98 -46.17
CA LEU N 138 -0.15 38.48 -46.60
C LEU N 138 0.83 38.33 -45.43
N ARG N 139 2.17 38.26 -45.75
CA ARG N 139 3.19 38.38 -44.70
C ARG N 139 4.04 39.54 -45.08
N VAL N 140 4.61 40.33 -44.16
CA VAL N 140 5.34 41.47 -44.49
C VAL N 140 6.67 41.23 -43.91
N ILE N 141 7.76 41.83 -44.43
CA ILE N 141 9.08 41.74 -43.79
C ILE N 141 9.47 43.18 -43.81
N PRO N 142 9.74 43.75 -42.61
CA PRO N 142 10.44 45.09 -42.52
C PRO N 142 11.99 44.94 -42.69
N PHE N 143 12.73 45.93 -43.30
CA PHE N 143 14.20 45.91 -43.34
C PHE N 143 14.71 47.32 -43.65
N LEU N 144 16.02 47.62 -43.35
CA LEU N 144 16.49 49.00 -43.46
C LEU N 144 17.31 49.05 -44.72
N LEU N 145 17.31 50.10 -45.54
CA LEU N 145 17.98 50.20 -46.76
C LEU N 145 18.54 51.56 -46.66
N THR N 146 19.66 51.73 -47.43
CA THR N 146 20.25 53.04 -47.49
C THR N 146 20.00 53.32 -48.95
N GLU N 147 20.10 54.57 -49.41
CA GLU N 147 19.85 55.06 -50.77
C GLU N 147 20.70 54.25 -51.80
N LYS N 148 22.02 54.12 -51.58
CA LYS N 148 22.94 53.35 -52.40
C LYS N 148 22.49 51.91 -52.51
N GLU N 149 22.01 51.32 -51.39
CA GLU N 149 21.67 49.93 -51.30
C GLU N 149 20.41 49.54 -52.06
N LEU N 150 19.44 50.47 -52.27
CA LEU N 150 18.17 50.11 -52.81
C LEU N 150 18.12 49.45 -54.22
N PRO N 151 18.77 49.79 -55.31
CA PRO N 151 18.69 49.15 -56.62
C PRO N 151 18.99 47.68 -56.59
N LEU N 152 20.04 47.24 -55.87
CA LEU N 152 20.55 45.89 -55.73
C LEU N 152 19.57 44.94 -55.09
N VAL N 153 18.93 45.48 -54.03
CA VAL N 153 17.92 44.85 -53.22
C VAL N 153 16.69 44.57 -54.00
N GLU N 154 16.26 45.57 -54.78
CA GLU N 154 15.12 45.55 -55.64
C GLU N 154 15.22 44.46 -56.74
N GLU N 155 16.46 44.43 -57.35
CA GLU N 155 16.76 43.39 -58.39
C GLU N 155 16.75 42.00 -57.76
N ALA N 156 17.44 41.79 -56.60
CA ALA N 156 17.60 40.63 -55.78
C ALA N 156 16.26 40.07 -55.36
N LEU N 157 15.26 40.89 -54.88
CA LEU N 157 13.91 40.50 -54.50
C LEU N 157 13.28 40.00 -55.75
N ARG N 158 13.35 40.77 -56.86
CA ARG N 158 12.62 40.50 -58.06
C ARG N 158 12.96 39.15 -58.64
N LYS N 159 14.29 38.66 -58.59
CA LYS N 159 14.62 37.28 -59.02
C LYS N 159 14.10 36.25 -58.07
N ALA N 160 14.14 36.50 -56.76
CA ALA N 160 13.64 35.60 -55.75
C ALA N 160 12.16 35.38 -55.72
N LEU N 161 11.42 36.49 -55.92
CA LEU N 161 10.01 36.56 -55.61
C LEU N 161 9.17 36.94 -56.78
N GLU N 162 9.75 36.92 -57.98
CA GLU N 162 9.05 37.20 -59.24
C GLU N 162 8.38 38.53 -59.34
N ASP N 163 7.17 38.52 -59.86
CA ASP N 163 6.37 39.73 -59.99
C ASP N 163 5.13 39.87 -59.09
N ARG N 164 4.85 38.83 -58.24
CA ARG N 164 3.85 38.63 -57.23
C ARG N 164 4.41 39.06 -55.87
N TYR N 165 4.75 40.41 -55.82
CA TYR N 165 5.30 41.06 -54.69
C TYR N 165 5.03 42.51 -54.79
N LEU N 166 5.01 43.28 -53.71
CA LEU N 166 4.92 44.72 -53.63
C LEU N 166 6.02 45.23 -52.73
N LEU N 167 6.89 46.09 -53.30
CA LEU N 167 7.95 46.66 -52.56
C LEU N 167 7.62 48.12 -52.61
N ALA N 168 7.37 48.76 -51.43
CA ALA N 168 7.12 50.16 -51.29
C ALA N 168 8.06 50.63 -50.20
N HIS N 169 8.49 51.92 -50.23
CA HIS N 169 9.43 52.43 -49.20
C HIS N 169 9.08 53.82 -48.90
N GLU N 170 9.36 54.30 -47.69
CA GLU N 170 9.22 55.69 -47.25
C GLU N 170 10.46 56.08 -46.45
N ALA N 171 10.85 57.39 -46.48
CA ALA N 171 12.15 57.89 -46.09
C ALA N 171 12.11 58.63 -44.81
N TYR N 172 13.01 58.24 -43.88
CA TYR N 172 12.89 58.45 -42.48
C TYR N 172 13.64 59.75 -42.28
N ALA N 173 15.00 59.73 -42.53
CA ALA N 173 15.79 60.92 -42.56
C ALA N 173 17.17 60.61 -43.06
N GLY N 174 17.36 59.40 -43.52
CA GLY N 174 18.61 58.96 -44.09
C GLY N 174 18.19 58.39 -45.38
N GLY N 175 18.24 57.02 -45.28
CA GLY N 175 18.05 56.11 -46.37
C GLY N 175 16.56 55.87 -46.40
N VAL N 176 16.09 54.64 -46.56
CA VAL N 176 14.69 54.29 -46.35
C VAL N 176 14.56 53.05 -45.56
N PRO N 177 13.59 53.02 -44.64
CA PRO N 177 13.09 51.70 -44.16
C PRO N 177 12.09 51.31 -45.18
N ALA N 178 12.27 50.02 -45.63
CA ALA N 178 11.61 49.56 -46.83
C ALA N 178 10.84 48.41 -46.35
N LEU N 179 9.74 48.15 -47.05
CA LEU N 179 8.90 47.04 -46.67
C LEU N 179 8.52 46.33 -48.00
N VAL N 180 8.61 44.99 -47.86
CA VAL N 180 8.26 44.13 -48.93
C VAL N 180 7.08 43.36 -48.44
N VAL N 181 6.15 43.06 -49.30
CA VAL N 181 4.90 42.38 -49.01
C VAL N 181 5.05 41.24 -49.91
N VAL N 182 4.78 40.03 -49.32
CA VAL N 182 4.91 38.80 -50.07
C VAL N 182 3.79 37.98 -49.58
N HIS N 183 3.40 37.03 -50.36
CA HIS N 183 2.49 35.91 -49.99
C HIS N 183 3.04 35.02 -48.92
N ARG N 184 2.21 34.37 -48.06
CA ARG N 184 2.68 33.51 -47.02
C ARG N 184 3.16 32.26 -47.61
N LYS N 185 4.49 31.87 -47.42
CA LYS N 185 5.18 30.70 -47.92
C LYS N 185 6.17 31.14 -49.02
N GLU N 186 6.24 32.44 -49.34
CA GLU N 186 7.27 33.05 -50.20
C GLU N 186 7.98 33.97 -49.24
N VAL N 187 7.87 33.81 -47.95
CA VAL N 187 8.52 34.50 -46.87
C VAL N 187 10.03 34.26 -46.88
N ASP N 188 10.43 33.01 -47.09
CA ASP N 188 11.77 32.42 -47.11
C ASP N 188 12.60 32.90 -48.29
N GLN N 189 11.90 33.07 -49.43
CA GLN N 189 12.49 33.59 -50.67
C GLN N 189 12.96 35.05 -50.53
N ALA N 190 12.11 35.86 -49.88
CA ALA N 190 12.41 37.18 -49.54
C ALA N 190 13.43 37.38 -48.51
N LYS N 191 13.47 36.68 -47.42
CA LYS N 191 14.49 36.70 -46.38
C LYS N 191 15.84 36.26 -46.95
N ALA N 192 15.92 35.25 -47.85
CA ALA N 192 17.17 34.77 -48.43
C ALA N 192 17.83 35.82 -49.24
N ALA N 193 17.01 36.56 -49.97
CA ALA N 193 17.48 37.67 -50.71
C ALA N 193 18.14 38.80 -49.87
N LEU N 194 17.51 39.15 -48.74
CA LEU N 194 18.11 40.11 -47.82
C LEU N 194 19.37 39.62 -47.17
N SER N 195 19.46 38.35 -46.73
CA SER N 195 20.54 37.74 -46.01
C SER N 195 21.81 37.70 -46.84
N ARG N 196 21.57 37.35 -48.14
CA ARG N 196 22.55 37.28 -49.19
C ARG N 196 23.11 38.66 -49.51
N ALA N 197 22.35 39.73 -49.52
CA ALA N 197 22.77 41.09 -49.74
C ALA N 197 23.61 41.63 -48.60
N GLY N 198 23.27 41.18 -47.37
CA GLY N 198 23.87 41.65 -46.08
C GLY N 198 22.93 42.71 -45.46
N VAL N 199 21.67 42.64 -45.82
CA VAL N 199 20.71 43.50 -45.29
C VAL N 199 20.06 42.81 -44.13
N ALA N 200 20.13 43.46 -42.91
CA ALA N 200 19.47 43.11 -41.70
C ALA N 200 18.08 43.67 -41.65
N GLU N 201 17.22 43.01 -40.80
CA GLU N 201 15.77 43.21 -40.61
C GLU N 201 15.67 44.42 -39.66
N LEU N 202 14.55 45.17 -39.70
CA LEU N 202 14.34 46.27 -38.69
C LEU N 202 13.25 45.87 -37.75
N ARG N 203 13.50 45.93 -36.44
CA ARG N 203 12.60 45.53 -35.38
C ARG N 203 13.04 46.39 -34.23
N LEU N 204 12.30 46.40 -33.10
CA LEU N 204 12.59 47.10 -31.81
C LEU N 204 12.94 46.07 -30.73
N PRO N 205 13.49 46.47 -29.54
CA PRO N 205 13.80 45.62 -28.45
C PRO N 205 12.56 45.02 -27.82
N GLY N 206 12.62 43.74 -27.61
CA GLY N 206 11.64 42.99 -26.73
C GLY N 206 10.35 43.00 -27.35
N ALA N 207 9.33 43.20 -26.41
CA ALA N 207 7.89 43.15 -26.61
C ALA N 207 7.44 44.14 -27.56
N LEU N 208 7.97 45.36 -27.65
CA LEU N 208 7.53 46.39 -28.50
C LEU N 208 7.71 45.98 -29.93
N GLY N 209 8.78 45.21 -30.24
CA GLY N 209 9.00 44.71 -31.54
C GLY N 209 7.98 43.80 -32.01
N GLU N 210 7.59 42.83 -31.08
CA GLU N 210 6.62 41.76 -31.33
C GLU N 210 5.21 42.32 -31.64
N LEU N 211 4.78 43.44 -30.95
CA LEU N 211 3.49 44.12 -31.09
C LEU N 211 3.33 44.56 -32.46
N PRO N 212 2.11 44.60 -33.13
CA PRO N 212 2.03 45.17 -34.48
C PRO N 212 2.72 46.53 -34.69
N LEU N 213 3.14 46.86 -35.93
CA LEU N 213 3.91 48.02 -36.18
C LEU N 213 3.35 49.33 -35.74
N SER N 214 2.03 49.57 -35.97
CA SER N 214 1.22 50.74 -35.68
C SER N 214 1.17 51.11 -34.25
N GLU N 215 1.05 50.07 -33.40
CA GLU N 215 0.94 50.22 -32.03
C GLU N 215 2.27 50.78 -31.42
N ALA N 216 3.35 50.20 -31.99
CA ALA N 216 4.68 50.49 -31.65
C ALA N 216 5.10 51.90 -32.01
N ALA N 217 4.67 52.34 -33.24
CA ALA N 217 4.89 53.63 -33.87
C ALA N 217 4.20 54.81 -33.19
N ARG N 218 2.91 54.59 -32.72
CA ARG N 218 2.15 55.53 -31.96
C ARG N 218 2.73 55.69 -30.60
N ARG N 219 3.07 54.61 -29.93
CA ARG N 219 3.67 54.66 -28.62
C ARG N 219 4.97 55.29 -28.49
N LEU N 220 5.84 55.02 -29.51
CA LEU N 220 7.13 55.54 -29.57
C LEU N 220 7.17 57.06 -29.64
N LYS N 221 6.20 57.59 -30.35
CA LYS N 221 6.01 59.02 -30.68
C LYS N 221 5.64 59.69 -29.38
N GLU N 222 4.75 59.01 -28.70
CA GLU N 222 4.13 59.55 -27.47
C GLU N 222 5.11 59.60 -26.32
N ARG N 223 5.91 58.51 -26.24
CA ARG N 223 7.07 58.45 -25.29
C ARG N 223 8.21 59.50 -25.63
N ALA N 224 8.47 59.82 -26.93
CA ALA N 224 9.45 60.85 -27.28
C ALA N 224 9.02 62.21 -26.70
N GLU N 225 7.70 62.52 -26.85
CA GLU N 225 7.06 63.69 -26.35
C GLU N 225 6.91 63.87 -24.88
N ALA N 226 6.45 62.79 -24.16
CA ALA N 226 6.15 62.72 -22.74
C ALA N 226 7.39 62.73 -21.89
N ALA N 227 8.54 61.99 -22.25
CA ALA N 227 9.69 61.70 -21.39
C ALA N 227 10.39 62.87 -20.79
N PRO N 228 10.72 63.99 -21.44
CA PRO N 228 11.34 65.16 -20.85
C PRO N 228 10.54 65.77 -19.74
N ARG N 229 9.17 65.76 -19.80
CA ARG N 229 8.29 66.31 -18.78
C ARG N 229 8.32 65.31 -17.59
N GLU N 230 8.37 63.97 -17.76
CA GLU N 230 8.47 63.08 -16.63
C GLU N 230 9.84 63.11 -15.90
N LEU N 231 10.86 63.30 -16.72
CA LEU N 231 12.26 63.46 -16.34
C LEU N 231 12.46 64.70 -15.49
N SER N 232 11.79 65.85 -15.79
CA SER N 232 11.73 67.15 -15.07
C SER N 232 11.13 66.92 -13.76
N GLU N 233 10.06 66.10 -13.55
CA GLU N 233 9.44 65.81 -12.28
C GLU N 233 10.25 65.10 -11.29
N VAL N 234 10.97 63.96 -11.75
CA VAL N 234 11.76 63.12 -10.99
C VAL N 234 13.04 63.83 -10.53
N ARG N 235 13.55 64.70 -11.50
CA ARG N 235 14.72 65.47 -11.15
C ARG N 235 14.47 66.46 -10.04
N GLN N 236 13.29 67.15 -10.08
CA GLN N 236 12.87 68.11 -8.99
C GLN N 236 12.75 67.42 -7.69
N HIS N 237 12.16 66.23 -7.66
CA HIS N 237 12.02 65.54 -6.44
C HIS N 237 13.33 65.12 -5.80
N LEU N 238 14.27 64.70 -6.69
CA LEU N 238 15.61 64.28 -6.34
C LEU N 238 16.42 65.40 -5.77
N ALA N 239 16.33 66.62 -6.36
CA ALA N 239 16.89 67.85 -5.79
C ALA N 239 16.38 68.28 -4.46
N LYS N 240 15.05 68.29 -4.17
CA LYS N 240 14.40 68.65 -2.97
C LYS N 240 14.82 67.70 -1.84
N LEU N 241 15.02 66.39 -2.16
CA LEU N 241 15.54 65.37 -1.22
C LEU N 241 17.01 65.63 -0.89
N ALA N 242 17.76 66.04 -1.87
CA ALA N 242 19.19 66.37 -1.72
C ALA N 242 19.42 67.62 -0.85
N ARG N 243 18.65 68.72 -0.99
CA ARG N 243 18.75 69.89 -0.21
C ARG N 243 18.49 69.66 1.23
N GLU N 244 17.36 68.93 1.54
CA GLU N 244 16.88 68.64 2.92
C GLU N 244 17.64 67.61 3.67
N SER N 245 18.20 66.45 3.03
CA SER N 245 18.63 65.26 3.77
C SER N 245 20.03 64.81 3.49
N ALA N 246 20.84 65.62 2.74
CA ALA N 246 22.22 65.33 2.51
C ALA N 246 23.00 65.33 3.73
N SER N 247 22.72 66.33 4.58
CA SER N 247 23.36 66.56 5.89
C SER N 247 23.15 65.41 6.90
N THR N 248 21.93 64.87 7.00
CA THR N 248 21.43 63.73 7.87
C THR N 248 22.16 62.45 7.53
N LEU N 249 22.43 62.14 6.20
CA LEU N 249 23.08 60.94 5.76
C LEU N 249 24.47 60.92 6.24
N GLN N 250 25.11 62.12 6.18
CA GLN N 250 26.49 62.35 6.58
C GLN N 250 26.76 62.14 8.06
N SER N 251 25.82 62.64 8.88
CA SER N 251 25.77 62.50 10.31
C SER N 251 25.46 61.05 10.77
N LEU N 252 24.57 60.25 10.07
CA LEU N 252 24.30 58.87 10.44
C LEU N 252 25.55 58.02 10.12
N TRP N 253 26.25 58.28 8.94
CA TRP N 253 27.50 57.66 8.61
C TRP N 253 28.51 57.90 9.61
N THR N 254 28.70 59.09 10.20
CA THR N 254 29.70 59.41 11.18
C THR N 254 29.48 58.66 12.44
N ARG N 255 28.18 58.56 13.02
CA ARG N 255 27.91 57.89 14.32
C ARG N 255 28.25 56.38 14.11
N ALA N 256 27.77 55.75 12.96
CA ALA N 256 28.03 54.35 12.74
C ALA N 256 29.41 53.95 12.59
N GLN N 257 30.21 54.77 11.86
CA GLN N 257 31.59 54.67 11.58
C GLN N 257 32.38 54.59 12.88
N ASP N 258 32.07 55.48 13.95
CA ASP N 258 32.84 55.57 15.23
C ASP N 258 32.71 54.28 16.01
N GLU N 259 31.47 53.86 16.03
CA GLU N 259 30.88 52.67 16.69
C GLU N 259 31.54 51.48 16.08
N VAL N 260 31.73 51.45 14.74
CA VAL N 260 32.40 50.32 14.00
C VAL N 260 33.79 50.21 14.44
N ALA N 261 34.52 51.28 14.52
CA ALA N 261 35.91 51.36 14.97
C ALA N 261 36.12 50.90 16.36
N ARG N 262 35.15 51.24 17.28
CA ARG N 262 35.07 50.91 18.69
C ARG N 262 34.96 49.41 18.97
N LEU N 263 34.00 48.77 18.27
CA LEU N 263 33.73 47.33 18.34
C LEU N 263 34.78 46.46 17.76
N LYS N 264 35.33 46.90 16.53
CA LYS N 264 36.48 46.28 15.89
C LYS N 264 37.67 46.29 16.82
N ALA N 265 37.91 47.40 17.62
CA ALA N 265 39.03 47.63 18.50
C ALA N 265 38.99 46.58 19.57
N LEU N 266 37.75 46.36 20.10
CA LEU N 266 37.58 45.46 21.21
C LEU N 266 37.89 44.04 20.89
N GLU N 267 37.44 43.51 19.69
CA GLU N 267 37.60 42.17 19.16
C GLU N 267 39.09 41.92 18.94
N GLU N 268 39.87 42.95 18.51
CA GLU N 268 41.29 43.08 18.20
C GLU N 268 42.12 43.03 19.48
N LEU N 269 41.73 43.74 20.56
CA LEU N 269 42.28 43.53 21.93
C LEU N 269 42.16 42.10 22.46
N ALA N 270 40.97 41.41 22.14
CA ALA N 270 40.53 40.15 22.70
C ALA N 270 41.42 39.00 22.40
N SER N 271 42.02 39.04 21.22
CA SER N 271 42.91 37.97 20.83
C SER N 271 44.27 38.01 21.57
N GLY N 272 44.52 39.18 22.17
CA GLY N 272 45.57 39.42 23.07
C GLY N 272 46.95 39.39 22.41
N ARG N 273 47.07 39.89 21.21
CA ARG N 273 48.28 39.79 20.43
C ARG N 273 49.11 41.02 20.70
N PHE N 274 48.58 42.10 21.30
CA PHE N 274 49.30 43.30 21.67
C PHE N 274 50.43 43.13 22.70
N GLY N 275 51.52 43.85 22.38
CA GLY N 275 52.75 43.78 23.09
C GLY N 275 52.60 44.32 24.43
N PHE N 276 52.23 45.65 24.49
CA PHE N 276 52.10 46.51 25.70
C PHE N 276 50.60 46.80 25.69
N ALA N 277 49.94 46.64 26.92
CA ALA N 277 48.57 46.85 27.19
C ALA N 277 48.54 47.42 28.61
N LEU N 278 47.68 48.43 28.81
CA LEU N 278 47.64 49.16 30.05
C LEU N 278 46.23 49.14 30.57
N LEU N 279 46.17 49.31 31.91
CA LEU N 279 44.94 49.44 32.65
C LEU N 279 45.02 50.75 33.34
N GLY N 280 43.93 51.50 33.45
CA GLY N 280 43.98 52.73 34.20
C GLY N 280 42.48 53.10 34.35
N TYR N 281 42.18 54.11 35.14
CA TYR N 281 40.93 54.69 35.47
C TYR N 281 41.11 56.19 35.19
N VAL N 282 40.03 56.84 34.73
CA VAL N 282 39.98 58.26 34.52
C VAL N 282 38.72 58.78 35.11
N PRO N 283 38.75 59.98 35.68
CA PRO N 283 37.59 60.68 36.11
C PRO N 283 36.78 61.14 34.95
N VAL N 284 35.53 61.59 35.24
CA VAL N 284 34.55 61.82 34.12
C VAL N 284 35.02 62.96 33.20
N LYS N 285 35.53 64.04 33.93
CA LYS N 285 36.08 65.20 33.32
C LYS N 285 37.29 64.88 32.48
N ALA N 286 38.24 64.00 33.05
CA ALA N 286 39.47 63.48 32.47
C ALA N 286 39.23 62.63 31.23
N LYS N 287 38.07 61.91 31.10
CA LYS N 287 37.77 60.95 30.11
C LYS N 287 37.85 61.55 28.71
N PRO N 288 37.48 62.86 28.50
CA PRO N 288 37.69 63.51 27.19
C PRO N 288 39.18 63.69 26.95
N LYS N 289 40.00 64.07 27.95
CA LYS N 289 41.39 64.30 27.67
C LYS N 289 42.36 63.14 27.37
N VAL N 290 42.08 61.97 27.97
CA VAL N 290 42.93 60.77 28.07
C VAL N 290 43.16 60.25 26.72
N GLU N 291 42.05 60.12 25.91
CA GLU N 291 42.12 59.52 24.63
C GLU N 291 42.86 60.29 23.56
N GLU N 292 42.91 61.68 23.69
CA GLU N 292 43.58 62.64 22.84
C GLU N 292 45.08 62.40 22.82
N ALA N 293 45.71 62.14 23.94
CA ALA N 293 47.11 61.91 24.04
C ALA N 293 47.37 60.80 24.97
N ASN N 323 57.29 84.36 15.17
CA ASN N 323 57.10 84.93 13.82
C ASN N 323 56.44 83.90 13.00
N PRO N 324 55.48 84.27 12.15
CA PRO N 324 54.83 83.33 11.30
C PRO N 324 55.78 82.42 10.44
N PRO N 325 56.88 82.84 9.65
CA PRO N 325 57.66 81.90 8.75
C PRO N 325 58.27 80.62 9.24
N TRP N 326 58.75 80.56 10.54
CA TRP N 326 59.43 79.41 11.12
C TRP N 326 58.37 78.87 12.02
N VAL N 327 57.63 79.62 12.90
CA VAL N 327 56.78 79.04 13.95
C VAL N 327 55.64 78.32 13.43
N LYS N 328 54.97 78.81 12.39
CA LYS N 328 53.88 78.12 11.76
C LYS N 328 54.16 76.76 11.21
N PRO N 329 55.14 76.44 10.41
CA PRO N 329 55.40 75.05 10.07
C PRO N 329 56.03 74.32 11.22
N PHE N 330 56.71 75.07 12.19
CA PHE N 330 57.42 74.49 13.28
C PHE N 330 56.43 73.85 14.20
N GLU N 331 55.26 74.40 14.35
CA GLU N 331 54.08 73.91 15.16
C GLU N 331 53.51 72.56 14.84
N LEU N 332 53.56 72.20 13.57
CA LEU N 332 53.17 70.90 13.13
C LEU N 332 54.29 69.80 13.34
N LEU N 333 55.52 70.25 13.40
CA LEU N 333 56.71 69.35 13.62
C LEU N 333 56.70 68.88 15.04
N VAL N 334 55.98 69.63 15.93
CA VAL N 334 55.84 69.28 17.34
C VAL N 334 55.24 67.89 17.55
N SER N 335 54.30 67.44 16.64
CA SER N 335 53.75 66.04 16.82
C SER N 335 54.78 64.96 16.61
N PHE N 336 55.86 65.23 15.92
CA PHE N 336 56.92 64.29 15.54
C PHE N 336 58.09 64.50 16.47
N LEU N 337 58.10 65.61 17.24
CA LEU N 337 59.12 65.81 18.29
C LEU N 337 58.89 64.76 19.35
N ASN N 338 57.60 64.47 19.60
CA ASN N 338 57.09 63.72 20.75
C ASN N 338 57.31 62.25 20.51
N THR N 339 57.57 61.96 19.21
CA THR N 339 57.71 60.61 18.86
C THR N 339 59.04 60.26 18.22
N PRO N 340 59.94 59.62 18.92
CA PRO N 340 61.24 59.18 18.37
C PRO N 340 61.14 57.71 18.24
N LYS N 341 61.81 57.15 17.21
CA LYS N 341 61.88 55.76 16.89
C LYS N 341 63.29 55.35 16.60
N TYR N 342 64.32 56.24 16.90
CA TYR N 342 65.64 55.82 16.67
C TYR N 342 66.48 56.69 17.52
N GLY N 343 67.85 56.43 17.57
CA GLY N 343 68.76 57.15 18.41
C GLY N 343 69.14 58.35 17.73
N THR N 344 68.80 58.55 16.42
CA THR N 344 68.98 59.78 15.74
C THR N 344 67.86 60.67 16.22
N PHE N 345 68.17 61.96 16.27
CA PHE N 345 67.39 63.10 16.69
C PHE N 345 66.26 63.20 15.68
N ASP N 346 65.13 63.69 16.14
CA ASP N 346 63.89 63.78 15.46
C ASP N 346 64.01 64.75 14.29
N PRO N 347 63.28 64.61 13.20
CA PRO N 347 63.42 65.35 11.92
C PRO N 347 62.88 66.78 11.97
N THR N 348 63.05 67.44 13.03
CA THR N 348 62.73 68.83 13.18
C THR N 348 63.71 69.78 12.44
N PRO N 349 65.08 69.68 12.39
CA PRO N 349 65.94 70.58 11.64
C PRO N 349 65.59 70.73 10.15
N VAL N 350 64.89 69.71 9.57
CA VAL N 350 64.69 69.55 8.20
C VAL N 350 64.10 70.73 7.50
N VAL N 351 63.12 71.42 8.17
CA VAL N 351 62.32 72.56 7.67
C VAL N 351 63.24 73.81 7.44
N PRO N 352 64.14 74.25 8.30
CA PRO N 352 65.08 75.35 8.01
C PRO N 352 66.16 75.03 7.10
N ILE N 353 66.47 73.74 6.88
CA ILE N 353 67.44 73.35 5.88
C ILE N 353 66.81 73.50 4.54
N PHE N 354 65.47 73.16 4.39
CA PHE N 354 64.70 73.27 3.24
C PHE N 354 64.62 74.74 2.76
N PHE N 355 64.39 75.69 3.75
CA PHE N 355 63.95 77.02 3.47
C PHE N 355 64.88 77.81 2.56
N PRO N 356 66.24 77.84 2.71
CA PRO N 356 67.05 78.78 1.92
C PRO N 356 66.90 78.47 0.43
N PHE N 357 67.11 77.23 0.04
CA PHE N 357 67.09 76.73 -1.30
C PHE N 357 65.77 76.87 -1.93
N TRP N 358 64.72 76.52 -1.18
CA TRP N 358 63.31 76.72 -1.55
C TRP N 358 62.93 78.17 -1.88
N PHE N 359 63.35 79.16 -1.09
CA PHE N 359 63.10 80.56 -1.27
C PHE N 359 63.89 81.07 -2.43
N GLY N 360 65.08 80.51 -2.57
CA GLY N 360 66.14 80.92 -3.49
C GLY N 360 65.98 80.43 -4.96
N MET N 361 64.81 79.69 -5.21
CA MET N 361 64.42 79.07 -6.45
C MET N 361 63.88 80.07 -7.42
N ILE N 362 63.49 81.28 -6.81
CA ILE N 362 62.99 82.39 -7.64
C ILE N 362 63.93 83.42 -7.43
N VAL N 363 64.59 83.91 -8.48
CA VAL N 363 65.60 84.90 -8.41
C VAL N 363 65.58 85.55 -9.72
N GLY N 364 64.59 85.35 -10.62
CA GLY N 364 64.40 85.97 -11.88
C GLY N 364 64.30 87.47 -11.86
N ASP N 365 64.06 87.98 -13.05
CA ASP N 365 64.00 89.41 -13.28
C ASP N 365 62.54 89.89 -13.32
N ILE N 366 62.30 90.93 -14.19
CA ILE N 366 61.07 91.73 -14.41
C ILE N 366 60.00 90.82 -14.97
N GLY N 367 60.44 89.85 -15.81
CA GLY N 367 59.56 88.98 -16.48
C GLY N 367 59.11 87.72 -15.70
N TYR N 368 59.74 87.38 -14.63
CA TYR N 368 59.48 86.16 -13.87
C TYR N 368 59.17 86.48 -12.42
N ALA N 369 60.21 86.81 -11.64
CA ALA N 369 60.14 86.90 -10.26
C ALA N 369 59.27 87.98 -9.71
N LEU N 370 59.44 89.20 -10.31
CA LEU N 370 58.70 90.40 -9.98
C LEU N 370 57.33 90.42 -10.51
N LEU N 371 56.93 89.33 -11.17
CA LEU N 371 55.53 89.27 -11.72
C LEU N 371 54.87 88.15 -11.05
N PHE N 372 55.72 87.40 -10.26
CA PHE N 372 55.25 86.17 -9.58
C PHE N 372 54.20 86.42 -8.45
N TYR N 373 54.09 87.69 -8.07
CA TYR N 373 53.36 88.20 -7.01
C TYR N 373 51.93 87.79 -7.12
N LEU N 374 51.49 87.86 -8.36
CA LEU N 374 50.15 87.49 -8.75
C LEU N 374 49.79 86.00 -8.47
N VAL N 375 50.76 85.11 -8.70
CA VAL N 375 50.66 83.72 -8.55
C VAL N 375 50.48 83.35 -7.05
N GLY N 376 51.22 84.01 -6.14
CA GLY N 376 51.08 83.80 -4.66
C GLY N 376 49.78 84.13 -4.00
N ARG N 377 49.11 85.20 -4.54
CA ARG N 377 47.97 85.85 -4.02
C ARG N 377 46.77 85.00 -4.28
N TRP N 378 46.83 83.99 -5.16
CA TRP N 378 45.72 83.20 -5.64
C TRP N 378 45.46 82.10 -4.62
N LEU N 379 46.56 81.70 -3.90
CA LEU N 379 46.57 80.46 -3.23
C LEU N 379 46.34 80.82 -1.79
N SER N 380 47.02 81.87 -1.30
CA SER N 380 46.88 82.30 0.05
C SER N 380 45.73 83.28 0.28
N GLY N 381 45.34 83.94 -0.81
CA GLY N 381 44.15 84.79 -0.94
C GLY N 381 43.13 84.01 -1.65
N TYR N 382 42.12 84.74 -2.20
CA TYR N 382 41.01 84.16 -2.87
C TYR N 382 40.73 85.09 -4.09
N VAL N 383 40.66 84.50 -5.30
CA VAL N 383 40.26 85.12 -6.61
C VAL N 383 39.37 84.13 -7.23
N LYS N 384 38.81 84.51 -8.40
CA LYS N 384 37.72 83.92 -9.19
C LYS N 384 38.24 83.56 -10.50
N ARG N 385 39.51 83.93 -10.77
CA ARG N 385 40.29 83.94 -11.95
C ARG N 385 40.58 82.54 -12.47
N ASN N 386 40.95 81.67 -11.55
CA ASN N 386 40.99 80.26 -11.60
C ASN N 386 39.65 79.77 -11.13
N GLU N 387 39.19 78.70 -11.85
CA GLU N 387 37.87 78.11 -11.82
C GLU N 387 37.46 77.38 -10.53
N PRO N 388 38.27 76.57 -9.89
CA PRO N 388 37.83 75.75 -8.83
C PRO N 388 38.11 76.46 -7.53
N LEU N 389 38.80 77.65 -7.65
CA LEU N 389 39.25 78.54 -6.54
C LEU N 389 38.16 79.59 -6.64
N VAL N 390 37.41 79.91 -5.51
CA VAL N 390 36.36 80.88 -5.52
C VAL N 390 36.51 81.64 -4.24
N ILE N 391 36.16 80.96 -3.12
CA ILE N 391 36.36 81.51 -1.82
C ILE N 391 37.32 80.52 -1.20
N ASP N 392 38.65 80.83 -1.09
CA ASP N 392 39.64 80.00 -0.50
C ASP N 392 39.44 80.01 0.95
N LEU N 393 38.77 81.06 1.46
CA LEU N 393 38.36 81.24 2.85
C LEU N 393 37.41 80.24 3.32
N PHE N 394 36.57 79.62 2.40
CA PHE N 394 35.75 78.42 2.57
C PHE N 394 36.42 77.16 2.08
N ALA N 395 37.70 77.23 1.77
CA ALA N 395 38.54 76.14 1.37
C ALA N 395 38.11 75.49 0.07
N LEU N 396 38.03 76.26 -1.00
CA LEU N 396 37.59 75.77 -2.29
C LEU N 396 38.74 75.79 -3.24
N LYS N 397 39.05 74.66 -3.84
CA LYS N 397 40.22 74.28 -4.50
C LYS N 397 39.82 73.13 -5.40
N LEU N 398 40.88 72.55 -6.16
CA LEU N 398 40.96 71.32 -6.98
C LEU N 398 40.94 70.13 -6.04
N LYS N 399 41.83 70.26 -5.04
CA LYS N 399 41.93 69.50 -3.82
C LYS N 399 40.57 69.53 -3.09
N PRO N 400 40.28 68.58 -2.20
CA PRO N 400 39.01 68.45 -1.47
C PRO N 400 38.96 69.59 -0.42
N PRO N 401 37.76 69.97 -0.06
CA PRO N 401 37.60 71.07 0.89
C PRO N 401 38.36 70.96 2.21
N VAL N 402 38.44 69.78 2.86
CA VAL N 402 39.22 69.55 4.05
C VAL N 402 40.67 69.70 3.87
N LEU N 403 41.20 69.08 2.77
CA LEU N 403 42.55 69.00 2.35
C LEU N 403 43.17 70.35 2.13
N ALA N 404 42.35 71.23 1.46
CA ALA N 404 42.66 72.61 1.32
C ALA N 404 42.84 73.39 2.65
N LYS N 405 42.02 73.07 3.70
CA LYS N 405 42.05 73.59 5.08
C LYS N 405 43.33 73.12 5.76
N LEU N 406 43.75 71.84 5.49
CA LEU N 406 45.03 71.22 6.04
C LEU N 406 46.26 71.92 5.54
N VAL N 407 46.25 72.43 4.28
CA VAL N 407 47.37 73.11 3.59
C VAL N 407 47.23 74.55 3.50
N TYR N 408 46.50 75.14 4.49
CA TYR N 408 46.52 76.55 4.75
C TYR N 408 47.88 76.97 5.22
N ILE N 409 48.56 76.19 6.05
CA ILE N 409 49.84 76.44 6.56
C ILE N 409 50.84 76.47 5.48
N LEU N 410 50.72 75.51 4.54
CA LEU N 410 51.55 75.49 3.36
C LEU N 410 51.35 76.62 2.47
N ASN N 411 50.05 77.00 2.23
CA ASN N 411 49.66 78.17 1.41
C ASN N 411 50.29 79.46 1.92
N TRP N 412 50.42 79.57 3.21
CA TRP N 412 51.08 80.73 3.81
C TRP N 412 52.58 80.71 3.48
N MET N 413 53.18 79.54 3.57
CA MET N 413 54.58 79.33 3.29
C MET N 413 54.91 79.45 1.82
N VAL N 414 53.94 79.16 0.92
CA VAL N 414 53.98 79.38 -0.53
C VAL N 414 53.94 80.90 -0.79
N PHE N 415 53.07 81.61 0.03
CA PHE N 415 53.12 82.99 -0.10
C PHE N 415 54.45 83.62 0.26
N TRP N 416 55.08 83.15 1.43
CA TRP N 416 56.35 83.65 1.93
C TRP N 416 57.39 83.34 0.86
N THR N 417 57.25 82.20 0.15
CA THR N 417 58.15 81.72 -0.89
C THR N 417 58.06 82.70 -2.10
N VAL N 418 56.89 83.10 -2.53
CA VAL N 418 56.68 83.96 -3.61
C VAL N 418 57.24 85.39 -3.38
N VAL N 419 57.04 85.92 -2.11
CA VAL N 419 57.51 87.19 -1.48
C VAL N 419 58.97 87.25 -1.34
N TRP N 420 59.62 86.16 -0.88
CA TRP N 420 61.08 85.98 -0.89
C TRP N 420 61.57 85.84 -2.26
N GLY N 421 60.79 85.24 -3.19
CA GLY N 421 61.13 85.36 -4.58
C GLY N 421 61.14 86.71 -5.26
N LEU N 422 60.26 87.69 -4.79
CA LEU N 422 60.12 89.07 -5.32
C LEU N 422 61.36 89.89 -4.95
N ILE N 423 61.87 89.65 -3.68
CA ILE N 423 63.03 90.33 -3.02
C ILE N 423 64.26 89.85 -3.74
N TYR N 424 64.32 88.59 -4.06
CA TYR N 424 65.51 88.09 -4.83
C TYR N 424 65.45 88.52 -6.36
N GLY N 425 64.30 89.18 -6.73
CA GLY N 425 64.15 89.97 -7.94
C GLY N 425 64.82 91.33 -7.88
N GLU N 426 64.93 91.85 -6.69
CA GLU N 426 65.49 93.21 -6.43
C GLU N 426 66.95 93.04 -6.15
N PHE N 427 67.30 91.82 -5.65
CA PHE N 427 68.65 91.29 -5.51
C PHE N 427 69.27 91.13 -6.88
N PHE N 428 68.43 90.52 -7.74
CA PHE N 428 68.78 90.31 -9.11
C PHE N 428 69.04 91.65 -9.76
N GLY N 429 68.25 92.77 -9.56
CA GLY N 429 68.39 94.05 -10.21
C GLY N 429 69.50 94.94 -9.56
N THR N 430 70.21 94.55 -8.46
CA THR N 430 71.40 95.06 -7.93
C THR N 430 72.54 94.87 -8.97
N PHE N 431 72.61 93.76 -9.66
CA PHE N 431 73.64 93.42 -10.63
C PHE N 431 73.11 93.63 -12.07
N LEU N 432 71.85 94.11 -12.31
CA LEU N 432 71.20 94.24 -13.60
C LEU N 432 70.58 95.62 -13.72
N GLU N 433 70.75 96.49 -12.73
CA GLU N 433 70.27 97.88 -12.73
C GLU N 433 71.13 98.64 -11.70
N HIS N 434 70.98 99.94 -11.64
CA HIS N 434 71.68 101.02 -10.89
C HIS N 434 72.97 101.36 -11.59
N LEU N 435 73.48 102.58 -11.47
CA LEU N 435 74.67 103.14 -12.03
C LEU N 435 75.74 103.14 -10.97
N GLY N 436 75.43 102.80 -9.72
CA GLY N 436 76.36 102.55 -8.65
C GLY N 436 76.93 101.16 -8.66
N VAL N 437 76.45 100.18 -9.46
CA VAL N 437 76.92 98.83 -9.34
C VAL N 437 77.41 98.48 -10.69
N PHE N 438 76.84 98.99 -11.81
CA PHE N 438 77.28 98.64 -13.14
C PHE N 438 76.98 99.88 -13.94
N GLY N 439 77.37 99.91 -15.24
CA GLY N 439 77.16 100.99 -16.15
C GLY N 439 75.77 100.98 -16.75
N THR N 440 75.03 99.98 -16.39
CA THR N 440 73.66 99.96 -16.82
C THR N 440 72.74 101.09 -16.24
N PRO N 441 71.93 101.77 -17.06
CA PRO N 441 71.05 102.77 -16.62
C PRO N 441 70.26 102.57 -15.32
N GLU N 442 70.14 103.58 -14.42
CA GLU N 442 69.39 103.43 -13.22
C GLU N 442 67.91 103.41 -13.56
N HIS N 443 67.54 104.13 -14.60
CA HIS N 443 66.25 103.96 -15.25
C HIS N 443 66.50 103.91 -16.74
N PRO N 444 66.10 102.76 -17.38
CA PRO N 444 66.03 102.63 -18.82
C PRO N 444 64.87 103.43 -19.39
N GLY N 445 65.03 103.75 -20.75
CA GLY N 445 64.13 104.58 -21.42
C GLY N 445 62.96 103.84 -21.95
N LEU N 446 63.04 102.50 -21.79
CA LEU N 446 61.99 101.62 -22.33
C LEU N 446 61.37 100.99 -21.10
N ILE N 447 61.97 99.93 -20.44
CA ILE N 447 61.48 99.22 -19.31
C ILE N 447 62.74 98.80 -18.52
N PRO N 448 62.69 98.80 -17.18
CA PRO N 448 63.71 98.22 -16.24
C PRO N 448 64.15 96.86 -16.66
N ILE N 449 65.49 96.61 -16.51
CA ILE N 449 66.06 95.34 -16.93
C ILE N 449 66.07 95.26 -18.37
N LEU N 450 66.80 96.25 -18.98
CA LEU N 450 66.92 96.42 -20.44
C LEU N 450 68.16 95.77 -20.86
N ILE N 451 69.14 95.70 -19.93
CA ILE N 451 70.44 95.07 -20.12
C ILE N 451 70.59 94.07 -19.01
N HIS N 452 71.43 93.01 -19.26
CA HIS N 452 71.75 91.96 -18.41
C HIS N 452 73.21 92.05 -18.39
N ARG N 453 73.74 91.98 -17.15
CA ARG N 453 75.16 91.97 -16.78
C ARG N 453 75.59 90.83 -15.93
N ILE N 454 74.67 89.85 -15.87
CA ILE N 454 74.84 88.60 -15.15
C ILE N 454 75.07 87.59 -16.34
N ASP N 455 75.48 88.10 -17.56
CA ASP N 455 75.81 87.43 -18.82
C ASP N 455 77.33 87.32 -18.99
N THR N 456 78.04 87.81 -17.99
CA THR N 456 79.42 87.79 -17.77
C THR N 456 79.47 86.55 -16.86
N ALA N 457 80.32 85.59 -17.33
CA ALA N 457 80.56 84.28 -16.74
C ALA N 457 80.85 84.25 -15.24
N LYS N 458 81.79 85.11 -14.81
CA LYS N 458 82.26 85.27 -13.44
C LYS N 458 81.23 85.76 -12.42
N THR N 459 80.40 86.78 -12.78
CA THR N 459 79.40 87.30 -11.88
C THR N 459 78.33 86.17 -11.50
N ALA N 460 77.91 85.48 -12.51
CA ALA N 460 77.02 84.37 -12.51
C ALA N 460 77.60 83.16 -11.67
N ASN N 461 78.92 82.90 -11.85
CA ASN N 461 79.72 81.80 -11.27
C ASN N 461 79.75 81.88 -9.71
N LEU N 462 79.84 83.09 -9.17
CA LEU N 462 80.04 83.34 -7.76
C LEU N 462 78.86 83.03 -7.01
N LEU N 463 77.70 83.23 -7.62
CA LEU N 463 76.39 82.83 -7.05
C LEU N 463 76.12 81.33 -7.05
N ILE N 464 76.73 80.68 -8.00
CA ILE N 464 76.74 79.22 -8.17
C ILE N 464 77.51 78.66 -7.07
N LEU N 465 78.79 79.25 -6.84
CA LEU N 465 79.73 78.76 -5.85
C LEU N 465 79.26 78.98 -4.48
N LEU N 466 78.43 80.05 -4.29
CA LEU N 466 77.65 80.26 -3.05
C LEU N 466 76.70 79.17 -2.72
N SER N 467 75.94 78.70 -3.72
CA SER N 467 75.04 77.55 -3.47
C SER N 467 75.74 76.26 -3.14
N VAL N 468 76.89 76.03 -3.79
CA VAL N 468 77.64 74.78 -3.76
C VAL N 468 78.00 74.56 -2.31
N ALA N 469 78.43 75.63 -1.54
CA ALA N 469 78.88 75.67 -0.16
C ALA N 469 77.84 75.19 0.78
N PHE N 470 76.55 75.51 0.45
CA PHE N 470 75.40 75.18 1.30
C PHE N 470 75.18 73.68 1.23
N GLY N 471 75.56 73.16 0.04
CA GLY N 471 75.57 71.69 -0.18
C GLY N 471 76.63 70.87 0.61
N VAL N 472 77.84 71.43 0.82
CA VAL N 472 78.90 70.88 1.61
C VAL N 472 78.40 70.81 3.05
N VAL N 473 77.63 71.87 3.52
CA VAL N 473 77.12 71.95 4.87
C VAL N 473 76.14 70.88 5.16
N MET N 474 75.20 70.57 4.24
CA MET N 474 74.20 69.59 4.29
C MET N 474 74.70 68.19 4.28
N VAL N 475 75.84 67.99 3.60
CA VAL N 475 76.62 66.77 3.70
C VAL N 475 77.16 66.53 5.07
N PHE N 476 77.68 67.61 5.67
CA PHE N 476 78.17 67.50 7.09
C PHE N 476 77.00 67.17 8.06
N ALA N 477 75.77 67.78 7.89
CA ALA N 477 74.57 67.79 8.75
C ALA N 477 73.99 66.39 8.88
N GLY N 478 74.06 65.69 7.73
CA GLY N 478 73.55 64.34 7.48
C GLY N 478 74.44 63.37 8.15
N LEU N 479 75.76 63.52 7.95
CA LEU N 479 76.76 62.57 8.42
C LEU N 479 77.08 62.47 9.89
N ILE N 480 76.82 63.67 10.59
CA ILE N 480 76.70 63.72 12.06
C ILE N 480 75.44 62.94 12.54
N LEU N 481 74.31 63.15 11.86
CA LEU N 481 72.99 62.55 12.13
C LEU N 481 73.12 60.96 11.93
N ARG N 482 73.91 60.44 10.90
CA ARG N 482 74.16 59.06 10.54
C ARG N 482 74.82 58.40 11.68
N ALA N 483 75.78 59.09 12.25
CA ALA N 483 76.56 58.56 13.34
C ALA N 483 75.81 58.51 14.69
N TYR N 484 74.99 59.54 14.87
CA TYR N 484 74.19 59.73 16.13
C TYR N 484 73.24 58.56 16.30
N LEU N 485 72.68 58.00 15.21
CA LEU N 485 71.72 56.91 15.29
C LEU N 485 72.28 55.77 16.06
N GLY N 486 73.54 55.28 15.76
CA GLY N 486 74.12 54.17 16.49
C GLY N 486 74.55 54.60 17.83
N LEU N 487 74.83 55.92 18.12
CA LEU N 487 75.20 56.31 19.44
C LEU N 487 74.12 56.12 20.55
N LYS N 488 72.86 56.58 20.26
CA LYS N 488 71.68 56.47 21.14
C LYS N 488 70.73 55.33 20.84
N HIS N 489 70.96 54.59 19.82
CA HIS N 489 70.25 53.34 19.61
C HIS N 489 71.08 52.13 19.95
N ARG N 490 72.37 52.32 20.12
CA ARG N 490 73.36 51.29 20.47
C ARG N 490 73.45 50.23 19.39
N HIS N 491 73.60 50.68 18.15
CA HIS N 491 73.82 49.83 17.03
C HIS N 491 75.11 50.23 16.44
N MET N 492 76.13 49.35 16.58
CA MET N 492 77.47 49.63 16.12
C MET N 492 77.71 49.83 14.70
N ALA N 493 76.94 49.08 13.78
CA ALA N 493 77.13 49.16 12.36
C ALA N 493 76.91 50.48 11.75
N HIS N 494 75.98 51.24 12.22
CA HIS N 494 75.59 52.54 11.70
C HIS N 494 76.52 53.57 12.23
N PHE N 495 76.96 53.33 13.49
CA PHE N 495 77.89 54.18 14.18
C PHE N 495 79.20 54.26 13.41
N TRP N 496 79.74 53.06 13.11
CA TRP N 496 80.99 52.92 12.36
C TRP N 496 81.00 53.55 10.98
N GLU N 497 79.85 53.46 10.30
CA GLU N 497 79.59 54.00 9.00
C GLU N 497 79.55 55.54 9.12
N GLY N 498 78.78 56.15 10.08
CA GLY N 498 78.76 57.59 10.17
C GLY N 498 80.10 58.29 10.54
N VAL N 499 80.96 57.65 11.38
CA VAL N 499 82.18 58.28 11.82
C VAL N 499 83.24 58.25 10.74
N GLY N 500 83.41 57.05 10.06
CA GLY N 500 84.35 56.75 9.04
C GLY N 500 84.19 57.52 7.81
N TYR N 501 82.92 57.82 7.43
CA TYR N 501 82.61 58.62 6.29
C TYR N 501 83.02 60.06 6.38
N LEU N 502 83.14 60.61 7.58
CA LEU N 502 83.53 62.02 7.79
C LEU N 502 84.98 62.23 7.46
N GLY N 503 85.74 61.10 7.38
CA GLY N 503 87.16 61.04 7.02
C GLY N 503 87.30 61.48 5.57
N GLY N 504 86.27 61.06 4.76
CA GLY N 504 86.09 61.29 3.39
C GLY N 504 85.92 62.77 3.19
N LEU N 505 85.20 63.53 4.03
CA LEU N 505 84.91 64.93 4.09
C LEU N 505 86.12 65.76 4.15
N LEU N 506 87.22 65.40 4.96
CA LEU N 506 88.45 66.11 4.91
C LEU N 506 89.06 66.22 3.57
N GLY N 507 89.00 65.11 2.84
CA GLY N 507 89.39 64.92 1.45
C GLY N 507 88.48 65.66 0.46
N ILE N 508 87.13 65.74 0.65
CA ILE N 508 86.32 66.59 -0.17
C ILE N 508 86.68 68.05 -0.05
N LEU N 509 86.97 68.51 1.21
CA LEU N 509 87.23 69.93 1.41
C LEU N 509 88.59 70.41 0.88
N ALA N 510 89.63 69.48 0.91
CA ALA N 510 90.97 69.67 0.45
C ALA N 510 90.94 69.94 -1.01
N LEU N 511 90.33 69.02 -1.83
CA LEU N 511 90.29 68.93 -3.29
C LEU N 511 89.56 70.12 -3.78
N ALA N 512 88.45 70.53 -3.13
CA ALA N 512 87.55 71.68 -3.36
C ALA N 512 88.23 72.97 -3.25
N ALA N 513 89.12 73.12 -2.26
CA ALA N 513 89.83 74.38 -2.02
C ALA N 513 90.71 74.75 -3.15
N SER N 514 91.27 73.67 -3.75
CA SER N 514 92.12 73.68 -4.90
C SER N 514 91.34 73.99 -6.21
N TYR N 515 89.98 74.04 -6.21
CA TYR N 515 89.25 74.19 -7.44
C TYR N 515 88.41 75.46 -7.38
N LEU N 516 88.10 75.83 -6.09
CA LEU N 516 87.31 77.01 -5.74
C LEU N 516 88.14 78.28 -5.66
N GLY N 517 89.42 78.10 -5.23
CA GLY N 517 90.41 79.23 -5.15
C GLY N 517 91.44 79.08 -6.16
N ASN N 518 91.62 77.96 -6.80
CA ASN N 518 92.43 77.47 -7.93
C ASN N 518 93.85 77.15 -7.55
N LEU N 519 94.66 78.14 -7.08
CA LEU N 519 96.07 77.95 -6.83
C LEU N 519 96.24 77.92 -5.29
N GLN N 520 95.14 77.65 -4.54
CA GLN N 520 95.08 77.46 -3.05
C GLN N 520 95.78 76.22 -2.54
N ALA N 521 95.60 74.96 -3.15
CA ALA N 521 96.27 73.69 -2.82
C ALA N 521 96.72 73.08 -4.15
N GLY N 522 96.90 71.71 -4.10
CA GLY N 522 97.26 70.96 -5.29
C GLY N 522 98.53 70.21 -5.03
N TRP N 523 99.07 70.39 -3.77
CA TRP N 523 100.38 69.87 -3.41
C TRP N 523 100.31 69.83 -1.92
N LEU N 524 99.22 70.49 -1.40
CA LEU N 524 98.84 70.46 -0.05
C LEU N 524 97.54 69.72 0.08
N SER N 525 97.18 68.95 -1.00
CA SER N 525 96.10 68.08 -1.08
C SER N 525 96.32 67.00 -2.08
N ALA N 526 97.59 66.43 -1.99
CA ALA N 526 98.01 65.29 -2.76
C ALA N 526 98.79 64.44 -1.76
N LEU N 527 99.25 65.11 -0.70
CA LEU N 527 100.08 64.55 0.28
C LEU N 527 99.15 64.29 1.43
N MET N 528 98.25 65.24 1.76
CA MET N 528 97.44 65.30 2.86
C MET N 528 96.24 64.45 2.57
N TYR N 529 95.85 64.34 1.26
CA TYR N 529 94.82 63.52 0.67
C TYR N 529 95.04 62.06 1.06
N LEU N 530 96.34 61.69 1.04
CA LEU N 530 96.72 60.34 1.32
C LEU N 530 96.36 59.96 2.79
N GLY N 531 96.41 60.90 3.77
CA GLY N 531 96.16 60.61 5.25
C GLY N 531 94.65 60.79 5.56
N PHE N 532 94.00 61.50 4.62
CA PHE N 532 92.56 61.72 4.56
C PHE N 532 91.80 60.55 4.06
N GLY N 533 92.27 59.77 3.07
CA GLY N 533 91.76 58.51 2.61
C GLY N 533 91.80 57.36 3.56
N VAL N 534 92.82 57.30 4.43
CA VAL N 534 92.90 56.27 5.47
C VAL N 534 91.87 56.48 6.56
N PHE N 535 91.66 57.78 6.93
CA PHE N 535 90.57 58.09 7.90
C PHE N 535 89.21 57.66 7.37
N LEU N 536 89.05 57.74 6.05
CA LEU N 536 87.79 57.41 5.35
C LEU N 536 87.37 55.95 5.68
N LEU N 537 88.25 54.96 5.54
CA LEU N 537 87.92 53.62 5.70
C LEU N 537 88.29 52.98 6.99
N SER N 538 88.95 53.69 7.90
CA SER N 538 89.52 53.03 9.06
C SER N 538 88.50 52.31 9.88
N VAL N 539 87.30 52.90 10.20
CA VAL N 539 86.42 52.25 11.11
C VAL N 539 85.35 51.65 10.25
N VAL N 540 85.30 51.99 8.92
CA VAL N 540 84.46 51.27 7.97
C VAL N 540 84.81 49.79 7.94
N MET N 541 86.08 49.39 8.07
CA MET N 541 86.62 48.04 8.14
C MET N 541 86.28 47.31 9.45
N SER N 542 86.01 48.03 10.52
CA SER N 542 85.45 47.40 11.72
C SER N 542 84.07 47.00 11.58
N SER N 543 83.35 47.75 10.72
CA SER N 543 82.01 47.51 10.34
C SER N 543 81.92 46.40 9.32
N ILE N 544 83.07 46.04 8.76
CA ILE N 544 83.28 45.10 7.69
C ILE N 544 83.07 45.80 6.39
N TRP N 545 81.81 45.71 5.79
CA TRP N 545 81.22 46.40 4.67
C TRP N 545 81.67 45.61 3.47
N LEU N 546 80.75 44.89 2.78
CA LEU N 546 81.04 44.05 1.69
C LEU N 546 80.33 44.75 0.50
N MET N 547 80.40 46.15 0.57
CA MET N 547 80.07 46.92 -0.57
C MET N 547 81.17 47.90 -0.69
N ILE N 548 82.42 47.44 -0.94
CA ILE N 548 83.60 48.27 -1.09
C ILE N 548 83.42 49.22 -2.26
N PRO N 549 83.05 48.85 -3.49
CA PRO N 549 82.74 49.78 -4.61
C PRO N 549 81.72 50.83 -4.34
N GLU N 550 80.81 50.59 -3.37
CA GLU N 550 79.60 51.41 -3.19
C GLU N 550 80.06 52.83 -2.70
N ILE N 551 81.36 52.95 -2.22
CA ILE N 551 81.89 54.23 -1.77
C ILE N 551 82.03 55.20 -2.93
N PHE N 552 82.12 54.84 -4.21
CA PHE N 552 81.99 55.69 -5.43
C PHE N 552 80.67 56.39 -5.41
N THR N 553 79.55 55.66 -5.14
CA THR N 553 78.19 56.15 -4.98
C THR N 553 77.99 56.99 -3.73
N GLN N 554 78.80 56.78 -2.65
CA GLN N 554 78.69 57.72 -1.50
C GLN N 554 79.31 59.01 -1.83
N ALA N 555 80.33 59.05 -2.62
CA ALA N 555 80.89 60.35 -3.07
C ALA N 555 79.99 61.05 -4.03
N GLY N 556 79.25 60.28 -4.73
CA GLY N 556 78.27 60.63 -5.72
C GLY N 556 77.11 61.28 -5.17
N HIS N 557 76.89 60.92 -3.89
CA HIS N 557 75.75 61.49 -3.23
C HIS N 557 76.07 62.91 -2.84
N ILE N 558 77.37 63.13 -2.56
CA ILE N 558 77.92 64.43 -2.25
C ILE N 558 77.74 65.22 -3.48
N LEU N 559 78.08 64.59 -4.66
CA LEU N 559 78.14 65.28 -5.98
C LEU N 559 76.75 65.67 -6.37
N SER N 560 75.74 64.81 -6.03
CA SER N 560 74.33 65.13 -6.27
C SER N 560 73.83 66.33 -5.52
N HIS N 561 74.23 66.61 -4.28
CA HIS N 561 73.80 67.86 -3.53
C HIS N 561 74.37 69.10 -4.17
N ILE N 562 75.67 68.99 -4.69
CA ILE N 562 76.33 70.05 -5.47
C ILE N 562 75.68 70.33 -6.77
N ARG N 563 75.38 69.28 -7.53
CA ARG N 563 74.81 69.38 -8.86
C ARG N 563 73.34 69.92 -8.74
N ILE N 564 72.55 69.57 -7.69
CA ILE N 564 71.25 70.14 -7.50
C ILE N 564 71.25 71.62 -7.06
N TYR N 565 72.09 72.13 -6.08
CA TYR N 565 72.19 73.52 -5.69
C TYR N 565 72.68 74.29 -6.88
N ALA N 566 73.58 73.72 -7.70
CA ALA N 566 74.16 74.37 -8.87
C ALA N 566 73.22 74.73 -9.99
N VAL N 567 72.28 73.78 -10.26
CA VAL N 567 71.24 73.85 -11.23
C VAL N 567 70.26 74.87 -10.71
N GLY N 568 69.98 74.87 -9.38
CA GLY N 568 69.06 75.84 -8.76
C GLY N 568 69.54 77.26 -8.89
N ALA N 569 70.87 77.48 -9.00
CA ALA N 569 71.53 78.78 -9.12
C ALA N 569 71.52 79.13 -10.58
N ALA N 570 72.18 78.23 -11.37
CA ALA N 570 72.49 78.49 -12.82
C ALA N 570 71.21 78.63 -13.65
N GLY N 571 70.28 77.65 -13.42
CA GLY N 571 69.01 77.54 -13.98
C GLY N 571 68.21 78.68 -13.51
N GLY N 572 68.38 79.21 -12.29
CA GLY N 572 67.74 80.38 -11.81
C GLY N 572 68.04 81.60 -12.64
N ILE N 573 69.34 81.87 -12.94
CA ILE N 573 69.88 83.04 -13.69
C ILE N 573 69.50 82.87 -15.16
N LEU N 574 69.63 81.62 -15.76
CA LEU N 574 69.25 81.24 -17.02
C LEU N 574 67.77 81.53 -17.45
N ALA N 575 66.77 81.27 -16.59
CA ALA N 575 65.42 81.70 -16.72
C ALA N 575 65.19 83.19 -16.99
N GLY N 576 65.99 83.98 -16.24
CA GLY N 576 66.04 85.37 -16.41
C GLY N 576 66.72 85.89 -17.62
N LEU N 577 67.76 85.10 -18.17
CA LEU N 577 68.57 85.60 -19.22
C LEU N 577 67.79 85.29 -20.45
N LEU N 578 66.70 84.49 -20.44
CA LEU N 578 65.93 84.16 -21.58
C LEU N 578 64.96 85.30 -21.75
N THR N 579 64.67 86.04 -20.65
CA THR N 579 63.82 87.22 -20.65
C THR N 579 64.59 88.39 -21.37
N ASP N 580 65.87 88.24 -21.68
CA ASP N 580 66.69 89.22 -22.35
C ASP N 580 66.06 89.58 -23.72
N VAL N 581 65.54 88.62 -24.50
CA VAL N 581 64.89 88.74 -25.77
C VAL N 581 63.36 88.55 -25.64
N GLY N 582 62.77 88.76 -24.48
CA GLY N 582 61.40 88.43 -23.99
C GLY N 582 60.63 89.60 -23.50
N PHE N 583 61.22 90.32 -22.53
CA PHE N 583 60.58 91.53 -21.98
C PHE N 583 61.41 92.81 -22.27
N ALA N 584 62.70 92.76 -22.74
CA ALA N 584 63.52 93.98 -22.92
C ALA N 584 63.41 94.46 -24.40
N MET N 585 64.31 93.77 -25.21
CA MET N 585 64.74 94.18 -26.47
C MET N 585 65.03 92.87 -27.21
N ALA N 586 64.48 92.87 -28.47
CA ALA N 586 64.73 91.73 -29.39
C ALA N 586 64.34 92.22 -30.76
N GLU N 587 63.89 93.50 -30.97
CA GLU N 587 63.39 93.98 -32.18
C GLU N 587 64.13 95.22 -32.53
N ARG N 588 63.83 95.79 -33.69
CA ARG N 588 64.53 97.00 -34.22
C ARG N 588 66.04 97.13 -33.98
N LEU N 589 66.47 98.32 -33.55
CA LEU N 589 67.89 98.43 -33.24
C LEU N 589 68.04 98.49 -31.73
N GLY N 590 66.95 98.25 -30.95
CA GLY N 590 67.01 98.51 -29.57
C GLY N 590 66.67 99.88 -29.34
N LEU N 591 65.85 100.44 -30.22
CA LEU N 591 65.43 101.87 -30.10
C LEU N 591 64.31 101.90 -29.09
N ILE N 592 63.70 103.09 -28.86
CA ILE N 592 62.64 103.34 -27.87
C ILE N 592 61.32 102.59 -28.27
N GLY N 593 61.11 102.25 -29.54
CA GLY N 593 59.83 101.69 -29.94
C GLY N 593 59.66 100.26 -29.60
N VAL N 594 60.72 99.55 -29.19
CA VAL N 594 60.66 98.16 -28.81
C VAL N 594 59.76 97.95 -27.61
N LEU N 595 59.69 98.95 -26.68
CA LEU N 595 58.81 98.94 -25.48
C LEU N 595 57.43 98.42 -25.74
N LEU N 596 56.82 98.92 -26.87
CA LEU N 596 55.46 98.52 -27.30
C LEU N 596 55.45 97.49 -28.45
N GLY N 597 56.61 96.94 -28.85
CA GLY N 597 56.74 95.88 -29.84
C GLY N 597 57.08 94.53 -29.21
N ILE N 598 57.73 94.56 -28.01
CA ILE N 598 58.40 93.36 -27.39
C ILE N 598 57.38 92.36 -26.90
N VAL N 599 56.16 92.88 -26.60
CA VAL N 599 55.09 92.11 -26.04
C VAL N 599 54.64 91.02 -26.95
N VAL N 600 54.99 91.00 -28.26
CA VAL N 600 54.81 90.09 -29.29
C VAL N 600 55.36 88.82 -29.01
N ALA N 601 56.54 88.76 -28.42
CA ALA N 601 57.28 87.70 -27.93
C ALA N 601 56.99 87.35 -26.50
N GLY N 602 56.59 88.39 -25.68
CA GLY N 602 56.46 88.33 -24.27
C GLY N 602 55.42 87.27 -23.88
N VAL N 603 54.28 87.30 -24.61
CA VAL N 603 53.11 86.51 -24.32
C VAL N 603 53.36 85.05 -24.51
N LEU N 604 54.09 84.68 -25.61
CA LEU N 604 54.58 83.38 -25.86
C LEU N 604 55.58 82.83 -24.88
N HIS N 605 56.55 83.60 -24.49
CA HIS N 605 57.66 83.09 -23.60
C HIS N 605 57.30 82.83 -22.28
N LEU N 606 56.36 83.64 -21.84
CA LEU N 606 55.93 83.75 -20.44
C LEU N 606 55.45 82.40 -19.91
N LEU N 607 54.53 81.75 -20.72
CA LEU N 607 53.87 80.58 -20.34
C LEU N 607 54.79 79.39 -20.45
N ILE N 608 55.66 79.43 -21.40
CA ILE N 608 56.66 78.43 -21.59
C ILE N 608 57.59 78.40 -20.44
N LEU N 609 58.05 79.56 -19.93
CA LEU N 609 58.86 79.81 -18.81
C LEU N 609 58.22 79.39 -17.58
N LEU N 610 56.91 79.67 -17.42
CA LEU N 610 56.17 79.33 -16.26
C LEU N 610 56.22 77.82 -16.06
N LEU N 611 55.95 77.06 -17.15
CA LEU N 611 55.89 75.62 -17.13
C LEU N 611 57.17 74.97 -16.70
N THR N 612 58.36 75.54 -17.12
CA THR N 612 59.67 74.91 -16.87
C THR N 612 60.20 75.23 -15.41
N THR N 613 59.67 76.27 -14.73
CA THR N 613 60.20 76.77 -13.49
C THR N 613 59.45 76.08 -12.40
N LEU N 614 58.32 75.44 -12.79
CA LEU N 614 57.62 74.51 -11.90
C LEU N 614 58.44 73.23 -11.69
N GLY N 615 59.22 72.82 -12.80
CA GLY N 615 60.21 71.74 -12.76
C GLY N 615 61.40 72.10 -11.80
N HIS N 616 61.70 73.40 -11.66
CA HIS N 616 62.83 73.84 -10.87
C HIS N 616 62.46 73.77 -9.44
N MET N 617 61.15 73.85 -9.06
CA MET N 617 60.75 73.83 -7.64
C MET N 617 60.72 72.40 -7.11
N LEU N 618 60.89 71.39 -7.91
CA LEU N 618 61.01 70.01 -7.52
C LEU N 618 62.38 69.65 -7.11
N GLN N 619 63.38 70.55 -7.32
CA GLN N 619 64.77 70.35 -6.99
C GLN N 619 64.85 70.32 -5.51
N PRO N 620 64.15 71.13 -4.65
CA PRO N 620 64.23 70.90 -3.23
C PRO N 620 63.91 69.50 -2.71
N ILE N 621 62.79 68.89 -3.20
CA ILE N 621 62.34 67.65 -2.58
C ILE N 621 63.30 66.59 -3.13
N ARG N 622 63.92 66.81 -4.35
CA ARG N 622 64.94 65.93 -4.90
C ARG N 622 66.24 65.97 -4.10
N LEU N 623 66.57 67.19 -3.61
CA LEU N 623 67.62 67.42 -2.62
C LEU N 623 67.38 66.65 -1.35
N ILE N 624 66.10 66.74 -0.76
CA ILE N 624 65.86 65.98 0.53
C ILE N 624 66.01 64.50 0.24
N TRP N 625 65.48 63.98 -0.94
CA TRP N 625 65.52 62.55 -1.16
C TRP N 625 66.93 61.81 -1.22
N VAL N 626 68.05 62.57 -1.50
CA VAL N 626 69.33 62.06 -1.52
C VAL N 626 69.69 61.64 -0.17
N GLU N 627 69.27 62.41 0.83
CA GLU N 627 69.78 62.21 2.18
C GLU N 627 68.71 61.35 2.91
N PHE N 628 67.43 61.74 2.73
CA PHE N 628 66.34 61.21 3.50
C PHE N 628 66.01 59.75 3.26
N PHE N 629 66.00 59.47 1.98
CA PHE N 629 65.60 58.23 1.40
C PHE N 629 66.83 57.34 1.05
N THR N 630 68.04 57.58 1.56
CA THR N 630 69.27 56.79 1.16
C THR N 630 70.20 56.70 2.35
N LYS N 631 69.60 56.99 3.51
CA LYS N 631 70.05 56.72 4.82
C LYS N 631 71.27 57.56 5.18
N PHE N 632 71.14 58.54 6.04
CA PHE N 632 72.12 59.50 6.48
C PHE N 632 71.46 60.14 7.69
N GLY N 633 71.02 59.30 8.60
CA GLY N 633 70.53 59.71 9.85
C GLY N 633 69.08 59.66 9.92
N PHE N 634 68.35 59.12 8.93
CA PHE N 634 66.84 59.28 8.82
C PHE N 634 66.36 57.84 8.57
N TYR N 635 65.10 57.63 8.98
CA TYR N 635 64.26 56.40 8.84
C TYR N 635 64.32 55.81 7.46
N GLU N 636 63.94 56.61 6.42
CA GLU N 636 63.83 56.10 5.10
C GLU N 636 65.02 55.52 4.45
N GLU N 637 64.81 54.36 3.81
CA GLU N 637 65.66 53.53 2.97
C GLU N 637 65.01 52.27 3.07
N ASN N 638 64.51 51.80 1.91
CA ASN N 638 63.75 50.61 1.71
C ASN N 638 62.64 50.44 2.72
N GLY N 639 61.56 51.20 2.63
CA GLY N 639 60.41 51.14 3.52
C GLY N 639 60.76 51.76 4.85
N ARG N 640 60.64 50.96 5.90
CA ARG N 640 60.90 51.27 7.29
C ARG N 640 59.79 52.21 7.90
N PRO N 641 59.46 52.02 9.19
CA PRO N 641 58.60 52.94 9.96
C PRO N 641 58.95 54.41 9.84
N TYR N 642 57.92 55.22 9.98
CA TYR N 642 57.83 56.65 9.79
C TYR N 642 57.48 56.84 8.36
N ARG N 643 56.95 58.03 8.03
CA ARG N 643 56.37 58.36 6.75
C ARG N 643 57.33 59.27 6.01
N PRO N 644 57.41 59.15 4.66
CA PRO N 644 58.21 59.98 3.76
C PRO N 644 58.13 61.50 4.01
N PHE N 645 59.26 62.21 3.86
CA PHE N 645 59.23 63.63 4.12
C PHE N 645 58.34 64.51 3.22
N LYS N 646 58.09 64.07 1.96
CA LYS N 646 57.10 64.54 1.07
C LYS N 646 55.69 64.64 1.71
N SER N 647 55.16 63.64 2.42
CA SER N 647 53.85 63.70 3.04
C SER N 647 53.85 64.56 4.29
N VAL N 648 55.03 64.66 4.90
CA VAL N 648 55.15 65.51 6.09
C VAL N 648 55.09 67.06 5.72
N ARG N 649 55.89 67.47 4.71
CA ARG N 649 55.98 68.86 4.30
C ARG N 649 54.85 69.42 3.48
N GLU N 650 54.07 68.47 2.97
CA GLU N 650 52.84 68.68 2.28
C GLU N 650 51.86 69.55 3.00
N THR N 651 51.69 69.50 4.33
CA THR N 651 50.82 70.33 5.11
C THR N 651 51.63 71.50 5.69
N GLN N 652 52.93 71.34 5.89
CA GLN N 652 53.74 72.34 6.63
C GLN N 652 54.22 73.45 5.73
N ALA O 20 98.50 61.11 -23.14
CA ALA O 20 99.80 60.69 -22.56
C ALA O 20 99.68 60.35 -21.07
N GLU O 21 100.80 60.06 -20.36
CA GLU O 21 100.77 59.73 -18.97
C GLU O 21 102.13 60.01 -18.38
N GLU O 22 102.16 59.93 -17.07
CA GLU O 22 103.33 60.17 -16.29
C GLU O 22 104.37 59.03 -16.33
N ALA O 23 103.90 57.78 -16.44
CA ALA O 23 104.66 56.54 -16.62
C ALA O 23 104.91 56.19 -18.07
N ALA O 24 104.50 57.09 -19.01
CA ALA O 24 104.83 57.04 -20.43
C ALA O 24 106.24 57.20 -20.61
N ALA O 25 106.82 56.44 -21.56
CA ALA O 25 108.28 56.46 -21.73
C ALA O 25 108.85 57.85 -22.22
N SER O 26 108.02 58.54 -23.00
CA SER O 26 108.25 59.96 -23.40
C SER O 26 106.93 60.54 -23.49
N GLY O 27 106.73 61.85 -23.39
CA GLY O 27 105.38 62.44 -23.16
C GLY O 27 105.09 63.31 -24.41
N GLY O 28 104.59 64.52 -24.16
CA GLY O 28 104.25 65.49 -25.13
C GLY O 28 103.08 65.13 -25.99
N LEU O 29 102.90 65.94 -27.10
CA LEU O 29 101.79 65.87 -28.01
C LEU O 29 101.76 64.61 -28.82
N ASP O 30 102.92 64.12 -29.24
CA ASP O 30 103.13 62.95 -30.03
C ASP O 30 102.65 61.68 -29.28
N ARG O 31 102.98 61.52 -28.01
CA ARG O 31 102.49 60.47 -27.11
C ARG O 31 101.00 60.63 -26.79
N GLY O 32 100.61 61.88 -26.64
CA GLY O 32 99.28 62.34 -26.38
C GLY O 32 98.39 62.01 -27.50
N LEU O 33 98.78 62.05 -28.75
CA LEU O 33 98.00 61.77 -29.93
C LEU O 33 97.65 60.34 -29.98
N ILE O 34 98.62 59.44 -29.66
CA ILE O 34 98.58 58.01 -29.59
C ILE O 34 97.61 57.63 -28.60
N ALA O 35 97.54 58.36 -27.44
CA ALA O 35 96.70 58.17 -26.31
C ALA O 35 95.24 58.36 -26.65
N VAL O 36 94.86 59.41 -27.36
CA VAL O 36 93.56 59.58 -27.86
C VAL O 36 93.12 58.45 -28.82
N GLY O 37 93.90 58.15 -29.86
CA GLY O 37 93.38 57.13 -30.75
C GLY O 37 93.25 55.77 -30.16
N MET O 38 94.20 55.29 -29.34
CA MET O 38 94.22 54.03 -28.75
C MET O 38 93.15 53.91 -27.69
N GLY O 39 92.79 55.05 -27.00
CA GLY O 39 91.71 55.32 -26.10
C GLY O 39 90.38 55.14 -26.68
N LEU O 40 90.29 55.36 -28.07
CA LEU O 40 89.10 55.15 -28.75
C LEU O 40 88.61 53.70 -28.70
N ALA O 41 89.56 52.77 -28.90
CA ALA O 41 89.28 51.37 -29.08
C ALA O 41 88.66 50.65 -27.94
N VAL O 42 89.22 50.92 -26.72
CA VAL O 42 88.64 50.55 -25.42
C VAL O 42 87.27 51.17 -25.16
N GLY O 43 87.02 52.42 -25.69
CA GLY O 43 85.77 53.15 -25.64
C GLY O 43 84.61 52.47 -26.39
N LEU O 44 84.86 52.01 -27.61
CA LEU O 44 83.86 51.30 -28.45
C LEU O 44 83.61 49.95 -27.79
N ALA O 45 84.73 49.36 -27.22
CA ALA O 45 84.66 48.04 -26.58
C ALA O 45 83.64 48.06 -25.47
N ALA O 46 83.80 49.21 -24.75
CA ALA O 46 83.01 49.62 -23.61
C ALA O 46 81.57 49.79 -24.02
N LEU O 47 81.35 50.40 -25.17
CA LEU O 47 79.99 50.74 -25.60
C LEU O 47 79.18 49.42 -25.77
N GLY O 48 79.90 48.50 -26.47
CA GLY O 48 79.35 47.14 -26.77
C GLY O 48 79.18 46.32 -25.53
N THR O 49 80.17 46.36 -24.61
CA THR O 49 80.06 45.45 -23.42
C THR O 49 78.86 45.82 -22.57
N GLY O 50 78.75 47.17 -22.41
CA GLY O 50 77.72 47.68 -21.61
C GLY O 50 76.26 47.49 -22.00
N VAL O 51 75.94 47.67 -23.26
CA VAL O 51 74.64 47.44 -23.82
C VAL O 51 74.37 45.93 -23.85
N ALA O 52 75.36 45.05 -24.22
CA ALA O 52 75.19 43.60 -24.21
C ALA O 52 74.95 43.04 -22.82
N GLN O 53 75.62 43.57 -21.81
CA GLN O 53 75.61 43.22 -20.41
C GLN O 53 74.22 43.56 -19.86
N ALA O 54 73.63 44.72 -20.26
CA ALA O 54 72.39 45.16 -19.76
C ALA O 54 71.30 44.22 -20.02
N ARG O 55 71.30 43.60 -21.25
CA ARG O 55 70.31 42.62 -21.66
C ARG O 55 70.29 41.31 -20.80
N ILE O 56 71.49 40.76 -20.60
CA ILE O 56 71.60 39.56 -19.80
C ILE O 56 71.41 39.76 -18.33
N GLY O 57 71.85 40.90 -17.74
CA GLY O 57 71.64 41.23 -16.35
C GLY O 57 70.19 41.43 -16.03
N ALA O 58 69.44 42.07 -16.90
CA ALA O 58 68.05 42.24 -16.65
C ALA O 58 67.29 40.93 -16.56
N ALA O 59 67.56 39.97 -17.44
CA ALA O 59 66.91 38.66 -17.42
C ALA O 59 67.37 37.80 -16.19
N GLY O 60 68.68 37.96 -15.81
CA GLY O 60 69.30 37.24 -14.74
C GLY O 60 68.67 37.41 -13.45
N VAL O 61 67.94 38.61 -13.19
CA VAL O 61 67.34 38.85 -11.94
C VAL O 61 66.35 37.76 -11.62
N GLY O 62 65.56 37.20 -12.53
CA GLY O 62 64.58 36.15 -12.24
C GLY O 62 65.33 34.89 -11.82
N ALA O 63 66.54 34.64 -12.46
CA ALA O 63 67.26 33.44 -12.11
C ALA O 63 67.81 33.38 -10.68
N ILE O 64 68.46 34.48 -10.19
CA ILE O 64 68.96 34.63 -8.84
C ILE O 64 67.76 34.64 -7.91
N ALA O 65 66.65 35.26 -8.31
CA ALA O 65 65.47 35.36 -7.44
C ALA O 65 64.88 33.98 -7.13
N GLU O 66 64.76 33.10 -8.19
CA GLU O 66 64.30 31.73 -8.09
C GLU O 66 65.36 30.89 -7.41
N ASP O 67 66.57 30.87 -7.95
CA ASP O 67 67.70 30.04 -7.52
C ASP O 67 68.68 30.79 -6.73
N ARG O 68 68.26 31.16 -5.45
CA ARG O 68 68.97 31.88 -4.46
C ARG O 68 70.26 31.28 -4.03
N SER O 69 70.38 29.90 -3.79
CA SER O 69 71.57 29.17 -3.36
C SER O 69 72.59 29.21 -4.49
N ASN O 70 72.25 29.44 -5.75
CA ASN O 70 73.13 29.46 -6.91
C ASN O 70 73.18 30.83 -7.49
N PHE O 71 73.32 31.93 -6.73
CA PHE O 71 73.36 33.31 -7.18
C PHE O 71 74.60 33.54 -8.03
N GLY O 72 75.60 32.73 -7.66
CA GLY O 72 76.92 32.80 -8.16
C GLY O 72 77.00 32.60 -9.63
N THR O 73 76.18 31.68 -10.15
CA THR O 73 76.22 31.38 -11.60
C THR O 73 75.84 32.63 -12.46
N ALA O 74 74.79 33.40 -12.03
CA ALA O 74 74.36 34.62 -12.62
C ALA O 74 75.43 35.69 -12.64
N LEU O 75 76.27 35.84 -11.56
CA LEU O 75 77.35 36.73 -11.32
C LEU O 75 78.46 36.43 -12.26
N ILE O 76 78.78 35.13 -12.42
CA ILE O 76 79.78 34.64 -13.24
C ILE O 76 79.49 34.88 -14.73
N PHE O 77 78.20 34.68 -15.24
CA PHE O 77 77.82 34.98 -16.60
C PHE O 77 78.05 36.48 -16.96
N LEU O 78 77.78 37.37 -15.98
CA LEU O 78 77.88 38.82 -16.16
C LEU O 78 79.32 39.28 -16.52
N LEU O 79 80.45 38.63 -15.91
CA LEU O 79 81.92 39.02 -16.00
C LEU O 79 82.44 38.89 -17.35
N LEU O 80 81.97 37.93 -18.13
CA LEU O 80 82.69 37.63 -19.40
C LEU O 80 82.75 38.77 -20.37
N PRO O 81 81.78 39.65 -20.70
CA PRO O 81 81.99 40.73 -21.65
C PRO O 81 82.82 41.85 -21.08
N GLU O 82 82.93 41.95 -19.77
CA GLU O 82 83.73 42.94 -19.04
C GLU O 82 85.16 42.76 -19.41
N THR O 83 85.57 41.48 -19.72
CA THR O 83 86.90 41.08 -19.92
C THR O 83 87.56 41.83 -21.06
N LEU O 84 86.71 42.09 -22.12
CA LEU O 84 87.07 42.75 -23.29
C LEU O 84 87.51 44.24 -22.98
N VAL O 85 86.72 44.90 -22.07
CA VAL O 85 87.01 46.29 -21.76
C VAL O 85 88.36 46.52 -21.02
N ILE O 86 88.67 45.63 -20.06
CA ILE O 86 89.87 45.57 -19.23
C ILE O 86 91.06 45.30 -20.00
N PHE O 87 90.96 44.39 -20.97
CA PHE O 87 92.01 43.99 -21.80
C PHE O 87 92.52 45.13 -22.68
N GLY O 88 91.54 45.89 -23.28
CA GLY O 88 91.90 47.08 -24.07
C GLY O 88 92.59 48.17 -23.27
N LEU O 89 92.15 48.28 -21.98
CA LEU O 89 92.79 49.20 -21.03
C LEU O 89 94.25 48.89 -20.79
N LEU O 90 94.60 47.57 -20.63
CA LEU O 90 95.97 47.12 -20.52
C LEU O 90 96.83 47.38 -21.74
N ILE O 91 96.38 47.18 -22.99
CA ILE O 91 97.10 47.31 -24.23
C ILE O 91 97.49 48.79 -24.42
N ALA O 92 96.52 49.74 -24.17
CA ALA O 92 96.70 51.15 -24.19
C ALA O 92 97.77 51.60 -23.18
N PHE O 93 97.73 50.96 -21.95
CA PHE O 93 98.57 51.27 -20.85
C PHE O 93 100.00 51.05 -21.16
N ILE O 94 100.35 49.89 -21.76
CA ILE O 94 101.61 49.41 -22.19
C ILE O 94 102.18 50.24 -23.34
N LEU O 95 101.27 50.48 -24.32
CA LEU O 95 101.67 51.13 -25.53
C LEU O 95 101.99 52.58 -25.33
N ASN O 96 101.30 53.24 -24.52
CA ASN O 96 101.40 54.61 -24.14
C ASN O 96 102.18 54.82 -22.92
N GLY O 97 102.62 53.68 -22.34
CA GLY O 97 103.55 53.80 -21.19
C GLY O 97 104.29 52.52 -20.77
N ARG O 98 105.54 52.36 -21.24
CA ARG O 98 106.43 51.28 -20.92
C ARG O 98 106.82 51.07 -19.50
N LEU O 99 106.89 52.22 -18.74
CA LEU O 99 107.19 52.13 -17.31
C LEU O 99 105.77 52.17 -16.53
N ALA P 20 101.80 54.02 -34.65
CA ALA P 20 102.25 53.57 -33.27
C ALA P 20 103.24 52.51 -33.54
N GLU P 21 103.79 51.85 -32.50
CA GLU P 21 104.69 50.70 -32.73
C GLU P 21 104.67 49.92 -31.43
N GLU P 22 104.87 48.60 -31.53
CA GLU P 22 104.90 47.68 -30.38
C GLU P 22 106.36 47.21 -30.17
N ALA P 23 107.35 47.83 -30.90
CA ALA P 23 108.75 47.39 -30.93
C ALA P 23 109.49 47.90 -29.70
N ALA P 24 109.02 49.01 -29.18
CA ALA P 24 109.48 49.60 -27.99
C ALA P 24 109.25 51.08 -28.19
N ALA P 25 108.77 51.75 -27.10
CA ALA P 25 108.28 53.17 -27.10
C ALA P 25 107.13 53.37 -28.03
N SER P 26 106.86 54.59 -28.42
CA SER P 26 105.75 54.76 -29.34
C SER P 26 105.76 56.20 -29.84
N GLY P 27 106.71 57.11 -29.37
CA GLY P 27 106.73 58.50 -29.78
C GLY P 27 106.74 58.80 -31.31
N GLY P 28 106.76 60.07 -31.59
CA GLY P 28 106.83 60.57 -32.92
C GLY P 28 105.56 60.93 -33.54
N LEU P 29 105.49 62.03 -34.34
CA LEU P 29 104.33 62.57 -35.03
C LEU P 29 103.88 61.59 -36.10
N ASP P 30 104.87 60.98 -36.77
CA ASP P 30 104.76 60.03 -37.86
C ASP P 30 104.02 58.79 -37.42
N ARG P 31 104.30 58.27 -36.25
CA ARG P 31 103.53 57.24 -35.62
C ARG P 31 102.12 57.65 -35.23
N GLY P 32 102.00 58.87 -34.74
CA GLY P 32 100.82 59.33 -34.18
C GLY P 32 99.60 59.31 -35.08
N LEU P 33 99.69 59.63 -36.35
CA LEU P 33 98.50 59.52 -37.28
C LEU P 33 98.06 58.08 -37.41
N ILE P 34 99.06 57.18 -37.52
CA ILE P 34 98.83 55.77 -37.69
C ILE P 34 98.02 55.13 -36.52
N ALA P 35 98.33 55.59 -35.32
CA ALA P 35 97.72 55.24 -34.07
C ALA P 35 96.25 55.55 -34.09
N VAL P 36 95.83 56.73 -34.58
CA VAL P 36 94.38 57.05 -34.67
C VAL P 36 93.63 56.09 -35.60
N GLY P 37 94.21 55.82 -36.84
CA GLY P 37 93.64 55.04 -37.87
C GLY P 37 93.43 53.57 -37.54
N MET P 38 94.45 52.97 -36.85
CA MET P 38 94.43 51.60 -36.40
C MET P 38 93.49 51.35 -35.28
N GLY P 39 93.17 52.27 -34.41
CA GLY P 39 92.30 52.06 -33.36
C GLY P 39 90.84 51.72 -33.76
N LEU P 40 90.38 52.13 -35.01
CA LEU P 40 89.01 51.98 -35.48
C LEU P 40 88.68 50.51 -35.59
N ALA P 41 89.56 49.68 -36.16
CA ALA P 41 89.39 48.28 -36.38
C ALA P 41 89.24 47.56 -35.04
N VAL P 42 90.05 47.84 -34.03
CA VAL P 42 90.04 47.20 -32.72
C VAL P 42 88.78 47.51 -31.93
N GLY P 43 88.37 48.80 -32.07
CA GLY P 43 87.26 49.39 -31.42
C GLY P 43 85.96 48.71 -31.82
N LEU P 44 85.77 48.61 -33.18
CA LEU P 44 84.58 48.13 -33.78
C LEU P 44 84.56 46.64 -33.65
N ALA P 45 85.70 45.95 -33.81
CA ALA P 45 85.71 44.51 -33.70
C ALA P 45 85.28 44.07 -32.27
N ALA P 46 85.76 44.82 -31.19
CA ALA P 46 85.39 44.54 -29.81
C ALA P 46 83.92 44.74 -29.50
N LEU P 47 83.28 45.73 -30.07
CA LEU P 47 81.91 46.25 -30.02
C LEU P 47 81.07 45.15 -30.53
N GLY P 48 81.43 44.59 -31.74
CA GLY P 48 80.63 43.49 -32.24
C GLY P 48 80.73 42.18 -31.44
N THR P 49 81.98 41.84 -30.91
CA THR P 49 82.27 40.67 -30.13
C THR P 49 81.44 40.75 -28.86
N GLY P 50 81.29 42.00 -28.29
CA GLY P 50 80.55 42.27 -27.06
C GLY P 50 79.11 41.86 -27.04
N VAL P 51 78.38 42.23 -28.09
CA VAL P 51 77.01 41.92 -28.42
C VAL P 51 76.92 40.45 -28.68
N ALA P 52 77.87 39.91 -29.51
CA ALA P 52 77.68 38.51 -29.88
C ALA P 52 77.81 37.55 -28.71
N GLN P 53 78.85 37.70 -27.86
CA GLN P 53 79.24 36.95 -26.67
C GLN P 53 78.30 36.87 -25.47
N ALA P 54 77.67 38.08 -25.16
CA ALA P 54 76.97 38.24 -23.85
C ALA P 54 75.83 37.33 -23.70
N ARG P 55 75.05 37.17 -24.78
CA ARG P 55 73.85 36.32 -24.85
C ARG P 55 74.25 34.84 -24.66
N ILE P 56 75.34 34.40 -25.27
CA ILE P 56 75.89 33.06 -25.13
C ILE P 56 76.41 32.77 -23.69
N GLY P 57 77.05 33.79 -23.06
CA GLY P 57 77.45 33.65 -21.70
C GLY P 57 76.32 33.43 -20.66
N ALA P 58 75.20 34.22 -20.77
CA ALA P 58 74.10 34.05 -19.93
C ALA P 58 73.30 32.80 -20.13
N ALA P 59 73.09 32.37 -21.40
CA ALA P 59 72.44 31.14 -21.76
C ALA P 59 73.09 29.83 -21.32
N GLY P 60 74.44 29.94 -21.16
CA GLY P 60 75.23 28.84 -20.73
C GLY P 60 74.97 28.39 -19.32
N VAL P 61 74.72 29.37 -18.43
CA VAL P 61 74.37 29.02 -17.13
C VAL P 61 73.10 28.28 -17.10
N GLY P 62 72.09 28.66 -17.99
CA GLY P 62 70.82 27.97 -18.12
C GLY P 62 70.97 26.51 -18.61
N ALA P 63 71.95 26.31 -19.44
CA ALA P 63 72.29 25.00 -19.89
C ALA P 63 72.80 24.06 -18.84
N ILE P 64 73.71 24.50 -17.97
CA ILE P 64 74.23 23.75 -16.87
C ILE P 64 73.28 23.46 -15.73
N ALA P 65 72.40 24.43 -15.43
CA ALA P 65 71.33 24.47 -14.55
C ALA P 65 70.22 23.53 -15.00
N GLU P 66 69.79 23.54 -16.25
CA GLU P 66 68.81 22.65 -16.74
C GLU P 66 69.27 21.23 -16.95
N ASP P 67 70.37 21.05 -17.72
CA ASP P 67 70.86 19.75 -18.22
C ASP P 67 72.34 19.74 -18.58
N ARG P 68 73.16 19.10 -17.67
CA ARG P 68 74.62 19.05 -17.76
C ARG P 68 75.19 18.47 -19.04
N SER P 69 74.51 17.43 -19.53
CA SER P 69 75.09 16.69 -20.56
C SER P 69 75.34 17.40 -21.84
N ASN P 70 74.63 18.44 -22.26
CA ASN P 70 74.88 19.24 -23.44
C ASN P 70 75.30 20.64 -23.02
N PHE P 71 76.33 20.70 -22.06
CA PHE P 71 77.01 21.90 -21.63
C PHE P 71 77.90 22.49 -22.71
N GLY P 72 78.48 21.61 -23.53
CA GLY P 72 79.38 21.74 -24.63
C GLY P 72 78.85 22.57 -25.74
N THR P 73 77.62 22.54 -26.11
CA THR P 73 77.14 23.30 -27.26
C THR P 73 77.31 24.72 -27.04
N ALA P 74 76.93 25.24 -25.82
CA ALA P 74 77.07 26.64 -25.41
C ALA P 74 78.48 27.04 -25.41
N LEU P 75 79.32 26.08 -24.98
CA LEU P 75 80.80 26.37 -24.99
C LEU P 75 81.41 26.58 -26.32
N ILE P 76 81.24 25.79 -27.41
CA ILE P 76 81.84 25.96 -28.76
C ILE P 76 81.34 27.25 -29.37
N PHE P 77 80.02 27.62 -29.18
CA PHE P 77 79.39 28.85 -29.69
C PHE P 77 80.08 30.09 -29.22
N LEU P 78 80.52 30.08 -27.92
CA LEU P 78 81.13 31.19 -27.31
C LEU P 78 82.40 31.59 -28.01
N LEU P 79 83.17 30.56 -28.48
CA LEU P 79 84.48 30.80 -29.03
C LEU P 79 84.38 31.59 -30.27
N LEU P 80 83.37 31.38 -31.06
CA LEU P 80 83.30 32.02 -32.39
C LEU P 80 83.36 33.57 -32.44
N PRO P 81 82.80 34.54 -31.64
CA PRO P 81 83.04 35.93 -31.59
C PRO P 81 84.37 36.32 -31.01
N GLU P 82 85.06 35.39 -30.30
CA GLU P 82 86.39 35.70 -29.78
C GLU P 82 87.38 36.09 -30.88
N THR P 83 87.22 35.40 -32.02
CA THR P 83 88.06 35.47 -33.19
C THR P 83 88.11 36.88 -33.77
N LEU P 84 87.00 37.61 -33.73
CA LEU P 84 86.77 38.95 -34.25
C LEU P 84 87.61 39.99 -33.46
N VAL P 85 87.62 39.94 -32.10
CA VAL P 85 88.41 40.87 -31.29
C VAL P 85 89.84 40.65 -31.44
N ILE P 86 90.30 39.38 -31.47
CA ILE P 86 91.72 39.09 -31.73
C ILE P 86 92.21 39.52 -33.13
N PHE P 87 91.37 39.37 -34.26
CA PHE P 87 91.68 39.82 -35.61
C PHE P 87 91.93 41.28 -35.66
N GLY P 88 91.15 42.05 -34.94
CA GLY P 88 91.37 43.47 -34.77
C GLY P 88 92.61 43.89 -34.06
N LEU P 89 93.02 43.13 -33.04
CA LEU P 89 94.16 43.35 -32.24
C LEU P 89 95.41 43.10 -33.06
N LEU P 90 95.37 41.97 -33.91
CA LEU P 90 96.37 41.46 -34.70
C LEU P 90 96.71 42.34 -35.83
N ILE P 91 95.72 42.93 -36.51
CA ILE P 91 95.95 43.88 -37.52
C ILE P 91 96.64 45.12 -37.00
N ALA P 92 96.17 45.61 -35.85
CA ALA P 92 96.78 46.75 -35.14
C ALA P 92 98.21 46.49 -34.60
N PHE P 93 98.50 45.33 -34.05
CA PHE P 93 99.76 44.91 -33.59
C PHE P 93 100.77 44.77 -34.68
N ILE P 94 100.49 44.13 -35.84
CA ILE P 94 101.36 43.84 -36.99
C ILE P 94 101.77 45.18 -37.57
N LEU P 95 100.81 46.09 -37.84
CA LEU P 95 101.09 47.35 -38.46
C LEU P 95 101.91 48.22 -37.58
N ASN P 96 101.68 48.11 -36.24
CA ASN P 96 102.42 48.83 -35.21
C ASN P 96 103.72 48.06 -34.91
N GLY P 97 104.80 48.42 -35.66
CA GLY P 97 106.16 48.11 -35.21
C GLY P 97 106.60 46.78 -35.79
N ARG P 98 105.94 46.35 -36.86
CA ARG P 98 106.31 45.09 -37.55
C ARG P 98 106.05 43.93 -36.61
N LEU P 99 104.92 44.02 -35.91
CA LEU P 99 104.69 43.08 -34.79
C LEU P 99 105.58 43.51 -33.54
N ALA Q 20 103.46 49.32 -46.36
CA ALA Q 20 103.45 48.46 -47.56
C ALA Q 20 102.11 47.83 -47.89
N GLU Q 21 101.64 46.79 -47.14
CA GLU Q 21 100.41 46.20 -47.50
C GLU Q 21 99.79 45.89 -46.19
N GLU Q 22 99.53 46.95 -45.34
CA GLU Q 22 98.83 46.89 -44.08
C GLU Q 22 99.90 46.68 -42.96
N ALA Q 23 101.17 46.67 -43.44
CA ALA Q 23 102.29 46.39 -42.61
C ALA Q 23 103.29 47.41 -42.76
N ALA Q 24 103.43 48.26 -41.68
CA ALA Q 24 104.58 49.25 -41.68
C ALA Q 24 105.23 49.32 -40.37
N ALA Q 25 106.20 50.22 -40.18
CA ALA Q 25 107.14 50.26 -39.08
C ALA Q 25 106.85 51.63 -38.46
N SER Q 26 107.85 52.53 -38.52
CA SER Q 26 107.85 53.90 -38.05
C SER Q 26 106.68 54.63 -38.77
N GLY Q 27 106.60 54.46 -40.13
CA GLY Q 27 105.53 55.06 -40.90
C GLY Q 27 105.57 56.54 -41.03
N GLY Q 28 104.53 57.08 -41.73
CA GLY Q 28 104.38 58.54 -41.88
C GLY Q 28 103.00 58.96 -41.81
N LEU Q 29 102.73 60.27 -41.94
CA LEU Q 29 101.44 60.86 -41.72
C LEU Q 29 100.54 60.29 -42.82
N ASP Q 30 101.00 60.15 -44.10
CA ASP Q 30 100.22 59.75 -45.26
C ASP Q 30 99.63 58.41 -45.08
N ARG Q 31 100.49 57.53 -44.52
CA ARG Q 31 100.13 56.07 -44.20
C ARG Q 31 99.13 56.04 -43.17
N GLY Q 32 99.15 56.99 -42.17
CA GLY Q 32 98.06 57.10 -41.24
C GLY Q 32 96.62 57.47 -41.80
N LEU Q 33 96.54 58.35 -42.78
CA LEU Q 33 95.28 58.78 -43.42
C LEU Q 33 94.73 57.57 -44.25
N ILE Q 34 95.60 56.79 -44.90
CA ILE Q 34 95.21 55.57 -45.62
C ILE Q 34 94.61 54.54 -44.59
N ALA Q 35 95.23 54.44 -43.40
CA ALA Q 35 94.91 53.59 -42.28
C ALA Q 35 93.55 53.76 -41.63
N VAL Q 36 93.17 55.08 -41.47
CA VAL Q 36 91.87 55.60 -41.04
C VAL Q 36 90.86 55.14 -42.03
N GLY Q 37 91.14 55.37 -43.36
CA GLY Q 37 90.16 54.94 -44.30
C GLY Q 37 89.85 53.41 -44.33
N MET Q 38 90.95 52.61 -44.37
CA MET Q 38 90.85 51.18 -44.47
C MET Q 38 90.42 50.49 -43.16
N GLY Q 39 90.71 51.07 -42.02
CA GLY Q 39 90.45 50.55 -40.70
C GLY Q 39 88.97 50.35 -40.40
N LEU Q 40 88.07 51.13 -41.10
CA LEU Q 40 86.65 51.07 -41.05
C LEU Q 40 86.22 49.71 -41.51
N ALA Q 41 86.87 49.24 -42.62
CA ALA Q 41 86.44 47.93 -43.19
C ALA Q 41 86.65 46.75 -42.17
N VAL Q 42 87.78 46.57 -41.45
CA VAL Q 42 88.08 45.42 -40.57
C VAL Q 42 87.11 45.42 -39.43
N GLY Q 43 86.86 46.70 -38.94
CA GLY Q 43 85.96 46.90 -37.82
C GLY Q 43 84.48 46.59 -38.00
N LEU Q 44 83.96 47.17 -39.12
CA LEU Q 44 82.60 47.12 -39.55
C LEU Q 44 82.30 45.77 -40.05
N ALA Q 45 83.24 45.11 -40.72
CA ALA Q 45 83.01 43.68 -41.06
C ALA Q 45 82.85 42.78 -39.84
N ALA Q 46 83.76 42.96 -38.86
CA ALA Q 46 83.73 42.24 -37.60
C ALA Q 46 82.54 42.51 -36.71
N LEU Q 47 82.12 43.82 -36.67
CA LEU Q 47 80.89 44.29 -36.01
C LEU Q 47 79.72 43.51 -36.64
N GLY Q 48 79.67 43.58 -37.91
CA GLY Q 48 78.51 43.02 -38.66
C GLY Q 48 78.37 41.53 -38.48
N THR Q 49 79.56 40.87 -38.42
CA THR Q 49 79.66 39.43 -38.26
C THR Q 49 79.16 39.09 -36.84
N GLY Q 50 79.42 39.93 -35.88
CA GLY Q 50 79.03 39.84 -34.47
C GLY Q 50 77.56 39.90 -34.29
N VAL Q 51 76.83 40.81 -34.90
CA VAL Q 51 75.37 40.77 -34.87
C VAL Q 51 74.84 39.52 -35.60
N ALA Q 52 75.51 39.18 -36.76
CA ALA Q 52 75.08 38.03 -37.60
C ALA Q 52 75.19 36.71 -36.97
N GLN Q 53 76.33 36.39 -36.21
CA GLN Q 53 76.38 35.15 -35.54
C GLN Q 53 75.39 35.03 -34.41
N ALA Q 54 75.13 36.14 -33.67
CA ALA Q 54 74.31 36.01 -32.52
C ALA Q 54 72.88 35.61 -32.70
N ARG Q 55 72.21 36.16 -33.71
CA ARG Q 55 70.85 35.70 -34.11
C ARG Q 55 70.66 34.35 -34.70
N ILE Q 56 71.57 34.07 -35.71
CA ILE Q 56 71.51 32.90 -36.51
C ILE Q 56 71.83 31.76 -35.67
N GLY Q 57 72.87 31.90 -34.81
CA GLY Q 57 73.34 30.94 -33.80
C GLY Q 57 72.43 30.57 -32.63
N ALA Q 58 71.76 31.61 -32.12
CA ALA Q 58 70.84 31.48 -31.03
C ALA Q 58 69.61 30.61 -31.39
N ALA Q 59 69.02 30.77 -32.57
CA ALA Q 59 67.92 29.93 -33.07
C ALA Q 59 68.49 28.52 -33.21
N GLY Q 60 69.83 28.47 -33.58
CA GLY Q 60 70.59 27.22 -33.70
C GLY Q 60 70.76 26.34 -32.48
N VAL Q 61 70.79 26.89 -31.26
CA VAL Q 61 70.94 26.09 -30.02
C VAL Q 61 69.68 25.26 -29.90
N GLY Q 62 68.53 25.83 -30.24
CA GLY Q 62 67.21 25.23 -30.32
C GLY Q 62 67.10 24.13 -31.29
N ALA Q 63 67.80 24.14 -32.46
CA ALA Q 63 67.77 23.08 -33.51
C ALA Q 63 68.32 21.80 -32.86
N ILE Q 64 69.43 21.88 -31.97
CA ILE Q 64 69.99 20.78 -31.31
C ILE Q 64 69.16 20.25 -30.29
N ALA Q 65 68.51 21.22 -29.55
CA ALA Q 65 67.62 20.83 -28.45
C ALA Q 65 66.46 20.00 -29.01
N GLU Q 66 65.78 20.48 -30.09
CA GLU Q 66 64.60 19.79 -30.58
C GLU Q 66 64.86 18.48 -31.26
N ASP Q 67 65.84 18.53 -32.21
CA ASP Q 67 66.19 17.39 -33.07
C ASP Q 67 67.66 17.26 -33.07
N ARG Q 68 68.09 16.29 -32.24
CA ARG Q 68 69.51 16.12 -31.98
C ARG Q 68 70.34 15.79 -33.20
N SER Q 69 69.77 15.05 -34.15
CA SER Q 69 70.54 14.50 -35.23
C SER Q 69 71.28 15.45 -36.13
N ASN Q 70 70.69 16.65 -36.25
CA ASN Q 70 70.95 17.61 -37.19
C ASN Q 70 71.59 18.74 -36.48
N PHE Q 71 72.68 18.33 -35.68
CA PHE Q 71 73.57 19.25 -35.07
C PHE Q 71 74.43 19.97 -36.20
N GLY Q 72 74.72 19.27 -37.33
CA GLY Q 72 75.49 19.63 -38.50
C GLY Q 72 74.97 20.83 -39.25
N THR Q 73 73.61 21.08 -39.36
CA THR Q 73 72.88 22.22 -39.90
C THR Q 73 73.26 23.50 -39.09
N ALA Q 74 73.40 23.35 -37.70
CA ALA Q 74 73.84 24.48 -36.85
C ALA Q 74 75.22 24.95 -37.13
N LEU Q 75 76.17 24.00 -37.33
CA LEU Q 75 77.53 24.32 -37.58
C LEU Q 75 77.74 25.11 -38.96
N ILE Q 76 77.07 24.64 -40.04
CA ILE Q 76 77.19 25.30 -41.32
C ILE Q 76 76.62 26.69 -41.30
N PHE Q 77 75.51 27.03 -40.59
CA PHE Q 77 74.88 28.30 -40.43
C PHE Q 77 75.77 29.32 -39.85
N LEU Q 78 76.42 28.87 -38.77
CA LEU Q 78 77.35 29.70 -38.00
C LEU Q 78 78.56 30.10 -38.84
N LEU Q 79 79.01 29.23 -39.67
CA LEU Q 79 80.22 29.37 -40.43
C LEU Q 79 80.26 30.41 -41.47
N LEU Q 80 79.04 30.61 -42.09
CA LEU Q 80 78.83 31.64 -43.10
C LEU Q 80 78.99 33.07 -42.72
N PRO Q 81 78.67 33.66 -41.51
CA PRO Q 81 78.93 35.06 -41.18
C PRO Q 81 80.48 35.27 -41.00
N GLU Q 82 81.32 34.16 -40.87
CA GLU Q 82 82.70 34.31 -40.71
C GLU Q 82 83.37 34.92 -41.87
N THR Q 83 82.81 34.71 -43.07
CA THR Q 83 83.20 35.13 -44.43
C THR Q 83 83.27 36.68 -44.54
N LEU Q 84 82.37 37.47 -43.87
CA LEU Q 84 82.50 38.94 -43.81
C LEU Q 84 83.61 39.52 -43.05
N VAL Q 85 84.01 38.99 -41.83
CA VAL Q 85 85.15 39.47 -41.12
C VAL Q 85 86.43 39.19 -41.85
N ILE Q 86 86.68 38.04 -42.45
CA ILE Q 86 87.87 37.74 -43.27
C ILE Q 86 87.96 38.50 -44.55
N PHE Q 87 86.79 38.67 -45.19
CA PHE Q 87 86.76 39.52 -46.38
C PHE Q 87 87.13 41.01 -46.05
N GLY Q 88 86.63 41.56 -44.90
CA GLY Q 88 86.89 42.96 -44.47
C GLY Q 88 88.27 43.26 -44.14
N LEU Q 89 88.90 42.25 -43.52
CA LEU Q 89 90.38 42.30 -43.25
C LEU Q 89 91.21 42.25 -44.47
N LEU Q 90 90.89 41.36 -45.40
CA LEU Q 90 91.52 41.29 -46.71
C LEU Q 90 91.36 42.54 -47.53
N ILE Q 91 90.17 43.18 -47.47
CA ILE Q 91 90.00 44.43 -48.25
C ILE Q 91 90.95 45.48 -47.77
N ALA Q 92 91.13 45.69 -46.38
CA ALA Q 92 91.97 46.63 -45.71
C ALA Q 92 93.38 46.39 -46.15
N PHE Q 93 93.87 45.11 -46.28
CA PHE Q 93 95.19 44.67 -46.68
C PHE Q 93 95.44 45.02 -48.15
N ILE Q 94 94.48 44.71 -49.04
CA ILE Q 94 94.52 44.88 -50.50
C ILE Q 94 94.63 46.33 -50.80
N LEU Q 95 93.75 47.14 -50.11
CA LEU Q 95 93.49 48.47 -50.50
C LEU Q 95 94.61 49.43 -50.20
N ASN Q 96 95.27 49.22 -49.03
CA ASN Q 96 96.40 49.86 -48.46
C ASN Q 96 97.63 49.24 -49.00
N GLY Q 97 97.54 48.70 -50.26
CA GLY Q 97 98.73 48.33 -51.00
C GLY Q 97 98.44 47.84 -52.42
N ARG Q 98 97.63 48.61 -53.21
CA ARG Q 98 97.42 48.22 -54.58
C ARG Q 98 98.27 49.10 -55.47
N LEU Q 99 98.51 48.59 -56.65
CA LEU Q 99 99.29 49.28 -57.70
C LEU Q 99 98.28 49.77 -58.69
N ALA R 20 93.92 55.52 -52.29
CA ALA R 20 93.26 55.43 -53.63
C ALA R 20 94.05 54.50 -54.55
N GLU R 21 94.12 54.88 -55.83
CA GLU R 21 94.94 54.19 -56.78
C GLU R 21 96.35 54.60 -56.56
N GLU R 22 97.26 53.60 -56.83
CA GLU R 22 98.70 53.59 -56.65
C GLU R 22 99.12 54.15 -55.29
N ALA R 23 98.40 53.74 -54.27
CA ALA R 23 98.65 54.24 -52.95
C ALA R 23 99.17 52.99 -52.20
N ALA R 24 100.20 53.14 -51.38
CA ALA R 24 100.70 52.17 -50.49
C ALA R 24 101.73 52.71 -49.48
N ALA R 25 101.99 54.06 -49.59
CA ALA R 25 102.94 54.82 -48.82
C ALA R 25 103.29 56.11 -49.56
N SER R 26 102.43 56.57 -50.52
CA SER R 26 102.64 57.73 -51.34
C SER R 26 101.36 58.34 -51.67
N GLY R 27 101.42 59.63 -52.13
CA GLY R 27 100.28 60.47 -52.31
C GLY R 27 100.22 61.37 -51.09
N GLY R 28 99.52 62.55 -51.22
CA GLY R 28 99.51 63.68 -50.33
C GLY R 28 98.33 63.56 -49.44
N LEU R 29 97.83 64.75 -48.89
CA LEU R 29 96.61 64.87 -48.05
C LEU R 29 95.39 64.53 -48.93
N ASP R 30 95.41 65.00 -50.23
CA ASP R 30 94.40 64.91 -51.25
C ASP R 30 94.05 63.52 -51.62
N ARG R 31 95.06 62.63 -51.80
CA ARG R 31 94.83 61.26 -52.15
C ARG R 31 94.24 60.49 -51.05
N GLY R 32 94.76 60.78 -49.82
CA GLY R 32 94.43 60.20 -48.55
C GLY R 32 92.90 60.48 -48.27
N LEU R 33 92.41 61.65 -48.64
CA LEU R 33 91.00 61.96 -48.44
C LEU R 33 90.10 61.09 -49.27
N ILE R 34 90.41 60.68 -50.54
CA ILE R 34 89.60 59.69 -51.35
C ILE R 34 89.70 58.34 -50.63
N ALA R 35 90.84 57.93 -50.01
CA ALA R 35 90.87 56.66 -49.33
C ALA R 35 89.89 56.58 -48.14
N VAL R 36 89.75 57.72 -47.38
CA VAL R 36 88.92 57.90 -46.23
C VAL R 36 87.45 57.72 -46.55
N GLY R 37 86.98 58.43 -47.59
CA GLY R 37 85.59 58.45 -48.01
C GLY R 37 85.10 57.15 -48.52
N MET R 38 85.93 56.51 -49.37
CA MET R 38 85.62 55.41 -50.14
C MET R 38 85.52 54.15 -49.28
N GLY R 39 86.25 54.14 -48.20
CA GLY R 39 86.31 53.14 -47.15
C GLY R 39 85.03 52.87 -46.50
N LEU R 40 84.17 53.96 -46.48
CA LEU R 40 82.87 53.86 -45.99
C LEU R 40 82.02 52.83 -46.78
N ALA R 41 82.03 52.76 -48.06
CA ALA R 41 81.15 51.98 -48.80
C ALA R 41 81.25 50.50 -48.53
N VAL R 42 82.41 49.88 -48.56
CA VAL R 42 82.53 48.51 -48.25
C VAL R 42 82.21 48.19 -46.81
N GLY R 43 82.70 49.05 -45.91
CA GLY R 43 82.63 48.81 -44.51
C GLY R 43 81.23 48.71 -43.89
N LEU R 44 80.34 49.72 -44.25
CA LEU R 44 78.96 49.75 -43.83
C LEU R 44 78.32 48.68 -44.64
N ALA R 45 78.69 48.39 -45.90
CA ALA R 45 77.99 47.40 -46.65
C ALA R 45 78.17 46.01 -45.94
N ALA R 46 79.40 45.68 -45.38
CA ALA R 46 79.73 44.44 -44.57
C ALA R 46 78.90 44.43 -43.32
N LEU R 47 78.67 45.64 -42.72
CA LEU R 47 77.98 45.84 -41.45
C LEU R 47 76.51 45.39 -41.64
N GLY R 48 75.80 45.96 -42.63
CA GLY R 48 74.46 45.79 -43.07
C GLY R 48 74.18 44.36 -43.55
N THR R 49 75.21 43.71 -44.21
CA THR R 49 75.20 42.35 -44.66
C THR R 49 74.99 41.42 -43.44
N GLY R 50 75.71 41.81 -42.35
CA GLY R 50 75.64 41.05 -41.14
C GLY R 50 74.28 41.01 -40.50
N VAL R 51 73.67 42.15 -40.54
CA VAL R 51 72.34 42.29 -40.01
C VAL R 51 71.30 41.47 -40.77
N ALA R 52 71.41 41.53 -42.10
CA ALA R 52 70.54 40.92 -43.02
C ALA R 52 70.55 39.44 -42.87
N GLN R 53 71.72 38.96 -42.72
CA GLN R 53 71.98 37.52 -42.54
C GLN R 53 71.38 37.06 -41.20
N ALA R 54 71.49 37.85 -40.11
CA ALA R 54 71.11 37.53 -38.78
C ALA R 54 69.62 37.34 -38.62
N ARG R 55 68.66 38.23 -39.07
CA ARG R 55 67.28 37.92 -39.10
C ARG R 55 66.80 36.75 -39.99
N ILE R 56 67.33 36.72 -41.24
CA ILE R 56 66.95 35.66 -42.26
C ILE R 56 67.44 34.34 -41.85
N GLY R 57 68.65 34.31 -41.35
CA GLY R 57 69.32 33.11 -40.89
C GLY R 57 68.57 32.53 -39.78
N ALA R 58 68.01 33.33 -38.84
CA ALA R 58 67.32 32.87 -37.64
C ALA R 58 66.07 32.19 -38.06
N ALA R 59 65.36 32.74 -39.07
CA ALA R 59 64.13 32.19 -39.66
C ALA R 59 64.39 30.85 -40.41
N GLY R 60 65.57 30.68 -41.11
CA GLY R 60 65.91 29.42 -41.75
C GLY R 60 66.07 28.28 -40.83
N VAL R 61 66.55 28.51 -39.60
CA VAL R 61 66.64 27.53 -38.54
C VAL R 61 65.29 27.08 -38.14
N GLY R 62 64.32 28.01 -38.14
CA GLY R 62 62.96 27.66 -37.74
C GLY R 62 62.34 26.72 -38.69
N ALA R 63 62.61 27.07 -39.98
CA ALA R 63 62.16 26.32 -41.13
C ALA R 63 62.77 24.94 -41.19
N ILE R 64 64.09 24.79 -40.95
CA ILE R 64 64.68 23.45 -40.97
C ILE R 64 64.14 22.64 -39.88
N ALA R 65 63.80 23.26 -38.71
CA ALA R 65 63.36 22.61 -37.54
C ALA R 65 62.01 21.87 -37.73
N GLU R 66 61.07 22.53 -38.38
CA GLU R 66 59.76 22.02 -38.81
C GLU R 66 59.83 21.02 -39.97
N ASP R 67 60.58 21.41 -41.02
CA ASP R 67 60.67 20.53 -42.24
C ASP R 67 62.12 20.42 -42.73
N ARG R 68 62.65 19.27 -42.47
CA ARG R 68 64.04 18.81 -42.63
C ARG R 68 64.45 18.90 -44.14
N SER R 69 63.40 18.59 -44.92
CA SER R 69 63.52 18.44 -46.34
C SER R 69 63.96 19.62 -47.18
N ASN R 70 63.73 20.85 -46.64
CA ASN R 70 64.06 22.15 -47.29
C ASN R 70 65.20 22.66 -46.52
N PHE R 71 66.25 21.81 -46.41
CA PHE R 71 67.52 22.26 -45.82
C PHE R 71 68.15 23.25 -46.71
N GLY R 72 67.98 22.97 -48.03
CA GLY R 72 68.45 23.67 -49.15
C GLY R 72 67.97 25.09 -49.28
N THR R 73 66.61 25.38 -48.98
CA THR R 73 66.07 26.72 -49.13
C THR R 73 66.66 27.64 -48.20
N ALA R 74 66.86 27.16 -46.97
CA ALA R 74 67.43 28.06 -46.07
C ALA R 74 68.86 28.55 -46.39
N LEU R 75 69.75 27.64 -46.82
CA LEU R 75 71.09 27.88 -47.23
C LEU R 75 71.20 28.77 -48.43
N ILE R 76 70.34 28.64 -49.48
CA ILE R 76 70.44 29.53 -50.64
C ILE R 76 70.06 30.94 -50.32
N PHE R 77 68.98 31.14 -49.57
CA PHE R 77 68.48 32.44 -49.11
C PHE R 77 69.39 33.21 -48.26
N LEU R 78 70.08 32.47 -47.34
CA LEU R 78 71.16 32.96 -46.52
C LEU R 78 72.33 33.49 -47.32
N LEU R 79 72.65 32.89 -48.47
CA LEU R 79 73.67 33.39 -49.44
C LEU R 79 73.18 34.72 -50.11
N LEU R 80 71.87 35.04 -50.25
CA LEU R 80 71.52 36.35 -50.90
C LEU R 80 72.07 37.59 -50.18
N PRO R 81 72.11 37.90 -48.85
CA PRO R 81 72.75 39.09 -48.37
C PRO R 81 74.27 39.19 -48.50
N GLU R 82 74.95 38.04 -48.83
CA GLU R 82 76.40 37.94 -49.12
C GLU R 82 76.85 38.84 -50.30
N THR R 83 75.90 39.00 -51.23
CA THR R 83 75.93 39.75 -52.41
C THR R 83 76.15 41.19 -52.06
N LEU R 84 75.51 41.70 -50.92
CA LEU R 84 75.62 43.11 -50.50
C LEU R 84 77.12 43.47 -50.18
N VAL R 85 77.85 42.57 -49.45
CA VAL R 85 79.24 42.80 -49.00
C VAL R 85 80.15 42.93 -50.22
N ILE R 86 79.92 41.99 -51.20
CA ILE R 86 80.70 42.07 -52.44
C ILE R 86 80.43 43.36 -53.20
N PHE R 87 79.15 43.85 -53.15
CA PHE R 87 78.64 45.06 -53.80
C PHE R 87 79.35 46.29 -53.26
N GLY R 88 79.57 46.29 -51.93
CA GLY R 88 80.29 47.37 -51.26
C GLY R 88 81.69 47.48 -51.71
N LEU R 89 82.40 46.32 -51.96
CA LEU R 89 83.78 46.21 -52.37
C LEU R 89 83.98 46.87 -53.74
N LEU R 90 83.01 46.58 -54.64
CA LEU R 90 83.01 46.94 -56.03
C LEU R 90 82.99 48.48 -56.12
N ILE R 91 82.17 49.08 -55.24
CA ILE R 91 82.04 50.54 -55.14
C ILE R 91 83.28 51.25 -54.72
N ALA R 92 83.90 50.72 -53.65
CA ALA R 92 85.09 51.29 -53.18
C ALA R 92 86.26 51.27 -54.10
N PHE R 93 86.45 50.09 -54.78
CA PHE R 93 87.54 49.86 -55.74
C PHE R 93 87.43 50.73 -56.96
N ILE R 94 86.18 50.88 -57.49
CA ILE R 94 85.88 51.71 -58.69
C ILE R 94 86.19 53.19 -58.52
N LEU R 95 85.71 53.75 -57.41
CA LEU R 95 85.77 55.14 -56.98
C LEU R 95 87.21 55.52 -56.62
N ASN R 96 88.09 54.59 -56.08
CA ASN R 96 89.46 54.92 -55.83
C ASN R 96 90.37 54.90 -57.04
N GLY R 97 90.19 53.89 -57.96
CA GLY R 97 90.82 53.81 -59.22
C GLY R 97 89.86 53.39 -60.22
N ARG R 98 89.70 54.17 -61.29
CA ARG R 98 88.87 54.00 -62.47
C ARG R 98 89.35 52.78 -63.24
N LEU R 99 88.47 51.80 -63.46
CA LEU R 99 88.83 50.51 -64.10
C LEU R 99 88.99 50.68 -65.58
N ALA S 20 86.47 65.76 -57.28
CA ALA S 20 87.35 64.54 -57.06
C ALA S 20 87.78 63.99 -58.35
N GLU S 21 88.72 63.10 -58.33
CA GLU S 21 89.09 62.34 -59.54
C GLU S 21 88.78 60.92 -59.17
N GLU S 22 88.37 60.12 -60.16
CA GLU S 22 88.08 58.70 -59.99
C GLU S 22 89.27 57.87 -59.75
N ALA S 23 90.43 58.38 -60.19
CA ALA S 23 91.72 57.78 -60.00
C ALA S 23 92.57 58.75 -59.24
N ALA S 24 93.74 58.21 -58.83
CA ALA S 24 94.86 58.94 -58.24
C ALA S 24 94.51 59.94 -57.16
N ALA S 25 95.09 61.10 -57.29
CA ALA S 25 95.03 62.19 -56.33
C ALA S 25 93.89 63.06 -56.82
N SER S 26 93.40 63.97 -55.99
CA SER S 26 92.31 64.80 -56.37
C SER S 26 92.80 66.06 -56.98
N GLY S 27 93.90 66.50 -56.32
CA GLY S 27 94.68 67.70 -56.54
C GLY S 27 93.85 68.93 -56.14
N GLY S 28 94.37 69.69 -55.25
CA GLY S 28 93.66 70.87 -54.72
C GLY S 28 92.89 70.29 -53.54
N LEU S 29 92.69 71.02 -52.40
CA LEU S 29 91.97 70.59 -51.20
C LEU S 29 90.50 70.38 -51.51
N ASP S 30 89.93 71.28 -52.43
CA ASP S 30 88.51 71.34 -52.76
C ASP S 30 88.04 70.07 -53.40
N ARG S 31 88.82 69.51 -54.38
CA ARG S 31 88.55 68.28 -55.06
C ARG S 31 88.54 67.16 -54.08
N GLY S 32 89.42 67.23 -53.05
CA GLY S 32 89.52 66.27 -52.03
C GLY S 32 88.30 66.10 -51.19
N LEU S 33 87.66 67.25 -50.80
CA LEU S 33 86.52 67.33 -49.91
C LEU S 33 85.31 66.71 -50.52
N ILE S 34 85.19 66.87 -51.89
CA ILE S 34 84.16 66.33 -52.69
C ILE S 34 84.22 64.77 -52.74
N ALA S 35 85.43 64.20 -52.78
CA ALA S 35 85.59 62.80 -52.64
C ALA S 35 84.98 62.20 -51.31
N VAL S 36 85.27 62.90 -50.17
CA VAL S 36 84.79 62.54 -48.89
C VAL S 36 83.26 62.53 -48.80
N GLY S 37 82.73 63.60 -49.39
CA GLY S 37 81.27 63.82 -49.42
C GLY S 37 80.43 62.80 -50.25
N MET S 38 80.92 62.33 -51.44
CA MET S 38 80.25 61.33 -52.22
C MET S 38 80.32 59.97 -51.56
N GLY S 39 81.34 59.64 -50.73
CA GLY S 39 81.54 58.43 -49.93
C GLY S 39 80.52 58.13 -48.87
N LEU S 40 79.93 59.22 -48.30
CA LEU S 40 78.93 59.10 -47.23
C LEU S 40 77.68 58.38 -47.73
N ALA S 41 77.23 58.80 -49.03
CA ALA S 41 76.00 58.47 -49.77
C ALA S 41 75.87 57.03 -50.10
N VAL S 42 77.00 56.42 -50.71
CA VAL S 42 77.12 54.93 -50.95
C VAL S 42 77.07 54.12 -49.69
N GLY S 43 77.73 54.66 -48.63
CA GLY S 43 77.92 54.08 -47.35
C GLY S 43 76.56 53.83 -46.70
N LEU S 44 75.73 54.95 -46.65
CA LEU S 44 74.48 55.07 -45.92
C LEU S 44 73.51 54.25 -46.62
N ALA S 45 73.47 54.32 -47.99
CA ALA S 45 72.60 53.47 -48.85
C ALA S 45 72.86 52.00 -48.70
N ALA S 46 74.13 51.57 -48.59
CA ALA S 46 74.52 50.17 -48.35
C ALA S 46 74.07 49.61 -47.04
N LEU S 47 74.20 50.39 -45.92
CA LEU S 47 73.89 50.08 -44.49
C LEU S 47 72.35 49.83 -44.50
N GLY S 48 71.67 50.74 -45.21
CA GLY S 48 70.22 50.60 -45.36
C GLY S 48 69.76 49.32 -46.05
N THR S 49 70.60 48.96 -47.06
CA THR S 49 70.22 47.78 -47.87
C THR S 49 70.09 46.62 -46.98
N GLY S 50 71.07 46.47 -46.06
CA GLY S 50 71.21 45.27 -45.23
C GLY S 50 70.11 45.04 -44.23
N VAL S 51 69.78 46.14 -43.44
CA VAL S 51 68.71 46.21 -42.45
C VAL S 51 67.40 46.05 -43.18
N ALA S 52 67.24 46.67 -44.37
CA ALA S 52 65.92 46.60 -45.09
C ALA S 52 65.55 45.18 -45.47
N GLN S 53 66.61 44.44 -45.91
CA GLN S 53 66.62 43.07 -46.31
C GLN S 53 66.32 42.14 -45.21
N ALA S 54 66.79 42.40 -43.95
CA ALA S 54 66.53 41.56 -42.80
C ALA S 54 65.01 41.42 -42.44
N ARG S 55 64.30 42.56 -42.49
CA ARG S 55 62.89 42.64 -42.17
C ARG S 55 61.97 41.85 -43.11
N ILE S 56 62.17 41.95 -44.49
CA ILE S 56 61.45 41.12 -45.47
C ILE S 56 62.05 39.71 -45.40
N GLY S 57 63.38 39.47 -45.21
CA GLY S 57 64.05 38.19 -45.31
C GLY S 57 63.49 37.30 -44.26
N ALA S 58 63.29 37.76 -42.99
CA ALA S 58 62.82 36.80 -41.89
C ALA S 58 61.43 36.32 -42.18
N ALA S 59 60.58 37.23 -42.71
CA ALA S 59 59.19 37.03 -43.12
C ALA S 59 59.12 36.14 -44.27
N GLY S 60 60.12 36.28 -45.23
CA GLY S 60 60.14 35.65 -46.52
C GLY S 60 60.19 34.19 -46.46
N VAL S 61 60.88 33.63 -45.43
CA VAL S 61 61.02 32.27 -45.27
C VAL S 61 59.69 31.67 -45.00
N GLY S 62 58.86 32.29 -44.23
CA GLY S 62 57.51 31.87 -44.10
C GLY S 62 56.67 31.90 -45.41
N ALA S 63 56.94 32.94 -46.30
CA ALA S 63 56.29 33.14 -47.57
C ALA S 63 56.60 31.99 -48.40
N ILE S 64 57.86 31.48 -48.34
CA ILE S 64 58.25 30.28 -49.17
C ILE S 64 57.58 29.03 -48.67
N ALA S 65 57.58 28.88 -47.31
CA ALA S 65 57.02 27.74 -46.69
C ALA S 65 55.53 27.57 -46.87
N GLU S 66 54.73 28.59 -46.59
CA GLU S 66 53.28 28.60 -46.54
C GLU S 66 52.68 28.55 -47.91
N ASP S 67 53.09 29.61 -48.76
CA ASP S 67 52.72 29.94 -50.16
C ASP S 67 53.78 29.48 -51.02
N ARG S 68 53.91 28.15 -51.31
CA ARG S 68 54.96 27.60 -52.05
C ARG S 68 54.93 28.09 -53.56
N SER S 69 53.68 28.19 -53.98
CA SER S 69 53.20 28.52 -55.30
C SER S 69 53.72 29.92 -55.62
N ASN S 70 53.88 30.76 -54.55
CA ASN S 70 54.38 32.09 -54.62
C ASN S 70 55.76 32.25 -53.87
N PHE S 71 56.72 31.31 -54.14
CA PHE S 71 58.13 31.39 -53.65
C PHE S 71 58.95 32.59 -54.27
N GLY S 72 58.57 32.94 -55.53
CA GLY S 72 59.02 34.03 -56.34
C GLY S 72 58.83 35.35 -55.80
N THR S 73 57.68 35.52 -55.04
CA THR S 73 57.24 36.77 -54.42
C THR S 73 58.21 37.30 -53.27
N ALA S 74 58.65 36.36 -52.42
CA ALA S 74 59.59 36.73 -51.36
C ALA S 74 60.87 37.22 -51.95
N LEU S 75 61.32 36.55 -53.01
CA LEU S 75 62.55 36.78 -53.74
C LEU S 75 62.54 38.16 -54.43
N ILE S 76 61.42 38.52 -55.11
CA ILE S 76 61.37 39.77 -55.88
C ILE S 76 61.47 40.95 -54.91
N PHE S 77 60.78 40.80 -53.78
CA PHE S 77 60.76 41.80 -52.72
C PHE S 77 62.12 42.08 -52.16
N LEU S 78 62.89 40.99 -51.90
CA LEU S 78 64.26 41.07 -51.41
C LEU S 78 65.30 41.73 -52.28
N LEU S 79 65.14 41.58 -53.63
CA LEU S 79 66.04 42.14 -54.69
C LEU S 79 66.01 43.70 -54.68
N LEU S 80 64.85 44.29 -54.38
CA LEU S 80 64.56 45.75 -54.48
C LEU S 80 65.42 46.67 -53.63
N PRO S 81 65.84 46.47 -52.36
CA PRO S 81 66.77 47.39 -51.65
C PRO S 81 68.18 47.24 -52.21
N GLU S 82 68.53 46.12 -52.89
CA GLU S 82 69.85 45.92 -53.50
C GLU S 82 70.10 46.88 -54.66
N THR S 83 68.98 47.15 -55.43
CA THR S 83 68.96 48.03 -56.56
C THR S 83 69.38 49.39 -56.06
N LEU S 84 68.97 49.79 -54.76
CA LEU S 84 69.28 51.15 -54.35
C LEU S 84 70.78 51.42 -54.27
N VAL S 85 71.64 50.50 -53.67
CA VAL S 85 73.07 50.62 -53.57
C VAL S 85 73.72 50.66 -54.94
N ILE S 86 73.28 49.86 -55.94
CA ILE S 86 73.83 49.97 -57.36
C ILE S 86 73.56 51.34 -57.99
N PHE S 87 72.29 51.88 -57.79
CA PHE S 87 71.78 53.15 -58.33
C PHE S 87 72.70 54.26 -57.82
N GLY S 88 73.04 54.16 -56.57
CA GLY S 88 74.02 54.99 -55.92
C GLY S 88 75.40 54.93 -56.48
N LEU S 89 75.89 53.82 -56.93
CA LEU S 89 77.22 53.72 -57.46
C LEU S 89 77.28 54.52 -58.74
N LEU S 90 76.24 54.50 -59.64
CA LEU S 90 76.13 55.24 -60.88
C LEU S 90 76.21 56.73 -60.58
N ILE S 91 75.53 57.27 -59.53
CA ILE S 91 75.60 58.66 -59.17
C ILE S 91 77.08 59.03 -58.83
N ALA S 92 77.74 58.19 -57.92
CA ALA S 92 79.10 58.36 -57.43
C ALA S 92 80.22 58.32 -58.55
N PHE S 93 80.09 57.40 -59.52
CA PHE S 93 80.87 57.14 -60.69
C PHE S 93 80.79 58.35 -61.62
N ILE S 94 79.61 58.92 -61.85
CA ILE S 94 79.27 60.00 -62.71
C ILE S 94 80.01 61.32 -62.19
N LEU S 95 79.94 61.65 -60.86
CA LEU S 95 80.49 62.88 -60.28
C LEU S 95 82.03 62.81 -60.30
N ASN S 96 82.61 61.64 -60.00
CA ASN S 96 84.02 61.30 -60.00
C ASN S 96 84.52 61.34 -61.45
N GLY S 97 85.76 61.90 -61.64
CA GLY S 97 86.48 62.08 -62.90
C GLY S 97 86.32 63.52 -63.28
N ARG S 98 85.48 64.29 -62.47
CA ARG S 98 85.13 65.68 -62.74
C ARG S 98 84.80 66.34 -61.45
N LEU S 99 84.65 67.69 -61.50
CA LEU S 99 84.43 68.54 -60.27
C LEU S 99 83.05 68.23 -59.62
N ALA T 20 78.48 65.44 -62.05
CA ALA T 20 78.82 65.97 -63.34
C ALA T 20 78.21 65.06 -64.40
N GLU T 21 79.01 64.78 -65.45
CA GLU T 21 78.69 63.72 -66.37
C GLU T 21 79.82 62.80 -66.36
N GLU T 22 79.65 61.59 -66.99
CA GLU T 22 80.81 60.72 -67.32
C GLU T 22 81.56 61.26 -68.47
N ALA T 23 80.90 62.12 -69.22
CA ALA T 23 81.48 62.82 -70.33
C ALA T 23 81.93 64.16 -69.85
N ALA T 24 82.99 64.83 -70.41
CA ALA T 24 83.33 66.14 -70.03
C ALA T 24 82.43 67.17 -70.55
N ALA T 25 82.68 68.47 -70.17
CA ALA T 25 81.81 69.60 -70.35
C ALA T 25 80.79 69.63 -69.21
N SER T 26 81.14 69.08 -68.05
CA SER T 26 80.23 69.19 -66.89
C SER T 26 81.02 69.30 -65.62
N GLY T 27 80.36 69.74 -64.48
CA GLY T 27 81.14 69.87 -63.27
C GLY T 27 81.42 71.31 -62.92
N GLY T 28 81.25 71.62 -61.61
CA GLY T 28 81.47 72.93 -61.12
C GLY T 28 81.57 72.77 -59.63
N LEU T 29 82.32 73.67 -58.95
CA LEU T 29 82.73 73.54 -57.58
C LEU T 29 81.48 73.64 -56.72
N ASP T 30 80.50 74.54 -57.09
CA ASP T 30 79.29 74.76 -56.36
C ASP T 30 78.42 73.57 -56.38
N ARG T 31 78.37 72.99 -57.51
CA ARG T 31 77.65 71.74 -57.82
C ARG T 31 78.30 70.59 -57.03
N GLY T 32 79.68 70.44 -56.94
CA GLY T 32 80.45 69.46 -56.20
C GLY T 32 80.16 69.60 -54.74
N LEU T 33 80.01 70.84 -54.25
CA LEU T 33 79.79 71.12 -52.83
C LEU T 33 78.39 70.63 -52.34
N ILE T 34 77.35 70.81 -53.22
CA ILE T 34 75.95 70.37 -53.07
C ILE T 34 76.01 68.91 -53.01
N ALA T 35 76.85 68.29 -53.85
CA ALA T 35 77.09 66.85 -53.92
C ALA T 35 77.51 66.33 -52.57
N VAL T 36 78.36 67.14 -51.73
CA VAL T 36 78.74 66.77 -50.41
C VAL T 36 77.52 66.55 -49.54
N GLY T 37 76.60 67.55 -49.48
CA GLY T 37 75.43 67.59 -48.65
C GLY T 37 74.38 66.66 -49.08
N MET T 38 74.11 66.55 -50.43
CA MET T 38 73.10 65.80 -51.13
C MET T 38 73.38 64.35 -51.00
N GLY T 39 74.68 63.96 -50.78
CA GLY T 39 75.02 62.58 -50.49
C GLY T 39 74.44 61.98 -49.26
N LEU T 40 74.14 62.90 -48.34
CA LEU T 40 73.46 62.53 -47.12
C LEU T 40 72.10 62.06 -47.49
N ALA T 41 71.41 62.81 -48.35
CA ALA T 41 70.04 62.51 -48.80
C ALA T 41 69.83 61.20 -49.51
N VAL T 42 70.71 60.91 -50.52
CA VAL T 42 70.53 59.67 -51.32
C VAL T 42 70.66 58.43 -50.44
N GLY T 43 71.62 58.44 -49.55
CA GLY T 43 71.91 57.32 -48.55
C GLY T 43 70.83 57.03 -47.56
N LEU T 44 70.32 58.22 -46.95
CA LEU T 44 69.30 58.28 -45.98
C LEU T 44 67.97 57.97 -46.53
N ALA T 45 67.62 58.49 -47.73
CA ALA T 45 66.34 58.31 -48.44
C ALA T 45 66.26 56.82 -48.74
N ALA T 46 67.45 56.24 -49.18
CA ALA T 46 67.62 54.85 -49.65
C ALA T 46 67.41 53.77 -48.60
N LEU T 47 67.92 54.09 -47.36
CA LEU T 47 67.80 53.39 -46.09
C LEU T 47 66.33 53.29 -45.76
N GLY T 48 65.65 54.52 -45.83
CA GLY T 48 64.35 54.69 -45.44
C GLY T 48 63.36 53.99 -46.38
N THR T 49 63.61 54.08 -47.71
CA THR T 49 62.74 53.54 -48.76
C THR T 49 62.75 52.02 -48.60
N GLY T 50 63.98 51.48 -48.27
CA GLY T 50 64.15 50.06 -48.06
C GLY T 50 63.44 49.46 -46.89
N VAL T 51 63.47 50.13 -45.68
CA VAL T 51 62.82 49.68 -44.49
C VAL T 51 61.33 49.76 -44.62
N ALA T 52 60.74 50.84 -45.25
CA ALA T 52 59.32 51.00 -45.51
C ALA T 52 58.80 49.90 -46.44
N GLN T 53 59.52 49.63 -47.47
CA GLN T 53 59.31 48.70 -48.48
C GLN T 53 59.26 47.30 -47.93
N ALA T 54 60.13 46.84 -47.01
CA ALA T 54 60.30 45.57 -46.41
C ALA T 54 59.06 45.25 -45.54
N ARG T 55 58.43 46.20 -44.75
CA ARG T 55 57.29 46.05 -43.90
C ARG T 55 56.11 45.67 -44.77
N ILE T 56 56.01 46.34 -45.94
CA ILE T 56 55.00 46.29 -47.03
C ILE T 56 55.14 44.96 -47.64
N GLY T 57 56.37 44.45 -47.77
CA GLY T 57 56.71 43.08 -48.19
C GLY T 57 56.18 42.08 -47.16
N ALA T 58 56.29 42.45 -45.84
CA ALA T 58 55.83 41.55 -44.83
C ALA T 58 54.31 41.51 -45.06
N ALA T 59 53.61 42.62 -45.41
CA ALA T 59 52.08 42.64 -45.62
C ALA T 59 51.68 41.72 -46.80
N GLY T 60 52.50 41.63 -47.86
CA GLY T 60 52.42 40.93 -49.10
C GLY T 60 52.35 39.47 -48.85
N VAL T 61 52.94 38.96 -47.79
CA VAL T 61 52.85 37.53 -47.50
C VAL T 61 51.35 37.24 -47.18
N GLY T 62 50.67 38.10 -46.46
CA GLY T 62 49.30 38.06 -46.19
C GLY T 62 48.46 38.31 -47.44
N ALA T 63 48.83 39.26 -48.36
CA ALA T 63 48.09 39.59 -49.57
C ALA T 63 48.04 38.35 -50.49
N ILE T 64 49.13 37.56 -50.80
CA ILE T 64 49.15 36.34 -51.59
C ILE T 64 48.47 35.22 -50.95
N ALA T 65 48.58 34.99 -49.59
CA ALA T 65 47.93 33.97 -48.92
C ALA T 65 46.40 34.11 -48.87
N GLU T 66 45.82 35.28 -48.47
CA GLU T 66 44.37 35.45 -48.39
C GLU T 66 43.67 35.64 -49.65
N ASP T 67 44.07 36.61 -50.50
CA ASP T 67 43.30 36.89 -51.64
C ASP T 67 44.34 37.33 -52.70
N ARG T 68 44.52 36.44 -53.70
CA ARG T 68 45.37 36.53 -54.87
C ARG T 68 44.76 37.62 -55.69
N SER T 69 43.44 37.71 -55.74
CA SER T 69 42.52 38.55 -56.44
C SER T 69 42.65 40.07 -55.96
N ASN T 70 43.03 40.19 -54.74
CA ASN T 70 43.31 41.45 -54.11
C ASN T 70 44.78 41.50 -53.77
N PHE T 71 45.61 40.98 -54.68
CA PHE T 71 47.06 41.01 -54.62
C PHE T 71 47.46 42.45 -54.86
N GLY T 72 46.61 43.15 -55.62
CA GLY T 72 46.58 44.50 -56.14
C GLY T 72 46.75 45.51 -54.98
N THR T 73 46.20 45.21 -53.78
CA THR T 73 46.42 46.06 -52.61
C THR T 73 47.90 46.08 -52.26
N ALA T 74 48.57 44.91 -52.27
CA ALA T 74 49.97 44.97 -51.94
C ALA T 74 50.82 45.79 -52.93
N LEU T 75 50.57 45.77 -54.17
CA LEU T 75 51.29 46.45 -55.25
C LEU T 75 51.21 47.93 -55.18
N ILE T 76 50.01 48.45 -54.86
CA ILE T 76 49.82 49.89 -54.71
C ILE T 76 50.54 50.37 -53.48
N PHE T 77 50.48 49.53 -52.43
CA PHE T 77 51.19 49.78 -51.21
C PHE T 77 52.62 49.85 -51.39
N LEU T 78 53.22 48.91 -52.13
CA LEU T 78 54.62 48.72 -52.34
C LEU T 78 55.18 49.85 -53.14
N LEU T 79 54.37 50.44 -54.10
CA LEU T 79 54.69 51.54 -54.94
C LEU T 79 54.91 52.86 -54.10
N LEU T 80 54.15 53.16 -53.01
CA LEU T 80 54.27 54.38 -52.24
C LEU T 80 55.64 54.68 -51.68
N PRO T 81 56.43 53.75 -51.05
CA PRO T 81 57.73 54.10 -50.57
C PRO T 81 58.74 54.36 -51.64
N GLU T 82 58.46 53.90 -52.88
CA GLU T 82 59.36 54.02 -54.02
C GLU T 82 59.68 55.42 -54.36
N THR T 83 58.71 56.33 -54.05
CA THR T 83 58.73 57.80 -54.32
C THR T 83 59.93 58.48 -53.75
N LEU T 84 60.25 58.12 -52.48
CA LEU T 84 61.25 58.70 -51.63
C LEU T 84 62.65 58.48 -52.08
N VAL T 85 63.11 57.23 -52.51
CA VAL T 85 64.48 57.08 -53.06
C VAL T 85 64.65 57.76 -54.40
N ILE T 86 63.65 57.60 -55.34
CA ILE T 86 63.58 58.14 -56.66
C ILE T 86 63.62 59.60 -56.58
N PHE T 87 62.89 60.21 -55.64
CA PHE T 87 62.95 61.65 -55.40
C PHE T 87 64.29 62.15 -54.94
N GLY T 88 64.92 61.41 -54.00
CA GLY T 88 66.19 61.72 -53.38
C GLY T 88 67.29 61.77 -54.38
N LEU T 89 67.20 60.81 -55.32
CA LEU T 89 68.08 60.57 -56.48
C LEU T 89 67.86 61.74 -57.41
N LEU T 90 66.60 62.21 -57.70
CA LEU T 90 66.25 63.16 -58.78
C LEU T 90 66.82 64.58 -58.41
N ILE T 91 66.71 65.04 -57.14
CA ILE T 91 67.23 66.30 -56.69
C ILE T 91 68.76 66.33 -56.95
N ALA T 92 69.46 65.22 -56.62
CA ALA T 92 70.93 65.24 -56.76
C ALA T 92 71.46 65.47 -58.16
N PHE T 93 70.81 64.79 -59.08
CA PHE T 93 71.20 64.85 -60.46
C PHE T 93 71.01 66.22 -61.15
N ILE T 94 69.90 66.93 -60.82
CA ILE T 94 69.74 68.26 -61.24
C ILE T 94 70.71 69.23 -60.67
N LEU T 95 70.92 69.21 -59.30
CA LEU T 95 71.81 70.14 -58.71
C LEU T 95 73.26 69.94 -59.02
N ASN T 96 73.74 68.71 -59.09
CA ASN T 96 75.02 68.25 -59.55
C ASN T 96 74.71 67.31 -60.74
N GLY T 97 74.95 67.78 -61.98
CA GLY T 97 74.91 66.91 -63.16
C GLY T 97 73.87 67.46 -64.14
N ARG T 98 73.75 68.82 -63.95
CA ARG T 98 72.94 69.77 -64.55
C ARG T 98 73.20 69.92 -66.02
N LEU T 99 74.50 69.93 -66.40
CA LEU T 99 74.93 70.17 -67.76
C LEU T 99 75.35 68.79 -68.34
N ALA U 20 75.27 77.95 -52.38
CA ALA U 20 75.31 77.69 -53.88
C ALA U 20 74.14 78.18 -54.54
N GLU U 21 73.95 77.83 -55.79
CA GLU U 21 72.84 78.24 -56.53
C GLU U 21 72.39 77.05 -57.29
N GLU U 22 71.11 77.21 -57.89
CA GLU U 22 70.43 76.18 -58.62
C GLU U 22 70.37 76.54 -60.07
N ALA U 23 71.20 77.65 -60.48
CA ALA U 23 71.36 78.15 -61.77
C ALA U 23 72.80 78.55 -62.13
N ALA U 24 73.57 79.11 -61.08
CA ALA U 24 75.03 79.47 -61.27
C ALA U 24 75.82 78.12 -61.42
N ALA U 25 76.52 77.99 -62.49
CA ALA U 25 77.27 76.76 -62.71
C ALA U 25 78.64 76.76 -62.21
N SER U 26 79.00 77.87 -61.53
CA SER U 26 80.28 78.03 -60.93
C SER U 26 80.29 78.85 -59.70
N GLY U 27 81.20 78.59 -58.75
CA GLY U 27 81.11 79.28 -57.44
C GLY U 27 82.45 79.18 -56.80
N GLY U 28 82.47 79.00 -55.43
CA GLY U 28 83.72 78.99 -54.63
C GLY U 28 83.29 78.54 -53.28
N LEU U 29 84.15 78.85 -52.29
CA LEU U 29 84.22 78.39 -50.93
C LEU U 29 83.09 78.79 -50.21
N ASP U 30 82.60 79.99 -50.32
CA ASP U 30 81.51 80.59 -49.57
C ASP U 30 80.12 79.89 -49.74
N ARG U 31 79.92 79.65 -51.02
CA ARG U 31 78.77 79.13 -51.67
C ARG U 31 78.63 77.73 -51.27
N GLY U 32 79.77 77.07 -51.20
CA GLY U 32 79.94 75.70 -50.79
C GLY U 32 79.48 75.42 -49.34
N LEU U 33 79.70 76.34 -48.40
CA LEU U 33 79.21 76.11 -47.08
C LEU U 33 77.68 76.05 -47.05
N ILE U 34 76.95 76.95 -47.83
CA ILE U 34 75.50 77.01 -47.74
C ILE U 34 74.94 75.74 -48.21
N ALA U 35 75.49 75.18 -49.30
CA ALA U 35 75.14 73.99 -50.01
C ALA U 35 75.23 72.72 -49.25
N VAL U 36 76.34 72.56 -48.42
CA VAL U 36 76.51 71.49 -47.44
C VAL U 36 75.37 71.70 -46.40
N GLY U 37 75.13 72.91 -45.85
CA GLY U 37 74.24 73.12 -44.78
C GLY U 37 72.80 72.91 -44.96
N MET U 38 72.25 73.32 -46.11
CA MET U 38 70.92 73.15 -46.53
C MET U 38 70.80 71.69 -46.91
N GLY U 39 71.87 70.97 -47.32
CA GLY U 39 71.91 69.56 -47.62
C GLY U 39 71.55 68.77 -46.36
N LEU U 40 71.79 69.27 -45.12
CA LEU U 40 71.49 68.51 -43.85
C LEU U 40 69.96 68.28 -43.74
N ALA U 41 69.12 69.31 -44.06
CA ALA U 41 67.72 69.33 -43.93
C ALA U 41 67.00 68.24 -44.71
N VAL U 42 67.43 68.02 -46.02
CA VAL U 42 66.83 67.06 -46.87
C VAL U 42 67.14 65.69 -46.33
N GLY U 43 68.39 65.42 -45.79
CA GLY U 43 68.88 64.17 -45.33
C GLY U 43 67.98 63.76 -44.19
N LEU U 44 67.70 64.73 -43.23
CA LEU U 44 66.89 64.41 -42.07
C LEU U 44 65.42 64.06 -42.39
N ALA U 45 64.78 64.87 -43.30
CA ALA U 45 63.48 64.72 -43.81
C ALA U 45 63.32 63.37 -44.51
N ALA U 46 64.31 63.02 -45.30
CA ALA U 46 64.37 61.72 -45.95
C ALA U 46 64.43 60.53 -45.03
N LEU U 47 65.18 60.68 -43.99
CA LEU U 47 65.32 59.70 -42.89
C LEU U 47 64.00 59.41 -42.19
N GLY U 48 63.38 60.53 -41.76
CA GLY U 48 62.09 60.46 -41.11
C GLY U 48 60.93 59.97 -41.97
N THR U 49 60.82 60.43 -43.24
CA THR U 49 59.78 59.85 -44.11
C THR U 49 59.92 58.39 -44.42
N GLY U 50 61.11 57.82 -44.62
CA GLY U 50 61.32 56.44 -44.83
C GLY U 50 60.94 55.50 -43.67
N VAL U 51 61.37 55.91 -42.44
CA VAL U 51 61.10 55.26 -41.15
C VAL U 51 59.58 55.32 -40.85
N ALA U 52 58.88 56.52 -41.13
CA ALA U 52 57.45 56.76 -40.97
C ALA U 52 56.49 55.97 -41.84
N GLN U 53 56.86 55.83 -43.16
CA GLN U 53 56.21 55.12 -44.19
C GLN U 53 56.11 53.63 -43.77
N ALA U 54 57.21 53.20 -43.14
CA ALA U 54 57.37 51.83 -42.63
C ALA U 54 56.28 51.47 -41.60
N ARG U 55 55.94 52.40 -40.62
CA ARG U 55 54.95 52.15 -39.57
C ARG U 55 53.58 51.93 -40.05
N ILE U 56 53.18 52.79 -40.99
CA ILE U 56 51.88 52.85 -41.57
C ILE U 56 51.76 51.61 -42.41
N GLY U 57 52.84 51.18 -43.12
CA GLY U 57 52.90 49.93 -43.84
C GLY U 57 52.72 48.68 -42.97
N ALA U 58 53.32 48.63 -41.77
CA ALA U 58 53.24 47.51 -40.89
C ALA U 58 51.84 47.34 -40.40
N ALA U 59 51.17 48.49 -40.20
CA ALA U 59 49.82 48.68 -39.80
C ALA U 59 48.81 48.17 -40.83
N GLY U 60 49.22 48.29 -42.11
CA GLY U 60 48.42 47.92 -43.27
C GLY U 60 48.04 46.46 -43.29
N VAL U 61 48.88 45.55 -42.71
CA VAL U 61 48.65 44.09 -42.68
C VAL U 61 47.40 43.78 -41.92
N GLY U 62 47.11 44.54 -40.81
CA GLY U 62 45.89 44.49 -40.04
C GLY U 62 44.66 44.87 -40.73
N ALA U 63 44.88 45.92 -41.58
CA ALA U 63 43.83 46.48 -42.34
C ALA U 63 43.30 45.49 -43.27
N ILE U 64 44.21 44.73 -44.03
CA ILE U 64 43.74 43.72 -44.95
C ILE U 64 42.99 42.61 -44.29
N ALA U 65 43.63 42.19 -43.12
CA ALA U 65 43.33 41.01 -42.40
C ALA U 65 41.98 41.05 -41.70
N GLU U 66 41.75 42.08 -40.92
CA GLU U 66 40.61 42.01 -40.05
C GLU U 66 39.33 42.12 -40.86
N ASP U 67 39.33 43.14 -41.67
CA ASP U 67 38.10 43.49 -42.39
C ASP U 67 38.63 44.32 -43.53
N ARG U 68 38.64 43.74 -44.79
CA ARG U 68 39.32 44.38 -45.94
C ARG U 68 38.23 45.15 -46.59
N SER U 69 38.04 46.34 -45.93
CA SER U 69 37.15 47.40 -46.09
C SER U 69 37.80 48.59 -45.36
N ASN U 70 38.94 48.24 -44.70
CA ASN U 70 39.66 49.26 -43.91
C ASN U 70 40.99 49.29 -44.61
N PHE U 71 41.12 48.61 -45.79
CA PHE U 71 42.34 48.72 -46.53
C PHE U 71 42.51 50.05 -47.12
N GLY U 72 41.34 50.65 -47.50
CA GLY U 72 41.34 52.04 -48.01
C GLY U 72 41.87 53.18 -47.10
N THR U 73 41.54 52.99 -45.83
CA THR U 73 41.89 53.95 -44.73
C THR U 73 43.40 54.02 -44.56
N ALA U 74 44.03 52.83 -44.64
CA ALA U 74 45.48 52.67 -44.39
C ALA U 74 46.22 53.47 -45.43
N LEU U 75 45.70 53.45 -46.74
CA LEU U 75 46.31 54.20 -47.83
C LEU U 75 46.30 55.66 -47.61
N ILE U 76 45.15 56.20 -47.10
CA ILE U 76 44.94 57.60 -46.88
C ILE U 76 45.88 58.19 -45.73
N PHE U 77 46.13 57.42 -44.62
CA PHE U 77 47.12 57.80 -43.63
C PHE U 77 48.49 57.90 -44.26
N LEU U 78 48.80 56.89 -45.09
CA LEU U 78 50.10 56.63 -45.65
C LEU U 78 50.60 57.78 -46.51
N LEU U 79 49.75 58.59 -47.17
CA LEU U 79 50.17 59.73 -48.02
C LEU U 79 50.75 60.83 -47.16
N LEU U 80 50.20 60.93 -45.91
CA LEU U 80 50.49 62.07 -45.10
C LEU U 80 51.99 62.29 -44.74
N PRO U 81 52.84 61.29 -44.41
CA PRO U 81 54.28 61.51 -44.15
C PRO U 81 55.03 61.95 -45.33
N GLU U 82 54.60 61.76 -46.63
CA GLU U 82 55.25 62.12 -47.93
C GLU U 82 55.47 63.61 -47.91
N THR U 83 54.56 64.38 -47.28
CA THR U 83 54.53 65.87 -47.29
C THR U 83 55.80 66.37 -46.65
N LEU U 84 56.36 65.74 -45.64
CA LEU U 84 57.56 66.18 -44.92
C LEU U 84 58.78 66.19 -45.73
N VAL U 85 59.04 65.11 -46.59
CA VAL U 85 60.19 65.15 -47.49
C VAL U 85 59.97 66.17 -48.62
N ILE U 86 58.80 66.27 -49.29
CA ILE U 86 58.62 67.27 -50.35
C ILE U 86 58.75 68.67 -49.86
N PHE U 87 58.21 68.98 -48.63
CA PHE U 87 58.27 70.24 -47.87
C PHE U 87 59.76 70.57 -47.55
N GLY U 88 60.54 69.57 -47.09
CA GLY U 88 61.91 69.77 -46.69
C GLY U 88 62.85 70.24 -47.83
N LEU U 89 62.54 69.72 -49.04
CA LEU U 89 63.18 70.02 -50.34
C LEU U 89 62.87 71.48 -50.64
N LEU U 90 61.66 71.98 -50.40
CA LEU U 90 61.34 73.41 -50.61
C LEU U 90 62.26 74.35 -49.73
N ILE U 91 62.45 74.01 -48.53
CA ILE U 91 63.22 74.88 -47.57
C ILE U 91 64.65 74.95 -48.13
N ALA U 92 65.20 73.76 -48.50
CA ALA U 92 66.55 73.68 -49.09
C ALA U 92 66.68 74.48 -50.35
N PHE U 93 65.62 74.40 -51.22
CA PHE U 93 65.57 75.02 -52.54
C PHE U 93 65.60 76.56 -52.59
N ILE U 94 64.85 77.18 -51.73
CA ILE U 94 64.84 78.68 -51.72
C ILE U 94 66.21 79.21 -51.18
N LEU U 95 66.65 78.66 -50.07
CA LEU U 95 67.81 79.10 -49.25
C LEU U 95 69.10 78.83 -49.92
N ASN U 96 69.17 77.67 -50.66
CA ASN U 96 70.46 77.35 -51.39
C ASN U 96 70.35 77.89 -52.80
N GLY U 97 69.58 78.96 -53.00
CA GLY U 97 69.49 79.60 -54.28
C GLY U 97 68.66 80.82 -54.07
N ARG U 98 69.19 81.89 -53.39
CA ARG U 98 68.57 83.17 -53.11
C ARG U 98 69.11 83.95 -54.29
N LEU U 99 68.28 84.77 -55.01
CA LEU U 99 68.71 85.38 -56.23
C LEU U 99 69.18 84.30 -57.22
N ALA V 20 69.47 83.30 -44.57
CA ALA V 20 70.10 84.64 -44.40
C ALA V 20 69.67 85.53 -45.53
N GLU V 21 70.54 86.60 -45.59
CA GLU V 21 70.52 87.71 -46.53
C GLU V 21 70.52 87.22 -47.94
N GLU V 22 69.64 87.77 -48.77
CA GLU V 22 69.35 87.32 -50.09
C GLU V 22 70.63 87.42 -50.93
N ALA V 23 71.21 86.27 -51.19
CA ALA V 23 72.44 86.11 -51.92
C ALA V 23 72.96 84.73 -51.66
N ALA V 24 73.47 83.99 -52.61
CA ALA V 24 73.77 82.62 -52.36
C ALA V 24 74.64 82.25 -53.59
N ALA V 25 74.79 83.21 -54.57
CA ALA V 25 75.54 83.14 -55.83
C ALA V 25 76.76 84.07 -55.74
N SER V 26 76.69 84.87 -54.68
CA SER V 26 77.71 85.85 -54.33
C SER V 26 77.81 85.72 -52.77
N GLY V 27 77.10 84.75 -52.19
CA GLY V 27 76.87 84.70 -50.71
C GLY V 27 78.16 84.66 -49.86
N GLY V 28 77.98 84.60 -48.54
CA GLY V 28 79.03 84.67 -47.59
C GLY V 28 79.05 83.39 -46.86
N LEU V 29 80.19 83.24 -46.25
CA LEU V 29 80.59 82.17 -45.42
C LEU V 29 79.70 82.28 -44.18
N ASP V 30 79.25 83.46 -43.77
CA ASP V 30 78.29 83.74 -42.70
C ASP V 30 76.92 83.17 -42.86
N ARG V 31 76.50 83.30 -44.18
CA ARG V 31 75.23 82.94 -44.73
C ARG V 31 75.20 81.44 -44.66
N GLY V 32 76.40 80.82 -44.91
CA GLY V 32 76.64 79.43 -44.91
C GLY V 32 76.39 78.90 -43.55
N LEU V 33 76.84 79.60 -42.45
CA LEU V 33 76.74 79.19 -41.02
C LEU V 33 75.31 79.14 -40.59
N ILE V 34 74.50 80.15 -41.06
CA ILE V 34 73.10 80.25 -40.77
C ILE V 34 72.40 79.10 -41.40
N ALA V 35 72.78 78.77 -42.64
CA ALA V 35 72.24 77.68 -43.40
C ALA V 35 72.50 76.29 -42.72
N VAL V 36 73.74 76.07 -42.14
CA VAL V 36 73.98 74.93 -41.40
C VAL V 36 73.09 74.72 -40.13
N GLY V 37 72.91 75.87 -39.40
CA GLY V 37 72.15 75.92 -38.14
C GLY V 37 70.71 75.70 -38.49
N MET V 38 70.22 76.28 -39.68
CA MET V 38 68.84 76.31 -40.13
C MET V 38 68.41 74.97 -40.59
N GLY V 39 69.37 74.15 -41.16
CA GLY V 39 69.19 72.87 -41.79
C GLY V 39 68.74 71.86 -40.81
N LEU V 40 69.28 72.00 -39.48
CA LEU V 40 68.98 71.27 -38.24
C LEU V 40 67.56 71.54 -37.90
N ALA V 41 66.98 72.83 -37.97
CA ALA V 41 65.66 73.11 -37.49
C ALA V 41 64.52 72.52 -38.20
N VAL V 42 64.55 72.74 -39.50
CA VAL V 42 63.49 72.21 -40.37
C VAL V 42 63.64 70.72 -40.57
N GLY V 43 64.95 70.25 -40.63
CA GLY V 43 65.21 68.86 -40.74
C GLY V 43 64.81 67.96 -39.59
N LEU V 44 65.04 68.38 -38.37
CA LEU V 44 64.64 67.65 -37.20
C LEU V 44 63.12 67.70 -37.08
N ALA V 45 62.49 68.83 -37.34
CA ALA V 45 61.13 68.96 -37.14
C ALA V 45 60.40 68.02 -38.08
N ALA V 46 60.83 67.90 -39.34
CA ALA V 46 60.29 67.05 -40.34
C ALA V 46 60.43 65.60 -40.01
N LEU V 47 61.66 65.25 -39.52
CA LEU V 47 61.99 63.84 -39.16
C LEU V 47 61.12 63.33 -38.03
N GLY V 48 61.06 64.08 -36.91
CA GLY V 48 60.33 63.78 -35.74
C GLY V 48 58.79 63.84 -36.00
N THR V 49 58.31 64.89 -36.72
CA THR V 49 56.93 65.08 -37.00
C THR V 49 56.41 63.93 -37.88
N GLY V 50 57.19 63.41 -38.90
CA GLY V 50 56.88 62.47 -39.86
C GLY V 50 56.59 61.17 -39.21
N VAL V 51 57.53 60.79 -38.31
CA VAL V 51 57.51 59.60 -37.49
C VAL V 51 56.46 59.53 -36.42
N ALA V 52 56.28 60.65 -35.65
CA ALA V 52 55.31 60.70 -34.61
C ALA V 52 53.88 60.64 -35.12
N GLN V 53 53.63 61.38 -36.26
CA GLN V 53 52.35 61.49 -36.92
C GLN V 53 51.98 60.15 -37.49
N ALA V 54 53.01 59.44 -38.09
CA ALA V 54 52.85 58.14 -38.69
C ALA V 54 52.54 57.10 -37.72
N ARG V 55 53.11 57.21 -36.48
CA ARG V 55 52.85 56.36 -35.31
C ARG V 55 51.41 56.50 -34.98
N ILE V 56 50.85 57.80 -35.08
CA ILE V 56 49.42 58.03 -34.68
C ILE V 56 48.58 57.38 -35.63
N GLY V 57 48.93 57.49 -36.91
CA GLY V 57 48.20 56.89 -38.06
C GLY V 57 48.22 55.43 -38.02
N ALA V 58 49.36 54.83 -37.61
CA ALA V 58 49.52 53.43 -37.58
C ALA V 58 48.55 52.82 -36.55
N ALA V 59 48.47 53.47 -35.45
CA ALA V 59 47.62 53.24 -34.32
C ALA V 59 46.20 53.45 -34.77
N GLY V 60 46.14 54.41 -35.67
CA GLY V 60 45.01 54.98 -36.27
C GLY V 60 44.13 54.00 -37.00
N VAL V 61 44.66 52.89 -37.58
CA VAL V 61 43.85 51.86 -38.27
C VAL V 61 42.96 51.13 -37.27
N GLY V 62 43.52 50.91 -36.12
CA GLY V 62 42.86 50.36 -34.91
C GLY V 62 41.84 51.41 -34.44
N ALA V 63 42.16 52.69 -34.40
CA ALA V 63 41.39 53.78 -33.89
C ALA V 63 40.06 54.02 -34.62
N ILE V 64 40.16 53.98 -35.98
CA ILE V 64 39.03 54.15 -36.91
C ILE V 64 38.11 52.99 -36.80
N ALA V 65 38.64 51.76 -36.68
CA ALA V 65 38.06 50.49 -36.50
C ALA V 65 37.20 50.34 -35.31
N GLU V 66 37.69 50.75 -34.15
CA GLU V 66 37.10 50.77 -32.85
C GLU V 66 36.03 51.81 -32.75
N ASP V 67 36.37 53.05 -33.02
CA ASP V 67 35.51 54.18 -32.95
C ASP V 67 35.74 55.03 -34.26
N ARG V 68 34.88 54.72 -35.29
CA ARG V 68 34.73 55.43 -36.61
C ARG V 68 34.24 56.82 -36.39
N SER V 69 33.30 57.05 -35.41
CA SER V 69 32.68 58.28 -35.12
C SER V 69 33.53 59.48 -34.64
N ASN V 70 34.62 59.06 -33.91
CA ASN V 70 35.68 59.95 -33.39
C ASN V 70 37.00 59.69 -34.04
N PHE V 71 37.01 59.59 -35.48
CA PHE V 71 38.15 59.46 -36.37
C PHE V 71 38.92 60.75 -36.41
N GLY V 72 38.14 61.86 -36.35
CA GLY V 72 38.51 63.26 -36.37
C GLY V 72 39.48 63.67 -35.21
N THR V 73 39.24 63.12 -33.98
CA THR V 73 40.10 63.43 -32.79
C THR V 73 41.50 62.93 -33.00
N ALA V 74 41.60 61.71 -33.61
CA ALA V 74 42.84 61.04 -33.93
C ALA V 74 43.66 61.90 -34.97
N LEU V 75 42.94 62.52 -35.92
CA LEU V 75 43.49 63.38 -36.87
C LEU V 75 44.02 64.68 -36.24
N ILE V 76 43.27 65.31 -35.28
CA ILE V 76 43.80 66.56 -34.72
C ILE V 76 45.11 66.33 -33.99
N PHE V 77 45.28 65.17 -33.30
CA PHE V 77 46.45 64.73 -32.65
C PHE V 77 47.60 64.52 -33.59
N LEU V 78 47.37 63.91 -34.76
CA LEU V 78 48.33 63.67 -35.79
C LEU V 78 48.88 64.94 -36.39
N LEU V 79 48.10 66.04 -36.52
CA LEU V 79 48.54 67.36 -36.92
C LEU V 79 49.38 68.09 -35.85
N LEU V 80 49.30 67.73 -34.53
CA LEU V 80 49.95 68.37 -33.38
C LEU V 80 51.46 68.47 -33.52
N PRO V 81 52.34 67.50 -33.92
CA PRO V 81 53.80 67.66 -34.00
C PRO V 81 54.23 68.71 -35.02
N GLU V 82 53.29 69.19 -35.88
CA GLU V 82 53.50 70.29 -36.91
C GLU V 82 53.99 71.57 -36.34
N THR V 83 53.69 71.85 -35.01
CA THR V 83 54.06 73.07 -34.34
C THR V 83 55.56 73.34 -34.30
N LEU V 84 56.27 72.21 -34.17
CA LEU V 84 57.71 72.22 -34.28
C LEU V 84 58.20 72.70 -35.67
N VAL V 85 57.48 72.19 -36.75
CA VAL V 85 57.76 72.52 -38.08
C VAL V 85 57.54 74.02 -38.27
N ILE V 86 56.37 74.52 -37.73
CA ILE V 86 56.13 76.02 -37.93
C ILE V 86 57.12 76.89 -37.23
N PHE V 87 57.62 76.43 -36.06
CA PHE V 87 58.58 77.06 -35.20
C PHE V 87 59.89 77.27 -35.98
N GLY V 88 60.34 76.22 -36.73
CA GLY V 88 61.60 76.27 -37.53
C GLY V 88 61.55 77.35 -38.60
N LEU V 89 60.36 77.52 -39.25
CA LEU V 89 60.06 78.42 -40.26
C LEU V 89 60.11 79.88 -39.66
N LEU V 90 59.57 80.08 -38.41
CA LEU V 90 59.46 81.31 -37.66
C LEU V 90 60.83 81.96 -37.31
N ILE V 91 61.81 80.99 -36.85
CA ILE V 91 63.25 81.20 -36.68
C ILE V 91 63.85 81.63 -38.02
N ALA V 92 63.37 80.84 -39.08
CA ALA V 92 63.81 80.99 -40.39
C ALA V 92 63.61 82.32 -40.93
N PHE V 93 62.43 82.90 -40.64
CA PHE V 93 61.96 84.20 -41.10
C PHE V 93 62.77 85.32 -40.51
N ILE V 94 63.02 85.32 -39.17
CA ILE V 94 63.78 86.25 -38.44
C ILE V 94 65.21 86.28 -38.93
N LEU V 95 65.81 85.10 -39.14
CA LEU V 95 67.21 84.91 -39.46
C LEU V 95 67.44 85.35 -40.88
N ASN V 96 66.37 85.13 -41.77
CA ASN V 96 66.54 85.68 -43.11
C ASN V 96 66.65 87.20 -43.18
N GLY V 97 67.48 87.81 -44.09
CA GLY V 97 67.67 89.16 -44.39
C GLY V 97 68.82 89.71 -43.58
N ARG V 98 69.40 88.81 -42.68
CA ARG V 98 70.45 89.22 -41.83
C ARG V 98 71.55 88.31 -42.02
N LEU V 99 72.74 88.85 -41.65
CA LEU V 99 74.06 88.19 -41.72
C LEU V 99 74.24 87.21 -42.91
N ALA W 20 79.18 83.48 -32.79
CA ALA W 20 78.82 84.54 -33.75
C ALA W 20 78.41 83.86 -35.11
N GLU W 21 79.26 84.06 -36.13
CA GLU W 21 79.01 83.51 -37.44
C GLU W 21 80.37 83.04 -37.85
N GLU W 22 80.45 82.06 -38.80
CA GLU W 22 81.65 81.78 -39.51
C GLU W 22 81.99 82.85 -40.58
N ALA W 23 83.24 83.38 -40.57
CA ALA W 23 83.67 84.32 -41.52
C ALA W 23 85.18 84.16 -41.64
N ALA W 24 85.70 84.45 -42.78
CA ALA W 24 87.07 84.41 -43.09
C ALA W 24 87.33 85.33 -44.32
N ALA W 25 86.34 86.17 -44.70
CA ALA W 25 86.45 86.99 -45.87
C ALA W 25 85.40 88.09 -45.64
N SER W 26 84.86 88.17 -44.42
CA SER W 26 83.88 89.16 -44.13
C SER W 26 84.14 89.66 -42.71
N GLY W 27 84.61 88.74 -41.81
CA GLY W 27 85.05 89.10 -40.50
C GLY W 27 86.26 88.34 -40.21
N GLY W 28 86.63 88.03 -38.94
CA GLY W 28 87.77 87.24 -38.58
C GLY W 28 87.48 85.84 -38.33
N LEU W 29 88.53 85.00 -38.23
CA LEU W 29 88.54 83.59 -37.97
C LEU W 29 88.10 83.27 -36.59
N ASP W 30 88.42 84.21 -35.66
CA ASP W 30 88.26 84.14 -34.22
C ASP W 30 86.78 83.94 -33.86
N ARG W 31 85.88 84.71 -34.55
CA ARG W 31 84.42 84.61 -34.43
C ARG W 31 83.79 83.27 -34.89
N GLY W 32 84.35 82.83 -36.08
CA GLY W 32 83.98 81.61 -36.77
C GLY W 32 84.26 80.37 -35.96
N LEU W 33 85.40 80.33 -35.17
CA LEU W 33 85.72 79.20 -34.40
C LEU W 33 84.73 78.97 -33.33
N ILE W 34 84.28 80.05 -32.66
CA ILE W 34 83.22 79.99 -31.59
C ILE W 34 81.91 79.53 -32.16
N ALA W 35 81.46 80.01 -33.39
CA ALA W 35 80.21 79.62 -33.95
C ALA W 35 79.99 78.21 -34.25
N VAL W 36 80.99 77.54 -34.86
CA VAL W 36 81.04 76.11 -35.14
C VAL W 36 80.97 75.27 -33.90
N GLY W 37 81.70 75.67 -32.75
CA GLY W 37 81.73 74.89 -31.57
C GLY W 37 80.40 74.83 -30.92
N MET W 38 79.64 75.90 -30.92
CA MET W 38 78.35 76.07 -30.26
C MET W 38 77.29 75.29 -31.06
N GLY W 39 77.48 75.18 -32.43
CA GLY W 39 76.61 74.50 -33.32
C GLY W 39 76.45 73.00 -33.14
N LEU W 40 77.53 72.35 -32.59
CA LEU W 40 77.61 70.88 -32.35
C LEU W 40 76.48 70.55 -31.43
N ALA W 41 76.17 71.38 -30.39
CA ALA W 41 75.30 71.13 -29.36
C ALA W 41 73.86 71.05 -29.79
N VAL W 42 73.44 71.98 -30.67
CA VAL W 42 72.13 72.05 -31.34
C VAL W 42 71.99 70.85 -32.27
N GLY W 43 73.15 70.47 -32.86
CA GLY W 43 73.36 69.47 -33.81
C GLY W 43 72.95 68.13 -33.29
N LEU W 44 73.41 67.76 -32.06
CA LEU W 44 73.11 66.53 -31.34
C LEU W 44 71.71 66.51 -30.85
N ALA W 45 71.29 67.64 -30.29
CA ALA W 45 69.96 67.83 -29.68
C ALA W 45 68.75 67.68 -30.63
N ALA W 46 68.98 68.14 -31.88
CA ALA W 46 68.08 67.99 -32.97
C ALA W 46 67.84 66.54 -33.29
N LEU W 47 68.92 65.72 -33.25
CA LEU W 47 68.86 64.28 -33.44
C LEU W 47 68.01 63.62 -32.44
N GLY W 48 68.29 63.85 -31.15
CA GLY W 48 67.62 63.23 -30.00
C GLY W 48 66.13 63.61 -29.83
N THR W 49 65.73 64.93 -30.08
CA THR W 49 64.30 65.27 -30.01
C THR W 49 63.52 64.60 -31.17
N GLY W 50 64.14 64.42 -32.37
CA GLY W 50 63.47 63.74 -33.41
C GLY W 50 63.09 62.34 -33.06
N VAL W 51 64.02 61.63 -32.39
CA VAL W 51 63.82 60.24 -31.87
C VAL W 51 62.81 60.23 -30.70
N ALA W 52 62.89 61.27 -29.85
CA ALA W 52 62.03 61.38 -28.68
C ALA W 52 60.54 61.48 -29.15
N GLN W 53 60.30 62.12 -30.27
CA GLN W 53 59.04 62.38 -30.91
C GLN W 53 58.36 61.12 -31.25
N ALA W 54 59.05 60.01 -31.73
CA ALA W 54 58.35 58.81 -32.12
C ALA W 54 57.54 58.07 -31.10
N ARG W 55 58.19 57.94 -29.93
CA ARG W 55 57.65 57.22 -28.79
C ARG W 55 56.43 57.89 -28.23
N ILE W 56 56.45 59.28 -28.06
CA ILE W 56 55.36 60.06 -27.51
C ILE W 56 54.16 60.04 -28.48
N GLY W 57 54.42 60.01 -29.78
CA GLY W 57 53.37 59.92 -30.78
C GLY W 57 52.75 58.55 -30.63
N ALA W 58 53.40 57.46 -30.34
CA ALA W 58 52.75 56.21 -30.15
C ALA W 58 51.78 56.03 -29.07
N ALA W 59 52.23 56.60 -27.95
CA ALA W 59 51.50 56.74 -26.72
C ALA W 59 50.30 57.62 -26.71
N GLY W 60 50.36 58.70 -27.52
CA GLY W 60 49.33 59.78 -27.52
C GLY W 60 47.95 59.36 -27.99
N VAL W 61 47.83 58.39 -28.92
CA VAL W 61 46.54 57.89 -29.43
C VAL W 61 45.76 57.23 -28.39
N GLY W 62 46.34 56.39 -27.39
CA GLY W 62 45.68 55.75 -26.28
C GLY W 62 45.07 56.74 -25.38
N ALA W 63 45.67 57.87 -25.15
CA ALA W 63 45.13 58.80 -24.22
C ALA W 63 43.78 59.37 -24.78
N ILE W 64 43.69 59.74 -26.06
CA ILE W 64 42.43 60.19 -26.67
C ILE W 64 41.44 59.00 -26.71
N ALA W 65 41.92 57.74 -26.99
CA ALA W 65 41.10 56.56 -27.24
C ALA W 65 40.27 56.27 -25.96
N GLU W 66 41.01 56.24 -24.81
CA GLU W 66 40.39 55.81 -23.53
C GLU W 66 39.54 56.94 -23.05
N ASP W 67 40.07 58.17 -23.05
CA ASP W 67 39.40 59.21 -22.40
C ASP W 67 39.44 60.40 -23.42
N ARG W 68 38.43 60.47 -24.37
CA ARG W 68 38.34 61.53 -25.36
C ARG W 68 38.15 62.88 -24.63
N SER W 69 37.38 62.83 -23.58
CA SER W 69 36.88 63.87 -22.74
C SER W 69 38.04 64.57 -22.02
N ASN W 70 39.25 63.86 -21.71
CA ASN W 70 40.34 64.44 -20.96
C ASN W 70 41.56 64.67 -21.89
N PHE W 71 41.31 65.33 -23.05
CA PHE W 71 42.40 65.62 -24.08
C PHE W 71 43.49 66.48 -23.52
N GLY W 72 43.24 67.43 -22.57
CA GLY W 72 44.21 68.39 -22.13
C GLY W 72 45.50 67.86 -21.44
N THR W 73 45.27 66.79 -20.66
CA THR W 73 46.34 66.10 -19.98
C THR W 73 47.29 65.49 -20.99
N ALA W 74 46.72 64.89 -22.07
CA ALA W 74 47.60 64.38 -23.13
C ALA W 74 48.38 65.47 -23.90
N LEU W 75 47.84 66.67 -24.28
CA LEU W 75 48.57 67.69 -24.98
C LEU W 75 49.68 68.26 -24.21
N ILE W 76 49.48 68.52 -22.86
CA ILE W 76 50.55 69.03 -22.02
C ILE W 76 51.71 68.03 -21.92
N PHE W 77 51.44 66.70 -21.89
CA PHE W 77 52.48 65.70 -21.90
C PHE W 77 53.36 65.71 -23.13
N LEU W 78 52.73 65.79 -24.33
CA LEU W 78 53.16 65.78 -25.71
C LEU W 78 54.07 66.92 -25.97
N LEU W 79 53.77 68.05 -25.28
CA LEU W 79 54.42 69.32 -25.28
C LEU W 79 55.81 69.26 -24.71
N LEU W 80 56.05 68.41 -23.71
CA LEU W 80 57.31 68.45 -22.97
C LEU W 80 58.66 68.14 -23.70
N PRO W 81 58.94 67.10 -24.57
CA PRO W 81 60.26 66.98 -25.32
C PRO W 81 60.45 68.01 -26.39
N GLU W 82 59.40 68.63 -26.90
CA GLU W 82 59.38 69.66 -27.97
C GLU W 82 60.20 70.91 -27.54
N THR W 83 60.10 71.20 -26.20
CA THR W 83 60.63 72.33 -25.42
C THR W 83 62.12 72.38 -25.51
N LEU W 84 62.82 71.26 -25.44
CA LEU W 84 64.28 71.14 -25.44
C LEU W 84 64.81 71.67 -26.66
N VAL W 85 64.27 71.28 -27.86
CA VAL W 85 64.83 71.74 -29.10
C VAL W 85 64.60 73.22 -29.35
N ILE W 86 63.34 73.72 -29.04
CA ILE W 86 62.96 75.10 -29.27
C ILE W 86 63.84 76.02 -28.37
N PHE W 87 64.07 75.50 -27.06
CA PHE W 87 64.87 76.20 -26.08
C PHE W 87 66.28 76.42 -26.51
N GLY W 88 66.92 75.38 -27.13
CA GLY W 88 68.25 75.42 -27.69
C GLY W 88 68.39 76.35 -28.81
N LEU W 89 67.38 76.40 -29.69
CA LEU W 89 67.36 77.33 -30.80
C LEU W 89 67.37 78.84 -30.33
N LEU W 90 66.53 79.12 -29.30
CA LEU W 90 66.47 80.42 -28.66
C LEU W 90 67.81 80.79 -28.00
N ILE W 91 68.52 79.78 -27.34
CA ILE W 91 69.83 80.01 -26.73
C ILE W 91 70.82 80.42 -27.77
N ALA W 92 70.81 79.69 -28.92
CA ALA W 92 71.73 80.04 -30.01
C ALA W 92 71.45 81.45 -30.62
N PHE W 93 70.18 81.87 -30.71
CA PHE W 93 69.76 83.21 -31.15
C PHE W 93 70.29 84.20 -30.27
N ILE W 94 70.30 84.09 -28.90
CA ILE W 94 70.88 85.14 -28.01
C ILE W 94 72.40 85.30 -28.26
N LEU W 95 73.12 84.15 -28.35
CA LEU W 95 74.57 84.17 -28.54
C LEU W 95 75.10 84.66 -29.89
N ASN W 96 74.32 84.44 -30.98
CA ASN W 96 74.82 84.73 -32.32
C ASN W 96 73.97 85.90 -32.85
N GLY W 97 73.17 86.52 -31.95
CA GLY W 97 72.53 87.73 -32.32
C GLY W 97 73.32 88.99 -31.99
N ARG W 98 74.32 88.85 -31.13
CA ARG W 98 75.17 90.01 -30.69
C ARG W 98 76.14 90.34 -31.83
N LEU W 99 76.69 89.26 -32.48
CA LEU W 99 77.64 89.47 -33.56
C LEU W 99 77.05 88.52 -34.61
N ALA X 20 77.65 77.67 -23.47
CA ALA X 20 78.54 78.83 -23.65
C ALA X 20 77.76 80.05 -23.29
N GLU X 21 78.19 80.79 -22.21
CA GLU X 21 77.45 81.99 -21.85
C GLU X 21 77.85 83.11 -22.73
N GLU X 22 79.15 83.11 -23.06
CA GLU X 22 79.67 84.07 -23.99
C GLU X 22 80.21 83.43 -25.25
N ALA X 23 79.64 83.70 -26.45
CA ALA X 23 80.15 83.06 -27.65
C ALA X 23 80.06 84.10 -28.75
N ALA X 24 79.83 85.37 -28.40
CA ALA X 24 80.01 86.55 -29.30
C ALA X 24 80.23 87.77 -28.52
N ALA X 25 80.45 87.61 -27.19
CA ALA X 25 80.65 88.62 -26.19
C ALA X 25 82.09 88.51 -25.77
N SER X 26 82.82 87.47 -26.30
CA SER X 26 84.20 87.34 -26.12
C SER X 26 84.62 86.72 -27.37
N GLY X 27 85.82 87.09 -27.87
CA GLY X 27 86.34 86.68 -29.15
C GLY X 27 87.48 85.76 -28.80
N GLY X 28 88.42 85.59 -29.79
CA GLY X 28 89.57 84.70 -29.66
C GLY X 28 89.30 83.32 -30.09
N LEU X 29 90.35 82.72 -30.69
CA LEU X 29 90.29 81.31 -31.02
C LEU X 29 90.18 80.45 -29.78
N ASP X 30 90.74 80.93 -28.63
CA ASP X 30 90.75 80.31 -27.35
C ASP X 30 89.39 80.05 -26.82
N ARG X 31 88.51 81.01 -26.90
CA ARG X 31 87.11 80.90 -26.53
C ARG X 31 86.33 79.90 -27.37
N GLY X 32 86.58 79.82 -28.69
CA GLY X 32 86.07 78.95 -29.66
C GLY X 32 86.38 77.47 -29.41
N LEU X 33 87.64 77.17 -28.99
CA LEU X 33 88.01 75.81 -28.62
C LEU X 33 87.29 75.29 -27.46
N ILE X 34 87.04 76.19 -26.51
CA ILE X 34 86.28 75.82 -25.30
C ILE X 34 84.88 75.47 -25.65
N ALA X 35 84.25 76.20 -26.60
CA ALA X 35 82.92 75.94 -27.06
C ALA X 35 82.83 74.59 -27.80
N VAL X 36 83.83 74.20 -28.60
CA VAL X 36 83.88 72.91 -29.34
C VAL X 36 83.89 71.75 -28.38
N GLY X 37 84.76 71.74 -27.32
CA GLY X 37 84.83 70.68 -26.42
C GLY X 37 83.62 70.51 -25.53
N MET X 38 83.06 71.63 -24.99
CA MET X 38 81.93 71.75 -24.13
C MET X 38 80.60 71.49 -24.79
N GLY X 39 80.54 71.77 -26.09
CA GLY X 39 79.44 71.69 -26.96
C GLY X 39 79.02 70.27 -27.10
N LEU X 40 79.97 69.28 -26.99
CA LEU X 40 79.73 67.88 -27.09
C LEU X 40 78.95 67.47 -25.85
N ALA X 41 79.34 68.02 -24.70
CA ALA X 41 78.78 67.67 -23.48
C ALA X 41 77.33 68.01 -23.38
N VAL X 42 76.91 69.27 -23.72
CA VAL X 42 75.58 69.73 -23.51
C VAL X 42 74.67 69.00 -24.55
N GLY X 43 75.21 68.76 -25.76
CA GLY X 43 74.47 68.22 -26.93
C GLY X 43 74.08 66.80 -26.77
N LEU X 44 75.04 65.91 -26.20
CA LEU X 44 74.79 64.47 -25.94
C LEU X 44 73.84 64.40 -24.82
N ALA X 45 73.98 65.31 -23.76
CA ALA X 45 73.13 65.38 -22.56
C ALA X 45 71.71 65.72 -22.89
N ALA X 46 71.52 66.70 -23.84
CA ALA X 46 70.21 67.08 -24.42
C ALA X 46 69.54 65.95 -25.18
N LEU X 47 70.30 65.14 -25.98
CA LEU X 47 69.83 63.95 -26.68
C LEU X 47 69.23 62.91 -25.73
N GLY X 48 70.04 62.54 -24.66
CA GLY X 48 69.66 61.51 -23.68
C GLY X 48 68.43 61.93 -22.90
N THR X 49 68.35 63.19 -22.45
CA THR X 49 67.27 63.67 -21.59
C THR X 49 65.95 63.59 -22.32
N GLY X 50 65.97 64.08 -23.65
CA GLY X 50 64.80 64.06 -24.41
C GLY X 50 64.25 62.68 -24.59
N VAL X 51 65.14 61.66 -24.89
CA VAL X 51 64.81 60.24 -25.05
C VAL X 51 64.26 59.55 -23.81
N ALA X 52 64.91 59.80 -22.66
CA ALA X 52 64.48 59.31 -21.38
C ALA X 52 63.11 59.68 -20.96
N GLN X 53 62.78 60.91 -21.27
CA GLN X 53 61.46 61.39 -21.03
C GLN X 53 60.42 60.74 -21.90
N ALA X 54 60.82 60.56 -23.21
CA ALA X 54 59.94 59.91 -24.16
C ALA X 54 59.58 58.48 -23.84
N ARG X 55 60.55 57.72 -23.32
CA ARG X 55 60.36 56.33 -22.91
C ARG X 55 59.43 56.27 -21.72
N ILE X 56 59.50 57.13 -20.64
CA ILE X 56 58.80 57.14 -19.40
C ILE X 56 57.39 57.50 -19.85
N GLY X 57 57.29 58.43 -20.83
CA GLY X 57 56.09 58.95 -21.39
C GLY X 57 55.25 57.95 -22.17
N ALA X 58 55.91 57.06 -22.97
CA ALA X 58 55.18 55.95 -23.65
C ALA X 58 54.63 55.07 -22.66
N ALA X 59 55.39 54.67 -21.56
CA ALA X 59 54.91 53.72 -20.60
C ALA X 59 53.78 54.18 -19.74
N GLY X 60 53.90 55.49 -19.30
CA GLY X 60 53.10 56.20 -18.39
C GLY X 60 51.60 56.40 -18.68
N VAL X 61 51.21 56.44 -19.90
CA VAL X 61 49.83 56.64 -20.34
C VAL X 61 48.86 55.67 -19.81
N GLY X 62 49.26 54.41 -19.54
CA GLY X 62 48.38 53.42 -18.91
C GLY X 62 48.09 53.79 -17.41
N ALA X 63 49.13 54.23 -16.67
CA ALA X 63 49.09 54.64 -15.22
C ALA X 63 48.32 55.87 -14.94
N ILE X 64 48.52 56.95 -15.72
CA ILE X 64 47.80 58.19 -15.62
C ILE X 64 46.39 57.96 -15.96
N ALA X 65 46.02 57.13 -16.99
CA ALA X 65 44.66 56.81 -17.30
C ALA X 65 43.90 56.09 -16.33
N GLU X 66 44.40 54.92 -15.82
CA GLU X 66 43.67 54.13 -14.81
C GLU X 66 43.71 54.89 -13.44
N ASP X 67 44.88 55.33 -12.87
CA ASP X 67 44.85 55.94 -11.56
C ASP X 67 44.82 57.40 -11.79
N ARG X 68 43.70 58.01 -11.41
CA ARG X 68 43.51 59.37 -11.51
C ARG X 68 43.75 59.92 -10.09
N SER X 69 44.17 58.98 -9.16
CA SER X 69 44.51 59.33 -7.77
C SER X 69 46.02 59.19 -7.63
N ASN X 70 46.74 59.04 -8.83
CA ASN X 70 48.18 58.78 -8.85
C ASN X 70 48.76 59.16 -10.19
N PHE X 71 48.11 60.05 -10.98
CA PHE X 71 48.63 60.46 -12.29
C PHE X 71 49.90 61.28 -12.09
N GLY X 72 49.94 62.15 -11.05
CA GLY X 72 51.00 63.04 -10.67
C GLY X 72 52.30 62.32 -10.42
N THR X 73 52.34 61.03 -9.95
CA THR X 73 53.61 60.28 -9.67
C THR X 73 54.23 60.20 -11.09
N ALA X 74 53.39 59.88 -12.10
CA ALA X 74 53.84 59.70 -13.48
C ALA X 74 54.44 61.02 -14.11
N LEU X 75 53.79 62.17 -13.84
CA LEU X 75 54.25 63.42 -14.35
C LEU X 75 55.65 63.74 -13.81
N ILE X 76 55.80 63.46 -12.48
CA ILE X 76 57.11 63.77 -11.80
C ILE X 76 58.23 62.99 -12.30
N PHE X 77 57.87 61.67 -12.51
CA PHE X 77 58.86 60.72 -13.10
C PHE X 77 59.36 61.16 -14.51
N LEU X 78 58.43 61.69 -15.44
CA LEU X 78 58.89 62.29 -16.68
C LEU X 78 59.88 63.46 -16.53
N LEU X 79 59.71 64.28 -15.53
CA LEU X 79 60.55 65.42 -15.21
C LEU X 79 61.94 65.14 -14.74
N LEU X 80 62.06 64.01 -14.02
CA LEU X 80 63.23 63.62 -13.23
C LEU X 80 64.59 63.54 -14.08
N PRO X 81 64.70 63.02 -15.32
CA PRO X 81 65.92 62.95 -16.17
C PRO X 81 66.40 64.38 -16.51
N GLU X 82 65.71 65.52 -16.25
CA GLU X 82 66.11 66.90 -16.66
C GLU X 82 67.48 67.31 -16.13
N THR X 83 67.82 66.81 -14.95
CA THR X 83 69.06 67.16 -14.31
C THR X 83 70.37 66.94 -15.12
N LEU X 84 70.42 65.83 -15.97
CA LEU X 84 71.53 65.70 -16.91
C LEU X 84 71.61 66.81 -17.92
N VAL X 85 70.53 67.30 -18.67
CA VAL X 85 70.68 68.24 -19.67
C VAL X 85 71.09 69.59 -19.13
N ILE X 86 70.44 70.05 -18.03
CA ILE X 86 70.73 71.33 -17.44
C ILE X 86 72.13 71.32 -16.88
N PHE X 87 72.69 70.25 -16.28
CA PHE X 87 74.06 70.26 -15.86
C PHE X 87 75.03 70.46 -17.04
N GLY X 88 74.89 69.75 -18.25
CA GLY X 88 75.72 70.05 -19.39
C GLY X 88 75.70 71.45 -19.88
N LEU X 89 74.49 72.10 -19.83
CA LEU X 89 74.35 73.45 -20.20
C LEU X 89 75.05 74.38 -19.24
N LEU X 90 74.92 74.20 -17.94
CA LEU X 90 75.56 75.11 -17.00
C LEU X 90 77.08 75.10 -16.97
N ILE X 91 77.68 73.89 -17.09
CA ILE X 91 79.13 73.69 -17.02
C ILE X 91 79.75 74.28 -18.26
N ALA X 92 79.05 74.01 -19.38
CA ALA X 92 79.41 74.80 -20.57
C ALA X 92 79.31 76.37 -20.46
N PHE X 93 78.25 76.95 -19.83
CA PHE X 93 78.00 78.38 -19.59
C PHE X 93 79.09 78.99 -18.73
N ILE X 94 79.44 78.31 -17.67
CA ILE X 94 80.49 78.80 -16.73
C ILE X 94 81.83 78.88 -17.41
N LEU X 95 82.23 77.82 -18.09
CA LEU X 95 83.60 77.66 -18.60
C LEU X 95 83.85 78.67 -19.71
N ASN X 96 82.88 79.01 -20.63
CA ASN X 96 83.14 79.98 -21.64
C ASN X 96 82.91 81.37 -21.00
N GLY X 97 83.96 82.24 -21.07
CA GLY X 97 83.95 83.58 -20.50
C GLY X 97 84.59 83.53 -19.18
N ARG X 98 85.09 82.33 -18.91
CA ARG X 98 85.97 81.97 -17.78
C ARG X 98 85.37 82.15 -16.40
N LEU X 99 85.92 81.36 -15.46
CA LEU X 99 85.44 81.39 -14.04
C LEU X 99 86.37 82.35 -13.28
N ALA Y 20 95.18 72.10 -18.81
CA ALA Y 20 94.97 73.56 -18.80
C ALA Y 20 93.64 73.85 -19.48
N GLU Y 21 93.44 75.04 -20.05
CA GLU Y 21 92.39 75.44 -20.90
C GLU Y 21 92.24 74.62 -22.17
N GLU Y 22 91.16 74.88 -22.91
CA GLU Y 22 90.88 74.34 -24.24
C GLU Y 22 91.14 75.48 -25.16
N ALA Y 23 92.27 75.51 -25.81
CA ALA Y 23 92.62 76.54 -26.73
C ALA Y 23 93.42 75.96 -27.93
N ALA Y 24 94.00 76.77 -28.83
CA ALA Y 24 94.67 76.21 -29.92
C ALA Y 24 95.75 77.22 -30.25
N ALA Y 25 95.93 78.23 -29.37
CA ALA Y 25 96.75 79.35 -29.77
C ALA Y 25 97.26 80.02 -28.52
N SER Y 26 97.02 79.40 -27.31
CA SER Y 26 97.74 79.90 -26.13
C SER Y 26 98.92 78.93 -25.85
N GLY Y 27 99.00 77.70 -26.37
CA GLY Y 27 99.95 76.66 -26.06
C GLY Y 27 100.31 75.91 -27.34
N GLY Y 28 99.80 76.41 -28.53
CA GLY Y 28 99.94 75.80 -29.78
C GLY Y 28 99.17 74.51 -29.97
N LEU Y 29 99.85 73.59 -30.69
CA LEU Y 29 99.36 72.30 -31.08
C LEU Y 29 99.11 71.42 -29.93
N ASP Y 30 100.02 71.54 -28.92
CA ASP Y 30 100.10 70.72 -27.74
C ASP Y 30 98.83 70.96 -27.01
N ARG Y 31 98.44 72.24 -26.98
CA ARG Y 31 97.14 72.73 -26.54
C ARG Y 31 95.92 72.34 -27.35
N GLY Y 32 96.05 72.36 -28.65
CA GLY Y 32 95.05 72.02 -29.60
C GLY Y 32 94.55 70.65 -29.48
N LEU Y 33 95.50 69.74 -29.23
CA LEU Y 33 95.21 68.37 -29.05
C LEU Y 33 94.36 68.15 -27.82
N ILE Y 34 94.57 68.88 -26.68
CA ILE Y 34 93.80 68.77 -25.46
C ILE Y 34 92.44 69.09 -25.61
N ALA Y 35 92.12 70.16 -26.38
CA ALA Y 35 90.80 70.57 -26.55
C ALA Y 35 89.94 69.54 -27.31
N VAL Y 36 90.53 68.92 -28.36
CA VAL Y 36 89.87 68.02 -29.20
C VAL Y 36 89.42 66.75 -28.54
N GLY Y 37 90.43 66.16 -27.91
CA GLY Y 37 90.43 64.88 -27.30
C GLY Y 37 89.47 64.96 -26.14
N MET Y 38 89.53 66.07 -25.37
CA MET Y 38 88.92 66.12 -23.99
C MET Y 38 87.40 66.16 -24.10
N GLY Y 39 86.89 66.78 -25.18
CA GLY Y 39 85.47 66.88 -25.47
C GLY Y 39 84.85 65.64 -25.70
N LEU Y 40 85.64 64.64 -26.24
CA LEU Y 40 85.15 63.30 -26.61
C LEU Y 40 84.68 62.60 -25.38
N ALA Y 41 85.41 62.72 -24.22
CA ALA Y 41 85.11 61.98 -23.05
C ALA Y 41 83.77 62.20 -22.41
N VAL Y 42 83.46 63.54 -22.30
CA VAL Y 42 82.24 64.07 -21.75
C VAL Y 42 81.12 63.57 -22.57
N GLY Y 43 81.39 63.50 -23.86
CA GLY Y 43 80.47 63.15 -24.92
C GLY Y 43 80.06 61.69 -24.68
N LEU Y 44 80.96 60.76 -24.41
CA LEU Y 44 80.70 59.37 -24.28
C LEU Y 44 79.96 59.14 -23.00
N ALA Y 45 80.36 59.83 -21.91
CA ALA Y 45 79.68 59.62 -20.64
C ALA Y 45 78.20 60.04 -20.62
N ALA Y 46 77.95 61.15 -21.26
CA ALA Y 46 76.60 61.71 -21.48
C ALA Y 46 75.70 60.87 -22.32
N LEU Y 47 76.32 60.31 -23.44
CA LEU Y 47 75.65 59.39 -24.29
C LEU Y 47 75.20 58.15 -23.56
N GLY Y 48 76.12 57.46 -22.77
CA GLY Y 48 75.83 56.14 -22.10
C GLY Y 48 74.84 56.22 -21.09
N THR Y 49 74.80 57.35 -20.33
CA THR Y 49 73.79 57.56 -19.26
C THR Y 49 72.43 57.78 -19.89
N GLY Y 50 72.37 58.54 -21.01
CA GLY Y 50 71.10 59.03 -21.63
C GLY Y 50 70.26 57.91 -22.08
N VAL Y 51 70.95 56.86 -22.77
CA VAL Y 51 70.30 55.67 -23.35
C VAL Y 51 69.85 54.91 -22.11
N ALA Y 52 70.77 54.79 -21.10
CA ALA Y 52 70.60 53.96 -19.92
C ALA Y 52 69.43 54.42 -19.10
N GLN Y 53 69.21 55.70 -18.89
CA GLN Y 53 68.13 56.27 -18.01
C GLN Y 53 66.74 55.84 -18.47
N ALA Y 54 66.54 55.76 -19.79
CA ALA Y 54 65.30 55.49 -20.41
C ALA Y 54 64.78 54.08 -19.87
N ARG Y 55 65.63 53.07 -19.68
CA ARG Y 55 65.30 51.71 -19.24
C ARG Y 55 64.74 51.69 -17.82
N ILE Y 56 65.36 52.43 -16.89
CA ILE Y 56 64.86 52.46 -15.49
C ILE Y 56 63.55 53.18 -15.39
N GLY Y 57 63.41 54.31 -16.17
CA GLY Y 57 62.15 55.07 -16.17
C GLY Y 57 60.97 54.26 -16.70
N ALA Y 58 61.10 53.59 -17.87
CA ALA Y 58 59.99 52.85 -18.40
C ALA Y 58 59.64 51.67 -17.52
N ALA Y 59 60.60 50.91 -16.94
CA ALA Y 59 60.44 49.78 -16.01
C ALA Y 59 59.77 50.21 -14.74
N GLY Y 60 60.18 51.41 -14.24
CA GLY Y 60 59.87 52.11 -13.02
C GLY Y 60 58.35 52.26 -12.81
N VAL Y 61 57.63 52.35 -13.96
CA VAL Y 61 56.16 52.47 -13.91
C VAL Y 61 55.56 51.26 -13.31
N GLY Y 62 56.00 50.04 -13.52
CA GLY Y 62 55.38 48.85 -12.90
C GLY Y 62 55.49 48.84 -11.34
N ALA Y 63 56.67 49.27 -10.82
CA ALA Y 63 57.13 49.35 -9.45
C ALA Y 63 56.26 50.36 -8.61
N ILE Y 64 55.89 51.55 -9.15
CA ILE Y 64 55.08 52.49 -8.43
C ILE Y 64 53.69 51.96 -8.30
N ALA Y 65 53.21 51.27 -9.37
CA ALA Y 65 51.90 50.66 -9.51
C ALA Y 65 51.68 49.55 -8.53
N GLU Y 66 52.64 48.59 -8.47
CA GLU Y 66 52.55 47.50 -7.57
C GLU Y 66 52.86 47.97 -6.11
N ASP Y 67 54.00 48.57 -5.96
CA ASP Y 67 54.41 48.99 -4.60
C ASP Y 67 54.28 50.42 -4.42
N ARG Y 68 53.03 50.88 -4.32
CA ARG Y 68 52.63 52.30 -4.18
C ARG Y 68 53.17 52.89 -2.95
N SER Y 69 53.13 52.12 -1.85
CA SER Y 69 53.54 52.38 -0.51
C SER Y 69 55.04 52.74 -0.39
N ASN Y 70 55.78 52.18 -1.35
CA ASN Y 70 57.23 52.25 -1.54
C ASN Y 70 57.61 53.02 -2.79
N PHE Y 71 57.10 54.19 -3.10
CA PHE Y 71 57.35 55.05 -4.28
C PHE Y 71 58.74 55.57 -4.19
N GLY Y 72 59.20 55.77 -2.93
CA GLY Y 72 60.53 56.20 -2.58
C GLY Y 72 61.70 55.32 -3.04
N THR Y 73 61.50 53.95 -3.02
CA THR Y 73 62.47 53.01 -3.51
C THR Y 73 62.68 53.20 -5.10
N ALA Y 74 61.63 53.44 -5.89
CA ALA Y 74 61.62 53.69 -7.27
C ALA Y 74 62.37 54.92 -7.60
N LEU Y 75 62.25 56.03 -6.85
CA LEU Y 75 62.94 57.28 -7.08
C LEU Y 75 64.39 57.07 -6.97
N ILE Y 76 64.94 56.34 -5.90
CA ILE Y 76 66.36 56.13 -5.65
C ILE Y 76 66.94 55.25 -6.73
N PHE Y 77 66.20 54.26 -7.31
CA PHE Y 77 66.70 53.54 -8.45
C PHE Y 77 66.96 54.45 -9.67
N LEU Y 78 65.96 55.45 -9.99
CA LEU Y 78 66.12 56.38 -11.12
C LEU Y 78 67.32 57.27 -10.92
N LEU Y 79 67.62 57.64 -9.67
CA LEU Y 79 68.77 58.40 -9.36
C LEU Y 79 70.10 57.77 -9.60
N LEU Y 80 70.29 56.38 -9.50
CA LEU Y 80 71.54 55.74 -9.58
C LEU Y 80 72.34 55.99 -10.84
N PRO Y 81 71.81 56.07 -12.11
CA PRO Y 81 72.65 56.41 -13.25
C PRO Y 81 73.15 57.80 -13.37
N GLU Y 82 72.60 58.79 -12.59
CA GLU Y 82 72.99 60.21 -12.59
C GLU Y 82 74.44 60.33 -12.17
N THR Y 83 74.90 59.45 -11.29
CA THR Y 83 76.18 59.56 -10.67
C THR Y 83 77.43 59.54 -11.63
N LEU Y 84 77.41 58.72 -12.71
CA LEU Y 84 78.49 58.57 -13.68
C LEU Y 84 78.73 59.82 -14.48
N VAL Y 85 77.66 60.40 -14.98
CA VAL Y 85 77.64 61.66 -15.81
C VAL Y 85 78.10 62.83 -15.00
N ILE Y 86 77.65 63.01 -13.73
CA ILE Y 86 78.03 64.08 -12.86
C ILE Y 86 79.50 64.05 -12.54
N PHE Y 87 80.15 62.86 -12.32
CA PHE Y 87 81.57 62.71 -12.11
C PHE Y 87 82.30 63.11 -13.35
N GLY Y 88 81.82 62.70 -14.57
CA GLY Y 88 82.48 62.92 -15.84
C GLY Y 88 82.51 64.42 -16.16
N LEU Y 89 81.38 65.16 -15.81
CA LEU Y 89 81.25 66.66 -15.86
C LEU Y 89 82.16 67.41 -14.88
N LEU Y 90 82.22 66.96 -13.56
CA LEU Y 90 83.09 67.61 -12.61
C LEU Y 90 84.57 67.56 -12.91
N ILE Y 91 84.93 66.31 -13.39
CA ILE Y 91 86.29 66.13 -13.81
C ILE Y 91 86.66 67.01 -15.03
N ALA Y 92 85.85 67.06 -16.13
CA ALA Y 92 86.02 67.79 -17.36
C ALA Y 92 86.03 69.20 -17.06
N PHE Y 93 85.20 69.69 -16.08
CA PHE Y 93 85.07 71.09 -15.62
C PHE Y 93 86.36 71.58 -14.96
N ILE Y 94 86.92 70.71 -14.07
CA ILE Y 94 88.21 71.01 -13.43
C ILE Y 94 89.41 71.04 -14.37
N LEU Y 95 89.56 69.94 -15.23
CA LEU Y 95 90.60 69.67 -16.16
C LEU Y 95 90.61 70.71 -17.24
N ASN Y 96 89.41 71.21 -17.65
CA ASN Y 96 89.43 72.17 -18.73
C ASN Y 96 89.50 73.58 -18.26
N GLY Y 97 89.94 73.80 -16.97
CA GLY Y 97 90.15 75.07 -16.38
C GLY Y 97 91.09 74.93 -15.28
N ARG Y 98 92.08 74.10 -15.52
CA ARG Y 98 93.12 73.61 -14.69
C ARG Y 98 94.18 74.58 -14.35
N LEU Y 99 94.33 75.53 -15.24
CA LEU Y 99 95.37 76.53 -15.17
C LEU Y 99 95.04 77.48 -13.97
N ALA Z 20 91.54 66.78 -10.69
CA ALA Z 20 92.24 65.95 -9.68
C ALA Z 20 93.04 66.84 -8.82
N GLU Z 21 94.06 67.58 -9.34
CA GLU Z 21 94.77 68.67 -8.73
C GLU Z 21 94.86 69.75 -9.68
N GLU Z 22 94.91 71.01 -9.17
CA GLU Z 22 95.13 72.20 -9.92
C GLU Z 22 96.32 72.93 -9.24
N ALA Z 23 97.30 73.37 -9.97
CA ALA Z 23 98.34 74.19 -9.46
C ALA Z 23 99.15 74.56 -10.67
N ALA Z 24 100.29 75.28 -10.51
CA ALA Z 24 101.10 75.57 -11.71
C ALA Z 24 101.72 74.32 -12.31
N ALA Z 25 102.28 73.43 -11.42
CA ALA Z 25 102.99 72.21 -11.61
C ALA Z 25 102.06 71.08 -11.71
N SER Z 26 100.74 71.35 -11.66
CA SER Z 26 99.73 70.32 -11.78
C SER Z 26 98.63 70.95 -12.61
N GLY Z 27 98.99 71.63 -13.72
CA GLY Z 27 97.99 72.27 -14.52
C GLY Z 27 98.53 72.75 -15.80
N GLY Z 28 99.83 72.76 -15.94
CA GLY Z 28 100.42 73.40 -17.13
C GLY Z 28 100.16 72.67 -18.44
N LEU Z 29 100.81 73.14 -19.57
CA LEU Z 29 100.67 72.59 -20.90
C LEU Z 29 101.27 71.19 -20.98
N ASP Z 30 102.46 70.94 -20.35
CA ASP Z 30 103.14 69.66 -20.31
C ASP Z 30 102.27 68.70 -19.59
N ARG Z 31 101.71 69.15 -18.42
CA ARG Z 31 100.88 68.50 -17.44
C ARG Z 31 99.56 68.13 -18.12
N GLY Z 32 99.13 69.02 -19.01
CA GLY Z 32 97.85 69.02 -19.73
C GLY Z 32 97.72 67.80 -20.59
N LEU Z 33 98.76 67.32 -21.26
CA LEU Z 33 98.79 66.15 -22.12
C LEU Z 33 98.47 64.99 -21.24
N ILE Z 34 98.99 64.95 -19.94
CA ILE Z 34 98.65 63.90 -19.01
C ILE Z 34 97.22 63.85 -18.68
N ALA Z 35 96.68 65.06 -18.50
CA ALA Z 35 95.26 65.24 -18.10
C ALA Z 35 94.23 64.85 -19.14
N VAL Z 36 94.45 65.16 -20.48
CA VAL Z 36 93.48 64.72 -21.47
C VAL Z 36 93.49 63.19 -21.54
N GLY Z 37 94.73 62.56 -21.49
CA GLY Z 37 94.91 61.10 -21.56
C GLY Z 37 94.28 60.41 -20.44
N MET Z 38 94.39 60.95 -19.25
CA MET Z 38 93.75 60.40 -18.09
C MET Z 38 92.27 60.63 -18.17
N GLY Z 39 91.79 61.73 -18.78
CA GLY Z 39 90.42 62.14 -18.89
C GLY Z 39 89.61 61.19 -19.67
N LEU Z 40 90.26 60.46 -20.62
CA LEU Z 40 89.74 59.45 -21.59
C LEU Z 40 89.13 58.29 -20.81
N ALA Z 41 89.82 57.87 -19.74
CA ALA Z 41 89.54 56.76 -18.91
C ALA Z 41 88.20 56.86 -18.21
N VAL Z 42 87.90 58.10 -17.71
CA VAL Z 42 86.62 58.33 -17.04
C VAL Z 42 85.47 58.21 -17.99
N GLY Z 43 85.79 58.77 -19.17
CA GLY Z 43 84.85 58.88 -20.25
C GLY Z 43 84.36 57.56 -20.79
N LEU Z 44 85.27 56.60 -21.06
CA LEU Z 44 84.86 55.33 -21.50
C LEU Z 44 84.16 54.46 -20.53
N ALA Z 45 84.60 54.50 -19.28
CA ALA Z 45 84.08 53.77 -18.20
C ALA Z 45 82.67 54.23 -17.85
N ALA Z 46 82.45 55.58 -17.84
CA ALA Z 46 81.16 56.23 -17.60
C ALA Z 46 80.13 55.70 -18.55
N LEU Z 47 80.52 55.58 -19.83
CA LEU Z 47 79.66 55.19 -20.88
C LEU Z 47 79.15 53.81 -20.69
N GLY Z 48 80.13 52.80 -20.49
CA GLY Z 48 79.90 51.37 -20.44
C GLY Z 48 79.15 50.99 -19.16
N THR Z 49 79.49 51.46 -17.90
CA THR Z 49 78.92 51.24 -16.68
C THR Z 49 77.55 51.78 -16.75
N GLY Z 50 77.24 53.02 -17.36
CA GLY Z 50 75.96 53.64 -17.26
C GLY Z 50 74.85 52.82 -17.83
N VAL Z 51 75.03 52.22 -19.01
CA VAL Z 51 74.18 51.32 -19.74
C VAL Z 51 74.15 50.02 -19.06
N ALA Z 52 75.32 49.53 -18.65
CA ALA Z 52 75.38 48.21 -18.08
C ALA Z 52 74.64 48.00 -16.72
N GLN Z 53 74.75 49.03 -15.86
CA GLN Z 53 74.12 49.13 -14.58
C GLN Z 53 72.66 49.33 -14.60
N ALA Z 54 72.15 50.18 -15.52
CA ALA Z 54 70.80 50.59 -15.53
C ALA Z 54 69.74 49.50 -15.77
N ARG Z 55 69.92 48.62 -16.76
CA ARG Z 55 68.88 47.62 -17.09
C ARG Z 55 68.75 46.59 -16.02
N ILE Z 56 69.88 46.15 -15.45
CA ILE Z 56 70.04 45.25 -14.36
C ILE Z 56 69.49 45.84 -13.14
N GLY Z 57 69.71 47.15 -12.88
CA GLY Z 57 69.28 47.96 -11.75
C GLY Z 57 67.78 48.16 -11.81
N ALA Z 58 67.22 48.38 -12.99
CA ALA Z 58 65.81 48.55 -13.11
C ALA Z 58 64.98 47.41 -12.79
N ALA Z 59 65.40 46.19 -13.27
CA ALA Z 59 64.75 44.87 -12.97
C ALA Z 59 64.96 44.48 -11.49
N GLY Z 60 66.21 44.65 -10.92
CA GLY Z 60 66.58 44.31 -9.64
C GLY Z 60 65.99 45.05 -8.45
N VAL Z 61 65.78 46.37 -8.59
CA VAL Z 61 65.19 47.27 -7.57
C VAL Z 61 63.77 46.81 -7.42
N GLY Z 62 63.15 46.33 -8.54
CA GLY Z 62 61.83 45.75 -8.46
C GLY Z 62 61.76 44.52 -7.64
N ALA Z 63 62.81 43.66 -7.81
CA ALA Z 63 62.87 42.38 -7.10
C ALA Z 63 62.92 42.48 -5.60
N ILE Z 64 63.78 43.37 -5.01
CA ILE Z 64 63.93 43.67 -3.66
C ILE Z 64 62.71 44.34 -3.06
N ALA Z 65 62.08 45.25 -3.88
CA ALA Z 65 60.89 45.96 -3.59
C ALA Z 65 59.70 45.03 -3.35
N GLU Z 66 59.49 44.01 -4.20
CA GLU Z 66 58.40 43.04 -4.00
C GLU Z 66 58.75 42.10 -2.91
N ASP Z 67 59.95 41.45 -2.96
CA ASP Z 67 60.36 40.43 -1.96
C ASP Z 67 61.51 40.86 -1.14
N ARG Z 68 61.33 40.89 0.22
CA ARG Z 68 62.25 41.33 1.22
C ARG Z 68 62.98 40.16 1.82
N SER Z 69 63.33 39.16 0.96
CA SER Z 69 63.94 37.95 1.42
C SER Z 69 64.95 37.51 0.32
N ASN Z 70 65.18 38.41 -0.68
CA ASN Z 70 66.15 38.23 -1.75
C ASN Z 70 66.81 39.56 -1.86
N PHE Z 71 66.65 40.41 -0.82
CA PHE Z 71 67.04 41.80 -0.91
C PHE Z 71 68.54 42.01 -1.01
N GLY Z 72 69.41 41.27 -0.28
CA GLY Z 72 70.86 41.36 -0.38
C GLY Z 72 71.36 40.96 -1.72
N THR Z 73 70.67 39.96 -2.35
CA THR Z 73 71.18 39.27 -3.51
C THR Z 73 71.40 40.24 -4.73
N ALA Z 74 70.35 41.11 -4.94
CA ALA Z 74 70.16 42.09 -6.01
C ALA Z 74 71.25 43.07 -5.96
N LEU Z 75 71.61 43.45 -4.72
CA LEU Z 75 72.59 44.50 -4.46
C LEU Z 75 73.97 44.17 -4.73
N ILE Z 76 74.40 42.94 -4.39
CA ILE Z 76 75.70 42.44 -4.71
C ILE Z 76 75.75 42.26 -6.26
N PHE Z 77 74.63 41.83 -6.95
CA PHE Z 77 74.59 41.64 -8.42
C PHE Z 77 74.87 42.94 -9.17
N LEU Z 78 74.21 44.02 -8.65
CA LEU Z 78 74.30 45.34 -9.17
C LEU Z 78 75.63 45.90 -9.17
N LEU Z 79 76.51 45.60 -8.16
CA LEU Z 79 77.83 46.14 -8.02
C LEU Z 79 78.75 45.75 -9.13
N LEU Z 80 78.57 44.60 -9.80
CA LEU Z 80 79.45 44.05 -10.77
C LEU Z 80 79.76 44.99 -12.02
N PRO Z 81 78.78 45.67 -12.65
CA PRO Z 81 79.05 46.56 -13.75
C PRO Z 81 79.73 47.81 -13.36
N GLU Z 82 79.67 48.27 -12.03
CA GLU Z 82 80.24 49.49 -11.44
C GLU Z 82 81.73 49.56 -11.47
N THR Z 83 82.27 48.36 -11.49
CA THR Z 83 83.71 48.11 -11.41
C THR Z 83 84.47 48.81 -12.48
N LEU Z 84 83.91 48.93 -13.74
CA LEU Z 84 84.51 49.55 -14.84
C LEU Z 84 84.78 51.05 -14.52
N VAL Z 85 83.80 51.73 -13.88
CA VAL Z 85 84.04 53.17 -13.52
C VAL Z 85 85.09 53.35 -12.47
N ILE Z 86 85.17 52.51 -11.38
CA ILE Z 86 86.16 52.63 -10.31
C ILE Z 86 87.51 52.42 -10.84
N PHE Z 87 87.75 51.41 -11.71
CA PHE Z 87 89.09 51.13 -12.30
C PHE Z 87 89.50 52.32 -13.27
N GLY Z 88 88.63 52.84 -14.13
CA GLY Z 88 89.00 54.02 -14.96
C GLY Z 88 89.27 55.27 -14.22
N LEU Z 89 88.52 55.56 -13.10
CA LEU Z 89 88.66 56.74 -12.27
C LEU Z 89 90.02 56.62 -11.56
N LEU Z 90 90.38 55.45 -10.99
CA LEU Z 90 91.52 55.13 -10.19
C LEU Z 90 92.78 55.30 -11.01
N ILE Z 91 92.83 54.84 -12.24
CA ILE Z 91 93.93 55.09 -13.10
C ILE Z 91 94.17 56.51 -13.41
N ALA Z 92 93.05 57.25 -13.70
CA ALA Z 92 93.13 58.64 -14.08
C ALA Z 92 93.65 59.46 -12.87
N PHE Z 93 93.16 59.17 -11.63
CA PHE Z 93 93.46 59.91 -10.50
C PHE Z 93 94.93 59.84 -10.13
N ILE Z 94 95.48 58.66 -10.11
CA ILE Z 94 96.87 58.34 -9.71
C ILE Z 94 97.87 59.04 -10.64
N LEU Z 95 97.78 58.83 -12.00
CA LEU Z 95 98.68 59.35 -12.97
C LEU Z 95 98.69 60.84 -13.16
N ASN Z 96 97.49 61.47 -13.04
CA ASN Z 96 97.39 62.88 -13.21
C ASN Z 96 96.97 63.42 -11.88
N GLY Z 97 97.64 62.97 -10.77
CA GLY Z 97 97.58 63.53 -9.42
C GLY Z 97 98.98 63.96 -9.12
N ARG Z 98 99.90 63.65 -10.03
CA ARG Z 98 101.27 64.07 -9.97
C ARG Z 98 101.47 64.43 -11.37
N LEU Z 99 101.81 65.72 -11.57
CA LEU Z 99 101.84 66.37 -12.85
C LEU Z 99 100.46 66.35 -13.54
#